data_4LZZ
#
_entry.id   4LZZ
#
_cell.length_a   119.970
_cell.length_b   130.830
_cell.length_c   208.230
_cell.angle_alpha   90.01
_cell.angle_beta   90.01
_cell.angle_gamma   89.85
#
_symmetry.space_group_name_H-M   'P 1'
#
loop_
_entity.id
_entity.type
_entity.pdbx_description
1 polymer 'Transcriptional regulator (NtrC family)'
2 non-polymer [[[(2R,3S,4R,5R)-5-(6-aminopurin-9-yl)-3,4-bis(oxidanyl)oxolan-2-yl]methoxy-oxidanyl-phosphoryl]oxy-oxidanyl-phosphoryl]oxy-tris(fluoranyl)beryllium
3 non-polymer 'MAGNESIUM ION'
4 non-polymer "ADENOSINE-5'-DIPHOSPHATE"
#
_entity_poly.entity_id   1
_entity_poly.type   'polypeptide(L)'
_entity_poly.pdbx_seq_one_letter_code
;MLRKENELLRREKDLKEEEYVFESPKMKEILEKIKKISCAECPVLITGESGVGKEVVARLIHKLSDRSKEPFVALNVASI
PRDIFEAELFGYEKGAFTGAVSSKEGFFELADGGTLFLDEIGELSLEAQAKLLRVIESGKFYRLGGRKEIEVNVRILAAT
NRNIKELVKEGKFREDLYYRLGVIEIEIPPLRERKEDIIPLANHFLKKFSRKYAKEVEGFTKSAQELLLSYPWYGNVREL
KNVIERAVLFSEGKFIDRGELSCLVNSK
;
_entity_poly.pdbx_strand_id   A,B,C,D,E,F,G,H,I,J,K,L,M,N,O,P,Q,R,S,T,U,V,W,X
#
loop_
_chem_comp.id
_chem_comp.type
_chem_comp.name
_chem_comp.formula
08T non-polymer [[[(2R,3S,4R,5R)-5-(6-aminopurin-9-yl)-3,4-bis(oxidanyl)oxolan-2-yl]methoxy-oxidanyl-phosphoryl]oxy-oxidanyl-phosphoryl]oxy-tris(fluoranyl)beryllium 'C10 H14 Be F3 N5 O10 P2'
ADP non-polymer ADENOSINE-5'-DIPHOSPHATE 'C10 H15 N5 O10 P2'
MG non-polymer 'MAGNESIUM ION' 'Mg 2'
#
# COMPACT_ATOMS: atom_id res chain seq x y z
N GLU A 19 -5.82 20.08 2.72
CA GLU A 19 -6.16 21.17 1.81
C GLU A 19 -6.33 22.48 2.57
N TYR A 20 -6.28 22.40 3.90
CA TYR A 20 -6.44 23.58 4.73
C TYR A 20 -5.15 24.39 4.81
N VAL A 21 -5.23 25.55 5.44
CA VAL A 21 -4.12 26.50 5.47
C VAL A 21 -3.41 26.62 6.83
N PHE A 22 -2.11 26.35 6.84
CA PHE A 22 -1.25 26.77 7.94
C PHE A 22 -0.05 27.51 7.36
N GLU A 23 -0.06 28.84 7.51
CA GLU A 23 1.05 29.68 7.07
C GLU A 23 1.55 30.56 8.22
N SER A 24 2.46 31.48 7.90
CA SER A 24 3.05 32.41 8.88
C SER A 24 3.93 31.72 9.91
N PRO A 25 4.91 32.44 10.47
CA PRO A 25 5.70 31.87 11.56
C PRO A 25 4.84 31.51 12.78
N LYS A 26 3.91 32.39 13.14
CA LYS A 26 3.08 32.20 14.33
C LYS A 26 2.20 30.95 14.28
N MET A 27 1.41 30.81 13.22
CA MET A 27 0.44 29.71 13.11
C MET A 27 1.09 28.35 12.77
N LYS A 28 2.17 28.38 12.01
CA LYS A 28 2.86 27.14 11.62
C LYS A 28 3.49 26.45 12.84
N GLU A 29 3.90 27.25 13.82
CA GLU A 29 4.55 26.75 15.02
C GLU A 29 3.62 25.82 15.80
N ILE A 30 2.33 26.14 15.84
CA ILE A 30 1.34 25.32 16.54
C ILE A 30 1.26 23.92 15.95
N LEU A 31 1.40 23.81 14.64
CA LEU A 31 1.28 22.52 13.97
C LEU A 31 2.26 21.48 14.50
N GLU A 32 3.49 21.91 14.82
CA GLU A 32 4.50 21.01 15.35
C GLU A 32 4.12 20.48 16.73
N LYS A 33 3.58 21.36 17.57
CA LYS A 33 3.20 20.99 18.93
C LYS A 33 2.18 19.85 18.95
N ILE A 34 1.20 19.96 18.06
CA ILE A 34 0.13 18.97 17.96
C ILE A 34 0.60 17.58 17.56
N LYS A 35 1.49 17.53 16.57
CA LYS A 35 1.95 16.27 16.00
C LYS A 35 2.70 15.41 17.01
N LYS A 36 3.41 16.06 17.92
CA LYS A 36 4.18 15.36 18.95
C LYS A 36 3.35 14.74 20.06
N ILE A 37 2.22 15.37 20.38
CA ILE A 37 1.37 14.94 21.49
C ILE A 37 0.26 13.99 21.04
N SER A 38 0.29 13.64 19.76
CA SER A 38 -0.70 12.74 19.18
C SER A 38 -0.87 11.44 19.96
N CYS A 39 0.22 10.97 20.56
CA CYS A 39 0.22 9.71 21.31
C CYS A 39 -0.21 9.83 22.78
N ALA A 40 -0.31 11.06 23.29
CA ALA A 40 -0.51 11.29 24.73
C ALA A 40 -1.93 10.99 25.24
N GLU A 41 -1.98 10.50 26.48
CA GLU A 41 -3.21 10.13 27.18
C GLU A 41 -3.71 11.23 28.13
N CYS A 42 -3.17 12.44 28.01
CA CYS A 42 -3.31 13.45 29.06
C CYS A 42 -4.27 14.59 28.66
N PRO A 43 -4.85 15.28 29.66
CA PRO A 43 -5.85 16.33 29.41
C PRO A 43 -5.36 17.43 28.47
N VAL A 44 -6.29 18.01 27.73
CA VAL A 44 -5.96 19.08 26.80
C VAL A 44 -6.89 20.26 27.00
N LEU A 45 -6.33 21.45 27.04
CA LEU A 45 -7.10 22.68 27.15
C LEU A 45 -6.79 23.56 25.95
N ILE A 46 -7.77 23.76 25.09
CA ILE A 46 -7.61 24.61 23.91
C ILE A 46 -8.27 25.95 24.17
N THR A 47 -7.58 27.03 23.83
CA THR A 47 -8.10 28.39 24.05
C THR A 47 -7.91 29.23 22.79
N GLY A 48 -8.70 30.29 22.68
CA GLY A 48 -8.59 31.24 21.59
C GLY A 48 -9.94 31.87 21.37
N GLU A 49 -10.02 32.87 20.50
CA GLU A 49 -11.31 33.47 20.16
C GLU A 49 -12.14 32.46 19.38
N SER A 50 -13.47 32.61 19.39
CA SER A 50 -14.31 31.66 18.65
C SER A 50 -14.22 31.99 17.16
N GLY A 51 -14.07 30.95 16.35
CA GLY A 51 -13.99 31.11 14.91
C GLY A 51 -12.57 31.23 14.38
N VAL A 52 -11.59 30.82 15.19
CA VAL A 52 -10.20 30.82 14.77
C VAL A 52 -9.76 29.46 14.22
N GLY A 53 -10.66 28.47 14.28
CA GLY A 53 -10.37 27.13 13.80
C GLY A 53 -10.03 26.11 14.88
N LYS A 54 -10.40 26.41 16.13
CA LYS A 54 -10.17 25.50 17.25
C LYS A 54 -10.82 24.13 17.06
N GLU A 55 -11.98 24.10 16.39
CA GLU A 55 -12.69 22.85 16.16
C GLU A 55 -11.92 21.93 15.23
N VAL A 56 -11.26 22.51 14.24
CA VAL A 56 -10.46 21.74 13.29
C VAL A 56 -9.33 21.07 14.06
N VAL A 57 -8.67 21.85 14.92
CA VAL A 57 -7.56 21.37 15.74
C VAL A 57 -7.99 20.22 16.64
N ALA A 58 -9.14 20.39 17.29
CA ALA A 58 -9.68 19.37 18.18
C ALA A 58 -9.93 18.08 17.38
N ARG A 59 -10.49 18.26 16.19
CA ARG A 59 -10.75 17.15 15.28
C ARG A 59 -9.44 16.57 14.77
N LEU A 60 -8.43 17.42 14.67
CA LEU A 60 -7.12 17.02 14.16
C LEU A 60 -6.33 16.13 15.12
N ILE A 61 -6.30 16.50 16.39
CA ILE A 61 -5.54 15.75 17.39
C ILE A 61 -5.96 14.28 17.40
N HIS A 62 -7.26 14.05 17.26
CA HIS A 62 -7.81 12.70 17.22
C HIS A 62 -7.32 11.98 15.97
N LYS A 63 -7.37 12.69 14.84
CA LYS A 63 -7.02 12.14 13.54
C LYS A 63 -5.52 11.79 13.45
N LEU A 64 -4.69 12.56 14.14
CA LEU A 64 -3.24 12.37 14.12
C LEU A 64 -2.75 11.44 15.22
N SER A 65 -3.65 11.04 16.12
CA SER A 65 -3.28 10.26 17.29
C SER A 65 -3.12 8.80 16.94
N ASP A 66 -2.80 8.00 17.94
CA ASP A 66 -2.66 6.58 17.71
C ASP A 66 -4.05 6.03 17.51
N ARG A 67 -5.06 6.80 17.94
CA ARG A 67 -6.45 6.41 17.77
C ARG A 67 -7.04 7.27 16.65
N SER A 68 -6.93 6.85 15.39
CA SER A 68 -7.45 7.68 14.29
C SER A 68 -8.70 7.07 13.69
N LYS A 69 -8.84 5.78 13.91
CA LYS A 69 -9.89 4.97 13.30
C LYS A 69 -11.14 4.85 14.16
N GLU A 70 -11.06 5.32 15.40
CA GLU A 70 -12.17 5.16 16.33
C GLU A 70 -13.17 6.31 16.22
N PRO A 71 -14.36 6.15 16.83
CA PRO A 71 -15.41 7.16 16.73
C PRO A 71 -15.02 8.49 17.38
N PHE A 72 -15.52 9.58 16.82
CA PHE A 72 -15.32 10.91 17.37
C PHE A 72 -16.67 11.48 17.78
N VAL A 73 -16.83 11.66 19.09
CA VAL A 73 -18.10 12.07 19.67
C VAL A 73 -18.07 13.56 20.01
N ALA A 74 -18.91 14.33 19.32
CA ALA A 74 -18.99 15.76 19.53
C ALA A 74 -20.14 16.11 20.47
N LEU A 75 -19.85 16.95 21.47
CA LEU A 75 -20.82 17.33 22.48
C LEU A 75 -20.72 18.82 22.76
N ASN A 76 -21.86 19.49 22.76
CA ASN A 76 -21.93 20.86 23.23
C ASN A 76 -22.27 20.86 24.72
N VAL A 77 -21.27 21.09 25.55
CA VAL A 77 -21.47 21.07 26.99
C VAL A 77 -22.24 22.34 27.33
N ALA A 78 -22.85 22.36 28.51
CA ALA A 78 -23.65 23.48 29.01
C ALA A 78 -25.04 23.48 28.37
N SER A 79 -25.18 22.81 27.22
CA SER A 79 -26.47 22.68 26.57
C SER A 79 -27.22 21.54 27.26
N ILE A 80 -26.49 20.79 28.07
CA ILE A 80 -27.03 19.71 28.85
C ILE A 80 -27.69 20.29 30.11
N PRO A 81 -28.96 19.93 30.38
CA PRO A 81 -29.56 20.39 31.62
C PRO A 81 -28.86 19.79 32.83
N ARG A 82 -28.70 20.57 33.91
CA ARG A 82 -27.95 20.11 35.06
C ARG A 82 -28.55 18.84 35.64
N ASP A 83 -29.87 18.74 35.52
CA ASP A 83 -30.63 17.68 36.16
C ASP A 83 -30.34 16.29 35.57
N ILE A 84 -30.21 16.20 34.25
CA ILE A 84 -29.87 14.92 33.60
C ILE A 84 -28.40 14.83 33.27
N PHE A 85 -27.63 15.88 33.59
CA PHE A 85 -26.24 15.93 33.18
C PHE A 85 -25.44 14.69 33.55
N GLU A 86 -25.47 14.30 34.83
CA GLU A 86 -24.72 13.13 35.27
C GLU A 86 -25.30 11.85 34.66
N ALA A 87 -26.62 11.75 34.65
CA ALA A 87 -27.29 10.53 34.18
C ALA A 87 -27.14 10.36 32.68
N GLU A 88 -27.26 11.46 31.95
CA GLU A 88 -27.23 11.42 30.48
C GLU A 88 -25.81 11.18 29.99
N LEU A 89 -24.83 11.48 30.83
CA LEU A 89 -23.42 11.39 30.47
C LEU A 89 -22.84 10.03 30.85
N PHE A 90 -22.92 9.69 32.12
CA PHE A 90 -22.32 8.48 32.66
C PHE A 90 -23.18 7.24 32.38
N GLY A 91 -24.49 7.43 32.30
CA GLY A 91 -25.41 6.33 32.03
C GLY A 91 -26.14 5.80 33.25
N TYR A 92 -27.01 4.82 33.02
CA TYR A 92 -27.79 4.20 34.09
C TYR A 92 -28.13 2.77 33.69
N GLU A 93 -28.50 1.95 34.67
CA GLU A 93 -28.88 0.57 34.40
C GLU A 93 -30.41 0.41 34.31
N LYS A 94 -30.85 -0.79 33.95
CA LYS A 94 -32.28 -1.11 33.77
C LYS A 94 -33.12 -0.71 34.99
N GLY A 95 -34.16 0.07 34.78
CA GLY A 95 -34.92 0.56 35.93
C GLY A 95 -34.10 1.63 36.59
N ALA A 96 -34.04 1.60 37.93
CA ALA A 96 -33.13 2.48 38.67
C ALA A 96 -33.45 3.96 38.51
N PHE A 97 -34.34 4.43 39.37
CA PHE A 97 -34.88 5.79 39.39
C PHE A 97 -35.75 6.14 38.19
N THR A 98 -36.88 5.44 38.13
CA THR A 98 -37.95 5.62 37.15
C THR A 98 -37.53 6.02 35.75
N GLY A 99 -36.86 5.13 35.03
CA GLY A 99 -36.56 5.39 33.64
C GLY A 99 -36.58 4.12 32.82
N ALA A 100 -37.19 4.21 31.65
CA ALA A 100 -37.28 3.13 30.68
C ALA A 100 -37.68 1.81 31.35
N VAL A 101 -37.16 0.71 30.82
CA VAL A 101 -37.09 -0.57 31.51
C VAL A 101 -35.63 -0.98 31.42
N SER A 102 -35.12 -0.98 30.19
CA SER A 102 -33.80 -1.51 29.85
C SER A 102 -32.69 -0.48 30.10
N SER A 103 -31.47 -0.99 30.29
CA SER A 103 -30.30 -0.15 30.50
C SER A 103 -29.86 0.56 29.22
N LYS A 104 -29.20 1.71 29.41
CA LYS A 104 -28.77 2.57 28.32
C LYS A 104 -27.36 3.09 28.56
N GLU A 105 -26.55 3.08 27.49
CA GLU A 105 -25.16 3.53 27.56
C GLU A 105 -25.07 5.03 27.81
N GLY A 106 -23.94 5.46 28.37
CA GLY A 106 -23.64 6.86 28.55
C GLY A 106 -22.70 7.32 27.45
N PHE A 107 -22.46 8.62 27.36
CA PHE A 107 -21.58 9.13 26.31
C PHE A 107 -20.12 8.70 26.47
N PHE A 108 -19.69 8.52 27.71
CA PHE A 108 -18.31 8.10 27.98
C PHE A 108 -18.03 6.68 27.50
N GLU A 109 -18.96 5.77 27.73
CA GLU A 109 -18.76 4.38 27.32
C GLU A 109 -18.78 4.26 25.80
N LEU A 110 -19.55 5.11 25.12
CA LEU A 110 -19.55 5.11 23.67
C LEU A 110 -18.22 5.61 23.13
N ALA A 111 -17.59 6.50 23.89
CA ALA A 111 -16.31 7.09 23.49
C ALA A 111 -15.14 6.32 24.09
N ASP A 112 -15.44 5.23 24.80
CA ASP A 112 -14.42 4.41 25.45
C ASP A 112 -13.40 3.94 24.41
N GLY A 113 -12.13 4.20 24.68
CA GLY A 113 -11.06 3.90 23.74
C GLY A 113 -10.87 4.99 22.70
N GLY A 114 -11.81 5.92 22.63
CA GLY A 114 -11.77 7.01 21.65
C GLY A 114 -11.47 8.35 22.28
N THR A 115 -11.91 9.42 21.62
CA THR A 115 -11.70 10.79 22.09
C THR A 115 -13.03 11.55 22.11
N LEU A 116 -13.25 12.29 23.19
CA LEU A 116 -14.47 13.06 23.41
C LEU A 116 -14.21 14.57 23.39
N PHE A 117 -14.91 15.31 22.53
CA PHE A 117 -14.68 16.74 22.37
C PHE A 117 -15.80 17.59 22.96
N LEU A 118 -15.47 18.34 24.01
CA LEU A 118 -16.40 19.24 24.68
C LEU A 118 -16.14 20.71 24.35
N ASP A 119 -16.98 21.33 23.52
CA ASP A 119 -16.73 22.72 23.14
C ASP A 119 -17.43 23.66 24.13
N GLU A 120 -16.78 24.79 24.41
CA GLU A 120 -17.30 25.83 25.30
C GLU A 120 -17.48 25.33 26.74
N ILE A 121 -16.49 24.60 27.24
CA ILE A 121 -16.50 24.11 28.62
C ILE A 121 -16.55 25.23 29.66
N GLY A 122 -15.98 26.38 29.33
CA GLY A 122 -15.83 27.45 30.31
C GLY A 122 -17.16 28.06 30.74
N GLU A 123 -18.23 27.73 30.03
CA GLU A 123 -19.55 28.25 30.31
C GLU A 123 -20.36 27.31 31.21
N LEU A 124 -19.73 26.22 31.63
CA LEU A 124 -20.39 25.21 32.45
C LEU A 124 -20.72 25.70 33.85
N SER A 125 -21.84 25.20 34.39
CA SER A 125 -22.29 25.57 35.73
C SER A 125 -21.43 24.93 36.81
N LEU A 126 -21.26 25.67 37.91
CA LEU A 126 -20.43 25.25 39.04
C LEU A 126 -20.81 23.86 39.58
N GLU A 127 -22.12 23.61 39.64
CA GLU A 127 -22.64 22.35 40.17
C GLU A 127 -22.24 21.13 39.33
N ALA A 128 -22.22 21.30 38.01
CA ALA A 128 -21.95 20.20 37.10
C ALA A 128 -20.46 19.84 37.04
N GLN A 129 -19.60 20.83 37.18
CA GLN A 129 -18.16 20.62 37.14
C GLN A 129 -17.73 19.62 38.21
N ALA A 130 -18.34 19.73 39.38
CA ALA A 130 -17.98 18.90 40.52
C ALA A 130 -18.27 17.42 40.25
N LYS A 131 -19.26 17.15 39.40
CA LYS A 131 -19.66 15.77 39.12
C LYS A 131 -18.63 15.06 38.26
N LEU A 132 -18.02 15.80 37.34
CA LEU A 132 -17.01 15.23 36.45
C LEU A 132 -15.63 15.35 37.09
N LEU A 133 -15.55 16.09 38.19
CA LEU A 133 -14.27 16.47 38.78
C LEU A 133 -13.53 15.24 39.30
N ARG A 134 -14.21 14.47 40.14
CA ARG A 134 -13.61 13.27 40.72
C ARG A 134 -13.33 12.26 39.62
N VAL A 135 -14.08 12.37 38.52
CA VAL A 135 -14.00 11.45 37.40
C VAL A 135 -12.69 11.64 36.63
N ILE A 136 -12.24 12.90 36.55
CA ILE A 136 -11.04 13.26 35.79
C ILE A 136 -9.82 12.49 36.27
N GLU A 137 -9.58 12.50 37.58
CA GLU A 137 -8.35 11.93 38.11
C GLU A 137 -8.38 10.41 38.10
N SER A 138 -9.51 9.83 38.47
CA SER A 138 -9.60 8.37 38.61
C SER A 138 -9.85 7.65 37.27
N GLY A 139 -10.52 8.33 36.34
CA GLY A 139 -10.91 7.73 35.08
C GLY A 139 -11.93 6.62 35.33
N LYS A 140 -12.53 6.66 36.51
CA LYS A 140 -13.53 5.70 36.97
C LYS A 140 -14.76 6.45 37.49
N PHE A 141 -15.92 5.81 37.45
CA PHE A 141 -17.13 6.44 37.96
C PHE A 141 -18.24 5.42 38.20
N TYR A 142 -19.36 5.90 38.72
CA TYR A 142 -20.54 5.08 38.91
C TYR A 142 -21.66 5.58 38.01
N ARG A 143 -22.34 4.64 37.34
CA ARG A 143 -23.54 4.97 36.62
C ARG A 143 -24.52 5.45 37.67
N LEU A 144 -25.42 6.35 37.32
CA LEU A 144 -26.41 6.76 38.32
C LEU A 144 -27.34 5.57 38.52
N GLY A 145 -27.42 5.12 39.76
CA GLY A 145 -28.18 3.94 40.11
C GLY A 145 -27.43 2.64 39.85
N GLY A 146 -26.25 2.72 39.23
CA GLY A 146 -25.43 1.54 39.08
C GLY A 146 -24.58 1.35 40.32
N ARG A 147 -24.41 0.11 40.77
CA ARG A 147 -23.60 -0.17 41.96
C ARG A 147 -22.20 -0.74 41.70
N LYS A 148 -21.86 -0.97 40.43
CA LYS A 148 -20.54 -1.49 40.07
C LYS A 148 -19.66 -0.42 39.45
N GLU A 149 -18.51 -0.17 40.05
CA GLU A 149 -17.59 0.82 39.52
C GLU A 149 -17.06 0.40 38.15
N ILE A 150 -17.18 1.30 37.16
CA ILE A 150 -16.73 1.03 35.79
C ILE A 150 -15.48 1.84 35.48
N GLU A 151 -14.57 1.23 34.71
CA GLU A 151 -13.35 1.91 34.27
C GLU A 151 -13.28 1.92 32.76
N VAL A 152 -13.04 3.11 32.21
CA VAL A 152 -12.96 3.29 30.78
C VAL A 152 -11.73 4.12 30.42
N ASN A 153 -11.30 3.99 29.16
CA ASN A 153 -10.16 4.71 28.64
C ASN A 153 -10.62 5.74 27.61
N VAL A 154 -10.58 7.01 27.99
CA VAL A 154 -11.09 8.09 27.14
C VAL A 154 -10.15 9.29 27.15
N ARG A 155 -9.79 9.77 25.96
CA ARG A 155 -9.00 10.98 25.84
C ARG A 155 -9.92 12.20 25.82
N ILE A 156 -9.61 13.18 26.65
CA ILE A 156 -10.46 14.35 26.82
C ILE A 156 -9.91 15.54 26.04
N LEU A 157 -10.79 16.17 25.26
CA LEU A 157 -10.49 17.42 24.57
C LEU A 157 -11.50 18.49 24.99
N ALA A 158 -11.02 19.72 25.16
CA ALA A 158 -11.88 20.82 25.60
C ALA A 158 -11.59 22.10 24.83
N ALA A 159 -12.60 22.96 24.72
CA ALA A 159 -12.45 24.24 24.03
C ALA A 159 -13.33 25.31 24.66
N THR A 160 -12.87 26.57 24.62
CA THR A 160 -13.70 27.70 25.03
C THR A 160 -13.24 28.97 24.33
N ASN A 161 -14.16 29.87 24.03
CA ASN A 161 -13.81 31.12 23.39
C ASN A 161 -13.63 32.25 24.41
N ARG A 162 -13.69 31.90 25.68
CA ARG A 162 -13.67 32.89 26.75
C ARG A 162 -12.40 32.78 27.56
N ASN A 163 -12.23 33.71 28.50
CA ASN A 163 -11.03 33.74 29.33
C ASN A 163 -11.16 32.92 30.60
N ILE A 164 -10.43 31.81 30.63
CA ILE A 164 -10.53 30.85 31.72
C ILE A 164 -9.75 31.37 32.93
N LYS A 165 -8.67 32.09 32.64
CA LYS A 165 -7.82 32.66 33.67
C LYS A 165 -8.63 33.61 34.55
N GLU A 166 -9.55 34.33 33.92
CA GLU A 166 -10.41 35.27 34.63
C GLU A 166 -11.43 34.61 35.55
N LEU A 167 -12.09 33.58 35.03
CA LEU A 167 -13.19 32.95 35.75
C LEU A 167 -12.71 32.36 37.08
N VAL A 168 -11.49 31.84 37.09
CA VAL A 168 -10.93 31.28 38.31
C VAL A 168 -10.74 32.40 39.33
N LYS A 169 -10.20 33.52 38.87
CA LYS A 169 -9.96 34.69 39.71
C LYS A 169 -11.27 35.30 40.23
N GLU A 170 -12.34 35.12 39.47
CA GLU A 170 -13.65 35.63 39.87
C GLU A 170 -14.44 34.62 40.68
N GLY A 171 -13.82 33.47 40.95
CA GLY A 171 -14.45 32.43 41.74
C GLY A 171 -15.56 31.75 40.95
N LYS A 172 -15.58 32.03 39.65
CA LYS A 172 -16.60 31.49 38.76
C LYS A 172 -16.17 30.14 38.19
N PHE A 173 -14.91 29.79 38.42
CA PHE A 173 -14.35 28.53 37.95
C PHE A 173 -13.45 27.92 39.01
N ARG A 174 -13.60 26.62 39.24
CA ARG A 174 -12.82 25.93 40.27
C ARG A 174 -11.35 25.99 39.90
N GLU A 175 -10.51 26.36 40.88
CA GLU A 175 -9.09 26.47 40.65
C GLU A 175 -8.47 25.10 40.33
N ASP A 176 -8.95 24.07 41.02
CA ASP A 176 -8.38 22.72 40.87
C ASP A 176 -8.66 22.10 39.51
N LEU A 177 -9.77 22.46 38.89
CA LEU A 177 -10.12 21.90 37.58
C LEU A 177 -9.25 22.51 36.49
N TYR A 178 -8.98 23.81 36.59
CA TYR A 178 -8.16 24.50 35.59
C TYR A 178 -6.78 23.88 35.48
N TYR A 179 -6.14 23.63 36.63
CA TYR A 179 -4.78 23.10 36.65
C TYR A 179 -4.70 21.64 36.21
N ARG A 180 -5.81 20.92 36.30
CA ARG A 180 -5.87 19.53 35.83
C ARG A 180 -6.06 19.47 34.32
N LEU A 181 -6.93 20.32 33.79
CA LEU A 181 -7.16 20.38 32.36
C LEU A 181 -6.07 21.24 31.71
N GLY A 182 -5.59 22.23 32.45
CA GLY A 182 -4.71 23.24 31.89
C GLY A 182 -3.25 22.85 31.99
N VAL A 183 -3.00 21.54 32.13
CA VAL A 183 -1.64 21.00 32.10
C VAL A 183 -1.00 21.44 30.80
N ILE A 184 -1.69 21.15 29.71
CA ILE A 184 -1.28 21.59 28.39
C ILE A 184 -2.30 22.60 27.89
N GLU A 185 -1.82 23.79 27.53
CA GLU A 185 -2.68 24.87 27.04
C GLU A 185 -2.18 25.35 25.68
N ILE A 186 -3.05 25.34 24.68
CA ILE A 186 -2.70 25.81 23.34
C ILE A 186 -3.54 27.00 22.94
N GLU A 187 -2.91 28.16 22.80
CA GLU A 187 -3.59 29.38 22.44
C GLU A 187 -3.52 29.61 20.93
N ILE A 188 -4.64 29.95 20.32
CA ILE A 188 -4.69 30.34 18.93
C ILE A 188 -4.80 31.86 18.83
N PRO A 189 -3.80 32.53 18.22
CA PRO A 189 -3.94 33.99 18.09
C PRO A 189 -4.96 34.36 17.02
N PRO A 190 -5.51 35.58 17.08
CA PRO A 190 -6.50 36.01 16.08
C PRO A 190 -5.89 36.13 14.69
N LEU A 191 -6.66 36.65 13.74
CA LEU A 191 -6.21 36.75 12.36
C LEU A 191 -5.42 38.04 12.16
N ARG A 192 -5.85 39.11 12.83
CA ARG A 192 -5.15 40.40 12.73
C ARG A 192 -3.67 40.31 13.15
N GLU A 193 -3.31 39.27 13.90
CA GLU A 193 -1.90 39.05 14.24
C GLU A 193 -1.23 38.04 13.31
N ARG A 194 -2.01 37.42 12.43
CA ARG A 194 -1.47 36.64 11.32
C ARG A 194 -1.95 37.22 10.00
N LYS A 195 -1.16 38.13 9.42
CA LYS A 195 -1.55 38.77 8.16
C LYS A 195 -1.23 37.92 6.95
N GLU A 196 -0.19 37.10 7.10
CA GLU A 196 0.32 36.31 6.00
C GLU A 196 -0.66 35.19 5.63
N ASP A 197 -1.49 34.81 6.59
CA ASP A 197 -2.43 33.71 6.43
C ASP A 197 -3.73 34.11 5.72
N ILE A 198 -3.99 35.41 5.65
CA ILE A 198 -5.28 35.93 5.19
C ILE A 198 -5.68 35.47 3.78
N ILE A 199 -4.85 35.75 2.79
CA ILE A 199 -5.20 35.53 1.39
C ILE A 199 -5.35 34.04 1.02
N PRO A 200 -4.40 33.18 1.45
CA PRO A 200 -4.52 31.74 1.13
C PRO A 200 -5.85 31.14 1.59
N LEU A 201 -6.32 31.56 2.76
CA LEU A 201 -7.59 31.12 3.30
C LEU A 201 -8.74 31.59 2.43
N ALA A 202 -8.72 32.87 2.07
CA ALA A 202 -9.75 33.48 1.25
C ALA A 202 -9.93 32.69 -0.04
N ASN A 203 -8.81 32.26 -0.62
CA ASN A 203 -8.82 31.48 -1.84
C ASN A 203 -9.43 30.09 -1.65
N HIS A 204 -9.14 29.47 -0.51
CA HIS A 204 -9.64 28.12 -0.22
C HIS A 204 -11.18 28.12 -0.19
N PHE A 205 -11.74 29.17 0.42
CA PHE A 205 -13.18 29.32 0.51
C PHE A 205 -13.80 29.57 -0.86
N LEU A 206 -13.09 30.31 -1.72
CA LEU A 206 -13.56 30.55 -3.07
C LEU A 206 -13.82 29.25 -3.79
N LYS A 207 -12.91 28.29 -3.61
CA LYS A 207 -13.02 26.98 -4.23
C LYS A 207 -14.31 26.30 -3.80
N LYS A 208 -14.59 26.32 -2.49
CA LYS A 208 -15.79 25.71 -1.93
C LYS A 208 -17.09 26.40 -2.38
N PHE A 209 -17.14 27.72 -2.26
CA PHE A 209 -18.37 28.47 -2.55
C PHE A 209 -18.66 28.57 -4.06
N SER A 210 -17.61 28.67 -4.87
CA SER A 210 -17.79 28.69 -6.31
C SER A 210 -18.41 27.38 -6.81
N ARG A 211 -18.01 26.30 -6.16
CA ARG A 211 -18.54 24.96 -6.46
C ARG A 211 -20.00 24.81 -6.04
N LYS A 212 -20.28 25.22 -4.80
CA LYS A 212 -21.62 25.06 -4.22
C LYS A 212 -22.72 25.72 -5.03
N TYR A 213 -22.51 27.00 -5.35
CA TYR A 213 -23.51 27.78 -6.06
C TYR A 213 -23.27 27.79 -7.57
N ALA A 214 -22.40 26.89 -8.03
CA ALA A 214 -22.02 26.79 -9.44
C ALA A 214 -21.85 28.14 -10.12
N LYS A 215 -20.74 28.81 -9.79
CA LYS A 215 -20.42 30.11 -10.38
C LYS A 215 -19.10 30.08 -11.15
N GLU A 216 -18.80 31.19 -11.80
CA GLU A 216 -17.64 31.31 -12.69
C GLU A 216 -16.43 31.97 -12.02
N VAL A 217 -16.54 32.28 -10.74
CA VAL A 217 -15.52 33.05 -10.04
C VAL A 217 -14.21 32.27 -9.88
N GLU A 218 -13.09 32.99 -9.97
CA GLU A 218 -11.76 32.39 -9.89
C GLU A 218 -10.96 32.97 -8.73
N GLY A 219 -10.73 34.28 -8.73
CA GLY A 219 -9.92 34.93 -7.72
C GLY A 219 -10.25 36.39 -7.51
N PHE A 220 -9.45 37.05 -6.66
CA PHE A 220 -9.67 38.45 -6.29
C PHE A 220 -8.67 39.38 -6.98
N THR A 221 -9.10 40.60 -7.29
CA THR A 221 -8.20 41.62 -7.82
C THR A 221 -7.27 42.10 -6.71
N LYS A 222 -6.11 42.63 -7.08
CA LYS A 222 -5.14 43.09 -6.08
C LYS A 222 -5.70 44.26 -5.29
N SER A 223 -6.53 45.08 -5.94
CA SER A 223 -7.09 46.25 -5.28
C SER A 223 -7.96 45.77 -4.13
N ALA A 224 -8.63 44.65 -4.34
CA ALA A 224 -9.45 44.04 -3.31
C ALA A 224 -8.57 43.45 -2.21
N GLN A 225 -7.52 42.75 -2.61
CA GLN A 225 -6.64 42.04 -1.67
C GLN A 225 -5.97 42.92 -0.60
N GLU A 226 -5.63 44.15 -0.97
CA GLU A 226 -4.96 45.07 -0.06
C GLU A 226 -5.83 45.46 1.13
N LEU A 227 -7.14 45.56 0.89
CA LEU A 227 -8.12 45.95 1.91
C LEU A 227 -8.23 44.99 3.10
N LEU A 228 -8.26 43.68 2.81
CA LEU A 228 -8.39 42.66 3.84
C LEU A 228 -7.35 42.78 4.95
N LEU A 229 -6.15 43.23 4.59
CA LEU A 229 -5.06 43.35 5.54
C LEU A 229 -5.25 44.54 6.49
N SER A 230 -5.98 45.56 6.05
CA SER A 230 -6.17 46.77 6.85
C SER A 230 -7.42 46.71 7.73
N TYR A 231 -8.22 45.66 7.54
CA TYR A 231 -9.46 45.46 8.30
C TYR A 231 -9.15 44.53 9.48
N PRO A 232 -9.12 45.06 10.71
CA PRO A 232 -8.57 44.15 11.72
C PRO A 232 -9.44 42.97 12.18
N TRP A 233 -10.24 42.38 11.28
CA TRP A 233 -10.88 41.07 11.48
C TRP A 233 -11.21 40.65 12.92
N TYR A 234 -12.30 41.18 13.49
CA TYR A 234 -12.70 40.82 14.85
C TYR A 234 -13.36 39.44 14.92
N GLY A 235 -13.93 38.98 13.82
CA GLY A 235 -14.57 37.68 13.77
C GLY A 235 -13.66 36.56 13.30
N ASN A 236 -12.42 36.90 12.98
CA ASN A 236 -11.43 35.91 12.58
C ASN A 236 -11.88 35.07 11.38
N VAL A 237 -11.60 33.76 11.41
CA VAL A 237 -11.83 32.89 10.26
C VAL A 237 -13.32 32.73 9.97
N ARG A 238 -14.09 32.65 11.04
CA ARG A 238 -15.51 32.39 10.95
C ARG A 238 -16.24 33.51 10.21
N GLU A 239 -15.83 34.74 10.47
CA GLU A 239 -16.43 35.90 9.79
C GLU A 239 -16.01 35.95 8.32
N LEU A 240 -14.75 35.61 8.07
CA LEU A 240 -14.21 35.63 6.72
C LEU A 240 -15.00 34.69 5.83
N LYS A 241 -15.12 33.44 6.26
CA LYS A 241 -15.83 32.41 5.50
C LYS A 241 -17.21 32.92 5.09
N ASN A 242 -17.87 33.64 5.99
CA ASN A 242 -19.18 34.22 5.71
C ASN A 242 -19.11 35.35 4.67
N VAL A 243 -18.08 36.19 4.78
CA VAL A 243 -17.92 37.32 3.89
C VAL A 243 -17.73 36.89 2.43
N ILE A 244 -16.95 35.83 2.23
CA ILE A 244 -16.70 35.30 0.89
C ILE A 244 -17.97 34.72 0.27
N GLU A 245 -18.74 34.00 1.07
CA GLU A 245 -19.97 33.36 0.60
C GLU A 245 -20.94 34.41 0.06
N ARG A 246 -20.96 35.58 0.70
CA ARG A 246 -21.77 36.70 0.24
C ARG A 246 -21.30 37.18 -1.13
N ALA A 247 -19.98 37.32 -1.26
CA ALA A 247 -19.36 37.89 -2.44
C ALA A 247 -19.60 37.05 -3.68
N VAL A 248 -19.44 35.73 -3.53
CA VAL A 248 -19.57 34.81 -4.66
C VAL A 248 -20.99 34.91 -5.26
N LEU A 249 -21.98 35.05 -4.39
CA LEU A 249 -23.38 35.12 -4.81
C LEU A 249 -23.72 36.36 -5.63
N PHE A 250 -23.14 37.49 -5.26
CA PHE A 250 -23.41 38.76 -5.94
C PHE A 250 -22.42 39.05 -7.06
N SER A 251 -21.46 38.16 -7.25
CA SER A 251 -20.46 38.33 -8.29
C SER A 251 -21.11 38.29 -9.67
N GLU A 252 -20.52 39.02 -10.62
CA GLU A 252 -20.99 39.05 -12.01
C GLU A 252 -19.95 38.39 -12.90
N GLY A 253 -18.75 38.96 -12.91
CA GLY A 253 -17.65 38.43 -13.69
C GLY A 253 -16.97 37.31 -12.94
N LYS A 254 -15.76 36.96 -13.34
CA LYS A 254 -15.01 35.91 -12.67
C LYS A 254 -14.15 36.43 -11.52
N PHE A 255 -14.00 37.76 -11.43
CA PHE A 255 -13.20 38.38 -10.36
C PHE A 255 -13.99 39.44 -9.61
N ILE A 256 -13.55 39.67 -8.38
CA ILE A 256 -14.20 40.62 -7.47
C ILE A 256 -13.31 41.82 -7.21
N ASP A 257 -13.85 43.02 -7.40
CA ASP A 257 -13.08 44.25 -7.21
C ASP A 257 -13.24 44.79 -5.79
N ARG A 258 -12.49 45.84 -5.48
CA ARG A 258 -12.57 46.47 -4.18
C ARG A 258 -13.94 47.10 -3.98
N GLY A 259 -14.56 47.48 -5.09
CA GLY A 259 -15.85 48.15 -5.09
C GLY A 259 -16.95 47.26 -4.53
N GLU A 260 -16.90 45.98 -4.86
CA GLU A 260 -17.89 45.02 -4.40
C GLU A 260 -17.75 44.77 -2.89
N LEU A 261 -16.55 44.97 -2.37
CA LEU A 261 -16.31 44.84 -0.94
C LEU A 261 -16.70 46.10 -0.18
N SER A 262 -16.58 47.25 -0.86
CA SER A 262 -16.82 48.53 -0.21
C SER A 262 -18.21 48.63 0.39
N CYS A 263 -19.22 48.08 -0.30
CA CYS A 263 -20.59 48.12 0.19
C CYS A 263 -20.75 47.13 1.33
N LEU A 264 -19.81 46.20 1.42
CA LEU A 264 -19.85 45.15 2.42
C LEU A 264 -19.23 45.66 3.72
N VAL A 265 -18.43 46.73 3.62
CA VAL A 265 -17.68 47.25 4.76
C VAL A 265 -18.20 48.64 5.13
N GLU B 19 -50.42 41.45 -4.28
CA GLU B 19 -50.80 41.48 -2.87
C GLU B 19 -49.81 42.31 -2.05
N TYR B 20 -48.53 41.97 -2.12
CA TYR B 20 -47.52 42.72 -1.37
C TYR B 20 -47.10 44.01 -2.07
N VAL B 21 -46.79 45.03 -1.26
CA VAL B 21 -46.45 46.36 -1.77
C VAL B 21 -44.96 46.69 -1.62
N PHE B 22 -44.25 46.87 -2.73
CA PHE B 22 -42.96 47.55 -2.67
C PHE B 22 -42.87 48.66 -3.71
N GLU B 23 -43.00 49.91 -3.27
CA GLU B 23 -42.74 51.06 -4.13
C GLU B 23 -41.76 51.99 -3.41
N SER B 24 -40.49 51.97 -3.82
CA SER B 24 -39.45 52.79 -3.17
C SER B 24 -38.05 52.43 -3.66
N PRO B 25 -37.13 53.40 -3.67
CA PRO B 25 -35.72 53.10 -3.98
C PRO B 25 -35.11 52.14 -2.97
N LYS B 26 -35.39 52.42 -1.69
CA LYS B 26 -34.83 51.68 -0.58
C LYS B 26 -35.25 50.22 -0.60
N MET B 27 -36.55 50.00 -0.72
CA MET B 27 -37.15 48.66 -0.65
C MET B 27 -36.89 47.81 -1.90
N LYS B 28 -36.81 48.45 -3.05
CA LYS B 28 -36.57 47.75 -4.30
C LYS B 28 -35.17 47.12 -4.32
N GLU B 29 -34.22 47.76 -3.65
CA GLU B 29 -32.87 47.22 -3.58
C GLU B 29 -32.92 45.88 -2.84
N ILE B 30 -33.67 45.86 -1.75
CA ILE B 30 -33.86 44.65 -0.94
C ILE B 30 -34.59 43.57 -1.73
N LEU B 31 -35.55 43.99 -2.55
CA LEU B 31 -36.35 43.07 -3.33
C LEU B 31 -35.46 42.19 -4.20
N GLU B 32 -34.44 42.80 -4.77
CA GLU B 32 -33.49 42.08 -5.62
C GLU B 32 -32.65 41.10 -4.79
N LYS B 33 -32.25 41.53 -3.61
CA LYS B 33 -31.40 40.73 -2.73
C LYS B 33 -31.99 39.35 -2.39
N ILE B 34 -33.29 39.32 -2.11
CA ILE B 34 -33.97 38.06 -1.76
C ILE B 34 -33.95 37.01 -2.87
N LYS B 35 -34.16 37.46 -4.10
CA LYS B 35 -34.25 36.54 -5.23
C LYS B 35 -32.96 35.75 -5.44
N LYS B 36 -31.83 36.36 -5.11
CA LYS B 36 -30.55 35.67 -5.25
C LYS B 36 -30.33 34.58 -4.18
N ILE B 37 -30.85 34.80 -2.98
CA ILE B 37 -30.66 33.82 -1.91
C ILE B 37 -31.81 32.83 -1.88
N SER B 38 -32.74 32.98 -2.82
CA SER B 38 -33.83 32.02 -2.94
C SER B 38 -33.21 30.64 -3.12
N CYS B 39 -32.06 30.64 -3.81
CA CYS B 39 -31.32 29.42 -4.09
C CYS B 39 -30.33 29.06 -2.96
N ALA B 40 -30.08 30.04 -2.09
CA ALA B 40 -29.05 29.90 -1.05
C ALA B 40 -29.54 29.06 0.11
N GLU B 41 -28.64 28.26 0.68
CA GLU B 41 -28.97 27.36 1.79
C GLU B 41 -28.54 27.87 3.18
N CYS B 42 -28.14 29.14 3.28
CA CYS B 42 -27.43 29.61 4.48
C CYS B 42 -28.27 30.57 5.35
N PRO B 43 -27.97 30.66 6.66
CA PRO B 43 -28.73 31.46 7.64
C PRO B 43 -28.87 32.96 7.30
N VAL B 44 -29.96 33.55 7.75
CA VAL B 44 -30.25 34.96 7.51
C VAL B 44 -30.63 35.68 8.80
N LEU B 45 -30.11 36.90 8.95
CA LEU B 45 -30.40 37.73 10.11
C LEU B 45 -31.04 39.05 9.68
N ILE B 46 -32.29 39.25 10.07
CA ILE B 46 -33.06 40.45 9.73
C ILE B 46 -33.15 41.42 10.90
N THR B 47 -32.96 42.70 10.62
CA THR B 47 -33.05 43.74 11.66
C THR B 47 -33.92 44.89 11.16
N GLY B 48 -34.42 45.69 12.10
CA GLY B 48 -35.21 46.87 11.78
C GLY B 48 -36.13 47.12 12.97
N GLU B 49 -36.85 48.23 12.97
CA GLU B 49 -37.81 48.47 14.05
C GLU B 49 -38.92 47.42 13.92
N SER B 50 -39.64 47.12 15.00
CA SER B 50 -40.71 46.14 14.91
C SER B 50 -41.88 46.79 14.21
N GLY B 51 -42.47 46.06 13.28
CA GLY B 51 -43.61 46.53 12.53
C GLY B 51 -43.24 47.14 11.19
N VAL B 52 -42.02 46.86 10.72
CA VAL B 52 -41.58 47.32 9.41
C VAL B 52 -41.80 46.25 8.34
N GLY B 53 -42.29 45.08 8.76
CA GLY B 53 -42.53 43.98 7.84
C GLY B 53 -41.48 42.87 7.83
N LYS B 54 -40.71 42.74 8.90
CA LYS B 54 -39.67 41.70 8.96
C LYS B 54 -40.26 40.30 8.73
N GLU B 55 -41.47 40.05 9.23
CA GLU B 55 -42.08 38.73 9.09
C GLU B 55 -42.45 38.46 7.63
N VAL B 56 -42.89 39.49 6.93
CA VAL B 56 -43.27 39.35 5.54
C VAL B 56 -42.05 38.90 4.76
N VAL B 57 -40.93 39.56 5.03
CA VAL B 57 -39.68 39.25 4.37
C VAL B 57 -39.33 37.79 4.62
N ALA B 58 -39.43 37.37 5.87
CA ALA B 58 -39.07 36.01 6.25
C ALA B 58 -39.91 34.96 5.54
N ARG B 59 -41.22 35.18 5.50
CA ARG B 59 -42.13 34.25 4.84
C ARG B 59 -41.95 34.25 3.32
N LEU B 60 -41.56 35.39 2.78
CA LEU B 60 -41.41 35.54 1.34
C LEU B 60 -40.22 34.75 0.80
N ILE B 61 -39.10 34.83 1.51
CA ILE B 61 -37.88 34.13 1.10
C ILE B 61 -38.19 32.66 0.88
N HIS B 62 -39.04 32.12 1.73
CA HIS B 62 -39.44 30.72 1.64
C HIS B 62 -40.23 30.47 0.36
N LYS B 63 -41.21 31.32 0.09
CA LYS B 63 -42.08 31.13 -1.05
C LYS B 63 -41.31 31.31 -2.37
N LEU B 64 -40.28 32.14 -2.35
CA LEU B 64 -39.50 32.42 -3.55
C LEU B 64 -38.34 31.44 -3.72
N SER B 65 -38.09 30.63 -2.70
CA SER B 65 -37.00 29.67 -2.73
C SER B 65 -37.45 28.37 -3.38
N ASP B 66 -36.53 27.43 -3.51
CA ASP B 66 -36.83 26.12 -4.09
C ASP B 66 -37.59 25.23 -3.08
N ARG B 67 -37.60 25.66 -1.82
CA ARG B 67 -38.25 24.93 -0.74
C ARG B 67 -39.66 25.42 -0.44
N SER B 68 -40.18 26.29 -1.31
CA SER B 68 -41.44 26.97 -1.07
C SER B 68 -42.61 26.02 -0.80
N LYS B 69 -42.47 24.77 -1.23
CA LYS B 69 -43.53 23.78 -1.10
C LYS B 69 -43.41 23.01 0.23
N GLU B 70 -42.31 23.22 0.95
CA GLU B 70 -42.05 22.49 2.20
C GLU B 70 -42.53 23.27 3.43
N PRO B 71 -42.46 22.66 4.63
CA PRO B 71 -42.99 23.30 5.84
C PRO B 71 -42.26 24.58 6.26
N PHE B 72 -43.03 25.54 6.75
CA PHE B 72 -42.50 26.79 7.29
C PHE B 72 -42.92 26.94 8.76
N VAL B 73 -41.94 26.89 9.67
CA VAL B 73 -42.21 26.89 11.10
C VAL B 73 -41.99 28.24 11.76
N ALA B 74 -43.05 28.83 12.28
CA ALA B 74 -42.96 30.13 12.96
C ALA B 74 -42.84 29.95 14.48
N LEU B 75 -41.87 30.64 15.06
CA LEU B 75 -41.58 30.54 16.49
C LEU B 75 -41.25 31.90 17.06
N ASN B 76 -41.84 32.22 18.21
CA ASN B 76 -41.55 33.46 18.92
C ASN B 76 -40.26 33.39 19.73
N VAL B 77 -39.90 32.16 20.10
CA VAL B 77 -38.69 31.79 20.85
C VAL B 77 -38.58 32.46 22.23
N ALA B 78 -39.29 33.55 22.47
CA ALA B 78 -39.32 34.16 23.78
C ALA B 78 -40.40 33.47 24.59
N SER B 79 -41.36 32.89 23.88
CA SER B 79 -42.50 32.21 24.48
C SER B 79 -42.16 30.80 24.96
N ILE B 80 -40.96 30.33 24.63
CA ILE B 80 -40.54 28.99 25.02
C ILE B 80 -40.15 28.95 26.49
N PRO B 81 -40.75 28.04 27.28
CA PRO B 81 -40.35 27.90 28.69
C PRO B 81 -38.92 27.36 28.84
N ARG B 82 -38.20 27.88 29.83
CA ARG B 82 -36.82 27.51 30.06
C ARG B 82 -36.61 26.03 30.36
N ASP B 83 -37.57 25.42 31.05
CA ASP B 83 -37.41 24.05 31.54
C ASP B 83 -37.39 23.04 30.41
N ILE B 84 -38.29 23.24 29.46
CA ILE B 84 -38.41 22.36 28.31
C ILE B 84 -37.69 22.87 27.07
N PHE B 85 -37.02 24.00 27.21
CA PHE B 85 -36.32 24.63 26.08
C PHE B 85 -35.46 23.59 25.35
N GLU B 86 -34.64 22.86 26.10
CA GLU B 86 -33.77 21.85 25.53
C GLU B 86 -34.55 20.69 24.93
N ALA B 87 -35.53 20.21 25.68
CA ALA B 87 -36.29 19.03 25.31
C ALA B 87 -37.25 19.22 24.13
N GLU B 88 -37.97 20.34 24.15
CA GLU B 88 -39.01 20.58 23.14
C GLU B 88 -38.42 20.94 21.78
N LEU B 89 -37.15 21.33 21.78
CA LEU B 89 -36.49 21.80 20.56
C LEU B 89 -35.82 20.65 19.78
N PHE B 90 -34.89 19.97 20.44
CA PHE B 90 -34.15 18.89 19.78
C PHE B 90 -34.96 17.61 19.75
N GLY B 91 -35.82 17.42 20.75
CA GLY B 91 -36.62 16.21 20.87
C GLY B 91 -36.02 15.30 21.91
N TYR B 92 -36.64 14.14 22.13
CA TYR B 92 -36.14 13.17 23.11
C TYR B 92 -36.51 11.73 22.73
N GLU B 93 -35.74 10.78 23.26
CA GLU B 93 -36.03 9.36 23.09
C GLU B 93 -36.68 8.90 24.38
N LYS B 94 -37.56 7.92 24.32
CA LYS B 94 -38.24 7.44 25.54
C LYS B 94 -37.20 7.05 26.59
N GLY B 95 -37.51 7.32 27.86
CA GLY B 95 -36.55 7.09 28.93
C GLY B 95 -35.71 8.28 29.40
N ALA B 96 -36.19 9.51 29.16
CA ALA B 96 -35.55 10.68 29.74
C ALA B 96 -36.31 11.15 30.98
N PHE B 97 -35.81 10.72 32.13
CA PHE B 97 -36.40 10.98 33.46
C PHE B 97 -37.93 10.95 33.47
N THR B 98 -38.47 9.77 33.24
CA THR B 98 -39.91 9.52 33.27
C THR B 98 -40.68 10.41 32.30
N GLY B 99 -40.12 10.71 31.13
CA GLY B 99 -40.89 11.46 30.15
C GLY B 99 -41.86 10.56 29.42
N ALA B 100 -43.15 10.88 29.50
CA ALA B 100 -44.21 10.19 28.75
C ALA B 100 -44.04 8.66 28.77
N VAL B 101 -44.40 8.02 27.66
CA VAL B 101 -43.95 6.68 27.31
C VAL B 101 -43.15 6.81 26.02
N SER B 102 -43.81 7.40 25.03
CA SER B 102 -43.29 7.42 23.66
C SER B 102 -42.34 8.58 23.39
N SER B 103 -41.47 8.37 22.41
CA SER B 103 -40.54 9.39 21.94
C SER B 103 -41.25 10.43 21.08
N LYS B 104 -40.71 11.64 21.04
CA LYS B 104 -41.31 12.74 20.28
C LYS B 104 -40.23 13.55 19.56
N GLU B 105 -40.51 13.86 18.30
CA GLU B 105 -39.60 14.65 17.48
C GLU B 105 -39.55 16.11 17.96
N GLY B 106 -38.46 16.80 17.62
CA GLY B 106 -38.29 18.20 17.94
C GLY B 106 -38.67 19.11 16.79
N PHE B 107 -38.65 20.41 17.04
CA PHE B 107 -39.04 21.39 16.03
C PHE B 107 -38.07 21.39 14.86
N PHE B 108 -36.82 21.04 15.13
CA PHE B 108 -35.82 20.96 14.10
C PHE B 108 -36.13 19.81 13.14
N GLU B 109 -36.52 18.67 13.70
CA GLU B 109 -36.86 17.50 12.89
C GLU B 109 -38.16 17.72 12.12
N LEU B 110 -39.06 18.50 12.70
CA LEU B 110 -40.32 18.83 12.04
C LEU B 110 -40.12 19.73 10.83
N ALA B 111 -39.08 20.55 10.87
CA ALA B 111 -38.81 21.51 9.81
C ALA B 111 -37.86 20.96 8.74
N ASP B 112 -37.50 19.68 8.87
CA ASP B 112 -36.56 19.05 7.95
C ASP B 112 -37.05 19.20 6.51
N GLY B 113 -36.18 19.74 5.66
CA GLY B 113 -36.54 20.01 4.28
C GLY B 113 -37.24 21.35 4.15
N GLY B 114 -37.63 21.93 5.28
CA GLY B 114 -38.38 23.17 5.31
C GLY B 114 -37.56 24.34 5.80
N THR B 115 -38.26 25.34 6.36
CA THR B 115 -37.63 26.55 6.86
C THR B 115 -38.06 26.84 8.31
N LEU B 116 -37.10 27.19 9.15
CA LEU B 116 -37.35 27.47 10.57
C LEU B 116 -37.11 28.95 10.88
N PHE B 117 -38.13 29.64 11.37
CA PHE B 117 -38.05 31.08 11.63
C PHE B 117 -38.11 31.42 13.12
N LEU B 118 -37.04 31.99 13.64
CA LEU B 118 -36.98 32.40 15.04
C LEU B 118 -37.17 33.91 15.14
N ASP B 119 -38.34 34.34 15.60
CA ASP B 119 -38.70 35.75 15.62
C ASP B 119 -38.35 36.47 16.91
N GLU B 120 -37.93 37.73 16.79
CA GLU B 120 -37.64 38.59 17.93
C GLU B 120 -36.59 37.88 18.82
N ILE B 121 -35.58 37.30 18.17
CA ILE B 121 -34.50 36.58 18.83
C ILE B 121 -33.71 37.43 19.82
N GLY B 122 -33.65 38.73 19.59
CA GLY B 122 -32.80 39.61 20.36
C GLY B 122 -33.16 39.72 21.82
N GLU B 123 -34.34 39.19 22.18
CA GLU B 123 -34.82 39.25 23.55
C GLU B 123 -34.40 38.03 24.35
N LEU B 124 -33.73 37.08 23.69
CA LEU B 124 -33.32 35.83 24.32
C LEU B 124 -32.18 36.04 25.32
N SER B 125 -32.18 35.26 26.40
CA SER B 125 -31.15 35.33 27.44
C SER B 125 -29.86 34.65 26.99
N LEU B 126 -28.72 35.20 27.41
CA LEU B 126 -27.41 34.69 27.03
C LEU B 126 -27.25 33.20 27.26
N GLU B 127 -27.82 32.71 28.35
CA GLU B 127 -27.71 31.29 28.70
C GLU B 127 -28.32 30.42 27.61
N ALA B 128 -29.44 30.87 27.06
CA ALA B 128 -30.16 30.10 26.06
C ALA B 128 -29.52 30.17 24.68
N GLN B 129 -28.96 31.33 24.35
CA GLN B 129 -28.36 31.56 23.05
C GLN B 129 -27.27 30.52 22.79
N ALA B 130 -26.51 30.23 23.84
CA ALA B 130 -25.38 29.30 23.76
C ALA B 130 -25.81 27.88 23.40
N LYS B 131 -27.06 27.54 23.71
CA LYS B 131 -27.56 26.20 23.52
C LYS B 131 -27.66 25.89 22.04
N LEU B 132 -27.93 26.94 21.29
CA LEU B 132 -28.17 26.88 19.86
C LEU B 132 -26.90 26.88 19.02
N LEU B 133 -25.75 27.00 19.67
CA LEU B 133 -24.50 27.27 18.97
C LEU B 133 -24.10 26.16 18.00
N ARG B 134 -23.94 24.94 18.50
CA ARG B 134 -23.50 23.82 17.66
C ARG B 134 -24.56 23.45 16.63
N VAL B 135 -25.81 23.76 16.93
CA VAL B 135 -26.92 23.34 16.08
C VAL B 135 -27.00 24.10 14.75
N ILE B 136 -26.75 25.41 14.80
CA ILE B 136 -26.89 26.27 13.62
C ILE B 136 -25.95 25.89 12.48
N GLU B 137 -24.65 25.83 12.75
CA GLU B 137 -23.68 25.62 11.68
C GLU B 137 -23.61 24.17 11.25
N SER B 138 -23.59 23.25 12.20
CA SER B 138 -23.40 21.85 11.84
C SER B 138 -24.73 21.23 11.42
N GLY B 139 -25.84 21.78 11.89
CA GLY B 139 -27.14 21.20 11.63
C GLY B 139 -27.23 19.86 12.34
N LYS B 140 -26.38 19.70 13.35
CA LYS B 140 -26.26 18.46 14.09
C LYS B 140 -26.53 18.70 15.57
N PHE B 141 -27.08 17.69 16.24
CA PHE B 141 -27.34 17.75 17.66
C PHE B 141 -27.64 16.37 18.20
N TYR B 142 -27.84 16.27 19.51
CA TYR B 142 -28.25 15.03 20.14
C TYR B 142 -29.63 15.15 20.75
N ARG B 143 -30.46 14.16 20.46
CA ARG B 143 -31.77 14.04 21.07
C ARG B 143 -31.57 13.83 22.56
N LEU B 144 -32.54 14.22 23.37
CA LEU B 144 -32.43 13.98 24.81
C LEU B 144 -32.54 12.48 25.09
N GLY B 145 -31.51 11.93 25.71
CA GLY B 145 -31.47 10.50 25.99
C GLY B 145 -31.03 9.65 24.80
N GLY B 146 -30.88 10.28 23.64
CA GLY B 146 -30.40 9.58 22.46
C GLY B 146 -28.89 9.52 22.39
N ARG B 147 -28.38 8.38 21.93
CA ARG B 147 -26.94 8.17 21.77
C ARG B 147 -26.48 8.28 20.31
N LYS B 148 -27.44 8.54 19.42
CA LYS B 148 -27.17 8.63 17.99
C LYS B 148 -27.12 10.07 17.52
N GLU B 149 -26.01 10.49 16.96
CA GLU B 149 -25.92 11.85 16.44
C GLU B 149 -26.85 12.02 15.24
N ILE B 150 -27.71 13.02 15.29
CA ILE B 150 -28.66 13.28 14.22
C ILE B 150 -28.25 14.53 13.45
N GLU B 151 -28.40 14.48 12.12
CA GLU B 151 -28.15 15.63 11.28
C GLU B 151 -29.39 15.86 10.42
N VAL B 152 -29.88 17.10 10.40
CA VAL B 152 -31.07 17.45 9.65
C VAL B 152 -30.81 18.70 8.82
N ASN B 153 -31.61 18.88 7.77
CA ASN B 153 -31.45 20.02 6.87
C ASN B 153 -32.59 21.03 6.99
N VAL B 154 -32.29 22.15 7.62
CA VAL B 154 -33.28 23.20 7.88
C VAL B 154 -32.64 24.56 7.64
N ARG B 155 -33.31 25.41 6.86
CA ARG B 155 -32.85 26.79 6.64
C ARG B 155 -33.33 27.70 7.77
N ILE B 156 -32.39 28.45 8.36
CA ILE B 156 -32.69 29.26 9.53
C ILE B 156 -32.80 30.74 9.20
N LEU B 157 -33.88 31.35 9.66
CA LEU B 157 -34.06 32.81 9.60
C LEU B 157 -34.30 33.34 11.00
N ALA B 158 -33.79 34.53 11.29
CA ALA B 158 -33.94 35.11 12.62
C ALA B 158 -34.27 36.59 12.49
N ALA B 159 -34.96 37.14 13.48
CA ALA B 159 -35.34 38.55 13.46
C ALA B 159 -35.36 39.16 14.86
N THR B 160 -35.07 40.45 14.95
CA THR B 160 -35.17 41.19 16.20
C THR B 160 -35.43 42.66 15.91
N ASN B 161 -36.13 43.33 16.81
CA ASN B 161 -36.43 44.75 16.61
C ASN B 161 -35.47 45.71 17.33
N ARG B 162 -34.43 45.15 17.93
CA ARG B 162 -33.47 45.95 18.70
C ARG B 162 -32.13 45.95 17.98
N ASN B 163 -31.18 46.73 18.47
CA ASN B 163 -29.87 46.78 17.84
C ASN B 163 -28.95 45.75 18.45
N ILE B 164 -28.69 44.70 17.68
CA ILE B 164 -27.95 43.55 18.17
C ILE B 164 -26.46 43.81 18.15
N LYS B 165 -26.00 44.55 17.14
CA LYS B 165 -24.59 44.87 17.01
C LYS B 165 -24.13 45.62 18.25
N GLU B 166 -25.01 46.47 18.78
CA GLU B 166 -24.71 47.22 20.00
C GLU B 166 -24.71 46.28 21.21
N LEU B 167 -25.67 45.36 21.26
CA LEU B 167 -25.82 44.45 22.41
C LEU B 167 -24.58 43.61 22.64
N VAL B 168 -23.91 43.20 21.55
CA VAL B 168 -22.71 42.39 21.64
C VAL B 168 -21.61 43.21 22.33
N LYS B 169 -21.47 44.45 21.89
CA LYS B 169 -20.46 45.37 22.43
C LYS B 169 -20.72 45.65 23.90
N GLU B 170 -21.97 45.52 24.30
CA GLU B 170 -22.38 45.71 25.69
C GLU B 170 -22.34 44.39 26.47
N GLY B 171 -21.93 43.32 25.78
CA GLY B 171 -21.82 42.01 26.42
C GLY B 171 -23.18 41.41 26.72
N LYS B 172 -24.21 41.99 26.13
CA LYS B 172 -25.58 41.55 26.35
C LYS B 172 -26.02 40.45 25.37
N PHE B 173 -25.20 40.22 24.35
CA PHE B 173 -25.48 39.17 23.36
C PHE B 173 -24.18 38.47 22.97
N ARG B 174 -24.23 37.16 22.84
CA ARG B 174 -23.04 36.36 22.54
C ARG B 174 -22.39 36.75 21.24
N GLU B 175 -21.07 36.94 21.28
CA GLU B 175 -20.30 37.30 20.10
C GLU B 175 -20.25 36.13 19.11
N ASP B 176 -20.05 34.91 19.63
CA ASP B 176 -19.88 33.74 18.77
C ASP B 176 -21.15 33.33 18.04
N LEU B 177 -22.30 33.59 18.63
CA LEU B 177 -23.57 33.23 18.00
C LEU B 177 -23.87 34.19 16.85
N TYR B 178 -23.51 35.46 17.04
CA TYR B 178 -23.78 36.49 16.04
C TYR B 178 -23.20 36.10 14.69
N TYR B 179 -21.96 35.61 14.70
CA TYR B 179 -21.25 35.27 13.47
C TYR B 179 -21.80 34.01 12.78
N ARG B 180 -22.55 33.19 13.52
CA ARG B 180 -23.19 32.00 12.95
C ARG B 180 -24.48 32.34 12.19
N LEU B 181 -25.30 33.20 12.78
CA LEU B 181 -26.57 33.63 12.19
C LEU B 181 -26.36 34.74 11.15
N GLY B 182 -25.28 35.48 11.32
CA GLY B 182 -25.07 36.73 10.61
C GLY B 182 -24.42 36.54 9.26
N VAL B 183 -24.57 35.34 8.70
CA VAL B 183 -24.08 35.07 7.35
C VAL B 183 -24.61 36.15 6.43
N ILE B 184 -25.93 36.32 6.44
CA ILE B 184 -26.58 37.40 5.70
C ILE B 184 -27.23 38.35 6.69
N GLU B 185 -26.98 39.65 6.54
CA GLU B 185 -27.58 40.65 7.41
C GLU B 185 -28.36 41.65 6.55
N ILE B 186 -29.66 41.72 6.79
CA ILE B 186 -30.55 42.63 6.07
C ILE B 186 -31.29 43.58 6.99
N GLU B 187 -31.02 44.87 6.90
CA GLU B 187 -31.75 45.85 7.71
C GLU B 187 -32.90 46.40 6.88
N ILE B 188 -34.06 46.54 7.53
CA ILE B 188 -35.22 47.16 6.91
C ILE B 188 -35.33 48.63 7.33
N PRO B 189 -35.34 49.57 6.36
CA PRO B 189 -35.47 50.97 6.77
C PRO B 189 -36.88 51.31 7.23
N PRO B 190 -37.04 52.37 8.04
CA PRO B 190 -38.35 52.76 8.56
C PRO B 190 -39.28 53.24 7.45
N LEU B 191 -40.47 53.72 7.80
CA LEU B 191 -41.42 54.15 6.80
C LEU B 191 -41.12 55.59 6.42
N ARG B 192 -40.76 56.38 7.42
CA ARG B 192 -40.39 57.79 7.20
C ARG B 192 -39.24 57.95 6.18
N GLU B 193 -38.47 56.89 5.95
CA GLU B 193 -37.46 56.91 4.89
C GLU B 193 -37.98 56.26 3.62
N ARG B 194 -39.19 55.70 3.67
CA ARG B 194 -39.91 55.30 2.47
C ARG B 194 -41.24 56.06 2.36
N LYS B 195 -41.23 57.19 1.66
CA LYS B 195 -42.45 57.98 1.51
C LYS B 195 -43.32 57.43 0.39
N GLU B 196 -42.68 56.81 -0.60
CA GLU B 196 -43.37 56.30 -1.77
C GLU B 196 -44.25 55.09 -1.41
N ASP B 197 -43.91 54.43 -0.32
CA ASP B 197 -44.63 53.24 0.14
C ASP B 197 -45.90 53.60 0.91
N ILE B 198 -45.97 54.83 1.39
CA ILE B 198 -47.06 55.26 2.27
C ILE B 198 -48.43 55.09 1.62
N ILE B 199 -48.63 55.75 0.48
CA ILE B 199 -49.95 55.79 -0.15
C ILE B 199 -50.37 54.41 -0.68
N PRO B 200 -49.46 53.70 -1.37
CA PRO B 200 -49.84 52.36 -1.83
C PRO B 200 -50.27 51.46 -0.67
N LEU B 201 -49.54 51.56 0.44
CA LEU B 201 -49.89 50.80 1.63
C LEU B 201 -51.24 51.25 2.17
N ALA B 202 -51.41 52.56 2.31
CA ALA B 202 -52.64 53.13 2.84
C ALA B 202 -53.87 52.69 2.03
N ASN B 203 -53.76 52.73 0.71
CA ASN B 203 -54.86 52.33 -0.16
C ASN B 203 -55.18 50.84 -0.10
N HIS B 204 -54.13 50.01 -0.04
CA HIS B 204 -54.32 48.57 0.00
C HIS B 204 -55.06 48.12 1.26
N PHE B 205 -54.71 48.72 2.39
CA PHE B 205 -55.31 48.36 3.68
C PHE B 205 -56.79 48.73 3.70
N LEU B 206 -57.10 49.88 3.12
CA LEU B 206 -58.48 50.36 3.03
C LEU B 206 -59.38 49.39 2.27
N LYS B 207 -58.86 48.84 1.17
CA LYS B 207 -59.64 47.94 0.34
C LYS B 207 -60.14 46.72 1.11
N LYS B 208 -59.24 46.10 1.86
CA LYS B 208 -59.60 44.94 2.67
C LYS B 208 -60.59 45.30 3.79
N PHE B 209 -60.34 46.41 4.50
CA PHE B 209 -61.20 46.78 5.63
C PHE B 209 -62.59 47.27 5.20
N SER B 210 -62.66 47.99 4.08
CA SER B 210 -63.95 48.47 3.57
C SER B 210 -64.83 47.29 3.19
N ARG B 211 -64.22 46.29 2.59
CA ARG B 211 -64.90 45.06 2.22
C ARG B 211 -65.27 44.24 3.44
N LYS B 212 -64.30 44.07 4.33
CA LYS B 212 -64.48 43.26 5.54
C LYS B 212 -65.64 43.76 6.38
N TYR B 213 -65.65 45.08 6.62
CA TYR B 213 -66.68 45.70 7.44
C TYR B 213 -67.82 46.26 6.58
N ALA B 214 -67.86 45.83 5.32
CA ALA B 214 -68.84 46.29 4.34
C ALA B 214 -69.15 47.77 4.44
N LYS B 215 -68.22 48.60 3.99
CA LYS B 215 -68.38 50.05 4.00
C LYS B 215 -68.31 50.57 2.56
N GLU B 216 -68.57 51.85 2.40
CA GLU B 216 -68.66 52.45 1.07
C GLU B 216 -67.37 53.16 0.66
N VAL B 217 -66.36 53.11 1.51
CA VAL B 217 -65.16 53.91 1.32
C VAL B 217 -64.32 53.43 0.13
N GLU B 218 -63.71 54.39 -0.57
CA GLU B 218 -62.88 54.14 -1.76
C GLU B 218 -61.45 54.65 -1.60
N GLY B 219 -61.29 55.96 -1.36
CA GLY B 219 -59.98 56.58 -1.30
C GLY B 219 -59.90 57.85 -0.45
N PHE B 220 -58.73 58.50 -0.51
CA PHE B 220 -58.44 59.67 0.33
C PHE B 220 -58.50 60.99 -0.44
N THR B 221 -58.90 62.04 0.28
CA THR B 221 -58.86 63.40 -0.26
C THR B 221 -57.39 63.83 -0.39
N LYS B 222 -57.11 64.81 -1.24
CA LYS B 222 -55.73 65.24 -1.47
C LYS B 222 -55.06 65.82 -0.23
N SER B 223 -55.81 66.56 0.58
CA SER B 223 -55.30 67.18 1.79
C SER B 223 -54.94 66.13 2.85
N ALA B 224 -55.72 65.06 2.89
CA ALA B 224 -55.49 63.96 3.83
C ALA B 224 -54.20 63.23 3.49
N GLN B 225 -54.01 62.95 2.20
CA GLN B 225 -52.83 62.24 1.72
C GLN B 225 -51.55 63.00 2.10
N GLU B 226 -51.65 64.32 2.13
CA GLU B 226 -50.55 65.21 2.49
C GLU B 226 -50.11 64.97 3.94
N LEU B 227 -51.07 64.71 4.82
CA LEU B 227 -50.79 64.47 6.23
C LEU B 227 -49.93 63.24 6.46
N LEU B 228 -50.27 62.14 5.79
CA LEU B 228 -49.53 60.89 5.93
C LEU B 228 -48.05 61.12 5.66
N LEU B 229 -47.76 62.02 4.73
CA LEU B 229 -46.40 62.29 4.35
C LEU B 229 -45.67 63.12 5.42
N SER B 230 -46.42 63.91 6.18
CA SER B 230 -45.84 64.80 7.19
C SER B 230 -45.74 64.25 8.62
N TYR B 231 -46.35 63.09 8.88
CA TYR B 231 -46.36 62.53 10.23
C TYR B 231 -45.20 61.54 10.32
N PRO B 232 -44.14 61.88 11.09
CA PRO B 232 -42.99 60.98 10.91
C PRO B 232 -43.07 59.55 11.49
N TRP B 233 -44.25 58.94 11.48
CA TRP B 233 -44.43 57.49 11.66
C TRP B 233 -43.41 56.74 12.52
N TYR B 234 -43.51 56.81 13.84
CA TYR B 234 -42.58 56.06 14.70
C TYR B 234 -42.89 54.57 14.78
N GLY B 235 -44.14 54.20 14.55
CA GLY B 235 -44.55 52.80 14.56
C GLY B 235 -44.51 52.15 13.19
N ASN B 236 -44.14 52.94 12.19
CA ASN B 236 -44.00 52.46 10.81
C ASN B 236 -45.26 51.79 10.24
N VAL B 237 -45.09 50.70 9.49
CA VAL B 237 -46.20 50.10 8.73
C VAL B 237 -47.30 49.55 9.62
N ARG B 238 -46.92 48.98 10.76
CA ARG B 238 -47.90 48.36 11.63
C ARG B 238 -48.88 49.42 12.16
N GLU B 239 -48.38 50.62 12.43
CA GLU B 239 -49.24 51.69 12.90
C GLU B 239 -50.23 52.13 11.83
N LEU B 240 -49.76 52.14 10.58
CA LEU B 240 -50.60 52.56 9.46
C LEU B 240 -51.87 51.71 9.36
N LYS B 241 -51.69 50.40 9.32
CA LYS B 241 -52.81 49.45 9.22
C LYS B 241 -53.90 49.73 10.26
N ASN B 242 -53.48 50.04 11.49
CA ASN B 242 -54.42 50.31 12.57
C ASN B 242 -55.17 51.63 12.36
N VAL B 243 -54.43 52.66 11.93
CA VAL B 243 -55.01 53.98 11.74
C VAL B 243 -56.11 53.93 10.68
N ILE B 244 -55.88 53.17 9.62
CA ILE B 244 -56.90 53.00 8.59
C ILE B 244 -58.09 52.26 9.19
N GLU B 245 -57.79 51.20 9.94
CA GLU B 245 -58.82 50.38 10.57
C GLU B 245 -59.67 51.24 11.51
N ARG B 246 -59.04 52.17 12.21
CA ARG B 246 -59.76 53.12 13.06
C ARG B 246 -60.63 54.00 12.16
N ALA B 247 -60.02 54.48 11.09
CA ALA B 247 -60.66 55.43 10.18
C ALA B 247 -61.85 54.82 9.42
N VAL B 248 -61.66 53.60 8.92
CA VAL B 248 -62.71 52.92 8.14
C VAL B 248 -63.98 52.71 8.95
N LEU B 249 -63.82 52.38 10.23
CA LEU B 249 -64.95 52.07 11.10
C LEU B 249 -65.85 53.28 11.34
N PHE B 250 -65.25 54.45 11.48
CA PHE B 250 -65.99 55.67 11.78
C PHE B 250 -66.37 56.49 10.54
N SER B 251 -65.99 56.01 9.36
CA SER B 251 -66.30 56.76 8.13
C SER B 251 -67.81 56.84 7.92
N GLU B 252 -68.23 57.94 7.31
CA GLU B 252 -69.64 58.18 7.00
C GLU B 252 -69.79 58.19 5.49
N GLY B 253 -69.09 59.12 4.84
CA GLY B 253 -69.14 59.22 3.40
C GLY B 253 -68.23 58.21 2.75
N LYS B 254 -67.93 58.40 1.48
CA LYS B 254 -67.07 57.48 0.74
C LYS B 254 -65.58 57.85 0.81
N PHE B 255 -65.28 59.06 1.28
CA PHE B 255 -63.89 59.53 1.35
C PHE B 255 -63.53 60.03 2.75
N ILE B 256 -62.22 60.01 3.03
CA ILE B 256 -61.69 60.43 4.32
C ILE B 256 -60.92 61.73 4.18
N ASP B 257 -61.30 62.72 4.99
CA ASP B 257 -60.65 64.03 4.95
C ASP B 257 -59.55 64.12 5.99
N ARG B 258 -58.83 65.23 5.98
CA ARG B 258 -57.79 65.48 6.96
C ARG B 258 -58.40 65.60 8.36
N GLY B 259 -59.65 66.04 8.41
CA GLY B 259 -60.36 66.28 9.66
C GLY B 259 -60.59 65.01 10.47
N GLU B 260 -60.89 63.93 9.76
CA GLU B 260 -61.16 62.64 10.39
C GLU B 260 -59.89 62.06 11.00
N LEU B 261 -58.75 62.44 10.44
CA LEU B 261 -57.45 61.99 10.94
C LEU B 261 -56.98 62.81 12.14
N SER B 262 -57.44 64.06 12.23
CA SER B 262 -57.00 64.98 13.27
C SER B 262 -57.19 64.44 14.68
N CYS B 263 -58.30 63.74 14.92
CA CYS B 263 -58.57 63.17 16.23
C CYS B 263 -57.70 61.93 16.46
N LEU B 264 -57.19 61.34 15.37
CA LEU B 264 -56.34 60.15 15.44
C LEU B 264 -54.86 60.49 15.66
N VAL B 265 -54.45 61.69 15.26
CA VAL B 265 -53.03 62.09 15.29
C VAL B 265 -52.81 63.22 16.27
N GLU C 19 -79.50 49.09 33.81
CA GLU C 19 -79.21 49.30 35.23
C GLU C 19 -77.95 50.14 35.43
N TYR C 20 -77.22 50.36 34.35
CA TYR C 20 -76.02 51.20 34.36
C TYR C 20 -76.35 52.68 34.18
N VAL C 21 -75.52 53.52 34.80
CA VAL C 21 -75.74 54.96 34.77
C VAL C 21 -74.75 55.64 33.83
N PHE C 22 -75.25 56.26 32.77
CA PHE C 22 -74.44 57.21 32.02
C PHE C 22 -75.20 58.52 31.92
N GLU C 23 -74.81 59.50 32.73
CA GLU C 23 -75.33 60.86 32.57
C GLU C 23 -74.17 61.84 32.56
N SER C 24 -73.81 62.37 31.38
CA SER C 24 -72.68 63.30 31.26
C SER C 24 -72.32 63.55 29.80
N PRO C 25 -71.74 64.72 29.51
CA PRO C 25 -71.21 64.99 28.16
C PRO C 25 -70.13 63.99 27.77
N LYS C 26 -69.26 63.72 28.74
CA LYS C 26 -68.08 62.89 28.55
C LYS C 26 -68.39 61.44 28.17
N MET C 27 -69.23 60.78 28.96
CA MET C 27 -69.53 59.36 28.80
C MET C 27 -70.44 59.03 27.63
N LYS C 28 -71.35 59.96 27.33
CA LYS C 28 -72.27 59.78 26.22
C LYS C 28 -71.54 59.79 24.88
N GLU C 29 -70.47 60.58 24.79
CA GLU C 29 -69.68 60.64 23.57
C GLU C 29 -68.97 59.31 23.31
N ILE C 30 -68.40 58.75 24.38
CA ILE C 30 -67.74 57.46 24.31
C ILE C 30 -68.73 56.35 24.00
N LEU C 31 -69.90 56.45 24.61
CA LEU C 31 -70.94 55.44 24.45
C LEU C 31 -71.30 55.28 22.97
N GLU C 32 -71.30 56.38 22.23
CA GLU C 32 -71.58 56.35 20.80
C GLU C 32 -70.49 55.59 20.05
N LYS C 33 -69.24 55.82 20.41
CA LYS C 33 -68.11 55.15 19.77
C LYS C 33 -68.22 53.63 19.90
N ILE C 34 -68.61 53.17 21.08
CA ILE C 34 -68.72 51.74 21.35
C ILE C 34 -69.73 51.11 20.40
N LYS C 35 -70.85 51.81 20.22
CA LYS C 35 -71.95 51.32 19.40
C LYS C 35 -71.56 51.21 17.92
N LYS C 36 -70.66 52.08 17.48
CA LYS C 36 -70.18 52.09 16.10
C LYS C 36 -69.21 50.93 15.80
N ILE C 37 -68.44 50.52 16.80
CA ILE C 37 -67.43 49.47 16.63
C ILE C 37 -67.93 48.07 16.95
N SER C 38 -69.24 47.94 17.21
CA SER C 38 -69.84 46.64 17.50
C SER C 38 -69.48 45.57 16.47
N CYS C 39 -69.31 45.99 15.22
CA CYS C 39 -69.01 45.08 14.12
C CYS C 39 -67.50 44.78 14.01
N ALA C 40 -66.68 45.56 14.69
CA ALA C 40 -65.23 45.46 14.56
C ALA C 40 -64.69 44.26 15.34
N GLU C 41 -63.68 43.62 14.78
CA GLU C 41 -63.05 42.44 15.37
C GLU C 41 -61.73 42.73 16.09
N CYS C 42 -61.40 44.00 16.34
CA CYS C 42 -60.02 44.35 16.70
C CYS C 42 -59.83 44.76 18.17
N PRO C 43 -58.60 44.60 18.70
CA PRO C 43 -58.26 44.90 20.10
C PRO C 43 -58.52 46.33 20.56
N VAL C 44 -58.82 46.47 21.86
CA VAL C 44 -59.15 47.75 22.49
C VAL C 44 -58.31 47.99 23.73
N LEU C 45 -57.88 49.23 23.92
CA LEU C 45 -57.07 49.60 25.09
C LEU C 45 -57.76 50.62 25.99
N ILE C 46 -58.15 50.17 27.18
CA ILE C 46 -58.84 51.00 28.15
C ILE C 46 -57.90 51.48 29.23
N THR C 47 -58.01 52.77 29.56
CA THR C 47 -57.13 53.39 30.53
C THR C 47 -57.97 54.14 31.55
N GLY C 48 -57.39 54.50 32.69
CA GLY C 48 -58.05 55.35 33.66
C GLY C 48 -57.57 55.14 35.08
N GLU C 49 -58.02 56.01 35.98
CA GLU C 49 -57.75 55.85 37.40
C GLU C 49 -58.52 54.63 37.88
N SER C 50 -58.14 54.07 39.02
CA SER C 50 -58.81 52.89 39.53
C SER C 50 -60.19 53.24 40.05
N GLY C 51 -61.19 52.45 39.64
CA GLY C 51 -62.54 52.64 40.11
C GLY C 51 -63.38 53.56 39.24
N VAL C 52 -62.93 53.81 38.01
CA VAL C 52 -63.67 54.70 37.11
C VAL C 52 -64.62 53.95 36.21
N GLY C 53 -64.61 52.61 36.26
CA GLY C 53 -65.47 51.79 35.42
C GLY C 53 -64.79 51.16 34.22
N LYS C 54 -63.46 51.07 34.24
CA LYS C 54 -62.70 50.48 33.13
C LYS C 54 -63.17 49.06 32.84
N GLU C 55 -63.54 48.35 33.91
CA GLU C 55 -64.02 46.97 33.82
C GLU C 55 -65.41 46.91 33.18
N VAL C 56 -66.23 47.92 33.50
CA VAL C 56 -67.61 47.98 32.99
C VAL C 56 -67.62 48.06 31.48
N VAL C 57 -66.78 48.95 30.94
CA VAL C 57 -66.67 49.14 29.50
C VAL C 57 -66.31 47.85 28.78
N ALA C 58 -65.36 47.10 29.35
CA ALA C 58 -64.92 45.87 28.73
C ALA C 58 -66.10 44.91 28.57
N ARG C 59 -66.92 44.80 29.62
CA ARG C 59 -68.12 43.97 29.52
C ARG C 59 -69.13 44.56 28.55
N LEU C 60 -69.16 45.88 28.48
CA LEU C 60 -70.17 46.56 27.68
C LEU C 60 -69.88 46.36 26.21
N ILE C 61 -68.62 46.52 25.82
CA ILE C 61 -68.22 46.34 24.43
C ILE C 61 -68.65 44.98 23.92
N HIS C 62 -68.52 43.98 24.79
CA HIS C 62 -68.88 42.61 24.44
C HIS C 62 -70.37 42.48 24.18
N LYS C 63 -71.16 43.05 25.08
CA LYS C 63 -72.61 42.95 25.02
C LYS C 63 -73.18 43.66 23.80
N LEU C 64 -72.53 44.75 23.39
CA LEU C 64 -73.00 45.55 22.27
C LEU C 64 -72.44 45.09 20.93
N SER C 65 -71.46 44.18 20.97
CA SER C 65 -70.83 43.72 19.75
C SER C 65 -71.60 42.54 19.13
N ASP C 66 -71.13 42.07 17.98
CA ASP C 66 -71.75 40.94 17.29
C ASP C 66 -71.36 39.62 17.96
N ARG C 67 -70.36 39.68 18.82
CA ARG C 67 -69.83 38.50 19.49
C ARG C 67 -70.46 38.34 20.88
N SER C 68 -71.47 39.16 21.17
CA SER C 68 -72.04 39.26 22.51
C SER C 68 -72.57 37.96 23.06
N LYS C 69 -72.90 37.02 22.19
CA LYS C 69 -73.52 35.77 22.61
C LYS C 69 -72.50 34.67 22.93
N GLU C 70 -71.24 34.91 22.60
CA GLU C 70 -70.18 33.93 22.82
C GLU C 70 -69.44 34.18 24.15
N PRO C 71 -68.50 33.29 24.53
CA PRO C 71 -67.88 33.42 25.86
C PRO C 71 -67.11 34.71 26.10
N PHE C 72 -67.19 35.18 27.35
CA PHE C 72 -66.43 36.33 27.81
C PHE C 72 -65.55 35.85 28.96
N VAL C 73 -64.24 35.84 28.75
CA VAL C 73 -63.30 35.27 29.73
C VAL C 73 -62.56 36.36 30.51
N ALA C 74 -62.80 36.43 31.81
CA ALA C 74 -62.16 37.44 32.65
C ALA C 74 -60.88 36.93 33.31
N LEU C 75 -59.81 37.69 33.15
CA LEU C 75 -58.49 37.33 33.64
C LEU C 75 -57.70 38.48 34.23
N ASN C 76 -57.15 38.24 35.41
CA ASN C 76 -56.11 39.10 35.93
C ASN C 76 -54.83 38.50 35.40
N VAL C 77 -54.20 39.16 34.45
CA VAL C 77 -53.03 38.58 33.81
C VAL C 77 -51.85 38.55 34.78
N ALA C 78 -51.65 39.64 35.51
CA ALA C 78 -50.61 39.72 36.55
C ALA C 78 -50.66 38.54 37.53
N SER C 79 -51.86 37.98 37.69
CA SER C 79 -52.11 36.91 38.65
C SER C 79 -51.60 35.55 38.18
N ILE C 80 -51.19 35.46 36.93
CA ILE C 80 -50.68 34.20 36.42
C ILE C 80 -49.26 34.02 36.95
N PRO C 81 -48.99 32.90 37.64
CA PRO C 81 -47.61 32.65 38.06
C PRO C 81 -46.69 32.41 36.86
N ARG C 82 -45.47 32.91 36.92
CA ARG C 82 -44.56 32.86 35.79
C ARG C 82 -44.27 31.44 35.31
N ASP C 83 -44.22 30.50 36.26
CA ASP C 83 -43.72 29.15 35.97
C ASP C 83 -44.63 28.37 35.02
N ILE C 84 -45.93 28.46 35.23
CA ILE C 84 -46.92 27.81 34.37
C ILE C 84 -47.49 28.83 33.38
N PHE C 85 -46.99 30.06 33.42
CA PHE C 85 -47.52 31.17 32.63
C PHE C 85 -47.72 30.76 31.17
N GLU C 86 -46.71 30.13 30.59
CA GLU C 86 -46.76 29.70 29.21
C GLU C 86 -47.83 28.63 29.00
N ALA C 87 -47.86 27.65 29.89
CA ALA C 87 -48.73 26.48 29.76
C ALA C 87 -50.22 26.80 29.97
N GLU C 88 -50.50 27.64 30.97
CA GLU C 88 -51.86 27.97 31.39
C GLU C 88 -52.52 28.85 30.34
N LEU C 89 -51.69 29.45 29.49
CA LEU C 89 -52.15 30.38 28.48
C LEU C 89 -52.41 29.69 27.15
N PHE C 90 -51.37 29.06 26.61
CA PHE C 90 -51.44 28.41 25.30
C PHE C 90 -52.06 27.02 25.35
N GLY C 91 -51.85 26.35 26.48
CA GLY C 91 -52.34 25.00 26.66
C GLY C 91 -51.17 24.05 26.46
N TYR C 92 -51.41 22.76 26.65
CA TYR C 92 -50.36 21.76 26.52
C TYR C 92 -50.87 20.37 26.15
N GLU C 93 -49.93 19.55 25.67
CA GLU C 93 -50.21 18.16 25.30
C GLU C 93 -49.89 17.31 26.52
N LYS C 94 -50.13 16.01 26.45
CA LYS C 94 -49.93 15.14 27.61
C LYS C 94 -48.56 15.27 28.30
N GLY C 95 -47.47 14.83 27.70
CA GLY C 95 -46.19 14.90 28.40
C GLY C 95 -45.58 16.29 28.50
N ALA C 96 -45.47 16.81 29.72
CA ALA C 96 -44.63 17.98 29.98
C ALA C 96 -43.98 17.82 31.35
N PHE C 97 -42.73 17.34 31.36
CA PHE C 97 -41.99 17.02 32.59
C PHE C 97 -42.91 16.42 33.65
N THR C 98 -43.44 15.24 33.35
CA THR C 98 -44.41 14.54 34.19
C THR C 98 -45.65 15.39 34.37
N GLY C 99 -46.03 16.12 33.31
CA GLY C 99 -47.24 16.93 33.36
C GLY C 99 -48.51 16.12 33.17
N ALA C 100 -49.40 16.22 34.15
CA ALA C 100 -50.73 15.63 34.08
C ALA C 100 -50.74 14.19 33.55
N VAL C 101 -51.82 13.85 32.86
CA VAL C 101 -51.91 12.71 31.94
C VAL C 101 -52.49 13.26 30.63
N SER C 102 -53.62 13.93 30.79
CA SER C 102 -54.49 14.35 29.70
C SER C 102 -54.09 15.67 29.04
N SER C 103 -54.51 15.84 27.80
CA SER C 103 -54.28 17.07 27.06
C SER C 103 -55.22 18.13 27.63
N LYS C 104 -54.79 19.39 27.62
CA LYS C 104 -55.61 20.46 28.15
C LYS C 104 -55.48 21.74 27.34
N GLU C 105 -56.62 22.37 27.06
CA GLU C 105 -56.65 23.63 26.34
C GLU C 105 -56.14 24.77 27.22
N GLY C 106 -55.68 25.85 26.57
CA GLY C 106 -55.26 27.06 27.25
C GLY C 106 -56.34 28.11 27.22
N PHE C 107 -56.12 29.23 27.91
CA PHE C 107 -57.12 30.29 27.94
C PHE C 107 -57.37 30.94 26.59
N PHE C 108 -56.37 30.98 25.72
CA PHE C 108 -56.60 31.53 24.38
C PHE C 108 -57.55 30.62 23.59
N GLU C 109 -57.29 29.32 23.65
CA GLU C 109 -58.12 28.34 22.95
C GLU C 109 -59.51 28.22 23.57
N LEU C 110 -59.60 28.45 24.88
CA LEU C 110 -60.87 28.43 25.59
C LEU C 110 -61.78 29.58 25.16
N ALA C 111 -61.17 30.67 24.72
CA ALA C 111 -61.91 31.87 24.34
C ALA C 111 -62.24 31.87 22.85
N ASP C 112 -61.91 30.78 22.17
CA ASP C 112 -62.12 30.66 20.72
C ASP C 112 -63.57 30.98 20.37
N GLY C 113 -63.75 31.94 19.46
CA GLY C 113 -65.07 32.41 19.08
C GLY C 113 -65.59 33.47 20.02
N GLY C 114 -64.93 33.64 21.17
CA GLY C 114 -65.34 34.60 22.17
C GLY C 114 -64.41 35.78 22.29
N THR C 115 -64.39 36.40 23.46
CA THR C 115 -63.56 37.57 23.73
C THR C 115 -62.77 37.33 25.03
N LEU C 116 -61.49 37.68 25.01
CA LEU C 116 -60.62 37.47 26.17
C LEU C 116 -60.21 38.80 26.76
N PHE C 117 -60.50 38.98 28.05
CA PHE C 117 -60.29 40.25 28.74
C PHE C 117 -59.12 40.19 29.68
N LEU C 118 -58.06 40.95 29.35
CA LEU C 118 -56.85 41.00 30.18
C LEU C 118 -56.78 42.31 30.97
N ASP C 119 -57.07 42.26 32.26
CA ASP C 119 -57.08 43.47 33.10
C ASP C 119 -55.69 43.60 33.73
N GLU C 120 -55.26 44.84 33.96
CA GLU C 120 -53.95 45.11 34.56
C GLU C 120 -52.85 44.58 33.67
N ILE C 121 -52.98 44.78 32.37
CA ILE C 121 -51.95 44.38 31.43
C ILE C 121 -50.63 45.08 31.77
N GLY C 122 -50.76 46.26 32.36
CA GLY C 122 -49.61 47.11 32.64
C GLY C 122 -48.65 46.62 33.70
N GLU C 123 -49.04 45.60 34.46
CA GLU C 123 -48.20 45.12 35.55
C GLU C 123 -47.26 43.98 35.16
N LEU C 124 -47.32 43.54 33.91
CA LEU C 124 -46.49 42.45 33.41
C LEU C 124 -45.02 42.86 33.23
N SER C 125 -44.12 41.92 33.49
CA SER C 125 -42.68 42.16 33.32
C SER C 125 -42.31 42.15 31.84
N LEU C 126 -41.36 42.99 31.45
CA LEU C 126 -40.95 43.10 30.06
C LEU C 126 -40.61 41.75 29.46
N GLU C 127 -40.01 40.89 30.26
CA GLU C 127 -39.63 39.57 29.79
C GLU C 127 -40.86 38.75 29.40
N ALA C 128 -41.93 38.88 30.18
CA ALA C 128 -43.14 38.10 29.96
C ALA C 128 -43.97 38.62 28.80
N GLN C 129 -44.01 39.94 28.65
CA GLN C 129 -44.79 40.57 27.59
C GLN C 129 -44.36 40.02 26.24
N ALA C 130 -43.06 39.78 26.11
CA ALA C 130 -42.46 39.36 24.84
C ALA C 130 -43.08 38.06 24.36
N LYS C 131 -43.57 37.26 25.29
CA LYS C 131 -44.14 35.95 24.99
C LYS C 131 -45.47 36.08 24.24
N LEU C 132 -46.20 37.16 24.51
CA LEU C 132 -47.53 37.35 23.97
C LEU C 132 -47.58 37.90 22.54
N LEU C 133 -46.45 38.26 21.96
CA LEU C 133 -46.46 39.02 20.72
C LEU C 133 -47.12 38.30 19.57
N ARG C 134 -46.63 37.12 19.24
CA ARG C 134 -47.14 36.38 18.09
C ARG C 134 -48.60 35.98 18.30
N VAL C 135 -49.01 35.85 19.56
CA VAL C 135 -50.37 35.39 19.84
C VAL C 135 -51.37 36.49 19.53
N ILE C 136 -51.02 37.72 19.88
CA ILE C 136 -51.92 38.85 19.69
C ILE C 136 -52.25 39.08 18.22
N GLU C 137 -51.21 39.24 17.38
CA GLU C 137 -51.43 39.62 15.99
C GLU C 137 -51.88 38.47 15.12
N SER C 138 -51.21 37.33 15.24
CA SER C 138 -51.48 36.21 14.36
C SER C 138 -52.66 35.38 14.86
N GLY C 139 -52.88 35.42 16.18
CA GLY C 139 -53.89 34.58 16.78
C GLY C 139 -53.46 33.14 16.66
N LYS C 140 -52.15 32.94 16.45
CA LYS C 140 -51.60 31.63 16.23
C LYS C 140 -50.53 31.32 17.26
N PHE C 141 -50.39 30.04 17.57
CA PHE C 141 -49.39 29.56 18.51
C PHE C 141 -49.26 28.05 18.41
N TYR C 142 -48.33 27.50 19.18
CA TYR C 142 -48.17 26.06 19.29
C TYR C 142 -48.48 25.61 20.70
N ARG C 143 -49.26 24.55 20.85
CA ARG C 143 -49.46 23.97 22.16
C ARG C 143 -48.13 23.46 22.67
N LEU C 144 -48.00 23.34 23.98
CA LEU C 144 -46.78 22.81 24.58
C LEU C 144 -46.67 21.33 24.25
N GLY C 145 -45.58 20.94 23.60
CA GLY C 145 -45.38 19.58 23.15
C GLY C 145 -46.12 19.25 21.87
N GLY C 146 -46.96 20.18 21.40
CA GLY C 146 -47.64 20.02 20.12
C GLY C 146 -46.81 20.52 18.95
N ARG C 147 -46.86 19.77 17.85
CA ARG C 147 -46.14 20.13 16.64
C ARG C 147 -47.00 20.76 15.53
N LYS C 148 -48.30 20.89 15.77
CA LYS C 148 -49.21 21.47 14.80
C LYS C 148 -49.61 22.88 15.21
N GLU C 149 -49.32 23.84 14.34
CA GLU C 149 -49.66 25.23 14.60
C GLU C 149 -51.16 25.38 14.69
N ILE C 150 -51.62 26.00 15.77
CA ILE C 150 -53.03 26.21 16.02
C ILE C 150 -53.40 27.65 15.78
N GLU C 151 -54.59 27.85 15.22
CA GLU C 151 -55.11 29.18 14.95
C GLU C 151 -56.45 29.33 15.66
N VAL C 152 -56.61 30.45 16.35
CA VAL C 152 -57.80 30.72 17.13
C VAL C 152 -58.36 32.08 16.78
N ASN C 153 -59.66 32.25 17.00
CA ASN C 153 -60.33 33.52 16.74
C ASN C 153 -60.78 34.18 18.04
N VAL C 154 -60.07 35.22 18.42
CA VAL C 154 -60.31 35.90 19.69
C VAL C 154 -60.20 37.41 19.55
N ARG C 155 -61.23 38.12 20.00
CA ARG C 155 -61.17 39.56 20.11
C ARG C 155 -60.60 39.88 21.50
N ILE C 156 -59.59 40.73 21.55
CA ILE C 156 -58.90 41.01 22.80
C ILE C 156 -59.36 42.33 23.39
N LEU C 157 -59.64 42.31 24.68
CA LEU C 157 -59.95 43.52 25.42
C LEU C 157 -58.91 43.65 26.53
N ALA C 158 -58.44 44.86 26.76
CA ALA C 158 -57.40 45.11 27.76
C ALA C 158 -57.70 46.38 28.55
N ALA C 159 -57.21 46.41 29.78
CA ALA C 159 -57.38 47.57 30.65
C ALA C 159 -56.17 47.71 31.56
N THR C 160 -55.82 48.94 31.92
CA THR C 160 -54.74 49.16 32.88
C THR C 160 -54.92 50.48 33.62
N ASN C 161 -54.39 50.53 34.84
CA ASN C 161 -54.48 51.72 35.69
C ASN C 161 -53.24 52.61 35.52
N ARG C 162 -52.41 52.29 34.52
CA ARG C 162 -51.16 53.02 34.27
C ARG C 162 -51.24 53.79 32.95
N ASN C 163 -50.36 54.76 32.79
CA ASN C 163 -50.28 55.53 31.56
C ASN C 163 -49.25 54.90 30.64
N ILE C 164 -49.71 54.27 29.57
CA ILE C 164 -48.82 53.47 28.74
C ILE C 164 -47.99 54.35 27.81
N LYS C 165 -48.59 55.43 27.32
CA LYS C 165 -47.90 56.34 26.41
C LYS C 165 -46.64 56.89 27.08
N GLU C 166 -46.74 57.16 28.38
CA GLU C 166 -45.61 57.66 29.14
C GLU C 166 -44.56 56.57 29.39
N LEU C 167 -45.02 55.38 29.78
CA LEU C 167 -44.12 54.29 30.13
C LEU C 167 -43.23 53.83 28.99
N VAL C 168 -43.75 53.86 27.77
CA VAL C 168 -42.97 53.44 26.61
C VAL C 168 -41.79 54.39 26.47
N LYS C 169 -42.09 55.67 26.59
CA LYS C 169 -41.08 56.72 26.49
C LYS C 169 -40.05 56.57 27.63
N GLU C 170 -40.48 55.95 28.73
CA GLU C 170 -39.59 55.69 29.85
C GLU C 170 -38.91 54.32 29.70
N GLY C 171 -39.24 53.61 28.64
CA GLY C 171 -38.64 52.32 28.37
C GLY C 171 -39.12 51.21 29.31
N LYS C 172 -40.19 51.50 30.03
CA LYS C 172 -40.75 50.57 31.01
C LYS C 172 -41.79 49.62 30.39
N PHE C 173 -42.16 49.88 29.14
CA PHE C 173 -43.11 49.05 28.40
C PHE C 173 -42.67 48.88 26.95
N ARG C 174 -42.82 47.66 26.44
CA ARG C 174 -42.38 47.34 25.10
C ARG C 174 -43.10 48.25 24.11
N GLU C 175 -42.32 48.88 23.23
CA GLU C 175 -42.88 49.78 22.23
C GLU C 175 -43.69 49.02 21.17
N ASP C 176 -43.16 47.87 20.74
CA ASP C 176 -43.79 47.09 19.67
C ASP C 176 -45.11 46.45 20.07
N LEU C 177 -45.27 46.15 21.36
CA LEU C 177 -46.49 45.51 21.86
C LEU C 177 -47.63 46.53 21.89
N TYR C 178 -47.29 47.78 22.21
CA TYR C 178 -48.28 48.84 22.27
C TYR C 178 -49.05 48.94 20.95
N TYR C 179 -48.31 48.88 19.84
CA TYR C 179 -48.89 49.01 18.51
C TYR C 179 -49.74 47.79 18.12
N ARG C 180 -49.55 46.67 18.81
CA ARG C 180 -50.35 45.47 18.58
C ARG C 180 -51.73 45.53 19.28
N LEU C 181 -51.73 46.01 20.52
CA LEU C 181 -52.93 46.15 21.34
C LEU C 181 -53.71 47.44 21.07
N GLY C 182 -52.99 48.46 20.60
CA GLY C 182 -53.50 49.82 20.57
C GLY C 182 -54.30 50.21 19.35
N VAL C 183 -54.91 49.23 18.67
CA VAL C 183 -55.77 49.52 17.52
C VAL C 183 -56.79 50.58 17.88
N ILE C 184 -57.58 50.33 18.94
CA ILE C 184 -58.51 51.31 19.46
C ILE C 184 -58.07 51.72 20.87
N GLU C 185 -58.00 53.02 21.12
CA GLU C 185 -57.56 53.53 22.41
C GLU C 185 -58.63 54.40 23.06
N ILE C 186 -59.05 53.99 24.25
CA ILE C 186 -60.07 54.67 25.04
C ILE C 186 -59.48 55.09 26.38
N GLU C 187 -59.50 56.39 26.64
CA GLU C 187 -58.88 56.93 27.86
C GLU C 187 -59.79 57.03 29.08
N ILE C 188 -60.85 57.80 28.96
CA ILE C 188 -61.86 57.99 30.01
C ILE C 188 -61.33 58.97 31.09
N PRO C 189 -62.14 59.96 31.47
CA PRO C 189 -61.80 60.92 32.53
C PRO C 189 -62.06 60.42 33.96
N PRO C 190 -61.39 61.02 34.97
CA PRO C 190 -61.69 60.69 36.37
C PRO C 190 -63.09 61.19 36.72
N LEU C 191 -63.49 61.14 37.99
CA LEU C 191 -64.84 61.55 38.34
C LEU C 191 -64.97 63.06 38.49
N ARG C 192 -63.95 63.70 39.06
CA ARG C 192 -64.00 65.14 39.29
C ARG C 192 -64.22 65.93 38.01
N GLU C 193 -63.94 65.30 36.86
CA GLU C 193 -64.19 65.93 35.57
C GLU C 193 -65.52 65.49 34.98
N ARG C 194 -66.22 64.60 35.67
CA ARG C 194 -67.62 64.30 35.39
C ARG C 194 -68.48 64.66 36.59
N LYS C 195 -69.06 65.84 36.56
CA LYS C 195 -69.87 66.30 37.68
C LYS C 195 -71.27 65.71 37.62
N GLU C 196 -71.73 65.45 36.40
CA GLU C 196 -73.10 65.00 36.18
C GLU C 196 -73.36 63.57 36.65
N ASP C 197 -72.32 62.74 36.72
CA ASP C 197 -72.48 61.33 37.06
C ASP C 197 -72.59 61.10 38.56
N ILE C 198 -72.14 62.06 39.36
CA ILE C 198 -72.03 61.87 40.79
C ILE C 198 -73.37 61.54 41.44
N ILE C 199 -74.35 62.42 41.27
CA ILE C 199 -75.62 62.30 41.96
C ILE C 199 -76.44 61.10 41.47
N PRO C 200 -76.56 60.92 40.14
CA PRO C 200 -77.31 59.76 39.63
C PRO C 200 -76.77 58.42 40.15
N LEU C 201 -75.45 58.31 40.23
CA LEU C 201 -74.79 57.12 40.75
C LEU C 201 -75.11 56.91 42.22
N ALA C 202 -74.99 57.97 43.01
CA ALA C 202 -75.20 57.92 44.46
C ALA C 202 -76.54 57.31 44.82
N ASN C 203 -77.59 57.68 44.08
CA ASN C 203 -78.92 57.14 44.33
C ASN C 203 -79.01 55.66 44.03
N HIS C 204 -78.35 55.22 42.97
CA HIS C 204 -78.38 53.81 42.60
C HIS C 204 -77.77 52.95 43.71
N PHE C 205 -76.65 53.40 44.26
CA PHE C 205 -75.98 52.68 45.33
C PHE C 205 -76.79 52.76 46.60
N LEU C 206 -77.33 53.93 46.89
CA LEU C 206 -78.16 54.10 48.07
C LEU C 206 -79.36 53.18 47.97
N LYS C 207 -79.97 53.15 46.78
CA LYS C 207 -81.14 52.32 46.51
C LYS C 207 -80.75 50.86 46.73
N LYS C 208 -79.57 50.51 46.22
CA LYS C 208 -79.03 49.16 46.35
C LYS C 208 -78.76 48.78 47.80
N PHE C 209 -78.08 49.64 48.54
CA PHE C 209 -77.71 49.37 49.93
C PHE C 209 -78.89 49.48 50.91
N SER C 210 -79.78 50.44 50.67
CA SER C 210 -80.97 50.57 51.52
C SER C 210 -81.82 49.32 51.39
N ARG C 211 -81.84 48.75 50.18
CA ARG C 211 -82.55 47.52 49.91
C ARG C 211 -81.85 46.36 50.63
N LYS C 212 -80.54 46.28 50.42
CA LYS C 212 -79.72 45.22 50.99
C LYS C 212 -79.73 45.20 52.52
N TYR C 213 -79.47 46.36 53.12
CA TYR C 213 -79.35 46.48 54.57
C TYR C 213 -80.64 46.90 55.29
N ALA C 214 -81.76 46.86 54.57
CA ALA C 214 -83.07 47.22 55.11
C ALA C 214 -83.08 48.42 56.06
N LYS C 215 -82.93 49.62 55.52
CA LYS C 215 -82.97 50.85 56.31
C LYS C 215 -84.11 51.73 55.82
N GLU C 216 -84.32 52.84 56.52
CA GLU C 216 -85.44 53.72 56.24
C GLU C 216 -85.03 54.89 55.34
N VAL C 217 -83.78 54.87 54.88
CA VAL C 217 -83.23 56.00 54.14
C VAL C 217 -83.89 56.14 52.77
N GLU C 218 -84.10 57.38 52.35
CA GLU C 218 -84.76 57.70 51.08
C GLU C 218 -83.85 58.52 50.18
N GLY C 219 -83.41 59.67 50.67
CA GLY C 219 -82.62 60.60 49.89
C GLY C 219 -81.72 61.46 50.74
N PHE C 220 -81.06 62.42 50.11
CA PHE C 220 -80.07 63.28 50.75
C PHE C 220 -80.59 64.69 51.04
N THR C 221 -80.13 65.30 52.12
CA THR C 221 -80.45 66.70 52.39
C THR C 221 -79.72 67.59 51.39
N LYS C 222 -80.23 68.79 51.18
CA LYS C 222 -79.65 69.71 50.21
C LYS C 222 -78.25 70.16 50.62
N SER C 223 -78.05 70.35 51.92
CA SER C 223 -76.77 70.81 52.46
C SER C 223 -75.68 69.77 52.28
N ALA C 224 -76.06 68.50 52.39
CA ALA C 224 -75.11 67.40 52.23
C ALA C 224 -74.62 67.25 50.78
N GLN C 225 -75.56 67.34 49.85
CA GLN C 225 -75.28 67.12 48.43
C GLN C 225 -74.26 68.09 47.83
N GLU C 226 -74.28 69.35 48.26
CA GLU C 226 -73.38 70.37 47.70
C GLU C 226 -71.91 70.10 47.97
N LEU C 227 -71.59 69.66 49.18
CA LEU C 227 -70.21 69.38 49.56
C LEU C 227 -69.65 68.20 48.78
N LEU C 228 -70.46 67.15 48.68
CA LEU C 228 -70.08 65.92 48.00
C LEU C 228 -69.59 66.15 46.56
N LEU C 229 -70.20 67.11 45.89
CA LEU C 229 -69.84 67.41 44.51
C LEU C 229 -68.49 68.09 44.39
N SER C 230 -68.08 68.76 45.47
CA SER C 230 -66.84 69.53 45.49
C SER C 230 -65.65 68.69 45.96
N TYR C 231 -65.82 67.38 45.99
CA TYR C 231 -64.79 66.47 46.48
C TYR C 231 -63.89 66.01 45.33
N PRO C 232 -62.58 65.82 45.58
CA PRO C 232 -61.68 65.50 44.47
C PRO C 232 -61.83 64.09 43.90
N TRP C 233 -62.29 63.16 44.74
CA TRP C 233 -62.57 61.79 44.31
C TRP C 233 -61.36 61.17 43.64
N TYR C 234 -60.38 60.79 44.46
CA TYR C 234 -59.18 60.14 43.96
C TYR C 234 -59.47 58.67 43.71
N GLY C 235 -60.43 58.12 44.45
CA GLY C 235 -60.83 56.73 44.29
C GLY C 235 -61.99 56.57 43.31
N ASN C 236 -62.45 57.69 42.78
CA ASN C 236 -63.49 57.70 41.76
C ASN C 236 -64.76 56.98 42.17
N VAL C 237 -65.39 56.25 41.24
CA VAL C 237 -66.71 55.67 41.50
C VAL C 237 -66.62 54.61 42.56
N ARG C 238 -65.51 53.89 42.58
CA ARG C 238 -65.33 52.82 43.55
C ARG C 238 -65.35 53.42 44.96
N GLU C 239 -64.78 54.62 45.11
CA GLU C 239 -64.76 55.30 46.40
C GLU C 239 -66.17 55.70 46.80
N LEU C 240 -66.95 56.16 45.84
CA LEU C 240 -68.33 56.55 46.10
C LEU C 240 -69.09 55.34 46.65
N LYS C 241 -69.02 54.23 45.92
CA LYS C 241 -69.71 53.00 46.31
C LYS C 241 -69.38 52.64 47.76
N ASN C 242 -68.12 52.82 48.14
CA ASN C 242 -67.67 52.52 49.49
C ASN C 242 -68.22 53.54 50.49
N VAL C 243 -68.18 54.82 50.10
CA VAL C 243 -68.63 55.89 50.96
C VAL C 243 -70.13 55.76 51.23
N ILE C 244 -70.90 55.40 50.21
CA ILE C 244 -72.34 55.21 50.40
C ILE C 244 -72.57 54.03 51.34
N GLU C 245 -71.84 52.93 51.11
CA GLU C 245 -72.00 51.74 51.94
C GLU C 245 -71.66 52.04 53.40
N ARG C 246 -70.61 52.83 53.61
CA ARG C 246 -70.21 53.24 54.96
C ARG C 246 -71.31 54.10 55.57
N ALA C 247 -71.83 55.05 54.78
CA ALA C 247 -72.81 56.01 55.25
C ALA C 247 -74.16 55.38 55.64
N VAL C 248 -74.67 54.48 54.80
CA VAL C 248 -75.99 53.87 55.02
C VAL C 248 -76.08 53.10 56.34
N LEU C 249 -74.99 52.42 56.70
CA LEU C 249 -74.95 51.60 57.91
C LEU C 249 -75.10 52.44 59.18
N PHE C 250 -74.55 53.64 59.16
CA PHE C 250 -74.60 54.55 60.32
C PHE C 250 -75.80 55.49 60.22
N SER C 251 -76.59 55.34 59.16
CA SER C 251 -77.74 56.20 58.95
C SER C 251 -78.72 56.03 60.10
N GLU C 252 -79.41 57.12 60.44
CA GLU C 252 -80.39 57.10 61.52
C GLU C 252 -81.79 57.38 60.98
N GLY C 253 -81.97 58.56 60.40
CA GLY C 253 -83.26 58.96 59.86
C GLY C 253 -83.52 58.42 58.47
N LYS C 254 -84.50 59.01 57.79
CA LYS C 254 -84.85 58.59 56.43
C LYS C 254 -84.04 59.39 55.40
N PHE C 255 -83.39 60.46 55.86
CA PHE C 255 -82.55 61.29 55.00
C PHE C 255 -81.17 61.42 55.64
N ILE C 256 -80.17 61.69 54.80
CA ILE C 256 -78.79 61.79 55.25
C ILE C 256 -78.31 63.24 55.18
N ASP C 257 -77.80 63.74 56.31
CA ASP C 257 -77.35 65.12 56.40
C ASP C 257 -75.86 65.24 56.11
N ARG C 258 -75.36 66.48 56.09
CA ARG C 258 -73.96 66.76 55.83
C ARG C 258 -73.02 66.19 56.88
N GLY C 259 -73.54 66.01 58.09
CA GLY C 259 -72.72 65.57 59.22
C GLY C 259 -72.11 64.19 59.12
N GLU C 260 -72.85 63.22 58.59
CA GLU C 260 -72.35 61.85 58.50
C GLU C 260 -71.22 61.71 57.47
N LEU C 261 -71.27 62.54 56.44
CA LEU C 261 -70.26 62.57 55.40
C LEU C 261 -69.06 63.43 55.78
N SER C 262 -69.31 64.45 56.60
CA SER C 262 -68.31 65.45 56.97
C SER C 262 -67.04 64.86 57.59
N CYS C 263 -67.19 63.77 58.35
CA CYS C 263 -66.05 63.17 59.03
C CYS C 263 -65.09 62.48 58.05
N LEU C 264 -65.58 62.19 56.85
CA LEU C 264 -64.74 61.55 55.82
C LEU C 264 -63.91 62.59 55.05
N VAL C 265 -64.36 63.85 55.04
CA VAL C 265 -63.75 64.90 54.22
C VAL C 265 -63.12 65.96 55.12
N GLU D 19 -64.95 37.35 77.98
CA GLU D 19 -63.77 37.60 78.80
C GLU D 19 -62.97 38.83 78.36
N TYR D 20 -63.40 39.46 77.27
CA TYR D 20 -62.70 40.65 76.78
C TYR D 20 -63.08 41.93 77.55
N VAL D 21 -62.10 42.83 77.69
CA VAL D 21 -62.25 44.06 78.47
C VAL D 21 -62.33 45.33 77.62
N PHE D 22 -63.45 46.04 77.68
CA PHE D 22 -63.49 47.42 77.20
C PHE D 22 -64.12 48.34 78.25
N GLU D 23 -63.30 49.13 78.93
CA GLU D 23 -63.76 50.14 79.87
C GLU D 23 -63.48 51.57 79.41
N SER D 24 -62.77 51.70 78.29
CA SER D 24 -62.36 53.02 77.84
C SER D 24 -63.48 53.70 77.07
N PRO D 25 -63.52 55.05 77.11
CA PRO D 25 -64.51 55.77 76.31
C PRO D 25 -64.34 55.50 74.81
N LYS D 26 -63.11 55.53 74.33
CA LYS D 26 -62.85 55.31 72.91
C LYS D 26 -63.24 53.90 72.49
N MET D 27 -62.82 52.90 73.26
CA MET D 27 -63.05 51.51 72.91
C MET D 27 -64.52 51.18 73.03
N LYS D 28 -65.20 51.84 73.95
CA LYS D 28 -66.64 51.64 74.12
C LYS D 28 -67.38 52.16 72.88
N GLU D 29 -66.89 53.25 72.29
CA GLU D 29 -67.50 53.80 71.10
C GLU D 29 -67.31 52.84 69.93
N ILE D 30 -66.10 52.28 69.82
CA ILE D 30 -65.81 51.34 68.75
C ILE D 30 -66.69 50.11 68.94
N LEU D 31 -66.89 49.71 70.18
CA LEU D 31 -67.70 48.54 70.46
C LEU D 31 -69.11 48.73 69.89
N GLU D 32 -69.63 49.95 70.03
CA GLU D 32 -70.94 50.26 69.48
C GLU D 32 -70.87 50.23 67.97
N LYS D 33 -69.79 50.80 67.43
CA LYS D 33 -69.60 50.87 65.99
C LYS D 33 -69.62 49.47 65.39
N ILE D 34 -68.98 48.53 66.07
CA ILE D 34 -68.91 47.15 65.61
C ILE D 34 -70.27 46.48 65.54
N LYS D 35 -71.11 46.70 66.55
CA LYS D 35 -72.42 46.06 66.61
C LYS D 35 -73.35 46.51 65.49
N LYS D 36 -73.19 47.76 65.06
CA LYS D 36 -74.01 48.29 63.98
C LYS D 36 -73.63 47.73 62.62
N ILE D 37 -72.34 47.47 62.44
CA ILE D 37 -71.81 46.97 61.17
C ILE D 37 -71.73 45.45 61.13
N SER D 38 -72.20 44.79 62.19
CA SER D 38 -72.22 43.33 62.27
C SER D 38 -72.90 42.67 61.06
N CYS D 39 -73.87 43.35 60.47
CA CYS D 39 -74.66 42.82 59.36
C CYS D 39 -74.03 42.98 57.97
N ALA D 40 -72.99 43.81 57.88
CA ALA D 40 -72.40 44.15 56.58
C ALA D 40 -71.55 43.02 56.01
N GLU D 41 -71.55 42.90 54.68
CA GLU D 41 -70.81 41.87 53.97
C GLU D 41 -69.47 42.35 53.40
N CYS D 42 -69.04 43.54 53.82
CA CYS D 42 -67.95 44.25 53.14
C CYS D 42 -66.65 44.30 53.95
N PRO D 43 -65.50 44.44 53.25
CA PRO D 43 -64.18 44.42 53.88
C PRO D 43 -63.92 45.48 54.96
N VAL D 44 -63.07 45.14 55.92
CA VAL D 44 -62.68 45.99 57.05
C VAL D 44 -61.17 46.04 57.15
N LEU D 45 -60.63 47.22 57.41
CA LEU D 45 -59.19 47.38 57.55
C LEU D 45 -58.86 47.89 58.95
N ILE D 46 -58.17 47.06 59.72
CA ILE D 46 -57.76 47.40 61.08
C ILE D 46 -56.31 47.82 61.14
N THR D 47 -56.04 48.92 61.80
CA THR D 47 -54.69 49.45 61.94
C THR D 47 -54.42 49.84 63.39
N GLY D 48 -53.14 49.94 63.74
CA GLY D 48 -52.75 50.37 65.07
C GLY D 48 -51.42 49.76 65.45
N GLU D 49 -50.87 50.15 66.59
CA GLU D 49 -49.63 49.57 67.05
C GLU D 49 -49.88 48.09 67.33
N SER D 50 -48.83 47.28 67.32
CA SER D 50 -49.01 45.86 67.58
C SER D 50 -49.27 45.62 69.06
N GLY D 51 -50.27 44.79 69.33
CA GLY D 51 -50.64 44.41 70.68
C GLY D 51 -51.73 45.30 71.24
N VAL D 52 -52.43 46.02 70.36
CA VAL D 52 -53.51 46.88 70.80
C VAL D 52 -54.83 46.16 70.73
N GLY D 53 -54.80 44.93 70.22
CA GLY D 53 -56.02 44.13 70.09
C GLY D 53 -56.62 44.04 68.69
N LYS D 54 -55.81 44.30 67.66
CA LYS D 54 -56.34 44.22 66.30
C LYS D 54 -56.94 42.85 65.99
N GLU D 55 -56.37 41.76 66.50
CA GLU D 55 -56.91 40.42 66.27
C GLU D 55 -58.22 40.09 67.03
N VAL D 56 -58.35 40.57 68.26
CA VAL D 56 -59.57 40.29 69.01
C VAL D 56 -60.77 40.93 68.30
N VAL D 57 -60.62 42.19 67.89
CA VAL D 57 -61.69 42.90 67.18
C VAL D 57 -62.07 42.13 65.93
N ALA D 58 -61.07 41.73 65.15
CA ALA D 58 -61.30 40.98 63.92
C ALA D 58 -62.00 39.66 64.22
N ARG D 59 -61.53 38.97 65.26
CA ARG D 59 -62.12 37.71 65.67
C ARG D 59 -63.53 37.93 66.22
N LEU D 60 -63.75 39.09 66.84
CA LEU D 60 -65.04 39.40 67.44
C LEU D 60 -66.14 39.72 66.42
N ILE D 61 -65.81 40.50 65.40
CA ILE D 61 -66.77 40.88 64.38
C ILE D 61 -67.44 39.66 63.77
N HIS D 62 -66.67 38.59 63.60
CA HIS D 62 -67.19 37.34 63.05
C HIS D 62 -68.25 36.77 63.97
N LYS D 63 -67.94 36.80 65.26
CA LYS D 63 -68.80 36.23 66.28
C LYS D 63 -70.12 37.00 66.35
N LEU D 64 -70.07 38.29 66.04
CA LEU D 64 -71.26 39.15 66.08
C LEU D 64 -71.99 39.22 64.75
N SER D 65 -71.39 38.66 63.70
CA SER D 65 -71.96 38.75 62.37
C SER D 65 -73.00 37.65 62.12
N ASP D 66 -73.57 37.65 60.92
CA ASP D 66 -74.56 36.66 60.52
C ASP D 66 -73.88 35.33 60.24
N ARG D 67 -72.56 35.38 60.09
CA ARG D 67 -71.74 34.23 59.76
C ARG D 67 -71.06 33.58 60.98
N SER D 68 -71.45 33.97 62.19
CA SER D 68 -70.72 33.55 63.39
C SER D 68 -70.61 32.04 63.51
N LYS D 69 -71.55 31.33 62.88
CA LYS D 69 -71.56 29.86 62.90
C LYS D 69 -70.82 29.29 61.68
N GLU D 70 -70.44 30.16 60.75
CA GLU D 70 -69.77 29.79 59.51
C GLU D 70 -68.24 29.79 59.68
N PRO D 71 -67.49 29.37 58.64
CA PRO D 71 -66.03 29.26 58.82
C PRO D 71 -65.30 30.57 59.07
N PHE D 72 -64.29 30.53 59.95
CA PHE D 72 -63.39 31.66 60.17
C PHE D 72 -61.98 31.20 59.85
N VAL D 73 -61.40 31.74 58.77
CA VAL D 73 -60.09 31.31 58.31
C VAL D 73 -59.02 32.30 58.73
N ALA D 74 -58.13 31.86 59.61
CA ALA D 74 -57.06 32.72 60.09
C ALA D 74 -55.83 32.48 59.25
N LEU D 75 -55.24 33.57 58.76
CA LEU D 75 -54.11 33.46 57.85
C LEU D 75 -53.02 34.50 58.06
N ASN D 76 -51.79 34.03 58.16
CA ASN D 76 -50.65 34.92 58.07
C ASN D 76 -50.23 34.93 56.62
N VAL D 77 -50.50 36.03 55.93
CA VAL D 77 -50.23 36.09 54.50
C VAL D 77 -48.72 36.16 54.26
N ALA D 78 -47.97 36.56 55.29
CA ALA D 78 -46.52 36.63 55.17
C ALA D 78 -45.88 35.24 55.25
N SER D 79 -46.57 34.29 55.89
CA SER D 79 -46.03 32.94 56.06
C SER D 79 -46.19 32.11 54.79
N ILE D 80 -46.95 32.61 53.82
CA ILE D 80 -47.09 31.90 52.56
C ILE D 80 -45.83 32.15 51.74
N PRO D 81 -45.13 31.08 51.32
CA PRO D 81 -43.94 31.21 50.45
C PRO D 81 -44.28 31.77 49.06
N ARG D 82 -43.35 32.52 48.51
CA ARG D 82 -43.57 33.21 47.24
C ARG D 82 -43.92 32.26 46.09
N ASP D 83 -43.34 31.06 46.08
CA ASP D 83 -43.46 30.14 44.93
C ASP D 83 -44.86 29.54 44.73
N ILE D 84 -45.53 29.17 45.82
CA ILE D 84 -46.90 28.65 45.76
C ILE D 84 -47.98 29.67 46.11
N PHE D 85 -47.61 30.93 46.35
CA PHE D 85 -48.56 31.96 46.78
C PHE D 85 -49.80 31.89 45.91
N GLU D 86 -49.61 31.80 44.60
CA GLU D 86 -50.72 31.73 43.67
C GLU D 86 -51.54 30.48 43.89
N ALA D 87 -50.85 29.35 44.05
CA ALA D 87 -51.48 28.04 44.14
C ALA D 87 -52.24 27.79 45.44
N GLU D 88 -51.63 28.19 46.55
CA GLU D 88 -52.18 27.93 47.88
C GLU D 88 -53.44 28.76 48.09
N LEU D 89 -53.57 29.81 47.29
CA LEU D 89 -54.63 30.78 47.44
C LEU D 89 -55.88 30.42 46.62
N PHE D 90 -55.71 30.30 45.31
CA PHE D 90 -56.82 30.02 44.39
C PHE D 90 -57.20 28.54 44.32
N GLY D 91 -56.21 27.70 44.56
CA GLY D 91 -56.39 26.27 44.52
C GLY D 91 -55.89 25.80 43.18
N TYR D 92 -55.85 24.48 43.00
CA TYR D 92 -55.33 23.91 41.76
C TYR D 92 -55.90 22.56 41.40
N GLU D 93 -55.88 22.26 40.10
CA GLU D 93 -56.37 21.00 39.57
C GLU D 93 -55.21 20.08 39.23
N LYS D 94 -55.44 18.76 39.31
CA LYS D 94 -54.39 17.78 38.99
C LYS D 94 -53.90 18.03 37.58
N GLY D 95 -52.65 18.47 37.49
CA GLY D 95 -52.09 18.89 36.21
C GLY D 95 -51.11 20.00 36.52
N ALA D 96 -50.94 20.93 35.58
CA ALA D 96 -50.23 22.16 35.86
C ALA D 96 -48.76 21.97 36.28
N PHE D 97 -48.44 22.28 37.53
CA PHE D 97 -47.06 22.33 38.03
C PHE D 97 -46.07 21.21 37.69
N THR D 98 -46.53 20.01 37.38
CA THR D 98 -45.95 18.81 37.98
C THR D 98 -46.43 18.88 39.41
N GLY D 99 -47.73 19.17 39.51
CA GLY D 99 -48.46 19.34 40.75
C GLY D 99 -48.86 18.01 41.33
N ALA D 100 -48.02 17.01 41.08
CA ALA D 100 -48.21 15.66 41.59
C ALA D 100 -49.62 15.20 41.24
N VAL D 101 -50.34 14.62 42.19
CA VAL D 101 -51.55 13.90 41.85
C VAL D 101 -52.81 14.62 42.30
N SER D 102 -52.93 14.96 43.58
CA SER D 102 -54.24 15.37 44.05
C SER D 102 -54.56 16.83 43.81
N SER D 103 -55.85 17.07 43.59
CA SER D 103 -56.40 18.41 43.46
C SER D 103 -56.60 19.01 44.85
N LYS D 104 -56.48 20.33 44.99
CA LYS D 104 -56.65 20.94 46.31
C LYS D 104 -57.33 22.30 46.22
N GLU D 105 -58.22 22.55 47.17
CA GLU D 105 -58.97 23.81 47.26
C GLU D 105 -58.01 24.95 47.59
N GLY D 106 -58.41 26.18 47.32
CA GLY D 106 -57.65 27.34 47.75
C GLY D 106 -58.25 27.89 49.03
N PHE D 107 -57.58 28.84 49.67
CA PHE D 107 -58.09 29.39 50.92
C PHE D 107 -59.37 30.17 50.68
N PHE D 108 -59.51 30.76 49.50
CA PHE D 108 -60.72 31.53 49.19
C PHE D 108 -61.95 30.60 49.09
N GLU D 109 -61.78 29.44 48.47
CA GLU D 109 -62.87 28.48 48.35
C GLU D 109 -63.19 27.94 49.75
N LEU D 110 -62.17 27.87 50.58
CA LEU D 110 -62.31 27.41 51.96
C LEU D 110 -63.15 28.37 52.78
N ALA D 111 -63.07 29.66 52.46
CA ALA D 111 -63.76 30.71 53.22
C ALA D 111 -65.11 31.10 52.62
N ASP D 112 -65.55 30.41 51.58
CA ASP D 112 -66.82 30.73 50.93
C ASP D 112 -67.94 30.68 51.98
N GLY D 113 -68.70 31.77 52.11
CA GLY D 113 -69.76 31.87 53.09
C GLY D 113 -69.30 32.27 54.48
N GLY D 114 -68.00 32.23 54.69
CA GLY D 114 -67.38 32.54 55.98
C GLY D 114 -66.66 33.87 55.94
N THR D 115 -65.65 34.00 56.79
CA THR D 115 -64.87 35.21 56.91
C THR D 115 -63.41 34.88 56.71
N LEU D 116 -62.71 35.69 55.93
CA LEU D 116 -61.30 35.46 55.65
C LEU D 116 -60.48 36.56 56.30
N PHE D 117 -59.59 36.18 57.21
CA PHE D 117 -58.80 37.12 57.96
C PHE D 117 -57.36 37.08 57.51
N LEU D 118 -56.90 38.18 56.92
CA LEU D 118 -55.52 38.29 56.47
C LEU D 118 -54.72 39.15 57.43
N ASP D 119 -53.87 38.55 58.24
CA ASP D 119 -53.10 39.31 59.23
C ASP D 119 -51.77 39.70 58.57
N GLU D 120 -51.27 40.87 58.93
CA GLU D 120 -50.00 41.39 58.43
C GLU D 120 -50.02 41.56 56.93
N ILE D 121 -51.13 42.06 56.41
CA ILE D 121 -51.27 42.34 54.99
C ILE D 121 -50.19 43.34 54.56
N GLY D 122 -49.79 44.18 55.51
CA GLY D 122 -48.85 45.27 55.25
C GLY D 122 -47.45 44.82 54.91
N GLU D 123 -47.17 43.53 55.09
CA GLU D 123 -45.84 43.00 54.83
C GLU D 123 -45.67 42.45 53.41
N LEU D 124 -46.73 42.49 52.62
CA LEU D 124 -46.68 41.98 51.25
C LEU D 124 -45.83 42.84 50.33
N SER D 125 -45.11 42.20 49.40
CA SER D 125 -44.32 42.93 48.42
C SER D 125 -45.27 43.49 47.40
N LEU D 126 -44.98 44.68 46.89
CA LEU D 126 -45.87 45.35 45.95
C LEU D 126 -46.26 44.47 44.77
N GLU D 127 -45.31 43.69 44.26
CA GLU D 127 -45.58 42.83 43.12
C GLU D 127 -46.62 41.75 43.48
N ALA D 128 -46.54 41.26 44.71
CA ALA D 128 -47.40 40.18 45.18
C ALA D 128 -48.81 40.65 45.51
N GLN D 129 -48.94 41.91 45.95
CA GLN D 129 -50.24 42.48 46.29
C GLN D 129 -51.18 42.39 45.08
N ALA D 130 -50.61 42.62 43.90
CA ALA D 130 -51.38 42.71 42.67
C ALA D 130 -52.13 41.43 42.32
N LYS D 131 -51.62 40.29 42.79
CA LYS D 131 -52.19 39.00 42.39
C LYS D 131 -53.60 38.78 42.94
N LEU D 132 -53.83 39.27 44.15
CA LEU D 132 -55.12 39.09 44.83
C LEU D 132 -56.14 40.16 44.43
N LEU D 133 -55.74 41.09 43.57
CA LEU D 133 -56.52 42.31 43.35
C LEU D 133 -57.94 42.04 42.86
N ARG D 134 -58.09 41.31 41.75
CA ARG D 134 -59.42 41.04 41.22
C ARG D 134 -60.24 40.14 42.16
N VAL D 135 -59.53 39.36 42.97
CA VAL D 135 -60.16 38.39 43.85
C VAL D 135 -60.89 39.06 45.00
N ILE D 136 -60.30 40.12 45.53
CA ILE D 136 -60.84 40.83 46.68
C ILE D 136 -62.22 41.37 46.37
N GLU D 137 -62.31 42.13 45.28
CA GLU D 137 -63.54 42.84 44.94
C GLU D 137 -64.57 41.94 44.28
N SER D 138 -64.13 41.14 43.31
CA SER D 138 -65.06 40.36 42.51
C SER D 138 -65.47 39.03 43.14
N GLY D 139 -64.60 38.49 43.99
CA GLY D 139 -64.83 37.19 44.58
C GLY D 139 -64.76 36.10 43.53
N LYS D 140 -64.09 36.40 42.42
CA LYS D 140 -63.98 35.49 41.28
C LYS D 140 -62.52 35.21 40.91
N PHE D 141 -62.27 33.99 40.41
CA PHE D 141 -60.94 33.60 39.95
C PHE D 141 -60.99 32.30 39.16
N TYR D 142 -59.85 31.88 38.63
CA TYR D 142 -59.72 30.56 37.99
C TYR D 142 -58.73 29.72 38.77
N ARG D 143 -59.08 28.47 39.05
CA ARG D 143 -58.13 27.54 39.66
C ARG D 143 -56.98 27.33 38.73
N LEU D 144 -55.84 26.94 39.28
CA LEU D 144 -54.69 26.66 38.45
C LEU D 144 -55.02 25.42 37.63
N GLY D 145 -54.97 25.55 36.31
CA GLY D 145 -55.32 24.46 35.43
C GLY D 145 -56.82 24.27 35.27
N GLY D 146 -57.61 25.04 36.01
CA GLY D 146 -59.06 24.98 35.86
C GLY D 146 -59.61 25.88 34.77
N ARG D 147 -60.61 25.36 34.05
CA ARG D 147 -61.27 26.10 32.99
C ARG D 147 -62.63 26.68 33.34
N LYS D 148 -63.10 26.42 34.55
CA LYS D 148 -64.37 26.96 35.01
C LYS D 148 -64.13 28.06 36.03
N GLU D 149 -64.62 29.25 35.76
CA GLU D 149 -64.48 30.35 36.71
C GLU D 149 -65.28 30.03 37.98
N ILE D 150 -64.62 30.21 39.13
CA ILE D 150 -65.25 29.95 40.42
C ILE D 150 -65.62 31.27 41.08
N GLU D 151 -66.78 31.31 41.73
CA GLU D 151 -67.25 32.49 42.42
C GLU D 151 -67.59 32.21 43.88
N VAL D 152 -67.07 33.05 44.76
CA VAL D 152 -67.32 32.90 46.19
C VAL D 152 -67.73 34.22 46.83
N ASN D 153 -68.43 34.09 47.95
CA ASN D 153 -68.89 35.21 48.73
C ASN D 153 -68.11 35.21 50.02
N VAL D 154 -67.20 36.16 50.16
CA VAL D 154 -66.28 36.19 51.28
C VAL D 154 -66.14 37.58 51.87
N ARG D 155 -66.28 37.65 53.18
CA ARG D 155 -66.01 38.86 53.92
C ARG D 155 -64.54 38.92 54.23
N ILE D 156 -63.90 40.03 53.89
CA ILE D 156 -62.47 40.15 54.06
C ILE D 156 -62.14 41.01 55.26
N LEU D 157 -61.26 40.51 56.10
CA LEU D 157 -60.72 41.26 57.22
C LEU D 157 -59.21 41.35 57.06
N ALA D 158 -58.64 42.50 57.40
CA ALA D 158 -57.22 42.72 57.25
C ALA D 158 -56.70 43.47 58.46
N ALA D 159 -55.42 43.32 58.75
CA ALA D 159 -54.78 43.99 59.87
C ALA D 159 -53.34 44.36 59.53
N THR D 160 -52.85 45.44 60.10
CA THR D 160 -51.44 45.76 59.96
C THR D 160 -50.97 46.61 61.12
N ASN D 161 -49.71 46.43 61.50
CA ASN D 161 -49.12 47.15 62.62
C ASN D 161 -48.41 48.41 62.12
N ARG D 162 -48.63 48.73 60.85
CA ARG D 162 -47.91 49.80 60.18
C ARG D 162 -48.86 50.93 59.85
N ASN D 163 -48.31 52.09 59.52
CA ASN D 163 -49.16 53.23 59.22
C ASN D 163 -49.44 53.21 57.73
N ILE D 164 -50.68 52.86 57.42
CA ILE D 164 -51.07 52.57 56.05
C ILE D 164 -51.31 53.83 55.22
N LYS D 165 -51.85 54.86 55.86
CA LYS D 165 -52.12 56.13 55.20
C LYS D 165 -50.83 56.72 54.64
N GLU D 166 -49.75 56.53 55.39
CA GLU D 166 -48.44 57.01 55.00
C GLU D 166 -47.88 56.25 53.80
N LEU D 167 -48.05 54.93 53.82
CA LEU D 167 -47.46 54.06 52.80
C LEU D 167 -47.93 54.35 51.38
N VAL D 168 -49.19 54.76 51.24
CA VAL D 168 -49.74 55.06 49.94
C VAL D 168 -49.00 56.24 49.32
N LYS D 169 -48.79 57.28 50.13
CA LYS D 169 -48.14 58.51 49.70
C LYS D 169 -46.68 58.29 49.28
N GLU D 170 -46.04 57.27 49.83
CA GLU D 170 -44.65 56.96 49.51
C GLU D 170 -44.52 55.96 48.36
N GLY D 171 -45.64 55.51 47.82
CA GLY D 171 -45.63 54.58 46.70
C GLY D 171 -45.23 53.16 47.09
N LYS D 172 -45.27 52.87 48.38
CA LYS D 172 -44.89 51.54 48.88
C LYS D 172 -46.09 50.59 48.94
N PHE D 173 -47.29 51.12 48.75
CA PHE D 173 -48.51 50.33 48.73
C PHE D 173 -49.44 50.80 47.64
N ARG D 174 -49.97 49.84 46.89
CA ARG D 174 -50.83 50.17 45.77
C ARG D 174 -52.10 50.85 46.25
N GLU D 175 -52.43 51.96 45.59
CA GLU D 175 -53.64 52.73 45.88
C GLU D 175 -54.87 51.91 45.51
N ASP D 176 -54.75 51.12 44.45
CA ASP D 176 -55.86 50.36 43.90
C ASP D 176 -56.39 49.28 44.86
N LEU D 177 -55.51 48.71 45.66
CA LEU D 177 -55.93 47.69 46.63
C LEU D 177 -56.60 48.33 47.83
N TYR D 178 -56.10 49.50 48.24
CA TYR D 178 -56.62 50.20 49.41
C TYR D 178 -58.12 50.46 49.27
N TYR D 179 -58.54 50.95 48.10
CA TYR D 179 -59.94 51.29 47.85
C TYR D 179 -60.84 50.06 47.73
N ARG D 180 -60.23 48.90 47.49
CA ARG D 180 -60.96 47.63 47.47
C ARG D 180 -61.20 47.08 48.87
N LEU D 181 -60.16 47.15 49.69
CA LEU D 181 -60.19 46.70 51.07
C LEU D 181 -60.74 47.73 52.06
N GLY D 182 -60.62 49.01 51.70
CA GLY D 182 -60.80 50.11 52.64
C GLY D 182 -62.21 50.61 52.87
N VAL D 183 -63.20 49.76 52.63
CA VAL D 183 -64.60 50.09 52.88
C VAL D 183 -64.79 50.61 54.32
N ILE D 184 -64.41 49.78 55.30
CA ILE D 184 -64.44 50.19 56.71
C ILE D 184 -63.04 50.22 57.27
N GLU D 185 -62.69 51.32 57.94
CA GLU D 185 -61.37 51.48 58.54
C GLU D 185 -61.51 51.68 60.03
N ILE D 186 -60.89 50.80 60.80
CA ILE D 186 -60.95 50.88 62.25
C ILE D 186 -59.58 51.07 62.86
N GLU D 187 -59.36 52.24 63.46
CA GLU D 187 -58.10 52.60 64.08
C GLU D 187 -58.16 52.30 65.59
N ILE D 188 -57.28 51.42 66.05
CA ILE D 188 -57.14 51.18 67.49
C ILE D 188 -56.01 52.02 68.06
N PRO D 189 -56.30 52.89 69.04
CA PRO D 189 -55.23 53.71 69.62
C PRO D 189 -54.32 52.89 70.54
N PRO D 190 -53.10 53.39 70.82
CA PRO D 190 -52.20 52.63 71.68
C PRO D 190 -52.74 52.49 73.09
N LEU D 191 -51.95 51.92 73.99
CA LEU D 191 -52.41 51.69 75.36
C LEU D 191 -52.22 52.93 76.18
N ARG D 192 -51.11 53.62 75.92
CA ARG D 192 -50.79 54.85 76.65
C ARG D 192 -51.89 55.91 76.54
N GLU D 193 -52.74 55.80 75.52
CA GLU D 193 -53.88 56.72 75.36
C GLU D 193 -55.19 56.16 75.94
N ARG D 194 -55.16 54.91 76.41
CA ARG D 194 -56.25 54.36 77.20
C ARG D 194 -55.75 54.01 78.59
N LYS D 195 -55.92 54.94 79.52
CA LYS D 195 -55.47 54.70 80.88
C LYS D 195 -56.52 53.87 81.61
N GLU D 196 -57.76 54.00 81.17
CA GLU D 196 -58.89 53.35 81.82
C GLU D 196 -58.86 51.84 81.60
N ASP D 197 -58.22 51.41 80.52
CA ASP D 197 -58.17 50.00 80.16
C ASP D 197 -57.10 49.24 80.94
N ILE D 198 -56.11 49.97 81.47
CA ILE D 198 -54.93 49.35 82.07
C ILE D 198 -55.25 48.42 83.23
N ILE D 199 -55.89 48.95 84.27
CA ILE D 199 -56.08 48.19 85.50
C ILE D 199 -57.05 47.01 85.30
N PRO D 200 -58.20 47.25 84.63
CA PRO D 200 -59.13 46.13 84.39
C PRO D 200 -58.46 44.96 83.66
N LEU D 201 -57.61 45.28 82.69
CA LEU D 201 -56.86 44.27 81.96
C LEU D 201 -55.91 43.54 82.89
N ALA D 202 -55.15 44.29 83.67
CA ALA D 202 -54.16 43.71 84.55
C ALA D 202 -54.76 42.66 85.49
N ASN D 203 -55.92 42.96 86.05
CA ASN D 203 -56.56 42.01 86.96
C ASN D 203 -56.98 40.75 86.23
N HIS D 204 -57.47 40.88 85.01
CA HIS D 204 -57.89 39.72 84.22
C HIS D 204 -56.69 38.81 83.94
N PHE D 205 -55.55 39.41 83.61
CA PHE D 205 -54.35 38.65 83.34
C PHE D 205 -53.87 37.98 84.62
N LEU D 206 -54.01 38.70 85.74
CA LEU D 206 -53.67 38.14 87.03
C LEU D 206 -54.50 36.90 87.31
N LYS D 207 -55.79 36.97 86.97
CA LYS D 207 -56.71 35.85 87.19
C LYS D 207 -56.30 34.57 86.48
N LYS D 208 -55.98 34.69 85.19
CA LYS D 208 -55.62 33.55 84.38
C LYS D 208 -54.33 32.86 84.85
N PHE D 209 -53.29 33.66 85.10
CA PHE D 209 -52.00 33.11 85.45
C PHE D 209 -52.02 32.53 86.86
N SER D 210 -52.77 33.17 87.75
CA SER D 210 -52.93 32.66 89.11
C SER D 210 -53.58 31.29 89.05
N ARG D 211 -54.52 31.13 88.11
CA ARG D 211 -55.19 29.85 87.88
C ARG D 211 -54.26 28.82 87.26
N LYS D 212 -53.59 29.20 86.17
CA LYS D 212 -52.71 28.30 85.42
C LYS D 212 -51.56 27.74 86.27
N TYR D 213 -50.87 28.65 86.96
CA TYR D 213 -49.69 28.28 87.75
C TYR D 213 -50.05 28.00 89.21
N ALA D 214 -51.35 27.87 89.47
CA ALA D 214 -51.89 27.65 90.81
C ALA D 214 -51.15 28.44 91.88
N LYS D 215 -51.39 29.76 91.91
CA LYS D 215 -50.75 30.64 92.89
C LYS D 215 -51.79 31.32 93.78
N GLU D 216 -51.31 32.04 94.79
CA GLU D 216 -52.19 32.63 95.80
C GLU D 216 -52.51 34.10 95.55
N VAL D 217 -52.03 34.65 94.44
CA VAL D 217 -52.13 36.08 94.21
C VAL D 217 -53.57 36.53 93.97
N GLU D 218 -53.89 37.73 94.48
CA GLU D 218 -55.22 38.32 94.41
C GLU D 218 -55.23 39.68 93.69
N GLY D 219 -54.47 40.65 94.19
CA GLY D 219 -54.50 42.00 93.67
C GLY D 219 -53.24 42.84 93.84
N PHE D 220 -53.34 44.11 93.47
CA PHE D 220 -52.19 45.03 93.43
C PHE D 220 -52.18 46.05 94.58
N THR D 221 -51.00 46.44 95.04
CA THR D 221 -50.88 47.49 96.05
C THR D 221 -51.24 48.84 95.44
N LYS D 222 -51.63 49.78 96.29
CA LYS D 222 -52.10 51.09 95.86
C LYS D 222 -50.99 51.87 95.16
N SER D 223 -49.76 51.73 95.68
CA SER D 223 -48.59 52.40 95.11
C SER D 223 -48.19 51.80 93.75
N ALA D 224 -48.33 50.49 93.62
CA ALA D 224 -47.96 49.78 92.40
C ALA D 224 -48.87 50.14 91.23
N GLN D 225 -50.17 50.16 91.49
CA GLN D 225 -51.14 50.43 90.45
C GLN D 225 -50.89 51.79 89.82
N GLU D 226 -50.46 52.73 90.66
CA GLU D 226 -50.20 54.08 90.21
C GLU D 226 -49.07 54.09 89.19
N LEU D 227 -48.06 53.25 89.43
CA LEU D 227 -46.90 53.17 88.55
C LEU D 227 -47.27 52.64 87.16
N LEU D 228 -48.09 51.60 87.12
CA LEU D 228 -48.54 51.01 85.86
C LEU D 228 -49.17 52.07 84.97
N LEU D 229 -49.87 53.02 85.60
CA LEU D 229 -50.56 54.07 84.86
C LEU D 229 -49.56 55.06 84.29
N SER D 230 -48.41 55.20 84.95
CA SER D 230 -47.38 56.12 84.50
C SER D 230 -46.35 55.44 83.62
N TYR D 231 -46.61 54.19 83.25
CA TYR D 231 -45.67 53.42 82.46
C TYR D 231 -46.03 53.47 80.98
N PRO D 232 -45.22 54.16 80.15
CA PRO D 232 -45.57 54.30 78.75
C PRO D 232 -45.41 52.96 78.03
N TRP D 233 -46.48 52.17 78.02
CA TRP D 233 -46.45 50.87 77.35
C TRP D 233 -46.27 51.05 75.86
N TYR D 234 -45.09 50.67 75.38
CA TYR D 234 -44.77 50.72 73.97
C TYR D 234 -45.29 49.49 73.26
N GLY D 235 -45.36 48.38 74.01
CA GLY D 235 -45.85 47.12 73.50
C GLY D 235 -47.32 46.93 73.80
N ASN D 236 -47.90 47.90 74.51
CA ASN D 236 -49.33 47.90 74.79
C ASN D 236 -49.78 46.62 75.51
N VAL D 237 -50.94 46.06 75.14
CA VAL D 237 -51.52 44.96 75.92
C VAL D 237 -50.63 43.72 75.89
N ARG D 238 -50.01 43.48 74.74
CA ARG D 238 -49.17 42.31 74.58
C ARG D 238 -47.99 42.39 75.55
N GLU D 239 -47.44 43.58 75.77
CA GLU D 239 -46.35 43.74 76.73
C GLU D 239 -46.86 43.56 78.16
N LEU D 240 -48.04 44.12 78.43
CA LEU D 240 -48.64 44.04 79.75
C LEU D 240 -48.82 42.59 80.16
N LYS D 241 -49.46 41.82 79.28
CA LYS D 241 -49.68 40.40 79.53
C LYS D 241 -48.39 39.72 79.96
N ASN D 242 -47.30 40.09 79.29
CA ASN D 242 -46.00 39.50 79.59
C ASN D 242 -45.52 39.94 80.96
N VAL D 243 -45.69 41.23 81.25
CA VAL D 243 -45.26 41.79 82.53
C VAL D 243 -46.03 41.12 83.65
N ILE D 244 -47.31 40.91 83.44
CA ILE D 244 -48.14 40.23 84.43
C ILE D 244 -47.68 38.80 84.61
N GLU D 245 -47.39 38.13 83.51
CA GLU D 245 -46.97 36.74 83.56
C GLU D 245 -45.66 36.57 84.36
N ARG D 246 -44.75 37.53 84.24
CA ARG D 246 -43.52 37.49 85.01
C ARG D 246 -43.83 37.63 86.49
N ALA D 247 -44.70 38.58 86.81
CA ALA D 247 -45.01 38.90 88.19
C ALA D 247 -45.68 37.74 88.91
N VAL D 248 -46.64 37.11 88.25
CA VAL D 248 -47.38 36.02 88.87
C VAL D 248 -46.43 34.87 89.22
N LEU D 249 -45.46 34.63 88.33
CA LEU D 249 -44.50 33.54 88.51
C LEU D 249 -43.58 33.78 89.70
N PHE D 250 -43.20 35.05 89.88
CA PHE D 250 -42.26 35.44 90.92
C PHE D 250 -42.93 35.91 92.20
N SER D 251 -44.26 35.94 92.20
CA SER D 251 -45.03 36.42 93.35
C SER D 251 -44.86 35.53 94.57
N GLU D 252 -44.93 36.14 95.74
CA GLU D 252 -44.82 35.43 97.00
C GLU D 252 -46.13 35.50 97.79
N GLY D 253 -46.52 36.71 98.14
CA GLY D 253 -47.74 36.93 98.90
C GLY D 253 -48.95 36.92 97.99
N LYS D 254 -50.06 37.46 98.49
CA LYS D 254 -51.27 37.53 97.68
C LYS D 254 -51.32 38.79 96.82
N PHE D 255 -50.50 39.78 97.14
CA PHE D 255 -50.53 41.03 96.40
C PHE D 255 -49.14 41.42 95.92
N ILE D 256 -49.10 42.25 94.88
CA ILE D 256 -47.86 42.68 94.27
C ILE D 256 -47.57 44.15 94.55
N ASP D 257 -46.40 44.42 95.12
CA ASP D 257 -46.01 45.77 95.48
C ASP D 257 -45.24 46.42 94.35
N ARG D 258 -44.90 47.70 94.52
CA ARG D 258 -44.17 48.46 93.52
C ARG D 258 -42.78 47.88 93.31
N GLY D 259 -42.26 47.25 94.36
CA GLY D 259 -40.92 46.69 94.36
C GLY D 259 -40.73 45.56 93.36
N GLU D 260 -41.75 44.71 93.22
CA GLU D 260 -41.65 43.57 92.31
C GLU D 260 -41.64 44.04 90.87
N LEU D 261 -42.28 45.17 90.61
CA LEU D 261 -42.31 45.77 89.28
C LEU D 261 -41.05 46.59 89.03
N SER D 262 -40.47 47.16 90.09
CA SER D 262 -39.31 48.03 89.95
C SER D 262 -38.19 47.30 89.24
N CYS D 263 -38.08 46.00 89.50
CA CYS D 263 -37.04 45.18 88.89
C CYS D 263 -37.30 44.95 87.40
N LEU D 264 -38.57 45.10 87.01
CA LEU D 264 -38.96 44.92 85.61
C LEU D 264 -39.54 46.20 84.97
N VAL D 265 -38.74 46.96 84.23
CA VAL D 265 -37.29 47.05 84.42
C VAL D 265 -36.93 48.46 84.87
N LEU E 8 -9.47 5.01 77.22
CA LEU E 8 -10.83 5.45 77.50
C LEU E 8 -11.15 6.71 76.69
N LEU E 9 -12.42 6.88 76.35
CA LEU E 9 -12.88 8.09 75.65
C LEU E 9 -14.22 8.63 76.16
N ARG E 10 -14.21 9.86 76.68
CA ARG E 10 -15.42 10.69 76.79
C ARG E 10 -16.69 9.98 77.27
N ARG E 11 -16.82 9.75 78.59
CA ARG E 11 -17.93 8.96 79.14
C ARG E 11 -19.28 9.49 78.61
N GLU E 12 -20.12 8.67 77.96
CA GLU E 12 -20.14 7.20 77.96
C GLU E 12 -20.49 6.60 79.33
N LYS E 13 -21.80 6.61 79.58
CA LYS E 13 -22.47 6.10 80.79
C LYS E 13 -22.58 7.15 81.89
N ASP E 14 -21.79 8.22 81.79
CA ASP E 14 -22.13 9.53 82.35
C ASP E 14 -22.79 9.47 83.74
N LEU E 15 -22.33 8.56 84.60
CA LEU E 15 -22.98 8.34 85.89
C LEU E 15 -23.05 9.63 86.68
N LYS E 16 -21.91 10.03 87.24
CA LYS E 16 -21.77 11.39 87.77
C LYS E 16 -20.39 11.93 87.42
N GLU E 17 -20.30 12.98 86.58
CA GLU E 17 -21.35 13.42 85.67
C GLU E 17 -20.68 14.24 84.57
N GLU E 18 -21.48 14.93 83.78
CA GLU E 18 -20.99 16.04 82.97
C GLU E 18 -20.89 17.20 83.95
N GLU E 19 -21.82 17.18 84.90
CA GLU E 19 -21.94 18.12 85.98
C GLU E 19 -22.05 19.50 85.34
N TYR E 20 -21.53 20.54 85.98
CA TYR E 20 -21.45 21.94 85.52
C TYR E 20 -21.02 22.78 86.71
N VAL E 21 -20.36 23.91 86.44
CA VAL E 21 -19.85 24.77 87.50
C VAL E 21 -20.65 26.06 87.61
N PHE E 22 -21.29 26.30 88.75
CA PHE E 22 -21.79 27.63 89.04
C PHE E 22 -21.34 28.07 90.42
N GLU E 23 -20.32 28.93 90.47
CA GLU E 23 -19.87 29.53 91.73
C GLU E 23 -20.04 31.05 91.80
N SER E 24 -20.45 31.68 90.71
CA SER E 24 -20.49 33.13 90.66
C SER E 24 -21.75 33.71 91.30
N PRO E 25 -21.66 34.94 91.84
CA PRO E 25 -22.87 35.60 92.34
C PRO E 25 -23.90 35.81 91.24
N LYS E 26 -23.47 36.28 90.07
CA LYS E 26 -24.40 36.51 88.96
C LYS E 26 -25.04 35.21 88.51
N MET E 27 -24.21 34.17 88.33
CA MET E 27 -24.69 32.89 87.83
C MET E 27 -25.51 32.16 88.86
N LYS E 28 -25.18 32.34 90.13
CA LYS E 28 -25.94 31.73 91.22
C LYS E 28 -27.35 32.33 91.27
N GLU E 29 -27.46 33.63 91.01
CA GLU E 29 -28.75 34.30 90.99
C GLU E 29 -29.61 33.79 89.84
N ILE E 30 -28.98 33.64 88.68
CA ILE E 30 -29.66 33.18 87.48
C ILE E 30 -30.20 31.77 87.66
N LEU E 31 -29.42 30.92 88.33
CA LEU E 31 -29.83 29.55 88.56
C LEU E 31 -31.15 29.49 89.36
N GLU E 32 -31.28 30.39 90.33
CA GLU E 32 -32.50 30.46 91.15
C GLU E 32 -33.72 30.89 90.34
N LYS E 33 -33.52 31.88 89.48
CA LYS E 33 -34.59 32.41 88.64
C LYS E 33 -35.20 31.27 87.83
N ILE E 34 -34.34 30.41 87.31
CA ILE E 34 -34.75 29.28 86.49
C ILE E 34 -35.66 28.35 87.27
N LYS E 35 -35.35 28.15 88.55
CA LYS E 35 -36.11 27.22 89.39
C LYS E 35 -37.58 27.68 89.53
N LYS E 36 -37.79 28.99 89.44
CA LYS E 36 -39.14 29.56 89.49
C LYS E 36 -39.99 29.32 88.25
N ILE E 37 -39.37 29.22 87.08
CA ILE E 37 -40.12 29.07 85.84
C ILE E 37 -40.36 27.60 85.45
N SER E 38 -39.96 26.68 86.33
CA SER E 38 -40.15 25.25 86.08
C SER E 38 -41.61 24.95 85.70
N CYS E 39 -42.53 25.71 86.28
CA CYS E 39 -43.95 25.54 86.02
C CYS E 39 -44.42 26.34 84.81
N ALA E 40 -43.58 27.27 84.34
CA ALA E 40 -44.00 28.21 83.29
C ALA E 40 -44.04 27.62 81.88
N GLU E 41 -45.04 28.04 81.12
CA GLU E 41 -45.24 27.59 79.74
C GLU E 41 -44.80 28.59 78.67
N CYS E 42 -44.07 29.64 79.04
CA CYS E 42 -43.90 30.79 78.14
C CYS E 42 -42.51 30.90 77.53
N PRO E 43 -42.41 31.58 76.37
CA PRO E 43 -41.15 31.74 75.64
C PRO E 43 -40.06 32.37 76.49
N VAL E 44 -38.81 32.03 76.19
CA VAL E 44 -37.67 32.55 76.92
C VAL E 44 -36.63 33.05 75.93
N LEU E 45 -36.03 34.20 76.22
CA LEU E 45 -35.01 34.77 75.36
C LEU E 45 -33.68 34.90 76.07
N ILE E 46 -32.70 34.12 75.61
CA ILE E 46 -31.37 34.10 76.20
C ILE E 46 -30.38 34.92 75.37
N THR E 47 -29.60 35.77 76.05
CA THR E 47 -28.63 36.64 75.37
C THR E 47 -27.28 36.53 76.03
N GLY E 48 -26.22 36.91 75.30
CA GLY E 48 -24.89 36.94 75.86
C GLY E 48 -23.79 36.72 74.84
N GLU E 49 -22.55 36.88 75.28
CA GLU E 49 -21.40 36.62 74.43
C GLU E 49 -21.33 35.13 74.11
N SER E 50 -20.59 34.79 73.06
CA SER E 50 -20.47 33.40 72.64
C SER E 50 -19.60 32.56 73.57
N GLY E 51 -20.09 31.37 73.91
CA GLY E 51 -19.36 30.44 74.75
C GLY E 51 -19.62 30.59 76.23
N VAL E 52 -20.72 31.25 76.56
CA VAL E 52 -21.06 31.50 77.97
C VAL E 52 -21.99 30.44 78.57
N GLY E 53 -22.44 29.49 77.76
CA GLY E 53 -23.31 28.42 78.24
C GLY E 53 -24.79 28.60 77.94
N LYS E 54 -25.11 29.43 76.95
CA LYS E 54 -26.51 29.67 76.59
C LYS E 54 -27.23 28.38 76.23
N GLU E 55 -26.52 27.47 75.58
CA GLU E 55 -27.12 26.20 75.19
C GLU E 55 -27.36 25.37 76.44
N VAL E 56 -26.43 25.45 77.38
CA VAL E 56 -26.51 24.70 78.62
C VAL E 56 -27.74 25.11 79.43
N VAL E 57 -27.96 26.41 79.56
CA VAL E 57 -29.11 26.93 80.29
C VAL E 57 -30.37 26.40 79.64
N ALA E 58 -30.40 26.48 78.32
CA ALA E 58 -31.56 26.06 77.55
C ALA E 58 -31.87 24.59 77.82
N ARG E 59 -30.83 23.77 77.82
CA ARG E 59 -30.98 22.34 78.05
C ARG E 59 -31.44 22.13 79.49
N LEU E 60 -30.98 23.01 80.37
CA LEU E 60 -31.32 22.93 81.79
C LEU E 60 -32.76 23.33 82.11
N ILE E 61 -33.21 24.44 81.52
CA ILE E 61 -34.57 24.91 81.75
C ILE E 61 -35.53 23.79 81.40
N HIS E 62 -35.16 23.04 80.37
CA HIS E 62 -35.92 21.89 79.93
C HIS E 62 -35.92 20.81 81.01
N LYS E 63 -34.74 20.57 81.59
CA LYS E 63 -34.56 19.52 82.59
C LYS E 63 -35.32 19.78 83.90
N LEU E 64 -35.45 21.06 84.26
CA LEU E 64 -36.10 21.44 85.51
C LEU E 64 -37.60 21.69 85.33
N SER E 65 -38.06 21.71 84.09
CA SER E 65 -39.46 21.99 83.81
C SER E 65 -40.30 20.72 83.90
N ASP E 66 -41.59 20.86 83.71
CA ASP E 66 -42.50 19.72 83.73
C ASP E 66 -42.41 18.93 82.43
N ARG E 67 -41.77 19.53 81.41
CA ARG E 67 -41.67 18.92 80.09
C ARG E 67 -40.35 18.17 79.91
N SER E 68 -39.60 18.01 80.99
CA SER E 68 -38.26 17.43 80.92
C SER E 68 -38.24 16.03 80.31
N LYS E 69 -39.37 15.33 80.38
CA LYS E 69 -39.47 13.96 79.90
C LYS E 69 -39.93 13.88 78.44
N GLU E 70 -40.38 15.01 77.90
CA GLU E 70 -40.91 15.09 76.53
C GLU E 70 -39.82 15.53 75.53
N PRO E 71 -40.15 15.56 74.21
CA PRO E 71 -39.10 15.84 73.24
C PRO E 71 -38.47 17.22 73.37
N PHE E 72 -37.16 17.26 73.12
CA PHE E 72 -36.41 18.51 73.06
C PHE E 72 -35.82 18.59 71.66
N VAL E 73 -36.27 19.55 70.87
CA VAL E 73 -35.86 19.66 69.48
C VAL E 73 -34.80 20.74 69.33
N ALA E 74 -33.59 20.33 68.96
CA ALA E 74 -32.48 21.26 68.79
C ALA E 74 -32.37 21.64 67.33
N LEU E 75 -32.30 22.95 67.07
CA LEU E 75 -32.28 23.46 65.71
C LEU E 75 -31.39 24.68 65.49
N ASN E 76 -30.56 24.62 64.45
CA ASN E 76 -29.90 25.82 63.96
C ASN E 76 -30.80 26.41 62.89
N VAL E 77 -31.45 27.52 63.19
CA VAL E 77 -32.40 28.11 62.26
C VAL E 77 -31.63 28.71 61.09
N ALA E 78 -30.52 29.39 61.41
CA ALA E 78 -29.67 29.97 60.38
C ALA E 78 -29.30 28.97 59.27
N SER E 79 -29.26 27.67 59.61
CA SER E 79 -28.86 26.65 58.65
C SER E 79 -30.00 26.20 57.71
N ILE E 80 -31.22 26.60 58.00
CA ILE E 80 -32.36 26.20 57.19
C ILE E 80 -32.39 26.98 55.88
N PRO E 81 -32.47 26.29 54.73
CA PRO E 81 -32.53 27.00 53.44
C PRO E 81 -33.76 27.87 53.31
N ARG E 82 -33.61 29.03 52.69
CA ARG E 82 -34.71 29.97 52.57
C ARG E 82 -35.88 29.37 51.79
N ASP E 83 -35.57 28.51 50.83
CA ASP E 83 -36.58 28.00 49.90
C ASP E 83 -37.59 27.05 50.55
N ILE E 84 -37.10 26.14 51.39
CA ILE E 84 -37.95 25.19 52.11
C ILE E 84 -38.24 25.63 53.56
N PHE E 85 -37.76 26.81 53.94
CA PHE E 85 -37.90 27.32 55.31
C PHE E 85 -39.32 27.15 55.82
N GLU E 86 -40.29 27.58 55.01
CA GLU E 86 -41.70 27.48 55.35
C GLU E 86 -42.11 26.00 55.50
N ALA E 87 -41.65 25.18 54.57
CA ALA E 87 -42.05 23.78 54.46
C ALA E 87 -41.52 22.88 55.58
N GLU E 88 -40.26 23.06 55.93
CA GLU E 88 -39.62 22.20 56.93
C GLU E 88 -40.13 22.55 58.33
N LEU E 89 -40.70 23.74 58.44
CA LEU E 89 -41.13 24.26 59.72
C LEU E 89 -42.59 23.88 60.03
N PHE E 90 -43.51 24.31 59.15
CA PHE E 90 -44.93 24.08 59.33
C PHE E 90 -45.30 22.69 58.88
N GLY E 91 -44.51 22.18 57.94
CA GLY E 91 -44.77 20.88 57.37
C GLY E 91 -45.40 21.13 56.02
N TYR E 92 -45.70 20.06 55.31
CA TYR E 92 -46.33 20.16 53.99
C TYR E 92 -47.15 18.92 53.63
N GLU E 93 -48.07 19.09 52.71
CA GLU E 93 -48.93 18.02 52.24
C GLU E 93 -48.38 17.44 50.94
N LYS E 94 -49.02 16.39 50.44
CA LYS E 94 -48.59 15.65 49.25
C LYS E 94 -48.22 16.50 48.02
N GLY E 95 -48.99 17.54 47.75
CA GLY E 95 -48.76 18.37 46.58
C GLY E 95 -48.11 19.70 46.93
N ALA E 96 -48.43 20.70 46.13
CA ALA E 96 -48.09 22.09 46.39
C ALA E 96 -46.60 22.42 46.41
N PHE E 97 -45.76 21.60 45.81
CA PHE E 97 -44.32 21.92 45.73
C PHE E 97 -43.75 21.49 44.38
N THR E 98 -44.09 20.25 43.99
CA THR E 98 -43.21 19.27 43.36
C THR E 98 -42.33 18.68 44.45
N GLY E 99 -42.85 18.74 45.68
CA GLY E 99 -42.21 18.17 46.85
C GLY E 99 -42.59 16.73 47.08
N ALA E 100 -41.59 15.87 47.26
CA ALA E 100 -41.77 14.48 47.67
C ALA E 100 -42.89 13.76 46.89
N VAL E 101 -43.57 12.86 47.58
CA VAL E 101 -44.87 12.32 47.20
C VAL E 101 -45.81 12.52 48.37
N SER E 102 -45.39 11.99 49.51
CA SER E 102 -46.23 11.88 50.71
C SER E 102 -46.21 13.16 51.52
N SER E 103 -47.24 13.35 52.33
CA SER E 103 -47.31 14.50 53.23
C SER E 103 -46.29 14.31 54.35
N LYS E 104 -45.80 15.43 54.88
CA LYS E 104 -44.75 15.39 55.90
C LYS E 104 -44.96 16.41 57.03
N GLU E 105 -44.77 15.96 58.26
CA GLU E 105 -44.88 16.84 59.41
C GLU E 105 -43.71 17.83 59.45
N GLY E 106 -43.92 18.96 60.10
CA GLY E 106 -42.90 19.96 60.29
C GLY E 106 -42.27 19.82 61.67
N PHE E 107 -41.24 20.61 61.94
CA PHE E 107 -40.56 20.52 63.23
C PHE E 107 -41.47 20.97 64.37
N PHE E 108 -42.36 21.90 64.10
CA PHE E 108 -43.31 22.37 65.12
C PHE E 108 -44.26 21.26 65.52
N GLU E 109 -44.77 20.53 64.53
CA GLU E 109 -45.70 19.42 64.76
C GLU E 109 -44.97 18.27 65.46
N LEU E 110 -43.67 18.17 65.21
CA LEU E 110 -42.81 17.18 65.86
C LEU E 110 -42.57 17.46 67.36
N ALA E 111 -42.60 18.73 67.75
CA ALA E 111 -42.31 19.13 69.12
C ALA E 111 -43.55 19.25 70.00
N ASP E 112 -44.71 18.88 69.46
CA ASP E 112 -45.99 19.00 70.17
C ASP E 112 -45.96 18.30 71.53
N GLY E 113 -46.31 19.03 72.57
CA GLY E 113 -46.24 18.53 73.93
C GLY E 113 -44.84 18.69 74.51
N GLY E 114 -43.88 19.03 73.65
CA GLY E 114 -42.48 19.14 74.05
C GLY E 114 -41.92 20.56 74.11
N THR E 115 -40.60 20.67 73.92
CA THR E 115 -39.90 21.94 73.95
C THR E 115 -39.06 22.15 72.69
N LEU E 116 -39.17 23.35 72.13
CA LEU E 116 -38.46 23.72 70.89
C LEU E 116 -37.41 24.78 71.15
N PHE E 117 -36.16 24.48 70.81
CA PHE E 117 -35.04 25.39 71.03
C PHE E 117 -34.55 25.94 69.71
N LEU E 118 -34.67 27.26 69.52
CA LEU E 118 -34.18 27.90 68.31
C LEU E 118 -32.86 28.61 68.57
N ASP E 119 -31.76 28.07 68.06
CA ASP E 119 -30.45 28.65 68.32
C ASP E 119 -30.08 29.63 67.21
N GLU E 120 -29.37 30.69 67.60
CA GLU E 120 -28.91 31.73 66.69
C GLU E 120 -30.10 32.41 66.01
N ILE E 121 -31.14 32.67 66.79
CA ILE E 121 -32.35 33.34 66.30
C ILE E 121 -32.04 34.75 65.78
N GLY E 122 -31.03 35.38 66.37
CA GLY E 122 -30.69 36.76 66.06
C GLY E 122 -30.12 37.02 64.69
N GLU E 123 -29.77 35.95 63.98
CA GLU E 123 -29.14 36.06 62.67
C GLU E 123 -30.16 36.06 61.53
N LEU E 124 -31.44 35.91 61.86
CA LEU E 124 -32.49 35.84 60.85
C LEU E 124 -32.78 37.15 60.13
N SER E 125 -33.10 37.02 58.85
CA SER E 125 -33.47 38.16 58.03
C SER E 125 -34.90 38.60 58.33
N LEU E 126 -35.13 39.91 58.27
CA LEU E 126 -36.45 40.48 58.59
C LEU E 126 -37.57 39.83 57.81
N GLU E 127 -37.31 39.49 56.55
CA GLU E 127 -38.30 38.86 55.71
C GLU E 127 -38.70 37.53 56.32
N ALA E 128 -37.72 36.83 56.88
CA ALA E 128 -37.95 35.50 57.43
C ALA E 128 -38.64 35.53 58.79
N GLN E 129 -38.31 36.54 59.60
CA GLN E 129 -38.90 36.64 60.93
C GLN E 129 -40.42 36.76 60.89
N ALA E 130 -40.93 37.51 59.92
CA ALA E 130 -42.36 37.82 59.86
C ALA E 130 -43.22 36.56 59.74
N LYS E 131 -42.63 35.50 59.20
CA LYS E 131 -43.34 34.26 58.93
C LYS E 131 -43.71 33.51 60.22
N LEU E 132 -42.91 33.68 61.26
CA LEU E 132 -43.08 32.94 62.50
C LEU E 132 -44.16 33.52 63.43
N LEU E 133 -44.72 34.67 63.06
CA LEU E 133 -45.51 35.46 64.00
C LEU E 133 -46.73 34.72 64.55
N ARG E 134 -47.63 34.25 63.71
CA ARG E 134 -48.84 33.61 64.23
C ARG E 134 -48.48 32.31 64.94
N VAL E 135 -47.38 31.70 64.54
CA VAL E 135 -47.01 30.42 65.10
C VAL E 135 -46.48 30.53 66.52
N ILE E 136 -45.65 31.53 66.78
CA ILE E 136 -45.05 31.69 68.10
C ILE E 136 -46.09 31.95 69.18
N GLU E 137 -46.92 32.98 68.99
CA GLU E 137 -47.85 33.38 70.03
C GLU E 137 -49.08 32.49 70.07
N SER E 138 -49.66 32.21 68.92
CA SER E 138 -50.90 31.45 68.87
C SER E 138 -50.66 29.94 68.87
N GLY E 139 -49.50 29.50 68.38
CA GLY E 139 -49.23 28.09 68.23
C GLY E 139 -50.08 27.44 67.15
N LYS E 140 -50.56 28.26 66.21
CA LYS E 140 -51.45 27.82 65.15
C LYS E 140 -50.87 28.14 63.77
N PHE E 141 -51.20 27.28 62.79
CA PHE E 141 -50.75 27.48 61.41
C PHE E 141 -51.50 26.56 60.44
N TYR E 142 -51.21 26.70 59.15
CA TYR E 142 -51.68 25.74 58.14
C TYR E 142 -50.47 25.06 57.49
N ARG E 143 -50.55 23.73 57.40
CA ARG E 143 -49.54 22.95 56.71
C ARG E 143 -49.52 23.40 55.26
N LEU E 144 -48.38 23.25 54.57
CA LEU E 144 -48.31 23.66 53.17
C LEU E 144 -49.17 22.72 52.34
N GLY E 145 -50.14 23.29 51.65
CA GLY E 145 -51.09 22.50 50.90
C GLY E 145 -52.19 21.90 51.77
N GLY E 146 -52.08 22.06 53.08
CA GLY E 146 -53.12 21.60 53.99
C GLY E 146 -54.26 22.58 54.26
N ARG E 147 -55.48 22.06 54.35
CA ARG E 147 -56.66 22.89 54.65
C ARG E 147 -57.20 22.81 56.08
N LYS E 148 -56.54 22.03 56.93
CA LYS E 148 -56.95 21.89 58.33
C LYS E 148 -56.02 22.68 59.23
N GLU E 149 -56.57 23.64 59.98
CA GLU E 149 -55.74 24.41 60.90
C GLU E 149 -55.20 23.48 61.96
N ILE E 150 -53.89 23.54 62.18
CA ILE E 150 -53.23 22.67 63.15
C ILE E 150 -52.92 23.50 64.37
N GLU E 151 -53.13 22.91 65.54
CA GLU E 151 -52.79 23.57 66.78
C GLU E 151 -51.92 22.64 67.59
N VAL E 152 -50.78 23.17 68.02
CA VAL E 152 -49.82 22.40 68.79
C VAL E 152 -49.36 23.18 70.00
N ASN E 153 -48.88 22.47 71.03
CA ASN E 153 -48.42 23.08 72.27
C ASN E 153 -46.91 22.94 72.38
N VAL E 154 -46.21 24.05 72.19
CA VAL E 154 -44.76 24.05 72.16
C VAL E 154 -44.20 25.25 72.92
N ARG E 155 -43.30 24.98 73.87
CA ARG E 155 -42.59 26.03 74.57
C ARG E 155 -41.32 26.40 73.82
N ILE E 156 -41.12 27.70 73.59
CA ILE E 156 -40.04 28.19 72.75
C ILE E 156 -38.88 28.72 73.59
N LEU E 157 -37.69 28.28 73.20
CA LEU E 157 -36.45 28.77 73.75
C LEU E 157 -35.65 29.37 72.61
N ALA E 158 -34.97 30.47 72.87
CA ALA E 158 -34.22 31.18 71.82
C ALA E 158 -32.86 31.58 72.34
N ALA E 159 -31.91 31.77 71.42
CA ALA E 159 -30.56 32.18 71.78
C ALA E 159 -29.93 33.07 70.72
N THR E 160 -29.09 34.01 71.14
CA THR E 160 -28.30 34.82 70.21
C THR E 160 -27.02 35.32 70.85
N ASN E 161 -25.98 35.47 70.03
CA ASN E 161 -24.71 35.98 70.55
C ASN E 161 -24.61 37.49 70.37
N ARG E 162 -25.70 38.12 69.92
CA ARG E 162 -25.73 39.56 69.67
C ARG E 162 -26.64 40.27 70.64
N ASN E 163 -26.64 41.60 70.59
CA ASN E 163 -27.51 42.40 71.44
C ASN E 163 -28.81 42.64 70.70
N ILE E 164 -29.89 42.02 71.16
CA ILE E 164 -31.15 42.01 70.43
C ILE E 164 -31.95 43.31 70.57
N LYS E 165 -31.95 43.93 71.74
CA LYS E 165 -32.64 45.20 71.94
C LYS E 165 -32.06 46.22 70.98
N GLU E 166 -30.75 46.10 70.73
CA GLU E 166 -30.07 47.02 69.83
C GLU E 166 -30.65 46.87 68.43
N LEU E 167 -30.83 45.62 68.01
CA LEU E 167 -31.31 45.34 66.65
C LEU E 167 -32.71 45.94 66.45
N VAL E 168 -33.53 45.91 67.49
CA VAL E 168 -34.88 46.43 67.42
C VAL E 168 -34.86 47.94 67.22
N LYS E 169 -34.05 48.60 68.05
CA LYS E 169 -33.90 50.05 68.03
C LYS E 169 -33.26 50.52 66.72
N GLU E 170 -32.49 49.65 66.07
CA GLU E 170 -31.87 49.97 64.78
C GLU E 170 -32.77 49.56 63.61
N GLY E 171 -33.94 49.01 63.92
CA GLY E 171 -34.88 48.60 62.90
C GLY E 171 -34.43 47.35 62.15
N LYS E 172 -33.42 46.69 62.72
CA LYS E 172 -32.86 45.47 62.13
C LYS E 172 -33.56 44.21 62.64
N PHE E 173 -34.44 44.37 63.63
CA PHE E 173 -35.23 43.27 64.19
C PHE E 173 -36.65 43.74 64.44
N ARG E 174 -37.63 42.93 64.03
CA ARG E 174 -39.04 43.30 64.15
C ARG E 174 -39.43 43.50 65.62
N GLU E 175 -40.06 44.62 65.91
CA GLU E 175 -40.47 44.95 67.26
C GLU E 175 -41.59 44.05 67.75
N ASP E 176 -42.54 43.75 66.88
CA ASP E 176 -43.71 42.96 67.28
C ASP E 176 -43.30 41.53 67.62
N LEU E 177 -42.23 41.07 67.00
CA LEU E 177 -41.75 39.72 67.27
C LEU E 177 -41.06 39.66 68.62
N TYR E 178 -40.35 40.74 68.97
CA TYR E 178 -39.60 40.81 70.22
C TYR E 178 -40.50 40.52 71.42
N TYR E 179 -41.68 41.11 71.40
CA TYR E 179 -42.64 40.97 72.49
C TYR E 179 -43.26 39.59 72.55
N ARG E 180 -43.15 38.82 71.47
CA ARG E 180 -43.61 37.43 71.48
C ARG E 180 -42.61 36.48 72.12
N LEU E 181 -41.34 36.63 71.77
CA LEU E 181 -40.26 35.79 72.30
C LEU E 181 -39.74 36.23 73.67
N GLY E 182 -39.85 37.53 73.93
CA GLY E 182 -39.18 38.17 75.05
C GLY E 182 -39.94 38.19 76.35
N VAL E 183 -40.87 37.25 76.54
CA VAL E 183 -41.61 37.16 77.80
C VAL E 183 -40.62 37.14 78.96
N ILE E 184 -39.71 36.18 78.93
CA ILE E 184 -38.61 36.13 79.88
C ILE E 184 -37.30 36.30 79.15
N GLU E 185 -36.47 37.21 79.63
CA GLU E 185 -35.19 37.52 78.99
C GLU E 185 -34.04 37.26 79.96
N ILE E 186 -33.08 36.45 79.52
CA ILE E 186 -31.93 36.13 80.34
C ILE E 186 -30.63 36.60 79.69
N GLU E 187 -29.98 37.55 80.37
CA GLU E 187 -28.70 38.10 79.94
C GLU E 187 -27.62 37.32 80.67
N ILE E 188 -26.77 36.62 79.92
CA ILE E 188 -25.65 35.87 80.51
C ILE E 188 -24.40 36.76 80.54
N PRO E 189 -23.86 37.03 81.74
CA PRO E 189 -22.65 37.86 81.74
C PRO E 189 -21.43 37.06 81.28
N PRO E 190 -20.40 37.74 80.74
CA PRO E 190 -19.19 37.01 80.30
C PRO E 190 -18.44 36.41 81.47
N LEU E 191 -17.27 35.84 81.23
CA LEU E 191 -16.52 35.21 82.30
C LEU E 191 -15.72 36.28 83.04
N ARG E 192 -15.19 37.24 82.30
CA ARG E 192 -14.41 38.32 82.93
C ARG E 192 -15.21 39.07 83.99
N GLU E 193 -16.53 38.98 83.95
CA GLU E 193 -17.36 39.54 85.02
C GLU E 193 -17.78 38.45 86.02
N ARG E 194 -17.41 37.20 85.74
CA ARG E 194 -17.51 36.14 86.74
C ARG E 194 -16.10 35.63 86.99
N LYS E 195 -15.44 36.18 87.99
CA LYS E 195 -14.07 35.82 88.26
C LYS E 195 -14.02 34.49 89.00
N GLU E 196 -15.07 34.24 89.77
CA GLU E 196 -15.12 33.09 90.64
C GLU E 196 -15.22 31.78 89.86
N ASP E 197 -15.73 31.86 88.64
CA ASP E 197 -15.95 30.67 87.82
C ASP E 197 -14.66 30.20 87.14
N ILE E 198 -13.69 31.10 87.05
CA ILE E 198 -12.49 30.86 86.24
C ILE E 198 -11.71 29.62 86.68
N ILE E 199 -11.28 29.59 87.93
CA ILE E 199 -10.38 28.52 88.41
C ILE E 199 -11.08 27.16 88.45
N PRO E 200 -12.32 27.10 88.99
CA PRO E 200 -13.04 25.83 89.00
C PRO E 200 -13.22 25.22 87.61
N LEU E 201 -13.48 26.07 86.62
CA LEU E 201 -13.65 25.61 85.25
C LEU E 201 -12.38 24.97 84.71
N ALA E 202 -11.26 25.68 84.83
CA ALA E 202 -9.99 25.21 84.31
C ALA E 202 -9.64 23.85 84.91
N ASN E 203 -9.86 23.69 86.20
CA ASN E 203 -9.57 22.45 86.89
C ASN E 203 -10.46 21.33 86.36
N HIS E 204 -11.72 21.66 86.11
CA HIS E 204 -12.68 20.69 85.58
C HIS E 204 -12.29 20.19 84.20
N PHE E 205 -11.87 21.12 83.34
CA PHE E 205 -11.48 20.76 81.98
C PHE E 205 -10.20 19.95 82.01
N LEU E 206 -9.29 20.34 82.89
CA LEU E 206 -8.03 19.65 83.03
C LEU E 206 -8.22 18.19 83.41
N LYS E 207 -9.10 17.92 84.37
CA LYS E 207 -9.40 16.55 84.78
C LYS E 207 -9.96 15.71 83.64
N LYS E 208 -10.87 16.30 82.87
CA LYS E 208 -11.52 15.61 81.77
C LYS E 208 -10.49 15.20 80.70
N PHE E 209 -9.64 16.15 80.32
CA PHE E 209 -8.66 15.92 79.27
C PHE E 209 -7.53 15.00 79.74
N SER E 210 -7.20 15.10 81.01
CA SER E 210 -6.18 14.23 81.59
C SER E 210 -6.59 12.76 81.50
N ARG E 211 -7.88 12.48 81.69
CA ARG E 211 -8.40 11.11 81.57
C ARG E 211 -8.38 10.64 80.12
N LYS E 212 -8.94 11.44 79.22
CA LYS E 212 -9.03 11.09 77.82
C LYS E 212 -7.66 10.86 77.19
N TYR E 213 -6.77 11.83 77.37
CA TYR E 213 -5.45 11.79 76.75
C TYR E 213 -4.39 11.19 77.68
N ALA E 214 -4.84 10.56 78.76
CA ALA E 214 -3.98 9.90 79.73
C ALA E 214 -2.65 10.62 80.00
N LYS E 215 -2.73 11.72 80.73
CA LYS E 215 -1.54 12.46 81.15
C LYS E 215 -1.52 12.49 82.68
N GLU E 216 -0.44 13.03 83.24
CA GLU E 216 -0.25 12.99 84.68
C GLU E 216 -0.67 14.28 85.38
N VAL E 217 -1.22 15.23 84.63
CA VAL E 217 -1.47 16.56 85.16
C VAL E 217 -2.59 16.56 86.20
N GLU E 218 -2.42 17.39 87.22
CA GLU E 218 -3.37 17.53 88.33
C GLU E 218 -3.88 18.96 88.42
N GLY E 219 -2.99 19.94 88.57
CA GLY E 219 -3.39 21.32 88.78
C GLY E 219 -2.42 22.39 88.30
N PHE E 220 -2.74 23.64 88.64
CA PHE E 220 -1.99 24.80 88.17
C PHE E 220 -1.09 25.43 89.25
N THR E 221 0.03 25.98 88.80
CA THR E 221 0.92 26.74 89.68
C THR E 221 0.30 28.07 90.04
N LYS E 222 0.78 28.67 91.13
CA LYS E 222 0.25 29.92 91.64
C LYS E 222 0.45 31.03 90.61
N SER E 223 1.56 30.98 89.90
CA SER E 223 1.90 32.00 88.89
C SER E 223 0.98 31.91 87.68
N ALA E 224 0.58 30.70 87.31
CA ALA E 224 -0.32 30.49 86.17
C ALA E 224 -1.71 31.04 86.43
N GLN E 225 -2.24 30.77 87.62
CA GLN E 225 -3.59 31.18 87.98
C GLN E 225 -3.72 32.70 87.87
N GLU E 226 -2.64 33.41 88.18
CA GLU E 226 -2.65 34.87 88.12
C GLU E 226 -2.89 35.37 86.69
N LEU E 227 -2.26 34.71 85.72
CA LEU E 227 -2.41 35.11 84.32
C LEU E 227 -3.82 34.89 83.80
N LEU E 228 -4.39 33.74 84.14
CA LEU E 228 -5.74 33.40 83.71
C LEU E 228 -6.72 34.49 84.11
N LEU E 229 -6.50 35.05 85.28
CA LEU E 229 -7.39 36.05 85.82
C LEU E 229 -7.22 37.38 85.08
N SER E 230 -6.02 37.61 84.54
CA SER E 230 -5.74 38.86 83.83
C SER E 230 -5.99 38.74 82.33
N TYR E 231 -6.54 37.60 81.91
CA TYR E 231 -6.84 37.36 80.49
C TYR E 231 -8.31 37.68 80.28
N PRO E 232 -8.64 38.81 79.63
CA PRO E 232 -10.07 39.10 79.68
C PRO E 232 -11.00 38.24 78.80
N TRP E 233 -10.69 36.96 78.61
CA TRP E 233 -11.60 35.96 78.04
C TRP E 233 -12.65 36.49 77.07
N TYR E 234 -12.24 36.82 75.85
CA TYR E 234 -13.19 37.29 74.85
C TYR E 234 -13.96 36.13 74.23
N GLY E 235 -13.35 34.95 74.25
CA GLY E 235 -14.01 33.75 73.79
C GLY E 235 -14.68 33.01 74.94
N ASN E 236 -14.53 33.56 76.15
CA ASN E 236 -15.15 33.00 77.34
C ASN E 236 -14.79 31.52 77.58
N VAL E 237 -15.76 30.72 78.02
CA VAL E 237 -15.48 29.36 78.47
C VAL E 237 -15.00 28.47 77.33
N ARG E 238 -15.54 28.72 76.16
CA ARG E 238 -15.22 27.91 74.99
C ARG E 238 -13.74 28.06 74.69
N GLU E 239 -13.23 29.27 74.91
CA GLU E 239 -11.81 29.55 74.70
C GLU E 239 -11.00 28.81 75.77
N LEU E 240 -11.50 28.81 77.00
CA LEU E 240 -10.82 28.10 78.09
C LEU E 240 -10.73 26.62 77.80
N LYS E 241 -11.87 26.01 77.50
CA LYS E 241 -11.94 24.59 77.20
C LYS E 241 -10.89 24.22 76.16
N ASN E 242 -10.72 25.09 75.18
CA ASN E 242 -9.73 24.89 74.13
C ASN E 242 -8.30 25.09 74.69
N VAL E 243 -8.14 26.12 75.52
CA VAL E 243 -6.84 26.42 76.12
C VAL E 243 -6.36 25.33 77.06
N ILE E 244 -7.27 24.77 77.87
CA ILE E 244 -6.91 23.68 78.78
C ILE E 244 -6.54 22.44 77.97
N GLU E 245 -7.34 22.14 76.96
CA GLU E 245 -7.12 20.99 76.08
C GLU E 245 -5.76 21.10 75.39
N ARG E 246 -5.40 22.33 75.03
CA ARG E 246 -4.13 22.62 74.38
C ARG E 246 -2.96 22.31 75.31
N ALA E 247 -3.07 22.75 76.57
CA ALA E 247 -2.01 22.59 77.55
C ALA E 247 -1.74 21.13 77.93
N VAL E 248 -2.81 20.37 78.17
CA VAL E 248 -2.69 18.97 78.62
C VAL E 248 -1.94 18.09 77.63
N LEU E 249 -2.19 18.30 76.34
CA LEU E 249 -1.53 17.50 75.32
C LEU E 249 -0.04 17.78 75.33
N PHE E 250 0.31 19.04 75.57
CA PHE E 250 1.68 19.48 75.56
C PHE E 250 2.30 19.41 76.96
N SER E 251 1.49 19.01 77.95
CA SER E 251 1.98 18.89 79.31
C SER E 251 2.99 17.76 79.41
N GLU E 252 3.98 17.92 80.28
CA GLU E 252 4.99 16.90 80.53
C GLU E 252 4.89 16.44 81.97
N GLY E 253 5.12 17.38 82.89
CA GLY E 253 5.06 17.09 84.30
C GLY E 253 3.61 17.13 84.77
N LYS E 254 3.42 17.23 86.09
CA LYS E 254 2.08 17.29 86.65
C LYS E 254 1.49 18.70 86.79
N PHE E 255 2.32 19.75 86.65
CA PHE E 255 1.81 21.12 86.81
C PHE E 255 2.16 22.03 85.62
N ILE E 256 1.35 23.06 85.44
CA ILE E 256 1.49 24.02 84.34
C ILE E 256 1.90 25.41 84.83
N ASP E 257 2.98 25.94 84.28
CA ASP E 257 3.47 27.27 84.69
C ASP E 257 2.93 28.36 83.76
N ARG E 258 3.23 29.62 84.11
CA ARG E 258 2.79 30.78 83.34
C ARG E 258 3.46 30.81 81.97
N GLY E 259 4.65 30.22 81.88
CA GLY E 259 5.43 30.24 80.66
C GLY E 259 4.72 29.50 79.54
N GLU E 260 4.03 28.43 79.91
CA GLU E 260 3.32 27.59 78.96
C GLU E 260 2.11 28.34 78.36
N LEU E 261 1.58 29.29 79.12
CA LEU E 261 0.43 30.09 78.68
C LEU E 261 0.80 31.26 77.76
N SER E 262 2.01 31.78 77.90
CA SER E 262 2.41 32.97 77.16
C SER E 262 2.26 32.81 75.64
N CYS E 263 2.54 31.61 75.13
CA CYS E 263 2.45 31.35 73.70
C CYS E 263 1.00 31.28 73.23
N LEU E 264 0.10 31.05 74.18
CA LEU E 264 -1.32 30.94 73.90
C LEU E 264 -2.01 32.31 73.86
N VAL E 265 -1.41 33.30 74.52
CA VAL E 265 -2.04 34.61 74.70
C VAL E 265 -1.26 35.69 73.96
N GLU F 19 6.50 8.61 51.64
CA GLU F 19 7.10 9.03 50.37
C GLU F 19 7.09 10.56 50.21
N TYR F 20 6.51 11.26 51.19
CA TYR F 20 6.48 12.72 51.16
C TYR F 20 7.84 13.28 51.57
N VAL F 21 8.17 14.47 51.07
CA VAL F 21 9.49 15.06 51.29
C VAL F 21 9.42 16.13 52.38
N PHE F 22 10.15 15.89 53.47
CA PHE F 22 10.38 16.89 54.51
C PHE F 22 11.89 16.99 54.83
N GLU F 23 12.48 18.12 54.46
CA GLU F 23 13.92 18.37 54.69
C GLU F 23 14.20 19.57 55.59
N SER F 24 13.69 20.75 55.23
CA SER F 24 13.96 21.96 55.99
C SER F 24 13.69 21.77 57.49
N PRO F 25 14.41 22.52 58.34
CA PRO F 25 14.20 22.47 59.79
C PRO F 25 12.75 22.80 60.17
N LYS F 26 12.18 23.80 59.51
CA LYS F 26 10.82 24.23 59.77
C LYS F 26 9.87 23.06 59.48
N MET F 27 10.11 22.40 58.36
CA MET F 27 9.27 21.28 57.94
C MET F 27 9.53 20.03 58.79
N LYS F 28 10.78 19.86 59.24
CA LYS F 28 11.13 18.73 60.10
C LYS F 28 10.61 18.84 61.54
N GLU F 29 10.61 20.04 62.11
CA GLU F 29 10.14 20.26 63.49
C GLU F 29 8.63 20.03 63.65
N ILE F 30 7.86 20.48 62.67
CA ILE F 30 6.41 20.34 62.69
C ILE F 30 5.98 18.87 62.72
N LEU F 31 6.71 18.02 62.01
CA LEU F 31 6.39 16.59 61.98
C LEU F 31 6.42 16.00 63.40
N GLU F 32 7.37 16.46 64.20
CA GLU F 32 7.50 16.00 65.59
C GLU F 32 6.27 16.43 66.41
N LYS F 33 5.82 17.66 66.20
CA LYS F 33 4.67 18.19 66.92
C LYS F 33 3.44 17.32 66.70
N ILE F 34 3.24 16.94 65.45
CA ILE F 34 2.11 16.09 65.07
C ILE F 34 2.21 14.73 65.76
N LYS F 35 3.43 14.22 65.87
CA LYS F 35 3.64 12.90 66.41
C LYS F 35 3.15 12.85 67.86
N LYS F 36 3.24 13.97 68.57
CA LYS F 36 2.76 14.05 69.95
C LYS F 36 1.24 14.17 70.06
N ILE F 37 0.62 14.82 69.08
CA ILE F 37 -0.82 15.07 69.11
C ILE F 37 -1.62 14.01 68.35
N SER F 38 -0.92 12.98 67.87
CA SER F 38 -1.54 11.89 67.12
C SER F 38 -2.74 11.29 67.84
N CYS F 39 -2.71 11.36 69.17
CA CYS F 39 -3.76 10.82 70.00
C CYS F 39 -4.93 11.79 70.16
N ALA F 40 -4.73 13.05 69.75
CA ALA F 40 -5.72 14.09 70.00
C ALA F 40 -6.91 13.98 69.03
N GLU F 41 -8.11 14.22 69.57
CA GLU F 41 -9.36 14.16 68.81
C GLU F 41 -9.93 15.53 68.39
N CYS F 42 -9.16 16.61 68.48
CA CYS F 42 -9.74 17.96 68.41
C CYS F 42 -9.41 18.70 67.11
N PRO F 43 -10.26 19.68 66.74
CA PRO F 43 -10.09 20.42 65.50
C PRO F 43 -8.73 21.08 65.37
N VAL F 44 -8.29 21.26 64.13
CA VAL F 44 -6.99 21.82 63.79
C VAL F 44 -7.10 22.95 62.79
N LEU F 45 -6.30 24.00 62.99
CA LEU F 45 -6.29 25.14 62.09
C LEU F 45 -4.94 25.34 61.40
N ILE F 46 -4.93 25.13 60.08
CA ILE F 46 -3.73 25.27 59.26
C ILE F 46 -3.74 26.56 58.46
N THR F 47 -2.60 27.26 58.42
CA THR F 47 -2.48 28.51 57.68
C THR F 47 -1.21 28.47 56.82
N GLY F 48 -1.19 29.31 55.78
CA GLY F 48 -0.04 29.43 54.89
C GLY F 48 -0.50 29.85 53.51
N GLU F 49 0.44 30.11 52.61
CA GLU F 49 0.11 30.45 51.22
C GLU F 49 -0.55 29.26 50.53
N SER F 50 -1.22 29.53 49.42
CA SER F 50 -1.84 28.44 48.67
C SER F 50 -0.74 27.62 48.01
N GLY F 51 -0.81 26.30 48.16
CA GLY F 51 0.17 25.43 47.53
C GLY F 51 1.38 25.13 48.40
N VAL F 52 1.26 25.33 49.71
CA VAL F 52 2.39 25.12 50.62
C VAL F 52 2.44 23.72 51.26
N GLY F 53 1.45 22.89 50.99
CA GLY F 53 1.41 21.55 51.57
C GLY F 53 0.44 21.37 52.73
N LYS F 54 -0.49 22.30 52.86
CA LYS F 54 -1.48 22.22 53.93
C LYS F 54 -2.29 20.92 53.88
N GLU F 55 -2.65 20.46 52.68
CA GLU F 55 -3.42 19.21 52.58
C GLU F 55 -2.55 18.02 52.94
N VAL F 56 -1.30 18.03 52.49
CA VAL F 56 -0.39 16.93 52.77
C VAL F 56 -0.15 16.82 54.27
N VAL F 57 0.09 17.95 54.93
CA VAL F 57 0.27 17.95 56.38
C VAL F 57 -1.01 17.37 56.98
N ALA F 58 -2.13 17.88 56.51
CA ALA F 58 -3.44 17.46 56.99
C ALA F 58 -3.69 15.97 56.71
N ARG F 59 -3.35 15.55 55.50
CA ARG F 59 -3.56 14.16 55.09
C ARG F 59 -2.67 13.22 55.89
N LEU F 60 -1.52 13.72 56.30
CA LEU F 60 -0.58 12.92 57.07
C LEU F 60 -1.12 12.71 58.47
N ILE F 61 -1.68 13.77 59.05
CA ILE F 61 -2.25 13.73 60.40
C ILE F 61 -3.28 12.62 60.56
N HIS F 62 -4.07 12.41 59.53
CA HIS F 62 -5.07 11.35 59.54
C HIS F 62 -4.35 10.01 59.62
N LYS F 63 -3.32 9.86 58.81
CA LYS F 63 -2.57 8.61 58.70
C LYS F 63 -1.91 8.30 60.04
N LEU F 64 -1.58 9.36 60.80
CA LEU F 64 -0.92 9.23 62.09
C LEU F 64 -1.90 9.11 63.26
N SER F 65 -3.19 9.32 63.01
CA SER F 65 -4.18 9.32 64.09
C SER F 65 -4.69 7.93 64.46
N ASP F 66 -5.58 7.87 65.45
CA ASP F 66 -6.15 6.59 65.88
C ASP F 66 -7.21 6.11 64.88
N ARG F 67 -7.68 7.05 64.07
CA ARG F 67 -8.72 6.77 63.06
C ARG F 67 -8.12 6.57 61.67
N SER F 68 -6.79 6.42 61.61
CA SER F 68 -6.07 6.37 60.34
C SER F 68 -6.62 5.31 59.41
N LYS F 69 -7.27 4.31 60.00
CA LYS F 69 -7.78 3.19 59.25
C LYS F 69 -9.21 3.46 58.75
N GLU F 70 -9.80 4.56 59.21
CA GLU F 70 -11.15 4.96 58.81
C GLU F 70 -11.12 5.96 57.64
N PRO F 71 -12.29 6.32 57.09
CA PRO F 71 -12.37 7.21 55.90
C PRO F 71 -11.86 8.65 56.09
N PHE F 72 -11.30 9.20 55.02
CA PHE F 72 -10.86 10.60 54.96
C PHE F 72 -11.56 11.37 53.84
N VAL F 73 -12.40 12.34 54.20
CA VAL F 73 -13.21 13.10 53.23
C VAL F 73 -12.65 14.51 52.99
N ALA F 74 -12.20 14.75 51.77
CA ALA F 74 -11.65 16.06 51.39
C ALA F 74 -12.70 16.92 50.68
N LEU F 75 -12.83 18.17 51.12
CA LEU F 75 -13.82 19.10 50.58
C LEU F 75 -13.36 20.55 50.45
N ASN F 76 -13.58 21.15 49.29
CA ASN F 76 -13.42 22.59 49.12
C ASN F 76 -14.76 23.26 49.41
N VAL F 77 -14.86 23.96 50.55
CA VAL F 77 -16.13 24.52 50.99
C VAL F 77 -16.60 25.72 50.15
N ALA F 78 -15.74 26.73 49.98
CA ALA F 78 -16.08 27.91 49.19
C ALA F 78 -16.67 27.59 47.80
N SER F 79 -16.31 26.43 47.24
CA SER F 79 -16.73 26.04 45.90
C SER F 79 -18.15 25.47 45.79
N ILE F 80 -18.80 25.20 46.91
CA ILE F 80 -20.16 24.65 46.89
C ILE F 80 -21.19 25.73 46.57
N PRO F 81 -22.05 25.50 45.55
CA PRO F 81 -23.11 26.47 45.23
C PRO F 81 -24.13 26.65 46.36
N ARG F 82 -24.56 27.89 46.54
CA ARG F 82 -25.44 28.26 47.64
C ARG F 82 -26.75 27.48 47.64
N ASP F 83 -27.24 27.12 46.45
CA ASP F 83 -28.57 26.52 46.32
C ASP F 83 -28.62 25.14 46.93
N ILE F 84 -27.57 24.37 46.66
CA ILE F 84 -27.43 23.00 47.16
C ILE F 84 -26.51 22.89 48.38
N PHE F 85 -26.00 24.02 48.86
CA PHE F 85 -25.03 24.03 49.96
C PHE F 85 -25.48 23.16 51.12
N GLU F 86 -26.72 23.37 51.55
CA GLU F 86 -27.30 22.62 52.67
C GLU F 86 -27.47 21.14 52.36
N ALA F 87 -27.96 20.85 51.15
CA ALA F 87 -28.34 19.50 50.77
C ALA F 87 -27.16 18.55 50.63
N GLU F 88 -26.08 19.03 50.03
CA GLU F 88 -24.92 18.18 49.80
C GLU F 88 -24.19 17.95 51.12
N LEU F 89 -24.44 18.83 52.09
CA LEU F 89 -23.71 18.82 53.35
C LEU F 89 -24.39 17.95 54.40
N PHE F 90 -25.63 18.28 54.75
CA PHE F 90 -26.36 17.51 55.76
C PHE F 90 -26.98 16.27 55.13
N GLY F 91 -27.34 16.39 53.85
CA GLY F 91 -27.98 15.31 53.14
C GLY F 91 -29.45 15.61 53.14
N TYR F 92 -30.24 14.77 52.49
CA TYR F 92 -31.67 14.99 52.47
C TYR F 92 -32.46 13.70 52.27
N GLU F 93 -33.69 13.72 52.75
CA GLU F 93 -34.60 12.59 52.61
C GLU F 93 -35.32 12.76 51.28
N LYS F 94 -35.92 11.71 50.76
CA LYS F 94 -36.63 11.79 49.48
C LYS F 94 -37.67 12.93 49.51
N GLY F 95 -37.60 13.80 48.52
CA GLY F 95 -38.38 15.04 48.49
C GLY F 95 -37.82 16.15 49.37
N ALA F 96 -38.69 16.98 49.93
CA ALA F 96 -38.28 18.05 50.83
C ALA F 96 -37.40 19.06 50.10
N PHE F 97 -37.52 19.07 48.78
CA PHE F 97 -36.71 19.91 47.89
C PHE F 97 -37.48 19.95 46.58
N THR F 98 -37.21 20.90 45.70
CA THR F 98 -37.84 20.83 44.40
C THR F 98 -36.78 20.10 43.57
N GLY F 99 -36.96 18.79 43.44
CA GLY F 99 -36.02 17.95 42.74
C GLY F 99 -35.85 16.75 43.65
N ALA F 100 -34.69 16.11 43.57
CA ALA F 100 -34.31 15.07 44.52
C ALA F 100 -35.33 13.95 44.75
N VAL F 101 -35.41 13.04 43.78
CA VAL F 101 -36.09 11.75 43.99
C VAL F 101 -35.40 10.89 45.06
N SER F 102 -34.08 10.78 44.95
CA SER F 102 -33.32 9.84 45.75
C SER F 102 -32.89 10.38 47.10
N SER F 103 -32.76 9.50 48.08
CA SER F 103 -32.23 9.87 49.39
C SER F 103 -30.72 10.03 49.27
N LYS F 104 -30.13 10.87 50.09
CA LYS F 104 -28.70 11.13 50.03
C LYS F 104 -28.04 11.23 51.39
N GLU F 105 -26.91 10.54 51.55
CA GLU F 105 -26.10 10.69 52.74
C GLU F 105 -25.43 12.06 52.64
N GLY F 106 -25.02 12.63 53.77
CA GLY F 106 -24.28 13.87 53.74
C GLY F 106 -22.81 13.61 53.87
N PHE F 107 -22.00 14.66 53.67
CA PHE F 107 -20.57 14.50 53.79
C PHE F 107 -20.20 14.21 55.23
N PHE F 108 -20.99 14.75 56.15
CA PHE F 108 -20.76 14.54 57.58
C PHE F 108 -21.00 13.09 57.98
N GLU F 109 -22.10 12.53 57.50
CA GLU F 109 -22.46 11.14 57.77
C GLU F 109 -21.55 10.19 57.01
N LEU F 110 -21.10 10.63 55.84
CA LEU F 110 -20.18 9.88 55.01
C LEU F 110 -18.81 9.78 55.68
N ALA F 111 -18.47 10.79 56.48
CA ALA F 111 -17.20 10.85 57.17
C ALA F 111 -17.29 10.27 58.58
N ASP F 112 -18.44 9.67 58.91
CA ASP F 112 -18.69 9.11 60.23
C ASP F 112 -17.59 8.14 60.67
N GLY F 113 -17.03 8.40 61.85
CA GLY F 113 -15.95 7.60 62.38
C GLY F 113 -14.60 8.01 61.82
N GLY F 114 -14.63 8.82 60.76
CA GLY F 114 -13.43 9.24 60.06
C GLY F 114 -13.07 10.68 60.33
N THR F 115 -12.38 11.29 59.36
CA THR F 115 -11.92 12.68 59.46
C THR F 115 -12.36 13.48 58.25
N LEU F 116 -12.84 14.70 58.50
CA LEU F 116 -13.34 15.58 57.43
C LEU F 116 -12.45 16.80 57.27
N PHE F 117 -11.94 17.02 56.07
CA PHE F 117 -11.01 18.11 55.77
C PHE F 117 -11.70 19.21 54.97
N LEU F 118 -11.79 20.39 55.56
CA LEU F 118 -12.43 21.54 54.92
C LEU F 118 -11.39 22.52 54.36
N ASP F 119 -11.27 22.56 53.04
CA ASP F 119 -10.24 23.38 52.39
C ASP F 119 -10.73 24.79 52.06
N GLU F 120 -9.83 25.77 52.20
CA GLU F 120 -10.14 27.17 51.89
C GLU F 120 -11.34 27.71 52.67
N ILE F 121 -11.41 27.40 53.96
CA ILE F 121 -12.49 27.91 54.78
C ILE F 121 -12.49 29.44 54.80
N GLY F 122 -11.32 30.05 54.66
CA GLY F 122 -11.21 31.49 54.74
C GLY F 122 -11.86 32.19 53.57
N GLU F 123 -12.13 31.45 52.50
CA GLU F 123 -12.76 32.00 51.31
C GLU F 123 -14.29 31.83 51.38
N LEU F 124 -14.75 31.20 52.46
CA LEU F 124 -16.17 30.93 52.63
C LEU F 124 -16.95 32.20 52.91
N SER F 125 -18.18 32.24 52.41
CA SER F 125 -19.02 33.41 52.61
C SER F 125 -19.46 33.49 54.06
N LEU F 126 -19.50 34.71 54.58
CA LEU F 126 -19.88 34.96 55.96
C LEU F 126 -21.23 34.35 56.30
N GLU F 127 -22.16 34.44 55.36
CA GLU F 127 -23.50 33.92 55.54
C GLU F 127 -23.49 32.40 55.71
N ALA F 128 -22.60 31.72 54.99
CA ALA F 128 -22.55 30.27 55.00
C ALA F 128 -21.99 29.74 56.31
N GLN F 129 -21.07 30.49 56.89
CA GLN F 129 -20.39 30.11 58.13
C GLN F 129 -21.37 29.84 59.27
N ALA F 130 -22.43 30.66 59.35
CA ALA F 130 -23.37 30.59 60.47
C ALA F 130 -24.10 29.25 60.54
N LYS F 131 -24.24 28.60 59.39
CA LYS F 131 -24.96 27.35 59.29
C LYS F 131 -24.18 26.21 59.93
N LEU F 132 -22.87 26.33 59.92
CA LEU F 132 -21.98 25.26 60.37
C LEU F 132 -21.79 25.18 61.88
N LEU F 133 -22.34 26.14 62.64
CA LEU F 133 -21.96 26.28 64.04
C LEU F 133 -22.30 25.07 64.90
N ARG F 134 -23.56 24.66 64.93
CA ARG F 134 -23.95 23.54 65.79
C ARG F 134 -23.32 22.24 65.29
N VAL F 135 -22.99 22.21 64.00
CA VAL F 135 -22.47 21.01 63.39
C VAL F 135 -21.03 20.75 63.84
N ILE F 136 -20.22 21.80 63.89
CA ILE F 136 -18.81 21.66 64.25
C ILE F 136 -18.65 21.12 65.66
N GLU F 137 -19.24 21.79 66.63
CA GLU F 137 -19.02 21.44 68.01
C GLU F 137 -19.83 20.24 68.47
N SER F 138 -21.12 20.22 68.16
CA SER F 138 -22.01 19.17 68.67
C SER F 138 -21.97 17.93 67.79
N GLY F 139 -21.65 18.13 66.51
CA GLY F 139 -21.66 17.05 65.55
C GLY F 139 -23.06 16.53 65.29
N LYS F 140 -24.06 17.36 65.58
CA LYS F 140 -25.46 16.95 65.42
C LYS F 140 -26.20 17.88 64.48
N PHE F 141 -27.17 17.31 63.77
CA PHE F 141 -28.01 18.06 62.84
C PHE F 141 -29.20 17.20 62.42
N TYR F 142 -30.10 17.77 61.62
CA TYR F 142 -31.23 17.04 61.03
C TYR F 142 -31.06 16.96 59.52
N ARG F 143 -31.30 15.78 58.95
CA ARG F 143 -31.28 15.63 57.52
C ARG F 143 -32.37 16.50 56.91
N LEU F 144 -32.18 16.95 55.67
CA LEU F 144 -33.20 17.78 55.02
C LEU F 144 -34.42 16.95 54.75
N GLY F 145 -35.55 17.39 55.31
CA GLY F 145 -36.80 16.66 55.18
C GLY F 145 -36.88 15.48 56.13
N GLY F 146 -35.76 15.16 56.79
CA GLY F 146 -35.75 14.12 57.78
C GLY F 146 -36.16 14.67 59.13
N ARG F 147 -36.94 13.89 59.86
CA ARG F 147 -37.38 14.29 61.20
C ARG F 147 -36.57 13.61 62.28
N LYS F 148 -35.61 12.78 61.88
CA LYS F 148 -34.77 12.04 62.82
C LYS F 148 -33.41 12.71 62.91
N GLU F 149 -33.05 13.08 64.14
CA GLU F 149 -31.80 13.77 64.41
C GLU F 149 -30.58 12.89 64.08
N ILE F 150 -29.62 13.47 63.36
CA ILE F 150 -28.43 12.74 62.99
C ILE F 150 -27.29 13.19 63.90
N GLU F 151 -26.55 12.22 64.41
CA GLU F 151 -25.39 12.48 65.25
C GLU F 151 -24.20 11.71 64.71
N VAL F 152 -23.07 12.38 64.54
CA VAL F 152 -21.87 11.75 64.01
C VAL F 152 -20.63 12.06 64.83
N ASN F 153 -19.62 11.20 64.68
CA ASN F 153 -18.32 11.39 65.33
C ASN F 153 -17.30 11.71 64.24
N VAL F 154 -16.89 12.97 64.19
CA VAL F 154 -16.05 13.48 63.12
C VAL F 154 -14.97 14.43 63.63
N ARG F 155 -13.74 14.17 63.21
CA ARG F 155 -12.60 15.06 63.46
C ARG F 155 -12.52 16.17 62.43
N ILE F 156 -12.30 17.40 62.88
CA ILE F 156 -12.28 18.57 62.01
C ILE F 156 -10.88 19.01 61.65
N LEU F 157 -10.67 19.22 60.36
CA LEU F 157 -9.43 19.79 59.85
C LEU F 157 -9.80 21.04 59.05
N ALA F 158 -8.99 22.07 59.14
CA ALA F 158 -9.30 23.34 58.50
C ALA F 158 -8.07 23.92 57.83
N ALA F 159 -8.30 24.73 56.80
CA ALA F 159 -7.22 25.36 56.06
C ALA F 159 -7.66 26.74 55.58
N THR F 160 -6.71 27.64 55.49
CA THR F 160 -6.96 28.97 54.96
C THR F 160 -5.70 29.57 54.35
N ASN F 161 -5.88 30.39 53.32
CA ASN F 161 -4.76 31.06 52.68
C ASN F 161 -4.53 32.45 53.25
N ARG F 162 -5.35 32.81 54.24
CA ARG F 162 -5.29 34.12 54.89
C ARG F 162 -5.04 33.93 56.38
N ASN F 163 -4.69 35.01 57.07
CA ASN F 163 -4.49 34.94 58.52
C ASN F 163 -5.79 35.27 59.23
N ILE F 164 -6.38 34.27 59.88
CA ILE F 164 -7.74 34.38 60.38
C ILE F 164 -7.90 35.30 61.59
N LYS F 165 -6.91 35.32 62.47
CA LYS F 165 -6.99 36.16 63.67
C LYS F 165 -7.19 37.60 63.25
N GLU F 166 -6.53 37.99 62.16
CA GLU F 166 -6.66 39.33 61.61
C GLU F 166 -8.02 39.56 60.95
N LEU F 167 -8.47 38.57 60.18
CA LEU F 167 -9.68 38.69 59.38
C LEU F 167 -10.94 38.97 60.18
N VAL F 168 -11.02 38.40 61.37
CA VAL F 168 -12.16 38.59 62.24
C VAL F 168 -12.26 40.06 62.62
N LYS F 169 -11.12 40.64 62.97
CA LYS F 169 -11.05 42.05 63.37
C LYS F 169 -11.50 42.95 62.23
N GLU F 170 -11.43 42.45 61.00
CA GLU F 170 -11.91 43.20 59.84
C GLU F 170 -13.40 42.91 59.61
N GLY F 171 -13.98 42.07 60.46
CA GLY F 171 -15.39 41.76 60.38
C GLY F 171 -15.73 40.89 59.18
N LYS F 172 -14.70 40.31 58.57
CA LYS F 172 -14.90 39.46 57.40
C LYS F 172 -15.13 37.99 57.77
N PHE F 173 -14.93 37.67 59.04
CA PHE F 173 -15.16 36.32 59.54
C PHE F 173 -15.77 36.32 60.94
N ARG F 174 -16.74 35.43 61.14
CA ARG F 174 -17.46 35.34 62.41
C ARG F 174 -16.51 35.00 63.56
N GLU F 175 -16.61 35.76 64.64
CA GLU F 175 -15.76 35.55 65.80
C GLU F 175 -16.07 34.23 66.50
N ASP F 176 -17.35 33.90 66.60
CA ASP F 176 -17.77 32.70 67.32
C ASP F 176 -17.38 31.40 66.63
N LEU F 177 -17.27 31.41 65.30
CA LEU F 177 -16.88 30.20 64.59
C LEU F 177 -15.40 29.89 64.75
N TYR F 178 -14.58 30.94 64.79
CA TYR F 178 -13.13 30.78 64.95
C TYR F 178 -12.80 29.97 66.20
N TYR F 179 -13.53 30.25 67.27
CA TYR F 179 -13.28 29.64 68.56
C TYR F 179 -13.55 28.14 68.54
N ARG F 180 -14.29 27.69 67.54
CA ARG F 180 -14.53 26.25 67.37
C ARG F 180 -13.36 25.53 66.70
N LEU F 181 -12.83 26.11 65.63
CA LEU F 181 -11.69 25.54 64.89
C LEU F 181 -10.29 25.86 65.44
N GLY F 182 -10.15 26.99 66.12
CA GLY F 182 -8.85 27.57 66.39
C GLY F 182 -8.12 27.08 67.64
N VAL F 183 -8.40 25.86 68.06
CA VAL F 183 -7.72 25.30 69.23
C VAL F 183 -6.19 25.39 69.12
N ILE F 184 -5.62 24.74 68.12
CA ILE F 184 -4.18 24.87 67.85
C ILE F 184 -3.95 25.46 66.46
N GLU F 185 -3.07 26.45 66.36
CA GLU F 185 -2.82 27.12 65.09
C GLU F 185 -1.36 26.90 64.70
N ILE F 186 -1.17 26.22 63.57
CA ILE F 186 0.16 25.91 63.05
C ILE F 186 0.35 26.46 61.63
N GLU F 187 1.33 27.33 61.46
CA GLU F 187 1.60 27.94 60.17
C GLU F 187 2.63 27.13 59.41
N ILE F 188 2.80 27.44 58.13
CA ILE F 188 3.81 26.81 57.29
C ILE F 188 4.50 27.89 56.45
N PRO F 189 5.84 27.84 56.33
CA PRO F 189 6.45 28.85 55.47
C PRO F 189 6.16 28.51 54.03
N PRO F 190 6.12 29.50 53.11
CA PRO F 190 5.72 29.00 51.80
C PRO F 190 6.76 28.09 51.14
N LEU F 191 7.92 28.66 50.82
CA LEU F 191 9.03 27.92 50.24
C LEU F 191 10.36 28.56 50.64
N ARG F 192 10.40 29.88 50.46
CA ARG F 192 11.59 30.72 50.66
C ARG F 192 12.28 30.60 52.00
N GLU F 193 11.56 30.14 53.01
CA GLU F 193 12.16 29.87 54.31
C GLU F 193 12.48 28.38 54.44
N ARG F 194 12.14 27.61 53.40
CA ARG F 194 12.58 26.24 53.28
C ARG F 194 13.46 26.08 52.03
N LYS F 195 14.77 26.15 52.25
CA LYS F 195 15.73 26.09 51.15
C LYS F 195 15.99 24.66 50.72
N GLU F 196 15.97 23.77 51.71
CA GLU F 196 16.33 22.36 51.54
C GLU F 196 15.31 21.50 50.79
N ASP F 197 14.05 21.90 50.81
CA ASP F 197 12.98 21.07 50.25
C ASP F 197 12.83 21.16 48.74
N ILE F 198 13.37 22.22 48.13
CA ILE F 198 13.14 22.49 46.72
C ILE F 198 13.61 21.37 45.79
N ILE F 199 14.89 21.06 45.87
CA ILE F 199 15.52 20.12 44.94
C ILE F 199 15.05 18.68 45.08
N PRO F 200 14.97 18.15 46.32
CA PRO F 200 14.51 16.76 46.49
C PRO F 200 13.16 16.49 45.86
N LEU F 201 12.28 17.48 45.95
CA LEU F 201 10.93 17.39 45.39
C LEU F 201 10.92 17.21 43.88
N ALA F 202 11.66 18.07 43.18
CA ALA F 202 11.67 18.06 41.73
C ALA F 202 12.06 16.69 41.15
N ASN F 203 13.07 16.08 41.76
CA ASN F 203 13.55 14.76 41.34
C ASN F 203 12.53 13.67 41.61
N HIS F 204 11.81 13.79 42.72
CA HIS F 204 10.83 12.79 43.11
C HIS F 204 9.75 12.69 42.01
N PHE F 205 9.31 13.83 41.50
CA PHE F 205 8.34 13.86 40.40
C PHE F 205 8.89 13.35 39.09
N LEU F 206 10.15 13.65 38.82
CA LEU F 206 10.76 13.18 37.60
C LEU F 206 10.61 11.66 37.57
N LYS F 207 10.81 11.03 38.72
CA LYS F 207 10.68 9.58 38.82
C LYS F 207 9.29 9.11 38.42
N LYS F 208 8.24 9.74 38.96
CA LYS F 208 6.87 9.36 38.63
C LYS F 208 6.52 9.69 37.18
N PHE F 209 6.83 10.90 36.75
CA PHE F 209 6.43 11.37 35.41
C PHE F 209 7.22 10.67 34.30
N SER F 210 8.49 10.38 34.53
CA SER F 210 9.28 9.62 33.57
C SER F 210 8.69 8.23 33.41
N ARG F 211 8.23 7.68 34.52
CA ARG F 211 7.57 6.37 34.55
C ARG F 211 6.19 6.37 33.89
N LYS F 212 5.36 7.34 34.28
CA LYS F 212 3.97 7.40 33.81
C LYS F 212 3.85 7.47 32.28
N TYR F 213 4.60 8.40 31.67
CA TYR F 213 4.53 8.63 30.24
C TYR F 213 5.60 7.86 29.45
N ALA F 214 6.22 6.89 30.11
CA ALA F 214 7.30 6.10 29.51
C ALA F 214 8.31 6.92 28.72
N LYS F 215 9.19 7.61 29.45
CA LYS F 215 10.23 8.44 28.85
C LYS F 215 11.62 7.89 29.17
N GLU F 216 12.64 8.50 28.57
CA GLU F 216 14.01 8.04 28.70
C GLU F 216 14.74 8.86 29.77
N VAL F 217 14.00 9.76 30.41
CA VAL F 217 14.58 10.72 31.33
C VAL F 217 15.05 10.05 32.63
N GLU F 218 16.16 10.54 33.18
CA GLU F 218 16.76 10.03 34.40
C GLU F 218 16.84 11.12 35.48
N GLY F 219 17.52 12.21 35.17
CA GLY F 219 17.72 13.29 36.15
C GLY F 219 17.94 14.64 35.47
N PHE F 220 18.27 15.66 36.27
CA PHE F 220 18.46 17.00 35.75
C PHE F 220 19.94 17.38 35.68
N THR F 221 20.28 18.14 34.65
CA THR F 221 21.61 18.71 34.49
C THR F 221 21.84 19.84 35.49
N LYS F 222 23.12 20.17 35.69
CA LYS F 222 23.51 21.22 36.61
C LYS F 222 22.92 22.55 36.15
N SER F 223 22.81 22.73 34.84
CA SER F 223 22.28 23.97 34.28
C SER F 223 20.81 24.17 34.65
N ALA F 224 20.06 23.07 34.73
CA ALA F 224 18.66 23.14 35.11
C ALA F 224 18.54 23.57 36.57
N GLN F 225 19.37 23.00 37.42
CA GLN F 225 19.36 23.29 38.85
C GLN F 225 19.59 24.77 39.15
N GLU F 226 20.43 25.43 38.36
CA GLU F 226 20.77 26.83 38.61
C GLU F 226 19.52 27.69 38.58
N LEU F 227 18.58 27.38 37.69
CA LEU F 227 17.32 28.10 37.64
C LEU F 227 16.54 27.83 38.92
N LEU F 228 16.52 26.57 39.36
CA LEU F 228 15.80 26.16 40.57
C LEU F 228 16.27 26.95 41.79
N LEU F 229 17.56 27.22 41.87
CA LEU F 229 18.13 28.00 42.98
C LEU F 229 17.77 29.47 42.81
N SER F 230 17.33 29.86 41.61
CA SER F 230 16.91 31.23 41.42
C SER F 230 15.47 31.09 41.84
N TYR F 231 15.20 31.61 43.03
CA TYR F 231 14.04 31.21 43.81
C TYR F 231 12.61 31.56 43.41
N PRO F 232 12.35 32.75 42.85
CA PRO F 232 11.06 33.34 43.24
C PRO F 232 9.81 32.60 42.74
N TRP F 233 9.42 31.59 43.53
CA TRP F 233 8.18 30.85 43.33
C TRP F 233 7.04 31.57 44.04
N TYR F 234 6.21 32.26 43.28
CA TYR F 234 5.04 32.95 43.83
C TYR F 234 3.88 31.96 44.05
N GLY F 235 3.87 30.88 43.28
CA GLY F 235 2.87 29.83 43.41
C GLY F 235 3.32 28.68 44.29
N ASN F 236 4.54 28.77 44.79
CA ASN F 236 5.09 27.78 45.70
C ASN F 236 5.11 26.36 45.11
N VAL F 237 4.80 25.35 45.93
CA VAL F 237 4.95 23.96 45.52
C VAL F 237 3.97 23.59 44.40
N ARG F 238 2.79 24.19 44.43
CA ARG F 238 1.75 23.87 43.45
C ARG F 238 2.22 24.17 42.04
N GLU F 239 2.96 25.25 41.89
CA GLU F 239 3.52 25.63 40.60
C GLU F 239 4.59 24.63 40.16
N LEU F 240 5.38 24.17 41.12
CA LEU F 240 6.45 23.24 40.84
C LEU F 240 5.96 21.93 40.21
N LYS F 241 5.00 21.27 40.84
CA LYS F 241 4.47 20.01 40.31
C LYS F 241 4.03 20.14 38.85
N ASN F 242 3.37 21.24 38.52
CA ASN F 242 2.90 21.48 37.16
C ASN F 242 4.03 21.75 36.17
N VAL F 243 5.01 22.56 36.58
CA VAL F 243 6.14 22.90 35.72
C VAL F 243 6.96 21.64 35.36
N ILE F 244 7.17 20.76 36.34
CA ILE F 244 7.86 19.50 36.10
C ILE F 244 7.04 18.60 35.21
N GLU F 245 5.74 18.53 35.48
CA GLU F 245 4.83 17.72 34.67
C GLU F 245 4.87 18.23 33.23
N ARG F 246 4.96 19.56 33.11
CA ARG F 246 5.07 20.23 31.82
C ARG F 246 6.42 19.91 31.16
N ALA F 247 7.50 19.98 31.94
CA ALA F 247 8.85 19.80 31.44
C ALA F 247 9.10 18.38 30.90
N VAL F 248 8.63 17.37 31.63
CA VAL F 248 8.88 15.97 31.26
C VAL F 248 8.30 15.63 29.89
N LEU F 249 7.11 16.17 29.59
CA LEU F 249 6.44 15.91 28.32
C LEU F 249 7.22 16.48 27.14
N PHE F 250 7.85 17.63 27.38
CA PHE F 250 8.61 18.33 26.34
C PHE F 250 10.10 17.95 26.33
N SER F 251 10.48 17.03 27.22
CA SER F 251 11.87 16.59 27.30
C SER F 251 12.29 15.93 25.99
N GLU F 252 13.57 16.04 25.65
CA GLU F 252 14.09 15.46 24.43
C GLU F 252 15.08 14.35 24.76
N GLY F 253 16.15 14.69 25.44
CA GLY F 253 17.16 13.72 25.82
C GLY F 253 16.77 12.96 27.08
N LYS F 254 17.75 12.30 27.68
CA LYS F 254 17.54 11.55 28.91
C LYS F 254 17.74 12.46 30.11
N PHE F 255 18.31 13.64 29.86
CA PHE F 255 18.54 14.64 30.90
C PHE F 255 17.91 15.94 30.42
N ILE F 256 17.55 16.80 31.37
CA ILE F 256 16.87 18.06 31.08
C ILE F 256 17.75 19.28 31.32
N ASP F 257 17.88 20.13 30.31
CA ASP F 257 18.67 21.34 30.41
C ASP F 257 17.77 22.50 30.82
N ARG F 258 18.35 23.68 31.00
CA ARG F 258 17.61 24.87 31.42
C ARG F 258 16.59 25.32 30.37
N GLY F 259 16.79 24.95 29.11
CA GLY F 259 15.96 25.45 28.02
C GLY F 259 14.47 25.14 28.10
N GLU F 260 14.08 23.94 28.48
CA GLU F 260 12.65 23.63 28.60
C GLU F 260 12.02 24.29 29.82
N LEU F 261 12.81 24.55 30.86
CA LEU F 261 12.31 25.23 32.05
C LEU F 261 12.30 26.75 31.86
N SER F 262 13.31 27.26 31.15
CA SER F 262 13.45 28.68 30.87
C SER F 262 12.26 29.19 30.05
N CYS F 263 11.71 28.30 29.23
CA CYS F 263 10.64 28.61 28.28
C CYS F 263 9.30 28.98 28.91
N LEU F 264 9.09 28.62 30.17
CA LEU F 264 7.83 28.95 30.83
C LEU F 264 7.91 30.35 31.42
N VAL F 265 8.78 30.54 32.42
CA VAL F 265 8.83 31.78 33.18
C VAL F 265 10.16 32.50 32.95
N GLU G 19 63.12 29.82 -19.41
CA GLU G 19 62.14 29.42 -18.43
C GLU G 19 61.01 28.59 -19.06
N TYR G 20 61.04 28.46 -20.38
CA TYR G 20 60.02 27.70 -21.10
C TYR G 20 60.31 26.20 -21.07
N VAL G 21 59.35 25.42 -21.58
CA VAL G 21 59.40 23.95 -21.54
C VAL G 21 59.71 23.31 -22.89
N PHE G 22 60.80 22.55 -22.95
CA PHE G 22 61.01 21.63 -24.06
C PHE G 22 61.31 20.24 -23.49
N GLU G 23 60.33 19.35 -23.61
CA GLU G 23 60.47 17.95 -23.20
C GLU G 23 60.14 17.02 -24.37
N SER G 24 60.10 15.72 -24.11
CA SER G 24 59.80 14.72 -25.14
C SER G 24 60.90 14.62 -26.19
N PRO G 25 61.02 13.46 -26.85
CA PRO G 25 61.99 13.40 -27.96
C PRO G 25 61.72 14.42 -29.08
N LYS G 26 60.46 14.59 -29.49
CA LYS G 26 60.15 15.48 -30.61
C LYS G 26 60.50 16.96 -30.40
N MET G 27 60.08 17.56 -29.28
CA MET G 27 60.30 19.00 -29.06
C MET G 27 61.76 19.30 -28.78
N LYS G 28 62.44 18.34 -28.15
CA LYS G 28 63.86 18.49 -27.85
C LYS G 28 64.71 18.51 -29.13
N GLU G 29 64.29 17.77 -30.14
CA GLU G 29 65.00 17.70 -31.42
C GLU G 29 64.99 19.05 -32.14
N ILE G 30 63.87 19.76 -32.05
CA ILE G 30 63.73 21.06 -32.70
C ILE G 30 64.75 22.08 -32.17
N LEU G 31 65.00 22.06 -30.87
CA LEU G 31 65.95 23.01 -30.28
C LEU G 31 67.34 22.87 -30.88
N GLU G 32 67.75 21.64 -31.18
CA GLU G 32 69.06 21.40 -31.76
C GLU G 32 69.19 22.00 -33.16
N LYS G 33 68.18 21.79 -33.99
CA LYS G 33 68.18 22.32 -35.36
C LYS G 33 68.22 23.86 -35.41
N ILE G 34 67.41 24.51 -34.58
CA ILE G 34 67.31 25.97 -34.55
C ILE G 34 68.60 26.67 -34.09
N LYS G 35 69.24 26.13 -33.06
CA LYS G 35 70.45 26.74 -32.51
C LYS G 35 71.54 26.77 -33.59
N LYS G 36 71.47 25.80 -34.50
CA LYS G 36 72.42 25.70 -35.59
C LYS G 36 72.22 26.82 -36.63
N ILE G 37 70.96 27.24 -36.81
CA ILE G 37 70.62 28.25 -37.81
C ILE G 37 70.57 29.68 -37.25
N SER G 38 70.92 29.85 -35.98
CA SER G 38 70.91 31.15 -35.33
C SER G 38 71.65 32.24 -36.11
N CYS G 39 72.71 31.85 -36.82
CA CYS G 39 73.55 32.79 -37.56
C CYS G 39 73.08 33.11 -38.99
N ALA G 40 72.12 32.35 -39.50
CA ALA G 40 71.74 32.44 -40.92
C ALA G 40 70.92 33.67 -41.33
N GLU G 41 71.21 34.15 -42.54
CA GLU G 41 70.54 35.29 -43.17
C GLU G 41 69.46 34.88 -44.18
N CYS G 42 69.06 33.61 -44.19
CA CYS G 42 68.29 33.04 -45.30
C CYS G 42 66.82 32.77 -44.93
N PRO G 43 65.94 32.72 -45.93
CA PRO G 43 64.49 32.59 -45.64
C PRO G 43 64.15 31.42 -44.74
N VAL G 44 63.13 31.60 -43.91
CA VAL G 44 62.68 30.57 -42.98
C VAL G 44 61.17 30.40 -43.07
N LEU G 45 60.74 29.14 -43.06
CA LEU G 45 59.31 28.82 -43.07
C LEU G 45 58.96 27.98 -41.84
N ILE G 46 58.15 28.53 -40.93
CA ILE G 46 57.73 27.79 -39.73
C ILE G 46 56.29 27.31 -39.97
N THR G 47 56.04 26.04 -39.68
CA THR G 47 54.72 25.45 -39.89
C THR G 47 54.26 24.69 -38.66
N GLY G 48 52.95 24.47 -38.56
CA GLY G 48 52.36 23.70 -37.47
C GLY G 48 50.96 24.21 -37.27
N GLU G 49 50.17 23.57 -36.41
CA GLU G 49 48.85 24.07 -36.09
C GLU G 49 49.00 25.39 -35.34
N SER G 50 48.00 26.26 -35.35
CA SER G 50 48.12 27.53 -34.62
C SER G 50 47.93 27.22 -33.14
N GLY G 51 48.79 27.79 -32.30
CA GLY G 51 48.72 27.59 -30.88
C GLY G 51 49.63 26.47 -30.39
N VAL G 52 50.59 26.10 -31.22
CA VAL G 52 51.58 25.08 -30.85
C VAL G 52 52.85 25.76 -30.29
N GLY G 53 52.88 27.09 -30.31
CA GLY G 53 54.00 27.87 -29.81
C GLY G 53 54.94 28.43 -30.85
N LYS G 54 54.48 28.50 -32.10
CA LYS G 54 55.29 29.02 -33.22
C LYS G 54 55.76 30.46 -33.02
N GLU G 55 54.96 31.28 -32.35
CA GLU G 55 55.31 32.69 -32.14
C GLU G 55 56.53 32.82 -31.24
N VAL G 56 56.61 31.96 -30.23
CA VAL G 56 57.77 31.95 -29.34
C VAL G 56 59.01 31.57 -30.15
N VAL G 57 58.86 30.55 -31.00
CA VAL G 57 59.95 30.06 -31.84
C VAL G 57 60.49 31.18 -32.73
N ALA G 58 59.58 31.91 -33.36
CA ALA G 58 59.96 33.03 -34.23
C ALA G 58 60.74 34.04 -33.39
N ARG G 59 60.23 34.28 -32.18
CA ARG G 59 60.87 35.19 -31.23
C ARG G 59 62.21 34.67 -30.74
N LEU G 60 62.34 33.34 -30.66
CA LEU G 60 63.56 32.72 -30.15
C LEU G 60 64.73 32.80 -31.14
N ILE G 61 64.45 32.56 -32.42
CA ILE G 61 65.48 32.61 -33.47
C ILE G 61 66.22 33.94 -33.45
N HIS G 62 65.48 35.00 -33.21
CA HIS G 62 66.03 36.35 -33.14
C HIS G 62 66.98 36.50 -31.96
N LYS G 63 66.55 35.99 -30.81
CA LYS G 63 67.30 36.12 -29.56
C LYS G 63 68.64 35.35 -29.59
N LEU G 64 68.70 34.26 -30.33
CA LEU G 64 69.92 33.44 -30.39
C LEU G 64 70.88 33.92 -31.49
N SER G 65 70.41 34.84 -32.32
CA SER G 65 71.22 35.34 -33.43
C SER G 65 72.10 36.50 -32.97
N ASP G 66 72.89 37.03 -33.90
CA ASP G 66 73.78 38.16 -33.62
C ASP G 66 73.02 39.49 -33.56
N ARG G 67 71.77 39.46 -34.04
CA ARG G 67 70.92 40.65 -34.11
C ARG G 67 69.98 40.77 -32.91
N SER G 68 70.21 39.96 -31.88
CA SER G 68 69.29 39.85 -30.75
C SER G 68 69.02 41.19 -30.08
N LYS G 69 69.95 42.12 -30.25
CA LYS G 69 69.83 43.46 -29.66
C LYS G 69 69.14 44.43 -30.62
N GLU G 70 68.90 43.99 -31.85
CA GLU G 70 68.28 44.85 -32.86
C GLU G 70 66.75 44.69 -32.84
N PRO G 71 66.03 45.50 -33.64
CA PRO G 71 64.57 45.46 -33.55
C PRO G 71 63.92 44.15 -33.99
N PHE G 72 62.85 43.79 -33.30
CA PHE G 72 62.01 42.66 -33.69
C PHE G 72 60.61 43.20 -33.95
N VAL G 73 60.21 43.18 -35.22
CA VAL G 73 58.96 43.77 -35.64
C VAL G 73 57.93 42.68 -35.93
N ALA G 74 56.85 42.66 -35.15
CA ALA G 74 55.79 41.68 -35.31
C ALA G 74 54.66 42.23 -36.17
N LEU G 75 54.24 41.46 -37.16
CA LEU G 75 53.22 41.87 -38.13
C LEU G 75 52.25 40.74 -38.43
N ASN G 76 50.96 41.05 -38.38
CA ASN G 76 49.95 40.14 -38.89
C ASN G 76 49.70 40.45 -40.36
N VAL G 77 50.28 39.64 -41.24
CA VAL G 77 50.16 39.88 -42.66
C VAL G 77 48.73 39.54 -43.06
N ALA G 78 48.32 40.02 -44.23
CA ALA G 78 46.97 39.80 -44.80
C ALA G 78 45.97 40.74 -44.13
N SER G 79 46.31 41.26 -42.96
CA SER G 79 45.43 42.20 -42.27
C SER G 79 45.65 43.57 -42.88
N ILE G 80 46.70 43.67 -43.69
CA ILE G 80 47.01 44.88 -44.42
C ILE G 80 46.10 44.96 -45.65
N PRO G 81 45.40 46.09 -45.85
CA PRO G 81 44.60 46.23 -47.07
C PRO G 81 45.47 46.22 -48.32
N ARG G 82 44.99 45.63 -49.41
CA ARG G 82 45.80 45.46 -50.60
C ARG G 82 46.28 46.80 -51.14
N ASP G 83 45.46 47.83 -50.97
CA ASP G 83 45.73 49.12 -51.58
C ASP G 83 46.96 49.80 -50.98
N ILE G 84 47.11 49.73 -49.66
CA ILE G 84 48.27 50.32 -49.00
C ILE G 84 49.38 49.30 -48.73
N PHE G 85 49.16 48.05 -49.11
CA PHE G 85 50.12 46.99 -48.83
C PHE G 85 51.54 47.36 -49.24
N GLU G 86 51.70 47.74 -50.50
CA GLU G 86 53.02 48.13 -51.00
C GLU G 86 53.52 49.41 -50.33
N ALA G 87 52.63 50.39 -50.18
CA ALA G 87 53.01 51.70 -49.66
C ALA G 87 53.40 51.69 -48.19
N GLU G 88 52.61 51.01 -47.36
CA GLU G 88 52.84 51.02 -45.92
C GLU G 88 54.03 50.14 -45.56
N LEU G 89 54.40 49.25 -46.48
CA LEU G 89 55.45 48.26 -46.26
C LEU G 89 56.83 48.79 -46.70
N PHE G 90 56.94 49.17 -47.96
CA PHE G 90 58.22 49.63 -48.51
C PHE G 90 58.50 51.09 -48.13
N GLY G 91 57.44 51.86 -47.94
CA GLY G 91 57.55 53.27 -47.57
C GLY G 91 57.33 54.22 -48.74
N TYR G 92 57.39 55.52 -48.46
CA TYR G 92 57.20 56.54 -49.49
C TYR G 92 57.95 57.82 -49.11
N GLU G 93 58.25 58.64 -50.11
CA GLU G 93 58.91 59.92 -49.87
C GLU G 93 57.91 61.06 -49.88
N LYS G 94 58.38 62.26 -49.51
CA LYS G 94 57.53 63.45 -49.44
C LYS G 94 56.80 63.73 -50.75
N GLY G 95 55.47 63.89 -50.69
CA GLY G 95 54.71 64.03 -51.91
C GLY G 95 54.61 62.67 -52.57
N ALA G 96 54.71 62.65 -53.90
CA ALA G 96 54.83 61.38 -54.60
C ALA G 96 53.61 60.47 -54.42
N PHE G 97 52.64 60.69 -55.30
CA PHE G 97 51.32 60.04 -55.32
C PHE G 97 50.41 60.38 -54.15
N THR G 98 50.05 61.66 -54.09
CA THR G 98 49.09 62.23 -53.14
C THR G 98 48.97 61.53 -51.78
N GLY G 99 50.02 61.58 -50.97
CA GLY G 99 49.93 61.02 -49.64
C GLY G 99 50.71 61.84 -48.64
N ALA G 100 50.11 62.02 -47.47
CA ALA G 100 50.72 62.76 -46.37
C ALA G 100 51.28 64.10 -46.85
N VAL G 101 52.40 64.51 -46.26
CA VAL G 101 53.28 65.53 -46.82
C VAL G 101 54.69 64.94 -46.80
N SER G 102 55.08 64.50 -45.60
CA SER G 102 56.44 64.07 -45.29
C SER G 102 56.73 62.63 -45.68
N SER G 103 58.01 62.33 -45.85
CA SER G 103 58.45 60.97 -46.18
C SER G 103 58.29 60.06 -44.97
N LYS G 104 58.06 58.78 -45.22
CA LYS G 104 57.81 57.80 -44.16
C LYS G 104 58.52 56.48 -44.40
N GLU G 105 59.13 55.96 -43.34
CA GLU G 105 59.81 54.67 -43.37
C GLU G 105 58.82 53.52 -43.50
N GLY G 106 59.30 52.40 -44.04
CA GLY G 106 58.52 51.18 -44.13
C GLY G 106 58.87 50.20 -43.03
N PHE G 107 58.11 49.12 -42.93
CA PHE G 107 58.35 48.12 -41.90
C PHE G 107 59.68 47.40 -42.13
N PHE G 108 60.07 47.27 -43.39
CA PHE G 108 61.33 46.62 -43.73
C PHE G 108 62.53 47.43 -43.26
N GLU G 109 62.50 48.74 -43.46
CA GLU G 109 63.58 49.61 -43.03
C GLU G 109 63.66 49.72 -41.51
N LEU G 110 62.52 49.61 -40.83
CA LEU G 110 62.50 49.62 -39.38
C LEU G 110 63.19 48.38 -38.84
N ALA G 111 63.11 47.31 -39.63
CA ALA G 111 63.69 46.02 -39.26
C ALA G 111 65.10 45.90 -39.86
N ASP G 112 65.57 46.96 -40.51
CA ASP G 112 66.88 46.96 -41.14
C ASP G 112 67.96 46.60 -40.12
N GLY G 113 68.75 45.59 -40.46
CA GLY G 113 69.77 45.09 -39.56
C GLY G 113 69.19 44.11 -38.55
N GLY G 114 67.86 44.08 -38.46
CA GLY G 114 67.14 43.23 -37.52
C GLY G 114 66.43 42.08 -38.22
N THR G 115 65.37 41.59 -37.60
CA THR G 115 64.57 40.48 -38.13
C THR G 115 63.08 40.83 -38.15
N LEU G 116 62.41 40.46 -39.25
CA LEU G 116 60.99 40.75 -39.45
C LEU G 116 60.14 39.47 -39.45
N PHE G 117 59.14 39.41 -38.56
CA PHE G 117 58.30 38.21 -38.39
C PHE G 117 56.86 38.37 -38.92
N LEU G 118 56.52 37.60 -39.95
CA LEU G 118 55.18 37.61 -40.56
C LEU G 118 54.33 36.38 -40.20
N ASP G 119 53.30 36.55 -39.37
CA ASP G 119 52.45 35.43 -38.97
C ASP G 119 51.26 35.24 -39.92
N GLU G 120 50.91 33.97 -40.15
CA GLU G 120 49.77 33.59 -41.00
C GLU G 120 49.93 34.06 -42.45
N ILE G 121 51.12 33.89 -42.99
CA ILE G 121 51.40 34.26 -44.38
C ILE G 121 50.57 33.49 -45.41
N GLY G 122 50.18 32.27 -45.09
CA GLY G 122 49.55 31.41 -46.08
C GLY G 122 48.19 31.88 -46.57
N GLU G 123 47.60 32.84 -45.87
CA GLU G 123 46.30 33.37 -46.23
C GLU G 123 46.39 34.64 -47.09
N LEU G 124 47.61 35.02 -47.46
CA LEU G 124 47.82 36.24 -48.23
C LEU G 124 47.22 36.15 -49.62
N SER G 125 46.73 37.29 -50.11
CA SER G 125 46.10 37.37 -51.43
C SER G 125 47.11 37.29 -52.57
N LEU G 126 46.69 36.66 -53.66
CA LEU G 126 47.53 36.43 -54.82
C LEU G 126 48.20 37.70 -55.31
N GLU G 127 47.44 38.80 -55.28
CA GLU G 127 47.90 40.10 -55.74
C GLU G 127 49.06 40.68 -54.92
N ALA G 128 49.03 40.48 -53.61
CA ALA G 128 50.04 41.05 -52.73
C ALA G 128 51.36 40.30 -52.79
N GLN G 129 51.28 38.98 -52.97
CA GLN G 129 52.47 38.14 -53.02
C GLN G 129 53.41 38.57 -54.14
N ALA G 130 52.84 38.91 -55.29
CA ALA G 130 53.62 39.27 -56.47
C ALA G 130 54.42 40.56 -56.23
N LYS G 131 53.86 41.46 -55.43
CA LYS G 131 54.50 42.74 -55.15
C LYS G 131 55.67 42.52 -54.21
N LEU G 132 55.55 41.51 -53.36
CA LEU G 132 56.59 41.19 -52.40
C LEU G 132 57.68 40.33 -53.05
N LEU G 133 57.39 39.84 -54.26
CA LEU G 133 58.21 38.83 -54.92
C LEU G 133 59.62 39.29 -55.32
N ARG G 134 59.69 40.34 -56.12
CA ARG G 134 60.95 40.82 -56.68
C ARG G 134 61.90 41.33 -55.59
N VAL G 135 61.31 41.73 -54.46
CA VAL G 135 62.06 42.32 -53.35
C VAL G 135 62.87 41.27 -52.58
N ILE G 136 62.32 40.07 -52.43
CA ILE G 136 62.91 39.02 -51.60
C ILE G 136 64.33 38.62 -51.98
N GLU G 137 64.53 38.25 -53.25
CA GLU G 137 65.79 37.66 -53.67
C GLU G 137 66.88 38.73 -53.80
N SER G 138 66.53 39.87 -54.37
CA SER G 138 67.51 40.92 -54.63
C SER G 138 67.76 41.75 -53.38
N GLY G 139 66.77 41.77 -52.48
CA GLY G 139 66.84 42.56 -51.26
C GLY G 139 66.86 44.06 -51.52
N LYS G 140 66.41 44.44 -52.71
CA LYS G 140 66.39 45.83 -53.14
C LYS G 140 64.98 46.20 -53.60
N PHE G 141 64.64 47.47 -53.49
CA PHE G 141 63.33 47.97 -53.90
C PHE G 141 63.30 49.48 -54.01
N TYR G 142 62.15 49.99 -54.45
CA TYR G 142 61.90 51.42 -54.48
C TYR G 142 60.78 51.76 -53.53
N ARG G 143 60.97 52.84 -52.78
CA ARG G 143 59.90 53.38 -51.95
C ARG G 143 58.78 53.76 -52.89
N LEU G 144 57.55 53.75 -52.42
CA LEU G 144 56.46 54.15 -53.30
C LEU G 144 56.59 55.63 -53.57
N GLY G 145 56.72 55.97 -54.84
CA GLY G 145 56.93 57.35 -55.23
C GLY G 145 58.37 57.83 -55.08
N GLY G 146 59.23 56.98 -54.51
CA GLY G 146 60.64 57.30 -54.40
C GLY G 146 61.36 56.90 -55.68
N ARG G 147 62.32 57.70 -56.10
CA ARG G 147 63.06 57.43 -57.32
C ARG G 147 64.45 56.81 -57.08
N LYS G 148 64.82 56.65 -55.81
CA LYS G 148 66.12 56.07 -55.44
C LYS G 148 65.98 54.66 -54.88
N GLU G 149 66.66 53.70 -55.53
CA GLU G 149 66.65 52.31 -55.10
C GLU G 149 67.30 52.15 -53.72
N ILE G 150 66.62 51.45 -52.83
CA ILE G 150 67.10 51.25 -51.45
C ILE G 150 67.63 49.82 -51.24
N GLU G 151 68.70 49.70 -50.47
CA GLU G 151 69.25 48.39 -50.13
C GLU G 151 69.30 48.26 -48.61
N VAL G 152 68.75 47.15 -48.12
CA VAL G 152 68.68 46.88 -46.68
C VAL G 152 69.09 45.46 -46.33
N ASN G 153 69.48 45.25 -45.08
CA ASN G 153 69.85 43.93 -44.57
C ASN G 153 68.79 43.48 -43.58
N VAL G 154 67.96 42.52 -43.99
CA VAL G 154 66.82 42.08 -43.19
C VAL G 154 66.66 40.55 -43.18
N ARG G 155 66.49 39.99 -41.99
CA ARG G 155 66.19 38.57 -41.82
C ARG G 155 64.68 38.34 -41.90
N ILE G 156 64.25 37.39 -42.74
CA ILE G 156 62.83 37.16 -42.96
C ILE G 156 62.32 35.91 -42.24
N LEU G 157 61.23 36.06 -41.50
CA LEU G 157 60.52 34.95 -40.87
C LEU G 157 59.05 34.92 -41.30
N ALA G 158 58.51 33.72 -41.48
CA ALA G 158 57.12 33.55 -41.90
C ALA G 158 56.45 32.42 -41.12
N ALA G 159 55.12 32.49 -40.97
CA ALA G 159 54.37 31.45 -40.28
C ALA G 159 52.94 31.29 -40.82
N THR G 160 52.42 30.07 -40.79
CA THR G 160 51.01 29.82 -41.12
C THR G 160 50.50 28.55 -40.43
N ASN G 161 49.22 28.55 -40.07
CA ASN G 161 48.61 27.38 -39.41
C ASN G 161 47.87 26.45 -40.38
N ARG G 162 47.97 26.75 -41.66
CA ARG G 162 47.23 26.03 -42.67
C ARG G 162 48.23 25.24 -43.50
N ASN G 163 47.72 24.44 -44.42
CA ASN G 163 48.61 23.64 -45.24
C ASN G 163 48.97 24.45 -46.47
N ILE G 164 50.22 24.90 -46.50
CA ILE G 164 50.71 25.80 -47.52
C ILE G 164 50.99 25.00 -48.78
N LYS G 165 51.41 23.77 -48.57
CA LYS G 165 51.75 22.84 -49.64
C LYS G 165 50.54 22.62 -50.56
N GLU G 166 49.35 22.61 -49.98
CA GLU G 166 48.11 22.42 -50.72
C GLU G 166 47.76 23.57 -51.66
N LEU G 167 47.93 24.79 -51.18
CA LEU G 167 47.51 25.98 -51.91
C LEU G 167 48.19 26.08 -53.27
N VAL G 168 49.44 25.62 -53.34
CA VAL G 168 50.20 25.65 -54.59
C VAL G 168 49.56 24.73 -55.62
N LYS G 169 49.21 23.52 -55.17
CA LYS G 169 48.62 22.51 -56.04
C LYS G 169 47.27 22.94 -56.62
N GLU G 170 46.59 23.83 -55.90
CA GLU G 170 45.31 24.36 -56.34
C GLU G 170 45.49 25.66 -57.14
N GLY G 171 46.74 26.05 -57.34
CA GLY G 171 47.04 27.25 -58.09
C GLY G 171 46.73 28.49 -57.28
N LYS G 172 46.51 28.30 -56.00
CA LYS G 172 46.16 29.38 -55.09
C LYS G 172 47.40 30.03 -54.45
N PHE G 173 48.57 29.42 -54.67
CA PHE G 173 49.82 29.97 -54.16
C PHE G 173 50.93 29.79 -55.20
N ARG G 174 51.73 30.85 -55.39
CA ARG G 174 52.78 30.84 -56.40
C ARG G 174 53.83 29.78 -56.08
N GLU G 175 54.14 28.95 -57.07
CA GLU G 175 55.14 27.89 -56.89
C GLU G 175 56.54 28.46 -56.70
N ASP G 176 56.86 29.49 -57.48
CA ASP G 176 58.20 30.06 -57.46
C ASP G 176 58.53 30.74 -56.14
N LEU G 177 57.51 31.27 -55.47
CA LEU G 177 57.71 31.94 -54.19
C LEU G 177 57.96 30.90 -53.09
N TYR G 178 57.25 29.78 -53.16
CA TYR G 178 57.37 28.73 -52.14
C TYR G 178 58.80 28.22 -52.03
N TYR G 179 59.41 27.92 -53.17
CA TYR G 179 60.76 27.35 -53.19
C TYR G 179 61.83 28.36 -52.77
N ARG G 180 61.50 29.64 -52.86
CA ARG G 180 62.42 30.69 -52.43
C ARG G 180 62.40 30.88 -50.91
N LEU G 181 61.19 30.86 -50.35
CA LEU G 181 61.01 30.98 -48.90
C LEU G 181 61.20 29.65 -48.19
N GLY G 182 60.86 28.56 -48.90
CA GLY G 182 60.74 27.25 -48.29
C GLY G 182 62.05 26.50 -48.28
N VAL G 183 63.16 27.24 -48.33
CA VAL G 183 64.49 26.66 -48.24
C VAL G 183 64.57 25.78 -47.00
N ILE G 184 64.28 26.38 -45.86
CA ILE G 184 64.21 25.67 -44.58
C ILE G 184 62.80 25.68 -44.00
N GLU G 185 62.31 24.51 -43.63
CA GLU G 185 61.00 24.39 -42.99
C GLU G 185 61.11 23.70 -41.63
N ILE G 186 60.60 24.37 -40.59
CA ILE G 186 60.62 23.81 -39.23
C ILE G 186 59.19 23.60 -38.77
N GLU G 187 58.81 22.33 -38.63
CA GLU G 187 57.47 21.94 -38.21
C GLU G 187 57.40 21.70 -36.72
N ILE G 188 56.35 22.23 -36.11
CA ILE G 188 56.02 21.90 -34.74
C ILE G 188 54.89 20.87 -34.78
N PRO G 189 55.15 19.64 -34.29
CA PRO G 189 54.05 18.67 -34.31
C PRO G 189 53.02 18.98 -33.25
N PRO G 190 51.80 18.45 -33.37
CA PRO G 190 50.77 18.73 -32.37
C PRO G 190 51.11 18.19 -30.98
N LEU G 191 50.16 18.30 -30.05
CA LEU G 191 50.39 17.89 -28.67
C LEU G 191 50.12 16.40 -28.47
N ARG G 192 49.13 15.90 -29.19
CA ARG G 192 48.72 14.49 -29.07
C ARG G 192 49.86 13.49 -29.32
N GLU G 193 50.88 13.91 -30.05
CA GLU G 193 52.05 13.04 -30.27
C GLU G 193 53.23 13.33 -29.35
N ARG G 194 53.12 14.36 -28.52
CA ARG G 194 54.08 14.57 -27.43
C ARG G 194 53.36 14.52 -26.08
N LYS G 195 53.41 13.36 -25.43
CA LYS G 195 52.72 13.16 -24.16
C LYS G 195 53.50 13.71 -22.97
N GLU G 196 54.82 13.72 -23.10
CA GLU G 196 55.73 14.08 -22.00
C GLU G 196 55.72 15.57 -21.63
N ASP G 197 55.32 16.43 -22.57
CA ASP G 197 55.35 17.88 -22.39
C ASP G 197 54.17 18.43 -21.59
N ILE G 198 53.12 17.65 -21.46
CA ILE G 198 51.85 18.13 -20.90
C ILE G 198 51.96 18.74 -19.49
N ILE G 199 52.41 17.95 -18.52
CA ILE G 199 52.38 18.38 -17.13
C ILE G 199 53.31 19.56 -16.85
N PRO G 200 54.56 19.51 -17.36
CA PRO G 200 55.47 20.65 -17.15
C PRO G 200 54.90 21.97 -17.66
N LEU G 201 54.25 21.93 -18.82
CA LEU G 201 53.58 23.10 -19.39
C LEU G 201 52.43 23.55 -18.52
N ALA G 202 51.59 22.61 -18.12
CA ALA G 202 50.41 22.88 -17.30
C ALA G 202 50.80 23.64 -16.02
N ASN G 203 51.91 23.22 -15.40
CA ASN G 203 52.40 23.86 -14.19
C ASN G 203 52.87 25.30 -14.43
N HIS G 204 53.49 25.54 -15.59
CA HIS G 204 54.00 26.87 -15.92
C HIS G 204 52.86 27.89 -15.93
N PHE G 205 51.72 27.51 -16.50
CA PHE G 205 50.56 28.38 -16.56
C PHE G 205 49.97 28.64 -15.17
N LEU G 206 50.01 27.63 -14.32
CA LEU G 206 49.49 27.76 -12.97
C LEU G 206 50.16 28.89 -12.20
N LYS G 207 51.48 28.97 -12.30
CA LYS G 207 52.24 30.00 -11.62
C LYS G 207 51.84 31.40 -12.10
N LYS G 208 51.71 31.55 -13.42
CA LYS G 208 51.34 32.83 -14.01
C LYS G 208 49.94 33.30 -13.60
N PHE G 209 48.96 32.41 -13.70
CA PHE G 209 47.58 32.77 -13.39
C PHE G 209 47.39 32.93 -11.88
N SER G 210 48.10 32.13 -11.10
CA SER G 210 48.07 32.26 -9.65
C SER G 210 48.62 33.62 -9.24
N ARG G 211 49.66 34.08 -9.94
CA ARG G 211 50.25 35.40 -9.70
C ARG G 211 49.30 36.52 -10.12
N LYS G 212 48.77 36.40 -11.35
CA LYS G 212 47.91 37.41 -11.94
C LYS G 212 46.67 37.69 -11.08
N TYR G 213 45.96 36.61 -10.70
CA TYR G 213 44.74 36.72 -9.91
C TYR G 213 45.05 36.55 -8.42
N ALA G 214 46.34 36.58 -8.09
CA ALA G 214 46.83 36.37 -6.72
C ALA G 214 46.06 35.27 -5.99
N LYS G 215 46.30 34.01 -6.36
CA LYS G 215 45.66 32.87 -5.71
C LYS G 215 46.69 31.92 -5.10
N GLU G 216 46.20 30.91 -4.39
CA GLU G 216 47.03 29.98 -3.65
C GLU G 216 47.28 28.65 -4.37
N VAL G 217 46.81 28.52 -5.62
CA VAL G 217 46.84 27.22 -6.29
C VAL G 217 48.27 26.78 -6.57
N GLU G 218 48.52 25.47 -6.44
CA GLU G 218 49.86 24.90 -6.57
C GLU G 218 50.01 23.87 -7.68
N GLY G 219 49.26 22.76 -7.59
CA GLY G 219 49.43 21.68 -8.55
C GLY G 219 48.20 20.80 -8.75
N PHE G 220 48.37 19.74 -9.54
CA PHE G 220 47.27 18.87 -9.93
C PHE G 220 47.28 17.52 -9.20
N THR G 221 46.10 16.98 -8.92
CA THR G 221 45.99 15.63 -8.39
C THR G 221 46.31 14.64 -9.51
N LYS G 222 46.74 13.43 -9.16
CA LYS G 222 47.10 12.44 -10.17
C LYS G 222 45.88 11.97 -10.97
N SER G 223 44.71 11.92 -10.33
CA SER G 223 43.51 11.47 -11.01
C SER G 223 43.17 12.43 -12.13
N ALA G 224 43.44 13.71 -11.89
CA ALA G 224 43.23 14.74 -12.90
C ALA G 224 44.22 14.61 -14.06
N GLN G 225 45.50 14.40 -13.74
CA GLN G 225 46.56 14.31 -14.74
C GLN G 225 46.35 13.20 -15.76
N GLU G 226 45.75 12.10 -15.32
CA GLU G 226 45.49 10.95 -16.19
C GLU G 226 44.53 11.33 -17.32
N LEU G 227 43.58 12.19 -17.02
CA LEU G 227 42.60 12.64 -18.00
C LEU G 227 43.24 13.41 -19.14
N LEU G 228 44.18 14.30 -18.82
CA LEU G 228 44.89 15.10 -19.82
C LEU G 228 45.51 14.22 -20.90
N LEU G 229 45.95 13.03 -20.50
CA LEU G 229 46.62 12.12 -21.42
C LEU G 229 45.64 11.49 -22.41
N SER G 230 44.38 11.38 -22.01
CA SER G 230 43.35 10.74 -22.83
C SER G 230 42.54 11.69 -23.73
N TYR G 231 42.70 13.00 -23.53
CA TYR G 231 41.93 14.00 -24.27
C TYR G 231 42.72 14.46 -25.48
N PRO G 232 42.29 14.11 -26.70
CA PRO G 232 43.24 14.41 -27.77
C PRO G 232 43.44 15.89 -28.17
N TRP G 233 43.36 16.84 -27.24
CA TRP G 233 43.88 18.22 -27.45
C TRP G 233 43.92 18.72 -28.89
N TYR G 234 42.78 19.07 -29.46
CA TYR G 234 42.76 19.56 -30.84
C TYR G 234 43.19 21.01 -30.94
N GLY G 235 43.04 21.76 -29.85
CA GLY G 235 43.49 23.14 -29.80
C GLY G 235 44.91 23.30 -29.26
N ASN G 236 45.52 22.17 -28.89
CA ASN G 236 46.90 22.15 -28.42
C ASN G 236 47.17 23.08 -27.22
N VAL G 237 48.32 23.75 -27.22
CA VAL G 237 48.77 24.56 -26.07
C VAL G 237 47.91 25.80 -25.82
N ARG G 238 47.47 26.44 -26.90
CA ARG G 238 46.70 27.67 -26.81
C ARG G 238 45.39 27.41 -26.06
N GLU G 239 44.81 26.24 -26.31
CA GLU G 239 43.60 25.83 -25.60
C GLU G 239 43.91 25.51 -24.13
N LEU G 240 45.06 24.86 -23.89
CA LEU G 240 45.46 24.50 -22.54
C LEU G 240 45.56 25.74 -21.65
N LYS G 241 46.33 26.73 -22.10
CA LYS G 241 46.52 27.98 -21.36
C LYS G 241 45.15 28.56 -20.99
N ASN G 242 44.20 28.44 -21.90
CA ASN G 242 42.85 28.93 -21.66
C ASN G 242 42.16 28.09 -20.58
N VAL G 243 42.34 26.77 -20.66
CA VAL G 243 41.74 25.84 -19.70
C VAL G 243 42.23 26.04 -18.27
N ILE G 244 43.53 26.29 -18.12
CA ILE G 244 44.13 26.50 -16.79
C ILE G 244 43.59 27.79 -16.15
N GLU G 245 43.47 28.82 -16.96
CA GLU G 245 42.98 30.12 -16.52
C GLU G 245 41.58 29.99 -15.91
N ARG G 246 40.78 29.09 -16.47
CA ARG G 246 39.43 28.82 -15.99
C ARG G 246 39.45 28.24 -14.57
N ALA G 247 40.33 27.28 -14.35
CA ALA G 247 40.39 26.55 -13.09
C ALA G 247 40.80 27.41 -11.90
N VAL G 248 41.81 28.25 -12.10
CA VAL G 248 42.37 29.05 -11.00
C VAL G 248 41.34 29.98 -10.34
N LEU G 249 40.49 30.60 -11.16
CA LEU G 249 39.49 31.55 -10.64
C LEU G 249 38.41 30.88 -9.80
N PHE G 250 37.99 29.69 -10.21
CA PHE G 250 36.95 28.94 -9.49
C PHE G 250 37.53 27.96 -8.48
N SER G 251 38.85 27.90 -8.37
CA SER G 251 39.49 26.99 -7.44
C SER G 251 39.11 27.32 -6.01
N GLU G 252 39.07 26.30 -5.16
CA GLU G 252 38.75 26.45 -3.75
C GLU G 252 40.00 26.11 -2.96
N GLY G 253 40.47 24.88 -3.11
CA GLY G 253 41.67 24.43 -2.45
C GLY G 253 42.90 24.84 -3.24
N LYS G 254 44.04 24.23 -2.92
CA LYS G 254 45.28 24.52 -3.63
C LYS G 254 45.48 23.58 -4.82
N PHE G 255 44.69 22.50 -4.86
CA PHE G 255 44.81 21.51 -5.94
C PHE G 255 43.48 21.24 -6.63
N ILE G 256 43.59 20.73 -7.85
CA ILE G 256 42.45 20.46 -8.71
C ILE G 256 42.21 18.96 -8.89
N ASP G 257 40.98 18.51 -8.64
CA ASP G 257 40.65 17.10 -8.76
C ASP G 257 40.10 16.79 -10.16
N ARG G 258 39.87 15.51 -10.44
CA ARG G 258 39.29 15.11 -11.72
C ARG G 258 37.85 15.58 -11.85
N GLY G 259 37.20 15.77 -10.70
CA GLY G 259 35.79 16.13 -10.66
C GLY G 259 35.56 17.46 -11.35
N GLU G 260 36.52 18.37 -11.20
CA GLU G 260 36.42 19.69 -11.80
C GLU G 260 36.54 19.60 -13.33
N LEU G 261 37.26 18.59 -13.81
CA LEU G 261 37.42 18.38 -15.25
C LEU G 261 36.28 17.62 -15.93
N SER G 262 35.64 16.71 -15.21
CA SER G 262 34.62 15.85 -15.80
C SER G 262 33.48 16.65 -16.43
N CYS G 263 33.09 17.73 -15.77
CA CYS G 263 32.02 18.60 -16.28
C CYS G 263 32.54 19.42 -17.45
N LEU G 264 33.86 19.53 -17.54
CA LEU G 264 34.51 20.34 -18.56
C LEU G 264 34.63 19.53 -19.86
N VAL G 265 34.59 18.20 -19.74
CA VAL G 265 34.82 17.30 -20.86
C VAL G 265 33.55 16.52 -21.19
N GLU H 19 14.11 44.41 -11.52
CA GLU H 19 14.54 44.67 -12.89
C GLU H 19 14.61 43.38 -13.69
N TYR H 20 15.77 42.73 -13.72
CA TYR H 20 15.94 41.49 -14.47
C TYR H 20 15.42 40.28 -13.70
N VAL H 21 14.95 39.29 -14.47
CA VAL H 21 14.30 38.11 -13.92
C VAL H 21 15.19 36.87 -13.99
N PHE H 22 15.53 36.30 -12.83
CA PHE H 22 16.06 34.94 -12.80
C PHE H 22 15.29 34.14 -11.75
N GLU H 23 14.39 33.29 -12.23
CA GLU H 23 13.63 32.38 -11.38
C GLU H 23 13.97 30.90 -11.61
N SER H 24 14.91 30.62 -12.51
CA SER H 24 15.16 29.24 -12.94
C SER H 24 16.51 28.63 -12.49
N PRO H 25 16.54 27.29 -12.34
CA PRO H 25 17.79 26.58 -12.03
C PRO H 25 18.85 26.76 -13.10
N LYS H 26 18.43 26.67 -14.36
CA LYS H 26 19.35 26.77 -15.49
C LYS H 26 20.04 28.13 -15.52
N MET H 27 19.25 29.19 -15.41
CA MET H 27 19.76 30.56 -15.50
C MET H 27 20.53 31.00 -14.27
N LYS H 28 20.15 30.49 -13.10
CA LYS H 28 20.84 30.83 -11.87
C LYS H 28 22.28 30.31 -11.84
N GLU H 29 22.53 29.19 -12.50
CA GLU H 29 23.89 28.64 -12.54
C GLU H 29 24.80 29.62 -13.25
N ILE H 30 24.29 30.19 -14.35
CA ILE H 30 25.01 31.18 -15.14
C ILE H 30 25.28 32.43 -14.31
N LEU H 31 24.29 32.81 -13.51
CA LEU H 31 24.35 34.01 -12.70
C LEU H 31 25.54 34.01 -11.75
N GLU H 32 25.83 32.85 -11.18
CA GLU H 32 26.93 32.69 -10.24
C GLU H 32 28.28 32.87 -10.96
N LYS H 33 28.35 32.30 -12.17
CA LYS H 33 29.57 32.30 -12.99
C LYS H 33 30.10 33.71 -13.26
N ILE H 34 29.18 34.62 -13.56
CA ILE H 34 29.54 36.00 -13.87
C ILE H 34 30.23 36.71 -12.71
N LYS H 35 29.74 36.48 -11.50
CA LYS H 35 30.26 37.15 -10.31
C LYS H 35 31.72 36.79 -10.04
N LYS H 36 32.10 35.56 -10.38
CA LYS H 36 33.47 35.09 -10.22
C LYS H 36 34.42 35.68 -11.28
N ILE H 37 33.88 35.93 -12.47
CA ILE H 37 34.70 36.46 -13.57
C ILE H 37 34.66 37.98 -13.56
N SER H 38 33.97 38.54 -12.56
CA SER H 38 33.93 39.98 -12.36
C SER H 38 35.37 40.48 -12.28
N CYS H 39 36.23 39.63 -11.73
CA CYS H 39 37.65 39.93 -11.57
C CYS H 39 38.45 39.55 -12.83
N ALA H 40 37.84 38.76 -13.71
CA ALA H 40 38.56 38.21 -14.85
C ALA H 40 38.75 39.22 -15.96
N GLU H 41 39.94 39.18 -16.57
CA GLU H 41 40.31 40.07 -17.65
C GLU H 41 40.21 39.42 -19.03
N CYS H 42 39.59 38.24 -19.13
CA CYS H 42 39.74 37.39 -20.31
C CYS H 42 38.48 37.30 -21.18
N PRO H 43 38.66 37.01 -22.48
CA PRO H 43 37.55 36.98 -23.45
C PRO H 43 36.42 36.05 -23.05
N VAL H 44 35.21 36.39 -23.48
CA VAL H 44 34.02 35.62 -23.20
C VAL H 44 33.22 35.39 -24.48
N LEU H 45 32.73 34.17 -24.65
CA LEU H 45 31.93 33.82 -25.81
C LEU H 45 30.54 33.35 -25.37
N ILE H 46 29.52 34.14 -25.69
CA ILE H 46 28.14 33.84 -25.31
C ILE H 46 27.35 33.26 -26.47
N THR H 47 26.60 32.21 -26.20
CA THR H 47 25.79 31.57 -27.22
C THR H 47 24.37 31.35 -26.73
N GLY H 48 23.47 31.16 -27.68
CA GLY H 48 22.08 30.85 -27.40
C GLY H 48 21.29 31.38 -28.56
N GLU H 49 20.00 31.08 -28.64
CA GLU H 49 19.18 31.64 -29.71
C GLU H 49 19.11 33.14 -29.47
N SER H 50 18.81 33.93 -30.50
CA SER H 50 18.73 35.37 -30.31
C SER H 50 17.44 35.67 -29.56
N GLY H 51 17.54 36.56 -28.58
CA GLY H 51 16.41 36.97 -27.78
C GLY H 51 16.30 36.18 -26.49
N VAL H 52 17.39 35.52 -26.12
CA VAL H 52 17.45 34.77 -24.86
C VAL H 52 18.08 35.64 -23.77
N GLY H 53 18.51 36.85 -24.14
CA GLY H 53 19.13 37.76 -23.21
C GLY H 53 20.66 37.89 -23.31
N LYS H 54 21.23 37.50 -24.45
CA LYS H 54 22.69 37.64 -24.64
C LYS H 54 23.13 39.10 -24.43
N GLU H 55 22.28 40.03 -24.83
CA GLU H 55 22.59 41.46 -24.66
C GLU H 55 22.59 41.84 -23.19
N VAL H 56 21.65 41.28 -22.44
CA VAL H 56 21.57 41.57 -21.01
C VAL H 56 22.85 41.08 -20.35
N VAL H 57 23.18 39.83 -20.62
CA VAL H 57 24.35 39.18 -20.03
C VAL H 57 25.63 39.94 -20.33
N ALA H 58 25.84 40.25 -21.59
CA ALA H 58 27.05 40.93 -22.02
C ALA H 58 27.14 42.27 -21.30
N ARG H 59 26.02 42.97 -21.25
CA ARG H 59 25.95 44.25 -20.57
C ARG H 59 26.02 44.06 -19.05
N LEU H 60 25.53 42.93 -18.57
CA LEU H 60 25.49 42.64 -17.13
C LEU H 60 26.87 42.34 -16.54
N ILE H 61 27.66 41.54 -17.25
CA ILE H 61 29.00 41.16 -16.79
C ILE H 61 29.83 42.39 -16.48
N HIS H 62 29.64 43.42 -17.30
CA HIS H 62 30.35 44.67 -17.14
C HIS H 62 29.95 45.34 -15.83
N LYS H 63 28.65 45.33 -15.53
CA LYS H 63 28.11 45.99 -14.33
C LYS H 63 28.64 45.38 -13.03
N LEU H 64 28.90 44.08 -13.06
CA LEU H 64 29.35 43.36 -11.87
C LEU H 64 30.86 43.30 -11.70
N SER H 65 31.60 43.72 -12.73
CA SER H 65 33.05 43.62 -12.70
C SER H 65 33.68 44.83 -12.01
N ASP H 66 35.01 44.81 -11.94
CA ASP H 66 35.76 45.92 -11.36
C ASP H 66 35.80 47.09 -12.34
N ARG H 67 35.42 46.81 -13.59
CA ARG H 67 35.45 47.80 -14.67
C ARG H 67 34.08 48.46 -14.87
N SER H 68 33.17 48.22 -13.93
CA SER H 68 31.79 48.66 -14.07
C SER H 68 31.66 50.17 -14.29
N LYS H 69 32.69 50.90 -13.88
CA LYS H 69 32.67 52.35 -13.97
C LYS H 69 33.25 52.88 -15.28
N GLU H 70 33.84 51.99 -16.07
CA GLU H 70 34.49 52.37 -17.33
C GLU H 70 33.58 52.21 -18.55
N PRO H 71 34.04 52.67 -19.74
CA PRO H 71 33.21 52.65 -20.96
C PRO H 71 32.84 51.25 -21.48
N PHE H 72 31.62 51.13 -22.00
CA PHE H 72 31.14 49.90 -22.63
C PHE H 72 30.75 50.20 -24.08
N VAL H 73 31.51 49.65 -25.03
CA VAL H 73 31.31 49.92 -26.45
C VAL H 73 30.61 48.76 -27.15
N ALA H 74 29.40 49.03 -27.64
CA ALA H 74 28.59 48.02 -28.31
C ALA H 74 28.72 48.08 -29.83
N LEU H 75 28.87 46.91 -30.45
CA LEU H 75 29.02 46.79 -31.90
C LEU H 75 28.27 45.57 -32.45
N ASN H 76 27.55 45.79 -33.55
CA ASN H 76 26.90 44.69 -34.27
C ASN H 76 27.91 43.99 -35.18
N VAL H 77 28.99 44.72 -35.49
CA VAL H 77 30.16 44.26 -36.27
C VAL H 77 29.83 43.74 -37.68
N ALA H 78 28.57 43.44 -37.96
CA ALA H 78 28.17 42.99 -39.29
C ALA H 78 27.93 44.22 -40.16
N SER H 79 27.58 45.32 -39.51
CA SER H 79 27.25 46.55 -40.17
C SER H 79 28.50 47.31 -40.60
N ILE H 80 29.67 46.82 -40.18
CA ILE H 80 30.92 47.48 -40.53
C ILE H 80 31.27 47.25 -41.99
N PRO H 81 31.51 48.33 -42.76
CA PRO H 81 31.93 48.13 -44.15
C PRO H 81 33.31 47.48 -44.24
N ARG H 82 33.47 46.56 -45.18
CA ARG H 82 34.73 45.82 -45.32
C ARG H 82 35.89 46.76 -45.66
N ASP H 83 35.60 47.82 -46.41
CA ASP H 83 36.65 48.67 -46.94
C ASP H 83 37.37 49.44 -45.84
N ILE H 84 36.61 49.99 -44.91
CA ILE H 84 37.18 50.75 -43.80
C ILE H 84 37.31 49.93 -42.51
N PHE H 85 36.93 48.66 -42.58
CA PHE H 85 36.97 47.78 -41.41
C PHE H 85 38.30 47.85 -40.68
N GLU H 86 39.39 47.76 -41.42
CA GLU H 86 40.72 47.82 -40.84
C GLU H 86 40.99 49.17 -40.18
N ALA H 87 40.64 50.23 -40.90
CA ALA H 87 40.96 51.59 -40.46
C ALA H 87 40.14 52.10 -39.28
N GLU H 88 38.84 51.89 -39.31
CA GLU H 88 37.95 52.44 -38.29
C GLU H 88 38.08 51.69 -36.97
N LEU H 89 38.65 50.49 -37.04
CA LEU H 89 38.75 49.62 -35.87
C LEU H 89 40.06 49.90 -35.10
N PHE H 90 41.18 49.76 -35.79
CA PHE H 90 42.48 49.93 -35.16
C PHE H 90 42.86 51.42 -35.08
N GLY H 91 42.38 52.19 -36.04
CA GLY H 91 42.68 53.61 -36.11
C GLY H 91 43.76 53.84 -37.14
N TYR H 92 44.15 55.10 -37.36
CA TYR H 92 45.21 55.41 -38.32
C TYR H 92 45.95 56.68 -37.96
N GLU H 93 47.14 56.82 -38.51
CA GLU H 93 47.95 58.02 -38.32
C GLU H 93 47.84 58.90 -39.55
N LYS H 94 48.04 60.19 -39.35
CA LYS H 94 47.95 61.15 -40.44
C LYS H 94 48.88 60.76 -41.59
N GLY H 95 48.35 60.74 -42.81
CA GLY H 95 49.09 60.25 -43.96
C GLY H 95 48.78 58.86 -44.50
N ALA H 96 47.57 58.34 -44.26
CA ALA H 96 47.14 57.09 -44.89
C ALA H 96 46.26 57.33 -46.11
N PHE H 97 46.91 57.28 -47.27
CA PHE H 97 46.33 57.51 -48.61
C PHE H 97 45.24 58.57 -48.76
N THR H 98 45.62 59.84 -48.60
CA THR H 98 44.70 60.94 -48.91
C THR H 98 43.38 60.90 -48.14
N GLY H 99 43.43 60.79 -46.82
CA GLY H 99 42.21 60.82 -46.04
C GLY H 99 42.39 61.68 -44.80
N ALA H 100 41.33 62.43 -44.52
CA ALA H 100 41.26 63.36 -43.39
C ALA H 100 42.55 64.18 -43.36
N VAL H 101 42.98 64.56 -42.16
CA VAL H 101 44.35 64.98 -41.94
C VAL H 101 44.88 64.37 -40.68
N SER H 102 44.17 64.60 -39.59
CA SER H 102 44.68 64.28 -38.26
C SER H 102 44.43 62.82 -37.98
N SER H 103 45.23 62.26 -37.08
CA SER H 103 45.07 60.88 -36.70
C SER H 103 43.81 60.72 -35.87
N LYS H 104 43.21 59.53 -35.93
CA LYS H 104 41.96 59.25 -35.26
C LYS H 104 42.05 57.89 -34.59
N GLU H 105 41.60 57.85 -33.35
CA GLU H 105 41.61 56.63 -32.55
C GLU H 105 40.59 55.62 -33.09
N GLY H 106 40.83 54.34 -32.80
CA GLY H 106 39.93 53.27 -33.16
C GLY H 106 39.03 52.82 -32.03
N PHE H 107 38.09 51.93 -32.33
CA PHE H 107 37.14 51.45 -31.32
C PHE H 107 37.86 50.68 -30.21
N PHE H 108 38.99 50.05 -30.53
CA PHE H 108 39.78 49.36 -29.51
C PHE H 108 40.34 50.38 -28.52
N GLU H 109 40.84 51.50 -29.05
CA GLU H 109 41.37 52.57 -28.24
C GLU H 109 40.24 53.25 -27.46
N LEU H 110 39.04 53.24 -28.02
CA LEU H 110 37.86 53.79 -27.35
C LEU H 110 37.46 52.94 -26.14
N ALA H 111 37.75 51.64 -26.22
CA ALA H 111 37.37 50.70 -25.17
C ALA H 111 38.47 50.51 -24.13
N ASP H 112 39.56 51.28 -24.26
CA ASP H 112 40.70 51.15 -23.35
C ASP H 112 40.25 51.31 -21.90
N GLY H 113 40.57 50.31 -21.08
CA GLY H 113 40.16 50.31 -19.70
C GLY H 113 38.73 49.81 -19.54
N GLY H 114 38.01 49.74 -20.67
CA GLY H 114 36.61 49.35 -20.67
C GLY H 114 36.36 47.98 -21.27
N THR H 115 35.13 47.79 -21.77
CA THR H 115 34.70 46.53 -22.37
C THR H 115 34.10 46.74 -23.75
N LEU H 116 34.47 45.88 -24.69
CA LEU H 116 34.00 45.95 -26.07
C LEU H 116 33.13 44.74 -26.37
N PHE H 117 31.89 44.99 -26.79
CA PHE H 117 30.91 43.92 -27.02
C PHE H 117 30.60 43.74 -28.49
N LEU H 118 30.93 42.58 -29.05
CA LEU H 118 30.66 42.28 -30.44
C LEU H 118 29.46 41.35 -30.58
N ASP H 119 28.31 41.88 -31.02
CA ASP H 119 27.08 41.09 -31.12
C ASP H 119 26.98 40.52 -32.53
N GLU H 120 26.46 39.30 -32.61
CA GLU H 120 26.23 38.63 -33.89
C GLU H 120 27.51 38.49 -34.70
N ILE H 121 28.58 38.10 -34.03
CA ILE H 121 29.88 37.89 -34.66
C ILE H 121 29.85 36.83 -35.77
N GLY H 122 28.93 35.88 -35.66
CA GLY H 122 28.92 34.72 -36.54
C GLY H 122 28.68 35.06 -38.00
N GLU H 123 28.28 36.30 -38.27
CA GLU H 123 28.02 36.71 -39.64
C GLU H 123 29.27 37.32 -40.27
N LEU H 124 30.33 37.39 -39.48
CA LEU H 124 31.57 37.98 -39.95
C LEU H 124 32.24 37.05 -40.96
N SER H 125 32.84 37.62 -41.99
CA SER H 125 33.51 36.85 -43.05
C SER H 125 34.88 36.35 -42.62
N LEU H 126 35.24 35.15 -43.09
CA LEU H 126 36.52 34.54 -42.74
C LEU H 126 37.69 35.47 -43.01
N GLU H 127 37.58 36.21 -44.11
CA GLU H 127 38.62 37.16 -44.49
C GLU H 127 38.75 38.20 -43.37
N ALA H 128 37.62 38.60 -42.81
CA ALA H 128 37.59 39.62 -41.77
C ALA H 128 37.98 39.07 -40.39
N GLN H 129 37.60 37.83 -40.12
CA GLN H 129 37.87 37.20 -38.83
C GLN H 129 39.36 37.19 -38.51
N ALA H 130 40.17 36.98 -39.55
CA ALA H 130 41.62 36.87 -39.42
C ALA H 130 42.25 38.15 -38.88
N LYS H 131 41.59 39.28 -39.08
CA LYS H 131 42.15 40.58 -38.73
C LYS H 131 42.27 40.76 -37.22
N LEU H 132 41.33 40.16 -36.50
CA LEU H 132 41.24 40.29 -35.05
C LEU H 132 42.16 39.32 -34.32
N LEU H 133 42.79 38.42 -35.08
CA LEU H 133 43.44 37.27 -34.48
C LEU H 133 44.57 37.67 -33.53
N ARG H 134 45.56 38.41 -34.01
CA ARG H 134 46.68 38.77 -33.15
C ARG H 134 46.24 39.73 -32.05
N VAL H 135 45.20 40.51 -32.32
CA VAL H 135 44.76 41.54 -31.40
C VAL H 135 44.05 41.02 -30.16
N ILE H 136 43.23 39.98 -30.32
CA ILE H 136 42.41 39.48 -29.23
C ILE H 136 43.21 39.01 -28.02
N GLU H 137 44.14 38.08 -28.22
CA GLU H 137 44.87 37.50 -27.10
C GLU H 137 46.02 38.40 -26.64
N SER H 138 46.78 38.94 -27.58
CA SER H 138 47.97 39.71 -27.23
C SER H 138 47.62 41.16 -26.89
N GLY H 139 46.51 41.66 -27.43
CA GLY H 139 46.13 43.04 -27.22
C GLY H 139 47.06 44.03 -27.88
N LYS H 140 47.77 43.57 -28.92
CA LYS H 140 48.77 44.38 -29.60
C LYS H 140 48.43 44.55 -31.06
N PHE H 141 48.79 45.70 -31.62
CA PHE H 141 48.58 45.97 -33.04
C PHE H 141 49.34 47.22 -33.46
N TYR H 142 49.29 47.53 -34.75
CA TYR H 142 49.85 48.76 -35.29
C TYR H 142 48.76 49.65 -35.86
N ARG H 143 48.81 50.93 -35.54
CA ARG H 143 47.92 51.91 -36.14
C ARG H 143 48.22 51.97 -37.64
N LEU H 144 47.23 52.35 -38.45
CA LEU H 144 47.44 52.42 -39.89
C LEU H 144 48.39 53.55 -40.26
N GLY H 145 49.47 53.20 -40.94
CA GLY H 145 50.50 54.15 -41.29
C GLY H 145 51.42 54.46 -40.13
N GLY H 146 51.10 53.92 -38.96
CA GLY H 146 51.94 54.08 -37.78
C GLY H 146 53.07 53.07 -37.69
N ARG H 147 54.23 53.56 -37.25
CA ARG H 147 55.41 52.73 -37.08
C ARG H 147 55.68 52.35 -35.63
N LYS H 148 54.83 52.84 -34.73
CA LYS H 148 54.97 52.53 -33.32
C LYS H 148 53.90 51.52 -32.93
N GLU H 149 54.32 50.36 -32.47
CA GLU H 149 53.38 49.31 -32.06
C GLU H 149 52.59 49.75 -30.83
N ILE H 150 51.27 49.59 -30.92
CA ILE H 150 50.36 50.00 -29.84
C ILE H 150 49.84 48.80 -29.06
N GLU H 151 49.76 48.97 -27.74
CA GLU H 151 49.21 47.97 -26.86
C GLU H 151 48.11 48.60 -26.02
N VAL H 152 46.96 47.93 -25.99
CA VAL H 152 45.80 48.43 -25.26
C VAL H 152 45.20 47.31 -24.43
N ASN H 153 44.45 47.69 -23.39
CA ASN H 153 43.80 46.72 -22.51
C ASN H 153 42.29 46.76 -22.66
N VAL H 154 41.73 45.73 -23.31
CA VAL H 154 40.32 45.68 -23.63
C VAL H 154 39.76 44.29 -23.36
N ARG H 155 38.65 44.24 -22.61
CA ARG H 155 37.93 42.99 -22.37
C ARG H 155 36.94 42.72 -23.50
N ILE H 156 36.99 41.51 -24.06
CA ILE H 156 36.16 41.18 -25.22
C ILE H 156 34.96 40.32 -24.84
N LEU H 157 33.79 40.73 -25.30
CA LEU H 157 32.57 39.96 -25.17
C LEU H 157 32.01 39.71 -26.56
N ALA H 158 31.47 38.52 -26.79
CA ALA H 158 30.93 38.18 -28.10
C ALA H 158 29.61 37.42 -27.95
N ALA H 159 28.76 37.51 -28.96
CA ALA H 159 27.48 36.81 -28.96
C ALA H 159 27.08 36.38 -30.38
N THR H 160 26.39 35.25 -30.49
CA THR H 160 25.82 34.83 -31.77
C THR H 160 24.63 33.89 -31.57
N ASN H 161 23.68 33.90 -32.50
CA ASN H 161 22.50 33.04 -32.39
C ASN H 161 22.58 31.71 -33.13
N ARG H 162 23.75 31.42 -33.69
CA ARG H 162 23.95 30.21 -34.48
C ARG H 162 24.92 29.28 -33.76
N ASN H 163 25.13 28.07 -34.30
CA ASN H 163 26.02 27.11 -33.66
C ASN H 163 27.45 27.26 -34.17
N ILE H 164 28.32 27.78 -33.31
CA ILE H 164 29.67 28.16 -33.69
C ILE H 164 30.63 26.98 -33.80
N LYS H 165 30.48 26.00 -32.92
CA LYS H 165 31.34 24.83 -32.93
C LYS H 165 31.18 24.08 -34.25
N GLU H 166 29.97 24.09 -34.79
CA GLU H 166 29.69 23.45 -36.06
C GLU H 166 30.35 24.19 -37.22
N LEU H 167 30.29 25.51 -37.20
CA LEU H 167 30.81 26.32 -38.31
C LEU H 167 32.29 26.08 -38.53
N VAL H 168 33.02 25.85 -37.44
CA VAL H 168 34.45 25.60 -37.53
C VAL H 168 34.69 24.30 -38.28
N LYS H 169 33.90 23.28 -37.93
CA LYS H 169 34.01 21.97 -38.53
C LYS H 169 33.67 22.01 -40.02
N GLU H 170 32.85 23.00 -40.40
CA GLU H 170 32.45 23.20 -41.79
C GLU H 170 33.41 24.15 -42.51
N GLY H 171 34.43 24.60 -41.80
CA GLY H 171 35.43 25.48 -42.37
C GLY H 171 34.88 26.87 -42.63
N LYS H 172 33.70 27.13 -42.08
CA LYS H 172 33.01 28.41 -42.26
C LYS H 172 33.44 29.42 -41.20
N PHE H 173 34.13 28.94 -40.17
CA PHE H 173 34.66 29.78 -39.10
C PHE H 173 36.04 29.29 -38.70
N ARG H 174 36.97 30.23 -38.52
CA ARG H 174 38.34 29.86 -38.20
C ARG H 174 38.47 29.15 -36.86
N GLU H 175 39.16 28.02 -36.87
CA GLU H 175 39.38 27.24 -35.67
C GLU H 175 40.32 27.99 -34.72
N ASP H 176 41.34 28.63 -35.27
CA ASP H 176 42.35 29.31 -34.46
C ASP H 176 41.76 30.54 -33.77
N LEU H 177 40.76 31.15 -34.38
CA LEU H 177 40.13 32.32 -33.78
C LEU H 177 39.24 31.86 -32.62
N TYR H 178 38.62 30.70 -32.80
CA TYR H 178 37.73 30.16 -31.78
C TYR H 178 38.47 29.99 -30.44
N TYR H 179 39.69 29.45 -30.50
CA TYR H 179 40.47 29.17 -29.29
C TYR H 179 41.02 30.42 -28.60
N ARG H 180 41.05 31.55 -29.32
CA ARG H 180 41.46 32.82 -28.73
C ARG H 180 40.35 33.49 -27.93
N LEU H 181 39.14 33.49 -28.51
CA LEU H 181 37.95 34.10 -27.92
C LEU H 181 37.31 33.14 -26.92
N GLY H 182 37.53 31.85 -27.13
CA GLY H 182 36.80 30.80 -26.45
C GLY H 182 37.42 30.42 -25.12
N VAL H 183 38.16 31.36 -24.54
CA VAL H 183 38.73 31.17 -23.22
C VAL H 183 37.59 30.77 -22.28
N ILE H 184 36.58 31.63 -22.22
CA ILE H 184 35.37 31.35 -21.45
C ILE H 184 34.17 31.25 -22.39
N GLU H 185 33.38 30.19 -22.23
CA GLU H 185 32.17 30.01 -23.02
C GLU H 185 30.96 29.85 -22.10
N ILE H 186 29.98 30.75 -22.25
CA ILE H 186 28.75 30.71 -21.48
C ILE H 186 27.55 30.60 -22.41
N GLU H 187 26.84 29.47 -22.36
CA GLU H 187 25.67 29.29 -23.23
C GLU H 187 24.36 29.61 -22.51
N ILE H 188 23.47 30.30 -23.21
CA ILE H 188 22.13 30.57 -22.71
C ILE H 188 21.10 29.59 -23.31
N PRO H 189 20.42 28.80 -22.47
CA PRO H 189 19.38 27.89 -23.00
C PRO H 189 18.10 28.62 -23.38
N PRO H 190 17.27 28.01 -24.26
CA PRO H 190 16.03 28.64 -24.69
C PRO H 190 15.03 28.76 -23.55
N LEU H 191 13.82 29.24 -23.83
CA LEU H 191 12.84 29.41 -22.77
C LEU H 191 12.05 28.14 -22.52
N ARG H 192 11.74 27.40 -23.57
CA ARG H 192 10.99 26.16 -23.42
C ARG H 192 11.70 25.17 -22.48
N GLU H 193 12.99 25.36 -22.24
CA GLU H 193 13.69 24.58 -21.21
C GLU H 193 13.79 25.35 -19.90
N ARG H 194 13.33 26.61 -19.91
CA ARG H 194 13.09 27.36 -18.67
C ARG H 194 11.63 27.75 -18.55
N LYS H 195 10.83 26.94 -17.87
CA LYS H 195 9.41 27.24 -17.73
C LYS H 195 9.15 28.23 -16.60
N GLU H 196 10.06 28.24 -15.61
CA GLU H 196 9.89 29.06 -14.41
C GLU H 196 10.02 30.55 -14.71
N ASP H 197 10.67 30.89 -15.82
CA ASP H 197 10.94 32.29 -16.15
C ASP H 197 9.74 33.00 -16.78
N ILE H 198 8.80 32.22 -17.32
CA ILE H 198 7.69 32.78 -18.10
C ILE H 198 6.85 33.80 -17.35
N ILE H 199 6.27 33.38 -16.23
CA ILE H 199 5.30 34.21 -15.52
C ILE H 199 5.95 35.46 -14.91
N PRO H 200 7.10 35.31 -14.22
CA PRO H 200 7.74 36.51 -13.67
C PRO H 200 8.06 37.52 -14.78
N LEU H 201 8.52 37.01 -15.93
CA LEU H 201 8.79 37.84 -17.10
C LEU H 201 7.51 38.46 -17.68
N ALA H 202 6.49 37.64 -17.86
CA ALA H 202 5.23 38.11 -18.43
C ALA H 202 4.67 39.27 -17.61
N ASN H 203 4.72 39.11 -16.29
CA ASN H 203 4.24 40.14 -15.38
C ASN H 203 5.10 41.41 -15.41
N HIS H 204 6.41 41.23 -15.49
CA HIS H 204 7.35 42.36 -15.48
C HIS H 204 7.13 43.30 -16.66
N PHE H 205 6.93 42.73 -17.85
CA PHE H 205 6.70 43.54 -19.05
C PHE H 205 5.36 44.27 -18.99
N LEU H 206 4.37 43.61 -18.40
CA LEU H 206 3.06 44.20 -18.23
C LEU H 206 3.14 45.51 -17.45
N LYS H 207 3.97 45.53 -16.40
CA LYS H 207 4.12 46.72 -15.57
C LYS H 207 4.59 47.94 -16.35
N LYS H 208 5.62 47.76 -17.17
CA LYS H 208 6.16 48.84 -17.99
C LYS H 208 5.14 49.32 -19.02
N PHE H 209 4.51 48.37 -19.72
CA PHE H 209 3.58 48.71 -20.79
C PHE H 209 2.28 49.32 -20.26
N SER H 210 1.81 48.87 -19.11
CA SER H 210 0.61 49.44 -18.50
C SER H 210 0.83 50.91 -18.17
N ARG H 211 2.01 51.22 -17.65
CA ARG H 211 2.38 52.61 -17.34
C ARG H 211 2.60 53.43 -18.61
N LYS H 212 3.36 52.86 -19.54
CA LYS H 212 3.69 53.55 -20.78
C LYS H 212 2.43 53.96 -21.53
N TYR H 213 1.52 53.00 -21.72
CA TYR H 213 0.29 53.25 -22.47
C TYR H 213 -0.88 53.61 -21.56
N ALA H 214 -0.56 53.92 -20.30
CA ALA H 214 -1.56 54.29 -19.29
C ALA H 214 -2.85 53.49 -19.41
N LYS H 215 -2.79 52.22 -18.99
CA LYS H 215 -3.95 51.34 -19.04
C LYS H 215 -4.31 50.82 -17.66
N GLU H 216 -5.41 50.07 -17.59
CA GLU H 216 -5.98 49.61 -16.33
C GLU H 216 -5.57 48.17 -15.98
N VAL H 217 -4.74 47.55 -16.81
CA VAL H 217 -4.41 46.14 -16.67
C VAL H 217 -3.56 45.86 -15.43
N GLU H 218 -3.78 44.70 -14.82
CA GLU H 218 -3.06 44.28 -13.62
C GLU H 218 -2.30 42.98 -13.86
N GLY H 219 -3.03 41.91 -14.20
CA GLY H 219 -2.45 40.59 -14.35
C GLY H 219 -3.23 39.70 -15.30
N PHE H 220 -2.81 38.43 -15.39
CA PHE H 220 -3.39 37.48 -16.33
C PHE H 220 -4.31 36.47 -15.65
N THR H 221 -5.34 36.03 -16.36
CA THR H 221 -6.23 34.97 -15.88
C THR H 221 -5.48 33.63 -15.88
N LYS H 222 -5.95 32.69 -15.06
CA LYS H 222 -5.27 31.40 -14.93
C LYS H 222 -5.29 30.59 -16.23
N SER H 223 -6.40 30.65 -16.97
CA SER H 223 -6.52 29.89 -18.22
C SER H 223 -5.56 30.44 -19.27
N ALA H 224 -5.39 31.76 -19.26
CA ALA H 224 -4.48 32.42 -20.18
C ALA H 224 -3.04 32.04 -19.87
N GLN H 225 -2.69 32.08 -18.58
CA GLN H 225 -1.33 31.78 -18.13
C GLN H 225 -0.93 30.36 -18.54
N GLU H 226 -1.93 29.47 -18.58
CA GLU H 226 -1.71 28.09 -18.98
C GLU H 226 -1.27 28.02 -20.43
N LEU H 227 -1.82 28.90 -21.26
CA LEU H 227 -1.50 28.93 -22.68
C LEU H 227 -0.03 29.28 -22.93
N LEU H 228 0.47 30.28 -22.20
CA LEU H 228 1.86 30.69 -22.33
C LEU H 228 2.79 29.50 -22.10
N LEU H 229 2.37 28.63 -21.19
CA LEU H 229 3.17 27.47 -20.85
C LEU H 229 3.17 26.44 -21.96
N SER H 230 2.09 26.40 -22.74
CA SER H 230 1.95 25.41 -23.81
C SER H 230 2.43 25.91 -25.18
N TYR H 231 2.98 27.12 -25.21
CA TYR H 231 3.48 27.73 -26.45
C TYR H 231 5.00 27.50 -26.44
N PRO H 232 5.52 26.58 -27.27
CA PRO H 232 6.95 26.36 -27.01
C PRO H 232 7.91 27.45 -27.52
N TRP H 233 7.45 28.70 -27.54
CA TRP H 233 8.29 29.90 -27.73
C TRP H 233 9.57 29.75 -28.55
N TYR H 234 9.47 29.72 -29.88
CA TYR H 234 10.67 29.64 -30.72
C TYR H 234 11.39 30.99 -30.78
N GLY H 235 10.66 32.07 -30.54
CA GLY H 235 11.27 33.39 -30.54
C GLY H 235 11.74 33.80 -29.14
N ASN H 236 11.50 32.93 -28.18
CA ASN H 236 11.96 33.13 -26.80
C ASN H 236 11.45 34.44 -26.18
N VAL H 237 12.32 35.10 -25.40
CA VAL H 237 11.92 36.26 -24.59
C VAL H 237 11.54 37.45 -25.47
N ARG H 238 12.25 37.62 -26.58
CA ARG H 238 12.02 38.76 -27.47
C ARG H 238 10.62 38.70 -28.05
N GLU H 239 10.17 37.49 -28.36
CA GLU H 239 8.82 37.28 -28.88
C GLU H 239 7.80 37.57 -27.80
N LEU H 240 8.12 37.16 -26.57
CA LEU H 240 7.23 37.37 -25.43
C LEU H 240 6.92 38.84 -25.24
N LYS H 241 7.96 39.66 -25.13
CA LYS H 241 7.83 41.11 -24.95
C LYS H 241 6.89 41.73 -25.98
N ASN H 242 6.98 41.27 -27.22
CA ASN H 242 6.13 41.80 -28.28
C ASN H 242 4.68 41.39 -28.07
N VAL H 243 4.44 40.13 -27.71
CA VAL H 243 3.09 39.58 -27.53
C VAL H 243 2.31 40.27 -26.41
N ILE H 244 2.98 40.55 -25.29
CA ILE H 244 2.35 41.24 -24.17
C ILE H 244 1.97 42.66 -24.58
N GLU H 245 2.91 43.32 -25.26
CA GLU H 245 2.70 44.70 -25.72
C GLU H 245 1.50 44.77 -26.66
N ARG H 246 1.29 43.73 -27.47
CA ARG H 246 0.12 43.66 -28.33
C ARG H 246 -1.14 43.59 -27.47
N ALA H 247 -1.07 42.75 -26.44
CA ALA H 247 -2.22 42.51 -25.59
C ALA H 247 -2.62 43.74 -24.78
N VAL H 248 -1.64 44.43 -24.20
CA VAL H 248 -1.90 45.58 -23.32
C VAL H 248 -2.64 46.69 -24.07
N LEU H 249 -2.26 46.93 -25.32
CA LEU H 249 -2.87 47.99 -26.11
C LEU H 249 -4.32 47.70 -26.47
N PHE H 250 -4.62 46.44 -26.75
CA PHE H 250 -5.94 46.02 -27.19
C PHE H 250 -6.84 45.55 -26.04
N SER H 251 -6.32 45.63 -24.81
CA SER H 251 -7.04 45.17 -23.62
C SER H 251 -8.33 45.95 -23.36
N GLU H 252 -9.30 45.27 -22.75
CA GLU H 252 -10.58 45.85 -22.40
C GLU H 252 -10.75 45.93 -20.89
N GLY H 253 -10.73 44.76 -20.24
CA GLY H 253 -10.86 44.70 -18.79
C GLY H 253 -9.54 44.94 -18.09
N LYS H 254 -9.46 44.56 -16.82
CA LYS H 254 -8.23 44.71 -16.05
C LYS H 254 -7.35 43.49 -16.19
N PHE H 255 -7.93 42.41 -16.72
CA PHE H 255 -7.22 41.15 -16.87
C PHE H 255 -7.31 40.65 -18.31
N ILE H 256 -6.33 39.83 -18.68
CA ILE H 256 -6.22 39.29 -20.03
C ILE H 256 -6.53 37.80 -20.06
N ASP H 257 -7.48 37.42 -20.91
CA ASP H 257 -7.92 36.03 -21.02
C ASP H 257 -7.19 35.25 -22.12
N ARG H 258 -7.49 33.96 -22.21
CA ARG H 258 -6.94 33.10 -23.24
C ARG H 258 -7.45 33.52 -24.62
N GLY H 259 -8.65 34.10 -24.66
CA GLY H 259 -9.27 34.50 -25.89
C GLY H 259 -8.50 35.61 -26.57
N GLU H 260 -7.99 36.52 -25.75
CA GLU H 260 -7.22 37.64 -26.26
C GLU H 260 -5.90 37.13 -26.82
N LEU H 261 -5.41 36.06 -26.20
CA LEU H 261 -4.19 35.42 -26.62
C LEU H 261 -4.42 34.46 -27.78
N SER H 262 -5.61 33.88 -27.84
CA SER H 262 -5.92 32.84 -28.81
C SER H 262 -5.66 33.26 -30.25
N CYS H 263 -5.96 34.51 -30.57
CA CYS H 263 -5.76 35.00 -31.92
C CYS H 263 -4.28 35.23 -32.25
N LEU H 264 -3.45 35.38 -31.22
CA LEU H 264 -2.01 35.59 -31.43
C LEU H 264 -1.20 34.29 -31.57
N VAL H 265 -1.68 33.20 -30.94
CA VAL H 265 -0.94 31.92 -30.93
C VAL H 265 -1.77 30.85 -31.62
N GLU I 18 -13.82 62.64 -50.93
CA GLU I 18 -13.45 62.04 -52.21
C GLU I 18 -12.09 61.36 -52.13
N GLU I 19 -11.82 60.65 -51.04
CA GLU I 19 -10.56 59.93 -50.90
C GLU I 19 -10.60 58.68 -50.02
N TYR I 20 -9.78 57.69 -50.38
CA TYR I 20 -9.54 56.50 -49.55
C TYR I 20 -10.76 55.64 -49.15
N VAL I 21 -11.25 54.84 -50.10
CA VAL I 21 -12.43 54.01 -49.92
C VAL I 21 -12.17 52.75 -49.08
N PHE I 22 -12.87 52.59 -47.96
CA PHE I 22 -12.89 51.30 -47.26
C PHE I 22 -14.33 50.85 -46.98
N GLU I 23 -14.80 49.86 -47.74
CA GLU I 23 -16.09 49.22 -47.47
C GLU I 23 -15.95 47.70 -47.41
N SER I 24 -16.02 47.13 -46.21
CA SER I 24 -15.90 45.68 -46.03
C SER I 24 -15.75 45.31 -44.55
N PRO I 25 -16.20 44.10 -44.17
CA PRO I 25 -15.97 43.62 -42.81
C PRO I 25 -14.49 43.51 -42.49
N LYS I 26 -13.75 42.96 -43.44
CA LYS I 26 -12.32 42.69 -43.27
C LYS I 26 -11.50 43.95 -43.02
N MET I 27 -11.70 44.94 -43.89
CA MET I 27 -10.92 46.17 -43.85
C MET I 27 -11.32 47.08 -42.68
N LYS I 28 -12.58 47.01 -42.31
CA LYS I 28 -13.08 47.81 -41.19
C LYS I 28 -12.46 47.33 -39.88
N GLU I 29 -12.20 46.03 -39.77
CA GLU I 29 -11.58 45.49 -38.56
C GLU I 29 -10.19 46.07 -38.42
N ILE I 30 -9.47 46.12 -39.55
CA ILE I 30 -8.13 46.69 -39.59
C ILE I 30 -8.16 48.19 -39.29
N LEU I 31 -9.18 48.88 -39.80
CA LEU I 31 -9.30 50.33 -39.60
C LEU I 31 -9.35 50.65 -38.10
N GLU I 32 -10.05 49.80 -37.35
CA GLU I 32 -10.15 49.96 -35.90
C GLU I 32 -8.80 49.70 -35.23
N LYS I 33 -8.09 48.67 -35.69
CA LYS I 33 -6.81 48.30 -35.11
C LYS I 33 -5.84 49.47 -35.14
N ILE I 34 -5.84 50.20 -36.27
CA ILE I 34 -4.96 51.35 -36.45
C ILE I 34 -5.28 52.41 -35.40
N LYS I 35 -6.57 52.64 -35.19
CA LYS I 35 -7.04 53.67 -34.27
C LYS I 35 -6.62 53.32 -32.83
N LYS I 36 -6.53 52.04 -32.54
CA LYS I 36 -6.13 51.58 -31.21
C LYS I 36 -4.64 51.81 -30.96
N ILE I 37 -3.83 51.73 -32.02
CA ILE I 37 -2.37 51.89 -31.92
C ILE I 37 -1.90 53.32 -32.20
N SER I 38 -2.83 54.25 -32.37
CA SER I 38 -2.49 55.66 -32.64
C SER I 38 -1.49 56.19 -31.62
N CYS I 39 -1.58 55.70 -30.39
CA CYS I 39 -0.67 56.13 -29.34
C CYS I 39 0.61 55.30 -29.36
N ALA I 40 0.60 54.18 -30.07
CA ALA I 40 1.73 53.26 -30.03
C ALA I 40 2.91 53.77 -30.85
N GLU I 41 4.10 53.58 -30.28
CA GLU I 41 5.36 54.01 -30.87
C GLU I 41 6.16 52.87 -31.51
N CYS I 42 5.55 51.69 -31.71
CA CYS I 42 6.33 50.47 -31.96
C CYS I 42 6.28 49.98 -33.41
N PRO I 43 7.31 49.21 -33.82
CA PRO I 43 7.46 48.76 -35.21
C PRO I 43 6.25 47.99 -35.73
N VAL I 44 6.02 48.11 -37.04
CA VAL I 44 4.90 47.48 -37.70
C VAL I 44 5.36 46.75 -38.96
N LEU I 45 4.77 45.58 -39.18
CA LEU I 45 5.06 44.78 -40.36
C LEU I 45 3.80 44.57 -41.19
N ILE I 46 3.77 45.16 -42.40
CA ILE I 46 2.63 45.07 -43.30
C ILE I 46 2.87 44.04 -44.39
N THR I 47 1.89 43.19 -44.64
CA THR I 47 2.03 42.13 -45.63
C THR I 47 0.84 42.11 -46.56
N GLY I 48 1.02 41.49 -47.72
CA GLY I 48 -0.07 41.31 -48.66
C GLY I 48 0.46 41.20 -50.07
N GLU I 49 -0.43 40.89 -51.01
CA GLU I 49 -0.04 40.86 -52.41
C GLU I 49 0.29 42.28 -52.86
N SER I 50 1.04 42.40 -53.95
CA SER I 50 1.39 43.71 -54.44
C SER I 50 0.17 44.37 -55.04
N GLY I 51 -0.05 45.64 -54.68
CA GLY I 51 -1.17 46.41 -55.19
C GLY I 51 -2.41 46.35 -54.31
N VAL I 52 -2.25 45.96 -53.05
CA VAL I 52 -3.40 45.90 -52.14
C VAL I 52 -3.57 47.18 -51.33
N GLY I 53 -2.62 48.11 -51.45
CA GLY I 53 -2.70 49.36 -50.72
C GLY I 53 -1.84 49.42 -49.46
N LYS I 54 -0.82 48.57 -49.38
CA LYS I 54 0.05 48.54 -48.21
C LYS I 54 0.71 49.89 -47.91
N GLU I 55 1.04 50.65 -48.96
CA GLU I 55 1.65 51.95 -48.77
C GLU I 55 0.61 52.91 -48.19
N VAL I 56 -0.62 52.79 -48.67
CA VAL I 56 -1.70 53.64 -48.20
C VAL I 56 -1.89 53.40 -46.71
N VAL I 57 -1.96 52.13 -46.32
CA VAL I 57 -2.13 51.76 -44.93
C VAL I 57 -0.97 52.34 -44.13
N ALA I 58 0.24 52.16 -44.65
CA ALA I 58 1.44 52.64 -43.98
C ALA I 58 1.41 54.15 -43.81
N ARG I 59 1.01 54.84 -44.89
CA ARG I 59 0.93 56.30 -44.88
C ARG I 59 -0.19 56.76 -43.93
N LEU I 60 -1.23 55.94 -43.82
CA LEU I 60 -2.37 56.27 -42.98
C LEU I 60 -2.03 56.11 -41.49
N ILE I 61 -1.33 55.03 -41.15
CA ILE I 61 -0.94 54.76 -39.76
C ILE I 61 -0.23 55.98 -39.20
N HIS I 62 0.56 56.62 -40.05
CA HIS I 62 1.27 57.82 -39.67
C HIS I 62 0.33 58.97 -39.34
N LYS I 63 -0.65 59.18 -40.21
CA LYS I 63 -1.55 60.32 -40.09
C LYS I 63 -2.44 60.26 -38.86
N LEU I 64 -2.80 59.06 -38.42
CA LEU I 64 -3.72 58.90 -37.30
C LEU I 64 -3.00 58.84 -35.96
N SER I 65 -1.67 58.74 -35.97
CA SER I 65 -0.92 58.62 -34.74
C SER I 65 -0.61 59.98 -34.14
N ASP I 66 0.06 59.99 -32.99
CA ASP I 66 0.44 61.22 -32.32
C ASP I 66 1.62 61.88 -33.02
N ARG I 67 2.28 61.12 -33.90
CA ARG I 67 3.47 61.57 -34.60
C ARG I 67 3.14 62.10 -35.99
N SER I 68 1.85 62.25 -36.26
CA SER I 68 1.35 62.61 -37.58
C SER I 68 1.89 63.95 -38.14
N LYS I 69 2.39 64.81 -37.26
CA LYS I 69 2.89 66.13 -37.68
C LYS I 69 4.36 66.09 -38.07
N GLU I 70 5.02 64.97 -37.79
CA GLU I 70 6.45 64.84 -38.04
C GLU I 70 6.75 64.22 -39.40
N PRO I 71 8.03 64.16 -39.78
CA PRO I 71 8.38 63.66 -41.12
C PRO I 71 8.01 62.20 -41.37
N PHE I 72 7.60 61.91 -42.60
CA PHE I 72 7.32 60.55 -43.05
C PHE I 72 8.33 60.26 -44.16
N VAL I 73 9.25 59.34 -43.88
CA VAL I 73 10.34 59.04 -44.79
C VAL I 73 10.09 57.75 -45.55
N ALA I 74 9.89 57.86 -46.85
CA ALA I 74 9.63 56.68 -47.69
C ALA I 74 10.89 56.20 -48.40
N LEU I 75 11.15 54.90 -48.30
CA LEU I 75 12.34 54.28 -48.88
C LEU I 75 12.07 52.93 -49.52
N ASN I 76 12.58 52.77 -50.73
CA ASN I 76 12.67 51.45 -51.33
C ASN I 76 14.05 50.97 -50.93
N VAL I 77 14.09 50.15 -49.88
CA VAL I 77 15.34 49.74 -49.28
C VAL I 77 16.10 48.81 -50.23
N ALA I 78 15.40 48.27 -51.22
CA ALA I 78 16.03 47.43 -52.22
C ALA I 78 16.83 48.28 -53.19
N SER I 79 16.45 49.56 -53.29
CA SER I 79 17.07 50.49 -54.23
C SER I 79 18.42 51.05 -53.79
N ILE I 80 18.81 50.81 -52.55
CA ILE I 80 20.08 51.32 -52.07
C ILE I 80 21.24 50.48 -52.59
N PRO I 81 22.22 51.12 -53.26
CA PRO I 81 23.42 50.39 -53.70
C PRO I 81 24.26 49.90 -52.51
N ARG I 82 24.83 48.71 -52.65
CA ARG I 82 25.56 48.06 -51.57
C ARG I 82 26.74 48.86 -51.06
N ASP I 83 27.40 49.60 -51.95
CA ASP I 83 28.67 50.23 -51.59
C ASP I 83 28.47 51.30 -50.53
N ILE I 84 27.45 52.11 -50.71
CA ILE I 84 27.11 53.17 -49.77
C ILE I 84 25.98 52.78 -48.82
N PHE I 85 25.48 51.56 -48.95
CA PHE I 85 24.34 51.14 -48.16
C PHE I 85 24.55 51.48 -46.70
N GLU I 86 25.72 51.13 -46.18
CA GLU I 86 26.02 51.40 -44.77
C GLU I 86 26.05 52.90 -44.50
N ALA I 87 26.72 53.64 -45.38
CA ALA I 87 26.93 55.08 -45.19
C ALA I 87 25.64 55.90 -45.37
N GLU I 88 24.86 55.54 -46.39
CA GLU I 88 23.68 56.30 -46.79
C GLU I 88 22.58 56.15 -45.76
N LEU I 89 22.70 55.10 -44.96
CA LEU I 89 21.70 54.76 -43.96
C LEU I 89 22.06 55.39 -42.62
N PHE I 90 23.25 55.05 -42.12
CA PHE I 90 23.72 55.52 -40.82
C PHE I 90 24.32 56.92 -40.85
N GLY I 91 24.92 57.29 -41.97
CA GLY I 91 25.54 58.60 -42.11
C GLY I 91 27.02 58.46 -41.87
N TYR I 92 27.76 59.57 -41.95
CA TYR I 92 29.21 59.49 -41.70
C TYR I 92 29.81 60.80 -41.18
N GLU I 93 30.96 60.67 -40.54
CA GLU I 93 31.73 61.82 -40.05
C GLU I 93 32.73 62.08 -41.17
N LYS I 94 33.51 63.13 -41.07
CA LYS I 94 34.36 63.56 -42.19
C LYS I 94 35.24 62.47 -42.84
N GLY I 95 36.31 61.98 -42.20
CA GLY I 95 37.16 61.04 -42.90
C GLY I 95 36.63 59.61 -43.06
N ALA I 96 36.31 59.23 -44.29
CA ALA I 96 36.08 57.84 -44.65
C ALA I 96 36.56 57.60 -46.09
N PHE I 97 37.74 57.01 -46.26
CA PHE I 97 38.35 56.80 -47.59
C PHE I 97 38.10 57.95 -48.57
N THR I 98 38.67 59.10 -48.24
CA THR I 98 38.55 60.30 -49.03
C THR I 98 37.09 60.61 -49.30
N GLY I 99 36.22 60.33 -48.33
CA GLY I 99 34.83 60.69 -48.50
C GLY I 99 34.63 62.18 -48.23
N ALA I 100 34.13 62.90 -49.23
CA ALA I 100 33.74 64.30 -49.10
C ALA I 100 34.80 65.12 -48.34
N VAL I 101 34.32 66.10 -47.57
CA VAL I 101 35.06 66.75 -46.50
C VAL I 101 34.17 66.71 -45.25
N SER I 102 32.95 67.19 -45.45
CA SER I 102 31.99 67.45 -44.38
C SER I 102 31.17 66.24 -43.95
N SER I 103 30.65 66.29 -42.73
CA SER I 103 29.78 65.25 -42.21
C SER I 103 28.39 65.30 -42.84
N LYS I 104 27.75 64.13 -42.93
CA LYS I 104 26.41 64.02 -43.51
C LYS I 104 25.55 63.04 -42.74
N GLU I 105 24.31 63.45 -42.46
CA GLU I 105 23.37 62.58 -41.78
C GLU I 105 22.91 61.41 -42.64
N GLY I 106 22.46 60.35 -41.99
CA GLY I 106 21.88 59.21 -42.64
C GLY I 106 20.38 59.28 -42.59
N PHE I 107 19.71 58.35 -43.27
CA PHE I 107 18.25 58.36 -43.30
C PHE I 107 17.62 58.10 -41.94
N PHE I 108 18.31 57.36 -41.07
CA PHE I 108 17.77 57.11 -39.73
C PHE I 108 17.71 58.39 -38.88
N GLU I 109 18.81 59.16 -38.87
CA GLU I 109 18.86 60.42 -38.12
C GLU I 109 17.98 61.50 -38.76
N LEU I 110 17.82 61.42 -40.06
CA LEU I 110 16.95 62.35 -40.79
C LEU I 110 15.48 62.16 -40.41
N ALA I 111 15.13 60.94 -40.00
CA ALA I 111 13.75 60.60 -39.66
C ALA I 111 13.46 60.83 -38.18
N ASP I 112 14.43 61.41 -37.47
CA ASP I 112 14.34 61.64 -36.04
C ASP I 112 13.06 62.37 -35.70
N GLY I 113 12.29 61.82 -34.77
CA GLY I 113 11.02 62.40 -34.36
C GLY I 113 9.87 62.03 -35.27
N GLY I 114 10.19 61.49 -36.44
CA GLY I 114 9.18 61.14 -37.43
C GLY I 114 9.03 59.64 -37.53
N THR I 115 8.59 59.19 -38.70
CA THR I 115 8.39 57.77 -38.97
C THR I 115 9.13 57.40 -40.24
N LEU I 116 9.80 56.26 -40.22
CA LEU I 116 10.59 55.79 -41.35
C LEU I 116 9.95 54.56 -41.96
N PHE I 117 9.65 54.66 -43.25
CA PHE I 117 8.93 53.62 -43.97
C PHE I 117 9.85 52.89 -44.92
N LEU I 118 10.09 51.62 -44.64
CA LEU I 118 10.95 50.79 -45.48
C LEU I 118 10.12 49.86 -46.33
N ASP I 119 9.99 50.15 -47.63
CA ASP I 119 9.16 49.32 -48.49
C ASP I 119 10.07 48.26 -49.12
N GLU I 120 9.52 47.06 -49.33
CA GLU I 120 10.25 45.94 -49.91
C GLU I 120 11.43 45.51 -49.04
N ILE I 121 11.22 45.47 -47.72
CA ILE I 121 12.24 45.01 -46.81
C ILE I 121 12.63 43.56 -47.13
N GLY I 122 11.68 42.81 -47.68
CA GLY I 122 11.86 41.39 -47.93
C GLY I 122 12.84 41.06 -49.04
N GLU I 123 13.22 42.06 -49.82
CA GLU I 123 14.09 41.83 -50.97
C GLU I 123 15.57 42.01 -50.65
N LEU I 124 15.86 42.35 -49.41
CA LEU I 124 17.23 42.59 -48.97
C LEU I 124 18.06 41.33 -48.89
N SER I 125 19.35 41.49 -49.17
CA SER I 125 20.28 40.38 -49.09
C SER I 125 20.54 40.06 -47.63
N LEU I 126 20.70 38.77 -47.35
CA LEU I 126 20.91 38.29 -46.00
C LEU I 126 22.06 39.03 -45.35
N GLU I 127 23.07 39.33 -46.14
CA GLU I 127 24.24 40.04 -45.65
C GLU I 127 23.82 41.42 -45.17
N ALA I 128 22.88 42.03 -45.88
CA ALA I 128 22.41 43.37 -45.55
C ALA I 128 21.43 43.39 -44.40
N GLN I 129 20.56 42.37 -44.32
CA GLN I 129 19.53 42.29 -43.27
C GLN I 129 20.22 42.31 -41.90
N ALA I 130 21.35 41.64 -41.83
CA ALA I 130 22.08 41.50 -40.58
C ALA I 130 22.53 42.85 -40.04
N LYS I 131 22.70 43.83 -40.94
CA LYS I 131 23.23 45.15 -40.57
C LYS I 131 22.24 46.00 -39.76
N LEU I 132 20.95 45.77 -39.98
CA LEU I 132 19.90 46.54 -39.33
C LEU I 132 19.53 46.04 -37.93
N LEU I 133 20.12 44.95 -37.47
CA LEU I 133 19.63 44.30 -36.26
C LEU I 133 19.67 45.23 -35.06
N ARG I 134 20.86 45.73 -34.73
CA ARG I 134 20.97 46.60 -33.57
C ARG I 134 20.23 47.90 -33.84
N VAL I 135 20.07 48.24 -35.11
CA VAL I 135 19.45 49.51 -35.48
C VAL I 135 17.95 49.50 -35.22
N ILE I 136 17.28 48.40 -35.55
CA ILE I 136 15.83 48.32 -35.40
C ILE I 136 15.34 48.42 -33.96
N GLU I 137 15.84 47.54 -33.08
CA GLU I 137 15.34 47.48 -31.71
C GLU I 137 15.94 48.53 -30.79
N SER I 138 17.26 48.69 -30.84
CA SER I 138 17.93 49.59 -29.91
C SER I 138 17.86 51.04 -30.41
N GLY I 139 17.75 51.20 -31.73
CA GLY I 139 17.73 52.52 -32.33
C GLY I 139 19.06 53.23 -32.17
N LYS I 140 20.13 52.45 -31.98
CA LYS I 140 21.46 53.01 -31.73
C LYS I 140 22.45 52.57 -32.78
N PHE I 141 23.42 53.44 -33.05
CA PHE I 141 24.48 53.14 -33.99
C PHE I 141 25.59 54.17 -33.87
N TYR I 142 26.65 53.96 -34.63
CA TYR I 142 27.76 54.90 -34.72
C TYR I 142 27.86 55.44 -36.13
N ARG I 143 28.05 56.75 -36.27
CA ARG I 143 28.36 57.33 -37.56
C ARG I 143 29.70 56.76 -38.03
N LEU I 144 29.90 56.73 -39.35
CA LEU I 144 31.14 56.21 -39.91
C LEU I 144 32.31 57.15 -39.57
N GLY I 145 33.31 56.61 -38.91
CA GLY I 145 34.42 57.40 -38.41
C GLY I 145 34.11 58.09 -37.10
N GLY I 146 32.86 57.97 -36.64
CA GLY I 146 32.48 58.53 -35.36
C GLY I 146 32.73 57.58 -34.20
N ARG I 147 33.18 58.14 -33.08
CA ARG I 147 33.44 57.37 -31.86
C ARG I 147 32.38 57.49 -30.77
N LYS I 148 31.38 58.34 -30.99
CA LYS I 148 30.30 58.57 -30.02
C LYS I 148 28.98 57.99 -30.48
N GLU I 149 28.44 57.08 -29.67
CA GLU I 149 27.19 56.39 -30.01
C GLU I 149 26.00 57.34 -30.08
N ILE I 150 25.26 57.21 -31.17
CA ILE I 150 24.09 58.05 -31.43
C ILE I 150 22.82 57.26 -31.18
N GLU I 151 21.84 57.95 -30.62
CA GLU I 151 20.51 57.40 -30.37
C GLU I 151 19.51 58.31 -31.04
N VAL I 152 18.59 57.71 -31.77
CA VAL I 152 17.58 58.45 -32.50
C VAL I 152 16.21 57.86 -32.20
N ASN I 153 15.16 58.66 -32.36
CA ASN I 153 13.80 58.19 -32.12
C ASN I 153 13.02 58.16 -33.43
N VAL I 154 12.81 56.95 -33.93
CA VAL I 154 12.17 56.74 -35.22
C VAL I 154 11.21 55.56 -35.12
N ARG I 155 9.97 55.75 -35.54
CA ARG I 155 9.04 54.63 -35.62
C ARG I 155 9.21 53.97 -36.97
N ILE I 156 9.35 52.64 -36.96
CA ILE I 156 9.63 51.90 -38.18
C ILE I 156 8.39 51.25 -38.74
N LEU I 157 8.17 51.44 -40.03
CA LEU I 157 7.10 50.78 -40.76
C LEU I 157 7.73 49.96 -41.88
N ALA I 158 7.20 48.77 -42.12
CA ALA I 158 7.75 47.88 -43.13
C ALA I 158 6.63 47.26 -43.95
N ALA I 159 6.94 46.93 -45.19
CA ALA I 159 5.96 46.29 -46.08
C ALA I 159 6.67 45.34 -47.04
N THR I 160 6.02 44.23 -47.38
CA THR I 160 6.57 43.32 -48.37
C THR I 160 5.49 42.49 -49.06
N ASN I 161 5.79 42.09 -50.29
CA ASN I 161 4.89 41.29 -51.10
C ASN I 161 5.19 39.80 -50.95
N ARG I 162 6.04 39.47 -49.99
CA ARG I 162 6.50 38.10 -49.77
C ARG I 162 5.93 37.54 -48.47
N ASN I 163 5.94 36.23 -48.35
CA ASN I 163 5.49 35.58 -47.11
C ASN I 163 6.68 35.34 -46.22
N ILE I 164 6.75 36.09 -45.13
CA ILE I 164 7.93 36.06 -44.28
C ILE I 164 7.88 34.80 -43.43
N LYS I 165 6.67 34.39 -43.03
CA LYS I 165 6.52 33.20 -42.22
C LYS I 165 7.10 32.00 -42.97
N GLU I 166 6.88 31.94 -44.28
CA GLU I 166 7.44 30.88 -45.10
C GLU I 166 8.95 31.05 -45.33
N LEU I 167 9.36 32.27 -45.69
CA LEU I 167 10.76 32.53 -46.04
C LEU I 167 11.73 32.27 -44.91
N VAL I 168 11.32 32.57 -43.67
CA VAL I 168 12.16 32.31 -42.52
C VAL I 168 12.37 30.81 -42.35
N LYS I 169 11.28 30.07 -42.48
CA LYS I 169 11.30 28.61 -42.35
C LYS I 169 12.16 28.01 -43.47
N GLU I 170 12.28 28.74 -44.59
CA GLU I 170 13.15 28.34 -45.70
C GLU I 170 14.56 28.93 -45.57
N GLY I 171 14.81 29.68 -44.50
CA GLY I 171 16.11 30.26 -44.24
C GLY I 171 16.48 31.43 -45.15
N LYS I 172 15.48 31.96 -45.85
CA LYS I 172 15.68 33.05 -46.81
C LYS I 172 15.54 34.46 -46.21
N PHE I 173 15.09 34.54 -44.96
CA PHE I 173 14.96 35.79 -44.22
C PHE I 173 15.41 35.57 -42.79
N ARG I 174 16.19 36.50 -42.23
CA ARG I 174 16.75 36.31 -40.90
C ARG I 174 15.65 36.15 -39.86
N GLU I 175 15.77 35.11 -39.06
CA GLU I 175 14.79 34.80 -38.01
C GLU I 175 14.84 35.82 -36.88
N ASP I 176 16.05 36.20 -36.48
CA ASP I 176 16.22 37.12 -35.36
C ASP I 176 15.76 38.52 -35.75
N LEU I 177 15.82 38.83 -37.04
CA LEU I 177 15.38 40.14 -37.53
C LEU I 177 13.86 40.24 -37.50
N TYR I 178 13.19 39.12 -37.82
CA TYR I 178 11.73 39.10 -37.82
C TYR I 178 11.14 39.52 -36.48
N TYR I 179 11.69 38.96 -35.41
CA TYR I 179 11.20 39.19 -34.06
C TYR I 179 11.50 40.61 -33.60
N ARG I 180 12.41 41.30 -34.29
CA ARG I 180 12.66 42.70 -34.03
C ARG I 180 11.58 43.55 -34.69
N LEU I 181 11.22 43.19 -35.92
CA LEU I 181 10.17 43.89 -36.69
C LEU I 181 8.76 43.40 -36.37
N GLY I 182 8.67 42.18 -35.84
CA GLY I 182 7.41 41.47 -35.77
C GLY I 182 6.56 41.75 -34.56
N VAL I 183 6.75 42.92 -33.96
CA VAL I 183 5.91 43.36 -32.85
C VAL I 183 4.43 43.30 -33.23
N ILE I 184 4.09 43.96 -34.32
CA ILE I 184 2.74 43.95 -34.89
C ILE I 184 2.73 43.29 -36.27
N GLU I 185 1.76 42.41 -36.51
CA GLU I 185 1.64 41.69 -37.77
C GLU I 185 0.29 41.98 -38.44
N ILE I 186 0.35 42.53 -39.66
CA ILE I 186 -0.85 42.84 -40.45
C ILE I 186 -0.82 42.07 -41.76
N GLU I 187 -1.78 41.16 -41.94
CA GLU I 187 -1.81 40.28 -43.11
C GLU I 187 -2.49 40.88 -44.33
N ILE I 188 -3.67 41.45 -44.14
CA ILE I 188 -4.45 42.10 -45.20
C ILE I 188 -4.96 41.05 -46.21
N PRO I 189 -6.27 41.09 -46.54
CA PRO I 189 -6.83 40.19 -47.56
C PRO I 189 -6.64 40.65 -49.02
N PRO I 190 -6.68 39.72 -49.98
CA PRO I 190 -6.61 40.07 -51.41
C PRO I 190 -7.89 40.76 -51.84
N LEU I 191 -8.06 41.01 -53.14
CA LEU I 191 -9.26 41.67 -53.62
C LEU I 191 -10.38 40.66 -53.82
N ARG I 192 -10.02 39.48 -54.32
CA ARG I 192 -11.00 38.43 -54.55
C ARG I 192 -11.77 38.05 -53.28
N GLU I 193 -11.19 38.35 -52.11
CA GLU I 193 -11.88 38.12 -50.84
C GLU I 193 -12.55 39.38 -50.27
N ARG I 194 -12.40 40.51 -50.94
CA ARG I 194 -13.23 41.68 -50.66
C ARG I 194 -14.07 42.02 -51.88
N LYS I 195 -15.30 41.53 -51.91
CA LYS I 195 -16.17 41.77 -53.04
C LYS I 195 -16.78 43.17 -52.91
N GLU I 196 -16.94 43.59 -51.66
CA GLU I 196 -17.63 44.85 -51.33
C GLU I 196 -16.83 46.08 -51.74
N ASP I 197 -15.51 45.95 -51.79
CA ASP I 197 -14.64 47.09 -52.10
C ASP I 197 -14.57 47.34 -53.60
N ILE I 198 -14.92 46.31 -54.39
CA ILE I 198 -14.71 46.35 -55.83
C ILE I 198 -15.43 47.51 -56.51
N ILE I 199 -16.75 47.56 -56.35
CA ILE I 199 -17.57 48.52 -57.08
C ILE I 199 -17.32 49.96 -56.65
N PRO I 200 -17.27 50.23 -55.33
CA PRO I 200 -17.00 51.60 -54.88
C PRO I 200 -15.69 52.15 -55.44
N LEU I 201 -14.68 51.29 -55.50
CA LEU I 201 -13.39 51.66 -56.06
C LEU I 201 -13.51 51.98 -57.55
N ALA I 202 -14.19 51.11 -58.28
CA ALA I 202 -14.34 51.26 -59.73
C ALA I 202 -14.92 52.63 -60.08
N ASN I 203 -15.94 53.04 -59.33
CA ASN I 203 -16.57 54.35 -59.52
C ASN I 203 -15.66 55.50 -59.13
N HIS I 204 -14.89 55.32 -58.05
CA HIS I 204 -13.98 56.34 -57.57
C HIS I 204 -12.93 56.68 -58.63
N PHE I 205 -12.37 55.64 -59.22
CA PHE I 205 -11.37 55.80 -60.28
C PHE I 205 -12.00 56.31 -61.57
N LEU I 206 -13.19 55.80 -61.88
CA LEU I 206 -13.92 56.24 -63.07
C LEU I 206 -14.20 57.74 -63.00
N LYS I 207 -14.65 58.21 -61.84
CA LYS I 207 -14.94 59.62 -61.64
C LYS I 207 -13.66 60.41 -61.87
N LYS I 208 -12.55 59.88 -61.34
CA LYS I 208 -11.24 60.49 -61.50
C LYS I 208 -10.81 60.54 -62.96
N PHE I 209 -10.96 59.43 -63.68
CA PHE I 209 -10.54 59.36 -65.07
C PHE I 209 -11.49 60.14 -65.97
N SER I 210 -12.77 60.13 -65.64
CA SER I 210 -13.76 60.90 -66.39
C SER I 210 -13.43 62.37 -66.27
N ARG I 211 -12.94 62.77 -65.10
CA ARG I 211 -12.51 64.14 -64.85
C ARG I 211 -11.25 64.46 -65.65
N LYS I 212 -10.26 63.58 -65.51
CA LYS I 212 -8.95 63.78 -66.16
C LYS I 212 -9.09 63.86 -67.67
N TYR I 213 -9.73 62.86 -68.25
CA TYR I 213 -9.93 62.78 -69.70
C TYR I 213 -11.32 63.33 -69.99
N ALA I 214 -11.44 64.29 -70.89
CA ALA I 214 -12.77 64.83 -71.14
C ALA I 214 -13.53 63.75 -71.88
N LYS I 215 -14.53 63.19 -71.22
CA LYS I 215 -15.34 62.12 -71.79
C LYS I 215 -16.77 62.26 -71.28
N GLU I 216 -17.69 61.51 -71.86
CA GLU I 216 -19.10 61.62 -71.51
C GLU I 216 -19.50 60.52 -70.52
N VAL I 217 -18.52 59.72 -70.08
CA VAL I 217 -18.80 58.56 -69.27
C VAL I 217 -19.27 58.93 -67.85
N GLU I 218 -20.21 58.16 -67.33
CA GLU I 218 -20.81 58.39 -66.02
C GLU I 218 -20.64 57.20 -65.07
N GLY I 219 -21.17 56.04 -65.46
CA GLY I 219 -21.19 54.86 -64.61
C GLY I 219 -21.25 53.58 -65.41
N PHE I 220 -21.43 52.46 -64.71
CA PHE I 220 -21.42 51.14 -65.35
C PHE I 220 -22.83 50.59 -65.50
N THR I 221 -23.07 49.87 -66.60
CA THR I 221 -24.33 49.16 -66.78
C THR I 221 -24.37 47.96 -65.84
N LYS I 222 -25.57 47.47 -65.55
CA LYS I 222 -25.75 46.35 -64.63
C LYS I 222 -25.08 45.09 -65.21
N SER I 223 -25.16 44.95 -66.53
CA SER I 223 -24.61 43.81 -67.24
C SER I 223 -23.08 43.75 -67.17
N ALA I 224 -22.44 44.91 -67.20
CA ALA I 224 -20.99 44.99 -67.13
C ALA I 224 -20.45 44.60 -65.76
N GLN I 225 -21.08 45.13 -64.72
CA GLN I 225 -20.64 44.94 -63.35
C GLN I 225 -20.59 43.48 -62.87
N GLU I 226 -21.49 42.65 -63.36
CA GLU I 226 -21.57 41.26 -62.91
C GLU I 226 -20.32 40.44 -63.23
N LEU I 227 -19.75 40.64 -64.43
CA LEU I 227 -18.53 39.94 -64.82
C LEU I 227 -17.33 40.40 -64.00
N LEU I 228 -17.24 41.71 -63.82
CA LEU I 228 -16.13 42.34 -63.12
C LEU I 228 -15.92 41.77 -61.71
N LEU I 229 -17.02 41.44 -61.05
CA LEU I 229 -16.98 40.93 -59.68
C LEU I 229 -16.48 39.48 -59.63
N SER I 230 -16.65 38.77 -60.74
CA SER I 230 -16.30 37.34 -60.82
C SER I 230 -14.88 37.07 -61.29
N TYR I 231 -14.02 38.09 -61.29
CA TYR I 231 -12.65 37.92 -61.78
C TYR I 231 -11.68 37.83 -60.61
N PRO I 232 -10.57 37.07 -60.75
CA PRO I 232 -9.72 36.83 -59.58
C PRO I 232 -8.90 38.02 -59.10
N TRP I 233 -8.54 38.93 -60.01
CA TRP I 233 -7.81 40.14 -59.64
C TRP I 233 -6.51 39.74 -58.96
N TYR I 234 -5.56 39.29 -59.76
CA TYR I 234 -4.28 38.87 -59.27
C TYR I 234 -3.41 40.09 -58.97
N GLY I 235 -3.68 41.19 -59.66
CA GLY I 235 -2.97 42.43 -59.46
C GLY I 235 -3.67 43.34 -58.46
N ASN I 236 -4.80 42.89 -57.94
CA ASN I 236 -5.56 43.61 -56.91
C ASN I 236 -5.93 45.02 -57.35
N VAL I 237 -5.85 45.98 -56.44
CA VAL I 237 -6.35 47.34 -56.69
C VAL I 237 -5.56 48.03 -57.80
N ARG I 238 -4.27 47.75 -57.84
CA ARG I 238 -3.38 48.38 -58.80
C ARG I 238 -3.85 48.00 -60.20
N GLU I 239 -4.32 46.77 -60.34
CA GLU I 239 -4.84 46.26 -61.61
C GLU I 239 -6.13 46.97 -62.00
N LEU I 240 -7.00 47.20 -61.02
CA LEU I 240 -8.27 47.86 -61.28
C LEU I 240 -8.03 49.23 -61.88
N LYS I 241 -7.22 50.04 -61.20
CA LYS I 241 -6.90 51.39 -61.66
C LYS I 241 -6.47 51.38 -63.11
N ASN I 242 -5.67 50.37 -63.46
CA ASN I 242 -5.19 50.21 -64.83
C ASN I 242 -6.31 49.78 -65.78
N VAL I 243 -7.14 48.84 -65.32
CA VAL I 243 -8.24 48.31 -66.12
C VAL I 243 -9.28 49.38 -66.42
N ILE I 244 -9.60 50.18 -65.42
CA ILE I 244 -10.54 51.27 -65.60
C ILE I 244 -9.93 52.33 -66.49
N GLU I 245 -8.65 52.65 -66.27
CA GLU I 245 -7.96 53.67 -67.06
C GLU I 245 -7.93 53.30 -68.55
N ARG I 246 -7.77 52.01 -68.83
CA ARG I 246 -7.83 51.53 -70.20
C ARG I 246 -9.23 51.72 -70.80
N ALA I 247 -10.24 51.37 -70.02
CA ALA I 247 -11.63 51.39 -70.47
C ALA I 247 -12.14 52.79 -70.82
N VAL I 248 -11.83 53.77 -69.99
CA VAL I 248 -12.35 55.15 -70.17
C VAL I 248 -11.93 55.75 -71.50
N LEU I 249 -10.69 55.50 -71.88
CA LEU I 249 -10.12 56.03 -73.11
C LEU I 249 -10.81 55.47 -74.34
N PHE I 250 -11.20 54.20 -74.26
CA PHE I 250 -11.82 53.48 -75.37
C PHE I 250 -13.35 53.58 -75.33
N SER I 251 -13.87 54.26 -74.33
CA SER I 251 -15.32 54.37 -74.15
C SER I 251 -15.97 55.11 -75.31
N GLU I 252 -17.21 54.75 -75.60
CA GLU I 252 -17.98 55.37 -76.67
C GLU I 252 -19.17 56.14 -76.09
N GLY I 253 -20.06 55.42 -75.41
CA GLY I 253 -21.25 56.02 -74.83
C GLY I 253 -21.01 56.67 -73.49
N LYS I 254 -22.11 56.89 -72.77
CA LYS I 254 -22.06 57.48 -71.44
C LYS I 254 -21.90 56.41 -70.36
N PHE I 255 -22.12 55.15 -70.76
CA PHE I 255 -22.02 54.01 -69.85
C PHE I 255 -21.07 52.97 -70.46
N ILE I 256 -20.47 52.15 -69.61
CA ILE I 256 -19.55 51.11 -70.07
C ILE I 256 -20.20 49.75 -69.87
N ASP I 257 -20.29 48.99 -70.96
CA ASP I 257 -20.92 47.68 -70.95
C ASP I 257 -19.88 46.57 -70.77
N ARG I 258 -20.35 45.33 -70.72
CA ARG I 258 -19.49 44.16 -70.58
C ARG I 258 -18.50 44.02 -71.73
N GLY I 259 -18.85 44.56 -72.89
CA GLY I 259 -18.03 44.39 -74.08
C GLY I 259 -16.65 45.02 -74.00
N GLU I 260 -16.56 46.21 -73.43
CA GLU I 260 -15.27 46.90 -73.33
C GLU I 260 -14.35 46.23 -72.30
N LEU I 261 -14.95 45.58 -71.32
CA LEU I 261 -14.21 44.84 -70.29
C LEU I 261 -13.83 43.42 -70.74
N SER I 262 -14.66 42.86 -71.61
CA SER I 262 -14.52 41.46 -72.05
C SER I 262 -13.17 41.14 -72.69
N CYS I 263 -12.56 42.09 -73.39
CA CYS I 263 -11.31 41.86 -74.10
C CYS I 263 -10.13 41.65 -73.15
N LEU I 264 -10.27 42.08 -71.90
CA LEU I 264 -9.24 41.91 -70.90
C LEU I 264 -9.30 40.52 -70.26
N VAL I 265 -10.49 39.92 -70.30
CA VAL I 265 -10.75 38.67 -69.60
C VAL I 265 -11.06 37.56 -70.62
N GLU J 19 7.12 59.25 -93.15
CA GLU J 19 7.56 58.41 -94.26
C GLU J 19 7.41 56.92 -93.94
N TYR J 20 6.97 56.60 -92.73
CA TYR J 20 6.81 55.20 -92.33
C TYR J 20 5.53 54.61 -92.92
N VAL J 21 5.58 53.31 -93.18
CA VAL J 21 4.49 52.59 -93.87
C VAL J 21 3.63 51.71 -92.96
N PHE J 22 2.33 52.01 -92.89
CA PHE J 22 1.38 51.05 -92.33
C PHE J 22 0.22 50.87 -93.30
N GLU J 23 0.21 49.74 -94.01
CA GLU J 23 -0.90 49.39 -94.90
C GLU J 23 -1.69 48.16 -94.46
N SER J 24 -1.25 47.49 -93.40
CA SER J 24 -1.87 46.24 -92.97
C SER J 24 -3.21 46.41 -92.26
N PRO J 25 -4.07 45.38 -92.35
CA PRO J 25 -5.32 45.42 -91.58
C PRO J 25 -5.05 45.47 -90.08
N LYS J 26 -4.14 44.61 -89.63
CA LYS J 26 -3.75 44.50 -88.24
C LYS J 26 -3.08 45.76 -87.72
N MET J 27 -2.13 46.28 -88.50
CA MET J 27 -1.34 47.43 -88.10
C MET J 27 -2.18 48.70 -88.07
N LYS J 28 -3.18 48.76 -88.96
CA LYS J 28 -4.10 49.87 -89.00
C LYS J 28 -4.95 49.90 -87.73
N GLU J 29 -5.27 48.72 -87.20
CA GLU J 29 -6.07 48.63 -85.99
C GLU J 29 -5.32 49.26 -84.83
N ILE J 30 -4.03 48.92 -84.75
CA ILE J 30 -3.17 49.49 -83.72
C ILE J 30 -3.04 50.98 -83.94
N LEU J 31 -2.94 51.39 -85.19
CA LEU J 31 -2.78 52.80 -85.52
C LEU J 31 -3.94 53.60 -84.95
N GLU J 32 -5.14 53.03 -85.00
CA GLU J 32 -6.31 53.71 -84.47
C GLU J 32 -6.22 53.84 -82.96
N LYS J 33 -5.75 52.78 -82.30
CA LYS J 33 -5.62 52.76 -80.84
C LYS J 33 -4.71 53.88 -80.33
N ILE J 34 -3.61 54.11 -81.05
CA ILE J 34 -2.63 55.12 -80.65
C ILE J 34 -3.26 56.51 -80.60
N LYS J 35 -4.07 56.83 -81.60
CA LYS J 35 -4.70 58.14 -81.69
C LYS J 35 -5.68 58.38 -80.53
N LYS J 36 -6.27 57.30 -80.03
CA LYS J 36 -7.21 57.37 -78.92
C LYS J 36 -6.51 57.69 -77.58
N ILE J 37 -5.27 57.23 -77.43
CA ILE J 37 -4.52 57.42 -76.18
C ILE J 37 -3.61 58.65 -76.22
N SER J 38 -3.69 59.43 -77.30
CA SER J 38 -2.87 60.64 -77.44
C SER J 38 -3.00 61.55 -76.22
N CYS J 39 -4.16 61.52 -75.57
CA CYS J 39 -4.42 62.35 -74.40
C CYS J 39 -3.91 61.70 -73.11
N ALA J 40 -3.60 60.41 -73.17
CA ALA J 40 -3.23 59.66 -71.99
C ALA J 40 -1.79 59.92 -71.57
N GLU J 41 -1.58 59.98 -70.25
CA GLU J 41 -0.27 60.23 -69.65
C GLU J 41 0.43 58.98 -69.10
N CYS J 42 -0.06 57.79 -69.44
CA CYS J 42 0.30 56.59 -68.68
C CYS J 42 1.23 55.65 -69.45
N PRO J 43 1.99 54.81 -68.71
CA PRO J 43 3.02 53.93 -69.30
C PRO J 43 2.51 52.96 -70.37
N VAL J 44 3.39 52.65 -71.32
CA VAL J 44 3.08 51.77 -72.45
C VAL J 44 4.13 50.68 -72.61
N LEU J 45 3.68 49.45 -72.86
CA LEU J 45 4.59 48.32 -73.06
C LEU J 45 4.45 47.69 -74.44
N ILE J 46 5.51 47.80 -75.25
CA ILE J 46 5.51 47.26 -76.61
C ILE J 46 6.23 45.92 -76.67
N THR J 47 5.60 44.94 -77.30
CA THR J 47 6.17 43.61 -77.40
C THR J 47 6.10 43.10 -78.85
N GLY J 48 6.95 42.15 -79.18
CA GLY J 48 6.95 41.54 -80.51
C GLY J 48 8.32 41.00 -80.87
N GLU J 49 8.38 40.31 -82.01
CA GLU J 49 9.64 39.76 -82.51
C GLU J 49 10.60 40.88 -82.87
N SER J 50 11.88 40.54 -82.96
CA SER J 50 12.90 41.55 -83.26
C SER J 50 12.82 42.05 -84.67
N GLY J 51 12.83 43.37 -84.82
CA GLY J 51 12.85 44.00 -86.12
C GLY J 51 11.45 44.26 -86.67
N VAL J 52 10.44 44.26 -85.81
CA VAL J 52 9.07 44.46 -86.28
C VAL J 52 8.62 45.92 -86.23
N GLY J 53 9.46 46.81 -85.73
CA GLY J 53 9.12 48.22 -85.65
C GLY J 53 8.67 48.71 -84.28
N LYS J 54 9.04 47.98 -83.22
CA LYS J 54 8.69 48.37 -81.86
C LYS J 54 9.16 49.79 -81.49
N GLU J 55 10.34 50.18 -81.97
CA GLU J 55 10.91 51.50 -81.70
C GLU J 55 10.13 52.60 -82.43
N VAL J 56 9.62 52.28 -83.60
CA VAL J 56 8.87 53.23 -84.40
C VAL J 56 7.65 53.69 -83.61
N VAL J 57 6.92 52.74 -83.04
CA VAL J 57 5.73 53.04 -82.27
C VAL J 57 6.05 53.95 -81.09
N ALA J 58 7.11 53.60 -80.36
CA ALA J 58 7.49 54.33 -79.16
C ALA J 58 7.78 55.80 -79.49
N ARG J 59 8.55 56.05 -80.54
CA ARG J 59 8.83 57.43 -80.94
C ARG J 59 7.57 58.08 -81.51
N LEU J 60 6.69 57.30 -82.12
CA LEU J 60 5.50 57.87 -82.73
C LEU J 60 4.52 58.36 -81.70
N ILE J 61 4.31 57.57 -80.65
CA ILE J 61 3.41 57.94 -79.57
C ILE J 61 3.83 59.31 -79.01
N HIS J 62 5.14 59.53 -78.92
CA HIS J 62 5.69 60.78 -78.41
C HIS J 62 5.35 61.98 -79.29
N LYS J 63 5.52 61.81 -80.60
CA LYS J 63 5.27 62.89 -81.54
C LYS J 63 3.80 63.27 -81.59
N LEU J 64 2.93 62.29 -81.34
CA LEU J 64 1.49 62.49 -81.38
C LEU J 64 0.89 62.84 -80.01
N SER J 65 1.69 62.79 -78.96
CA SER J 65 1.20 63.07 -77.61
C SER J 65 1.21 64.57 -77.36
N ASP J 66 0.77 64.98 -76.17
CA ASP J 66 0.74 66.40 -75.83
C ASP J 66 2.14 66.94 -75.53
N ARG J 67 3.07 66.02 -75.29
CA ARG J 67 4.46 66.34 -74.96
C ARG J 67 5.43 66.26 -76.14
N SER J 68 4.89 66.15 -77.35
CA SER J 68 5.72 65.89 -78.53
C SER J 68 6.83 66.92 -78.71
N LYS J 69 6.63 68.10 -78.17
CA LYS J 69 7.59 69.18 -78.29
C LYS J 69 8.60 69.15 -77.14
N GLU J 70 8.34 68.28 -76.16
CA GLU J 70 9.22 68.12 -75.00
C GLU J 70 10.24 67.02 -75.27
N PRO J 71 11.20 66.83 -74.35
CA PRO J 71 12.27 65.85 -74.61
C PRO J 71 11.79 64.40 -74.69
N PHE J 72 12.44 63.64 -75.57
CA PHE J 72 12.26 62.19 -75.67
C PHE J 72 13.59 61.52 -75.43
N VAL J 73 13.67 60.79 -74.32
CA VAL J 73 14.92 60.16 -73.91
C VAL J 73 14.91 58.68 -74.28
N ALA J 74 15.76 58.31 -75.23
CA ALA J 74 15.84 56.91 -75.66
C ALA J 74 17.01 56.27 -74.95
N LEU J 75 16.75 55.12 -74.35
CA LEU J 75 17.78 54.43 -73.58
C LEU J 75 17.71 52.91 -73.70
N ASN J 76 18.84 52.29 -73.97
CA ASN J 76 18.96 50.84 -73.86
C ASN J 76 19.42 50.55 -72.45
N VAL J 77 18.54 49.96 -71.67
CA VAL J 77 18.83 49.73 -70.27
C VAL J 77 19.92 48.69 -70.09
N ALA J 78 19.88 47.64 -70.90
CA ALA J 78 20.92 46.60 -70.87
C ALA J 78 22.33 47.20 -70.91
N SER J 79 22.47 48.39 -71.48
CA SER J 79 23.78 49.02 -71.60
C SER J 79 24.22 49.69 -70.31
N ILE J 80 23.33 49.79 -69.32
CA ILE J 80 23.69 50.41 -68.05
C ILE J 80 24.51 49.44 -67.21
N PRO J 81 25.71 49.87 -66.78
CA PRO J 81 26.55 49.03 -65.91
C PRO J 81 25.92 48.83 -64.54
N ARG J 82 26.09 47.61 -64.01
CA ARG J 82 25.44 47.21 -62.78
C ARG J 82 25.85 48.09 -61.61
N ASP J 83 27.12 48.51 -61.58
CA ASP J 83 27.68 49.22 -60.44
C ASP J 83 27.21 50.67 -60.21
N ILE J 84 27.11 51.46 -61.28
CA ILE J 84 26.62 52.84 -61.20
C ILE J 84 25.13 52.93 -61.57
N PHE J 85 24.51 51.78 -61.79
CA PHE J 85 23.11 51.70 -62.22
C PHE J 85 22.26 52.65 -61.40
N GLU J 86 22.41 52.60 -60.09
CA GLU J 86 21.66 53.45 -59.18
C GLU J 86 21.97 54.93 -59.39
N ALA J 87 23.25 55.25 -59.52
CA ALA J 87 23.70 56.64 -59.61
C ALA J 87 23.34 57.29 -60.93
N GLU J 88 23.50 56.55 -62.01
CA GLU J 88 23.29 57.10 -63.36
C GLU J 88 21.82 57.34 -63.62
N LEU J 89 20.98 56.71 -62.81
CA LEU J 89 19.54 56.77 -62.99
C LEU J 89 18.87 57.89 -62.17
N PHE J 90 19.04 57.83 -60.85
CA PHE J 90 18.40 58.77 -59.93
C PHE J 90 19.16 60.08 -59.82
N GLY J 91 20.48 59.99 -59.99
CA GLY J 91 21.36 61.13 -59.90
C GLY J 91 22.03 61.16 -58.56
N TYR J 92 22.94 62.11 -58.36
CA TYR J 92 23.67 62.19 -57.10
C TYR J 92 24.15 63.61 -56.79
N GLU J 93 24.38 63.85 -55.50
CA GLU J 93 24.89 65.12 -55.02
C GLU J 93 26.35 64.91 -54.62
N LYS J 94 27.13 65.99 -54.53
CA LYS J 94 28.53 65.84 -54.15
C LYS J 94 28.67 65.14 -52.81
N GLY J 95 29.12 63.88 -52.86
CA GLY J 95 29.24 63.05 -51.69
C GLY J 95 28.78 61.65 -52.03
N ALA J 96 28.45 60.87 -51.01
CA ALA J 96 27.78 59.58 -51.19
C ALA J 96 28.58 58.67 -52.09
N PHE J 97 29.89 58.93 -52.13
CA PHE J 97 30.76 58.24 -53.06
C PHE J 97 32.14 58.86 -52.95
N THR J 98 33.04 58.34 -53.76
CA THR J 98 34.32 58.96 -54.03
C THR J 98 34.04 59.86 -55.24
N GLY J 99 32.79 60.32 -55.32
CA GLY J 99 32.08 60.69 -56.53
C GLY J 99 32.51 62.01 -57.14
N ALA J 100 33.79 62.32 -56.97
CA ALA J 100 34.37 63.54 -57.51
C ALA J 100 33.60 64.77 -57.01
N VAL J 101 33.34 65.73 -57.88
CA VAL J 101 33.01 67.07 -57.42
C VAL J 101 31.57 67.47 -57.63
N SER J 102 31.10 67.40 -58.88
CA SER J 102 29.83 68.01 -59.22
C SER J 102 28.60 67.13 -58.97
N SER J 103 27.48 67.79 -58.67
CA SER J 103 26.19 67.13 -58.52
C SER J 103 25.72 66.79 -59.91
N LYS J 104 24.91 65.75 -60.05
CA LYS J 104 24.49 65.32 -61.37
C LYS J 104 23.03 64.91 -61.42
N GLU J 105 22.35 65.35 -62.49
CA GLU J 105 20.96 65.00 -62.74
C GLU J 105 20.89 63.52 -63.08
N GLY J 106 19.72 62.91 -62.88
CA GLY J 106 19.51 61.53 -63.28
C GLY J 106 18.77 61.50 -64.61
N PHE J 107 18.65 60.32 -65.20
CA PHE J 107 17.93 60.21 -66.46
C PHE J 107 16.44 60.45 -66.24
N PHE J 108 15.94 60.12 -65.06
CA PHE J 108 14.53 60.33 -64.72
C PHE J 108 14.20 61.82 -64.66
N GLU J 109 15.08 62.60 -64.04
CA GLU J 109 14.92 64.06 -63.92
C GLU J 109 15.10 64.74 -65.28
N LEU J 110 15.94 64.15 -66.11
CA LEU J 110 16.19 64.65 -67.45
C LEU J 110 14.95 64.53 -68.33
N ALA J 111 14.12 63.53 -68.04
CA ALA J 111 12.91 63.27 -68.82
C ALA J 111 11.67 63.93 -68.20
N ASP J 112 11.88 64.70 -67.12
CA ASP J 112 10.76 65.36 -66.44
C ASP J 112 9.96 66.23 -67.39
N GLY J 113 8.66 65.98 -67.47
CA GLY J 113 7.78 66.69 -68.38
C GLY J 113 7.78 66.10 -69.78
N GLY J 114 8.75 65.23 -70.06
CA GLY J 114 8.89 64.61 -71.37
C GLY J 114 8.51 63.14 -71.32
N THR J 115 9.08 62.35 -72.23
CA THR J 115 8.78 60.93 -72.31
C THR J 115 10.09 60.15 -72.25
N LEU J 116 10.08 59.10 -71.46
CA LEU J 116 11.26 58.27 -71.25
C LEU J 116 11.05 56.89 -71.85
N PHE J 117 11.92 56.52 -72.78
CA PHE J 117 11.78 55.25 -73.50
C PHE J 117 12.86 54.27 -73.07
N LEU J 118 12.45 53.19 -72.42
CA LEU J 118 13.39 52.16 -71.98
C LEU J 118 13.35 50.94 -72.90
N ASP J 119 14.38 50.79 -73.73
CA ASP J 119 14.40 49.71 -74.71
C ASP J 119 15.03 48.49 -74.06
N GLU J 120 14.53 47.32 -74.43
CA GLU J 120 15.04 46.04 -73.94
C GLU J 120 14.91 45.93 -72.42
N ILE J 121 13.79 46.39 -71.90
CA ILE J 121 13.51 46.32 -70.47
C ILE J 121 13.50 44.85 -70.02
N GLY J 122 13.13 43.95 -70.94
CA GLY J 122 12.97 42.55 -70.63
C GLY J 122 14.25 41.82 -70.31
N GLU J 123 15.39 42.47 -70.54
CA GLU J 123 16.70 41.84 -70.34
C GLU J 123 17.25 42.06 -68.93
N LEU J 124 16.51 42.80 -68.11
CA LEU J 124 16.98 43.14 -66.77
C LEU J 124 17.05 41.95 -65.83
N SER J 125 18.05 41.96 -64.95
CA SER J 125 18.20 40.91 -63.96
C SER J 125 17.15 41.17 -62.90
N LEU J 126 16.53 40.10 -62.41
CA LEU J 126 15.43 40.22 -61.46
C LEU J 126 15.78 41.09 -60.26
N GLU J 127 17.00 40.95 -59.74
CA GLU J 127 17.44 41.74 -58.60
C GLU J 127 17.52 43.23 -58.97
N ALA J 128 17.90 43.50 -60.21
CA ALA J 128 18.09 44.88 -60.69
C ALA J 128 16.77 45.58 -60.97
N GLN J 129 15.77 44.82 -61.40
CA GLN J 129 14.44 45.34 -61.71
C GLN J 129 13.83 46.06 -60.51
N ALA J 130 14.09 45.51 -59.33
CA ALA J 130 13.50 46.01 -58.08
C ALA J 130 13.88 47.47 -57.76
N LYS J 131 15.01 47.93 -58.27
CA LYS J 131 15.52 49.26 -57.91
C LYS J 131 14.62 50.36 -58.46
N LEU J 132 14.07 50.13 -59.64
CA LEU J 132 13.25 51.12 -60.34
C LEU J 132 11.79 51.06 -59.89
N LEU J 133 11.48 50.11 -59.01
CA LEU J 133 10.09 49.77 -58.73
C LEU J 133 9.27 50.96 -58.19
N ARG J 134 9.70 51.58 -57.08
CA ARG J 134 8.95 52.70 -56.49
C ARG J 134 8.97 53.92 -57.40
N VAL J 135 9.99 53.98 -58.26
CA VAL J 135 10.19 55.11 -59.14
C VAL J 135 9.13 55.13 -60.24
N ILE J 136 8.77 53.96 -60.73
CA ILE J 136 7.85 53.84 -61.85
C ILE J 136 6.48 54.44 -61.59
N GLU J 137 5.82 53.97 -60.53
CA GLU J 137 4.44 54.36 -60.26
C GLU J 137 4.33 55.72 -59.59
N SER J 138 5.18 55.96 -58.58
CA SER J 138 5.09 57.16 -57.78
C SER J 138 5.78 58.36 -58.43
N GLY J 139 6.77 58.08 -59.27
CA GLY J 139 7.55 59.13 -59.89
C GLY J 139 8.39 59.87 -58.85
N LYS J 140 8.64 59.20 -57.73
CA LYS J 140 9.37 59.80 -56.62
C LYS J 140 10.61 58.99 -56.26
N PHE J 141 11.66 59.67 -55.78
CA PHE J 141 12.88 59.00 -55.34
C PHE J 141 13.79 59.97 -54.59
N TYR J 142 14.91 59.44 -54.13
CA TYR J 142 15.99 60.25 -53.54
C TYR J 142 17.23 60.17 -54.41
N ARG J 143 17.87 61.32 -54.64
CA ARG J 143 19.16 61.32 -55.30
C ARG J 143 20.10 60.54 -54.41
N LEU J 144 21.13 59.94 -54.99
CA LEU J 144 22.10 59.23 -54.18
C LEU J 144 22.85 60.28 -53.38
N GLY J 145 22.82 60.14 -52.07
CA GLY J 145 23.39 61.14 -51.20
C GLY J 145 22.44 62.29 -50.95
N GLY J 146 21.28 62.27 -51.61
CA GLY J 146 20.27 63.28 -51.36
C GLY J 146 19.36 62.94 -50.19
N ARG J 147 19.02 63.96 -49.40
CA ARG J 147 18.11 63.82 -48.26
C ARG J 147 16.69 64.34 -48.54
N LYS J 148 16.49 64.87 -49.74
CA LYS J 148 15.22 65.44 -50.15
C LYS J 148 14.51 64.56 -51.16
N GLU J 149 13.28 64.13 -50.85
CA GLU J 149 12.52 63.32 -51.79
C GLU J 149 12.20 64.18 -53.03
N ILE J 150 12.54 63.66 -54.21
CA ILE J 150 12.31 64.39 -55.45
C ILE J 150 11.13 63.78 -56.18
N GLU J 151 10.33 64.64 -56.80
CA GLU J 151 9.19 64.18 -57.60
C GLU J 151 9.28 64.74 -59.00
N VAL J 152 9.10 63.84 -59.97
CA VAL J 152 9.16 64.19 -61.38
C VAL J 152 7.95 63.61 -62.10
N ASN J 153 7.60 64.22 -63.23
CA ASN J 153 6.48 63.78 -64.04
C ASN J 153 7.00 63.22 -65.35
N VAL J 154 6.94 61.90 -65.50
CA VAL J 154 7.51 61.22 -66.64
C VAL J 154 6.56 60.16 -67.19
N ARG J 155 6.28 60.24 -68.48
CA ARG J 155 5.53 59.18 -69.15
C ARG J 155 6.51 58.12 -69.61
N ILE J 156 6.22 56.88 -69.28
CA ILE J 156 7.14 55.78 -69.51
C ILE J 156 6.77 54.94 -70.72
N LEU J 157 7.77 54.67 -71.54
CA LEU J 157 7.63 53.74 -72.64
C LEU J 157 8.65 52.64 -72.43
N ALA J 158 8.25 51.41 -72.74
CA ALA J 158 9.10 50.24 -72.55
C ALA J 158 8.93 49.33 -73.75
N ALA J 159 9.94 48.52 -74.04
CA ALA J 159 9.89 47.59 -75.16
C ALA J 159 10.67 46.32 -74.86
N THR J 160 10.24 45.19 -75.40
CA THR J 160 11.03 43.96 -75.29
C THR J 160 10.76 43.00 -76.45
N ASN J 161 11.78 42.25 -76.83
CA ASN J 161 11.68 41.27 -77.91
C ASN J 161 11.36 39.87 -77.37
N ARG J 162 11.02 39.82 -76.09
CA ARG J 162 10.79 38.56 -75.39
C ARG J 162 9.33 38.46 -75.03
N ASN J 163 8.86 37.27 -74.66
CA ASN J 163 7.47 37.11 -74.27
C ASN J 163 7.36 37.34 -72.79
N ILE J 164 6.77 38.47 -72.44
CA ILE J 164 6.80 38.92 -71.06
C ILE J 164 5.81 38.16 -70.19
N LYS J 165 4.66 37.87 -70.77
CA LYS J 165 3.60 37.18 -70.06
C LYS J 165 4.04 35.80 -69.58
N GLU J 166 4.80 35.11 -70.43
CA GLU J 166 5.29 33.79 -70.12
C GLU J 166 6.36 33.85 -69.03
N LEU J 167 7.22 34.86 -69.12
CA LEU J 167 8.33 34.99 -68.20
C LEU J 167 7.85 35.05 -66.75
N VAL J 168 6.70 35.66 -66.55
CA VAL J 168 6.13 35.75 -65.22
C VAL J 168 5.81 34.35 -64.71
N LYS J 169 5.18 33.57 -65.58
CA LYS J 169 4.83 32.19 -65.25
C LYS J 169 6.09 31.34 -65.06
N GLU J 170 7.20 31.76 -65.67
CA GLU J 170 8.47 31.06 -65.50
C GLU J 170 9.26 31.63 -64.31
N GLY J 171 8.69 32.64 -63.67
CA GLY J 171 9.29 33.24 -62.49
C GLY J 171 10.55 34.04 -62.74
N LYS J 172 10.84 34.30 -64.02
CA LYS J 172 12.04 35.05 -64.39
C LYS J 172 11.78 36.56 -64.46
N PHE J 173 10.52 36.94 -64.34
CA PHE J 173 10.13 38.35 -64.31
C PHE J 173 9.06 38.63 -63.27
N ARG J 174 9.28 39.73 -62.54
CA ARG J 174 8.41 40.09 -61.43
C ARG J 174 6.97 40.38 -61.82
N GLU J 175 6.05 39.77 -61.08
CA GLU J 175 4.63 40.00 -61.29
C GLU J 175 4.34 41.44 -60.88
N ASP J 176 5.01 41.90 -59.83
CA ASP J 176 4.75 43.21 -59.24
C ASP J 176 5.13 44.36 -60.15
N LEU J 177 6.17 44.17 -60.96
CA LEU J 177 6.58 45.24 -61.86
C LEU J 177 5.63 45.31 -63.04
N TYR J 178 5.16 44.15 -63.50
CA TYR J 178 4.30 44.10 -64.68
C TYR J 178 3.10 45.02 -64.50
N TYR J 179 2.47 44.95 -63.33
CA TYR J 179 1.25 45.71 -63.07
C TYR J 179 1.48 47.22 -62.99
N ARG J 180 2.73 47.62 -62.80
CA ARG J 180 3.08 49.05 -62.81
C ARG J 180 3.26 49.57 -64.24
N LEU J 181 3.95 48.80 -65.06
CA LEU J 181 4.20 49.13 -66.46
C LEU J 181 3.07 48.73 -67.40
N GLY J 182 2.30 47.73 -66.97
CA GLY J 182 1.40 47.01 -67.86
C GLY J 182 0.02 47.62 -68.00
N VAL J 183 -0.07 48.93 -67.76
CA VAL J 183 -1.31 49.64 -67.98
C VAL J 183 -1.82 49.36 -69.40
N ILE J 184 -0.97 49.64 -70.38
CA ILE J 184 -1.25 49.34 -71.78
C ILE J 184 -0.29 48.31 -72.35
N GLU J 185 -0.83 47.30 -73.03
CA GLU J 185 -0.02 46.25 -73.64
C GLU J 185 -0.30 46.26 -75.13
N ILE J 186 0.76 46.43 -75.93
CA ILE J 186 0.64 46.43 -77.38
C ILE J 186 1.46 45.31 -78.02
N GLU J 187 0.79 44.33 -78.61
CA GLU J 187 1.44 43.20 -79.28
C GLU J 187 1.58 43.42 -80.78
N ILE J 188 2.81 43.46 -81.26
CA ILE J 188 3.08 43.51 -82.69
C ILE J 188 3.33 42.09 -83.23
N PRO J 189 2.50 41.63 -84.18
CA PRO J 189 2.67 40.30 -84.77
C PRO J 189 3.85 40.26 -85.75
N PRO J 190 4.35 39.07 -86.07
CA PRO J 190 5.50 39.00 -86.99
C PRO J 190 5.16 39.53 -88.38
N LEU J 191 6.10 39.42 -89.30
CA LEU J 191 5.88 39.96 -90.63
C LEU J 191 5.17 38.90 -91.47
N ARG J 192 5.50 37.64 -91.24
CA ARG J 192 4.87 36.54 -91.99
C ARG J 192 3.35 36.57 -91.87
N GLU J 193 2.86 37.24 -90.82
CA GLU J 193 1.42 37.39 -90.63
C GLU J 193 0.90 38.71 -91.17
N ARG J 194 1.80 39.57 -91.64
CA ARG J 194 1.40 40.75 -92.41
C ARG J 194 1.97 40.72 -93.82
N LYS J 195 1.20 40.19 -94.77
CA LYS J 195 1.66 40.11 -96.15
C LYS J 195 1.47 41.44 -96.87
N GLU J 196 0.46 42.20 -96.43
CA GLU J 196 0.10 43.44 -97.08
C GLU J 196 1.17 44.51 -96.91
N ASP J 197 1.95 44.38 -95.83
CA ASP J 197 2.98 45.38 -95.51
C ASP J 197 4.27 45.14 -96.30
N ILE J 198 4.45 43.92 -96.77
CA ILE J 198 5.72 43.50 -97.33
C ILE J 198 6.13 44.34 -98.53
N ILE J 199 5.28 44.37 -99.54
CA ILE J 199 5.62 45.00 -100.81
C ILE J 199 5.74 46.53 -100.70
N PRO J 200 4.76 47.19 -100.03
CA PRO J 200 4.86 48.63 -99.87
C PRO J 200 6.15 49.08 -99.20
N LEU J 201 6.57 48.30 -98.21
CA LEU J 201 7.82 48.55 -97.50
C LEU J 201 9.02 48.41 -98.45
N ALA J 202 9.04 47.31 -99.19
CA ALA J 202 10.16 47.00 -100.06
C ALA J 202 10.49 48.14 -101.01
N ASN J 203 9.45 48.76 -101.56
CA ASN J 203 9.66 49.90 -102.46
C ASN J 203 10.22 51.10 -101.72
N HIS J 204 9.76 51.31 -100.49
CA HIS J 204 10.24 52.44 -99.71
C HIS J 204 11.74 52.32 -99.45
N PHE J 205 12.19 51.12 -99.09
CA PHE J 205 13.59 50.89 -98.81
C PHE J 205 14.40 51.00 -100.08
N LEU J 206 13.83 50.49 -101.18
CA LEU J 206 14.49 50.58 -102.48
C LEU J 206 14.72 52.05 -102.86
N LYS J 207 13.73 52.89 -102.61
CA LYS J 207 13.82 54.31 -102.92
C LYS J 207 15.01 54.99 -102.24
N LYS J 208 15.14 54.73 -100.94
CA LYS J 208 16.22 55.32 -100.15
C LYS J 208 17.60 54.89 -100.63
N PHE J 209 17.79 53.58 -100.81
CA PHE J 209 19.09 53.04 -101.15
C PHE J 209 19.47 53.41 -102.59
N SER J 210 18.49 53.46 -103.47
CA SER J 210 18.73 53.86 -104.84
C SER J 210 19.26 55.29 -104.82
N ARG J 211 18.72 56.11 -103.93
CA ARG J 211 19.16 57.50 -103.77
C ARG J 211 20.53 57.61 -103.12
N LYS J 212 20.71 56.93 -102.00
CA LYS J 212 21.95 56.99 -101.24
C LYS J 212 23.17 56.51 -102.04
N TYR J 213 23.05 55.34 -102.65
CA TYR J 213 24.15 54.72 -103.36
C TYR J 213 24.17 55.05 -104.85
N ALA J 214 23.37 56.04 -105.23
CA ALA J 214 23.23 56.45 -106.63
C ALA J 214 23.19 55.29 -107.64
N LYS J 215 22.06 54.61 -107.70
CA LYS J 215 21.85 53.51 -108.66
C LYS J 215 20.69 53.83 -109.60
N GLU J 216 20.48 52.96 -110.59
CA GLU J 216 19.48 53.18 -111.63
C GLU J 216 18.18 52.44 -111.38
N VAL J 217 18.08 51.78 -110.22
CA VAL J 217 16.95 50.89 -109.93
C VAL J 217 15.61 51.60 -109.71
N GLU J 218 14.53 50.95 -110.15
CA GLU J 218 13.15 51.45 -110.06
C GLU J 218 12.24 50.52 -109.25
N GLY J 219 12.10 49.27 -109.67
CA GLY J 219 11.16 48.35 -109.03
C GLY J 219 11.49 46.86 -109.17
N PHE J 220 10.58 46.01 -108.71
CA PHE J 220 10.80 44.55 -108.68
C PHE J 220 10.03 43.86 -109.80
N THR J 221 10.57 42.75 -110.32
CA THR J 221 9.85 41.95 -111.31
C THR J 221 8.67 41.25 -110.65
N LYS J 222 7.68 40.88 -111.46
CA LYS J 222 6.46 40.29 -110.96
C LYS J 222 6.75 38.93 -110.31
N SER J 223 7.69 38.20 -110.90
CA SER J 223 8.08 36.88 -110.40
C SER J 223 8.82 36.99 -109.06
N ALA J 224 9.62 38.04 -108.92
CA ALA J 224 10.38 38.29 -107.69
C ALA J 224 9.47 38.63 -106.52
N GLN J 225 8.45 39.44 -106.77
CA GLN J 225 7.51 39.88 -105.74
C GLN J 225 6.83 38.67 -105.10
N GLU J 226 6.61 37.65 -105.92
CA GLU J 226 5.93 36.44 -105.48
C GLU J 226 6.73 35.70 -104.40
N LEU J 227 8.04 35.65 -104.58
CA LEU J 227 8.92 34.97 -103.63
C LEU J 227 8.98 35.67 -102.27
N LEU J 228 9.09 36.99 -102.31
CA LEU J 228 9.16 37.80 -101.10
C LEU J 228 7.98 37.52 -100.20
N LEU J 229 6.83 37.26 -100.81
CA LEU J 229 5.60 37.02 -100.06
C LEU J 229 5.63 35.63 -99.41
N SER J 230 6.37 34.71 -100.02
CA SER J 230 6.49 33.34 -99.52
C SER J 230 7.71 33.16 -98.61
N TYR J 231 8.32 34.28 -98.21
CA TYR J 231 9.55 34.26 -97.43
C TYR J 231 9.30 34.36 -95.91
N PRO J 232 9.61 33.30 -95.15
CA PRO J 232 9.39 33.31 -93.70
C PRO J 232 10.37 34.27 -93.05
N TRP J 233 9.94 35.52 -92.85
CA TRP J 233 10.81 36.51 -92.24
C TRP J 233 10.81 36.33 -90.74
N TYR J 234 11.87 35.69 -90.27
CA TYR J 234 12.09 35.46 -88.85
C TYR J 234 12.65 36.73 -88.22
N GLY J 235 13.34 37.51 -89.04
CA GLY J 235 13.90 38.78 -88.61
C GLY J 235 12.95 39.93 -88.94
N ASN J 236 11.82 39.60 -89.55
CA ASN J 236 10.78 40.59 -89.85
C ASN J 236 11.33 41.74 -90.69
N VAL J 237 10.91 42.97 -90.39
CA VAL J 237 11.21 44.11 -91.25
C VAL J 237 12.71 44.43 -91.30
N ARG J 238 13.40 44.25 -90.17
CA ARG J 238 14.82 44.55 -90.13
C ARG J 238 15.61 43.66 -91.09
N GLU J 239 15.18 42.41 -91.24
CA GLU J 239 15.85 41.48 -92.14
C GLU J 239 15.66 41.98 -93.57
N LEU J 240 14.46 42.46 -93.88
CA LEU J 240 14.16 42.96 -95.21
C LEU J 240 15.05 44.15 -95.59
N LYS J 241 15.09 45.16 -94.72
CA LYS J 241 15.88 46.36 -94.97
C LYS J 241 17.30 46.02 -95.39
N ASN J 242 17.86 45.02 -94.73
CA ASN J 242 19.20 44.55 -95.03
C ASN J 242 19.25 43.81 -96.39
N VAL J 243 18.24 42.97 -96.64
CA VAL J 243 18.17 42.19 -97.86
C VAL J 243 18.06 43.08 -99.10
N ILE J 244 17.27 44.14 -99.00
CA ILE J 244 17.13 45.09 -100.10
C ILE J 244 18.44 45.81 -100.32
N GLU J 245 19.09 46.22 -99.23
CA GLU J 245 20.35 46.95 -99.30
C GLU J 245 21.40 46.14 -100.05
N ARG J 246 21.38 44.83 -99.87
CA ARG J 246 22.27 43.95 -100.60
C ARG J 246 21.95 44.04 -102.10
N ALA J 247 20.66 43.96 -102.41
CA ALA J 247 20.21 43.89 -103.79
C ALA J 247 20.53 45.16 -104.56
N VAL J 248 20.31 46.32 -103.94
CA VAL J 248 20.53 47.60 -104.61
C VAL J 248 21.99 47.75 -105.02
N LEU J 249 22.90 47.31 -104.14
CA LEU J 249 24.33 47.43 -104.38
C LEU J 249 24.77 46.56 -105.57
N PHE J 250 24.16 45.39 -105.68
CA PHE J 250 24.48 44.43 -106.73
C PHE J 250 23.56 44.57 -107.94
N SER J 251 22.63 45.51 -107.87
CA SER J 251 21.68 45.72 -108.95
C SER J 251 22.40 46.13 -110.23
N GLU J 252 21.85 45.69 -111.36
CA GLU J 252 22.43 46.01 -112.66
C GLU J 252 21.48 46.84 -113.51
N GLY J 253 20.32 46.27 -113.80
CA GLY J 253 19.32 46.97 -114.59
C GLY J 253 18.50 47.88 -113.70
N LYS J 254 17.34 48.30 -114.18
CA LYS J 254 16.46 49.16 -113.39
C LYS J 254 15.53 48.34 -112.51
N PHE J 255 15.42 47.05 -112.78
CA PHE J 255 14.56 46.19 -111.96
C PHE J 255 15.33 44.98 -111.45
N ILE J 256 14.83 44.41 -110.35
CA ILE J 256 15.47 43.27 -109.71
C ILE J 256 14.65 42.01 -109.91
N ASP J 257 15.28 40.97 -110.45
CA ASP J 257 14.61 39.72 -110.76
C ASP J 257 14.73 38.74 -109.60
N ARG J 258 14.09 37.58 -109.73
CA ARG J 258 14.13 36.54 -108.71
C ARG J 258 15.54 35.98 -108.55
N GLY J 259 16.31 36.01 -109.64
CA GLY J 259 17.67 35.46 -109.65
C GLY J 259 18.65 36.19 -108.76
N GLU J 260 18.56 37.52 -108.74
CA GLU J 260 19.48 38.34 -107.95
C GLU J 260 19.23 38.14 -106.46
N LEU J 261 17.99 37.79 -106.13
CA LEU J 261 17.60 37.54 -104.75
C LEU J 261 17.96 36.12 -104.29
N SER J 262 17.98 35.18 -105.22
CA SER J 262 18.22 33.78 -104.88
C SER J 262 19.55 33.58 -104.15
N CYS J 263 20.59 34.31 -104.57
CA CYS J 263 21.92 34.18 -103.96
C CYS J 263 21.98 34.83 -102.58
N LEU J 264 21.05 35.73 -102.31
CA LEU J 264 20.97 36.41 -101.03
C LEU J 264 20.20 35.56 -100.01
N VAL J 265 19.38 34.62 -100.50
CA VAL J 265 18.51 33.82 -99.64
C VAL J 265 18.93 32.36 -99.67
N GLU K 19 50.53 43.87 -102.62
CA GLU K 19 51.49 42.78 -102.51
C GLU K 19 50.82 41.49 -102.05
N TYR K 20 49.53 41.56 -101.73
CA TYR K 20 48.77 40.39 -101.29
C TYR K 20 48.33 39.55 -102.49
N VAL K 21 48.22 38.24 -102.28
CA VAL K 21 47.94 37.27 -103.33
C VAL K 21 46.51 36.71 -103.33
N PHE K 22 45.77 36.92 -104.43
CA PHE K 22 44.52 36.19 -104.64
C PHE K 22 44.51 35.54 -106.02
N GLU K 23 44.71 34.23 -106.08
CA GLU K 23 44.60 33.46 -107.32
C GLU K 23 43.47 32.44 -107.39
N SER K 24 42.74 32.24 -106.30
CA SER K 24 41.69 31.24 -106.29
C SER K 24 40.46 31.79 -107.02
N PRO K 25 39.65 30.89 -107.60
CA PRO K 25 38.40 31.38 -108.20
C PRO K 25 37.52 32.05 -107.16
N LYS K 26 37.35 31.44 -105.99
CA LYS K 26 36.52 32.02 -104.95
C LYS K 26 37.07 33.35 -104.47
N MET K 27 38.38 33.40 -104.23
CA MET K 27 39.00 34.61 -103.68
C MET K 27 38.93 35.71 -104.73
N LYS K 28 39.00 35.32 -106.00
CA LYS K 28 38.84 36.27 -107.09
C LYS K 28 37.39 36.77 -107.12
N GLU K 29 36.45 35.85 -106.86
CA GLU K 29 35.03 36.19 -106.81
C GLU K 29 34.74 37.08 -105.63
N ILE K 30 35.33 36.74 -104.48
CA ILE K 30 35.17 37.52 -103.25
C ILE K 30 35.75 38.92 -103.44
N LEU K 31 36.88 39.00 -104.12
CA LEU K 31 37.51 40.29 -104.39
C LEU K 31 36.57 41.20 -105.17
N GLU K 32 35.84 40.60 -106.11
CA GLU K 32 34.90 41.34 -106.94
C GLU K 32 33.74 41.90 -106.11
N LYS K 33 33.22 41.08 -105.19
CA LYS K 33 32.12 41.48 -104.33
C LYS K 33 32.45 42.74 -103.56
N ILE K 34 33.69 42.80 -103.09
CA ILE K 34 34.21 43.94 -102.33
C ILE K 34 34.18 45.21 -103.18
N LYS K 35 34.52 45.08 -104.46
CA LYS K 35 34.61 46.22 -105.35
C LYS K 35 33.25 46.93 -105.45
N LYS K 36 32.18 46.16 -105.30
CA LYS K 36 30.80 46.68 -105.28
C LYS K 36 30.44 47.44 -104.00
N ILE K 37 31.06 47.09 -102.87
CA ILE K 37 30.70 47.73 -101.60
C ILE K 37 31.56 48.97 -101.28
N SER K 38 32.42 49.38 -102.21
CA SER K 38 33.25 50.57 -102.02
C SER K 38 32.40 51.78 -101.61
N CYS K 39 31.18 51.82 -102.13
CA CYS K 39 30.25 52.91 -101.84
C CYS K 39 29.42 52.68 -100.57
N ALA K 40 29.40 51.45 -100.05
CA ALA K 40 28.47 51.10 -98.98
C ALA K 40 28.86 51.65 -97.62
N GLU K 41 27.86 52.09 -96.87
CA GLU K 41 28.03 52.67 -95.56
C GLU K 41 27.70 51.71 -94.42
N CYS K 42 27.50 50.43 -94.75
CA CYS K 42 26.87 49.50 -93.82
C CYS K 42 27.77 48.41 -93.24
N PRO K 43 27.42 47.87 -92.06
CA PRO K 43 28.20 46.83 -91.37
C PRO K 43 28.42 45.56 -92.20
N VAL K 44 29.54 44.88 -91.97
CA VAL K 44 29.90 43.67 -92.68
C VAL K 44 30.33 42.58 -91.71
N LEU K 45 29.96 41.34 -92.01
CA LEU K 45 30.31 40.19 -91.17
C LEU K 45 31.24 39.23 -91.91
N ILE K 46 32.47 39.12 -91.41
CA ILE K 46 33.50 38.27 -91.99
C ILE K 46 33.67 36.98 -91.20
N THR K 47 33.70 35.85 -91.90
CA THR K 47 33.83 34.54 -91.24
C THR K 47 34.92 33.71 -91.90
N GLY K 48 35.42 32.72 -91.17
CA GLY K 48 36.36 31.75 -91.71
C GLY K 48 37.27 31.12 -90.66
N GLU K 49 38.01 30.10 -91.09
CA GLU K 49 38.98 29.41 -90.24
C GLU K 49 40.15 30.31 -89.88
N SER K 50 40.90 29.92 -88.85
CA SER K 50 42.04 30.71 -88.42
C SER K 50 43.16 30.69 -89.45
N GLY K 51 43.65 31.88 -89.79
CA GLY K 51 44.76 32.01 -90.73
C GLY K 51 44.32 32.15 -92.17
N VAL K 52 43.05 32.49 -92.41
CA VAL K 52 42.56 32.62 -93.79
C VAL K 52 42.62 34.04 -94.36
N GLY K 53 43.01 35.04 -93.55
CA GLY K 53 43.08 36.40 -94.03
C GLY K 53 41.93 37.32 -93.66
N LYS K 54 41.19 36.99 -92.61
CA LYS K 54 40.05 37.80 -92.18
C LYS K 54 40.46 39.25 -91.94
N GLU K 55 41.65 39.42 -91.35
CA GLU K 55 42.16 40.74 -91.01
C GLU K 55 42.56 41.57 -92.22
N VAL K 56 43.13 40.92 -93.23
CA VAL K 56 43.55 41.61 -94.45
C VAL K 56 42.34 42.17 -95.20
N VAL K 57 41.32 41.33 -95.37
CA VAL K 57 40.11 41.72 -96.10
C VAL K 57 39.48 42.94 -95.46
N ALA K 58 39.36 42.91 -94.14
CA ALA K 58 38.78 44.01 -93.39
C ALA K 58 39.59 45.28 -93.66
N ARG K 59 40.91 45.13 -93.61
CA ARG K 59 41.81 46.25 -93.87
C ARG K 59 41.74 46.67 -95.34
N LEU K 60 41.49 45.72 -96.23
CA LEU K 60 41.46 46.01 -97.64
C LEU K 60 40.20 46.81 -97.97
N ILE K 61 39.07 46.37 -97.42
CA ILE K 61 37.79 47.04 -97.62
C ILE K 61 37.86 48.52 -97.21
N HIS K 62 38.64 48.80 -96.18
CA HIS K 62 38.81 50.16 -95.70
C HIS K 62 39.45 50.98 -96.80
N LYS K 63 40.48 50.41 -97.43
CA LYS K 63 41.22 51.10 -98.49
C LYS K 63 40.37 51.35 -99.74
N LEU K 64 39.43 50.45 -100.00
CA LEU K 64 38.59 50.54 -101.19
C LEU K 64 37.33 51.36 -100.95
N SER K 65 37.06 51.71 -99.69
CA SER K 65 35.87 52.46 -99.36
C SER K 65 36.14 53.96 -99.50
N ASP K 66 35.12 54.77 -99.27
CA ASP K 66 35.26 56.22 -99.33
C ASP K 66 35.96 56.74 -98.08
N ARG K 67 36.04 55.89 -97.06
CA ARG K 67 36.60 56.24 -95.77
C ARG K 67 38.08 55.88 -95.62
N SER K 68 38.71 55.49 -96.72
CA SER K 68 40.07 54.99 -96.67
C SER K 68 41.05 55.99 -96.05
N LYS K 69 40.69 57.26 -96.10
CA LYS K 69 41.56 58.33 -95.61
C LYS K 69 41.30 58.64 -94.14
N GLU K 70 40.22 58.07 -93.60
CA GLU K 70 39.80 58.31 -92.22
C GLU K 70 40.36 57.27 -91.25
N PRO K 71 40.13 57.45 -89.93
CA PRO K 71 40.72 56.53 -88.97
C PRO K 71 40.19 55.10 -89.08
N PHE K 72 41.09 54.13 -88.86
CA PHE K 72 40.74 52.72 -88.80
C PHE K 72 41.07 52.17 -87.44
N VAL K 73 40.05 51.81 -86.67
CA VAL K 73 40.24 51.33 -85.31
C VAL K 73 40.06 49.82 -85.24
N ALA K 74 41.15 49.12 -84.94
CA ALA K 74 41.17 47.68 -84.80
C ALA K 74 41.05 47.33 -83.32
N LEU K 75 40.19 46.38 -82.99
CA LEU K 75 39.97 46.02 -81.60
C LEU K 75 39.82 44.52 -81.38
N ASN K 76 40.53 44.01 -80.39
CA ASN K 76 40.28 42.68 -79.90
C ASN K 76 39.27 42.90 -78.78
N VAL K 77 38.02 42.58 -79.05
CA VAL K 77 36.96 42.87 -78.11
C VAL K 77 37.08 41.95 -76.90
N ALA K 78 37.36 40.67 -77.14
CA ALA K 78 37.58 39.70 -76.06
C ALA K 78 38.56 40.18 -74.99
N SER K 79 39.48 41.07 -75.37
CA SER K 79 40.50 41.57 -74.44
C SER K 79 40.04 42.72 -73.52
N ILE K 80 38.89 43.31 -73.79
CA ILE K 80 38.37 44.41 -72.94
C ILE K 80 37.79 43.85 -71.64
N PRO K 81 38.24 44.36 -70.48
CA PRO K 81 37.69 43.88 -69.20
C PRO K 81 36.21 44.22 -69.05
N ARG K 82 35.45 43.31 -68.48
CA ARG K 82 34.01 43.49 -68.37
C ARG K 82 33.65 44.74 -67.57
N ASP K 83 34.46 45.06 -66.56
CA ASP K 83 34.12 46.13 -65.62
C ASP K 83 34.17 47.51 -66.26
N ILE K 84 35.17 47.74 -67.11
CA ILE K 84 35.30 49.00 -67.82
C ILE K 84 34.75 48.91 -69.24
N PHE K 85 34.23 47.74 -69.62
CA PHE K 85 33.74 47.52 -70.98
C PHE K 85 32.80 48.62 -71.45
N GLU K 86 31.83 48.97 -70.62
CA GLU K 86 30.86 50.02 -70.97
C GLU K 86 31.57 51.35 -71.14
N ALA K 87 32.52 51.63 -70.23
CA ALA K 87 33.22 52.90 -70.15
C ALA K 87 34.21 53.13 -71.27
N GLU K 88 34.98 52.09 -71.60
CA GLU K 88 36.03 52.22 -72.61
C GLU K 88 35.42 52.36 -73.99
N LEU K 89 34.17 51.97 -74.10
CA LEU K 89 33.46 51.94 -75.36
C LEU K 89 32.70 53.24 -75.62
N PHE K 90 31.79 53.58 -74.70
CA PHE K 90 30.95 54.76 -74.82
C PHE K 90 31.67 56.02 -74.36
N GLY K 91 32.62 55.84 -73.43
CA GLY K 91 33.36 56.96 -72.87
C GLY K 91 32.79 57.28 -71.50
N TYR K 92 33.34 58.29 -70.84
CA TYR K 92 32.85 58.71 -69.54
C TYR K 92 33.13 60.19 -69.31
N GLU K 93 32.37 60.80 -68.41
CA GLU K 93 32.54 62.22 -68.07
C GLU K 93 33.34 62.39 -66.77
N LYS K 94 33.38 63.63 -66.28
CA LYS K 94 34.10 64.02 -65.06
C LYS K 94 33.86 63.14 -63.85
N GLY K 95 32.59 62.97 -63.54
CA GLY K 95 32.15 62.24 -62.37
C GLY K 95 31.69 60.85 -62.77
N ALA K 96 30.66 60.38 -62.08
CA ALA K 96 29.96 59.15 -62.42
C ALA K 96 30.87 57.95 -62.27
N PHE K 97 31.69 57.98 -61.22
CA PHE K 97 32.61 56.89 -60.95
C PHE K 97 33.41 57.13 -59.67
N THR K 98 33.96 56.04 -59.17
CA THR K 98 34.80 56.02 -57.98
C THR K 98 36.25 56.21 -58.44
N GLY K 99 36.43 56.58 -59.70
CA GLY K 99 37.74 56.75 -60.26
C GLY K 99 37.98 57.95 -61.15
N ALA K 100 39.26 58.09 -61.50
CA ALA K 100 39.82 59.14 -62.34
C ALA K 100 39.44 60.54 -61.89
N VAL K 101 39.58 61.50 -62.80
CA VAL K 101 39.03 62.82 -62.65
C VAL K 101 38.38 63.27 -63.95
N SER K 102 39.18 63.18 -65.01
CA SER K 102 38.86 63.80 -66.29
C SER K 102 37.96 62.96 -67.17
N SER K 103 37.24 63.66 -68.04
CA SER K 103 36.38 63.03 -69.03
C SER K 103 37.26 62.42 -70.12
N LYS K 104 36.78 61.34 -70.73
CA LYS K 104 37.55 60.63 -71.73
C LYS K 104 36.65 60.13 -72.86
N GLU K 105 37.11 60.25 -74.10
CA GLU K 105 36.36 59.76 -75.25
C GLU K 105 36.31 58.23 -75.25
N GLY K 106 35.30 57.68 -75.92
CA GLY K 106 35.20 56.23 -76.08
C GLY K 106 35.72 55.83 -77.45
N PHE K 107 35.83 54.54 -77.69
CA PHE K 107 36.34 54.05 -78.97
C PHE K 107 35.40 54.38 -80.11
N PHE K 108 34.09 54.39 -79.83
CA PHE K 108 33.11 54.73 -80.85
C PHE K 108 33.27 56.18 -81.29
N GLU K 109 33.46 57.05 -80.31
CA GLU K 109 33.64 58.47 -80.58
C GLU K 109 34.98 58.70 -81.28
N LEU K 110 35.95 57.85 -80.98
CA LEU K 110 37.26 57.92 -81.61
C LEU K 110 37.25 57.52 -83.09
N ALA K 111 36.33 56.64 -83.47
CA ALA K 111 36.26 56.12 -84.84
C ALA K 111 35.30 56.91 -85.73
N ASP K 112 34.75 58.00 -85.19
CA ASP K 112 33.77 58.83 -85.91
C ASP K 112 34.29 59.27 -87.28
N GLY K 113 33.50 58.97 -88.31
CA GLY K 113 33.88 59.25 -89.70
C GLY K 113 34.76 58.18 -90.31
N GLY K 114 35.26 57.28 -89.46
CA GLY K 114 36.17 56.22 -89.87
C GLY K 114 35.51 54.86 -89.84
N THR K 115 36.31 53.83 -89.63
CA THR K 115 35.84 52.45 -89.58
C THR K 115 36.30 51.75 -88.30
N LEU K 116 35.40 51.02 -87.66
CA LEU K 116 35.70 50.31 -86.42
C LEU K 116 35.65 48.80 -86.65
N PHE K 117 36.74 48.12 -86.37
CA PHE K 117 36.82 46.68 -86.62
C PHE K 117 36.80 45.95 -85.30
N LEU K 118 35.78 45.14 -85.09
CA LEU K 118 35.67 44.37 -83.85
C LEU K 118 36.12 42.95 -84.14
N ASP K 119 37.32 42.63 -83.69
CA ASP K 119 37.91 41.33 -84.00
C ASP K 119 37.50 40.37 -82.91
N GLU K 120 37.25 39.13 -83.32
CA GLU K 120 36.86 38.06 -82.42
C GLU K 120 35.57 38.47 -81.69
N ILE K 121 34.66 39.06 -82.47
CA ILE K 121 33.35 39.48 -81.98
C ILE K 121 32.57 38.28 -81.46
N GLY K 122 32.83 37.12 -82.03
CA GLY K 122 32.10 35.90 -81.72
C GLY K 122 32.32 35.36 -80.33
N GLU K 123 33.31 35.90 -79.62
CA GLU K 123 33.65 35.43 -78.28
C GLU K 123 32.91 36.17 -77.17
N LEU K 124 32.07 37.13 -77.55
CA LEU K 124 31.36 37.93 -76.56
C LEU K 124 30.30 37.15 -75.80
N SER K 125 30.17 37.51 -74.53
CA SER K 125 29.18 36.90 -73.65
C SER K 125 27.83 37.51 -73.95
N LEU K 126 26.77 36.71 -73.85
CA LEU K 126 25.42 37.15 -74.16
C LEU K 126 25.09 38.44 -73.41
N GLU K 127 25.57 38.53 -72.17
CA GLU K 127 25.33 39.70 -71.36
C GLU K 127 25.91 40.94 -72.03
N ALA K 128 27.10 40.77 -72.61
CA ALA K 128 27.82 41.87 -73.24
C ALA K 128 27.27 42.21 -74.62
N GLN K 129 26.84 41.19 -75.35
CA GLN K 129 26.31 41.38 -76.70
C GLN K 129 25.12 42.32 -76.68
N ALA K 130 24.29 42.17 -75.65
CA ALA K 130 23.04 42.93 -75.55
C ALA K 130 23.30 44.45 -75.46
N LYS K 131 24.47 44.81 -74.96
CA LYS K 131 24.82 46.19 -74.72
C LYS K 131 25.06 47.00 -75.99
N LEU K 132 25.50 46.32 -77.04
CA LEU K 132 25.87 46.99 -78.28
C LEU K 132 24.66 47.29 -79.18
N LEU K 133 23.46 46.87 -78.76
CA LEU K 133 22.31 46.88 -79.65
C LEU K 133 21.95 48.26 -80.18
N ARG K 134 21.69 49.22 -79.29
CA ARG K 134 21.30 50.54 -79.73
C ARG K 134 22.46 51.23 -80.44
N VAL K 135 23.68 50.83 -80.08
CA VAL K 135 24.88 51.49 -80.59
C VAL K 135 25.13 51.14 -82.05
N ILE K 136 24.98 49.86 -82.39
CA ILE K 136 25.26 49.38 -83.74
C ILE K 136 24.32 49.98 -84.79
N GLU K 137 23.01 49.81 -84.59
CA GLU K 137 22.05 50.20 -85.61
C GLU K 137 21.80 51.69 -85.63
N SER K 138 21.60 52.26 -84.45
CA SER K 138 21.27 53.66 -84.35
C SER K 138 22.52 54.55 -84.37
N GLY K 139 23.65 54.01 -83.94
CA GLY K 139 24.86 54.79 -83.82
C GLY K 139 24.72 55.84 -82.73
N LYS K 140 23.80 55.60 -81.80
CA LYS K 140 23.50 56.54 -80.73
C LYS K 140 23.67 55.87 -79.36
N PHE K 141 24.06 56.67 -78.37
CA PHE K 141 24.22 56.20 -77.00
C PHE K 141 24.39 57.36 -76.04
N TYR K 142 24.50 57.05 -74.75
CA TYR K 142 24.84 58.05 -73.73
C TYR K 142 26.20 57.71 -73.11
N ARG K 143 27.04 58.72 -73.01
CA ARG K 143 28.34 58.58 -72.36
C ARG K 143 28.08 58.23 -70.91
N LEU K 144 29.02 57.54 -70.26
CA LEU K 144 28.83 57.21 -68.85
C LEU K 144 28.96 58.51 -68.04
N GLY K 145 27.91 58.83 -67.31
CA GLY K 145 27.85 60.09 -66.59
C GLY K 145 27.44 61.25 -67.46
N GLY K 146 27.30 61.03 -68.78
CA GLY K 146 26.81 62.08 -69.67
C GLY K 146 25.30 62.16 -69.78
N ARG K 147 24.78 63.38 -69.83
CA ARG K 147 23.34 63.63 -69.99
C ARG K 147 22.94 64.04 -71.41
N LYS K 148 23.93 64.13 -72.28
CA LYS K 148 23.73 64.53 -73.66
C LYS K 148 23.82 63.32 -74.58
N GLU K 149 22.77 63.06 -75.34
CA GLU K 149 22.78 61.92 -76.26
C GLU K 149 23.82 62.16 -77.33
N ILE K 150 24.69 61.17 -77.52
CA ILE K 150 25.76 61.28 -78.49
C ILE K 150 25.41 60.46 -79.72
N GLU K 151 25.70 61.01 -80.90
CA GLU K 151 25.52 60.31 -82.16
C GLU K 151 26.81 60.38 -82.96
N VAL K 152 27.25 59.22 -83.47
CA VAL K 152 28.48 59.14 -84.25
C VAL K 152 28.22 58.39 -85.54
N ASN K 153 29.07 58.61 -86.55
CA ASN K 153 28.96 57.90 -87.82
C ASN K 153 30.15 56.95 -87.98
N VAL K 154 29.88 55.67 -87.80
CA VAL K 154 30.94 54.66 -87.81
C VAL K 154 30.49 53.42 -88.56
N ARG K 155 31.32 53.00 -89.51
CA ARG K 155 31.10 51.75 -90.20
C ARG K 155 31.77 50.64 -89.42
N ILE K 156 31.02 49.57 -89.15
CA ILE K 156 31.50 48.47 -88.32
C ILE K 156 31.86 47.25 -89.14
N LEU K 157 33.03 46.69 -88.87
CA LEU K 157 33.46 45.43 -89.44
C LEU K 157 33.72 44.46 -88.29
N ALA K 158 33.36 43.21 -88.51
CA ALA K 158 33.50 42.19 -87.46
C ALA K 158 34.06 40.93 -88.06
N ALA K 159 34.73 40.14 -87.22
CA ALA K 159 35.31 38.88 -87.66
C ALA K 159 35.24 37.87 -86.53
N THR K 160 35.10 36.60 -86.89
CA THR K 160 35.17 35.52 -85.91
C THR K 160 35.61 34.24 -86.59
N ASN K 161 36.28 33.39 -85.83
CA ASN K 161 36.77 32.11 -86.35
C ASN K 161 35.76 30.98 -86.10
N ARG K 162 34.57 31.35 -85.64
CA ARG K 162 33.53 30.38 -85.33
C ARG K 162 32.34 30.57 -86.27
N ASN K 163 31.43 29.60 -86.27
CA ASN K 163 30.27 29.65 -87.14
C ASN K 163 29.13 30.34 -86.39
N ILE K 164 28.82 31.54 -86.86
CA ILE K 164 27.92 32.43 -86.14
C ILE K 164 26.45 32.06 -86.29
N LYS K 165 26.02 31.61 -87.47
CA LYS K 165 24.62 31.17 -87.65
C LYS K 165 24.27 30.00 -86.75
N GLU K 166 25.24 29.11 -86.55
CA GLU K 166 25.03 27.93 -85.73
C GLU K 166 24.80 28.36 -84.28
N LEU K 167 25.61 29.30 -83.82
CA LEU K 167 25.52 29.74 -82.44
C LEU K 167 24.13 30.34 -82.19
N VAL K 168 23.59 30.98 -83.21
CA VAL K 168 22.24 31.56 -83.11
C VAL K 168 21.22 30.45 -82.95
N LYS K 169 21.32 29.43 -83.80
CA LYS K 169 20.41 28.29 -83.76
C LYS K 169 20.56 27.50 -82.47
N GLU K 170 21.75 27.58 -81.87
CA GLU K 170 22.03 26.92 -80.59
C GLU K 170 21.70 27.83 -79.41
N GLY K 171 21.22 29.03 -79.70
CA GLY K 171 20.85 29.97 -78.65
C GLY K 171 22.04 30.56 -77.93
N LYS K 172 23.22 30.39 -78.52
CA LYS K 172 24.45 30.88 -77.93
C LYS K 172 24.79 32.30 -78.40
N PHE K 173 24.04 32.81 -79.38
CA PHE K 173 24.26 34.16 -79.91
C PHE K 173 22.92 34.84 -80.17
N ARG K 174 22.83 36.11 -79.80
CA ARG K 174 21.57 36.85 -79.91
C ARG K 174 21.04 36.91 -81.33
N GLU K 175 19.76 36.58 -81.48
CA GLU K 175 19.12 36.59 -82.79
C GLU K 175 18.98 38.02 -83.28
N ASP K 176 18.58 38.91 -82.38
CA ASP K 176 18.32 40.31 -82.74
C ASP K 176 19.60 41.06 -83.08
N LEU K 177 20.71 40.67 -82.46
CA LEU K 177 21.98 41.33 -82.73
C LEU K 177 22.50 40.93 -84.08
N TYR K 178 22.30 39.66 -84.42
CA TYR K 178 22.81 39.08 -85.67
C TYR K 178 22.33 39.90 -86.86
N TYR K 179 21.07 40.29 -86.83
CA TYR K 179 20.45 41.02 -87.92
C TYR K 179 20.96 42.46 -88.02
N ARG K 180 21.57 42.98 -86.96
CA ARG K 180 22.17 44.31 -87.01
C ARG K 180 23.55 44.28 -87.67
N LEU K 181 24.36 43.29 -87.32
CA LEU K 181 25.70 43.12 -87.89
C LEU K 181 25.72 42.40 -89.24
N GLY K 182 24.73 41.56 -89.46
CA GLY K 182 24.78 40.61 -90.56
C GLY K 182 24.26 41.14 -91.87
N VAL K 183 24.29 42.47 -92.03
CA VAL K 183 23.88 43.09 -93.28
C VAL K 183 24.61 42.44 -94.45
N ILE K 184 25.94 42.46 -94.40
CA ILE K 184 26.78 41.78 -95.37
C ILE K 184 27.56 40.67 -94.71
N GLU K 185 27.53 39.49 -95.33
CA GLU K 185 28.24 38.33 -94.80
C GLU K 185 29.23 37.80 -95.83
N ILE K 186 30.48 37.72 -95.41
CA ILE K 186 31.56 37.25 -96.26
C ILE K 186 32.18 36.00 -95.67
N GLU K 187 32.05 34.89 -96.39
CA GLU K 187 32.63 33.62 -95.98
C GLU K 187 33.99 33.49 -96.64
N ILE K 188 35.04 33.42 -95.82
CA ILE K 188 36.39 33.16 -96.33
C ILE K 188 36.65 31.66 -96.27
N PRO K 189 36.87 31.02 -97.43
CA PRO K 189 37.12 29.58 -97.39
C PRO K 189 38.52 29.22 -96.89
N PRO K 190 38.72 27.99 -96.38
CA PRO K 190 40.05 27.56 -95.90
C PRO K 190 41.04 27.47 -97.05
N LEU K 191 42.24 26.95 -96.80
CA LEU K 191 43.25 26.92 -97.85
C LEU K 191 43.10 25.67 -98.72
N ARG K 192 42.78 24.55 -98.10
CA ARG K 192 42.59 23.30 -98.84
C ARG K 192 41.51 23.45 -99.90
N GLU K 193 40.64 24.45 -99.75
CA GLU K 193 39.62 24.73 -100.76
C GLU K 193 40.07 25.81 -101.72
N ARG K 194 41.23 26.40 -101.45
CA ARG K 194 41.92 27.24 -102.43
C ARG K 194 43.27 26.60 -102.72
N LYS K 195 43.34 25.75 -103.73
CA LYS K 195 44.58 25.06 -104.03
C LYS K 195 45.50 25.97 -104.81
N GLU K 196 44.89 26.84 -105.60
CA GLU K 196 45.61 27.70 -106.53
C GLU K 196 46.44 28.75 -105.82
N ASP K 197 46.03 29.08 -104.60
CA ASP K 197 46.69 30.14 -103.83
C ASP K 197 47.95 29.65 -103.12
N ILE K 198 48.08 28.34 -102.92
CA ILE K 198 49.14 27.77 -102.08
C ILE K 198 50.55 28.12 -102.55
N ILE K 199 50.90 27.76 -103.78
CA ILE K 199 52.28 27.90 -104.25
C ILE K 199 52.72 29.36 -104.34
N PRO K 200 51.88 30.24 -104.90
CA PRO K 200 52.26 31.66 -104.97
C PRO K 200 52.59 32.28 -103.61
N LEU K 201 51.82 31.92 -102.58
CA LEU K 201 52.05 32.41 -101.22
C LEU K 201 53.40 31.94 -100.68
N ALA K 202 53.65 30.64 -100.80
CA ALA K 202 54.89 30.05 -100.31
C ALA K 202 56.09 30.76 -100.91
N ASN K 203 56.00 31.05 -102.21
CA ASN K 203 57.08 31.75 -102.90
C ASN K 203 57.22 33.16 -102.37
N HIS K 204 56.10 33.81 -102.09
CA HIS K 204 56.11 35.16 -101.55
C HIS K 204 56.74 35.22 -100.17
N PHE K 205 56.38 34.29 -99.29
CA PHE K 205 56.94 34.26 -97.95
C PHE K 205 58.41 33.89 -97.98
N LEU K 206 58.74 32.93 -98.83
CA LEU K 206 60.13 32.51 -99.00
C LEU K 206 60.98 33.68 -99.44
N LYS K 207 60.45 34.42 -100.40
CA LYS K 207 61.12 35.60 -100.94
C LYS K 207 61.34 36.64 -99.85
N LYS K 208 60.30 36.84 -99.06
CA LYS K 208 60.30 37.84 -97.99
C LYS K 208 61.35 37.56 -96.90
N PHE K 209 61.38 36.32 -96.41
CA PHE K 209 62.30 35.92 -95.34
C PHE K 209 63.74 35.84 -95.81
N SER K 210 63.93 35.46 -97.07
CA SER K 210 65.24 35.37 -97.68
C SER K 210 65.95 36.72 -97.61
N ARG K 211 65.18 37.79 -97.77
CA ARG K 211 65.72 39.14 -97.69
C ARG K 211 66.16 39.46 -96.27
N LYS K 212 65.29 39.19 -95.30
CA LYS K 212 65.57 39.51 -93.90
C LYS K 212 66.81 38.82 -93.34
N TYR K 213 66.89 37.50 -93.50
CA TYR K 213 67.97 36.71 -92.93
C TYR K 213 69.14 36.51 -93.88
N ALA K 214 69.14 37.28 -94.97
CA ALA K 214 70.17 37.19 -96.02
C ALA K 214 70.61 35.76 -96.33
N LYS K 215 69.75 35.01 -97.02
CA LYS K 215 70.06 33.65 -97.41
C LYS K 215 70.02 33.53 -98.94
N GLU K 216 70.40 32.37 -99.45
CA GLU K 216 70.55 32.17 -100.90
C GLU K 216 69.35 31.49 -101.58
N VAL K 217 68.29 31.21 -100.83
CA VAL K 217 67.20 30.38 -101.36
C VAL K 217 66.42 31.10 -102.47
N GLU K 218 66.00 30.30 -103.46
CA GLU K 218 65.31 30.79 -104.66
C GLU K 218 63.91 30.19 -104.77
N GLY K 219 63.82 28.87 -104.81
CA GLY K 219 62.55 28.19 -105.01
C GLY K 219 62.51 26.79 -104.44
N PHE K 220 61.42 26.07 -104.72
CA PHE K 220 61.18 24.73 -104.19
C PHE K 220 61.42 23.64 -105.22
N THR K 221 61.88 22.49 -104.76
CA THR K 221 62.01 21.33 -105.63
C THR K 221 60.62 20.85 -106.03
N LYS K 222 60.55 20.14 -107.15
CA LYS K 222 59.28 19.70 -107.70
C LYS K 222 58.59 18.74 -106.74
N SER K 223 59.37 17.88 -106.10
CA SER K 223 58.84 16.90 -105.16
C SER K 223 58.30 17.58 -103.90
N ALA K 224 58.94 18.66 -103.47
CA ALA K 224 58.50 19.40 -102.31
C ALA K 224 57.16 20.08 -102.59
N GLN K 225 57.06 20.68 -103.77
CA GLN K 225 55.87 21.41 -104.19
C GLN K 225 54.65 20.49 -104.17
N GLU K 226 54.86 19.22 -104.50
CA GLU K 226 53.77 18.25 -104.49
C GLU K 226 53.23 18.05 -103.08
N LEU K 227 54.12 18.05 -102.10
CA LEU K 227 53.74 17.82 -100.71
C LEU K 227 52.89 18.96 -100.13
N LEU K 228 53.28 20.20 -100.42
CA LEU K 228 52.54 21.36 -99.90
C LEU K 228 51.07 21.30 -100.28
N LEU K 229 50.77 20.81 -101.48
CA LEU K 229 49.41 20.76 -101.94
C LEU K 229 48.63 19.67 -101.21
N SER K 230 49.36 18.67 -100.72
CA SER K 230 48.74 17.51 -100.07
C SER K 230 48.57 17.68 -98.57
N TYR K 231 48.74 18.91 -98.08
CA TYR K 231 48.61 19.16 -96.64
C TYR K 231 47.30 19.91 -96.42
N PRO K 232 46.60 19.62 -95.31
CA PRO K 232 45.27 20.24 -95.12
C PRO K 232 45.30 21.72 -94.79
N TRP K 233 46.35 22.15 -94.11
CA TRP K 233 46.53 23.54 -93.72
C TRP K 233 45.31 23.91 -92.91
N TYR K 234 45.28 23.39 -91.68
CA TYR K 234 44.20 23.62 -90.76
C TYR K 234 44.34 25.00 -90.17
N GLY K 235 45.58 25.47 -90.12
CA GLY K 235 45.88 26.82 -89.67
C GLY K 235 45.96 27.77 -90.84
N ASN K 236 45.77 27.24 -92.04
CA ASN K 236 45.72 28.04 -93.26
C ASN K 236 46.97 28.92 -93.45
N VAL K 237 46.79 30.15 -93.92
CA VAL K 237 47.93 30.98 -94.33
C VAL K 237 48.83 31.31 -93.15
N ARG K 238 48.21 31.49 -92.00
CA ARG K 238 48.93 31.81 -90.79
C ARG K 238 49.87 30.63 -90.47
N GLU K 239 49.41 29.41 -90.74
CA GLU K 239 50.26 28.24 -90.56
C GLU K 239 51.39 28.20 -91.59
N LEU K 240 51.07 28.56 -92.83
CA LEU K 240 52.04 28.55 -93.93
C LEU K 240 53.21 29.48 -93.66
N LYS K 241 52.89 30.73 -93.35
CA LYS K 241 53.90 31.75 -93.09
C LYS K 241 54.96 31.23 -92.13
N ASN K 242 54.53 30.50 -91.11
CA ASN K 242 55.42 29.92 -90.12
C ASN K 242 56.26 28.76 -90.67
N VAL K 243 55.63 27.89 -91.47
CA VAL K 243 56.33 26.74 -92.05
C VAL K 243 57.43 27.20 -92.99
N ILE K 244 57.15 28.24 -93.77
CA ILE K 244 58.15 28.81 -94.66
C ILE K 244 59.27 29.46 -93.86
N GLU K 245 58.90 30.21 -92.82
CA GLU K 245 59.86 30.92 -91.97
C GLU K 245 60.83 29.93 -91.31
N ARG K 246 60.33 28.77 -90.92
CA ARG K 246 61.16 27.73 -90.36
C ARG K 246 62.14 27.18 -91.39
N ALA K 247 61.64 26.97 -92.60
CA ALA K 247 62.42 26.35 -93.67
C ALA K 247 63.62 27.20 -94.09
N VAL K 248 63.41 28.51 -94.22
CA VAL K 248 64.47 29.43 -94.66
C VAL K 248 65.67 29.41 -93.71
N LEU K 249 65.39 29.29 -92.41
CA LEU K 249 66.46 29.31 -91.42
C LEU K 249 67.36 28.09 -91.61
N PHE K 250 66.74 26.96 -91.93
CA PHE K 250 67.46 25.70 -92.06
C PHE K 250 67.90 25.42 -93.48
N SER K 251 67.59 26.32 -94.41
CA SER K 251 67.98 26.12 -95.80
C SER K 251 69.48 26.13 -95.89
N GLU K 252 70.02 25.32 -96.80
CA GLU K 252 71.45 25.25 -97.01
C GLU K 252 71.79 25.71 -98.40
N GLY K 253 71.26 24.99 -99.39
CA GLY K 253 71.47 25.31 -100.78
C GLY K 253 70.52 26.40 -101.19
N LYS K 254 70.32 26.56 -102.49
CA LYS K 254 69.40 27.58 -102.99
C LYS K 254 67.96 27.05 -103.11
N PHE K 255 67.78 25.74 -103.02
CA PHE K 255 66.45 25.16 -103.14
C PHE K 255 66.14 24.21 -101.96
N ILE K 256 64.85 24.03 -101.70
CA ILE K 256 64.35 23.21 -100.59
C ILE K 256 63.71 21.91 -101.07
N ASP K 257 64.18 20.79 -100.54
CA ASP K 257 63.64 19.50 -100.97
C ASP K 257 62.51 19.06 -100.04
N ARG K 258 61.87 17.93 -100.40
CA ARG K 258 60.77 17.38 -99.63
C ARG K 258 61.25 16.94 -98.25
N GLY K 259 62.53 16.60 -98.17
CA GLY K 259 63.15 16.10 -96.95
C GLY K 259 63.21 17.13 -95.84
N GLU K 260 63.44 18.39 -96.20
CA GLU K 260 63.56 19.47 -95.23
C GLU K 260 62.20 19.75 -94.58
N LEU K 261 61.14 19.47 -95.32
CA LEU K 261 59.77 19.60 -94.82
C LEU K 261 59.38 18.38 -93.99
N SER K 262 60.02 17.25 -94.26
CA SER K 262 59.66 15.99 -93.61
C SER K 262 59.69 16.14 -92.09
N CYS K 263 60.64 16.92 -91.58
CA CYS K 263 60.74 17.13 -90.15
C CYS K 263 59.61 18.04 -89.67
N LEU K 264 59.04 18.81 -90.60
CA LEU K 264 57.94 19.72 -90.30
C LEU K 264 56.58 19.01 -90.37
N VAL K 265 56.49 17.93 -91.14
CA VAL K 265 55.21 17.27 -91.40
C VAL K 265 55.20 15.86 -90.81
N TYR L 20 76.94 27.62 -67.13
CA TYR L 20 75.97 26.54 -67.28
C TYR L 20 76.63 25.26 -67.79
N VAL L 21 76.05 24.13 -67.39
CA VAL L 21 76.58 22.81 -67.73
C VAL L 21 75.76 22.17 -68.84
N PHE L 22 76.42 21.90 -69.97
CA PHE L 22 75.85 21.09 -71.04
C PHE L 22 76.80 19.96 -71.45
N GLU L 23 76.42 18.73 -71.13
CA GLU L 23 77.22 17.54 -71.41
C GLU L 23 76.54 16.53 -72.34
N SER L 24 75.36 16.04 -71.97
CA SER L 24 74.67 15.00 -72.72
C SER L 24 74.59 15.30 -74.22
N PRO L 25 74.54 14.25 -75.07
CA PRO L 25 74.41 14.44 -76.53
C PRO L 25 73.17 15.23 -76.94
N LYS L 26 72.03 14.91 -76.32
CA LYS L 26 70.78 15.59 -76.64
C LYS L 26 70.89 17.08 -76.30
N MET L 27 71.42 17.39 -75.14
CA MET L 27 71.52 18.79 -74.69
C MET L 27 72.58 19.59 -75.45
N LYS L 28 73.68 18.94 -75.84
CA LYS L 28 74.71 19.62 -76.62
C LYS L 28 74.32 19.89 -78.08
N GLU L 29 73.56 18.98 -78.70
CA GLU L 29 73.15 19.15 -80.10
C GLU L 29 72.17 20.32 -80.31
N ILE L 30 71.25 20.49 -79.37
CA ILE L 30 70.26 21.57 -79.46
C ILE L 30 70.95 22.92 -79.48
N LEU L 31 72.06 23.04 -78.75
CA LEU L 31 72.80 24.30 -78.70
C LEU L 31 73.23 24.77 -80.09
N GLU L 32 73.60 23.80 -80.94
CA GLU L 32 74.00 24.13 -82.30
C GLU L 32 72.82 24.71 -83.07
N LYS L 33 71.65 24.10 -82.89
CA LYS L 33 70.44 24.58 -83.54
C LYS L 33 70.15 26.02 -83.10
N ILE L 34 70.34 26.30 -81.81
CA ILE L 34 70.14 27.65 -81.29
C ILE L 34 71.12 28.60 -81.95
N LYS L 35 72.34 28.15 -82.13
CA LYS L 35 73.39 28.99 -82.70
C LYS L 35 73.01 29.41 -84.12
N LYS L 36 72.32 28.52 -84.84
CA LYS L 36 71.89 28.81 -86.21
C LYS L 36 70.69 29.76 -86.27
N ILE L 37 69.79 29.63 -85.29
CA ILE L 37 68.57 30.43 -85.26
C ILE L 37 68.71 31.69 -84.38
N SER L 38 69.91 31.90 -83.85
CA SER L 38 70.20 33.06 -83.00
C SER L 38 69.78 34.36 -83.65
N CYS L 39 69.81 34.38 -84.98
CA CYS L 39 69.47 35.56 -85.76
C CYS L 39 67.96 35.69 -85.95
N ALA L 40 67.22 34.62 -85.65
CA ALA L 40 65.79 34.60 -85.94
C ALA L 40 65.01 35.45 -84.93
N GLU L 41 63.99 36.14 -85.45
CA GLU L 41 63.14 37.02 -84.65
C GLU L 41 61.78 36.43 -84.24
N CYS L 42 61.60 35.11 -84.38
CA CYS L 42 60.25 34.54 -84.34
C CYS L 42 59.96 33.76 -83.07
N PRO L 43 58.66 33.62 -82.70
CA PRO L 43 58.25 32.96 -81.47
C PRO L 43 58.76 31.52 -81.34
N VAL L 44 58.99 31.09 -80.11
CA VAL L 44 59.48 29.74 -79.81
C VAL L 44 58.61 29.14 -78.73
N LEU L 45 58.29 27.86 -78.88
CA LEU L 45 57.50 27.15 -77.88
C LEU L 45 58.29 25.98 -77.31
N ILE L 46 58.61 26.09 -76.02
CA ILE L 46 59.39 25.09 -75.32
C ILE L 46 58.51 24.19 -74.48
N THR L 47 58.80 22.89 -74.52
CA THR L 47 58.03 21.90 -73.78
C THR L 47 59.00 21.05 -72.97
N GLY L 48 58.49 20.43 -71.91
CA GLY L 48 59.29 19.53 -71.09
C GLY L 48 58.74 19.51 -69.67
N GLU L 49 59.27 18.64 -68.83
CA GLU L 49 58.85 18.60 -67.43
C GLU L 49 59.26 19.87 -66.69
N SER L 50 58.61 20.14 -65.57
CA SER L 50 58.94 21.32 -64.78
C SER L 50 60.28 21.10 -64.09
N GLY L 51 61.17 22.10 -64.18
CA GLY L 51 62.45 22.03 -63.51
C GLY L 51 63.54 21.44 -64.38
N VAL L 52 63.32 21.39 -65.69
CA VAL L 52 64.32 20.82 -66.60
C VAL L 52 65.27 21.85 -67.19
N GLY L 53 65.04 23.12 -66.89
CA GLY L 53 65.90 24.19 -67.41
C GLY L 53 65.32 24.91 -68.61
N LYS L 54 64.01 24.81 -68.80
CA LYS L 54 63.34 25.48 -69.92
C LYS L 54 63.63 26.97 -69.85
N GLU L 55 63.71 27.47 -68.62
CA GLU L 55 64.00 28.87 -68.37
C GLU L 55 65.45 29.16 -68.74
N VAL L 56 66.33 28.20 -68.50
CA VAL L 56 67.76 28.37 -68.80
C VAL L 56 67.99 28.55 -70.29
N VAL L 57 67.41 27.68 -71.11
CA VAL L 57 67.56 27.76 -72.56
C VAL L 57 67.03 29.08 -73.09
N ALA L 58 65.83 29.42 -72.65
CA ALA L 58 65.16 30.64 -73.10
C ALA L 58 66.00 31.87 -72.78
N ARG L 59 66.52 31.92 -71.55
CA ARG L 59 67.33 33.03 -71.12
C ARG L 59 68.62 33.04 -71.93
N LEU L 60 69.05 31.85 -72.33
CA LEU L 60 70.28 31.68 -73.06
C LEU L 60 70.13 32.22 -74.49
N ILE L 61 68.99 31.88 -75.11
CA ILE L 61 68.71 32.30 -76.48
C ILE L 61 68.80 33.82 -76.60
N HIS L 62 68.37 34.52 -75.56
CA HIS L 62 68.43 35.98 -75.53
C HIS L 62 69.89 36.41 -75.59
N LYS L 63 70.72 35.75 -74.80
CA LYS L 63 72.14 36.08 -74.69
C LYS L 63 72.84 35.88 -76.01
N LEU L 64 72.34 34.93 -76.80
CA LEU L 64 72.93 34.60 -78.09
C LEU L 64 72.33 35.43 -79.24
N SER L 65 71.27 36.17 -78.95
CA SER L 65 70.57 36.94 -79.99
C SER L 65 71.23 38.32 -80.22
N ASP L 66 70.69 39.07 -81.18
CA ASP L 66 71.21 40.40 -81.49
C ASP L 66 70.72 41.42 -80.47
N ARG L 67 69.67 41.07 -79.75
CA ARG L 67 69.04 41.94 -78.76
C ARG L 67 69.54 41.64 -77.34
N SER L 68 70.59 40.83 -77.25
CA SER L 68 71.07 40.32 -75.97
C SER L 68 71.39 41.43 -74.98
N LYS L 69 71.61 42.63 -75.50
CA LYS L 69 71.99 43.76 -74.68
C LYS L 69 70.79 44.53 -74.12
N GLU L 70 69.61 44.20 -74.61
CA GLU L 70 68.38 44.87 -74.19
C GLU L 70 67.69 44.09 -73.06
N PRO L 71 66.61 44.65 -72.46
CA PRO L 71 66.00 43.94 -71.33
C PRO L 71 65.34 42.60 -71.65
N PHE L 72 65.42 41.68 -70.70
CA PHE L 72 64.74 40.39 -70.77
C PHE L 72 63.73 40.29 -69.64
N VAL L 73 62.45 40.23 -70.00
CA VAL L 73 61.39 40.26 -69.01
C VAL L 73 60.82 38.87 -68.71
N ALA L 74 61.01 38.42 -67.48
CA ALA L 74 60.54 37.10 -67.06
C ALA L 74 59.17 37.24 -66.41
N LEU L 75 58.24 36.41 -66.85
CA LEU L 75 56.85 36.48 -66.41
C LEU L 75 56.20 35.13 -66.20
N ASN L 76 55.59 34.94 -65.03
CA ASN L 76 54.69 33.81 -64.82
C ASN L 76 53.29 34.28 -65.15
N VAL L 77 52.76 33.87 -66.30
CA VAL L 77 51.47 34.35 -66.76
C VAL L 77 50.31 33.76 -65.95
N ALA L 78 50.28 32.45 -65.81
CA ALA L 78 49.24 31.76 -65.03
C ALA L 78 49.04 32.36 -63.63
N SER L 79 50.09 32.95 -63.07
CA SER L 79 50.05 33.51 -61.72
C SER L 79 49.42 34.90 -61.61
N ILE L 80 49.18 35.57 -62.74
CA ILE L 80 48.60 36.91 -62.73
C ILE L 80 47.10 36.84 -62.42
N PRO L 81 46.62 37.64 -61.44
CA PRO L 81 45.19 37.66 -61.13
C PRO L 81 44.31 38.18 -62.27
N ARG L 82 43.13 37.58 -62.41
CA ARG L 82 42.20 37.92 -63.47
C ARG L 82 41.78 39.38 -63.45
N ASP L 83 41.66 39.94 -62.24
CA ASP L 83 41.05 41.26 -62.06
C ASP L 83 41.89 42.37 -62.65
N ILE L 84 43.21 42.26 -62.45
CA ILE L 84 44.17 43.22 -63.00
C ILE L 84 44.84 42.68 -64.25
N PHE L 85 44.49 41.45 -64.67
CA PHE L 85 45.19 40.76 -65.76
C PHE L 85 45.40 41.65 -66.97
N GLU L 86 44.31 42.26 -67.44
CA GLU L 86 44.38 43.13 -68.60
C GLU L 86 45.26 44.32 -68.30
N ALA L 87 45.07 44.89 -67.12
CA ALA L 87 45.76 46.10 -66.70
C ALA L 87 47.24 45.78 -66.52
N GLU L 88 47.49 44.60 -65.96
CA GLU L 88 48.83 44.17 -65.63
C GLU L 88 49.59 43.86 -66.92
N LEU L 89 48.86 43.62 -67.98
CA LEU L 89 49.46 43.23 -69.24
C LEU L 89 49.73 44.45 -70.11
N PHE L 90 48.66 45.17 -70.45
CA PHE L 90 48.78 46.32 -71.34
C PHE L 90 49.27 47.57 -70.63
N GLY L 91 48.89 47.70 -69.36
CA GLY L 91 49.22 48.89 -68.60
C GLY L 91 47.98 49.75 -68.59
N TYR L 92 48.04 50.92 -67.95
CA TYR L 92 46.89 51.81 -67.93
C TYR L 92 47.30 53.28 -67.82
N GLU L 93 46.40 54.15 -68.24
CA GLU L 93 46.59 55.58 -68.17
C GLU L 93 45.88 56.06 -66.92
N LYS L 94 46.03 57.33 -66.57
CA LYS L 94 45.44 57.86 -65.34
C LYS L 94 43.93 57.64 -65.20
N GLY L 95 43.57 56.90 -64.16
CA GLY L 95 42.18 56.57 -63.91
C GLY L 95 41.68 55.52 -64.86
N ALA L 96 40.41 55.62 -65.21
CA ALA L 96 39.80 54.79 -66.23
C ALA L 96 39.84 53.32 -65.82
N PHE L 97 39.99 53.10 -64.52
CA PHE L 97 40.11 51.76 -63.96
C PHE L 97 39.18 51.64 -62.75
N THR L 98 39.20 52.67 -61.89
CA THR L 98 38.85 52.60 -60.47
C THR L 98 40.05 52.09 -59.69
N GLY L 99 41.22 52.58 -60.08
CA GLY L 99 42.45 52.27 -59.38
C GLY L 99 43.48 53.37 -59.50
N ALA L 100 44.23 53.53 -58.41
CA ALA L 100 45.35 54.45 -58.27
C ALA L 100 45.05 55.87 -58.79
N VAL L 101 46.10 56.53 -59.24
CA VAL L 101 46.03 57.78 -60.00
C VAL L 101 46.83 57.71 -61.28
N SER L 102 48.10 57.32 -61.14
CA SER L 102 49.11 57.50 -62.16
C SER L 102 49.07 56.50 -63.31
N SER L 103 49.63 56.92 -64.44
CA SER L 103 49.76 56.06 -65.60
C SER L 103 50.84 55.04 -65.32
N LYS L 104 50.71 53.87 -65.92
CA LYS L 104 51.63 52.78 -65.65
C LYS L 104 51.97 52.05 -66.94
N GLU L 105 53.25 51.77 -67.15
CA GLU L 105 53.63 50.96 -68.30
C GLU L 105 53.21 49.52 -68.02
N GLY L 106 53.01 48.76 -69.09
CA GLY L 106 52.70 47.34 -68.98
C GLY L 106 53.93 46.53 -69.24
N PHE L 107 53.84 45.22 -69.06
CA PHE L 107 54.99 44.36 -69.29
C PHE L 107 55.40 44.37 -70.77
N PHE L 108 54.44 44.56 -71.67
CA PHE L 108 54.76 44.64 -73.09
C PHE L 108 55.58 45.88 -73.38
N GLU L 109 55.15 47.00 -72.80
CA GLU L 109 55.84 48.27 -72.94
C GLU L 109 57.17 48.26 -72.20
N LEU L 110 57.20 47.50 -71.11
CA LEU L 110 58.39 47.33 -70.28
C LEU L 110 59.47 46.57 -71.06
N ALA L 111 59.02 45.69 -71.94
CA ALA L 111 59.92 44.83 -72.73
C ALA L 111 60.28 45.45 -74.08
N ASP L 112 59.86 46.68 -74.31
CA ASP L 112 60.09 47.35 -75.61
C ASP L 112 61.57 47.31 -75.96
N GLY L 113 61.86 46.81 -77.15
CA GLY L 113 63.23 46.63 -77.60
C GLY L 113 63.83 45.34 -77.09
N GLY L 114 63.15 44.69 -76.16
CA GLY L 114 63.62 43.48 -75.53
C GLY L 114 62.90 42.21 -75.93
N THR L 115 62.91 41.24 -75.02
CA THR L 115 62.27 39.94 -75.20
C THR L 115 61.40 39.61 -74.00
N LEU L 116 60.20 39.08 -74.25
CA LEU L 116 59.26 38.73 -73.18
C LEU L 116 59.04 37.21 -73.06
N PHE L 117 59.30 36.68 -71.87
CA PHE L 117 59.23 35.24 -71.61
C PHE L 117 58.01 34.88 -70.78
N LEU L 118 57.09 34.11 -71.36
CA LEU L 118 55.87 33.69 -70.66
C LEU L 118 55.95 32.24 -70.17
N ASP L 119 56.11 32.08 -68.86
CA ASP L 119 56.27 30.76 -68.26
C ASP L 119 54.91 30.21 -67.86
N GLU L 120 54.75 28.89 -68.00
CA GLU L 120 53.54 28.20 -67.60
C GLU L 120 52.31 28.71 -68.33
N ILE L 121 52.46 28.94 -69.63
CA ILE L 121 51.35 29.35 -70.47
C ILE L 121 50.25 28.29 -70.45
N GLY L 122 50.65 27.03 -70.26
CA GLY L 122 49.72 25.92 -70.35
C GLY L 122 48.68 25.86 -69.24
N GLU L 123 48.90 26.61 -68.16
CA GLU L 123 47.94 26.67 -67.06
C GLU L 123 46.98 27.85 -67.22
N LEU L 124 47.19 28.64 -68.27
CA LEU L 124 46.39 29.84 -68.50
C LEU L 124 44.96 29.48 -68.89
N SER L 125 43.99 30.28 -68.42
CA SER L 125 42.58 30.02 -68.69
C SER L 125 42.18 30.41 -70.10
N LEU L 126 41.30 29.60 -70.68
CA LEU L 126 40.82 29.81 -72.04
C LEU L 126 40.25 31.22 -72.24
N GLU L 127 39.56 31.71 -71.21
CA GLU L 127 38.97 33.04 -71.25
C GLU L 127 40.06 34.08 -71.42
N ALA L 128 41.18 33.86 -70.74
CA ALA L 128 42.30 34.78 -70.75
C ALA L 128 43.14 34.65 -72.02
N GLN L 129 43.25 33.43 -72.54
CA GLN L 129 44.08 33.19 -73.71
C GLN L 129 43.62 34.07 -74.87
N ALA L 130 42.31 34.20 -75.02
CA ALA L 130 41.71 34.91 -76.15
C ALA L 130 42.14 36.37 -76.19
N LYS L 131 42.50 36.89 -75.01
CA LYS L 131 42.87 38.28 -74.85
C LYS L 131 44.24 38.60 -75.48
N LEU L 132 45.10 37.60 -75.54
CA LEU L 132 46.47 37.76 -76.02
C LEU L 132 46.62 37.76 -77.53
N LEU L 133 45.55 37.51 -78.27
CA LEU L 133 45.67 37.21 -79.70
C LEU L 133 46.26 38.31 -80.58
N ARG L 134 45.66 39.50 -80.59
CA ARG L 134 46.16 40.55 -81.48
C ARG L 134 47.52 41.04 -80.99
N VAL L 135 47.79 40.88 -79.70
CA VAL L 135 49.01 41.42 -79.11
C VAL L 135 50.21 40.64 -79.61
N ILE L 136 50.07 39.32 -79.70
CA ILE L 136 51.15 38.44 -80.14
C ILE L 136 51.64 38.73 -81.55
N GLU L 137 50.71 38.72 -82.51
CA GLU L 137 51.09 38.82 -83.91
C GLU L 137 51.41 40.24 -84.33
N SER L 138 50.57 41.19 -83.94
CA SER L 138 50.76 42.57 -84.39
C SER L 138 51.73 43.31 -83.48
N GLY L 139 51.83 42.87 -82.23
CA GLY L 139 52.63 43.56 -81.24
C GLY L 139 52.01 44.90 -80.90
N LYS L 140 50.71 45.04 -81.16
CA LYS L 140 50.00 46.30 -80.94
C LYS L 140 48.80 46.13 -80.02
N PHE L 141 48.51 47.19 -79.29
CA PHE L 141 47.38 47.21 -78.37
C PHE L 141 47.11 48.64 -77.94
N TYR L 142 46.07 48.82 -77.12
CA TYR L 142 45.76 50.10 -76.52
C TYR L 142 45.96 49.99 -75.01
N ARG L 143 46.62 50.99 -74.42
CA ARG L 143 46.71 51.05 -72.98
C ARG L 143 45.30 51.22 -72.44
N LEU L 144 45.05 50.77 -71.22
CA LEU L 144 43.71 50.92 -70.64
C LEU L 144 43.44 52.41 -70.38
N GLY L 145 42.37 52.91 -70.99
CA GLY L 145 42.07 54.33 -70.93
C GLY L 145 42.87 55.15 -71.92
N GLY L 146 43.84 54.54 -72.61
CA GLY L 146 44.56 55.23 -73.66
C GLY L 146 43.82 55.14 -74.98
N ARG L 147 43.80 56.23 -75.75
CA ARG L 147 43.13 56.24 -77.04
C ARG L 147 44.04 56.16 -78.28
N LYS L 148 45.35 56.13 -78.07
CA LYS L 148 46.30 56.04 -79.18
C LYS L 148 46.94 54.65 -79.23
N GLU L 149 46.82 54.00 -80.39
CA GLU L 149 47.34 52.64 -80.60
C GLU L 149 48.84 52.58 -80.40
N ILE L 150 49.28 51.58 -79.64
CA ILE L 150 50.69 51.42 -79.31
C ILE L 150 51.32 50.31 -80.15
N GLU L 151 52.54 50.55 -80.62
CA GLU L 151 53.31 49.59 -81.39
C GLU L 151 54.68 49.38 -80.76
N VAL L 152 55.03 48.12 -80.53
CA VAL L 152 56.32 47.75 -79.95
C VAL L 152 56.96 46.61 -80.73
N ASN L 153 58.28 46.47 -80.57
CA ASN L 153 59.03 45.39 -81.20
C ASN L 153 59.50 44.43 -80.11
N VAL L 154 58.85 43.27 -80.04
CA VAL L 154 59.10 42.31 -78.96
C VAL L 154 59.17 40.88 -79.46
N ARG L 155 60.22 40.18 -79.04
CA ARG L 155 60.38 38.75 -79.28
C ARG L 155 59.66 37.94 -78.21
N ILE L 156 58.90 36.93 -78.63
CA ILE L 156 58.08 36.15 -77.73
C ILE L 156 58.77 34.82 -77.42
N LEU L 157 58.86 34.50 -76.14
CA LEU L 157 59.32 33.20 -75.68
C LEU L 157 58.20 32.59 -74.84
N ALA L 158 58.03 31.28 -74.95
CA ALA L 158 56.94 30.59 -74.27
C ALA L 158 57.42 29.29 -73.66
N ALA L 159 56.73 28.84 -72.63
CA ALA L 159 57.06 27.58 -71.97
C ALA L 159 55.79 26.93 -71.46
N THR L 160 55.77 25.60 -71.41
CA THR L 160 54.67 24.88 -70.81
C THR L 160 55.14 23.53 -70.28
N ASN L 161 54.51 23.08 -69.21
CA ASN L 161 54.87 21.80 -68.60
C ASN L 161 53.98 20.66 -69.08
N ARG L 162 53.11 20.95 -70.02
CA ARG L 162 52.15 19.98 -70.54
C ARG L 162 52.41 19.83 -72.04
N ASN L 163 51.82 18.81 -72.65
CA ASN L 163 52.01 18.59 -74.08
C ASN L 163 50.92 19.36 -74.81
N ILE L 164 51.33 20.42 -75.49
CA ILE L 164 50.40 21.40 -76.04
C ILE L 164 49.66 20.95 -77.28
N LYS L 165 50.33 20.21 -78.14
CA LYS L 165 49.71 19.72 -79.36
C LYS L 165 48.52 18.85 -79.02
N GLU L 166 48.66 18.06 -77.97
CA GLU L 166 47.60 17.17 -77.50
C GLU L 166 46.47 17.96 -76.84
N LEU L 167 46.82 18.95 -76.02
CA LEU L 167 45.84 19.69 -75.24
C LEU L 167 44.78 20.36 -76.09
N VAL L 168 45.17 20.80 -77.28
CA VAL L 168 44.23 21.48 -78.17
C VAL L 168 43.10 20.54 -78.56
N LYS L 169 43.44 19.31 -78.90
CA LYS L 169 42.45 18.30 -79.32
C LYS L 169 41.45 18.00 -78.19
N GLU L 170 41.85 18.24 -76.95
CA GLU L 170 40.96 18.03 -75.81
C GLU L 170 40.16 19.30 -75.49
N GLY L 171 40.33 20.34 -76.31
CA GLY L 171 39.60 21.59 -76.15
C GLY L 171 40.07 22.43 -74.97
N LYS L 172 41.25 22.09 -74.45
CA LYS L 172 41.82 22.77 -73.30
C LYS L 172 42.68 23.98 -73.68
N PHE L 173 43.00 24.10 -74.97
CA PHE L 173 43.81 25.22 -75.47
C PHE L 173 43.33 25.69 -76.83
N ARG L 174 43.31 27.01 -76.99
CA ARG L 174 42.79 27.64 -78.20
C ARG L 174 43.59 27.24 -79.45
N GLU L 175 42.85 26.84 -80.48
CA GLU L 175 43.48 26.43 -81.74
C GLU L 175 44.15 27.59 -82.47
N ASP L 176 43.45 28.73 -82.50
CA ASP L 176 43.94 29.90 -83.23
C ASP L 176 45.14 30.50 -82.55
N LEU L 177 45.23 30.33 -81.23
CA LEU L 177 46.37 30.84 -80.47
C LEU L 177 47.62 29.99 -80.68
N TYR L 178 47.41 28.68 -80.79
CA TYR L 178 48.53 27.73 -80.94
C TYR L 178 49.41 28.07 -82.12
N TYR L 179 48.78 28.40 -83.25
CA TYR L 179 49.48 28.64 -84.49
C TYR L 179 50.33 29.91 -84.48
N ARG L 180 50.08 30.81 -83.53
CA ARG L 180 50.86 32.03 -83.43
C ARG L 180 52.21 31.83 -82.74
N LEU L 181 52.21 31.10 -81.63
CA LEU L 181 53.44 30.80 -80.86
C LEU L 181 54.24 29.60 -81.36
N GLY L 182 53.57 28.67 -82.02
CA GLY L 182 54.10 27.34 -82.28
C GLY L 182 54.95 27.21 -83.52
N VAL L 183 55.59 28.29 -83.95
CA VAL L 183 56.45 28.26 -85.13
C VAL L 183 57.43 27.09 -85.05
N ILE L 184 58.31 27.10 -84.05
CA ILE L 184 59.19 25.96 -83.75
C ILE L 184 58.94 25.45 -82.33
N GLU L 185 58.80 24.14 -82.19
CA GLU L 185 58.56 23.54 -80.88
C GLU L 185 59.70 22.59 -80.55
N ILE L 186 60.42 22.91 -79.48
CA ILE L 186 61.59 22.14 -79.06
C ILE L 186 61.46 21.60 -77.64
N GLU L 187 61.46 20.28 -77.50
CA GLU L 187 61.32 19.68 -76.18
C GLU L 187 62.67 19.40 -75.52
N ILE L 188 62.68 19.60 -74.22
CA ILE L 188 63.80 19.25 -73.36
C ILE L 188 63.49 17.92 -72.66
N PRO L 189 64.34 16.88 -72.84
CA PRO L 189 64.00 15.66 -72.09
C PRO L 189 64.27 15.92 -70.62
N PRO L 190 63.58 15.22 -69.70
CA PRO L 190 63.72 15.78 -68.35
C PRO L 190 65.08 15.71 -67.68
N LEU L 191 65.57 14.53 -67.35
CA LEU L 191 66.88 14.39 -66.72
C LEU L 191 67.48 13.03 -67.08
N ARG L 192 66.65 12.02 -66.82
CA ARG L 192 67.02 10.60 -66.90
C ARG L 192 67.67 10.11 -68.20
N GLU L 193 67.47 10.81 -69.30
CA GLU L 193 68.15 10.47 -70.55
C GLU L 193 69.38 11.37 -70.72
N ARG L 194 69.54 12.30 -69.78
CA ARG L 194 70.71 13.17 -69.64
C ARG L 194 71.63 12.78 -68.48
N LYS L 195 71.50 11.55 -67.98
CA LYS L 195 72.22 11.06 -66.79
C LYS L 195 73.66 11.55 -66.68
N GLU L 196 74.30 11.82 -67.81
CA GLU L 196 75.70 12.24 -67.83
C GLU L 196 75.87 13.63 -67.19
N ASP L 197 74.79 14.41 -67.20
CA ASP L 197 74.81 15.79 -66.71
C ASP L 197 74.67 15.89 -65.19
N ILE L 198 74.25 14.80 -64.55
CA ILE L 198 73.91 14.82 -63.13
C ILE L 198 75.07 15.29 -62.25
N ILE L 199 76.21 14.61 -62.35
CA ILE L 199 77.32 14.84 -61.44
C ILE L 199 77.94 16.24 -61.60
N PRO L 200 78.20 16.67 -62.85
CA PRO L 200 78.78 18.01 -63.07
C PRO L 200 77.97 19.15 -62.44
N LEU L 201 76.65 19.06 -62.48
CA LEU L 201 75.78 20.09 -61.90
C LEU L 201 75.96 20.25 -60.40
N ALA L 202 75.97 19.14 -59.67
CA ALA L 202 76.07 19.19 -58.21
C ALA L 202 77.28 19.99 -57.73
N ASN L 203 78.41 19.82 -58.40
CA ASN L 203 79.62 20.56 -58.06
C ASN L 203 79.50 22.06 -58.32
N HIS L 204 78.83 22.40 -59.42
CA HIS L 204 78.64 23.81 -59.80
C HIS L 204 77.83 24.53 -58.72
N PHE L 205 76.78 23.87 -58.25
CA PHE L 205 75.93 24.42 -57.19
C PHE L 205 76.68 24.43 -55.86
N LEU L 206 77.46 23.38 -55.62
CA LEU L 206 78.27 23.28 -54.41
C LEU L 206 79.22 24.46 -54.28
N LYS L 207 79.85 24.83 -55.38
CA LYS L 207 80.80 25.94 -55.39
C LYS L 207 80.15 27.25 -54.93
N LYS L 208 78.96 27.54 -55.47
CA LYS L 208 78.25 28.76 -55.11
C LYS L 208 77.79 28.80 -53.64
N PHE L 209 77.16 27.73 -53.16
CA PHE L 209 76.61 27.71 -51.80
C PHE L 209 77.69 27.65 -50.73
N SER L 210 78.76 26.90 -50.99
CA SER L 210 79.89 26.86 -50.06
C SER L 210 80.52 28.25 -49.99
N ARG L 211 80.55 28.92 -51.13
CA ARG L 211 81.07 30.28 -51.23
C ARG L 211 80.15 31.29 -50.53
N LYS L 212 78.86 31.21 -50.85
CA LYS L 212 77.87 32.13 -50.30
C LYS L 212 77.81 32.07 -48.77
N TYR L 213 77.69 30.86 -48.23
CA TYR L 213 77.55 30.66 -46.79
C TYR L 213 78.88 30.39 -46.06
N ALA L 214 79.99 30.66 -46.74
CA ALA L 214 81.33 30.45 -46.18
C ALA L 214 81.49 29.15 -45.38
N LYS L 215 81.62 28.03 -46.09
CA LYS L 215 81.79 26.71 -45.46
C LYS L 215 83.15 26.09 -45.78
N GLU L 216 83.42 24.94 -45.16
CA GLU L 216 84.72 24.29 -45.24
C GLU L 216 84.72 23.21 -46.32
N VAL L 217 83.61 23.09 -47.03
CA VAL L 217 83.42 21.99 -47.98
C VAL L 217 84.35 22.12 -49.17
N GLU L 218 84.83 20.98 -49.66
CA GLU L 218 85.74 20.93 -50.81
C GLU L 218 85.11 20.12 -51.94
N GLY L 219 84.81 18.86 -51.67
CA GLY L 219 84.25 17.96 -52.67
C GLY L 219 83.45 16.86 -52.00
N PHE L 220 82.98 15.90 -52.79
CA PHE L 220 82.14 14.82 -52.27
C PHE L 220 82.86 13.49 -52.16
N THR L 221 82.51 12.74 -51.12
CA THR L 221 82.95 11.36 -50.95
C THR L 221 82.22 10.42 -51.91
N LYS L 222 82.78 9.24 -52.14
CA LYS L 222 82.20 8.25 -53.02
C LYS L 222 80.82 7.82 -52.52
N SER L 223 80.64 7.81 -51.19
CA SER L 223 79.39 7.38 -50.59
C SER L 223 78.24 8.30 -50.99
N ALA L 224 78.55 9.59 -51.16
CA ALA L 224 77.54 10.55 -51.61
C ALA L 224 77.15 10.23 -53.04
N GLN L 225 78.15 9.96 -53.87
CA GLN L 225 77.93 9.65 -55.29
C GLN L 225 77.03 8.45 -55.51
N GLU L 226 77.12 7.45 -54.63
CA GLU L 226 76.38 6.21 -54.83
C GLU L 226 74.88 6.44 -54.92
N LEU L 227 74.36 7.35 -54.09
CA LEU L 227 72.95 7.67 -54.15
C LEU L 227 72.63 8.40 -55.46
N LEU L 228 73.51 9.35 -55.81
CA LEU L 228 73.34 10.17 -57.02
C LEU L 228 73.23 9.37 -58.33
N LEU L 229 73.94 8.26 -58.46
CA LEU L 229 73.86 7.47 -59.69
C LEU L 229 72.49 6.82 -59.78
N SER L 230 71.77 6.77 -58.66
CA SER L 230 70.41 6.28 -58.69
C SER L 230 69.69 7.59 -59.00
N TYR L 231 69.26 7.68 -60.25
CA TYR L 231 68.74 8.91 -60.86
C TYR L 231 67.40 9.50 -60.39
N PRO L 232 66.43 8.67 -59.99
CA PRO L 232 65.05 9.07 -60.30
C PRO L 232 64.54 10.35 -59.60
N TRP L 233 64.99 11.49 -60.13
CA TRP L 233 64.44 12.79 -59.74
C TRP L 233 63.06 12.98 -60.36
N TYR L 234 62.04 13.09 -59.52
CA TYR L 234 60.70 13.39 -60.02
C TYR L 234 60.57 14.89 -60.30
N GLY L 235 61.34 15.67 -59.56
CA GLY L 235 61.37 17.13 -59.73
C GLY L 235 62.47 17.64 -60.64
N ASN L 236 63.26 16.73 -61.19
CA ASN L 236 64.35 17.09 -62.10
C ASN L 236 65.35 18.07 -61.46
N VAL L 237 65.83 19.05 -62.23
CA VAL L 237 66.90 19.94 -61.78
C VAL L 237 66.46 20.88 -60.65
N ARG L 238 65.20 21.29 -60.66
CA ARG L 238 64.70 22.28 -59.71
C ARG L 238 64.83 21.82 -58.25
N GLU L 239 64.55 20.54 -58.00
CA GLU L 239 64.70 19.97 -56.66
C GLU L 239 66.16 19.84 -56.26
N LEU L 240 66.97 19.45 -57.24
CA LEU L 240 68.39 19.21 -57.04
C LEU L 240 69.07 20.45 -56.48
N LYS L 241 68.88 21.60 -57.12
CA LYS L 241 69.47 22.85 -56.64
C LYS L 241 69.12 23.08 -55.17
N ASN L 242 67.88 22.76 -54.81
CA ASN L 242 67.42 22.91 -53.43
C ASN L 242 68.07 21.91 -52.48
N VAL L 243 68.25 20.66 -52.95
CA VAL L 243 68.83 19.61 -52.12
C VAL L 243 70.26 19.96 -51.68
N ILE L 244 71.06 20.50 -52.59
CA ILE L 244 72.43 20.91 -52.25
C ILE L 244 72.40 22.11 -51.29
N GLU L 245 71.51 23.07 -51.57
CA GLU L 245 71.39 24.26 -50.74
C GLU L 245 71.04 23.84 -49.31
N ARG L 246 70.19 22.82 -49.22
CA ARG L 246 69.78 22.26 -47.93
C ARG L 246 70.97 21.57 -47.23
N ALA L 247 71.71 20.76 -47.98
CA ALA L 247 72.79 19.94 -47.44
C ALA L 247 73.96 20.75 -46.87
N VAL L 248 74.34 21.82 -47.58
CA VAL L 248 75.50 22.64 -47.20
C VAL L 248 75.39 23.25 -45.79
N LEU L 249 74.19 23.70 -45.40
CA LEU L 249 74.02 24.36 -44.11
C LEU L 249 74.28 23.44 -42.92
N PHE L 250 73.86 22.18 -43.04
CA PHE L 250 74.04 21.19 -41.97
C PHE L 250 75.30 20.34 -42.15
N SER L 251 76.07 20.61 -43.20
CA SER L 251 77.30 19.86 -43.44
C SER L 251 78.23 20.10 -42.26
N GLU L 252 79.07 19.13 -41.94
CA GLU L 252 79.97 19.24 -40.80
C GLU L 252 81.42 19.34 -41.24
N GLY L 253 81.90 18.30 -41.92
CA GLY L 253 83.28 18.27 -42.36
C GLY L 253 83.52 19.03 -43.64
N LYS L 254 84.65 18.76 -44.27
CA LYS L 254 85.02 19.38 -45.53
C LYS L 254 84.45 18.57 -46.68
N PHE L 255 83.98 17.37 -46.36
CA PHE L 255 83.40 16.47 -47.34
C PHE L 255 82.00 16.07 -46.84
N ILE L 256 81.11 15.74 -47.77
CA ILE L 256 79.73 15.34 -47.44
C ILE L 256 79.48 13.87 -47.71
N ASP L 257 78.99 13.16 -46.69
CA ASP L 257 78.70 11.73 -46.82
C ASP L 257 77.24 11.56 -47.21
N ARG L 258 76.83 10.32 -47.41
CA ARG L 258 75.45 10.01 -47.80
C ARG L 258 74.43 10.42 -46.74
N GLY L 259 74.86 10.51 -45.48
CA GLY L 259 73.93 10.71 -44.39
C GLY L 259 73.08 11.97 -44.37
N GLU L 260 73.64 13.14 -44.71
CA GLU L 260 72.84 14.36 -44.70
C GLU L 260 71.83 14.41 -45.84
N LEU L 261 72.18 13.80 -46.98
CA LEU L 261 71.26 13.76 -48.12
C LEU L 261 70.24 12.63 -47.99
N SER L 262 70.67 11.52 -47.40
CA SER L 262 69.83 10.34 -47.24
C SER L 262 68.59 10.63 -46.39
N CYS L 263 68.73 11.56 -45.45
CA CYS L 263 67.69 11.83 -44.46
C CYS L 263 66.41 12.47 -45.04
N LEU L 264 66.49 13.06 -46.23
CA LEU L 264 65.29 13.60 -46.88
C LEU L 264 64.59 12.54 -47.71
N VAL L 265 65.26 12.07 -48.75
CA VAL L 265 64.65 11.17 -49.72
C VAL L 265 65.33 9.81 -49.67
N GLU M 19 3.88 -23.60 22.93
CA GLU M 19 4.49 -24.31 21.81
C GLU M 19 4.70 -25.79 22.14
N TYR M 20 4.43 -26.17 23.38
CA TYR M 20 4.60 -27.55 23.81
C TYR M 20 3.39 -28.41 23.43
N VAL M 21 3.53 -29.71 23.64
CA VAL M 21 2.53 -30.70 23.23
C VAL M 21 1.74 -31.25 24.41
N PHE M 22 0.42 -31.08 24.40
CA PHE M 22 -0.45 -31.84 25.28
C PHE M 22 -1.54 -32.48 24.43
N GLU M 23 -1.43 -33.78 24.23
CA GLU M 23 -2.41 -34.58 23.48
C GLU M 23 -2.93 -35.72 24.34
N SER M 24 -3.71 -36.62 23.74
CA SER M 24 -4.29 -37.78 24.43
C SER M 24 -5.31 -37.36 25.48
N PRO M 25 -6.27 -38.25 25.80
CA PRO M 25 -7.18 -37.91 26.90
C PRO M 25 -6.47 -37.69 28.25
N LYS M 26 -5.50 -38.54 28.59
CA LYS M 26 -4.83 -38.44 29.89
C LYS M 26 -4.05 -37.14 30.12
N MET M 27 -3.16 -36.80 29.20
CA MET M 27 -2.26 -35.66 29.38
C MET M 27 -3.02 -34.34 29.25
N LYS M 28 -4.08 -34.36 28.43
CA LYS M 28 -4.92 -33.18 28.23
C LYS M 28 -5.66 -32.82 29.52
N GLU M 29 -5.99 -33.83 30.32
CA GLU M 29 -6.70 -33.64 31.59
C GLU M 29 -5.87 -32.84 32.60
N ILE M 30 -4.56 -33.08 32.61
CA ILE M 30 -3.66 -32.39 33.54
C ILE M 30 -3.70 -30.87 33.35
N LEU M 31 -3.79 -30.42 32.10
CA LEU M 31 -3.83 -28.99 31.81
C LEU M 31 -5.00 -28.30 32.51
N GLU M 32 -6.13 -29.00 32.61
CA GLU M 32 -7.31 -28.45 33.26
C GLU M 32 -7.04 -28.20 34.75
N LYS M 33 -6.42 -29.18 35.41
CA LYS M 33 -6.10 -29.09 36.83
C LYS M 33 -5.13 -27.96 37.17
N ILE M 34 -4.07 -27.83 36.36
CA ILE M 34 -3.03 -26.83 36.58
C ILE M 34 -3.54 -25.39 36.49
N LYS M 35 -4.40 -25.14 35.50
CA LYS M 35 -4.94 -23.80 35.30
C LYS M 35 -5.75 -23.36 36.52
N LYS M 36 -6.32 -24.35 37.22
CA LYS M 36 -7.12 -24.09 38.40
C LYS M 36 -6.27 -23.64 39.58
N ILE M 37 -5.05 -24.18 39.67
CA ILE M 37 -4.14 -23.92 40.79
C ILE M 37 -3.12 -22.81 40.56
N SER M 38 -3.19 -22.13 39.41
CA SER M 38 -2.24 -21.07 39.08
C SER M 38 -2.10 -19.96 40.14
N CYS M 39 -3.19 -19.65 40.83
CA CYS M 39 -3.20 -18.57 41.82
C CYS M 39 -2.77 -18.95 43.24
N ALA M 40 -2.67 -20.25 43.52
CA ALA M 40 -2.49 -20.71 44.90
C ALA M 40 -1.07 -20.51 45.47
N GLU M 41 -1.04 -20.22 46.78
CA GLU M 41 0.19 -20.00 47.53
C GLU M 41 0.63 -21.24 48.33
N CYS M 42 0.02 -22.39 48.05
CA CYS M 42 0.11 -23.55 48.95
C CYS M 42 1.00 -24.64 48.35
N PRO M 43 1.56 -25.52 49.20
CA PRO M 43 2.53 -26.53 48.75
C PRO M 43 2.00 -27.40 47.60
N VAL M 44 2.92 -27.83 46.74
CA VAL M 44 2.59 -28.63 45.56
C VAL M 44 3.48 -29.85 45.45
N LEU M 45 2.88 -30.99 45.09
CA LEU M 45 3.63 -32.23 44.90
C LEU M 45 3.50 -32.76 43.47
N ILE M 46 4.60 -32.76 42.73
CA ILE M 46 4.61 -33.28 41.36
C ILE M 46 5.27 -34.66 41.38
N THR M 47 4.63 -35.65 40.76
CA THR M 47 5.13 -37.02 40.76
C THR M 47 5.10 -37.66 39.36
N GLY M 48 5.87 -38.73 39.18
CA GLY M 48 5.86 -39.51 37.95
C GLY M 48 7.18 -40.20 37.73
N GLU M 49 7.25 -41.06 36.71
CA GLU M 49 8.50 -41.71 36.33
C GLU M 49 9.48 -40.67 35.77
N SER M 50 10.76 -41.02 35.72
CA SER M 50 11.77 -40.09 35.21
C SER M 50 11.67 -39.89 33.70
N GLY M 51 11.72 -38.63 33.28
CA GLY M 51 11.69 -38.27 31.88
C GLY M 51 10.30 -37.98 31.37
N VAL M 52 9.35 -37.73 32.26
CA VAL M 52 7.98 -37.47 31.86
C VAL M 52 7.60 -35.99 31.68
N GLY M 53 8.51 -35.07 32.00
CA GLY M 53 8.24 -33.65 31.85
C GLY M 53 7.87 -32.89 33.11
N LYS M 54 8.20 -33.46 34.27
CA LYS M 54 7.93 -32.83 35.56
C LYS M 54 8.54 -31.43 35.71
N GLU M 55 9.70 -31.21 35.11
CA GLU M 55 10.39 -29.93 35.20
C GLU M 55 9.61 -28.84 34.47
N VAL M 56 8.99 -29.21 33.35
CA VAL M 56 8.19 -28.29 32.56
C VAL M 56 7.00 -27.80 33.39
N VAL M 57 6.33 -28.75 34.06
CA VAL M 57 5.17 -28.47 34.89
C VAL M 57 5.51 -27.45 35.97
N ALA M 58 6.65 -27.66 36.63
CA ALA M 58 7.09 -26.79 37.71
C ALA M 58 7.24 -25.35 37.22
N ARG M 59 7.85 -25.19 36.05
CA ARG M 59 8.03 -23.87 35.45
C ARG M 59 6.70 -23.28 34.99
N LEU M 60 5.77 -24.13 34.59
CA LEU M 60 4.50 -23.63 34.06
C LEU M 60 3.61 -23.01 35.13
N ILE M 61 3.52 -23.64 36.30
CA ILE M 61 2.69 -23.12 37.39
C ILE M 61 3.09 -21.68 37.72
N HIS M 62 4.40 -21.42 37.68
CA HIS M 62 4.96 -20.10 37.95
C HIS M 62 4.54 -19.09 36.87
N LYS M 63 4.62 -19.54 35.62
CA LYS M 63 4.34 -18.72 34.47
C LYS M 63 2.87 -18.29 34.42
N LEU M 64 1.99 -19.16 34.92
CA LEU M 64 0.54 -18.90 34.91
C LEU M 64 0.06 -18.21 36.19
N SER M 65 0.95 -18.08 37.17
CA SER M 65 0.60 -17.52 38.47
C SER M 65 0.65 -15.99 38.50
N ASP M 66 0.34 -15.42 39.66
CA ASP M 66 0.35 -13.98 39.84
C ASP M 66 1.79 -13.46 39.93
N ARG M 67 2.72 -14.38 40.14
CA ARG M 67 4.14 -14.07 40.30
C ARG M 67 4.95 -14.25 39.02
N SER M 68 4.27 -14.41 37.88
CA SER M 68 4.92 -14.76 36.63
C SER M 68 6.04 -13.81 36.21
N LYS M 69 5.99 -12.57 36.71
CA LYS M 69 7.01 -11.58 36.36
C LYS M 69 8.15 -11.61 37.37
N GLU M 70 7.97 -12.37 38.45
CA GLU M 70 8.97 -12.45 39.51
C GLU M 70 9.98 -13.56 39.23
N PRO M 71 11.09 -13.59 39.99
CA PRO M 71 12.15 -14.57 39.71
C PRO M 71 11.74 -16.03 39.88
N PHE M 72 12.34 -16.89 39.06
CA PHE M 72 12.18 -18.33 39.19
C PHE M 72 13.54 -18.93 39.47
N VAL M 73 13.68 -19.47 40.68
CA VAL M 73 14.95 -19.97 41.18
C VAL M 73 14.99 -21.49 41.10
N ALA M 74 15.87 -22.03 40.26
CA ALA M 74 16.00 -23.46 40.10
C ALA M 74 17.13 -24.01 40.97
N LEU M 75 16.82 -25.05 41.73
CA LEU M 75 17.76 -25.68 42.65
C LEU M 75 17.63 -27.18 42.59
N ASN M 76 18.75 -27.87 42.45
CA ASN M 76 18.76 -29.31 42.61
C ASN M 76 19.06 -29.60 44.07
N VAL M 77 18.04 -29.98 44.82
CA VAL M 77 18.20 -30.20 46.24
C VAL M 77 19.01 -31.49 46.36
N ALA M 78 19.59 -31.71 47.54
CA ALA M 78 20.43 -32.87 47.84
C ALA M 78 21.84 -32.66 47.30
N SER M 79 21.99 -31.74 46.34
CA SER M 79 23.30 -31.44 45.81
C SER M 79 23.98 -30.51 46.80
N ILE M 80 23.17 -29.98 47.72
CA ILE M 80 23.66 -29.11 48.78
C ILE M 80 24.26 -29.97 49.89
N PRO M 81 25.50 -29.70 50.30
CA PRO M 81 26.04 -30.43 51.45
C PRO M 81 25.25 -30.14 52.72
N ARG M 82 25.07 -31.14 53.58
CA ARG M 82 24.24 -31.00 54.76
C ARG M 82 24.75 -29.88 55.66
N ASP M 83 26.07 -29.69 55.67
CA ASP M 83 26.71 -28.77 56.59
C ASP M 83 26.36 -27.31 56.27
N ILE M 84 26.33 -26.96 54.98
CA ILE M 84 25.95 -25.59 54.59
C ILE M 84 24.49 -25.49 54.17
N PHE M 85 23.76 -26.61 54.19
CA PHE M 85 22.36 -26.60 53.77
C PHE M 85 21.56 -25.52 54.48
N GLU M 86 21.66 -25.49 55.80
CA GLU M 86 20.96 -24.51 56.60
C GLU M 86 21.44 -23.10 56.31
N ALA M 87 22.77 -22.92 56.25
CA ALA M 87 23.37 -21.61 56.06
C ALA M 87 23.19 -21.05 54.64
N GLU M 88 23.39 -21.91 53.64
CA GLU M 88 23.38 -21.49 52.24
C GLU M 88 21.96 -21.20 51.74
N LEU M 89 20.98 -21.74 52.46
CA LEU M 89 19.57 -21.64 52.07
C LEU M 89 18.91 -20.40 52.66
N PHE M 90 18.96 -20.31 53.99
CA PHE M 90 18.33 -19.22 54.75
C PHE M 90 19.18 -17.95 54.73
N GLY M 91 20.49 -18.11 54.61
CA GLY M 91 21.41 -17.00 54.59
C GLY M 91 22.15 -16.81 55.90
N TYR M 92 23.02 -15.81 55.93
CA TYR M 92 23.80 -15.50 57.13
C TYR M 92 24.17 -14.02 57.20
N GLU M 93 24.46 -13.54 58.41
CA GLU M 93 24.88 -12.15 58.61
C GLU M 93 26.41 -12.07 58.79
N LYS M 94 26.95 -10.86 58.81
CA LYS M 94 28.38 -10.63 58.99
C LYS M 94 28.87 -11.28 60.28
N GLY M 95 30.05 -11.87 60.28
CA GLY M 95 30.53 -12.47 61.51
C GLY M 95 29.67 -13.69 61.74
N ALA M 96 29.26 -13.83 63.00
CA ALA M 96 28.26 -14.81 63.40
C ALA M 96 28.71 -16.24 63.13
N PHE M 97 29.50 -16.74 64.07
CA PHE M 97 30.11 -18.08 64.02
C PHE M 97 31.06 -18.26 62.84
N THR M 98 32.16 -17.49 62.88
CA THR M 98 33.26 -17.56 61.92
C THR M 98 32.92 -17.86 60.46
N GLY M 99 32.28 -16.93 59.75
CA GLY M 99 32.04 -17.14 58.33
C GLY M 99 32.13 -15.84 57.54
N ALA M 100 32.77 -15.94 56.38
CA ALA M 100 32.91 -14.83 55.44
C ALA M 100 33.40 -13.54 56.13
N VAL M 101 32.95 -12.40 55.63
CA VAL M 101 32.97 -11.13 56.35
C VAL M 101 31.55 -10.56 56.28
N SER M 102 31.08 -10.40 55.05
CA SER M 102 29.83 -9.71 54.74
C SER M 102 28.61 -10.62 54.86
N SER M 103 27.45 -10.01 55.09
CA SER M 103 26.19 -10.75 55.14
C SER M 103 25.80 -11.19 53.74
N LYS M 104 25.08 -12.30 53.66
CA LYS M 104 24.67 -12.88 52.39
C LYS M 104 23.23 -13.38 52.45
N GLU M 105 22.47 -13.07 51.42
CA GLU M 105 21.08 -13.51 51.33
C GLU M 105 21.00 -15.01 51.12
N GLY M 106 19.86 -15.59 51.50
CA GLY M 106 19.61 -17.00 51.28
C GLY M 106 18.75 -17.21 50.05
N PHE M 107 18.58 -18.46 49.66
CA PHE M 107 17.78 -18.77 48.47
C PHE M 107 16.30 -18.46 48.66
N PHE M 108 15.81 -18.60 49.88
CA PHE M 108 14.39 -18.32 50.15
C PHE M 108 14.08 -16.83 49.98
N GLU M 109 14.96 -15.98 50.50
CA GLU M 109 14.78 -14.53 50.39
C GLU M 109 14.96 -14.05 48.97
N LEU M 110 15.80 -14.76 48.21
CA LEU M 110 16.02 -14.44 46.82
C LEU M 110 14.72 -14.73 46.07
N ALA M 111 13.98 -15.70 46.57
CA ALA M 111 12.72 -16.13 45.96
C ALA M 111 11.51 -15.41 46.57
N ASP M 112 11.78 -14.48 47.49
CA ASP M 112 10.72 -13.73 48.17
C ASP M 112 9.80 -13.05 47.16
N GLY M 113 8.50 -13.31 47.28
CA GLY M 113 7.52 -12.78 46.36
C GLY M 113 7.40 -13.65 45.11
N GLY M 114 8.37 -14.56 44.94
CA GLY M 114 8.43 -15.43 43.79
C GLY M 114 8.10 -16.87 44.16
N THR M 115 8.64 -17.81 43.38
CA THR M 115 8.41 -19.24 43.58
C THR M 115 9.75 -19.99 43.62
N LEU M 116 9.88 -20.92 44.55
CA LEU M 116 11.10 -21.71 44.73
C LEU M 116 10.85 -23.17 44.36
N PHE M 117 11.63 -23.68 43.42
CA PHE M 117 11.45 -25.05 42.89
C PHE M 117 12.55 -26.01 43.36
N LEU M 118 12.15 -27.00 44.15
CA LEU M 118 13.05 -28.02 44.66
C LEU M 118 12.87 -29.33 43.89
N ASP M 119 13.83 -29.66 43.04
CA ASP M 119 13.71 -30.86 42.19
C ASP M 119 14.32 -32.10 42.83
N GLU M 120 13.67 -33.24 42.63
CA GLU M 120 14.16 -34.53 43.12
C GLU M 120 14.28 -34.52 44.65
N ILE M 121 13.28 -33.93 45.31
CA ILE M 121 13.25 -33.85 46.78
C ILE M 121 13.19 -35.17 47.55
N GLY M 122 12.58 -36.20 46.97
CA GLY M 122 12.31 -37.43 47.72
C GLY M 122 13.56 -38.20 48.10
N GLU M 123 14.67 -37.83 47.48
CA GLU M 123 15.97 -38.46 47.72
C GLU M 123 16.76 -37.69 48.79
N LEU M 124 16.14 -36.66 49.36
CA LEU M 124 16.79 -35.82 50.37
C LEU M 124 17.10 -36.57 51.65
N SER M 125 18.19 -36.19 52.30
CA SER M 125 18.63 -36.82 53.54
C SER M 125 17.73 -36.45 54.71
N LEU M 126 17.56 -37.41 55.61
CA LEU M 126 16.67 -37.27 56.76
C LEU M 126 16.94 -36.02 57.57
N GLU M 127 18.22 -35.72 57.75
CA GLU M 127 18.67 -34.57 58.54
C GLU M 127 18.27 -33.21 57.99
N ALA M 128 18.27 -33.05 56.68
CA ALA M 128 18.02 -31.75 56.07
C ALA M 128 16.54 -31.36 56.12
N GLN M 129 15.66 -32.34 55.99
CA GLN M 129 14.23 -32.08 56.04
C GLN M 129 13.85 -31.42 57.36
N ALA M 130 14.48 -31.87 58.45
CA ALA M 130 14.15 -31.36 59.79
C ALA M 130 14.49 -29.87 59.96
N LYS M 131 15.50 -29.40 59.24
CA LYS M 131 15.92 -27.99 59.30
C LYS M 131 14.85 -27.20 58.57
N LEU M 132 14.29 -27.88 57.57
CA LEU M 132 13.13 -27.45 56.80
C LEU M 132 12.01 -27.92 57.74
N LEU M 133 10.81 -28.26 57.27
CA LEU M 133 9.69 -28.51 58.18
C LEU M 133 9.23 -27.21 58.86
N ARG M 134 9.60 -26.93 60.10
CA ARG M 134 9.06 -25.77 60.84
C ARG M 134 9.00 -24.49 60.00
N VAL M 135 9.85 -24.38 58.98
CA VAL M 135 9.85 -23.23 58.10
C VAL M 135 8.60 -23.23 57.23
N ILE M 136 8.17 -24.43 56.83
CA ILE M 136 7.05 -24.62 55.90
C ILE M 136 5.73 -24.02 56.40
N GLU M 137 5.33 -24.38 57.61
CA GLU M 137 4.02 -23.98 58.11
C GLU M 137 3.99 -22.52 58.58
N SER M 138 5.02 -22.11 59.30
CA SER M 138 5.05 -20.77 59.87
C SER M 138 5.51 -19.74 58.85
N GLY M 139 6.29 -20.21 57.86
CA GLY M 139 6.87 -19.34 56.85
C GLY M 139 7.85 -18.36 57.47
N LYS M 140 8.32 -18.70 58.67
CA LYS M 140 9.23 -17.86 59.44
C LYS M 140 10.47 -18.65 59.81
N PHE M 141 11.58 -17.94 59.97
CA PHE M 141 12.83 -18.57 60.35
C PHE M 141 13.85 -17.54 60.81
N TYR M 142 15.00 -18.03 61.23
CA TYR M 142 16.14 -17.19 61.57
C TYR M 142 17.27 -17.45 60.61
N ARG M 143 17.92 -16.39 60.15
CA ARG M 143 19.13 -16.58 59.40
C ARG M 143 20.02 -17.27 60.42
N LEU M 144 20.88 -18.17 59.97
CA LEU M 144 21.74 -18.83 60.94
C LEU M 144 22.81 -17.85 61.40
N GLY M 145 22.85 -17.67 62.71
CA GLY M 145 23.69 -16.66 63.33
C GLY M 145 23.02 -15.30 63.32
N GLY M 146 21.87 -15.22 62.66
CA GLY M 146 21.06 -14.02 62.69
C GLY M 146 20.17 -14.12 63.91
N ARG M 147 19.96 -12.99 64.60
CA ARG M 147 19.11 -12.97 65.79
C ARG M 147 17.70 -12.43 65.55
N LYS M 148 17.43 -12.01 64.32
CA LYS M 148 16.12 -11.47 63.96
C LYS M 148 15.30 -12.42 63.10
N GLU M 149 14.11 -12.77 63.58
CA GLU M 149 13.21 -13.65 62.82
C GLU M 149 12.78 -12.97 61.52
N ILE M 150 12.92 -13.68 60.41
CA ILE M 150 12.57 -13.16 59.09
C ILE M 150 11.29 -13.81 58.59
N GLU M 151 10.45 -13.04 57.93
CA GLU M 151 9.23 -13.57 57.32
C GLU M 151 9.23 -13.22 55.83
N VAL M 152 9.02 -14.24 54.99
CA VAL M 152 9.04 -14.08 53.54
C VAL M 152 7.85 -14.77 52.88
N ASN M 153 7.55 -14.36 51.65
CA ASN M 153 6.47 -14.94 50.86
C ASN M 153 7.04 -15.75 49.70
N VAL M 154 6.98 -17.07 49.81
CA VAL M 154 7.58 -17.98 48.83
C VAL M 154 6.65 -19.14 48.48
N ARG M 155 6.45 -19.36 47.19
CA ARG M 155 5.70 -20.51 46.68
C ARG M 155 6.61 -21.72 46.52
N ILE M 156 6.19 -22.87 47.04
CA ILE M 156 7.01 -24.07 47.03
C ILE M 156 6.58 -25.04 45.94
N LEU M 157 7.54 -25.48 45.14
CA LEU M 157 7.33 -26.53 44.15
C LEU M 157 8.29 -27.68 44.43
N ALA M 158 7.81 -28.91 44.25
CA ALA M 158 8.65 -30.08 44.51
C ALA M 158 8.46 -31.13 43.42
N ALA M 159 9.49 -31.92 43.18
CA ALA M 159 9.43 -32.99 42.18
C ALA M 159 10.32 -34.17 42.55
N THR M 160 9.92 -35.38 42.17
CA THR M 160 10.79 -36.55 42.30
C THR M 160 10.41 -37.61 41.28
N ASN M 161 11.39 -38.37 40.80
CA ASN M 161 11.13 -39.45 39.84
C ASN M 161 10.97 -40.80 40.52
N ARG M 162 11.00 -40.79 41.85
CA ARG M 162 10.96 -42.01 42.66
C ARG M 162 9.64 -42.03 43.43
N ASN M 163 9.38 -43.12 44.12
CA ASN M 163 8.15 -43.24 44.90
C ASN M 163 8.34 -42.76 46.33
N ILE M 164 7.74 -41.62 46.64
CA ILE M 164 7.92 -40.96 47.94
C ILE M 164 7.05 -41.61 49.02
N LYS M 165 5.87 -42.06 48.60
CA LYS M 165 4.91 -42.68 49.50
C LYS M 165 5.49 -43.92 50.18
N GLU M 166 6.33 -44.65 49.45
CA GLU M 166 6.95 -45.87 49.96
C GLU M 166 7.91 -45.61 51.12
N LEU M 167 8.70 -44.55 50.99
CA LEU M 167 9.74 -44.24 51.96
C LEU M 167 9.18 -44.05 53.37
N VAL M 168 7.96 -43.53 53.45
CA VAL M 168 7.31 -43.32 54.74
C VAL M 168 7.05 -44.65 55.45
N LYS M 169 6.50 -45.60 54.70
CA LYS M 169 6.17 -46.93 55.23
C LYS M 169 7.42 -47.69 55.67
N GLU M 170 8.56 -47.32 55.08
CA GLU M 170 9.84 -47.93 55.42
C GLU M 170 10.51 -47.16 56.55
N GLY M 171 9.82 -46.14 57.06
CA GLY M 171 10.33 -45.32 58.14
C GLY M 171 11.44 -44.42 57.65
N LYS M 172 11.58 -44.37 56.32
CA LYS M 172 12.62 -43.58 55.69
C LYS M 172 12.17 -42.15 55.36
N PHE M 173 10.88 -41.87 55.54
CA PHE M 173 10.37 -40.51 55.30
C PHE M 173 9.35 -40.07 56.34
N ARG M 174 9.52 -38.84 56.81
CA ARG M 174 8.66 -38.25 57.83
C ARG M 174 7.22 -38.10 57.37
N GLU M 175 6.29 -38.54 58.22
CA GLU M 175 4.87 -38.44 57.91
C GLU M 175 4.38 -36.98 57.86
N ASP M 176 4.88 -36.17 58.80
CA ASP M 176 4.39 -34.79 58.93
C ASP M 176 4.75 -33.90 57.74
N LEU M 177 5.87 -34.17 57.10
CA LEU M 177 6.29 -33.36 55.95
C LEU M 177 5.45 -33.71 54.73
N TYR M 178 5.15 -35.00 54.55
CA TYR M 178 4.37 -35.43 53.39
C TYR M 178 3.01 -34.75 53.28
N TYR M 179 2.25 -34.76 54.37
CA TYR M 179 0.89 -34.23 54.35
C TYR M 179 0.85 -32.71 54.26
N ARG M 180 1.97 -32.06 54.62
CA ARG M 180 2.08 -30.62 54.50
C ARG M 180 2.42 -30.24 53.05
N LEU M 181 3.34 -30.98 52.45
CA LEU M 181 3.72 -30.74 51.05
C LEU M 181 2.73 -31.41 50.10
N GLY M 182 2.16 -32.52 50.54
CA GLY M 182 1.39 -33.39 49.67
C GLY M 182 -0.07 -33.00 49.62
N VAL M 183 -0.35 -31.73 49.92
CA VAL M 183 -1.69 -31.19 49.85
C VAL M 183 -2.29 -31.45 48.47
N ILE M 184 -1.57 -31.01 47.44
CA ILE M 184 -1.94 -31.24 46.06
C ILE M 184 -0.93 -32.16 45.36
N GLU M 185 -1.45 -33.17 44.66
CA GLU M 185 -0.61 -34.11 43.94
C GLU M 185 -0.93 -34.10 42.45
N ILE M 186 0.07 -33.82 41.63
CA ILE M 186 -0.10 -33.82 40.18
C ILE M 186 0.80 -34.88 39.59
N GLU M 187 0.18 -35.91 39.03
CA GLU M 187 0.94 -36.99 38.41
C GLU M 187 1.06 -36.73 36.93
N ILE M 188 2.20 -37.13 36.37
CA ILE M 188 2.39 -37.16 34.95
C ILE M 188 2.62 -38.63 34.66
N PRO M 189 1.68 -39.27 33.95
CA PRO M 189 1.90 -40.69 33.66
C PRO M 189 2.95 -40.90 32.58
N PRO M 190 3.51 -42.12 32.50
CA PRO M 190 4.51 -42.42 31.46
C PRO M 190 3.93 -42.34 30.05
N LEU M 191 4.72 -42.72 29.05
CA LEU M 191 4.31 -42.60 27.65
C LEU M 191 3.48 -43.77 27.13
N ARG M 192 3.77 -44.98 27.58
CA ARG M 192 3.09 -46.17 27.07
C ARG M 192 1.56 -46.13 27.17
N GLU M 193 1.02 -45.33 28.09
CA GLU M 193 -0.43 -45.15 28.17
C GLU M 193 -0.93 -43.87 27.51
N ARG M 194 -0.02 -43.05 26.98
CA ARG M 194 -0.40 -41.94 26.10
C ARG M 194 0.21 -42.16 24.73
N LYS M 195 -0.57 -42.78 23.84
CA LYS M 195 -0.09 -43.11 22.50
C LYS M 195 -0.20 -41.93 21.54
N GLU M 196 -1.19 -41.08 21.78
CA GLU M 196 -1.51 -39.96 20.89
C GLU M 196 -0.44 -38.86 20.89
N ASP M 197 0.35 -38.81 21.96
CA ASP M 197 1.35 -37.75 22.14
C ASP M 197 2.65 -37.98 21.34
N ILE M 198 2.87 -39.21 20.88
CA ILE M 198 4.16 -39.59 20.30
C ILE M 198 4.61 -38.74 19.12
N ILE M 199 3.82 -38.71 18.04
CA ILE M 199 4.25 -38.05 16.80
C ILE M 199 4.37 -36.52 16.95
N PRO M 200 3.36 -35.88 17.57
CA PRO M 200 3.47 -34.42 17.76
C PRO M 200 4.72 -34.00 18.54
N LEU M 201 5.06 -34.76 19.58
CA LEU M 201 6.27 -34.50 20.36
C LEU M 201 7.54 -34.72 19.54
N ALA M 202 7.61 -35.85 18.84
CA ALA M 202 8.76 -36.20 18.02
C ALA M 202 9.08 -35.11 16.99
N ASN M 203 8.04 -34.55 16.38
CA ASN M 203 8.20 -33.48 15.41
C ASN M 203 8.77 -32.20 16.01
N HIS M 204 8.38 -31.89 17.24
CA HIS M 204 8.86 -30.68 17.91
C HIS M 204 10.38 -30.72 18.02
N PHE M 205 10.91 -31.90 18.35
CA PHE M 205 12.35 -32.11 18.47
C PHE M 205 13.05 -32.03 17.12
N LEU M 206 12.40 -32.55 16.07
CA LEU M 206 12.95 -32.52 14.73
C LEU M 206 13.27 -31.10 14.27
N LYS M 207 12.34 -30.19 14.51
CA LYS M 207 12.51 -28.78 14.15
C LYS M 207 13.70 -28.19 14.90
N LYS M 208 13.78 -28.50 16.18
CA LYS M 208 14.83 -27.99 17.05
C LYS M 208 16.23 -28.44 16.62
N PHE M 209 16.41 -29.74 16.40
CA PHE M 209 17.71 -30.30 16.05
C PHE M 209 18.13 -30.01 14.60
N SER M 210 17.15 -30.00 13.69
CA SER M 210 17.44 -29.68 12.29
C SER M 210 17.98 -28.25 12.15
N ARG M 211 17.43 -27.34 12.95
CA ARG M 211 17.92 -25.95 12.97
C ARG M 211 19.30 -25.87 13.61
N LYS M 212 19.45 -26.52 14.76
CA LYS M 212 20.67 -26.48 15.55
C LYS M 212 21.87 -26.96 14.73
N TYR M 213 21.74 -28.11 14.09
CA TYR M 213 22.81 -28.68 13.28
C TYR M 213 22.65 -28.27 11.81
N ALA M 214 21.77 -27.31 11.58
CA ALA M 214 21.43 -26.83 10.24
C ALA M 214 21.37 -27.96 9.21
N LYS M 215 20.32 -28.77 9.30
CA LYS M 215 20.11 -29.88 8.36
C LYS M 215 18.78 -29.78 7.65
N GLU M 216 18.58 -30.70 6.71
CA GLU M 216 17.44 -30.71 5.82
C GLU M 216 16.30 -31.66 6.21
N VAL M 217 16.40 -32.30 7.38
CA VAL M 217 15.44 -33.35 7.76
C VAL M 217 14.05 -32.77 8.02
N GLU M 218 13.02 -33.53 7.64
CA GLU M 218 11.62 -33.09 7.75
C GLU M 218 10.72 -33.94 8.63
N GLY M 219 10.54 -35.22 8.28
CA GLY M 219 9.60 -36.06 9.00
C GLY M 219 9.88 -37.57 8.95
N PHE M 220 8.96 -38.34 9.52
CA PHE M 220 9.13 -39.79 9.66
C PHE M 220 8.27 -40.55 8.65
N THR M 221 8.79 -41.67 8.14
CA THR M 221 7.98 -42.55 7.30
C THR M 221 6.97 -43.29 8.17
N LYS M 222 5.87 -43.73 7.58
CA LYS M 222 4.82 -44.43 8.34
C LYS M 222 5.32 -45.77 8.87
N SER M 223 6.19 -46.43 8.11
CA SER M 223 6.71 -47.74 8.51
C SER M 223 7.49 -47.57 9.79
N ALA M 224 8.18 -46.43 9.91
CA ALA M 224 8.92 -46.11 11.13
C ALA M 224 7.97 -45.81 12.28
N GLN M 225 6.94 -45.02 12.02
CA GLN M 225 5.98 -44.60 13.05
C GLN M 225 5.29 -45.77 13.73
N GLU M 226 5.07 -46.85 12.98
CA GLU M 226 4.43 -48.05 13.52
C GLU M 226 5.29 -48.63 14.63
N LEU M 227 6.61 -48.55 14.46
CA LEU M 227 7.55 -49.05 15.46
C LEU M 227 7.44 -48.28 16.78
N LEU M 228 7.37 -46.95 16.67
CA LEU M 228 7.25 -46.09 17.85
C LEU M 228 6.07 -46.51 18.72
N LEU M 229 5.01 -46.98 18.07
CA LEU M 229 3.81 -47.39 18.78
C LEU M 229 4.04 -48.70 19.53
N SER M 230 4.96 -49.53 19.03
CA SER M 230 5.24 -50.84 19.62
C SER M 230 6.39 -50.90 20.65
N TYR M 231 7.19 -49.83 20.76
CA TYR M 231 8.35 -49.83 21.68
C TYR M 231 7.97 -49.20 23.01
N PRO M 232 7.86 -50.00 24.09
CA PRO M 232 7.26 -49.34 25.26
C PRO M 232 8.10 -48.30 26.04
N TRP M 233 8.98 -47.51 25.39
CA TRP M 233 9.56 -46.30 25.99
C TRP M 233 9.71 -46.28 27.51
N TYR M 234 10.71 -46.97 28.05
CA TYR M 234 10.91 -46.99 29.49
C TYR M 234 11.59 -45.73 30.02
N GLY M 235 12.27 -45.01 29.14
CA GLY M 235 12.91 -43.76 29.49
C GLY M 235 12.04 -42.53 29.24
N ASN M 236 10.82 -42.76 28.75
CA ASN M 236 9.84 -41.69 28.51
C ASN M 236 10.34 -40.58 27.56
N VAL M 237 10.01 -39.31 27.87
CA VAL M 237 10.27 -38.20 26.95
C VAL M 237 11.75 -37.91 26.76
N ARG M 238 12.52 -38.02 27.83
CA ARG M 238 13.93 -37.67 27.82
C ARG M 238 14.71 -38.56 26.85
N GLU M 239 14.34 -39.83 26.80
CA GLU M 239 14.97 -40.78 25.89
C GLU M 239 14.59 -40.47 24.44
N LEU M 240 13.33 -40.10 24.22
CA LEU M 240 12.83 -39.78 22.89
C LEU M 240 13.62 -38.63 22.28
N LYS M 241 13.70 -37.53 23.02
CA LYS M 241 14.42 -36.34 22.60
C LYS M 241 15.85 -36.71 22.18
N ASN M 242 16.46 -37.64 22.91
CA ASN M 242 17.81 -38.09 22.60
C ASN M 242 17.89 -38.89 21.30
N VAL M 243 16.92 -39.77 21.07
CA VAL M 243 16.92 -40.63 19.89
C VAL M 243 16.85 -39.84 18.59
N ILE M 244 16.06 -38.77 18.58
CA ILE M 244 15.92 -37.93 17.40
C ILE M 244 17.27 -37.27 17.09
N GLU M 245 17.94 -36.80 18.15
CA GLU M 245 19.23 -36.15 18.02
C GLU M 245 20.25 -37.07 17.35
N ARG M 246 20.16 -38.36 17.66
CA ARG M 246 21.01 -39.38 17.06
C ARG M 246 20.77 -39.46 15.56
N ALA M 247 19.49 -39.48 15.18
CA ALA M 247 19.09 -39.66 13.79
C ALA M 247 19.48 -38.51 12.88
N VAL M 248 19.26 -37.27 13.34
CA VAL M 248 19.49 -36.09 12.51
C VAL M 248 20.93 -35.93 12.03
N LEU M 249 21.89 -36.20 12.92
CA LEU M 249 23.30 -36.01 12.62
C LEU M 249 23.80 -36.99 11.56
N PHE M 250 23.32 -38.23 11.63
CA PHE M 250 23.71 -39.29 10.71
C PHE M 250 22.75 -39.39 9.52
N SER M 251 21.74 -38.52 9.49
CA SER M 251 20.75 -38.58 8.42
C SER M 251 21.38 -38.30 7.06
N GLU M 252 20.81 -38.92 6.03
CA GLU M 252 21.27 -38.75 4.65
C GLU M 252 20.19 -38.01 3.89
N GLY M 253 19.01 -38.61 3.79
CA GLY M 253 17.89 -37.99 3.13
C GLY M 253 17.16 -37.06 4.07
N LYS M 254 15.95 -36.64 3.66
CA LYS M 254 15.13 -35.76 4.49
C LYS M 254 14.18 -36.55 5.40
N PHE M 255 14.02 -37.85 5.12
CA PHE M 255 13.12 -38.70 5.90
C PHE M 255 13.84 -39.94 6.40
N ILE M 256 13.30 -40.49 7.48
CA ILE M 256 13.88 -41.64 8.18
C ILE M 256 13.03 -42.91 8.03
N ASP M 257 13.64 -44.00 7.60
CA ASP M 257 12.90 -45.25 7.40
C ASP M 257 12.97 -46.13 8.67
N ARG M 258 12.21 -47.23 8.67
CA ARG M 258 12.20 -48.15 9.80
C ARG M 258 13.53 -48.88 9.95
N GLY M 259 14.25 -49.01 8.84
CA GLY M 259 15.49 -49.76 8.80
C GLY M 259 16.52 -49.13 9.69
N GLU M 260 16.51 -47.80 9.75
CA GLU M 260 17.45 -47.05 10.56
C GLU M 260 17.17 -47.26 12.06
N LEU M 261 15.91 -47.51 12.38
CA LEU M 261 15.50 -47.78 13.76
C LEU M 261 15.67 -49.24 14.18
N SER M 262 15.55 -50.15 13.23
CA SER M 262 15.55 -51.59 13.51
C SER M 262 16.82 -52.05 14.26
N CYS M 263 17.96 -51.46 13.90
CA CYS M 263 19.23 -51.81 14.52
C CYS M 263 19.30 -51.27 15.95
N LEU M 264 18.43 -50.31 16.26
CA LEU M 264 18.43 -49.66 17.56
C LEU M 264 17.65 -50.51 18.57
N VAL M 265 16.77 -51.38 18.08
CA VAL M 265 15.86 -52.16 18.93
C VAL M 265 16.20 -53.65 18.84
N GLU N 19 50.63 -44.09 13.80
CA GLU N 19 50.46 -43.94 15.24
C GLU N 19 49.48 -44.98 15.77
N TYR N 20 48.19 -44.65 15.76
CA TYR N 20 47.17 -45.57 16.24
C TYR N 20 46.80 -46.63 15.19
N VAL N 21 46.45 -47.82 15.68
CA VAL N 21 46.16 -48.96 14.83
C VAL N 21 44.66 -49.28 14.76
N PHE N 22 44.06 -49.13 13.59
CA PHE N 22 42.76 -49.73 13.35
C PHE N 22 42.81 -50.49 12.03
N GLU N 23 42.90 -51.81 12.12
CA GLU N 23 42.91 -52.69 10.94
C GLU N 23 41.67 -53.59 10.84
N SER N 24 40.73 -53.45 11.77
CA SER N 24 39.61 -54.40 11.86
C SER N 24 38.25 -53.83 11.46
N PRO N 25 37.35 -54.71 10.95
CA PRO N 25 35.98 -54.30 10.64
C PRO N 25 35.23 -53.74 11.84
N LYS N 26 35.37 -54.40 12.99
CA LYS N 26 34.65 -53.99 14.20
C LYS N 26 35.09 -52.59 14.61
N MET N 27 36.40 -52.37 14.64
CA MET N 27 36.97 -51.09 15.06
C MET N 27 36.77 -50.00 14.01
N LYS N 28 36.75 -50.39 12.73
CA LYS N 28 36.53 -49.44 11.65
C LYS N 28 35.12 -48.86 11.66
N GLU N 29 34.14 -49.65 12.10
CA GLU N 29 32.77 -49.13 12.19
C GLU N 29 32.74 -48.01 13.22
N ILE N 30 33.43 -48.26 14.33
CA ILE N 30 33.55 -47.29 15.42
C ILE N 30 34.31 -46.06 14.93
N LEU N 31 35.34 -46.31 14.12
CA LEU N 31 36.17 -45.25 13.58
C LEU N 31 35.34 -44.26 12.78
N GLU N 32 34.37 -44.77 12.03
CA GLU N 32 33.48 -43.95 11.22
C GLU N 32 32.56 -43.05 12.08
N LYS N 33 32.06 -43.63 13.16
CA LYS N 33 31.11 -42.98 14.06
C LYS N 33 31.62 -41.65 14.64
N ILE N 34 32.89 -41.62 15.02
CA ILE N 34 33.49 -40.44 15.65
C ILE N 34 33.48 -39.19 14.77
N LYS N 35 33.78 -39.35 13.48
CA LYS N 35 33.87 -38.19 12.58
C LYS N 35 32.54 -37.45 12.48
N LYS N 36 31.44 -38.18 12.61
CA LYS N 36 30.11 -37.59 12.53
C LYS N 36 29.78 -36.76 13.78
N ILE N 37 30.32 -37.14 14.93
CA ILE N 37 30.02 -36.44 16.18
C ILE N 37 31.05 -35.33 16.45
N SER N 38 31.98 -35.14 15.51
CA SER N 38 32.95 -34.06 15.62
C SER N 38 32.22 -32.73 15.80
N CYS N 39 31.07 -32.62 15.15
CA CYS N 39 30.24 -31.42 15.22
C CYS N 39 29.26 -31.47 16.39
N ALA N 40 29.09 -32.64 16.98
CA ALA N 40 28.06 -32.82 18.01
C ALA N 40 28.49 -32.24 19.35
N GLU N 41 27.52 -31.63 20.04
CA GLU N 41 27.75 -31.03 21.35
C GLU N 41 27.25 -31.89 22.51
N CYS N 42 26.89 -33.14 22.25
CA CYS N 42 26.11 -33.92 23.21
C CYS N 42 26.93 -35.04 23.88
N PRO N 43 26.52 -35.44 25.09
CA PRO N 43 27.27 -36.44 25.87
C PRO N 43 27.48 -37.78 25.16
N VAL N 44 28.60 -38.42 25.45
CA VAL N 44 28.95 -39.71 24.87
C VAL N 44 29.39 -40.64 25.99
N LEU N 45 28.95 -41.89 25.94
CA LEU N 45 29.31 -42.88 26.94
C LEU N 45 30.05 -44.05 26.30
N ILE N 46 31.32 -44.21 26.65
CA ILE N 46 32.17 -45.26 26.08
C ILE N 46 32.28 -46.45 27.01
N THR N 47 32.12 -47.66 26.45
CA THR N 47 32.16 -48.88 27.23
C THR N 47 33.05 -49.91 26.58
N GLY N 48 33.46 -50.89 27.40
CA GLY N 48 34.23 -52.03 26.94
C GLY N 48 35.05 -52.55 28.10
N GLU N 49 35.72 -53.69 27.92
CA GLU N 49 36.58 -54.22 28.97
C GLU N 49 37.75 -53.27 29.16
N SER N 50 38.41 -53.33 30.30
CA SER N 50 39.52 -52.44 30.54
C SER N 50 40.73 -52.86 29.72
N GLY N 51 41.38 -51.88 29.11
CA GLY N 51 42.56 -52.10 28.29
C GLY N 51 42.22 -52.22 26.81
N VAL N 52 41.02 -51.79 26.43
CA VAL N 52 40.60 -51.83 25.03
C VAL N 52 40.86 -50.50 24.31
N GLY N 53 41.29 -49.48 25.06
CA GLY N 53 41.57 -48.18 24.48
C GLY N 53 40.51 -47.10 24.66
N LYS N 54 39.64 -47.26 25.66
CA LYS N 54 38.58 -46.28 25.90
C LYS N 54 39.09 -44.84 26.11
N GLU N 55 40.24 -44.70 26.76
CA GLU N 55 40.79 -43.37 27.03
C GLU N 55 41.27 -42.68 25.76
N VAL N 56 41.87 -43.45 24.87
CA VAL N 56 42.35 -42.90 23.61
C VAL N 56 41.18 -42.38 22.80
N VAL N 57 40.14 -43.20 22.68
CA VAL N 57 38.96 -42.85 21.91
C VAL N 57 38.35 -41.57 22.46
N ALA N 58 38.24 -41.49 23.79
CA ALA N 58 37.69 -40.32 24.43
C ALA N 58 38.53 -39.12 24.04
N ARG N 59 39.83 -39.32 24.09
CA ARG N 59 40.80 -38.30 23.69
C ARG N 59 40.74 -38.08 22.18
N LEU N 60 40.36 -39.13 21.45
CA LEU N 60 40.30 -39.08 20.00
C LEU N 60 39.15 -38.20 19.51
N ILE N 61 37.99 -38.35 20.13
CA ILE N 61 36.81 -37.58 19.77
C ILE N 61 37.10 -36.09 19.82
N HIS N 62 37.91 -35.69 20.78
CA HIS N 62 38.29 -34.30 20.97
C HIS N 62 39.11 -33.75 19.81
N LYS N 63 40.09 -34.51 19.37
CA LYS N 63 40.99 -34.04 18.31
C LYS N 63 40.29 -33.84 16.97
N LEU N 64 39.25 -34.62 16.71
CA LEU N 64 38.56 -34.54 15.43
C LEU N 64 37.41 -33.53 15.45
N SER N 65 37.10 -33.02 16.63
CA SER N 65 35.99 -32.08 16.78
C SER N 65 36.45 -30.66 16.50
N ASP N 66 35.51 -29.72 16.60
CA ASP N 66 35.80 -28.31 16.39
C ASP N 66 36.52 -27.69 17.60
N ARG N 67 36.52 -28.42 18.72
CA ARG N 67 37.10 -27.93 19.97
C ARG N 67 38.53 -28.39 20.19
N SER N 68 39.13 -28.97 19.16
CA SER N 68 40.44 -29.61 19.29
C SER N 68 41.52 -28.68 19.84
N LYS N 69 41.31 -27.37 19.71
CA LYS N 69 42.29 -26.39 20.18
C LYS N 69 42.02 -25.96 21.62
N GLU N 70 40.88 -26.36 22.16
CA GLU N 70 40.49 -25.98 23.53
C GLU N 70 40.92 -27.05 24.55
N PRO N 71 40.72 -26.78 25.85
CA PRO N 71 41.20 -27.71 26.88
C PRO N 71 40.52 -29.08 26.88
N PHE N 72 41.29 -30.12 27.20
CA PHE N 72 40.77 -31.46 27.41
C PHE N 72 41.12 -31.86 28.83
N VAL N 73 40.10 -31.96 29.69
CA VAL N 73 40.29 -32.21 31.11
C VAL N 73 39.98 -33.64 31.50
N ALA N 74 41.00 -34.36 31.99
CA ALA N 74 40.86 -35.74 32.39
C ALA N 74 40.60 -35.88 33.89
N LEU N 75 39.63 -36.72 34.23
CA LEU N 75 39.23 -36.95 35.62
C LEU N 75 38.93 -38.42 35.86
N ASN N 76 39.45 -38.95 36.97
CA ASN N 76 39.12 -40.31 37.39
C ASN N 76 37.79 -40.35 38.14
N VAL N 77 37.40 -39.19 38.67
CA VAL N 77 36.14 -38.93 39.40
C VAL N 77 35.90 -39.84 40.62
N ALA N 78 36.60 -40.98 40.70
CA ALA N 78 36.51 -41.83 41.88
C ALA N 78 37.54 -41.37 42.91
N SER N 79 38.59 -40.71 42.41
CA SER N 79 39.68 -40.23 43.22
C SER N 79 39.33 -38.93 43.93
N ILE N 80 38.18 -38.36 43.57
CA ILE N 80 37.73 -37.13 44.19
C ILE N 80 37.17 -37.43 45.58
N PRO N 81 37.70 -36.75 46.62
CA PRO N 81 37.18 -36.96 47.98
C PRO N 81 35.73 -36.49 48.12
N ARG N 82 34.97 -37.23 48.92
CA ARG N 82 33.56 -36.94 49.12
C ARG N 82 33.31 -35.56 49.73
N ASP N 83 34.21 -35.09 50.58
CA ASP N 83 33.97 -33.87 51.36
C ASP N 83 33.93 -32.63 50.50
N ILE N 84 34.87 -32.55 49.55
CA ILE N 84 34.96 -31.41 48.63
C ILE N 84 34.34 -31.68 47.26
N PHE N 85 33.78 -32.87 47.06
CA PHE N 85 33.26 -33.27 45.76
C PHE N 85 32.35 -32.20 45.16
N GLU N 86 31.42 -31.70 45.96
CA GLU N 86 30.51 -30.66 45.50
C GLU N 86 31.29 -29.38 45.19
N ALA N 87 32.18 -29.03 46.11
CA ALA N 87 32.92 -27.77 46.06
C ALA N 87 34.02 -27.67 45.00
N GLU N 88 34.82 -28.73 44.85
CA GLU N 88 35.95 -28.69 43.93
C GLU N 88 35.48 -28.80 42.48
N LEU N 89 34.26 -29.27 42.29
CA LEU N 89 33.72 -29.54 40.97
C LEU N 89 33.00 -28.30 40.42
N PHE N 90 31.99 -27.82 41.14
CA PHE N 90 31.21 -26.67 40.71
C PHE N 90 31.94 -25.35 41.04
N GLY N 91 32.71 -25.35 42.13
CA GLY N 91 33.45 -24.18 42.57
C GLY N 91 32.76 -23.48 43.71
N TYR N 92 33.35 -22.42 44.24
CA TYR N 92 32.74 -21.69 45.35
C TYR N 92 33.13 -20.22 45.35
N GLU N 93 32.30 -19.42 46.02
CA GLU N 93 32.52 -17.99 46.16
C GLU N 93 33.11 -17.66 47.51
N LYS N 94 33.80 -16.53 47.57
CA LYS N 94 34.45 -16.11 48.81
C LYS N 94 33.44 -16.08 49.96
N GLY N 95 33.88 -16.57 51.12
CA GLY N 95 33.00 -16.77 52.26
C GLY N 95 32.05 -17.96 52.22
N ALA N 96 32.57 -19.15 51.91
CA ALA N 96 31.83 -20.40 52.08
C ALA N 96 32.41 -21.13 53.30
N PHE N 97 31.77 -20.95 54.45
CA PHE N 97 32.24 -21.46 55.74
C PHE N 97 33.76 -21.38 55.90
N THR N 98 34.26 -20.16 55.96
CA THR N 98 35.68 -19.86 56.13
C THR N 98 36.53 -20.63 55.14
N GLY N 99 36.01 -20.89 53.95
CA GLY N 99 36.83 -21.53 52.94
C GLY N 99 37.74 -20.50 52.32
N ALA N 100 39.05 -20.75 52.37
CA ALA N 100 40.07 -19.90 51.73
C ALA N 100 39.75 -18.43 51.98
N VAL N 101 39.95 -17.60 50.96
CA VAL N 101 39.31 -16.30 50.87
C VAL N 101 38.69 -16.12 49.51
N SER N 102 39.50 -16.23 48.47
CA SER N 102 39.08 -15.88 47.14
C SER N 102 38.32 -17.02 46.49
N SER N 103 37.47 -16.67 45.53
CA SER N 103 36.70 -17.64 44.80
C SER N 103 37.60 -18.45 43.88
N LYS N 104 37.17 -19.69 43.60
CA LYS N 104 37.94 -20.63 42.81
C LYS N 104 37.05 -21.33 41.79
N GLU N 105 37.54 -21.41 40.56
CA GLU N 105 36.81 -22.07 39.49
C GLU N 105 36.76 -23.58 39.73
N GLY N 106 35.77 -24.23 39.13
CA GLY N 106 35.65 -25.67 39.17
C GLY N 106 36.14 -26.32 37.90
N PHE N 107 36.17 -27.65 37.86
CA PHE N 107 36.62 -28.37 36.68
C PHE N 107 35.68 -28.16 35.49
N PHE N 108 34.40 -27.91 35.79
CA PHE N 108 33.43 -27.62 34.74
C PHE N 108 33.75 -26.28 34.09
N GLU N 109 34.08 -25.30 34.91
CA GLU N 109 34.46 -23.97 34.43
C GLU N 109 35.83 -24.05 33.74
N LEU N 110 36.66 -25.00 34.18
CA LEU N 110 37.96 -25.24 33.56
C LEU N 110 37.83 -25.80 32.14
N ALA N 111 36.74 -26.51 31.90
CA ALA N 111 36.50 -27.16 30.62
C ALA N 111 35.68 -26.30 29.66
N ASP N 112 35.39 -25.06 30.07
CA ASP N 112 34.59 -24.15 29.25
C ASP N 112 35.19 -24.00 27.86
N GLY N 113 34.38 -24.28 26.84
CA GLY N 113 34.82 -24.23 25.46
C GLY N 113 35.55 -25.50 25.05
N GLY N 114 35.93 -26.30 26.04
CA GLY N 114 36.70 -27.51 25.82
C GLY N 114 35.89 -28.78 26.05
N THR N 115 36.59 -29.85 26.39
CA THR N 115 35.97 -31.16 26.62
C THR N 115 36.38 -31.72 27.99
N LEU N 116 35.40 -32.25 28.71
CA LEU N 116 35.62 -32.81 30.03
C LEU N 116 35.43 -34.32 30.00
N PHE N 117 36.47 -35.06 30.36
CA PHE N 117 36.46 -36.53 30.30
C PHE N 117 36.41 -37.17 31.67
N LEU N 118 35.32 -37.87 31.95
CA LEU N 118 35.13 -38.56 33.23
C LEU N 118 35.38 -40.05 33.08
N ASP N 119 36.51 -40.51 33.63
CA ASP N 119 36.90 -41.92 33.50
C ASP N 119 36.40 -42.74 34.68
N GLU N 120 36.02 -43.99 34.41
CA GLU N 120 35.57 -44.93 35.44
C GLU N 120 34.38 -44.39 36.23
N ILE N 121 33.43 -43.80 35.51
CA ILE N 121 32.22 -43.27 36.11
C ILE N 121 31.43 -44.34 36.86
N GLY N 122 31.56 -45.59 36.43
CA GLY N 122 30.74 -46.67 36.96
C GLY N 122 31.01 -47.02 38.42
N GLU N 123 32.11 -46.51 38.98
CA GLU N 123 32.46 -46.79 40.36
C GLU N 123 31.91 -45.72 41.30
N LEU N 124 31.26 -44.72 40.72
CA LEU N 124 30.74 -43.58 41.49
C LEU N 124 29.54 -44.00 42.34
N SER N 125 29.44 -43.42 43.53
CA SER N 125 28.35 -43.72 44.46
C SER N 125 27.01 -43.08 44.08
N LEU N 126 25.93 -43.80 44.35
CA LEU N 126 24.58 -43.32 44.03
C LEU N 126 24.34 -41.94 44.61
N GLU N 127 24.88 -41.71 45.80
CA GLU N 127 24.74 -40.42 46.46
C GLU N 127 25.41 -39.34 45.62
N ALA N 128 26.55 -39.68 45.02
CA ALA N 128 27.33 -38.75 44.21
C ALA N 128 26.76 -38.55 42.81
N GLN N 129 26.19 -39.60 42.23
CA GLN N 129 25.63 -39.54 40.88
C GLN N 129 24.57 -38.45 40.77
N ALA N 130 23.81 -38.29 41.86
CA ALA N 130 22.69 -37.35 41.92
C ALA N 130 23.13 -35.90 41.73
N LYS N 131 24.39 -35.61 42.04
CA LYS N 131 24.89 -34.24 42.00
C LYS N 131 24.99 -33.72 40.57
N LEU N 132 25.30 -34.62 39.65
CA LEU N 132 25.51 -34.28 38.25
C LEU N 132 24.23 -34.21 37.43
N LEU N 133 23.10 -34.56 38.04
CA LEU N 133 21.90 -34.79 37.26
C LEU N 133 21.46 -33.55 36.50
N ARG N 134 21.19 -32.47 37.21
CA ARG N 134 20.76 -31.24 36.55
C ARG N 134 21.90 -30.69 35.72
N VAL N 135 23.12 -31.00 36.15
CA VAL N 135 24.32 -30.41 35.57
C VAL N 135 24.66 -30.89 34.15
N ILE N 136 24.52 -32.19 33.91
CA ILE N 136 24.95 -32.77 32.64
C ILE N 136 24.22 -32.24 31.43
N GLU N 137 22.90 -32.36 31.42
CA GLU N 137 22.13 -32.03 30.23
C GLU N 137 21.89 -30.53 30.09
N SER N 138 21.55 -29.86 31.20
CA SER N 138 21.21 -28.45 31.13
C SER N 138 22.48 -27.59 31.14
N GLY N 139 23.58 -28.11 31.68
CA GLY N 139 24.80 -27.35 31.79
C GLY N 139 24.72 -26.20 32.77
N LYS N 140 23.82 -26.32 33.74
CA LYS N 140 23.57 -25.26 34.70
C LYS N 140 23.82 -25.73 36.12
N PHE N 141 24.29 -24.83 36.97
CA PHE N 141 24.51 -25.12 38.37
C PHE N 141 24.77 -23.85 39.17
N TYR N 142 24.92 -24.00 40.48
CA TYR N 142 25.27 -22.89 41.37
C TYR N 142 26.64 -23.10 42.01
N ARG N 143 27.43 -22.05 42.00
CA ARG N 143 28.69 -22.03 42.72
C ARG N 143 28.34 -22.16 44.21
N LEU N 144 29.23 -22.72 45.01
CA LEU N 144 28.95 -22.86 46.44
C LEU N 144 28.94 -21.51 47.12
N GLY N 145 27.82 -21.18 47.75
CA GLY N 145 27.67 -19.89 48.40
C GLY N 145 27.32 -18.79 47.42
N GLY N 146 27.31 -19.11 46.13
CA GLY N 146 26.93 -18.14 45.12
C GLY N 146 25.43 -18.07 44.94
N ARG N 147 24.94 -16.84 44.73
CA ARG N 147 23.52 -16.60 44.50
C ARG N 147 23.21 -16.36 43.04
N LYS N 148 24.23 -16.39 42.21
CA LYS N 148 24.08 -16.19 40.77
C LYS N 148 24.19 -17.51 40.04
N GLU N 149 23.14 -17.88 39.31
CA GLU N 149 23.13 -19.13 38.56
C GLU N 149 24.16 -19.07 37.44
N ILE N 150 25.01 -20.09 37.37
CA ILE N 150 26.06 -20.14 36.36
C ILE N 150 25.71 -21.18 35.31
N GLU N 151 25.98 -20.83 34.06
CA GLU N 151 25.81 -21.75 32.95
C GLU N 151 27.10 -21.78 32.16
N VAL N 152 27.58 -22.99 31.88
CA VAL N 152 28.82 -23.16 31.14
C VAL N 152 28.58 -24.19 30.04
N ASN N 153 29.43 -24.15 29.02
CA ASN N 153 29.32 -25.05 27.89
C ASN N 153 30.46 -26.06 27.84
N VAL N 154 30.14 -27.31 28.18
CA VAL N 154 31.14 -28.37 28.27
C VAL N 154 30.63 -29.64 27.62
N ARG N 155 31.43 -30.23 26.75
CA ARG N 155 31.11 -31.53 26.16
C ARG N 155 31.58 -32.61 27.12
N ILE N 156 30.69 -33.55 27.43
CA ILE N 156 30.95 -34.59 28.41
C ILE N 156 31.26 -35.92 27.76
N LEU N 157 32.35 -36.52 28.20
CA LEU N 157 32.74 -37.87 27.82
C LEU N 157 32.83 -38.69 29.09
N ALA N 158 32.45 -39.96 29.01
CA ALA N 158 32.47 -40.84 30.15
C ALA N 158 33.00 -42.20 29.73
N ALA N 159 33.58 -42.94 30.67
CA ALA N 159 34.10 -44.27 30.38
C ALA N 159 33.91 -45.20 31.57
N THR N 160 33.70 -46.49 31.29
CA THR N 160 33.66 -47.49 32.34
C THR N 160 34.02 -48.87 31.79
N ASN N 161 34.63 -49.70 32.62
CA ASN N 161 35.03 -51.04 32.20
C ASN N 161 34.01 -52.13 32.54
N ARG N 162 32.87 -51.70 33.08
CA ARG N 162 31.82 -52.62 33.53
C ARG N 162 30.57 -52.41 32.68
N ASN N 163 29.56 -53.26 32.91
CA ASN N 163 28.31 -53.17 32.15
C ASN N 163 27.30 -52.27 32.85
N ILE N 164 27.07 -51.11 32.27
CA ILE N 164 26.27 -50.07 32.92
C ILE N 164 24.76 -50.32 32.82
N LYS N 165 24.30 -50.87 31.71
CA LYS N 165 22.88 -51.14 31.53
C LYS N 165 22.36 -52.09 32.59
N GLU N 166 23.20 -53.06 32.97
CA GLU N 166 22.82 -54.03 33.97
C GLU N 166 22.72 -53.36 35.34
N LEU N 167 23.68 -52.48 35.65
CA LEU N 167 23.72 -51.83 36.96
C LEU N 167 22.48 -51.01 37.25
N VAL N 168 21.93 -50.39 36.22
CA VAL N 168 20.72 -49.59 36.37
C VAL N 168 19.58 -50.51 36.81
N LYS N 169 19.48 -51.65 36.15
CA LYS N 169 18.44 -52.63 36.44
C LYS N 169 18.55 -53.18 37.87
N GLU N 170 19.76 -53.14 38.41
CA GLU N 170 20.01 -53.60 39.78
C GLU N 170 19.89 -52.45 40.79
N GLY N 171 19.54 -51.26 40.29
CA GLY N 171 19.35 -50.10 41.15
C GLY N 171 20.66 -49.58 41.69
N LYS N 172 21.76 -50.05 41.12
CA LYS N 172 23.10 -49.68 41.56
C LYS N 172 23.59 -48.44 40.81
N PHE N 173 22.85 -48.05 39.78
CA PHE N 173 23.12 -46.84 39.01
C PHE N 173 21.80 -46.15 38.70
N ARG N 174 21.79 -44.84 38.87
CA ARG N 174 20.56 -44.06 38.69
C ARG N 174 20.06 -44.18 37.26
N GLU N 175 18.77 -44.49 37.15
CA GLU N 175 18.12 -44.62 35.87
C GLU N 175 18.03 -43.26 35.19
N ASP N 176 17.72 -42.22 35.97
CA ASP N 176 17.56 -40.88 35.42
C ASP N 176 18.88 -40.30 34.93
N LEU N 177 19.98 -40.72 35.56
CA LEU N 177 21.30 -40.27 35.16
C LEU N 177 21.71 -40.97 33.88
N TYR N 178 21.33 -42.24 33.77
CA TYR N 178 21.67 -43.04 32.61
C TYR N 178 21.17 -42.38 31.33
N TYR N 179 19.93 -41.91 31.37
CA TYR N 179 19.28 -41.32 30.20
C TYR N 179 19.84 -39.94 29.84
N ARG N 180 20.52 -39.30 30.79
CA ARG N 180 21.18 -38.01 30.56
C ARG N 180 22.53 -38.15 29.86
N LEU N 181 23.31 -39.12 30.31
CA LEU N 181 24.63 -39.41 29.76
C LEU N 181 24.56 -40.29 28.50
N GLY N 182 23.50 -41.08 28.41
CA GLY N 182 23.41 -42.15 27.44
C GLY N 182 22.83 -41.69 26.12
N VAL N 183 22.95 -40.39 25.83
CA VAL N 183 22.53 -39.86 24.55
C VAL N 183 23.17 -40.65 23.42
N ILE N 184 24.51 -40.70 23.44
CA ILE N 184 25.27 -41.52 22.51
C ILE N 184 26.02 -42.60 23.27
N GLU N 185 25.92 -43.84 22.80
CA GLU N 185 26.62 -44.97 23.42
C GLU N 185 27.52 -45.64 22.39
N ILE N 186 28.82 -45.67 22.69
CA ILE N 186 29.81 -46.29 21.81
C ILE N 186 30.52 -47.42 22.54
N GLU N 187 30.31 -48.65 22.09
CA GLU N 187 30.94 -49.80 22.73
C GLU N 187 32.20 -50.24 21.97
N ILE N 188 33.26 -50.49 22.73
CA ILE N 188 34.49 -51.08 22.20
C ILE N 188 34.53 -52.59 22.45
N PRO N 189 34.60 -53.40 21.38
CA PRO N 189 34.68 -54.86 21.59
C PRO N 189 36.07 -55.31 22.07
N PRO N 190 36.15 -56.48 22.72
CA PRO N 190 37.44 -56.99 23.23
C PRO N 190 38.40 -57.33 22.11
N LEU N 191 39.56 -57.90 22.44
CA LEU N 191 40.55 -58.18 21.39
C LEU N 191 40.30 -59.52 20.72
N ARG N 192 39.91 -60.52 21.49
CA ARG N 192 39.63 -61.85 20.93
C ARG N 192 38.53 -61.79 19.86
N GLU N 193 37.75 -60.72 19.83
CA GLU N 193 36.79 -60.51 18.75
C GLU N 193 37.35 -59.60 17.66
N ARG N 194 38.55 -59.06 17.88
CA ARG N 194 39.34 -58.42 16.82
C ARG N 194 40.67 -59.13 16.64
N LYS N 195 40.74 -60.10 15.74
CA LYS N 195 41.98 -60.83 15.50
C LYS N 195 42.88 -60.06 14.55
N GLU N 196 42.26 -59.24 13.70
CA GLU N 196 42.97 -58.51 12.65
C GLU N 196 43.87 -57.42 13.24
N ASP N 197 43.55 -56.96 14.44
CA ASP N 197 44.29 -55.88 15.09
C ASP N 197 45.54 -56.37 15.80
N ILE N 198 45.61 -57.67 16.08
CA ILE N 198 46.68 -58.20 16.93
C ILE N 198 48.08 -57.92 16.38
N ILE N 199 48.35 -58.37 15.15
CA ILE N 199 49.69 -58.29 14.59
C ILE N 199 50.11 -56.84 14.32
N PRO N 200 49.23 -56.04 13.68
CA PRO N 200 49.57 -54.63 13.46
C PRO N 200 49.92 -53.92 14.77
N LEU N 201 49.16 -54.24 15.82
CA LEU N 201 49.42 -53.72 17.16
C LEU N 201 50.76 -54.23 17.69
N ALA N 202 50.97 -55.54 17.58
CA ALA N 202 52.18 -56.17 18.08
C ALA N 202 53.42 -55.53 17.47
N ASN N 203 53.37 -55.28 16.17
CA ASN N 203 54.47 -54.64 15.45
C ASN N 203 54.69 -53.19 15.87
N HIS N 204 53.60 -52.48 16.09
CA HIS N 204 53.65 -51.07 16.46
C HIS N 204 54.41 -50.87 17.77
N PHE N 205 54.14 -51.73 18.75
CA PHE N 205 54.80 -51.64 20.06
C PHE N 205 56.29 -51.95 19.98
N LEU N 206 56.67 -52.87 19.10
CA LEU N 206 58.07 -53.21 18.93
C LEU N 206 58.92 -52.00 18.58
N LYS N 207 58.40 -51.16 17.68
CA LYS N 207 59.14 -49.98 17.24
C LYS N 207 59.46 -49.04 18.39
N LYS N 208 58.47 -48.74 19.22
CA LYS N 208 58.64 -47.82 20.35
C LYS N 208 59.59 -48.35 21.44
N PHE N 209 59.39 -49.59 21.89
CA PHE N 209 60.19 -50.14 22.98
C PHE N 209 61.62 -50.47 22.59
N SER N 210 61.81 -50.94 21.35
CA SER N 210 63.15 -51.26 20.86
C SER N 210 64.04 -50.03 20.84
N ARG N 211 63.45 -48.89 20.48
CA ARG N 211 64.15 -47.62 20.47
C ARG N 211 64.46 -47.17 21.90
N LYS N 212 63.46 -47.26 22.76
CA LYS N 212 63.61 -46.84 24.16
C LYS N 212 64.74 -47.62 24.85
N TYR N 213 64.70 -48.95 24.73
CA TYR N 213 65.68 -49.81 25.39
C TYR N 213 66.85 -50.18 24.49
N ALA N 214 66.94 -49.49 23.34
CA ALA N 214 67.99 -49.72 22.34
C ALA N 214 68.36 -51.20 22.16
N LYS N 215 67.47 -51.94 21.49
CA LYS N 215 67.69 -53.36 21.21
C LYS N 215 67.69 -53.64 19.71
N GLU N 216 67.96 -54.90 19.35
CA GLU N 216 68.14 -55.29 17.95
C GLU N 216 66.90 -55.89 17.27
N VAL N 217 65.78 -55.94 17.98
CA VAL N 217 64.59 -56.62 17.47
C VAL N 217 63.92 -55.91 16.30
N GLU N 218 63.35 -56.70 15.39
CA GLU N 218 62.65 -56.20 14.21
C GLU N 218 61.18 -56.63 14.21
N GLY N 219 60.97 -57.95 14.23
CA GLY N 219 59.63 -58.52 14.14
C GLY N 219 59.53 -59.89 14.78
N PHE N 220 58.36 -60.53 14.61
CA PHE N 220 58.08 -61.82 15.25
C PHE N 220 58.15 -62.99 14.26
N THR N 221 58.58 -64.15 14.75
CA THR N 221 58.57 -65.37 13.94
C THR N 221 57.14 -65.83 13.71
N LYS N 222 56.92 -66.62 12.66
CA LYS N 222 55.58 -67.07 12.32
C LYS N 222 54.99 -67.96 13.42
N SER N 223 55.84 -68.77 14.05
CA SER N 223 55.41 -69.68 15.10
C SER N 223 54.96 -68.88 16.33
N ALA N 224 55.67 -67.79 16.60
CA ALA N 224 55.34 -66.92 17.70
C ALA N 224 54.02 -66.21 17.43
N GLN N 225 53.88 -65.69 16.22
CA GLN N 225 52.69 -64.94 15.83
C GLN N 225 51.43 -65.79 15.98
N GLU N 226 51.58 -67.09 15.74
CA GLU N 226 50.45 -68.02 15.87
C GLU N 226 49.98 -68.08 17.31
N LEU N 227 50.92 -67.99 18.25
CA LEU N 227 50.58 -68.08 19.66
C LEU N 227 49.70 -66.91 20.11
N LEU N 228 50.04 -65.71 19.67
CA LEU N 228 49.26 -64.52 20.00
C LEU N 228 47.80 -64.70 19.58
N LEU N 229 47.60 -65.41 18.47
CA LEU N 229 46.26 -65.62 17.95
C LEU N 229 45.49 -66.61 18.83
N SER N 230 46.22 -67.48 19.52
CA SER N 230 45.60 -68.53 20.34
C SER N 230 45.37 -68.14 21.81
N TYR N 231 45.94 -67.03 22.25
CA TYR N 231 45.80 -66.57 23.64
C TYR N 231 44.65 -65.56 23.72
N PRO N 232 43.49 -65.95 24.28
CA PRO N 232 42.37 -65.00 24.09
C PRO N 232 42.38 -63.71 24.92
N TRP N 233 43.56 -63.16 25.23
CA TRP N 233 43.72 -61.80 25.75
C TRP N 233 42.61 -61.24 26.64
N TYR N 234 42.56 -61.63 27.91
CA TYR N 234 41.54 -61.09 28.82
C TYR N 234 41.87 -59.68 29.29
N GLY N 235 43.14 -59.32 29.27
CA GLY N 235 43.56 -57.99 29.64
C GLY N 235 43.64 -57.08 28.42
N ASN N 236 43.35 -57.65 27.26
CA ASN N 236 43.31 -56.92 26.00
C ASN N 236 44.61 -56.17 25.65
N VAL N 237 44.50 -54.97 25.09
CA VAL N 237 45.67 -54.27 24.53
C VAL N 237 46.66 -53.89 25.63
N ARG N 238 46.16 -53.49 26.78
CA ARG N 238 47.03 -53.09 27.87
C ARG N 238 47.89 -54.27 28.30
N GLU N 239 47.31 -55.46 28.25
CA GLU N 239 48.05 -56.65 28.60
C GLU N 239 49.13 -56.88 27.55
N LEU N 240 48.80 -56.62 26.28
CA LEU N 240 49.74 -56.77 25.18
C LEU N 240 50.95 -55.84 25.34
N LYS N 241 50.66 -54.56 25.55
CA LYS N 241 51.69 -53.53 25.72
C LYS N 241 52.73 -53.94 26.75
N ASN N 242 52.27 -54.55 27.84
CA ASN N 242 53.15 -55.00 28.89
C ASN N 242 54.02 -56.18 28.45
N VAL N 243 53.41 -57.15 27.78
CA VAL N 243 54.12 -58.36 27.35
C VAL N 243 55.24 -58.10 26.35
N ILE N 244 55.00 -57.21 25.38
CA ILE N 244 56.04 -56.89 24.41
C ILE N 244 57.21 -56.23 25.10
N GLU N 245 56.90 -55.32 26.02
CA GLU N 245 57.91 -54.59 26.76
C GLU N 245 58.80 -55.59 27.50
N ARG N 246 58.19 -56.67 27.98
CA ARG N 246 58.95 -57.73 28.63
C ARG N 246 59.88 -58.39 27.61
N ALA N 247 59.34 -58.67 26.42
CA ALA N 247 60.06 -59.38 25.39
C ALA N 247 61.26 -58.61 24.85
N VAL N 248 61.08 -57.32 24.61
CA VAL N 248 62.14 -56.49 24.05
C VAL N 248 63.36 -56.45 24.97
N LEU N 249 63.12 -56.35 26.28
CA LEU N 249 64.20 -56.25 27.25
C LEU N 249 65.01 -57.54 27.35
N PHE N 250 64.32 -58.67 27.28
CA PHE N 250 64.94 -59.99 27.42
C PHE N 250 65.31 -60.65 26.10
N SER N 251 65.08 -59.95 24.99
CA SER N 251 65.39 -60.52 23.68
C SER N 251 66.89 -60.77 23.54
N GLU N 252 67.24 -61.80 22.78
CA GLU N 252 68.62 -62.18 22.53
C GLU N 252 68.95 -61.95 21.06
N GLY N 253 68.23 -62.63 20.18
CA GLY N 253 68.44 -62.47 18.76
C GLY N 253 67.70 -61.24 18.25
N LYS N 254 67.56 -61.14 16.94
CA LYS N 254 66.85 -60.02 16.32
C LYS N 254 65.36 -60.31 16.17
N PHE N 255 64.98 -61.57 16.35
CA PHE N 255 63.59 -61.96 16.20
C PHE N 255 63.15 -62.71 17.46
N ILE N 256 61.84 -62.72 17.70
CA ILE N 256 61.27 -63.33 18.89
C ILE N 256 60.50 -64.60 18.54
N ASP N 257 60.89 -65.71 19.17
CA ASP N 257 60.26 -67.00 18.90
C ASP N 257 59.15 -67.32 19.90
N ARG N 258 58.46 -68.43 19.68
CA ARG N 258 57.41 -68.89 20.57
C ARG N 258 57.97 -69.25 21.95
N GLY N 259 59.24 -69.64 21.98
CA GLY N 259 59.88 -70.08 23.22
C GLY N 259 60.01 -68.98 24.26
N GLU N 260 60.30 -67.77 23.80
CA GLU N 260 60.46 -66.63 24.69
C GLU N 260 59.10 -66.26 25.26
N LEU N 261 58.06 -66.54 24.47
CA LEU N 261 56.69 -66.28 24.85
C LEU N 261 56.13 -67.39 25.72
N SER N 262 56.65 -68.60 25.54
CA SER N 262 56.12 -69.78 26.22
C SER N 262 56.08 -69.67 27.74
N CYS N 263 57.09 -69.04 28.33
CA CYS N 263 57.14 -68.91 29.79
C CYS N 263 56.13 -67.89 30.31
N LEU N 264 55.68 -66.99 29.44
CA LEU N 264 54.71 -65.96 29.83
C LEU N 264 53.25 -66.44 29.73
N VAL N 265 53.00 -67.47 28.91
CA VAL N 265 51.64 -67.92 28.63
C VAL N 265 51.40 -69.33 29.16
N GLU O 19 76.72 -58.05 51.55
CA GLU O 19 76.51 -58.85 52.75
C GLU O 19 75.23 -59.68 52.63
N TYR O 20 74.47 -59.44 51.57
CA TYR O 20 73.23 -60.18 51.32
C TYR O 20 73.54 -61.52 50.65
N VAL O 21 72.69 -62.52 50.91
CA VAL O 21 72.93 -63.89 50.46
C VAL O 21 72.06 -64.31 49.27
N PHE O 22 72.70 -64.70 48.16
CA PHE O 22 72.00 -65.43 47.12
C PHE O 22 72.76 -66.74 46.82
N GLU O 23 72.26 -67.86 47.32
CA GLU O 23 72.80 -69.17 46.93
C GLU O 23 71.69 -70.14 46.56
N SER O 24 71.51 -70.39 45.27
CA SER O 24 70.46 -71.30 44.80
C SER O 24 70.27 -71.18 43.30
N PRO O 25 69.77 -72.24 42.66
CA PRO O 25 69.40 -72.12 41.25
C PRO O 25 68.33 -71.04 41.08
N LYS O 26 67.37 -71.06 42.01
CA LYS O 26 66.21 -70.17 41.97
C LYS O 26 66.55 -68.67 42.08
N MET O 27 67.33 -68.32 43.10
CA MET O 27 67.63 -66.92 43.41
C MET O 27 68.62 -66.28 42.45
N LYS O 28 69.55 -67.09 41.94
CA LYS O 28 70.54 -66.59 41.00
C LYS O 28 69.87 -66.18 39.69
N GLU O 29 68.84 -66.93 39.30
CA GLU O 29 68.10 -66.63 38.08
C GLU O 29 67.37 -65.30 38.21
N ILE O 30 66.77 -65.08 39.36
CA ILE O 30 66.08 -63.83 39.63
C ILE O 30 67.06 -62.67 39.62
N LEU O 31 68.24 -62.91 40.19
CA LEU O 31 69.28 -61.88 40.27
C LEU O 31 69.64 -61.41 38.87
N GLU O 32 69.67 -62.34 37.93
CA GLU O 32 69.96 -62.03 36.53
C GLU O 32 68.84 -61.18 35.91
N LYS O 33 67.60 -61.54 36.22
CA LYS O 33 66.44 -60.83 35.67
C LYS O 33 66.53 -59.35 36.01
N ILE O 34 66.92 -59.06 37.25
CA ILE O 34 67.04 -57.68 37.73
C ILE O 34 68.08 -56.92 36.93
N LYS O 35 69.19 -57.59 36.65
CA LYS O 35 70.31 -56.97 35.94
C LYS O 35 69.94 -56.57 34.51
N LYS O 36 69.05 -57.32 33.88
CA LYS O 36 68.60 -56.99 32.53
C LYS O 36 67.66 -55.79 32.53
N ILE O 37 66.90 -55.63 33.62
CA ILE O 37 65.91 -54.56 33.77
C ILE O 37 66.44 -53.32 34.51
N SER O 38 67.74 -53.30 34.82
CA SER O 38 68.35 -52.16 35.50
C SER O 38 68.03 -50.86 34.78
N CYS O 39 67.90 -50.91 33.46
CA CYS O 39 67.60 -49.72 32.67
C CYS O 39 66.10 -49.46 32.59
N ALA O 40 65.28 -50.43 33.01
CA ALA O 40 63.84 -50.33 32.79
C ALA O 40 63.19 -49.35 33.76
N GLU O 41 62.24 -48.60 33.23
CA GLU O 41 61.49 -47.59 33.96
C GLU O 41 60.08 -48.04 34.37
N CYS O 42 59.80 -49.34 34.29
CA CYS O 42 58.41 -49.82 34.32
C CYS O 42 58.03 -50.51 35.63
N PRO O 43 56.72 -50.52 35.95
CA PRO O 43 56.20 -51.07 37.21
C PRO O 43 56.57 -52.54 37.45
N VAL O 44 56.73 -52.88 38.73
CA VAL O 44 57.09 -54.23 39.13
C VAL O 44 56.14 -54.66 40.26
N LEU O 45 55.68 -55.91 40.18
CA LEU O 45 54.80 -56.46 41.20
C LEU O 45 55.45 -57.68 41.83
N ILE O 46 55.78 -57.57 43.11
CA ILE O 46 56.44 -58.63 43.84
C ILE O 46 55.46 -59.41 44.70
N THR O 47 55.50 -60.73 44.62
CA THR O 47 54.58 -61.57 45.39
C THR O 47 55.35 -62.71 46.04
N GLY O 48 54.74 -63.32 47.05
CA GLY O 48 55.33 -64.46 47.73
C GLY O 48 54.84 -64.53 49.16
N GLU O 49 55.21 -65.57 49.89
CA GLU O 49 54.85 -65.64 51.30
C GLU O 49 55.57 -64.53 52.03
N SER O 50 55.05 -64.14 53.19
CA SER O 50 55.65 -63.07 53.95
C SER O 50 56.92 -63.56 54.61
N GLY O 51 57.97 -62.74 54.54
CA GLY O 51 59.25 -63.05 55.15
C GLY O 51 60.22 -63.75 54.22
N VAL O 52 59.96 -63.68 52.91
CA VAL O 52 60.82 -64.31 51.93
C VAL O 52 61.88 -63.36 51.35
N GLY O 53 61.82 -62.08 51.71
CA GLY O 53 62.76 -61.10 51.21
C GLY O 53 62.26 -60.20 50.08
N LYS O 54 60.94 -60.12 49.91
CA LYS O 54 60.34 -59.25 48.89
C LYS O 54 60.70 -57.79 49.10
N GLU O 55 60.74 -57.40 50.37
CA GLU O 55 61.01 -56.02 50.76
C GLU O 55 62.49 -55.71 50.45
N VAL O 56 63.36 -56.70 50.64
CA VAL O 56 64.78 -56.54 50.34
C VAL O 56 64.97 -56.28 48.84
N VAL O 57 64.30 -57.08 48.03
CA VAL O 57 64.36 -56.99 46.58
C VAL O 57 63.98 -55.59 46.09
N ALA O 58 62.93 -55.03 46.70
CA ALA O 58 62.48 -53.71 46.30
C ALA O 58 63.61 -52.70 46.40
N ARG O 59 64.33 -52.70 47.52
CA ARG O 59 65.48 -51.79 47.65
C ARG O 59 66.62 -52.17 46.72
N LEU O 60 66.76 -53.46 46.44
CA LEU O 60 67.86 -53.93 45.61
C LEU O 60 67.65 -53.51 44.16
N ILE O 61 66.42 -53.67 43.66
CA ILE O 61 66.10 -53.28 42.30
C ILE O 61 66.47 -51.83 42.09
N HIS O 62 66.26 -51.04 43.14
CA HIS O 62 66.58 -49.62 43.10
C HIS O 62 68.08 -49.39 42.97
N LYS O 63 68.86 -50.09 43.79
CA LYS O 63 70.31 -49.86 43.84
C LYS O 63 71.07 -50.27 42.57
N LEU O 64 70.59 -51.31 41.89
CA LEU O 64 71.26 -51.81 40.71
C LEU O 64 70.78 -51.14 39.44
N SER O 65 69.71 -50.35 39.55
CA SER O 65 69.13 -49.71 38.38
C SER O 65 69.85 -48.40 38.10
N ASP O 66 69.44 -47.72 37.05
CA ASP O 66 70.05 -46.44 36.68
C ASP O 66 69.56 -45.32 37.59
N ARG O 67 68.49 -45.59 38.34
CA ARG O 67 67.87 -44.59 39.19
C ARG O 67 68.34 -44.69 40.64
N SER O 68 69.35 -45.53 40.86
CA SER O 68 69.82 -45.86 42.21
C SER O 68 70.26 -44.66 43.03
N LYS O 69 70.55 -43.56 42.34
CA LYS O 69 71.11 -42.39 43.00
C LYS O 69 70.02 -41.46 43.53
N GLU O 70 68.78 -41.74 43.13
CA GLU O 70 67.64 -40.91 43.51
C GLU O 70 66.87 -41.46 44.71
N PRO O 71 65.85 -40.73 45.20
CA PRO O 71 65.15 -41.15 46.42
C PRO O 71 64.44 -42.48 46.32
N PHE O 72 64.42 -43.21 47.43
CA PHE O 72 63.68 -44.46 47.56
C PHE O 72 62.67 -44.25 48.68
N VAL O 73 61.39 -44.23 48.31
CA VAL O 73 60.31 -43.89 49.23
C VAL O 73 59.56 -45.12 49.72
N ALA O 74 59.66 -45.41 51.01
CA ALA O 74 59.00 -46.58 51.59
C ALA O 74 57.66 -46.21 52.23
N LEU O 75 56.62 -46.96 51.88
CA LEU O 75 55.26 -46.71 52.37
C LEU O 75 54.52 -47.97 52.71
N ASN O 76 53.94 -48.00 53.91
CA ASN O 76 52.95 -49.02 54.24
C ASN O 76 51.64 -48.36 53.84
N VAL O 77 51.11 -48.77 52.71
CA VAL O 77 49.94 -48.11 52.16
C VAL O 77 48.73 -48.41 53.02
N ALA O 78 48.63 -49.66 53.49
CA ALA O 78 47.55 -50.04 54.39
C ALA O 78 47.42 -49.08 55.57
N SER O 79 48.53 -48.46 55.93
CA SER O 79 48.58 -47.57 57.10
C SER O 79 48.06 -46.16 56.89
N ILE O 80 47.76 -45.78 55.66
CA ILE O 80 47.27 -44.43 55.39
C ILE O 80 45.80 -44.34 55.79
N PRO O 81 45.44 -43.35 56.63
CA PRO O 81 44.04 -43.15 57.01
C PRO O 81 43.16 -42.77 55.81
N ARG O 82 41.95 -43.29 55.80
CA ARG O 82 41.04 -43.10 54.69
C ARG O 82 40.69 -41.64 54.41
N ASP O 83 40.63 -40.83 55.46
CA ASP O 83 40.12 -39.47 55.33
C ASP O 83 41.03 -38.55 54.51
N ILE O 84 42.33 -38.64 54.76
CA ILE O 84 43.34 -37.84 54.04
C ILE O 84 44.03 -38.63 52.92
N PHE O 85 43.63 -39.88 52.71
CA PHE O 85 44.30 -40.75 51.76
C PHE O 85 44.56 -40.04 50.46
N GLU O 86 43.53 -39.40 49.91
CA GLU O 86 43.66 -38.68 48.63
C GLU O 86 44.65 -37.53 48.77
N ALA O 87 44.51 -36.77 49.84
CA ALA O 87 45.30 -35.55 50.04
C ALA O 87 46.78 -35.84 50.31
N GLU O 88 47.02 -36.86 51.12
CA GLU O 88 48.35 -37.21 51.57
C GLU O 88 49.13 -37.82 50.41
N LEU O 89 48.42 -38.29 49.41
CA LEU O 89 49.02 -38.97 48.28
C LEU O 89 49.32 -38.02 47.12
N PHE O 90 48.27 -37.37 46.60
CA PHE O 90 48.40 -36.50 45.44
C PHE O 90 48.90 -35.11 45.85
N GLY O 91 48.53 -34.70 47.06
CA GLY O 91 48.92 -33.40 47.59
C GLY O 91 47.81 -32.39 47.45
N TYR O 92 48.01 -31.17 47.98
CA TYR O 92 46.97 -30.14 47.92
C TYR O 92 47.51 -28.71 47.93
N GLU O 93 46.67 -27.80 47.44
CA GLU O 93 47.02 -26.38 47.32
C GLU O 93 46.61 -25.69 48.59
N LYS O 94 46.58 -24.36 48.61
CA LYS O 94 46.20 -23.62 49.81
C LYS O 94 44.76 -23.98 50.14
N GLY O 95 44.16 -23.29 51.11
CA GLY O 95 42.93 -23.79 51.64
C GLY O 95 41.82 -24.18 50.69
N ALA O 96 41.61 -25.49 50.73
CA ALA O 96 40.48 -26.19 50.18
C ALA O 96 40.30 -27.29 51.22
N PHE O 97 39.12 -27.39 51.83
CA PHE O 97 38.79 -28.19 53.04
C PHE O 97 39.29 -27.63 54.39
N THR O 98 39.41 -26.30 54.43
CA THR O 98 39.75 -25.51 55.62
C THR O 98 41.17 -25.69 56.14
N GLY O 99 41.83 -26.77 55.75
CA GLY O 99 43.22 -26.99 56.08
C GLY O 99 44.04 -26.10 55.17
N ALA O 100 44.97 -25.35 55.75
CA ALA O 100 45.79 -24.40 55.00
C ALA O 100 46.75 -23.78 56.04
N VAL O 101 47.63 -22.82 55.73
CA VAL O 101 47.51 -21.83 54.66
C VAL O 101 48.38 -22.19 53.43
N SER O 102 49.15 -23.28 53.55
CA SER O 102 50.20 -23.59 52.58
C SER O 102 49.95 -24.81 51.70
N SER O 103 50.62 -24.84 50.55
CA SER O 103 50.55 -25.99 49.66
C SER O 103 51.32 -27.10 50.33
N LYS O 104 50.96 -28.34 50.02
CA LYS O 104 51.62 -29.48 50.65
C LYS O 104 51.84 -30.53 49.57
N GLU O 105 53.05 -31.05 49.50
CA GLU O 105 53.37 -32.11 48.56
C GLU O 105 52.74 -33.43 48.95
N GLY O 106 52.54 -34.29 47.97
CA GLY O 106 52.09 -35.65 48.20
C GLY O 106 53.27 -36.59 48.11
N PHE O 107 53.06 -37.85 48.46
CA PHE O 107 54.13 -38.83 48.36
C PHE O 107 54.54 -39.09 46.92
N PHE O 108 53.60 -38.94 45.99
CA PHE O 108 53.94 -39.15 44.59
C PHE O 108 54.91 -38.09 44.07
N GLU O 109 54.63 -36.83 44.37
CA GLU O 109 55.50 -35.73 43.95
C GLU O 109 56.82 -35.74 44.74
N LEU O 110 56.78 -36.24 45.95
CA LEU O 110 57.98 -36.35 46.78
C LEU O 110 58.99 -37.32 46.19
N ALA O 111 58.51 -38.31 45.44
CA ALA O 111 59.37 -39.34 44.87
C ALA O 111 59.83 -39.00 43.45
N ASP O 112 59.51 -37.81 42.97
CA ASP O 112 59.82 -37.39 41.60
C ASP O 112 61.30 -37.55 41.27
N GLY O 113 61.56 -38.26 40.17
CA GLY O 113 62.92 -38.59 39.76
C GLY O 113 63.42 -39.86 40.45
N GLY O 114 62.70 -40.29 41.49
CA GLY O 114 63.07 -41.45 42.27
C GLY O 114 62.14 -42.64 42.04
N THR O 115 62.07 -43.51 43.06
CA THR O 115 61.24 -44.71 43.02
C THR O 115 60.33 -44.77 44.25
N LEU O 116 59.08 -45.14 44.03
CA LEU O 116 58.09 -45.20 45.10
C LEU O 116 57.71 -46.66 45.36
N PHE O 117 57.91 -47.09 46.61
CA PHE O 117 57.69 -48.48 47.00
C PHE O 117 56.46 -48.65 47.86
N LEU O 118 55.43 -49.30 47.31
CA LEU O 118 54.20 -49.56 48.05
C LEU O 118 54.07 -51.03 48.46
N ASP O 119 54.31 -51.35 49.74
CA ASP O 119 54.21 -52.73 50.19
C ASP O 119 52.82 -52.97 50.76
N GLU O 120 52.33 -54.20 50.61
CA GLU O 120 50.99 -54.60 51.03
C GLU O 120 49.91 -53.85 50.24
N ILE O 121 50.15 -53.72 48.92
CA ILE O 121 49.18 -53.11 48.02
C ILE O 121 47.88 -53.92 48.01
N GLY O 122 48.01 -55.23 48.23
CA GLY O 122 46.88 -56.14 48.15
C GLY O 122 45.89 -55.97 49.28
N GLU O 123 46.26 -55.20 50.30
CA GLU O 123 45.43 -55.01 51.48
C GLU O 123 44.50 -53.82 51.34
N LEU O 124 44.58 -53.14 50.20
CA LEU O 124 43.76 -51.97 49.93
C LEU O 124 42.30 -52.32 49.69
N SER O 125 41.43 -51.43 50.14
CA SER O 125 40.00 -51.62 49.92
C SER O 125 39.76 -51.32 48.46
N LEU O 126 38.84 -52.06 47.86
CA LEU O 126 38.54 -51.90 46.45
C LEU O 126 38.18 -50.47 46.11
N GLU O 127 37.49 -49.79 47.02
CA GLU O 127 37.09 -48.42 46.78
C GLU O 127 38.29 -47.48 46.69
N ALA O 128 39.29 -47.67 47.55
CA ALA O 128 40.45 -46.78 47.59
C ALA O 128 41.49 -47.08 46.50
N GLN O 129 41.73 -48.37 46.23
CA GLN O 129 42.70 -48.74 45.20
C GLN O 129 42.23 -48.18 43.86
N ALA O 130 40.92 -48.10 43.69
CA ALA O 130 40.35 -47.65 42.43
C ALA O 130 40.83 -46.22 42.12
N LYS O 131 41.21 -45.50 43.17
CA LYS O 131 41.65 -44.11 43.05
C LYS O 131 43.01 -43.98 42.36
N LEU O 132 43.82 -45.02 42.47
CA LEU O 132 45.19 -45.03 41.95
C LEU O 132 45.30 -45.33 40.44
N LEU O 133 44.18 -45.61 39.77
CA LEU O 133 44.24 -46.12 38.40
C LEU O 133 44.92 -45.17 37.44
N ARG O 134 44.44 -43.94 37.36
CA ARG O 134 45.01 -42.97 36.42
C ARG O 134 46.44 -42.65 36.83
N VAL O 135 46.75 -42.82 38.11
CA VAL O 135 48.07 -42.44 38.63
C VAL O 135 49.17 -43.38 38.17
N ILE O 136 48.89 -44.68 38.20
CA ILE O 136 49.89 -45.71 37.88
C ILE O 136 50.42 -45.61 36.45
N GLU O 137 49.52 -45.71 35.48
CA GLU O 137 49.93 -45.79 34.08
C GLU O 137 50.26 -44.45 33.43
N SER O 138 49.41 -43.45 33.67
CA SER O 138 49.58 -42.18 32.99
C SER O 138 50.61 -41.34 33.73
N GLY O 139 50.75 -41.59 35.03
CA GLY O 139 51.65 -40.82 35.85
C GLY O 139 51.17 -39.38 35.98
N LYS O 140 49.88 -39.17 35.76
CA LYS O 140 49.30 -37.83 35.82
C LYS O 140 48.16 -37.76 36.83
N PHE O 141 48.01 -36.59 37.45
CA PHE O 141 46.91 -36.36 38.38
C PHE O 141 46.79 -34.87 38.69
N TYR O 142 45.75 -34.53 39.47
CA TYR O 142 45.53 -33.17 39.90
C TYR O 142 45.65 -33.04 41.41
N ARG O 143 46.32 -31.99 41.87
CA ARG O 143 46.36 -31.67 43.30
C ARG O 143 44.95 -31.37 43.81
N LEU O 144 44.74 -31.57 45.10
CA LEU O 144 43.47 -31.22 45.71
C LEU O 144 43.33 -29.71 45.71
N GLY O 145 42.28 -29.21 45.05
CA GLY O 145 42.09 -27.78 44.90
C GLY O 145 42.92 -27.19 43.78
N GLY O 146 43.82 -27.99 43.19
CA GLY O 146 44.59 -27.57 42.04
C GLY O 146 43.88 -27.83 40.73
N ARG O 147 43.97 -26.88 39.80
CA ARG O 147 43.38 -27.03 38.47
C ARG O 147 44.38 -27.34 37.35
N LYS O 148 45.66 -27.45 37.69
CA LYS O 148 46.71 -27.76 36.71
C LYS O 148 47.18 -29.19 36.85
N GLU O 149 47.06 -29.95 35.76
CA GLU O 149 47.44 -31.36 35.73
C GLU O 149 48.93 -31.53 35.97
N ILE O 150 49.26 -32.42 36.90
CA ILE O 150 50.65 -32.67 37.24
C ILE O 150 51.08 -33.99 36.65
N GLU O 151 52.32 -34.00 36.16
CA GLU O 151 52.94 -35.19 35.63
C GLU O 151 54.24 -35.35 36.40
N VAL O 152 54.46 -36.56 36.90
CA VAL O 152 55.62 -36.86 37.71
C VAL O 152 56.31 -38.09 37.14
N ASN O 153 57.61 -38.21 37.40
CA ASN O 153 58.37 -39.34 36.91
C ASN O 153 58.77 -40.22 38.09
N VAL O 154 58.07 -41.35 38.21
CA VAL O 154 58.24 -42.27 39.33
C VAL O 154 58.18 -43.72 38.86
N ARG O 155 59.18 -44.51 39.23
CA ARG O 155 59.12 -45.95 39.01
C ARG O 155 58.48 -46.60 40.23
N ILE O 156 57.50 -47.48 39.99
CA ILE O 156 56.73 -48.08 41.07
C ILE O 156 57.18 -49.49 41.39
N LEU O 157 57.34 -49.75 42.69
CA LEU O 157 57.59 -51.10 43.19
C LEU O 157 56.45 -51.45 44.15
N ALA O 158 55.99 -52.71 44.10
CA ALA O 158 54.86 -53.15 44.90
C ALA O 158 55.13 -54.53 45.49
N ALA O 159 54.51 -54.84 46.63
CA ALA O 159 54.68 -56.14 47.28
C ALA O 159 53.41 -56.60 47.97
N THR O 160 53.15 -57.91 47.97
CA THR O 160 52.02 -58.45 48.73
C THR O 160 52.24 -59.92 49.11
N ASN O 161 51.64 -60.31 50.23
CA ASN O 161 51.70 -61.68 50.72
C ASN O 161 50.49 -62.51 50.26
N ARG O 162 49.70 -61.93 49.35
CA ARG O 162 48.45 -62.52 48.89
C ARG O 162 48.60 -63.01 47.47
N ASN O 163 47.73 -63.91 47.04
CA ASN O 163 47.74 -64.37 45.67
C ASN O 163 46.77 -63.55 44.85
N ILE O 164 47.31 -62.70 43.99
CA ILE O 164 46.50 -61.74 43.26
C ILE O 164 45.78 -62.45 42.14
N LYS O 165 46.43 -63.45 41.56
CA LYS O 165 45.83 -64.21 40.48
C LYS O 165 44.52 -64.79 41.01
N GLU O 166 44.52 -65.24 42.26
CA GLU O 166 43.31 -65.74 42.90
C GLU O 166 42.34 -64.63 43.29
N LEU O 167 42.86 -63.57 43.93
CA LEU O 167 42.02 -62.50 44.45
C LEU O 167 41.22 -61.80 43.38
N VAL O 168 41.82 -61.65 42.20
CA VAL O 168 41.12 -61.02 41.10
C VAL O 168 39.95 -61.92 40.72
N LYS O 169 40.23 -63.21 40.62
CA LYS O 169 39.23 -64.20 40.27
C LYS O 169 38.13 -64.29 41.34
N GLU O 170 38.47 -63.94 42.58
CA GLU O 170 37.50 -63.90 43.67
C GLU O 170 36.86 -62.51 43.80
N GLY O 171 37.26 -61.58 42.93
CA GLY O 171 36.70 -60.24 42.91
C GLY O 171 37.13 -59.37 44.08
N LYS O 172 38.16 -59.84 44.81
CA LYS O 172 38.66 -59.14 45.98
C LYS O 172 39.79 -58.14 45.67
N PHE O 173 40.28 -58.16 44.42
CA PHE O 173 41.29 -57.21 43.95
C PHE O 173 40.93 -56.81 42.53
N ARG O 174 41.00 -55.51 42.23
CA ARG O 174 40.55 -55.01 40.93
C ARG O 174 41.30 -55.66 39.77
N GLU O 175 40.54 -56.12 38.79
CA GLU O 175 41.10 -56.78 37.62
C GLU O 175 41.89 -55.79 36.76
N ASP O 176 41.34 -54.59 36.58
CA ASP O 176 41.95 -53.57 35.73
C ASP O 176 43.22 -52.98 36.35
N LEU O 177 43.32 -52.99 37.67
CA LEU O 177 44.49 -52.46 38.37
C LEU O 177 45.69 -53.39 38.21
N TYR O 178 45.42 -54.69 38.23
CA TYR O 178 46.47 -55.72 38.11
C TYR O 178 47.32 -55.49 36.87
N TYR O 179 46.64 -55.22 35.76
CA TYR O 179 47.31 -55.02 34.47
C TYR O 179 48.06 -53.68 34.40
N ARG O 180 47.74 -52.76 35.33
CA ARG O 180 48.50 -51.51 35.43
C ARG O 180 49.81 -51.72 36.22
N LEU O 181 49.74 -52.47 37.32
CA LEU O 181 50.92 -52.80 38.11
C LEU O 181 51.70 -53.98 37.55
N GLY O 182 51.00 -54.86 36.84
CA GLY O 182 51.50 -56.19 36.52
C GLY O 182 52.37 -56.31 35.28
N VAL O 183 53.02 -55.22 34.88
CA VAL O 183 53.96 -55.24 33.77
C VAL O 183 54.99 -56.34 33.96
N ILE O 184 55.67 -56.32 35.11
CA ILE O 184 56.62 -57.37 35.48
C ILE O 184 56.12 -58.13 36.71
N GLU O 185 56.18 -59.46 36.64
CA GLU O 185 55.70 -60.34 37.72
C GLU O 185 56.84 -61.21 38.27
N ILE O 186 57.07 -61.10 39.57
CA ILE O 186 58.15 -61.82 40.27
C ILE O 186 57.57 -62.75 41.35
N GLU O 187 57.82 -64.05 41.22
CA GLU O 187 57.20 -65.04 42.12
C GLU O 187 57.87 -65.27 43.47
N ILE O 188 59.21 -65.32 43.53
CA ILE O 188 59.90 -65.45 44.82
C ILE O 188 59.40 -66.65 45.63
N PRO O 189 59.91 -67.85 45.33
CA PRO O 189 59.43 -69.03 46.07
C PRO O 189 59.89 -69.06 47.55
N PRO O 190 59.17 -69.82 48.38
CA PRO O 190 59.46 -69.93 49.82
C PRO O 190 60.81 -70.58 50.12
N LEU O 191 61.04 -70.86 51.40
CA LEU O 191 62.32 -71.41 51.84
C LEU O 191 62.36 -72.92 51.63
N ARG O 192 61.23 -73.59 51.85
CA ARG O 192 61.19 -75.03 51.68
C ARG O 192 61.59 -75.50 50.27
N GLU O 193 61.46 -74.61 49.28
CA GLU O 193 61.91 -74.92 47.92
C GLU O 193 63.30 -74.37 47.58
N ARG O 194 63.89 -73.61 48.51
CA ARG O 194 65.31 -73.26 48.43
C ARG O 194 66.04 -73.80 49.64
N LYS O 195 66.65 -74.97 49.48
CA LYS O 195 67.34 -75.61 50.58
C LYS O 195 68.73 -74.99 50.74
N GLU O 196 69.27 -74.49 49.63
CA GLU O 196 70.64 -74.01 49.59
C GLU O 196 70.88 -72.71 50.37
N ASP O 197 69.84 -71.92 50.56
CA ASP O 197 69.97 -70.61 51.21
C ASP O 197 70.02 -70.71 52.73
N ILE O 198 69.52 -71.81 53.29
CA ILE O 198 69.32 -71.93 54.73
C ILE O 198 70.61 -71.76 55.54
N ILE O 199 71.61 -72.60 55.24
CA ILE O 199 72.81 -72.63 56.07
C ILE O 199 73.63 -71.34 55.95
N PRO O 200 73.85 -70.83 54.72
CA PRO O 200 74.60 -69.57 54.60
C PRO O 200 73.94 -68.44 55.39
N LEU O 201 72.61 -68.41 55.36
CA LEU O 201 71.82 -67.44 56.13
C LEU O 201 71.99 -67.66 57.62
N ALA O 202 71.87 -68.92 58.05
CA ALA O 202 71.94 -69.26 59.46
C ALA O 202 73.22 -68.73 60.09
N ASN O 203 74.33 -68.90 59.38
CA ASN O 203 75.62 -68.38 59.85
C ASN O 203 75.67 -66.86 59.82
N HIS O 204 75.07 -66.25 58.79
CA HIS O 204 75.08 -64.80 58.67
C HIS O 204 74.38 -64.17 59.87
N PHE O 205 73.22 -64.70 60.24
CA PHE O 205 72.50 -64.21 61.40
C PHE O 205 73.21 -64.63 62.68
N LEU O 206 73.68 -65.87 62.73
CA LEU O 206 74.41 -66.36 63.89
C LEU O 206 75.67 -65.54 64.13
N LYS O 207 76.41 -65.28 63.06
CA LYS O 207 77.63 -64.50 63.14
C LYS O 207 77.24 -63.11 63.64
N LYS O 208 76.16 -62.58 63.10
CA LYS O 208 75.64 -61.27 63.47
C LYS O 208 75.21 -61.19 64.95
N PHE O 209 74.43 -62.17 65.40
CA PHE O 209 73.91 -62.16 66.76
C PHE O 209 74.97 -62.48 67.83
N SER O 210 75.90 -63.37 67.50
CA SER O 210 76.99 -63.71 68.42
C SER O 210 77.82 -62.46 68.71
N ARG O 211 77.97 -61.63 67.68
CA ARG O 211 78.68 -60.37 67.78
C ARG O 211 77.89 -59.37 68.63
N LYS O 212 76.61 -59.23 68.28
CA LYS O 212 75.72 -58.29 68.91
C LYS O 212 75.58 -58.49 70.42
N TYR O 213 75.30 -59.72 70.82
CA TYR O 213 75.04 -60.06 72.21
C TYR O 213 76.30 -60.54 72.94
N ALA O 214 77.46 -60.30 72.33
CA ALA O 214 78.76 -60.69 72.88
C ALA O 214 78.73 -62.06 73.56
N LYS O 215 78.69 -63.10 72.74
CA LYS O 215 78.69 -64.48 73.22
C LYS O 215 79.92 -65.21 72.69
N GLU O 216 80.09 -66.44 73.14
CA GLU O 216 81.24 -67.26 72.76
C GLU O 216 80.88 -68.19 71.63
N VAL O 217 79.65 -68.06 71.12
CA VAL O 217 79.13 -68.97 70.13
C VAL O 217 79.82 -68.80 68.77
N GLU O 218 80.04 -69.92 68.08
CA GLU O 218 80.73 -69.94 66.79
C GLU O 218 79.91 -70.54 65.65
N GLY O 219 79.50 -71.81 65.80
CA GLY O 219 78.79 -72.50 64.75
C GLY O 219 77.93 -73.65 65.25
N PHE O 220 77.36 -74.42 64.31
CA PHE O 220 76.46 -75.52 64.65
C PHE O 220 77.17 -76.87 64.53
N THR O 221 76.78 -77.81 65.39
CA THR O 221 77.24 -79.19 65.28
C THR O 221 76.55 -79.86 64.09
N LYS O 222 77.14 -80.94 63.60
CA LYS O 222 76.60 -81.65 62.43
C LYS O 222 75.20 -82.19 62.73
N SER O 223 75.00 -82.65 63.95
CA SER O 223 73.73 -83.23 64.37
C SER O 223 72.60 -82.20 64.42
N ALA O 224 72.93 -80.97 64.82
CA ALA O 224 71.93 -79.90 64.89
C ALA O 224 71.44 -79.44 63.52
N GLN O 225 72.40 -79.24 62.60
CA GLN O 225 72.11 -78.72 61.27
C GLN O 225 71.14 -79.56 60.44
N GLU O 226 71.20 -80.88 60.59
CA GLU O 226 70.38 -81.78 59.77
C GLU O 226 68.87 -81.61 59.99
N LEU O 227 68.45 -81.43 61.24
CA LEU O 227 67.03 -81.25 61.54
C LEU O 227 66.51 -79.93 60.98
N LEU O 228 67.33 -78.89 61.15
CA LEU O 228 66.97 -77.55 60.73
C LEU O 228 66.55 -77.47 59.26
N LEU O 229 67.21 -78.25 58.41
CA LEU O 229 66.91 -78.26 56.98
C LEU O 229 65.60 -78.99 56.68
N SER O 230 65.21 -79.89 57.59
CA SER O 230 64.02 -80.71 57.41
C SER O 230 62.75 -80.08 58.01
N TYR O 231 62.82 -78.79 58.35
CA TYR O 231 61.69 -78.10 58.96
C TYR O 231 60.98 -77.25 57.89
N PRO O 232 59.65 -77.08 57.99
CA PRO O 232 58.95 -76.40 56.91
C PRO O 232 59.19 -74.90 56.80
N TRP O 233 59.48 -74.24 57.93
CA TRP O 233 59.77 -72.81 57.95
C TRP O 233 58.58 -72.09 57.35
N TYR O 234 57.55 -71.95 58.17
CA TYR O 234 56.31 -71.32 57.75
C TYR O 234 56.46 -69.80 57.69
N GLY O 235 57.38 -69.29 58.49
CA GLY O 235 57.68 -67.86 58.51
C GLY O 235 58.84 -67.51 57.60
N ASN O 236 59.41 -68.51 56.95
CA ASN O 236 60.52 -68.32 56.02
C ASN O 236 61.71 -67.64 56.70
N VAL O 237 62.35 -66.70 56.00
CA VAL O 237 63.60 -66.09 56.46
C VAL O 237 63.37 -65.33 57.75
N ARG O 238 62.19 -64.73 57.87
CA ARG O 238 61.85 -63.91 59.01
C ARG O 238 61.91 -64.73 60.29
N GLU O 239 61.46 -65.98 60.19
CA GLU O 239 61.44 -66.89 61.32
C GLU O 239 62.85 -67.30 61.72
N LEU O 240 63.72 -67.55 60.74
CA LEU O 240 65.09 -67.94 61.02
C LEU O 240 65.78 -66.85 61.84
N LYS O 241 65.74 -65.62 61.34
CA LYS O 241 66.37 -64.49 62.02
C LYS O 241 65.95 -64.43 63.50
N ASN O 242 64.67 -64.66 63.74
CA ASN O 242 64.12 -64.67 65.09
C ASN O 242 64.53 -65.95 65.86
N VAL O 243 64.48 -67.10 65.17
CA VAL O 243 64.84 -68.38 65.76
C VAL O 243 66.31 -68.44 66.17
N ILE O 244 67.19 -67.91 65.33
CA ILE O 244 68.61 -67.86 65.63
C ILE O 244 68.84 -66.92 66.81
N GLU O 245 68.15 -65.77 66.80
CA GLU O 245 68.28 -64.77 67.86
C GLU O 245 67.90 -65.36 69.22
N ARG O 246 66.90 -66.24 69.22
CA ARG O 246 66.49 -66.95 70.43
C ARG O 246 67.60 -67.88 70.93
N ALA O 247 68.20 -68.62 70.00
CA ALA O 247 69.20 -69.63 70.35
C ALA O 247 70.49 -69.03 70.93
N VAL O 248 70.99 -67.96 70.33
CA VAL O 248 72.27 -67.37 70.75
C VAL O 248 72.26 -66.86 72.19
N LEU O 249 71.14 -66.26 72.60
CA LEU O 249 71.01 -65.67 73.93
C LEU O 249 71.03 -66.74 75.01
N PHE O 250 70.48 -67.90 74.68
CA PHE O 250 70.37 -69.03 75.61
C PHE O 250 71.55 -69.99 75.50
N SER O 251 72.49 -69.65 74.63
CA SER O 251 73.65 -70.50 74.38
C SER O 251 74.53 -70.64 75.62
N GLU O 252 75.18 -71.80 75.73
CA GLU O 252 76.08 -72.09 76.84
C GLU O 252 77.51 -72.24 76.34
N GLY O 253 77.72 -73.21 75.45
CA GLY O 253 79.04 -73.48 74.90
C GLY O 253 79.41 -72.58 73.74
N LYS O 254 80.40 -73.00 72.96
CA LYS O 254 80.87 -72.25 71.80
C LYS O 254 80.09 -72.64 70.55
N PHE O 255 79.37 -73.77 70.63
CA PHE O 255 78.55 -74.26 69.52
C PHE O 255 77.13 -74.54 70.01
N ILE O 256 76.18 -74.55 69.08
CA ILE O 256 74.78 -74.82 69.42
C ILE O 256 74.38 -76.18 68.88
N ASP O 257 73.87 -77.03 69.77
CA ASP O 257 73.50 -78.39 69.43
C ASP O 257 72.01 -78.45 69.09
N ARG O 258 71.53 -79.63 68.74
CA ARG O 258 70.13 -79.86 68.39
C ARG O 258 69.20 -79.52 69.55
N GLY O 259 69.70 -79.59 70.78
CA GLY O 259 68.87 -79.39 71.96
C GLY O 259 68.25 -78.01 72.10
N GLU O 260 69.01 -76.97 71.79
CA GLU O 260 68.48 -75.61 71.92
C GLU O 260 67.43 -75.33 70.84
N LEU O 261 67.56 -75.99 69.69
CA LEU O 261 66.58 -75.88 68.60
C LEU O 261 65.38 -76.82 68.78
N SER O 262 65.61 -77.95 69.44
CA SER O 262 64.61 -79.01 69.57
C SER O 262 63.30 -78.54 70.22
N CYS O 263 63.38 -77.59 71.15
CA CYS O 263 62.19 -77.16 71.87
C CYS O 263 61.22 -76.37 70.97
N LEU O 264 61.71 -75.86 69.85
CA LEU O 264 60.86 -75.14 68.89
C LEU O 264 60.18 -76.12 67.94
N VAL O 265 60.81 -77.28 67.72
CA VAL O 265 60.36 -78.25 66.72
C VAL O 265 59.96 -79.55 67.40
N GLU P 19 58.18 -57.10 95.94
CA GLU P 19 57.00 -57.51 96.69
C GLU P 19 56.19 -58.57 95.96
N TYR P 20 56.58 -58.90 94.73
CA TYR P 20 55.89 -59.93 93.96
C TYR P 20 56.39 -61.31 94.38
N VAL P 21 55.49 -62.30 94.31
CA VAL P 21 55.76 -63.66 94.76
C VAL P 21 55.95 -64.66 93.62
N PHE P 22 57.14 -65.28 93.53
CA PHE P 22 57.28 -66.47 92.71
C PHE P 22 57.93 -67.59 93.53
N GLU P 23 57.12 -68.54 93.98
CA GLU P 23 57.62 -69.73 94.68
C GLU P 23 57.41 -71.03 93.89
N SER P 24 56.77 -70.95 92.74
CA SER P 24 56.41 -72.16 92.00
C SER P 24 57.52 -72.73 91.14
N PRO P 25 57.50 -74.06 90.92
CA PRO P 25 58.43 -74.69 89.99
C PRO P 25 58.28 -74.14 88.58
N LYS P 26 57.02 -74.02 88.16
CA LYS P 26 56.69 -73.55 86.82
C LYS P 26 57.16 -72.11 86.61
N MET P 27 56.82 -71.25 87.58
CA MET P 27 57.09 -69.82 87.49
C MET P 27 58.57 -69.48 87.65
N LYS P 28 59.28 -70.28 88.44
CA LYS P 28 60.71 -70.08 88.63
C LYS P 28 61.48 -70.34 87.34
N GLU P 29 61.01 -71.31 86.55
CA GLU P 29 61.66 -71.64 85.28
C GLU P 29 61.56 -70.45 84.36
N ILE P 30 60.37 -69.83 84.36
CA ILE P 30 60.13 -68.65 83.56
C ILE P 30 61.03 -67.52 84.06
N LEU P 31 61.20 -67.43 85.36
CA LEU P 31 61.99 -66.37 85.94
C LEU P 31 63.42 -66.40 85.40
N GLU P 32 63.95 -67.61 85.24
CA GLU P 32 65.30 -67.77 84.71
C GLU P 32 65.40 -67.33 83.25
N LYS P 33 64.39 -67.70 82.47
CA LYS P 33 64.36 -67.35 81.04
C LYS P 33 64.44 -65.85 80.82
N ILE P 34 63.73 -65.10 81.65
CA ILE P 34 63.70 -63.64 81.53
C ILE P 34 65.09 -63.02 81.73
N LYS P 35 65.80 -63.51 82.73
CA LYS P 35 67.12 -62.98 83.07
C LYS P 35 68.15 -63.22 81.96
N LYS P 36 67.96 -64.30 81.21
CA LYS P 36 68.85 -64.63 80.10
C LYS P 36 68.65 -63.66 78.93
N ILE P 37 67.43 -63.17 78.75
CA ILE P 37 67.10 -62.27 77.66
C ILE P 37 67.18 -60.80 78.09
N SER P 38 67.62 -60.56 79.32
CA SER P 38 67.76 -59.21 79.86
C SER P 38 68.54 -58.28 78.94
N CYS P 39 69.49 -58.84 78.19
CA CYS P 39 70.35 -58.07 77.29
C CYS P 39 69.70 -57.83 75.92
N ALA P 40 68.64 -58.59 75.62
CA ALA P 40 68.04 -58.58 74.29
C ALA P 40 67.18 -57.34 74.02
N GLU P 41 67.24 -56.88 72.77
CA GLU P 41 66.49 -55.71 72.31
C GLU P 41 65.21 -56.04 71.54
N CYS P 42 64.76 -57.29 71.59
CA CYS P 42 63.77 -57.79 70.63
C CYS P 42 62.38 -58.01 71.25
N PRO P 43 61.33 -57.95 70.41
CA PRO P 43 59.93 -58.04 70.88
C PRO P 43 59.59 -59.31 71.68
N VAL P 44 58.66 -59.16 72.62
CA VAL P 44 58.24 -60.24 73.50
C VAL P 44 56.72 -60.38 73.52
N LEU P 45 56.23 -61.61 73.50
CA LEU P 45 54.79 -61.86 73.53
C LEU P 45 54.34 -62.69 74.74
N ILE P 46 53.56 -62.10 75.63
CA ILE P 46 53.06 -62.79 76.83
C ILE P 46 51.61 -63.27 76.65
N THR P 47 51.37 -64.52 77.03
CA THR P 47 50.04 -65.12 76.91
C THR P 47 49.65 -65.84 78.23
N GLY P 48 48.35 -66.05 78.41
CA GLY P 48 47.83 -66.77 79.56
C GLY P 48 46.43 -66.27 79.87
N GLU P 49 45.74 -66.88 80.83
CA GLU P 49 44.42 -66.39 81.23
C GLU P 49 44.62 -65.00 81.83
N SER P 50 43.60 -64.17 81.85
CA SER P 50 43.78 -62.84 82.42
C SER P 50 43.81 -62.94 83.93
N GLY P 51 44.77 -62.23 84.53
CA GLY P 51 44.94 -62.20 85.98
C GLY P 51 45.95 -63.21 86.46
N VAL P 52 46.78 -63.73 85.55
CA VAL P 52 47.81 -64.68 85.92
C VAL P 52 49.13 -63.95 86.17
N GLY P 53 49.14 -62.63 85.96
CA GLY P 53 50.34 -61.84 86.15
C GLY P 53 51.07 -61.40 84.89
N LYS P 54 50.38 -61.39 83.75
CA LYS P 54 50.99 -60.97 82.48
C LYS P 54 51.57 -59.55 82.56
N GLU P 55 50.88 -58.66 83.27
CA GLU P 55 51.33 -57.28 83.42
C GLU P 55 52.57 -57.20 84.30
N VAL P 56 52.62 -58.08 85.29
CA VAL P 56 53.74 -58.10 86.22
C VAL P 56 55.03 -58.35 85.46
N VAL P 57 55.01 -59.39 84.63
CA VAL P 57 56.18 -59.78 83.84
C VAL P 57 56.65 -58.68 82.90
N ALA P 58 55.71 -58.08 82.18
CA ALA P 58 56.03 -57.08 81.18
C ALA P 58 56.77 -55.90 81.80
N ARG P 59 56.27 -55.41 82.93
CA ARG P 59 56.94 -54.32 83.62
C ARG P 59 58.26 -54.79 84.21
N LEU P 60 58.34 -56.07 84.53
CA LEU P 60 59.54 -56.62 85.15
C LEU P 60 60.69 -56.71 84.14
N ILE P 61 60.38 -57.15 82.91
CA ILE P 61 61.40 -57.24 81.86
C ILE P 61 62.08 -55.89 81.69
N HIS P 62 61.29 -54.83 81.80
CA HIS P 62 61.81 -53.46 81.67
C HIS P 62 62.80 -53.15 82.78
N LYS P 63 62.44 -53.55 84.00
CA LYS P 63 63.25 -53.25 85.17
C LYS P 63 64.60 -53.96 85.10
N LEU P 64 64.62 -55.14 84.47
CA LEU P 64 65.83 -55.94 84.35
C LEU P 64 66.64 -55.69 83.08
N SER P 65 66.10 -54.92 82.15
CA SER P 65 66.77 -54.69 80.87
C SER P 65 67.76 -53.55 80.99
N ASP P 66 68.45 -53.25 79.90
CA ASP P 66 69.41 -52.16 79.88
C ASP P 66 68.72 -50.80 79.84
N ARG P 67 67.44 -50.81 79.49
CA ARG P 67 66.64 -49.59 79.36
C ARG P 67 65.78 -49.29 80.60
N SER P 68 66.04 -50.00 81.70
CA SER P 68 65.19 -49.92 82.87
C SER P 68 65.03 -48.49 83.40
N LYS P 69 66.01 -47.63 83.09
CA LYS P 69 66.01 -46.25 83.54
C LYS P 69 65.33 -45.32 82.53
N GLU P 70 65.01 -45.88 81.36
CA GLU P 70 64.37 -45.12 80.28
C GLU P 70 62.85 -45.25 80.36
N PRO P 71 62.12 -44.53 79.49
CA PRO P 71 60.66 -44.54 79.61
C PRO P 71 60.01 -45.89 79.35
N PHE P 72 58.96 -46.19 80.11
CA PHE P 72 58.11 -47.35 79.91
C PHE P 72 56.71 -46.85 79.66
N VAL P 73 56.20 -47.08 78.47
CA VAL P 73 54.91 -46.55 78.05
C VAL P 73 53.84 -47.61 78.18
N ALA P 74 52.89 -47.38 79.07
CA ALA P 74 51.81 -48.34 79.29
C ALA P 74 50.63 -47.92 78.45
N LEU P 75 50.12 -48.87 77.66
CA LEU P 75 49.03 -48.59 76.73
C LEU P 75 48.00 -49.71 76.58
N ASN P 76 46.73 -49.35 76.71
CA ASN P 76 45.64 -50.22 76.32
C ASN P 76 45.30 -49.90 74.88
N VAL P 77 45.64 -50.80 73.97
CA VAL P 77 45.47 -50.49 72.56
C VAL P 77 44.00 -50.41 72.18
N ALA P 78 43.22 -51.41 72.56
CA ALA P 78 41.79 -51.43 72.27
C ALA P 78 41.08 -50.12 72.61
N SER P 79 41.63 -49.37 73.57
CA SER P 79 40.99 -48.12 73.99
C SER P 79 41.29 -46.98 73.03
N ILE P 80 42.20 -47.20 72.09
CA ILE P 80 42.51 -46.17 71.11
C ILE P 80 41.38 -46.14 70.08
N PRO P 81 40.76 -44.96 69.88
CA PRO P 81 39.69 -44.85 68.87
C PRO P 81 40.17 -45.12 67.44
N ARG P 82 39.29 -45.75 66.67
CA ARG P 82 39.59 -46.21 65.32
C ARG P 82 40.01 -45.07 64.38
N ASP P 83 39.38 -43.91 64.53
CA ASP P 83 39.57 -42.78 63.61
C ASP P 83 40.94 -42.08 63.68
N ILE P 84 41.44 -41.85 64.90
CA ILE P 84 42.76 -41.23 65.10
C ILE P 84 43.85 -42.27 65.36
N PHE P 85 43.48 -43.55 65.23
CA PHE P 85 44.37 -44.66 65.51
C PHE P 85 45.74 -44.40 64.88
N GLU P 86 45.74 -43.99 63.61
CA GLU P 86 46.97 -43.72 62.88
C GLU P 86 47.75 -42.58 63.51
N ALA P 87 47.04 -41.50 63.84
CA ALA P 87 47.64 -40.27 64.35
C ALA P 87 48.18 -40.40 65.78
N GLU P 88 47.43 -41.08 66.62
CA GLU P 88 47.78 -41.21 68.04
C GLU P 88 48.99 -42.13 68.16
N LEU P 89 49.25 -42.88 67.10
CA LEU P 89 50.30 -43.87 67.07
C LEU P 89 51.63 -43.28 66.58
N PHE P 90 51.60 -42.76 65.35
CA PHE P 90 52.80 -42.23 64.69
C PHE P 90 53.13 -40.82 65.10
N GLY P 91 52.24 -39.90 64.75
CA GLY P 91 52.40 -38.50 65.07
C GLY P 91 51.82 -37.70 63.94
N TYR P 92 51.85 -36.39 64.06
CA TYR P 92 51.42 -35.53 62.97
C TYR P 92 52.10 -34.17 63.05
N GLU P 93 52.22 -33.53 61.90
CA GLU P 93 52.80 -32.18 61.84
C GLU P 93 51.64 -31.21 61.68
N LYS P 94 51.90 -29.91 61.81
CA LYS P 94 50.86 -28.92 61.53
C LYS P 94 50.48 -29.18 60.08
N GLY P 95 49.27 -29.65 59.83
CA GLY P 95 48.94 -30.11 58.49
C GLY P 95 47.84 -31.14 58.43
N ALA P 96 47.95 -32.02 57.45
CA ALA P 96 47.06 -33.17 57.32
C ALA P 96 45.62 -32.69 57.05
N PHE P 97 44.70 -33.02 57.96
CA PHE P 97 43.30 -32.65 57.75
C PHE P 97 43.03 -31.58 58.80
N THR P 98 42.01 -30.75 58.56
CA THR P 98 41.75 -29.64 59.46
C THR P 98 41.59 -30.09 60.91
N GLY P 99 42.52 -29.63 61.73
CA GLY P 99 42.51 -29.89 63.16
C GLY P 99 43.65 -29.16 63.83
N ALA P 100 43.35 -28.60 65.00
CA ALA P 100 44.31 -27.88 65.85
C ALA P 100 45.17 -26.89 65.08
N VAL P 101 46.25 -26.43 65.71
CA VAL P 101 47.36 -25.80 65.02
C VAL P 101 48.65 -26.63 65.04
N SER P 102 48.74 -27.53 66.01
CA SER P 102 50.02 -28.07 66.45
C SER P 102 50.56 -29.38 65.86
N SER P 103 51.89 -29.46 65.75
CA SER P 103 52.58 -30.68 65.40
C SER P 103 52.65 -31.54 66.67
N LYS P 104 52.63 -32.87 66.55
CA LYS P 104 52.63 -33.70 67.74
C LYS P 104 53.41 -35.00 67.59
N GLU P 105 54.15 -35.36 68.64
CA GLU P 105 54.86 -36.63 68.68
C GLU P 105 53.85 -37.77 68.77
N GLY P 106 54.25 -38.97 68.36
CA GLY P 106 53.42 -40.16 68.54
C GLY P 106 53.90 -40.99 69.71
N PHE P 107 53.15 -42.03 70.06
CA PHE P 107 53.53 -42.88 71.18
C PHE P 107 54.80 -43.68 70.85
N PHE P 108 55.00 -43.99 69.58
CA PHE P 108 56.22 -44.69 69.18
C PHE P 108 57.45 -43.82 69.38
N GLU P 109 57.34 -42.54 68.99
CA GLU P 109 58.44 -41.59 69.16
C GLU P 109 58.66 -41.24 70.64
N LEU P 110 57.59 -41.30 71.42
CA LEU P 110 57.68 -41.04 72.85
C LEU P 110 58.48 -42.13 73.55
N ALA P 111 58.45 -43.33 72.98
CA ALA P 111 59.10 -44.50 73.56
C ALA P 111 60.52 -44.69 73.03
N ASP P 112 60.99 -43.75 72.20
CA ASP P 112 62.32 -43.85 71.62
C ASP P 112 63.37 -44.00 72.71
N GLY P 113 64.18 -45.05 72.63
CA GLY P 113 65.16 -45.37 73.66
C GLY P 113 64.57 -46.17 74.82
N GLY P 114 63.24 -46.24 74.88
CA GLY P 114 62.53 -46.92 75.96
C GLY P 114 61.87 -48.21 75.53
N THR P 115 60.81 -48.59 76.26
CA THR P 115 60.07 -49.83 76.01
C THR P 115 58.58 -49.55 75.86
N LEU P 116 57.96 -50.16 74.87
CA LEU P 116 56.54 -49.95 74.59
C LEU P 116 55.72 -51.19 74.90
N PHE P 117 54.76 -51.05 75.81
CA PHE P 117 53.95 -52.18 76.26
C PHE P 117 52.51 -52.08 75.77
N LEU P 118 52.12 -53.02 74.91
CA LEU P 118 50.77 -53.06 74.38
C LEU P 118 49.93 -54.17 75.04
N ASP P 119 49.00 -53.81 75.93
CA ASP P 119 48.19 -54.83 76.58
C ASP P 119 46.94 -55.04 75.72
N GLU P 120 46.46 -56.27 75.69
CA GLU P 120 45.27 -56.66 74.95
C GLU P 120 45.44 -56.47 73.43
N ILE P 121 46.61 -56.83 72.91
CA ILE P 121 46.90 -56.74 71.48
C ILE P 121 45.96 -57.64 70.67
N GLY P 122 45.54 -58.74 71.28
CA GLY P 122 44.75 -59.75 70.60
C GLY P 122 43.37 -59.26 70.21
N GLU P 123 42.99 -58.11 70.73
CA GLU P 123 41.64 -57.59 70.51
C GLU P 123 41.57 -56.69 69.26
N LEU P 124 42.69 -56.49 68.59
CA LEU P 124 42.75 -55.61 67.43
C LEU P 124 41.99 -56.20 66.26
N SER P 125 41.35 -55.34 65.47
CA SER P 125 40.64 -55.81 64.29
C SER P 125 41.68 -56.14 63.24
N LEU P 126 41.46 -57.23 62.52
CA LEU P 126 42.43 -57.72 61.54
C LEU P 126 42.82 -56.63 60.55
N GLU P 127 41.85 -55.84 60.12
CA GLU P 127 42.09 -54.76 59.17
C GLU P 127 43.01 -53.69 59.78
N ALA P 128 42.85 -53.46 61.08
CA ALA P 128 43.59 -52.42 61.81
C ALA P 128 45.04 -52.78 62.10
N GLN P 129 45.31 -54.06 62.28
CA GLN P 129 46.65 -54.56 62.56
C GLN P 129 47.63 -54.12 61.48
N ALA P 130 47.16 -54.05 60.23
CA ALA P 130 48.01 -53.73 59.09
C ALA P 130 48.69 -52.37 59.23
N LYS P 131 48.11 -51.48 60.02
CA LYS P 131 48.62 -50.12 60.16
C LYS P 131 49.98 -50.07 60.86
N LEU P 132 50.15 -50.93 61.85
CA LEU P 132 51.36 -50.99 62.66
C LEU P 132 52.45 -51.92 62.11
N LEU P 133 52.15 -52.62 61.02
CA LEU P 133 52.98 -53.74 60.59
C LEU P 133 54.44 -53.35 60.28
N ARG P 134 54.65 -52.41 59.36
CA ARG P 134 56.02 -52.04 58.99
C ARG P 134 56.75 -51.39 60.16
N VAL P 135 55.99 -50.81 61.06
CA VAL P 135 56.53 -50.06 62.18
C VAL P 135 57.20 -51.00 63.17
N ILE P 136 56.59 -52.17 63.36
CA ILE P 136 57.08 -53.15 64.32
C ILE P 136 58.49 -53.58 63.98
N GLU P 137 58.68 -54.07 62.77
CA GLU P 137 59.95 -54.67 62.39
C GLU P 137 61.02 -53.63 62.04
N SER P 138 60.65 -52.65 61.22
CA SER P 138 61.61 -51.68 60.70
C SER P 138 61.88 -50.55 61.68
N GLY P 139 60.90 -50.27 62.53
CA GLY P 139 61.00 -49.14 63.45
C GLY P 139 60.98 -47.81 62.72
N LYS P 140 60.43 -47.81 61.50
CA LYS P 140 60.38 -46.62 60.66
C LYS P 140 58.95 -46.28 60.22
N PHE P 141 58.68 -45.00 60.06
CA PHE P 141 57.38 -44.53 59.57
C PHE P 141 57.42 -43.05 59.20
N TYR P 142 56.29 -42.55 58.70
CA TYR P 142 56.13 -41.12 58.43
C TYR P 142 55.06 -40.54 59.34
N ARG P 143 55.35 -39.36 59.91
CA ARG P 143 54.35 -38.63 60.66
C ARG P 143 53.24 -38.30 59.69
N LEU P 144 52.03 -38.15 60.20
CA LEU P 144 50.91 -37.80 59.34
C LEU P 144 51.14 -36.39 58.81
N GLY P 145 51.19 -36.26 57.50
CA GLY P 145 51.52 -35.00 56.89
C GLY P 145 53.02 -34.76 56.84
N GLY P 146 53.80 -35.64 57.43
CA GLY P 146 55.25 -35.52 57.36
C GLY P 146 55.82 -36.13 56.10
N ARG P 147 56.81 -35.45 55.51
CA ARG P 147 57.52 -35.93 54.32
C ARG P 147 58.89 -36.51 54.63
N LYS P 148 59.27 -36.47 55.90
CA LYS P 148 60.55 -36.96 56.37
C LYS P 148 60.38 -38.29 57.11
N GLU P 149 61.02 -39.33 56.61
CA GLU P 149 60.93 -40.66 57.22
C GLU P 149 61.56 -40.66 58.60
N ILE P 150 60.82 -41.17 59.58
CA ILE P 150 61.29 -41.20 60.96
C ILE P 150 61.71 -42.61 61.33
N GLU P 151 62.79 -42.71 62.10
CA GLU P 151 63.27 -44.00 62.59
C GLU P 151 63.45 -43.93 64.09
N VAL P 152 62.91 -44.93 64.78
CA VAL P 152 63.00 -45.00 66.24
C VAL P 152 63.45 -46.38 66.70
N ASN P 153 64.04 -46.41 67.89
CA ASN P 153 64.51 -47.66 68.50
C ASN P 153 63.66 -47.95 69.73
N VAL P 154 62.79 -48.95 69.60
CA VAL P 154 61.85 -49.28 70.65
C VAL P 154 61.72 -50.80 70.80
N ARG P 155 61.86 -51.30 72.02
CA ARG P 155 61.56 -52.70 72.29
C ARG P 155 60.07 -52.82 72.60
N ILE P 156 59.42 -53.76 71.94
CA ILE P 156 57.98 -53.93 72.03
C ILE P 156 57.62 -55.08 72.95
N LEU P 157 56.66 -54.81 73.84
CA LEU P 157 56.08 -55.84 74.70
C LEU P 157 54.61 -55.93 74.40
N ALA P 158 54.08 -57.16 74.39
CA ALA P 158 52.69 -57.40 74.05
C ALA P 158 52.07 -58.44 74.98
N ALA P 159 50.76 -58.38 75.13
CA ALA P 159 50.05 -59.33 75.97
C ALA P 159 48.64 -59.58 75.42
N THR P 160 48.13 -60.78 75.62
CA THR P 160 46.73 -61.07 75.28
C THR P 160 46.21 -62.21 76.16
N ASN P 161 44.91 -62.17 76.47
CA ASN P 161 44.32 -63.20 77.32
C ASN P 161 43.67 -64.33 76.51
N ARG P 162 43.86 -64.29 75.19
CA ARG P 162 43.23 -65.26 74.30
C ARG P 162 44.27 -66.22 73.75
N ASN P 163 43.81 -67.22 73.02
CA ASN P 163 44.72 -68.17 72.42
C ASN P 163 45.08 -67.67 71.03
N ILE P 164 46.33 -67.22 70.89
CA ILE P 164 46.76 -66.56 69.68
C ILE P 164 47.03 -67.55 68.57
N LYS P 165 47.57 -68.70 68.97
CA LYS P 165 47.93 -69.76 68.05
C LYS P 165 46.74 -70.25 67.25
N GLU P 166 45.60 -70.35 67.92
CA GLU P 166 44.37 -70.81 67.31
C GLU P 166 43.82 -69.79 66.33
N LEU P 167 43.89 -68.52 66.69
CA LEU P 167 43.31 -67.46 65.89
C LEU P 167 43.89 -67.45 64.48
N VAL P 168 45.17 -67.79 64.37
CA VAL P 168 45.83 -67.80 63.07
C VAL P 168 45.17 -68.88 62.22
N LYS P 169 45.00 -70.06 62.81
CA LYS P 169 44.35 -71.17 62.13
C LYS P 169 42.88 -70.86 61.88
N GLU P 170 42.30 -69.98 62.70
CA GLU P 170 40.91 -69.56 62.51
C GLU P 170 40.81 -68.33 61.61
N GLY P 171 41.95 -67.81 61.17
CA GLY P 171 41.99 -66.68 60.27
C GLY P 171 41.60 -65.33 60.86
N LYS P 172 41.49 -65.24 62.19
CA LYS P 172 41.14 -63.98 62.83
C LYS P 172 42.34 -63.10 63.20
N PHE P 173 43.55 -63.63 63.05
CA PHE P 173 44.76 -62.88 63.36
C PHE P 173 45.83 -63.15 62.31
N ARG P 174 46.49 -62.08 61.88
CA ARG P 174 47.46 -62.16 60.79
C ARG P 174 48.63 -63.06 61.09
N GLU P 175 48.93 -63.94 60.13
CA GLU P 175 50.07 -64.83 60.21
C GLU P 175 51.32 -63.98 60.14
N ASP P 176 51.25 -62.94 59.31
CA ASP P 176 52.38 -62.07 59.04
C ASP P 176 52.83 -61.25 60.23
N LEU P 177 51.88 -60.86 61.08
CA LEU P 177 52.19 -60.06 62.25
C LEU P 177 52.79 -60.92 63.35
N TYR P 178 52.32 -62.15 63.47
CA TYR P 178 52.76 -63.05 64.52
C TYR P 178 54.28 -63.19 64.52
N TYR P 179 54.84 -63.32 63.33
CA TYR P 179 56.28 -63.54 63.16
C TYR P 179 57.12 -62.30 63.51
N ARG P 180 56.50 -61.12 63.53
CA ARG P 180 57.21 -59.90 63.92
C ARG P 180 57.29 -59.69 65.43
N LEU P 181 56.18 -59.93 66.12
CA LEU P 181 56.10 -59.82 67.58
C LEU P 181 56.57 -61.08 68.31
N GLY P 182 56.46 -62.21 67.63
CA GLY P 182 56.57 -63.52 68.27
C GLY P 182 57.97 -64.06 68.39
N VAL P 183 58.96 -63.18 68.40
CA VAL P 183 60.35 -63.59 68.62
C VAL P 183 60.43 -64.44 69.89
N ILE P 184 59.93 -63.88 71.00
CA ILE P 184 59.83 -64.61 72.27
C ILE P 184 58.35 -64.81 72.65
N GLU P 185 57.99 -66.05 72.96
CA GLU P 185 56.63 -66.40 73.35
C GLU P 185 56.63 -67.02 74.74
N ILE P 186 55.91 -66.41 75.67
CA ILE P 186 55.87 -66.87 77.05
C ILE P 186 54.46 -67.26 77.48
N GLU P 187 54.28 -68.55 77.75
CA GLU P 187 53.00 -69.10 78.17
C GLU P 187 52.94 -69.16 79.70
N ILE P 188 52.09 -68.33 80.28
CA ILE P 188 51.82 -68.40 81.72
C ILE P 188 50.61 -69.31 81.93
N PRO P 189 50.79 -70.43 82.64
CA PRO P 189 49.67 -71.32 82.92
C PRO P 189 48.75 -70.75 83.99
N PRO P 190 47.52 -71.27 84.09
CA PRO P 190 46.58 -70.75 85.10
C PRO P 190 47.06 -70.98 86.52
N LEU P 191 46.23 -70.67 87.50
CA LEU P 191 46.64 -70.77 88.89
C LEU P 191 46.45 -72.20 89.39
N ARG P 192 45.40 -72.87 88.94
CA ARG P 192 45.12 -74.25 89.34
C ARG P 192 46.29 -75.18 89.01
N GLU P 193 47.15 -74.76 88.10
CA GLU P 193 48.36 -75.52 87.76
C GLU P 193 49.58 -75.01 88.52
N ARG P 194 49.40 -73.94 89.29
CA ARG P 194 50.40 -73.55 90.29
C ARG P 194 49.77 -73.57 91.67
N LYS P 195 49.85 -74.68 92.39
CA LYS P 195 49.25 -74.76 93.72
C LYS P 195 50.18 -74.16 94.77
N GLU P 196 51.47 -74.20 94.48
CA GLU P 196 52.48 -73.76 95.42
C GLU P 196 52.43 -72.24 95.60
N ASP P 197 51.90 -71.54 94.59
CA ASP P 197 51.87 -70.09 94.60
C ASP P 197 50.69 -69.53 95.41
N ILE P 198 49.67 -70.36 95.61
CA ILE P 198 48.41 -69.91 96.19
C ILE P 198 48.58 -69.30 97.58
N ILE P 199 49.11 -70.06 98.52
CA ILE P 199 49.14 -69.65 99.91
C ILE P 199 50.07 -68.44 100.17
N PRO P 200 51.30 -68.48 99.61
CA PRO P 200 52.20 -67.34 99.82
C PRO P 200 51.59 -66.02 99.36
N LEU P 201 50.89 -66.07 98.23
CA LEU P 201 50.19 -64.91 97.70
C LEU P 201 49.10 -64.48 98.67
N ALA P 202 48.31 -65.45 99.11
CA ALA P 202 47.18 -65.18 99.99
C ALA P 202 47.64 -64.40 101.22
N ASN P 203 48.77 -64.80 101.80
CA ASN P 203 49.31 -64.09 102.95
C ASN P 203 49.76 -62.70 102.56
N HIS P 204 50.37 -62.58 101.39
CA HIS P 204 50.85 -61.27 100.93
C HIS P 204 49.68 -60.30 100.74
N PHE P 205 48.60 -60.78 100.15
CA PHE P 205 47.43 -59.94 99.91
C PHE P 205 46.76 -59.62 101.24
N LEU P 206 46.73 -60.59 102.14
CA LEU P 206 46.20 -60.38 103.48
C LEU P 206 46.99 -59.30 104.20
N LYS P 207 48.31 -59.36 104.05
CA LYS P 207 49.22 -58.41 104.69
C LYS P 207 48.93 -56.97 104.28
N LYS P 208 48.80 -56.74 102.98
CA LYS P 208 48.56 -55.41 102.46
C LYS P 208 47.21 -54.84 102.94
N PHE P 209 46.16 -55.64 102.83
CA PHE P 209 44.81 -55.20 103.17
C PHE P 209 44.61 -55.01 104.67
N SER P 210 45.23 -55.86 105.47
CA SER P 210 45.15 -55.70 106.91
C SER P 210 45.79 -54.38 107.31
N ARG P 211 46.84 -54.01 106.60
CA ARG P 211 47.53 -52.74 106.82
C ARG P 211 46.70 -51.53 106.39
N LYS P 212 46.21 -51.57 105.15
CA LYS P 212 45.44 -50.45 104.60
C LYS P 212 44.18 -50.16 105.41
N TYR P 213 43.40 -51.20 105.67
CA TYR P 213 42.11 -51.06 106.34
C TYR P 213 42.20 -51.24 107.85
N ALA P 214 43.42 -51.23 108.38
CA ALA P 214 43.68 -51.40 109.81
C ALA P 214 42.79 -52.43 110.50
N LYS P 215 43.08 -53.72 110.25
CA LYS P 215 42.35 -54.81 110.88
C LYS P 215 43.29 -55.65 111.73
N GLU P 216 42.73 -56.61 112.44
CA GLU P 216 43.47 -57.42 113.41
C GLU P 216 43.90 -58.77 112.86
N VAL P 217 43.66 -59.01 111.57
CA VAL P 217 43.91 -60.32 110.96
C VAL P 217 45.41 -60.63 110.81
N GLU P 218 45.76 -61.90 111.03
CA GLU P 218 47.15 -62.40 110.96
C GLU P 218 47.31 -63.49 109.91
N GLY P 219 46.56 -64.59 110.04
CA GLY P 219 46.71 -65.73 109.15
C GLY P 219 45.47 -66.59 108.99
N PHE P 220 45.62 -67.72 108.30
CA PHE P 220 44.51 -68.61 107.96
C PHE P 220 44.50 -69.91 108.80
N THR P 221 43.30 -70.42 109.09
CA THR P 221 43.16 -71.72 109.77
C THR P 221 43.56 -72.84 108.83
N LYS P 222 43.90 -73.99 109.39
CA LYS P 222 44.37 -75.14 108.61
C LYS P 222 43.28 -75.67 107.67
N SER P 223 42.03 -75.66 108.13
CA SER P 223 40.90 -76.15 107.34
C SER P 223 40.59 -75.24 106.14
N ALA P 224 40.77 -73.94 106.34
CA ALA P 224 40.53 -72.94 105.30
C ALA P 224 41.55 -73.07 104.16
N GLN P 225 42.82 -73.26 104.52
CA GLN P 225 43.90 -73.36 103.55
C GLN P 225 43.64 -74.52 102.58
N GLU P 226 43.04 -75.58 103.11
CA GLU P 226 42.75 -76.78 102.34
C GLU P 226 41.74 -76.49 101.23
N LEU P 227 40.74 -75.67 101.55
CA LEU P 227 39.70 -75.30 100.60
C LEU P 227 40.24 -74.48 99.44
N LEU P 228 41.10 -73.51 99.76
CA LEU P 228 41.71 -72.63 98.76
C LEU P 228 42.39 -73.46 97.68
N LEU P 229 42.94 -74.59 98.08
CA LEU P 229 43.67 -75.46 97.16
C LEU P 229 42.74 -76.15 96.20
N SER P 230 41.49 -76.35 96.61
CA SER P 230 40.50 -77.04 95.79
C SER P 230 39.66 -76.09 94.93
N TYR P 231 40.06 -74.83 94.86
CA TYR P 231 39.31 -73.80 94.13
C TYR P 231 39.85 -73.57 92.71
N PRO P 232 39.13 -74.04 91.68
CA PRO P 232 39.66 -73.84 90.32
C PRO P 232 39.54 -72.38 89.96
N TRP P 233 40.51 -71.58 90.39
CA TRP P 233 40.51 -70.15 90.09
C TRP P 233 40.43 -69.94 88.58
N TYR P 234 39.29 -69.45 88.10
CA TYR P 234 39.10 -69.13 86.69
C TYR P 234 39.62 -67.72 86.40
N GLY P 235 39.58 -66.88 87.41
CA GLY P 235 40.09 -65.52 87.32
C GLY P 235 41.52 -65.42 87.82
N ASN P 236 42.06 -66.55 88.26
CA ASN P 236 43.44 -66.63 88.72
C ASN P 236 43.74 -65.64 89.85
N VAL P 237 44.90 -65.00 89.82
CA VAL P 237 45.39 -64.19 90.95
C VAL P 237 44.51 -63.00 91.28
N ARG P 238 43.92 -62.40 90.25
CA ARG P 238 43.09 -61.22 90.45
C ARG P 238 41.88 -61.58 91.31
N GLU P 239 41.33 -62.77 91.08
CA GLU P 239 40.18 -63.22 91.85
C GLU P 239 40.58 -63.46 93.29
N LEU P 240 41.76 -64.03 93.49
CA LEU P 240 42.27 -64.28 94.83
C LEU P 240 42.39 -62.96 95.58
N LYS P 241 43.08 -62.01 94.95
CA LYS P 241 43.26 -60.66 95.49
C LYS P 241 41.93 -60.07 95.94
N ASN P 242 40.90 -60.29 95.12
CA ASN P 242 39.56 -59.82 95.41
C ASN P 242 38.88 -60.59 96.55
N VAL P 243 39.02 -61.92 96.54
CA VAL P 243 38.37 -62.76 97.54
C VAL P 243 38.91 -62.45 98.93
N ILE P 244 40.23 -62.25 99.00
CA ILE P 244 40.86 -61.87 100.25
C ILE P 244 40.38 -60.50 100.69
N GLU P 245 40.27 -59.59 99.72
CA GLU P 245 39.84 -58.23 100.01
C GLU P 245 38.45 -58.24 100.65
N ARG P 246 37.59 -59.17 100.20
CA ARG P 246 36.27 -59.33 100.80
C ARG P 246 36.42 -59.78 102.25
N ALA P 247 37.28 -60.78 102.44
CA ALA P 247 37.45 -61.41 103.73
C ALA P 247 38.03 -60.48 104.78
N VAL P 248 39.06 -59.70 104.42
CA VAL P 248 39.73 -58.84 105.40
C VAL P 248 38.74 -57.83 105.98
N LEU P 249 37.89 -57.28 105.11
CA LEU P 249 36.92 -56.29 105.52
C LEU P 249 35.86 -56.89 106.46
N PHE P 250 35.49 -58.13 106.19
CA PHE P 250 34.47 -58.83 106.95
C PHE P 250 35.06 -59.64 108.10
N SER P 251 36.38 -59.60 108.22
CA SER P 251 37.07 -60.37 109.25
C SER P 251 36.66 -59.93 110.64
N GLU P 252 36.64 -60.88 111.56
CA GLU P 252 36.27 -60.60 112.94
C GLU P 252 37.47 -60.86 113.84
N GLY P 253 37.93 -62.10 113.87
CA GLY P 253 39.06 -62.50 114.68
C GLY P 253 40.35 -62.19 113.96
N LYS P 254 41.44 -62.83 114.41
CA LYS P 254 42.74 -62.65 113.78
C LYS P 254 42.92 -63.62 112.61
N PHE P 255 42.07 -64.66 112.55
CA PHE P 255 42.18 -65.65 111.48
C PHE P 255 40.86 -65.88 110.76
N ILE P 256 40.98 -66.38 109.53
CA ILE P 256 39.83 -66.63 108.67
C ILE P 256 39.61 -68.12 108.53
N ASP P 257 38.41 -68.57 108.86
CA ASP P 257 38.07 -69.99 108.83
C ASP P 257 37.45 -70.37 107.50
N ARG P 258 37.16 -71.65 107.32
CA ARG P 258 36.53 -72.13 106.10
C ARG P 258 35.12 -71.56 106.00
N GLY P 259 34.51 -71.29 107.16
CA GLY P 259 33.15 -70.79 107.21
C GLY P 259 33.03 -69.39 106.65
N GLU P 260 34.02 -68.54 106.94
CA GLU P 260 33.98 -67.16 106.48
C GLU P 260 34.16 -67.08 104.97
N LEU P 261 34.90 -68.03 104.40
CA LEU P 261 35.09 -68.09 102.96
C LEU P 261 33.95 -68.80 102.24
N SER P 262 33.34 -69.77 102.91
CA SER P 262 32.30 -70.60 102.30
C SER P 262 31.13 -69.77 101.79
N CYS P 263 30.76 -68.72 102.53
CA CYS P 263 29.63 -67.87 102.16
C CYS P 263 29.94 -66.97 100.97
N LEU P 264 31.22 -66.77 100.71
CA LEU P 264 31.66 -65.93 99.59
C LEU P 264 31.70 -66.72 98.28
N VAL P 265 31.79 -68.05 98.39
CA VAL P 265 31.98 -68.92 97.23
C VAL P 265 30.75 -69.79 97.01
N GLU Q 19 14.96 -41.12 105.25
CA GLU Q 19 13.57 -41.23 104.82
C GLU Q 19 13.35 -42.50 104.00
N TYR Q 20 14.43 -43.22 103.71
CA TYR Q 20 14.34 -44.46 102.95
C TYR Q 20 13.88 -45.63 103.83
N VAL Q 21 13.20 -46.60 103.21
CA VAL Q 21 12.59 -47.71 103.94
C VAL Q 21 13.33 -49.03 103.81
N PHE Q 22 13.82 -49.58 104.93
CA PHE Q 22 14.24 -50.97 104.96
C PHE Q 22 13.61 -51.70 106.16
N GLU Q 23 12.57 -52.49 105.90
CA GLU Q 23 11.92 -53.31 106.92
C GLU Q 23 12.05 -54.83 106.72
N SER Q 24 12.65 -55.24 105.61
CA SER Q 24 12.74 -56.66 105.30
C SER Q 24 13.95 -57.30 105.95
N PRO Q 25 13.88 -58.60 106.25
CA PRO Q 25 15.09 -59.23 106.78
C PRO Q 25 16.26 -59.10 105.80
N LYS Q 26 16.04 -59.38 104.51
CA LYS Q 26 17.16 -59.29 103.56
C LYS Q 26 17.71 -57.88 103.48
N MET Q 27 16.83 -56.89 103.37
CA MET Q 27 17.28 -55.51 103.20
C MET Q 27 17.94 -55.06 104.49
N LYS Q 28 17.47 -55.58 105.61
CA LYS Q 28 18.10 -55.27 106.90
C LYS Q 28 19.48 -55.92 106.95
N GLU Q 29 19.57 -57.12 106.38
CA GLU Q 29 20.83 -57.85 106.29
C GLU Q 29 21.77 -57.16 105.30
N ILE Q 30 21.21 -56.76 104.15
CA ILE Q 30 21.98 -56.09 103.10
C ILE Q 30 22.52 -54.75 103.56
N LEU Q 31 21.69 -54.01 104.29
CA LEU Q 31 22.08 -52.69 104.75
C LEU Q 31 23.33 -52.79 105.63
N GLU Q 32 23.43 -53.86 106.41
CA GLU Q 32 24.56 -54.06 107.31
C GLU Q 32 25.89 -54.23 106.59
N LYS Q 33 25.88 -54.97 105.47
CA LYS Q 33 27.09 -55.20 104.70
C LYS Q 33 27.73 -53.87 104.28
N ILE Q 34 26.89 -52.92 103.91
CA ILE Q 34 27.34 -51.61 103.46
C ILE Q 34 28.14 -50.88 104.53
N LYS Q 35 27.71 -50.99 105.78
CA LYS Q 35 28.38 -50.29 106.88
C LYS Q 35 29.83 -50.77 107.00
N LYS Q 36 30.07 -52.02 106.62
CA LYS Q 36 31.42 -52.60 106.61
C LYS Q 36 32.32 -52.05 105.51
N ILE Q 37 31.75 -51.63 104.38
CA ILE Q 37 32.56 -51.15 103.27
C ILE Q 37 32.78 -49.63 103.33
N SER Q 38 32.32 -48.99 104.40
CA SER Q 38 32.51 -47.54 104.57
C SER Q 38 33.99 -47.17 104.43
N CYS Q 39 34.86 -48.06 104.89
CA CYS Q 39 36.30 -47.85 104.83
C CYS Q 39 36.89 -48.32 103.50
N ALA Q 40 36.12 -49.08 102.72
CA ALA Q 40 36.66 -49.74 101.52
C ALA Q 40 36.85 -48.78 100.36
N GLU Q 41 37.96 -48.99 99.64
CA GLU Q 41 38.34 -48.17 98.49
C GLU Q 41 38.03 -48.81 97.13
N CYS Q 42 37.28 -49.91 97.13
CA CYS Q 42 37.23 -50.79 95.95
C CYS Q 42 35.91 -50.81 95.18
N PRO Q 43 35.97 -51.16 93.88
CA PRO Q 43 34.79 -51.20 93.01
C PRO Q 43 33.68 -52.11 93.53
N VAL Q 44 32.44 -51.77 93.20
CA VAL Q 44 31.27 -52.52 93.64
C VAL Q 44 30.33 -52.80 92.47
N LEU Q 45 29.73 -53.99 92.46
CA LEU Q 45 28.77 -54.36 91.43
C LEU Q 45 27.40 -54.63 92.04
N ILE Q 46 26.44 -53.76 91.72
CA ILE Q 46 25.07 -53.86 92.23
C ILE Q 46 24.14 -54.43 91.16
N THR Q 47 23.32 -55.41 91.56
CA THR Q 47 22.41 -56.06 90.64
C THR Q 47 21.02 -56.14 91.25
N GLY Q 48 20.02 -56.34 90.40
CA GLY Q 48 18.65 -56.52 90.84
C GLY Q 48 17.73 -56.07 89.72
N GLU Q 49 16.43 -56.29 89.90
CA GLU Q 49 15.45 -55.81 88.94
C GLU Q 49 15.52 -54.27 89.00
N SER Q 50 15.12 -53.57 87.94
CA SER Q 50 15.19 -52.10 88.00
C SER Q 50 14.02 -51.59 88.84
N GLY Q 51 14.31 -50.62 89.69
CA GLY Q 51 13.33 -50.00 90.55
C GLY Q 51 13.29 -50.63 91.92
N VAL Q 52 14.33 -51.39 92.26
CA VAL Q 52 14.43 -52.00 93.57
C VAL Q 52 15.26 -51.12 94.51
N GLY Q 53 15.77 -50.02 93.98
CA GLY Q 53 16.58 -49.10 94.75
C GLY Q 53 18.09 -49.18 94.51
N LYS Q 54 18.52 -49.74 93.38
CA LYS Q 54 19.94 -49.82 93.07
C LYS Q 54 20.61 -48.45 93.11
N GLU Q 55 19.88 -47.42 92.67
CA GLU Q 55 20.40 -46.06 92.70
C GLU Q 55 20.47 -45.59 94.15
N VAL Q 56 19.48 -45.98 94.94
CA VAL Q 56 19.41 -45.63 96.35
C VAL Q 56 20.59 -46.25 97.10
N VAL Q 57 20.81 -47.54 96.86
CA VAL Q 57 21.90 -48.28 97.50
C VAL Q 57 23.23 -47.62 97.16
N ALA Q 58 23.41 -47.33 95.88
CA ALA Q 58 24.64 -46.73 95.39
C ALA Q 58 24.87 -45.38 96.06
N ARG Q 59 23.83 -44.57 96.14
CA ARG Q 59 23.94 -43.24 96.73
C ARG Q 59 24.25 -43.31 98.22
N LEU Q 60 23.74 -44.34 98.87
CA LEU Q 60 23.96 -44.52 100.29
C LEU Q 60 25.39 -44.93 100.61
N ILE Q 61 25.92 -45.87 99.84
CA ILE Q 61 27.28 -46.34 100.04
C ILE Q 61 28.23 -45.15 100.02
N HIS Q 62 27.95 -44.21 99.13
CA HIS Q 62 28.77 -43.02 98.99
C HIS Q 62 28.66 -42.19 100.26
N LYS Q 63 27.42 -42.07 100.75
CA LYS Q 63 27.12 -41.26 101.93
C LYS Q 63 27.75 -41.83 103.18
N LEU Q 64 27.87 -43.16 103.23
CA LEU Q 64 28.43 -43.85 104.38
C LEU Q 64 29.94 -44.08 104.26
N SER Q 65 30.49 -43.80 103.08
CA SER Q 65 31.91 -44.03 102.84
C SER Q 65 32.72 -42.83 103.32
N ASP Q 66 34.04 -42.93 103.17
CA ASP Q 66 34.93 -41.85 103.58
C ASP Q 66 34.85 -40.69 102.59
N ARG Q 67 34.25 -40.96 101.43
CA ARG Q 67 34.15 -39.98 100.35
C ARG Q 67 32.84 -39.22 100.35
N SER Q 68 32.05 -39.37 101.42
CA SER Q 68 30.69 -38.81 101.45
C SER Q 68 30.70 -37.31 101.19
N LYS Q 69 31.83 -36.67 101.46
CA LYS Q 69 31.96 -35.23 101.32
C LYS Q 69 32.47 -34.87 99.93
N GLU Q 70 32.86 -35.89 99.16
CA GLU Q 70 33.44 -35.69 97.83
C GLU Q 70 32.41 -35.73 96.70
N PRO Q 71 32.84 -35.42 95.46
CA PRO Q 71 31.90 -35.39 94.33
C PRO Q 71 31.33 -36.77 93.97
N PHE Q 72 30.06 -36.78 93.56
CA PHE Q 72 29.39 -37.99 93.08
C PHE Q 72 28.96 -37.77 91.64
N VAL Q 73 29.56 -38.52 90.74
CA VAL Q 73 29.30 -38.36 89.32
C VAL Q 73 28.37 -39.47 88.84
N ALA Q 74 27.17 -39.07 88.43
CA ALA Q 74 26.17 -40.02 87.95
C ALA Q 74 26.19 -40.06 86.43
N LEU Q 75 26.22 -41.27 85.87
CA LEU Q 75 26.34 -41.43 84.43
C LEU Q 75 25.50 -42.59 83.91
N ASN Q 76 24.72 -42.36 82.84
CA ASN Q 76 24.16 -43.49 82.11
C ASN Q 76 25.19 -43.78 81.03
N VAL Q 77 25.94 -44.86 81.23
CA VAL Q 77 27.03 -45.20 80.33
C VAL Q 77 26.50 -45.69 78.98
N ALA Q 78 25.26 -46.18 78.99
CA ALA Q 78 24.62 -46.63 77.76
C ALA Q 78 24.21 -45.43 76.90
N SER Q 79 24.03 -44.27 77.52
CA SER Q 79 23.59 -43.08 76.79
C SER Q 79 24.74 -42.38 76.04
N ILE Q 80 25.97 -42.77 76.31
CA ILE Q 80 27.14 -42.17 75.67
C ILE Q 80 27.30 -42.68 74.24
N PRO Q 81 27.40 -41.77 73.25
CA PRO Q 81 27.62 -42.22 71.87
C PRO Q 81 28.96 -42.90 71.69
N ARG Q 82 29.00 -43.95 70.89
CA ARG Q 82 30.21 -44.75 70.75
C ARG Q 82 31.38 -43.92 70.21
N ASP Q 83 31.06 -42.96 69.35
CA ASP Q 83 32.08 -42.19 68.63
C ASP Q 83 32.88 -41.28 69.54
N ILE Q 84 32.21 -40.66 70.50
CA ILE Q 84 32.85 -39.78 71.47
C ILE Q 84 33.10 -40.50 72.81
N PHE Q 85 32.73 -41.77 72.87
CA PHE Q 85 32.85 -42.56 74.10
C PHE Q 85 34.25 -42.44 74.71
N GLU Q 86 35.28 -42.57 73.88
CA GLU Q 86 36.66 -42.48 74.33
C GLU Q 86 37.00 -41.08 74.85
N ALA Q 87 36.54 -40.07 74.11
CA ALA Q 87 36.89 -38.68 74.38
C ALA Q 87 36.24 -38.12 75.63
N GLU Q 88 34.97 -38.45 75.85
CA GLU Q 88 34.21 -37.91 76.98
C GLU Q 88 34.68 -38.54 78.28
N LEU Q 89 35.35 -39.68 78.18
CA LEU Q 89 35.77 -40.46 79.32
C LEU Q 89 37.19 -40.08 79.79
N PHE Q 90 38.16 -40.25 78.90
CA PHE Q 90 39.56 -40.00 79.21
C PHE Q 90 39.86 -38.52 79.11
N GLY Q 91 39.12 -37.83 78.23
CA GLY Q 91 39.33 -36.42 78.00
C GLY Q 91 40.09 -36.25 76.71
N TYR Q 92 40.37 -35.01 76.32
CA TYR Q 92 41.13 -34.75 75.10
C TYR Q 92 41.90 -33.42 75.19
N GLU Q 93 42.93 -33.31 74.37
CA GLU Q 93 43.75 -32.11 74.32
C GLU Q 93 43.30 -31.21 73.18
N LYS Q 94 43.89 -30.02 73.07
CA LYS Q 94 43.54 -29.04 72.06
C LYS Q 94 43.51 -29.62 70.65
N GLY Q 95 44.36 -30.61 70.42
CA GLY Q 95 44.47 -31.26 69.13
C GLY Q 95 43.83 -32.63 69.19
N ALA Q 96 44.38 -33.55 68.41
CA ALA Q 96 44.02 -34.96 68.46
C ALA Q 96 42.57 -35.20 68.05
N PHE Q 97 42.06 -34.33 67.19
CA PHE Q 97 40.69 -34.44 66.73
C PHE Q 97 40.50 -33.67 65.44
N THR Q 98 39.29 -33.70 64.92
CA THR Q 98 38.93 -33.00 63.69
C THR Q 98 38.33 -31.63 64.05
N GLY Q 99 38.40 -31.26 65.33
CA GLY Q 99 37.87 -29.99 65.78
C GLY Q 99 38.19 -29.70 67.23
N ALA Q 100 37.38 -28.85 67.84
CA ALA Q 100 37.53 -28.53 69.27
C ALA Q 100 38.91 -28.03 69.62
N VAL Q 101 39.18 -26.78 69.27
CA VAL Q 101 40.33 -26.05 69.76
C VAL Q 101 40.58 -26.22 71.26
N SER Q 102 39.54 -26.17 72.10
CA SER Q 102 39.77 -26.08 73.54
C SER Q 102 39.97 -27.46 74.18
N SER Q 103 40.80 -27.49 75.22
CA SER Q 103 41.04 -28.71 76.00
C SER Q 103 39.94 -28.96 77.01
N LYS Q 104 39.65 -30.24 77.27
CA LYS Q 104 38.60 -30.59 78.24
C LYS Q 104 38.94 -31.86 79.02
N GLU Q 105 38.64 -31.82 80.31
CA GLU Q 105 38.85 -32.95 81.20
C GLU Q 105 37.90 -34.09 80.85
N GLY Q 106 38.26 -35.31 81.24
CA GLY Q 106 37.39 -36.46 81.05
C GLY Q 106 36.62 -36.73 82.33
N PHE Q 107 35.67 -37.65 82.27
CA PHE Q 107 34.87 -37.93 83.45
C PHE Q 107 35.67 -38.55 84.57
N PHE Q 108 36.67 -39.34 84.20
CA PHE Q 108 37.52 -39.97 85.20
C PHE Q 108 38.33 -38.89 85.91
N GLU Q 109 38.83 -37.95 85.11
CA GLU Q 109 39.62 -36.85 85.63
C GLU Q 109 38.74 -35.92 86.45
N LEU Q 110 37.48 -35.82 86.05
CA LEU Q 110 36.50 -35.01 86.76
C LEU Q 110 36.13 -35.57 88.14
N ALA Q 111 36.19 -36.89 88.29
CA ALA Q 111 35.80 -37.57 89.52
C ALA Q 111 36.97 -37.83 90.48
N ASP Q 112 38.14 -37.31 90.16
CA ASP Q 112 39.35 -37.54 90.97
C ASP Q 112 39.11 -37.19 92.43
N GLY Q 113 39.39 -38.15 93.30
CA GLY Q 113 39.16 -37.98 94.73
C GLY Q 113 37.73 -38.31 95.13
N GLY Q 114 36.85 -38.46 94.13
CA GLY Q 114 35.44 -38.72 94.37
C GLY Q 114 35.03 -40.14 94.01
N THR Q 115 33.76 -40.30 93.66
CA THR Q 115 33.20 -41.59 93.29
C THR Q 115 32.47 -41.50 91.95
N LEU Q 116 32.70 -42.48 91.08
CA LEU Q 116 32.09 -42.50 89.75
C LEU Q 116 31.09 -43.63 89.65
N PHE Q 117 29.85 -43.30 89.34
CA PHE Q 117 28.76 -44.28 89.29
C PHE Q 117 28.33 -44.53 87.85
N LEU Q 118 28.53 -45.76 87.39
CA LEU Q 118 28.13 -46.11 86.03
C LEU Q 118 26.83 -46.92 86.04
N ASP Q 119 25.73 -46.28 85.64
CA ASP Q 119 24.43 -46.94 85.66
C ASP Q 119 24.22 -47.58 84.30
N GLU Q 120 23.56 -48.73 84.31
CA GLU Q 120 23.28 -49.48 83.10
C GLU Q 120 24.58 -49.89 82.42
N ILE Q 121 25.56 -50.29 83.24
CA ILE Q 121 26.83 -50.77 82.73
C ILE Q 121 26.61 -51.99 81.85
N GLY Q 122 25.57 -52.75 82.17
CA GLY Q 122 25.28 -54.02 81.52
C GLY Q 122 24.84 -53.91 80.08
N GLU Q 123 24.55 -52.69 79.61
CA GLU Q 123 24.07 -52.49 78.25
C GLU Q 123 25.20 -52.26 77.25
N LEU Q 124 26.44 -52.27 77.76
CA LEU Q 124 27.61 -51.98 76.93
C LEU Q 124 27.90 -53.08 75.91
N SER Q 125 28.35 -52.67 74.72
CA SER Q 125 28.73 -53.61 73.68
C SER Q 125 30.13 -54.14 73.98
N LEU Q 126 30.37 -55.40 73.65
CA LEU Q 126 31.65 -56.04 73.95
C LEU Q 126 32.83 -55.22 73.46
N GLU Q 127 32.65 -54.59 72.31
CA GLU Q 127 33.70 -53.78 71.70
C GLU Q 127 34.08 -52.61 72.61
N ALA Q 128 33.06 -52.00 73.22
CA ALA Q 128 33.26 -50.82 74.06
C ALA Q 128 33.79 -51.19 75.44
N GLN Q 129 33.37 -52.35 75.94
CA GLN Q 129 33.77 -52.82 77.26
C GLN Q 129 35.28 -52.96 77.38
N ALA Q 130 35.93 -53.42 76.32
CA ALA Q 130 37.36 -53.69 76.33
C ALA Q 130 38.17 -52.42 76.66
N LYS Q 131 37.60 -51.28 76.33
CA LYS Q 131 38.26 -49.99 76.48
C LYS Q 131 38.43 -49.60 77.95
N LEU Q 132 37.52 -50.09 78.78
CA LEU Q 132 37.47 -49.72 80.19
C LEU Q 132 38.47 -50.49 81.06
N LEU Q 133 39.13 -51.48 80.47
CA LEU Q 133 39.87 -52.47 81.25
C LEU Q 133 41.03 -51.92 82.08
N ARG Q 134 41.99 -51.26 81.44
CA ARG Q 134 43.14 -50.77 82.17
C ARG Q 134 42.74 -49.66 83.12
N VAL Q 135 41.66 -48.96 82.79
CA VAL Q 135 41.25 -47.79 83.54
C VAL Q 135 40.66 -48.15 84.90
N ILE Q 136 39.85 -49.20 84.94
CA ILE Q 136 39.18 -49.61 86.17
C ILE Q 136 40.15 -50.04 87.26
N GLU Q 137 41.03 -50.98 86.93
CA GLU Q 137 41.92 -51.58 87.91
C GLU Q 137 43.10 -50.67 88.23
N SER Q 138 43.72 -50.13 87.19
CA SER Q 138 44.92 -49.34 87.36
C SER Q 138 44.61 -47.89 87.70
N GLY Q 139 43.46 -47.40 87.25
CA GLY Q 139 43.12 -46.00 87.41
C GLY Q 139 44.06 -45.14 86.58
N LYS Q 140 44.67 -45.73 85.56
CA LYS Q 140 45.64 -45.02 84.73
C LYS Q 140 45.25 -45.02 83.25
N PHE Q 141 45.56 -43.93 82.57
CA PHE Q 141 45.26 -43.80 81.15
C PHE Q 141 45.95 -42.60 80.50
N TYR Q 142 45.76 -42.45 79.19
CA TYR Q 142 46.24 -41.28 78.46
C TYR Q 142 45.09 -40.45 77.93
N ARG Q 143 45.19 -39.14 78.12
CA ARG Q 143 44.24 -38.21 77.55
C ARG Q 143 44.35 -38.33 76.04
N LEU Q 144 43.28 -38.04 75.31
CA LEU Q 144 43.36 -38.11 73.86
C LEU Q 144 44.27 -37.00 73.39
N GLY Q 145 45.32 -37.39 72.69
CA GLY Q 145 46.34 -36.45 72.27
C GLY Q 145 47.32 -36.14 73.36
N GLY Q 146 47.11 -36.66 74.56
CA GLY Q 146 48.08 -36.44 75.63
C GLY Q 146 49.21 -37.46 75.61
N ARG Q 147 50.42 -36.99 75.88
CA ARG Q 147 51.59 -37.86 75.96
C ARG Q 147 52.02 -38.17 77.38
N LYS Q 148 51.30 -37.59 78.34
CA LYS Q 148 51.58 -37.77 79.76
C LYS Q 148 50.52 -38.67 80.36
N GLU Q 149 50.95 -39.80 80.91
CA GLU Q 149 50.02 -40.75 81.53
C GLU Q 149 49.36 -40.11 82.73
N ILE Q 150 48.04 -40.20 82.79
CA ILE Q 150 47.27 -39.59 83.86
C ILE Q 150 46.87 -40.65 84.86
N GLU Q 151 46.94 -40.29 86.14
CA GLU Q 151 46.54 -41.17 87.22
C GLU Q 151 45.53 -40.45 88.10
N VAL Q 152 44.42 -41.12 88.39
CA VAL Q 152 43.35 -40.56 89.21
C VAL Q 152 42.93 -41.57 90.27
N ASN Q 153 42.30 -41.06 91.33
CA ASN Q 153 41.83 -41.90 92.42
C ASN Q 153 40.30 -41.93 92.40
N VAL Q 154 39.75 -43.06 91.97
CA VAL Q 154 38.31 -43.20 91.76
C VAL Q 154 37.78 -44.52 92.27
N ARG Q 155 36.76 -44.46 93.12
CA ARG Q 155 36.01 -45.65 93.50
C ARG Q 155 34.87 -45.82 92.50
N ILE Q 156 34.72 -47.02 91.96
CA ILE Q 156 33.74 -47.29 90.91
C ILE Q 156 32.50 -48.00 91.45
N LEU Q 157 31.33 -47.50 91.05
CA LEU Q 157 30.06 -48.14 91.35
C LEU Q 157 29.35 -48.46 90.04
N ALA Q 158 28.69 -49.60 89.97
CA ALA Q 158 28.01 -50.04 88.75
C ALA Q 158 26.65 -50.64 89.05
N ALA Q 159 25.74 -50.58 88.08
CA ALA Q 159 24.42 -51.18 88.22
C ALA Q 159 23.89 -51.69 86.89
N THR Q 160 23.10 -52.76 86.94
CA THR Q 160 22.38 -53.26 85.75
C THR Q 160 21.15 -54.05 86.16
N ASN Q 161 20.13 -54.04 85.29
CA ASN Q 161 18.88 -54.75 85.56
C ASN Q 161 18.87 -56.17 84.98
N ARG Q 162 20.02 -56.62 84.48
CA ARG Q 162 20.15 -57.92 83.83
C ARG Q 162 21.05 -58.82 84.66
N ASN Q 163 21.04 -60.12 84.39
CA ASN Q 163 21.86 -61.05 85.15
C ASN Q 163 23.22 -61.21 84.50
N ILE Q 164 24.23 -60.67 85.17
CA ILE Q 164 25.57 -60.55 84.60
C ILE Q 164 26.39 -61.84 84.62
N LYS Q 165 26.29 -62.64 85.68
CA LYS Q 165 27.02 -63.90 85.74
C LYS Q 165 26.60 -64.84 84.62
N GLU Q 166 25.31 -64.80 84.29
CA GLU Q 166 24.78 -65.63 83.22
C GLU Q 166 25.36 -65.16 81.89
N LEU Q 167 25.40 -63.85 81.69
CA LEU Q 167 25.88 -63.29 80.43
C LEU Q 167 27.33 -63.69 80.21
N VAL Q 168 28.11 -63.75 81.28
CA VAL Q 168 29.50 -64.13 81.16
C VAL Q 168 29.58 -65.57 80.68
N LYS Q 169 28.78 -66.44 81.31
CA LYS Q 169 28.74 -67.84 80.94
C LYS Q 169 28.20 -67.99 79.51
N GLU Q 170 27.42 -67.00 79.07
CA GLU Q 170 26.89 -66.98 77.71
C GLU Q 170 27.83 -66.23 76.75
N GLY Q 171 28.95 -65.73 77.27
CA GLY Q 171 29.93 -65.07 76.43
C GLY Q 171 29.50 -63.69 75.94
N LYS Q 172 28.44 -63.16 76.53
CA LYS Q 172 27.89 -61.87 76.15
C LYS Q 172 28.51 -60.73 76.96
N PHE Q 173 29.30 -61.06 77.97
CA PHE Q 173 30.01 -60.09 78.80
C PHE Q 173 31.42 -60.60 79.06
N ARG Q 174 32.40 -59.71 78.95
CA ARG Q 174 33.81 -60.08 79.08
C ARG Q 174 34.13 -60.67 80.45
N GLU Q 175 34.81 -61.81 80.45
CA GLU Q 175 35.19 -62.49 81.69
C GLU Q 175 36.25 -61.69 82.44
N ASP Q 176 37.21 -61.14 81.71
CA ASP Q 176 38.32 -60.40 82.31
C ASP Q 176 37.84 -59.08 82.90
N LEU Q 177 36.77 -58.53 82.32
CA LEU Q 177 36.22 -57.29 82.82
C LEU Q 177 35.45 -57.52 84.12
N TYR Q 178 34.75 -58.64 84.19
CA TYR Q 178 33.93 -58.97 85.34
C TYR Q 178 34.73 -58.99 86.63
N TYR Q 179 35.91 -59.61 86.60
CA TYR Q 179 36.75 -59.79 87.77
C TYR Q 179 37.36 -58.48 88.25
N ARG Q 180 37.36 -57.46 87.38
CA ARG Q 180 37.86 -56.16 87.78
C ARG Q 180 36.82 -55.35 88.56
N LEU Q 181 35.58 -55.37 88.07
CA LEU Q 181 34.47 -54.65 88.73
C LEU Q 181 33.80 -55.41 89.88
N GLY Q 182 33.85 -56.73 89.82
CA GLY Q 182 33.01 -57.57 90.64
C GLY Q 182 33.58 -57.89 92.01
N VAL Q 183 34.46 -57.03 92.51
CA VAL Q 183 35.04 -57.22 93.83
C VAL Q 183 33.93 -57.47 94.86
N ILE Q 184 32.98 -56.54 94.97
CA ILE Q 184 31.82 -56.72 95.83
C ILE Q 184 30.56 -56.81 95.00
N GLU Q 185 29.75 -57.83 95.28
CA GLU Q 185 28.52 -58.05 94.55
C GLU Q 185 27.34 -58.02 95.50
N ILE Q 186 26.40 -57.13 95.22
CA ILE Q 186 25.21 -56.97 96.02
C ILE Q 186 23.97 -57.24 95.18
N GLU Q 187 23.25 -58.30 95.54
CA GLU Q 187 22.02 -58.68 94.85
C GLU Q 187 20.86 -58.10 95.62
N ILE Q 188 20.05 -57.26 94.96
CA ILE Q 188 18.85 -56.73 95.56
C ILE Q 188 17.66 -57.62 95.19
N PRO Q 189 17.00 -58.21 96.19
CA PRO Q 189 15.85 -59.06 95.89
C PRO Q 189 14.63 -58.24 95.51
N PRO Q 190 13.66 -58.84 94.79
CA PRO Q 190 12.47 -58.09 94.38
C PRO Q 190 11.62 -57.68 95.58
N LEU Q 191 10.46 -57.10 95.33
CA LEU Q 191 9.62 -56.64 96.43
C LEU Q 191 8.83 -57.83 96.91
N ARG Q 192 8.37 -58.65 95.97
CA ARG Q 192 7.63 -59.87 96.30
C ARG Q 192 8.41 -60.82 97.20
N GLU Q 193 9.74 -60.67 97.26
CA GLU Q 193 10.55 -61.45 98.20
C GLU Q 193 10.88 -60.65 99.46
N ARG Q 194 10.46 -59.37 99.48
CA ARG Q 194 10.46 -58.58 100.71
C ARG Q 194 9.03 -58.18 101.02
N LYS Q 195 8.33 -58.97 101.82
CA LYS Q 195 6.91 -58.69 102.07
C LYS Q 195 6.74 -57.60 103.10
N GLU Q 196 7.71 -57.52 104.01
CA GLU Q 196 7.64 -56.59 105.13
C GLU Q 196 7.79 -55.15 104.65
N ASP Q 197 8.43 -54.96 103.50
CA ASP Q 197 8.72 -53.63 102.98
C ASP Q 197 7.55 -52.98 102.26
N ILE Q 198 6.57 -53.78 101.84
CA ILE Q 198 5.49 -53.31 100.99
C ILE Q 198 4.67 -52.16 101.60
N ILE Q 199 4.08 -52.41 102.76
CA ILE Q 199 3.14 -51.45 103.35
C ILE Q 199 3.80 -50.14 103.79
N PRO Q 200 4.96 -50.20 104.47
CA PRO Q 200 5.64 -48.97 104.87
C PRO Q 200 5.92 -48.03 103.70
N LEU Q 201 6.34 -48.60 102.57
CA LEU Q 201 6.59 -47.83 101.36
C LEU Q 201 5.30 -47.17 100.88
N ALA Q 202 4.23 -47.95 100.80
CA ALA Q 202 2.93 -47.44 100.35
C ALA Q 202 2.50 -46.26 101.20
N ASN Q 203 2.68 -46.37 102.52
CA ASN Q 203 2.33 -45.30 103.44
C ASN Q 203 3.25 -44.11 103.22
N HIS Q 204 4.52 -44.38 102.98
CA HIS Q 204 5.51 -43.33 102.73
C HIS Q 204 5.19 -42.53 101.47
N PHE Q 205 4.82 -43.23 100.40
CA PHE Q 205 4.47 -42.56 99.15
C PHE Q 205 3.16 -41.81 99.29
N LEU Q 206 2.21 -42.43 99.96
CA LEU Q 206 0.90 -41.83 100.19
C LEU Q 206 1.00 -40.51 100.94
N LYS Q 207 1.80 -40.51 102.00
CA LYS Q 207 2.00 -39.32 102.80
C LYS Q 207 2.64 -38.21 101.98
N LYS Q 208 3.64 -38.60 101.19
CA LYS Q 208 4.39 -37.67 100.36
C LYS Q 208 3.51 -36.97 99.32
N PHE Q 209 2.71 -37.77 98.60
CA PHE Q 209 1.86 -37.25 97.53
C PHE Q 209 0.68 -36.44 98.05
N SER Q 210 0.15 -36.85 99.20
CA SER Q 210 -0.97 -36.15 99.82
C SER Q 210 -0.59 -34.70 100.11
N ARG Q 211 0.66 -34.47 100.48
CA ARG Q 211 1.14 -33.11 100.73
C ARG Q 211 1.19 -32.32 99.44
N LYS Q 212 1.78 -32.91 98.39
CA LYS Q 212 1.95 -32.21 97.12
C LYS Q 212 0.62 -31.74 96.55
N TYR Q 213 -0.35 -32.64 96.47
CA TYR Q 213 -1.63 -32.35 95.84
C TYR Q 213 -2.68 -31.90 96.85
N ALA Q 214 -2.24 -31.61 98.07
CA ALA Q 214 -3.11 -31.21 99.17
C ALA Q 214 -4.44 -31.97 99.16
N LYS Q 215 -4.39 -33.24 99.54
CA LYS Q 215 -5.57 -34.10 99.59
C LYS Q 215 -5.78 -34.58 101.03
N GLU Q 216 -6.87 -35.29 101.25
CA GLU Q 216 -7.28 -35.66 102.60
C GLU Q 216 -6.86 -37.07 103.03
N VAL Q 217 -6.15 -37.79 102.16
CA VAL Q 217 -5.89 -39.20 102.42
C VAL Q 217 -4.96 -39.42 103.62
N GLU Q 218 -5.24 -40.49 104.36
CA GLU Q 218 -4.51 -40.88 105.57
C GLU Q 218 -3.90 -42.28 105.42
N GLY Q 219 -4.74 -43.27 105.18
CA GLY Q 219 -4.30 -44.65 105.13
C GLY Q 219 -5.17 -45.56 104.26
N PHE Q 220 -4.90 -46.86 104.30
CA PHE Q 220 -5.58 -47.86 103.47
C PHE Q 220 -6.60 -48.67 104.25
N THR Q 221 -7.69 -49.07 103.58
CA THR Q 221 -8.64 -49.98 104.21
C THR Q 221 -7.97 -51.33 104.35
N LYS Q 222 -8.48 -52.13 105.29
CA LYS Q 222 -7.87 -53.42 105.58
C LYS Q 222 -7.97 -54.34 104.37
N SER Q 223 -9.10 -54.25 103.67
CA SER Q 223 -9.37 -55.09 102.50
C SER Q 223 -8.44 -54.78 101.34
N ALA Q 224 -8.08 -53.50 101.19
CA ALA Q 224 -7.18 -53.05 100.13
C ALA Q 224 -5.78 -53.59 100.37
N GLN Q 225 -5.35 -53.55 101.64
CA GLN Q 225 -4.01 -53.98 102.01
C GLN Q 225 -3.77 -55.41 101.59
N GLU Q 226 -4.83 -56.23 101.62
CA GLU Q 226 -4.72 -57.63 101.23
C GLU Q 226 -4.34 -57.76 99.76
N LEU Q 227 -4.90 -56.88 98.94
CA LEU Q 227 -4.63 -56.90 97.51
C LEU Q 227 -3.19 -56.53 97.19
N LEU Q 228 -2.68 -55.48 97.82
CA LEU Q 228 -1.31 -55.02 97.58
C LEU Q 228 -0.29 -56.13 97.81
N LEU Q 229 -0.54 -56.95 98.81
CA LEU Q 229 0.39 -58.01 99.18
C LEU Q 229 0.37 -59.14 98.17
N SER Q 230 -0.77 -59.33 97.50
CA SER Q 230 -0.92 -60.43 96.56
C SER Q 230 -0.56 -60.06 95.13
N TYR Q 231 0.00 -58.86 94.95
CA TYR Q 231 0.43 -58.37 93.65
C TYR Q 231 1.94 -58.58 93.54
N PRO Q 232 2.42 -59.34 92.53
CA PRO Q 232 3.85 -59.68 92.55
C PRO Q 232 4.81 -58.51 92.31
N TRP Q 233 4.30 -57.37 91.83
CA TRP Q 233 5.13 -56.18 91.66
C TRP Q 233 6.29 -56.50 90.75
N TYR Q 234 6.04 -56.53 89.45
CA TYR Q 234 7.06 -56.86 88.49
C TYR Q 234 8.01 -55.67 88.36
N GLY Q 235 7.48 -54.47 88.65
CA GLY Q 235 8.29 -53.28 88.64
C GLY Q 235 8.80 -52.93 90.03
N ASN Q 236 8.41 -53.72 91.02
CA ASN Q 236 8.86 -53.52 92.40
C ASN Q 236 8.55 -52.10 92.90
N VAL Q 237 9.48 -51.47 93.61
CA VAL Q 237 9.19 -50.22 94.32
C VAL Q 237 8.81 -49.08 93.38
N ARG Q 238 9.41 -49.04 92.21
CA ARG Q 238 9.14 -47.99 91.26
C ARG Q 238 7.67 -48.03 90.82
N GLU Q 239 7.15 -49.24 90.67
CA GLU Q 239 5.76 -49.47 90.29
C GLU Q 239 4.83 -49.00 91.40
N LEU Q 240 5.23 -49.26 92.64
CA LEU Q 240 4.45 -48.86 93.81
C LEU Q 240 4.25 -47.36 93.82
N LYS Q 241 5.35 -46.62 93.72
CA LYS Q 241 5.32 -45.16 93.71
C LYS Q 241 4.31 -44.66 92.67
N ASN Q 242 4.25 -45.33 91.52
CA ASN Q 242 3.32 -44.97 90.45
C ASN Q 242 1.86 -45.28 90.81
N VAL Q 243 1.63 -46.43 91.43
CA VAL Q 243 0.29 -46.83 91.85
C VAL Q 243 -0.25 -45.89 92.94
N ILE Q 244 0.60 -45.53 93.90
CA ILE Q 244 0.22 -44.59 94.95
C ILE Q 244 0.00 -43.19 94.37
N GLU Q 245 0.92 -42.74 93.50
CA GLU Q 245 0.81 -41.40 92.91
C GLU Q 245 -0.48 -41.26 92.11
N ARG Q 246 -0.85 -42.32 91.40
CA ARG Q 246 -2.10 -42.33 90.64
C ARG Q 246 -3.31 -42.28 91.57
N ALA Q 247 -3.26 -43.09 92.62
CA ALA Q 247 -4.40 -43.26 93.52
C ALA Q 247 -4.78 -41.99 94.28
N VAL Q 248 -3.78 -41.27 94.79
CA VAL Q 248 -4.02 -40.07 95.60
C VAL Q 248 -4.81 -39.04 94.79
N LEU Q 249 -4.52 -38.97 93.50
CA LEU Q 249 -5.18 -37.99 92.63
C LEU Q 249 -6.67 -38.26 92.54
N PHE Q 250 -7.04 -39.54 92.51
CA PHE Q 250 -8.43 -39.92 92.32
C PHE Q 250 -9.14 -40.13 93.66
N SER Q 251 -8.42 -39.96 94.76
CA SER Q 251 -8.99 -40.19 96.08
C SER Q 251 -10.08 -39.17 96.35
N GLU Q 252 -11.09 -39.59 97.11
CA GLU Q 252 -12.18 -38.71 97.49
C GLU Q 252 -12.18 -38.54 98.99
N GLY Q 253 -12.34 -39.65 99.70
CA GLY Q 253 -12.36 -39.64 101.15
C GLY Q 253 -10.95 -39.63 101.69
N LYS Q 254 -10.80 -40.00 102.96
CA LYS Q 254 -9.48 -40.04 103.60
C LYS Q 254 -8.79 -41.39 103.43
N PHE Q 255 -9.54 -42.42 103.04
CA PHE Q 255 -8.97 -43.76 102.88
C PHE Q 255 -9.30 -44.39 101.53
N ILE Q 256 -8.46 -45.35 101.13
CA ILE Q 256 -8.57 -46.03 99.84
C ILE Q 256 -9.08 -47.45 100.00
N ASP Q 257 -10.15 -47.79 99.28
CA ASP Q 257 -10.73 -49.12 99.40
C ASP Q 257 -10.11 -50.04 98.34
N ARG Q 258 -10.47 -51.31 98.39
CA ARG Q 258 -9.97 -52.30 97.45
C ARG Q 258 -10.43 -51.96 96.03
N GLY Q 259 -11.58 -51.30 95.95
CA GLY Q 259 -12.21 -50.94 94.68
C GLY Q 259 -11.42 -49.96 93.84
N GLU Q 260 -10.78 -49.00 94.49
CA GLU Q 260 -10.03 -47.98 93.78
C GLU Q 260 -8.80 -48.58 93.13
N LEU Q 261 -8.32 -49.69 93.67
CA LEU Q 261 -7.17 -50.39 93.10
C LEU Q 261 -7.61 -51.22 91.90
N SER Q 262 -8.87 -51.68 91.93
CA SER Q 262 -9.39 -52.56 90.90
C SER Q 262 -9.20 -51.91 89.53
N CYS Q 263 -9.36 -50.59 89.48
CA CYS Q 263 -9.21 -49.89 88.22
C CYS Q 263 -7.72 -49.84 87.84
N LEU Q 264 -6.87 -49.95 88.86
CA LEU Q 264 -5.42 -49.95 88.67
C LEU Q 264 -4.84 -51.35 88.38
N VAL Q 265 -5.53 -52.40 88.81
CA VAL Q 265 -4.98 -53.77 88.72
C VAL Q 265 -5.81 -54.61 87.76
N GLU R 19 -10.54 -23.64 71.76
CA GLU R 19 -11.56 -24.63 72.05
C GLU R 19 -11.78 -25.61 70.89
N TYR R 20 -11.78 -26.89 71.23
CA TYR R 20 -11.90 -27.98 70.25
C TYR R 20 -13.31 -28.57 70.30
N VAL R 21 -13.56 -29.61 69.50
CA VAL R 21 -14.90 -30.18 69.40
C VAL R 21 -14.88 -31.52 70.14
N PHE R 22 -15.70 -31.63 71.19
CA PHE R 22 -15.80 -32.86 71.97
C PHE R 22 -17.25 -33.30 72.23
N GLU R 23 -17.87 -33.99 71.27
CA GLU R 23 -19.28 -34.34 71.43
C GLU R 23 -19.58 -35.78 71.87
N SER R 24 -18.67 -36.72 71.62
CA SER R 24 -18.96 -38.12 71.97
C SER R 24 -18.85 -38.36 73.48
N PRO R 25 -19.63 -39.33 74.02
CA PRO R 25 -19.54 -39.63 75.45
C PRO R 25 -18.15 -40.06 75.91
N LYS R 26 -17.45 -40.85 75.09
CA LYS R 26 -16.08 -41.24 75.40
C LYS R 26 -15.17 -40.04 75.61
N MET R 27 -15.15 -39.11 74.67
CA MET R 27 -14.24 -37.96 74.79
C MET R 27 -14.70 -36.95 75.85
N LYS R 28 -16.01 -36.82 76.01
CA LYS R 28 -16.57 -35.95 77.03
C LYS R 28 -16.09 -36.35 78.44
N GLU R 29 -16.10 -37.66 78.73
CA GLU R 29 -15.72 -38.16 80.06
C GLU R 29 -14.22 -38.15 80.36
N ILE R 30 -13.40 -38.43 79.35
CA ILE R 30 -11.95 -38.34 79.50
C ILE R 30 -11.55 -36.91 79.87
N LEU R 31 -12.25 -35.95 79.30
CA LEU R 31 -12.01 -34.54 79.56
C LEU R 31 -12.21 -34.20 81.04
N GLU R 32 -13.28 -34.70 81.63
CA GLU R 32 -13.52 -34.49 83.05
C GLU R 32 -12.33 -35.04 83.85
N LYS R 33 -11.87 -36.23 83.48
CA LYS R 33 -10.73 -36.85 84.18
C LYS R 33 -9.52 -35.94 84.07
N ILE R 34 -9.30 -35.40 82.87
CA ILE R 34 -8.18 -34.49 82.60
C ILE R 34 -8.26 -33.31 83.55
N LYS R 35 -9.45 -32.75 83.72
CA LYS R 35 -9.61 -31.61 84.61
C LYS R 35 -9.13 -31.93 86.02
N LYS R 36 -9.44 -33.12 86.53
CA LYS R 36 -8.99 -33.50 87.86
C LYS R 36 -7.49 -33.74 88.02
N ILE R 37 -6.82 -34.21 86.97
CA ILE R 37 -5.40 -34.56 87.07
C ILE R 37 -4.48 -33.38 86.74
N SER R 38 -5.08 -32.25 86.39
CA SER R 38 -4.36 -31.05 85.97
C SER R 38 -3.25 -30.63 86.93
N CYS R 39 -3.44 -30.97 88.20
CA CYS R 39 -2.55 -30.53 89.26
C CYS R 39 -1.36 -31.45 89.49
N ALA R 40 -1.24 -32.55 88.73
CA ALA R 40 -0.04 -33.38 88.86
C ALA R 40 1.10 -33.05 87.91
N GLU R 41 2.26 -33.61 88.24
CA GLU R 41 3.50 -33.44 87.51
C GLU R 41 3.98 -34.71 86.79
N CYS R 42 3.28 -35.81 87.00
CA CYS R 42 3.74 -37.11 86.48
C CYS R 42 3.46 -37.36 84.99
N PRO R 43 4.19 -38.32 84.39
CA PRO R 43 4.05 -38.62 82.97
C PRO R 43 2.70 -39.25 82.59
N VAL R 44 2.33 -39.13 81.32
CA VAL R 44 1.12 -39.71 80.77
C VAL R 44 1.43 -40.54 79.53
N LEU R 45 0.86 -41.74 79.42
CA LEU R 45 1.04 -42.54 78.21
C LEU R 45 -0.25 -42.56 77.41
N ILE R 46 -0.23 -41.94 76.25
CA ILE R 46 -1.41 -41.87 75.39
C ILE R 46 -1.35 -42.86 74.25
N THR R 47 -2.36 -43.72 74.13
CA THR R 47 -2.32 -44.80 73.15
C THR R 47 -3.56 -44.63 72.29
N GLY R 48 -3.56 -45.23 71.11
CA GLY R 48 -4.68 -45.14 70.20
C GLY R 48 -4.24 -45.20 68.75
N GLU R 49 -5.17 -45.45 67.83
CA GLU R 49 -4.82 -45.51 66.42
C GLU R 49 -4.28 -44.17 65.94
N SER R 50 -3.65 -44.17 64.76
CA SER R 50 -3.09 -42.96 64.18
C SER R 50 -4.17 -41.99 63.73
N GLY R 51 -3.93 -40.69 63.90
CA GLY R 51 -4.87 -39.68 63.45
C GLY R 51 -6.08 -39.46 64.37
N VAL R 52 -5.98 -39.94 65.59
CA VAL R 52 -7.12 -39.93 66.52
C VAL R 52 -7.25 -38.65 67.34
N GLY R 53 -6.17 -37.89 67.48
CA GLY R 53 -6.23 -36.66 68.25
C GLY R 53 -5.44 -36.72 69.54
N LYS R 54 -4.43 -37.58 69.56
CA LYS R 54 -3.58 -37.77 70.73
C LYS R 54 -2.85 -36.48 71.06
N GLU R 55 -2.35 -35.83 70.02
CA GLU R 55 -1.63 -34.57 70.14
C GLU R 55 -2.54 -33.45 70.60
N VAL R 56 -3.80 -33.50 70.15
CA VAL R 56 -4.78 -32.51 70.58
C VAL R 56 -5.00 -32.59 72.09
N VAL R 57 -5.12 -33.80 72.59
CA VAL R 57 -5.34 -34.05 74.02
C VAL R 57 -4.19 -33.52 74.85
N ALA R 58 -2.98 -33.77 74.37
CA ALA R 58 -1.77 -33.30 75.02
C ALA R 58 -1.75 -31.78 75.20
N ARG R 59 -2.14 -31.06 74.16
CA ARG R 59 -2.16 -29.60 74.22
C ARG R 59 -3.09 -29.11 75.33
N LEU R 60 -4.27 -29.71 75.44
CA LEU R 60 -5.22 -29.31 76.49
C LEU R 60 -4.63 -29.57 77.86
N ILE R 61 -3.93 -30.68 78.02
CA ILE R 61 -3.34 -31.00 79.31
C ILE R 61 -2.39 -29.88 79.71
N HIS R 62 -1.64 -29.36 78.75
CA HIS R 62 -0.72 -28.26 79.03
C HIS R 62 -1.53 -27.02 79.38
N LYS R 63 -2.59 -26.79 78.60
CA LYS R 63 -3.44 -25.62 78.75
C LYS R 63 -4.12 -25.59 80.10
N LEU R 64 -4.45 -26.78 80.60
CA LEU R 64 -5.13 -26.90 81.88
C LEU R 64 -4.19 -27.05 83.07
N SER R 65 -2.88 -27.12 82.81
CA SER R 65 -1.94 -27.31 83.91
C SER R 65 -1.48 -25.96 84.48
N ASP R 66 -0.67 -26.01 85.54
CA ASP R 66 -0.12 -24.80 86.14
C ASP R 66 1.05 -24.21 85.35
N ARG R 67 1.50 -24.93 84.33
CA ARG R 67 2.59 -24.50 83.47
C ARG R 67 2.08 -24.02 82.12
N SER R 68 0.77 -23.81 82.02
CA SER R 68 0.13 -23.48 80.75
C SER R 68 0.81 -22.30 80.06
N LYS R 69 1.33 -21.37 80.85
CA LYS R 69 1.95 -20.16 80.31
C LYS R 69 3.43 -20.42 79.97
N GLU R 70 3.94 -21.56 80.40
CA GLU R 70 5.33 -21.96 80.13
C GLU R 70 5.41 -22.70 78.79
N PRO R 71 6.63 -22.85 78.22
CA PRO R 71 6.73 -23.42 76.87
C PRO R 71 6.30 -24.88 76.72
N PHE R 72 5.76 -25.19 75.55
CA PHE R 72 5.38 -26.55 75.16
C PHE R 72 6.19 -26.96 73.92
N VAL R 73 6.97 -28.04 74.05
CA VAL R 73 7.86 -28.48 72.99
C VAL R 73 7.53 -29.87 72.44
N ALA R 74 7.22 -29.93 71.15
CA ALA R 74 6.89 -31.20 70.48
C ALA R 74 8.05 -31.66 69.61
N LEU R 75 8.44 -32.92 69.78
CA LEU R 75 9.51 -33.57 69.02
C LEU R 75 9.11 -34.98 68.60
N ASN R 76 9.34 -35.37 67.34
CA ASN R 76 9.09 -36.76 66.97
C ASN R 76 10.39 -37.54 67.08
N VAL R 77 10.40 -38.42 68.08
CA VAL R 77 11.56 -39.19 68.50
C VAL R 77 12.06 -40.20 67.47
N ALA R 78 11.16 -40.68 66.63
CA ALA R 78 11.50 -41.69 65.63
C ALA R 78 12.27 -41.08 64.47
N SER R 79 11.88 -39.88 64.07
CA SER R 79 12.39 -39.28 62.85
C SER R 79 13.83 -38.80 63.02
N ILE R 80 14.34 -38.78 64.25
CA ILE R 80 15.70 -38.34 64.49
C ILE R 80 16.74 -39.41 64.11
N PRO R 81 17.74 -39.05 63.27
CA PRO R 81 18.90 -39.89 62.92
C PRO R 81 19.80 -40.15 64.13
N ARG R 82 20.38 -41.35 64.20
CA ARG R 82 21.15 -41.77 65.35
C ARG R 82 22.38 -40.97 65.74
N ASP R 83 23.19 -40.51 64.78
CA ASP R 83 24.42 -39.79 65.13
C ASP R 83 24.21 -38.39 65.74
N ILE R 84 23.14 -37.74 65.32
CA ILE R 84 22.76 -36.40 65.77
C ILE R 84 21.92 -36.47 67.04
N PHE R 85 21.15 -37.55 67.19
CA PHE R 85 20.20 -37.71 68.29
C PHE R 85 20.76 -37.55 69.69
N GLU R 86 21.80 -38.26 70.07
CA GLU R 86 22.26 -38.11 71.44
C GLU R 86 22.58 -36.62 71.63
N ALA R 87 23.23 -36.05 70.60
CA ALA R 87 23.66 -34.65 70.59
C ALA R 87 22.49 -33.66 70.56
N GLU R 88 21.46 -34.03 69.80
CA GLU R 88 20.28 -33.20 69.58
C GLU R 88 19.39 -33.14 70.82
N LEU R 89 19.31 -34.28 71.49
CA LEU R 89 18.46 -34.47 72.64
C LEU R 89 19.05 -33.80 73.90
N PHE R 90 20.33 -34.05 74.17
CA PHE R 90 20.96 -33.58 75.40
C PHE R 90 21.67 -32.26 75.17
N GLY R 91 21.89 -31.90 73.90
CA GLY R 91 22.65 -30.70 73.60
C GLY R 91 24.15 -30.96 73.62
N TYR R 92 24.94 -29.93 73.34
CA TYR R 92 26.39 -30.04 73.30
C TYR R 92 27.07 -28.70 73.56
N GLU R 93 28.32 -28.77 74.01
CA GLU R 93 29.14 -27.59 74.26
C GLU R 93 30.13 -27.41 73.11
N LYS R 94 30.88 -26.31 73.12
CA LYS R 94 31.76 -25.98 72.02
C LYS R 94 32.74 -27.09 71.65
N GLY R 95 32.55 -27.61 70.46
CA GLY R 95 33.34 -28.71 69.94
C GLY R 95 32.94 -29.96 70.68
N ALA R 96 33.80 -30.95 70.55
CA ALA R 96 33.75 -32.24 71.22
C ALA R 96 33.06 -33.25 70.33
N PHE R 97 32.31 -32.76 69.34
CA PHE R 97 31.60 -33.65 68.43
C PHE R 97 31.92 -33.42 66.95
N THR R 98 33.03 -33.99 66.49
CA THR R 98 33.57 -33.87 65.12
C THR R 98 33.04 -32.62 64.40
N GLY R 99 32.97 -31.49 65.09
CA GLY R 99 32.52 -30.26 64.46
C GLY R 99 31.86 -29.49 65.55
N ALA R 100 30.82 -28.73 65.21
CA ALA R 100 30.16 -27.90 66.21
C ALA R 100 31.18 -26.98 66.87
N VAL R 101 31.45 -25.91 66.15
CA VAL R 101 32.40 -24.87 66.50
C VAL R 101 31.85 -24.10 67.70
N SER R 102 30.53 -24.14 67.88
CA SER R 102 29.92 -23.41 68.98
C SER R 102 29.05 -24.34 69.82
N SER R 103 28.48 -23.79 70.89
CA SER R 103 27.55 -24.52 71.74
C SER R 103 26.11 -24.26 71.47
N LYS R 104 25.33 -25.34 71.52
CA LYS R 104 23.93 -25.28 71.17
C LYS R 104 23.09 -25.99 72.23
N GLU R 105 21.98 -25.38 72.62
CA GLU R 105 21.01 -26.00 73.53
C GLU R 105 20.38 -27.22 72.88
N GLY R 106 19.78 -28.10 73.68
CA GLY R 106 19.10 -29.27 73.14
C GLY R 106 17.63 -29.09 73.48
N PHE R 107 16.78 -29.96 72.96
CA PHE R 107 15.35 -29.84 73.25
C PHE R 107 14.98 -29.93 74.74
N PHE R 108 15.72 -30.76 75.46
CA PHE R 108 15.51 -30.93 76.89
C PHE R 108 15.72 -29.64 77.68
N GLU R 109 16.80 -28.94 77.37
CA GLU R 109 17.16 -27.68 77.99
C GLU R 109 16.20 -26.55 77.61
N LEU R 110 15.86 -26.51 76.32
CA LEU R 110 14.97 -25.50 75.76
C LEU R 110 13.57 -25.60 76.35
N ALA R 111 13.17 -26.80 76.77
CA ALA R 111 11.84 -27.00 77.32
C ALA R 111 11.79 -26.78 78.84
N ASP R 112 12.91 -26.37 79.43
CA ASP R 112 13.01 -26.16 80.88
C ASP R 112 11.86 -25.31 81.42
N GLY R 113 11.21 -25.81 82.47
CA GLY R 113 10.08 -25.11 83.07
C GLY R 113 8.75 -25.50 82.45
N GLY R 114 8.83 -26.11 81.27
CA GLY R 114 7.67 -26.42 80.45
C GLY R 114 7.32 -27.90 80.34
N THR R 115 6.78 -28.27 79.18
CA THR R 115 6.27 -29.61 78.93
C THR R 115 6.89 -30.15 77.65
N LEU R 116 7.30 -31.42 77.67
CA LEU R 116 7.90 -32.07 76.50
C LEU R 116 7.03 -33.24 75.99
N PHE R 117 6.64 -33.17 74.72
CA PHE R 117 5.82 -34.20 74.07
C PHE R 117 6.57 -35.03 73.05
N LEU R 118 6.69 -36.33 73.30
CA LEU R 118 7.33 -37.24 72.37
C LEU R 118 6.32 -38.12 71.66
N ASP R 119 6.07 -37.82 70.38
CA ASP R 119 5.16 -38.65 69.61
C ASP R 119 5.81 -39.87 68.97
N GLU R 120 5.01 -40.92 68.87
CA GLU R 120 5.39 -42.21 68.30
C GLU R 120 6.56 -42.87 69.01
N ILE R 121 6.53 -42.90 70.34
CA ILE R 121 7.67 -43.43 71.08
C ILE R 121 7.89 -44.89 70.68
N GLY R 122 6.84 -45.54 70.21
CA GLY R 122 6.90 -46.94 69.83
C GLY R 122 7.78 -47.28 68.65
N GLU R 123 8.07 -46.29 67.81
CA GLU R 123 8.88 -46.52 66.62
C GLU R 123 10.37 -46.38 66.95
N LEU R 124 10.65 -46.04 68.20
CA LEU R 124 12.02 -45.84 68.64
C LEU R 124 12.79 -47.16 68.71
N SER R 125 14.07 -47.10 68.38
CA SER R 125 14.92 -48.29 68.41
C SER R 125 15.28 -48.64 69.85
N LEU R 126 15.33 -49.94 70.13
CA LEU R 126 15.61 -50.45 71.46
C LEU R 126 16.92 -49.86 72.01
N GLU R 127 17.89 -49.70 71.13
CA GLU R 127 19.18 -49.13 71.50
C GLU R 127 19.06 -47.69 71.98
N ALA R 128 18.24 -46.91 71.30
CA ALA R 128 17.94 -45.53 71.69
C ALA R 128 17.11 -45.40 72.97
N GLN R 129 16.20 -46.35 73.19
CA GLN R 129 15.34 -46.32 74.36
C GLN R 129 16.16 -46.32 75.64
N ALA R 130 17.21 -47.13 75.66
CA ALA R 130 18.04 -47.35 76.83
C ALA R 130 18.70 -46.05 77.30
N LYS R 131 18.88 -45.14 76.35
CA LYS R 131 19.56 -43.88 76.58
C LYS R 131 18.72 -42.94 77.46
N LEU R 132 17.45 -42.82 77.11
CA LEU R 132 16.51 -41.93 77.77
C LEU R 132 16.23 -42.19 79.26
N LEU R 133 16.72 -43.31 79.79
CA LEU R 133 16.24 -43.79 81.09
C LEU R 133 16.52 -42.87 82.27
N ARG R 134 17.78 -42.47 82.46
CA ARG R 134 18.10 -41.58 83.57
C ARG R 134 17.40 -40.23 83.54
N VAL R 135 17.28 -39.66 82.34
CA VAL R 135 16.68 -38.35 82.18
C VAL R 135 15.19 -38.27 82.53
N ILE R 136 14.42 -39.29 82.16
CA ILE R 136 12.99 -39.31 82.44
C ILE R 136 12.65 -39.43 83.93
N GLU R 137 13.47 -40.17 84.65
CA GLU R 137 13.27 -40.40 86.07
C GLU R 137 13.69 -39.23 86.96
N SER R 138 14.79 -38.57 86.61
CA SER R 138 15.39 -37.63 87.54
C SER R 138 15.63 -36.26 86.91
N GLY R 139 15.37 -36.16 85.61
CA GLY R 139 15.63 -34.92 84.93
C GLY R 139 17.07 -34.47 84.82
N LYS R 140 18.06 -35.36 84.99
CA LYS R 140 19.44 -34.91 84.93
C LYS R 140 20.27 -35.64 83.87
N PHE R 141 21.23 -34.87 83.35
CA PHE R 141 22.19 -35.32 82.35
C PHE R 141 23.34 -34.32 82.26
N TYR R 142 24.38 -34.67 81.52
CA TYR R 142 25.47 -33.74 81.25
C TYR R 142 25.33 -33.41 79.79
N ARG R 143 25.58 -32.16 79.41
CA ARG R 143 25.60 -31.85 77.99
C ARG R 143 26.76 -32.57 77.31
N LEU R 144 26.76 -32.64 75.99
CA LEU R 144 27.90 -33.21 75.27
C LEU R 144 29.15 -32.37 75.49
N GLY R 145 30.18 -33.00 76.03
CA GLY R 145 31.43 -32.34 76.32
C GLY R 145 31.26 -31.40 77.49
N GLY R 146 30.25 -31.66 78.31
CA GLY R 146 29.92 -30.80 79.43
C GLY R 146 30.46 -31.51 80.64
N ARG R 147 30.74 -30.78 81.72
CA ARG R 147 31.24 -31.40 82.94
C ARG R 147 30.38 -30.94 84.13
N LYS R 148 29.51 -29.98 83.87
CA LYS R 148 28.57 -29.44 84.84
C LYS R 148 27.21 -30.12 84.72
N GLU R 149 26.83 -30.91 85.72
CA GLU R 149 25.62 -31.71 85.65
C GLU R 149 24.45 -30.75 85.60
N ILE R 150 23.45 -31.10 84.79
CA ILE R 150 22.28 -30.25 84.62
C ILE R 150 21.02 -30.90 85.16
N GLU R 151 20.20 -30.05 85.78
CA GLU R 151 18.91 -30.43 86.34
C GLU R 151 17.78 -29.57 85.80
N VAL R 152 16.72 -30.22 85.33
CA VAL R 152 15.54 -29.53 84.81
C VAL R 152 14.26 -30.15 85.36
N ASN R 153 13.17 -29.40 85.26
CA ASN R 153 11.86 -29.86 85.68
C ASN R 153 10.89 -29.83 84.50
N VAL R 154 10.74 -30.99 83.85
CA VAL R 154 9.96 -31.10 82.63
C VAL R 154 8.99 -32.28 82.70
N ARG R 155 7.71 -31.97 82.51
CA ARG R 155 6.64 -32.96 82.46
C ARG R 155 6.68 -33.67 81.12
N ILE R 156 6.52 -34.99 81.16
CA ILE R 156 6.64 -35.84 79.99
C ILE R 156 5.28 -36.34 79.55
N LEU R 157 4.99 -36.12 78.28
CA LEU R 157 3.80 -36.62 77.65
C LEU R 157 4.27 -37.51 76.52
N ALA R 158 3.62 -38.65 76.35
CA ALA R 158 4.00 -39.60 75.33
C ALA R 158 2.82 -40.09 74.50
N ALA R 159 3.13 -40.48 73.28
CA ALA R 159 2.16 -41.01 72.35
C ALA R 159 2.72 -42.23 71.65
N THR R 160 1.83 -43.13 71.25
CA THR R 160 2.21 -44.30 70.47
C THR R 160 0.97 -44.72 69.73
N ASN R 161 1.16 -45.25 68.51
CA ASN R 161 0.05 -45.84 67.78
C ASN R 161 0.03 -47.36 67.86
N ARG R 162 0.89 -47.92 68.70
CA ARG R 162 0.99 -49.35 68.85
C ARG R 162 0.46 -49.67 70.23
N ASN R 163 0.39 -50.95 70.59
CA ASN R 163 -0.09 -51.33 71.92
C ASN R 163 1.14 -51.57 72.76
N ILE R 164 1.42 -50.65 73.68
CA ILE R 164 2.65 -50.75 74.44
C ILE R 164 2.72 -51.92 75.43
N LYS R 165 1.63 -52.17 76.16
CA LYS R 165 1.63 -53.31 77.10
C LYS R 165 2.03 -54.60 76.41
N GLU R 166 1.46 -54.80 75.21
CA GLU R 166 1.73 -55.94 74.34
C GLU R 166 3.19 -55.99 73.88
N LEU R 167 3.64 -54.87 73.36
CA LEU R 167 4.98 -54.72 72.79
C LEU R 167 6.13 -55.06 73.75
N VAL R 168 5.90 -54.89 75.04
CA VAL R 168 6.92 -55.19 76.02
C VAL R 168 7.12 -56.70 76.10
N LYS R 169 6.03 -57.44 76.22
CA LYS R 169 6.07 -58.90 76.33
C LYS R 169 6.76 -59.59 75.14
N GLU R 170 6.79 -58.91 73.99
CA GLU R 170 7.47 -59.44 72.80
C GLU R 170 8.95 -59.04 72.72
N GLY R 171 9.44 -58.32 73.73
CA GLY R 171 10.84 -57.93 73.79
C GLY R 171 11.18 -56.81 72.83
N LYS R 172 10.14 -56.17 72.31
CA LYS R 172 10.27 -55.08 71.34
C LYS R 172 10.43 -53.72 72.03
N PHE R 173 10.02 -53.68 73.30
CA PHE R 173 10.09 -52.48 74.13
C PHE R 173 10.68 -52.78 75.50
N ARG R 174 11.63 -51.97 75.93
CA ARG R 174 12.26 -52.18 77.22
C ARG R 174 11.24 -52.09 78.36
N GLU R 175 11.33 -53.04 79.29
CA GLU R 175 10.43 -53.12 80.42
C GLU R 175 10.65 -51.99 81.43
N ASP R 176 11.91 -51.70 81.71
CA ASP R 176 12.28 -50.67 82.67
C ASP R 176 11.75 -49.33 82.19
N LEU R 177 11.86 -49.10 80.89
CA LEU R 177 11.38 -47.87 80.27
C LEU R 177 9.86 -47.73 80.43
N TYR R 178 9.12 -48.81 80.22
CA TYR R 178 7.66 -48.80 80.29
C TYR R 178 7.14 -48.22 81.59
N TYR R 179 7.75 -48.63 82.70
CA TYR R 179 7.32 -48.21 84.03
C TYR R 179 7.53 -46.74 84.37
N ARG R 180 8.59 -46.09 83.89
CA ARG R 180 8.72 -44.68 84.17
C ARG R 180 7.65 -43.83 83.46
N LEU R 181 7.37 -44.20 82.21
CA LEU R 181 6.41 -43.51 81.33
C LEU R 181 4.92 -43.78 81.58
N GLY R 182 4.63 -44.99 82.03
CA GLY R 182 3.28 -45.51 82.15
C GLY R 182 2.41 -45.28 83.37
N VAL R 183 2.76 -44.35 84.25
CA VAL R 183 1.92 -44.10 85.42
C VAL R 183 0.43 -43.96 85.06
N ILE R 184 0.11 -42.98 84.21
CA ILE R 184 -1.23 -42.83 83.62
C ILE R 184 -1.34 -43.22 82.15
N GLU R 185 -2.33 -44.04 81.79
CA GLU R 185 -2.44 -44.50 80.41
C GLU R 185 -3.88 -44.31 79.96
N ILE R 186 -4.04 -43.60 78.85
CA ILE R 186 -5.35 -43.31 78.27
C ILE R 186 -5.44 -43.78 76.82
N GLU R 187 -6.42 -44.63 76.55
CA GLU R 187 -6.66 -45.13 75.20
C GLU R 187 -7.76 -44.32 74.54
N ILE R 188 -7.43 -43.77 73.37
CA ILE R 188 -8.36 -42.99 72.56
C ILE R 188 -8.97 -43.76 71.40
N PRO R 189 -10.30 -43.98 71.40
CA PRO R 189 -10.86 -44.81 70.31
C PRO R 189 -10.79 -43.98 69.04
N PRO R 190 -10.73 -44.60 67.86
CA PRO R 190 -10.60 -43.67 66.73
C PRO R 190 -11.78 -42.75 66.36
N LEU R 191 -12.86 -43.28 65.82
CA LEU R 191 -13.99 -42.45 65.42
C LEU R 191 -15.32 -43.19 65.42
N ARG R 192 -15.28 -44.42 64.93
CA ARG R 192 -16.46 -45.28 64.82
C ARG R 192 -17.20 -45.55 66.13
N GLU R 193 -16.53 -45.30 67.26
CA GLU R 193 -17.19 -45.48 68.55
C GLU R 193 -17.61 -44.10 69.04
N ARG R 194 -17.41 -43.10 68.16
CA ARG R 194 -17.77 -41.72 68.42
C ARG R 194 -18.40 -41.14 67.15
N LYS R 195 -19.52 -41.71 66.73
CA LYS R 195 -20.16 -41.32 65.47
C LYS R 195 -20.65 -39.88 65.43
N GLU R 196 -20.86 -39.33 66.63
CA GLU R 196 -21.36 -37.96 66.82
C GLU R 196 -20.40 -36.81 66.49
N ASP R 197 -19.11 -37.10 66.44
CA ASP R 197 -18.10 -36.08 66.19
C ASP R 197 -17.90 -35.72 64.72
N ILE R 198 -18.27 -36.63 63.83
CA ILE R 198 -17.93 -36.50 62.42
C ILE R 198 -18.45 -35.19 61.81
N ILE R 199 -19.75 -34.96 61.87
CA ILE R 199 -20.37 -33.79 61.24
C ILE R 199 -19.91 -32.45 61.86
N PRO R 200 -19.88 -32.35 63.21
CA PRO R 200 -19.39 -31.14 63.90
C PRO R 200 -17.98 -30.71 63.52
N LEU R 201 -17.08 -31.69 63.42
CA LEU R 201 -15.70 -31.49 62.99
C LEU R 201 -15.57 -30.91 61.58
N ALA R 202 -16.28 -31.48 60.62
CA ALA R 202 -16.17 -31.06 59.22
C ALA R 202 -16.47 -29.56 59.04
N ASN R 203 -17.48 -29.05 59.73
CA ASN R 203 -17.84 -27.63 59.59
C ASN R 203 -16.75 -26.71 60.15
N HIS R 204 -16.14 -27.11 61.27
CA HIS R 204 -15.07 -26.34 61.87
C HIS R 204 -13.91 -26.22 60.89
N PHE R 205 -13.56 -27.33 60.25
CA PHE R 205 -12.46 -27.39 59.30
C PHE R 205 -12.83 -26.61 58.05
N LEU R 206 -14.09 -26.75 57.64
CA LEU R 206 -14.63 -26.04 56.48
C LEU R 206 -14.43 -24.54 56.65
N LYS R 207 -14.84 -24.03 57.80
CA LYS R 207 -14.71 -22.61 58.12
C LYS R 207 -13.26 -22.12 58.01
N LYS R 208 -12.32 -22.80 58.65
CA LYS R 208 -10.90 -22.42 58.57
C LYS R 208 -10.43 -22.26 57.10
N PHE R 209 -10.58 -23.31 56.29
CA PHE R 209 -10.11 -23.28 54.90
C PHE R 209 -10.94 -22.39 53.98
N SER R 210 -12.22 -22.21 54.30
CA SER R 210 -13.07 -21.35 53.49
C SER R 210 -12.57 -19.92 53.62
N ARG R 211 -12.24 -19.54 54.85
CA ARG R 211 -11.69 -18.23 55.16
C ARG R 211 -10.29 -18.04 54.57
N LYS R 212 -9.43 -19.02 54.82
CA LYS R 212 -8.03 -18.96 54.37
C LYS R 212 -7.86 -18.64 52.89
N TYR R 213 -8.70 -19.26 52.06
CA TYR R 213 -8.60 -19.15 50.60
C TYR R 213 -9.65 -18.29 49.89
N ALA R 214 -10.41 -17.48 50.64
CA ALA R 214 -11.41 -16.59 50.05
C ALA R 214 -12.38 -17.30 49.08
N LYS R 215 -13.13 -18.28 49.57
CA LYS R 215 -14.09 -19.03 48.75
C LYS R 215 -15.54 -18.71 49.15
N GLU R 216 -16.49 -19.07 48.28
CA GLU R 216 -17.90 -18.77 48.52
C GLU R 216 -18.69 -19.92 49.12
N VAL R 217 -18.01 -20.92 49.67
CA VAL R 217 -18.68 -22.08 50.24
C VAL R 217 -19.21 -21.72 51.63
N GLU R 218 -20.48 -22.01 51.91
CA GLU R 218 -21.07 -21.67 53.21
C GLU R 218 -21.53 -22.87 54.04
N GLY R 219 -21.75 -24.02 53.40
CA GLY R 219 -22.22 -25.19 54.13
C GLY R 219 -22.16 -26.46 53.30
N PHE R 220 -22.68 -27.56 53.83
CA PHE R 220 -22.66 -28.84 53.12
C PHE R 220 -24.05 -29.26 52.65
N THR R 221 -24.08 -29.87 51.47
CA THR R 221 -25.26 -30.52 50.93
C THR R 221 -25.69 -31.77 51.70
N LYS R 222 -26.93 -32.19 51.49
CA LYS R 222 -27.48 -33.37 52.16
C LYS R 222 -26.67 -34.60 51.74
N SER R 223 -26.29 -34.64 50.47
CA SER R 223 -25.54 -35.75 49.89
C SER R 223 -24.17 -35.82 50.54
N ALA R 224 -23.59 -34.65 50.81
CA ALA R 224 -22.30 -34.56 51.50
C ALA R 224 -22.45 -35.20 52.88
N GLN R 225 -23.55 -34.90 53.56
CA GLN R 225 -23.82 -35.44 54.90
C GLN R 225 -23.87 -36.96 54.87
N GLU R 226 -24.50 -37.54 53.85
CA GLU R 226 -24.64 -39.00 53.73
C GLU R 226 -23.29 -39.72 53.64
N LEU R 227 -22.34 -39.14 52.91
CA LEU R 227 -21.00 -39.70 52.78
C LEU R 227 -20.31 -39.72 54.16
N LEU R 228 -20.43 -38.61 54.89
CA LEU R 228 -19.87 -38.45 56.23
C LEU R 228 -20.26 -39.55 57.25
N LEU R 229 -21.51 -39.99 57.27
CA LEU R 229 -21.93 -41.00 58.27
C LEU R 229 -21.30 -42.37 58.00
N SER R 230 -21.07 -42.73 56.75
CA SER R 230 -20.50 -44.04 56.45
C SER R 230 -19.02 -43.79 56.67
N TYR R 231 -18.43 -44.54 57.59
CA TYR R 231 -17.01 -44.44 57.98
C TYR R 231 -15.79 -45.04 57.20
N PRO R 232 -15.59 -44.73 55.89
CA PRO R 232 -14.45 -45.42 55.28
C PRO R 232 -13.18 -44.63 55.70
N TRP R 233 -13.05 -44.25 56.97
CA TRP R 233 -11.88 -43.52 57.46
C TRP R 233 -10.81 -44.28 58.23
N TYR R 234 -10.06 -45.13 57.57
CA TYR R 234 -8.99 -45.86 58.25
C TYR R 234 -7.89 -44.89 58.71
N GLY R 235 -7.82 -43.72 58.08
CA GLY R 235 -6.90 -42.66 58.49
C GLY R 235 -7.44 -41.69 59.54
N ASN R 236 -8.71 -41.86 59.90
CA ASN R 236 -9.36 -41.10 60.97
C ASN R 236 -9.39 -39.57 60.76
N VAL R 237 -9.24 -38.80 61.84
CA VAL R 237 -9.43 -37.34 61.79
C VAL R 237 -8.50 -36.54 60.89
N ARG R 238 -7.23 -36.94 60.82
CA ARG R 238 -6.23 -36.23 60.02
C ARG R 238 -6.55 -36.30 58.51
N GLU R 239 -7.01 -37.45 58.06
CA GLU R 239 -7.36 -37.65 56.65
C GLU R 239 -8.54 -36.75 56.29
N LEU R 240 -9.50 -36.65 57.20
CA LEU R 240 -10.66 -35.79 57.02
C LEU R 240 -10.19 -34.35 56.80
N LYS R 241 -9.26 -33.89 57.63
CA LYS R 241 -8.78 -32.51 57.58
C LYS R 241 -8.18 -32.22 56.21
N ASN R 242 -7.29 -33.11 55.79
CA ASN R 242 -6.61 -33.00 54.51
C ASN R 242 -7.64 -33.02 53.38
N VAL R 243 -8.65 -33.87 53.50
CA VAL R 243 -9.70 -34.02 52.48
C VAL R 243 -10.53 -32.73 52.35
N ILE R 244 -10.89 -32.11 53.46
CA ILE R 244 -11.63 -30.85 53.40
C ILE R 244 -10.76 -29.77 52.77
N GLU R 245 -9.46 -29.78 53.03
CA GLU R 245 -8.57 -28.76 52.46
C GLU R 245 -8.62 -28.87 50.94
N ARG R 246 -8.50 -30.10 50.43
CA ARG R 246 -8.56 -30.39 49.01
C ARG R 246 -9.92 -30.07 48.38
N ALA R 247 -10.98 -30.38 49.13
CA ALA R 247 -12.37 -30.18 48.72
C ALA R 247 -12.75 -28.73 48.43
N VAL R 248 -12.26 -27.81 49.25
CA VAL R 248 -12.59 -26.39 49.09
C VAL R 248 -12.02 -25.80 47.80
N LEU R 249 -10.80 -26.18 47.42
CA LEU R 249 -10.18 -25.66 46.20
C LEU R 249 -10.96 -25.99 44.90
N PHE R 250 -11.51 -27.19 44.82
CA PHE R 250 -12.23 -27.66 43.63
C PHE R 250 -13.70 -27.26 43.56
N SER R 251 -14.31 -26.89 44.70
CA SER R 251 -15.72 -26.56 44.71
C SER R 251 -15.86 -25.27 43.90
N GLU R 252 -16.98 -25.11 43.19
CA GLU R 252 -17.27 -23.88 42.49
C GLU R 252 -18.55 -23.19 42.94
N GLY R 253 -19.44 -23.91 43.61
CA GLY R 253 -20.69 -23.34 44.04
C GLY R 253 -20.59 -22.82 45.46
N LYS R 254 -21.74 -22.61 46.10
CA LYS R 254 -21.79 -22.10 47.46
C LYS R 254 -21.82 -23.25 48.45
N PHE R 255 -22.04 -24.46 47.92
CA PHE R 255 -22.13 -25.65 48.74
C PHE R 255 -21.33 -26.77 48.06
N ILE R 256 -20.94 -27.77 48.83
CA ILE R 256 -20.18 -28.92 48.31
C ILE R 256 -21.00 -30.20 48.23
N ASP R 257 -21.09 -30.76 47.03
CA ASP R 257 -21.89 -31.95 46.77
C ASP R 257 -21.01 -33.20 46.82
N ARG R 258 -21.65 -34.36 46.75
CA ARG R 258 -21.01 -35.66 46.88
C ARG R 258 -19.93 -35.97 45.85
N GLY R 259 -20.02 -35.40 44.66
CA GLY R 259 -19.06 -35.72 43.63
C GLY R 259 -17.60 -35.30 43.81
N GLU R 260 -17.31 -34.11 44.35
CA GLU R 260 -15.89 -33.75 44.48
C GLU R 260 -15.20 -34.64 45.53
N LEU R 261 -15.99 -35.18 46.46
CA LEU R 261 -15.46 -36.10 47.48
C LEU R 261 -15.48 -37.58 47.07
N SER R 262 -16.50 -37.97 46.30
CA SER R 262 -16.70 -39.36 45.90
C SER R 262 -15.57 -39.96 45.05
N CYS R 263 -15.06 -39.19 44.09
CA CYS R 263 -13.98 -39.65 43.23
C CYS R 263 -12.67 -39.96 43.96
N LEU R 264 -12.47 -39.37 45.12
CA LEU R 264 -11.20 -39.56 45.84
C LEU R 264 -11.31 -40.83 46.69
N VAL R 265 -12.54 -41.18 47.08
CA VAL R 265 -12.78 -42.37 47.91
C VAL R 265 -13.68 -43.34 47.14
N GLU S 19 -61.21 -27.87 -6.54
CA GLU S 19 -60.13 -27.40 -5.69
C GLU S 19 -59.22 -26.44 -6.43
N TYR S 20 -59.46 -26.24 -7.73
CA TYR S 20 -58.66 -25.31 -8.53
C TYR S 20 -59.10 -23.87 -8.29
N VAL S 21 -58.15 -22.96 -8.43
CA VAL S 21 -58.34 -21.56 -8.04
C VAL S 21 -58.60 -20.60 -9.19
N PHE S 22 -59.73 -19.91 -9.14
CA PHE S 22 -59.96 -18.73 -9.96
C PHE S 22 -60.29 -17.56 -9.05
N GLU S 23 -59.34 -16.65 -8.92
CA GLU S 23 -59.49 -15.41 -8.16
C GLU S 23 -59.16 -14.23 -9.07
N SER S 24 -59.05 -13.04 -8.48
CA SER S 24 -58.74 -11.81 -9.21
C SER S 24 -59.88 -11.40 -10.15
N PRO S 25 -60.00 -10.09 -10.44
CA PRO S 25 -61.00 -9.69 -11.42
C PRO S 25 -60.79 -10.29 -12.80
N LYS S 26 -59.55 -10.28 -13.30
CA LYS S 26 -59.25 -10.77 -14.65
C LYS S 26 -59.48 -12.28 -14.85
N MET S 27 -58.93 -13.10 -13.96
CA MET S 27 -58.99 -14.55 -14.13
C MET S 27 -60.38 -15.12 -13.86
N LYS S 28 -61.13 -14.50 -12.97
CA LYS S 28 -62.49 -14.92 -12.68
C LYS S 28 -63.35 -14.69 -13.92
N GLU S 29 -63.00 -13.63 -14.66
CA GLU S 29 -63.70 -13.26 -15.89
C GLU S 29 -63.57 -14.35 -16.96
N ILE S 30 -62.39 -14.95 -17.03
CA ILE S 30 -62.10 -15.99 -18.01
C ILE S 30 -63.04 -17.18 -17.84
N LEU S 31 -63.32 -17.54 -16.59
CA LEU S 31 -64.17 -18.69 -16.29
C LEU S 31 -65.55 -18.59 -16.91
N GLU S 32 -66.09 -17.37 -16.95
CA GLU S 32 -67.42 -17.17 -17.52
C GLU S 32 -67.46 -17.46 -19.01
N LYS S 33 -66.44 -16.98 -19.74
CA LYS S 33 -66.36 -17.19 -21.18
C LYS S 33 -66.29 -18.66 -21.59
N ILE S 34 -65.50 -19.44 -20.85
CA ILE S 34 -65.30 -20.87 -21.12
C ILE S 34 -66.57 -21.71 -20.98
N LYS S 35 -67.32 -21.45 -19.91
CA LYS S 35 -68.51 -22.22 -19.59
C LYS S 35 -69.58 -22.06 -20.67
N LYS S 36 -69.58 -20.89 -21.31
CA LYS S 36 -70.54 -20.59 -22.37
C LYS S 36 -70.23 -21.33 -23.67
N ILE S 37 -68.95 -21.56 -23.94
CA ILE S 37 -68.51 -22.20 -25.18
C ILE S 37 -68.34 -23.71 -25.04
N SER S 38 -68.70 -24.24 -23.88
CA SER S 38 -68.62 -25.67 -23.61
C SER S 38 -69.33 -26.50 -24.70
N CYS S 39 -70.37 -25.91 -25.28
CA CYS S 39 -71.18 -26.58 -26.29
C CYS S 39 -70.62 -26.48 -27.71
N ALA S 40 -70.44 -25.26 -28.20
CA ALA S 40 -70.13 -24.98 -29.60
C ALA S 40 -68.94 -25.76 -30.19
N GLU S 41 -69.09 -26.10 -31.47
CA GLU S 41 -68.07 -26.84 -32.21
C GLU S 41 -67.26 -25.93 -33.12
N CYS S 42 -65.98 -25.72 -32.78
CA CYS S 42 -65.18 -24.70 -33.46
C CYS S 42 -63.73 -24.69 -32.95
N PRO S 43 -62.79 -24.21 -33.79
CA PRO S 43 -61.37 -24.18 -33.42
C PRO S 43 -61.10 -23.36 -32.16
N VAL S 44 -60.07 -23.73 -31.40
CA VAL S 44 -59.72 -23.00 -30.19
C VAL S 44 -58.23 -22.70 -30.18
N LEU S 45 -57.88 -21.47 -29.83
CA LEU S 45 -56.48 -21.06 -29.69
C LEU S 45 -56.23 -20.55 -28.28
N ILE S 46 -55.43 -21.27 -27.51
CA ILE S 46 -55.11 -20.86 -26.14
C ILE S 46 -53.71 -20.25 -26.08
N THR S 47 -53.59 -19.10 -25.42
CA THR S 47 -52.30 -18.41 -25.33
C THR S 47 -52.02 -17.98 -23.90
N GLY S 48 -50.74 -17.75 -23.61
CA GLY S 48 -50.30 -17.24 -22.32
C GLY S 48 -48.89 -17.72 -22.11
N GLU S 49 -48.23 -17.28 -21.05
CA GLU S 49 -46.90 -17.81 -20.74
C GLU S 49 -47.06 -19.26 -20.30
N SER S 50 -46.02 -20.08 -20.42
CA SER S 50 -46.12 -21.48 -20.00
C SER S 50 -46.09 -21.50 -18.47
N GLY S 51 -46.97 -22.29 -17.88
CA GLY S 51 -47.05 -22.41 -16.43
C GLY S 51 -48.08 -21.47 -15.83
N VAL S 52 -48.99 -20.97 -16.66
CA VAL S 52 -50.09 -20.14 -16.18
C VAL S 52 -51.34 -20.99 -15.96
N GLY S 53 -51.25 -22.27 -16.31
CA GLY S 53 -52.37 -23.20 -16.16
C GLY S 53 -53.15 -23.50 -17.43
N LYS S 54 -52.55 -23.22 -18.58
CA LYS S 54 -53.20 -23.49 -19.87
C LYS S 54 -53.59 -24.96 -20.04
N GLU S 55 -52.81 -25.86 -19.46
CA GLU S 55 -53.07 -27.29 -19.57
C GLU S 55 -54.37 -27.67 -18.86
N VAL S 56 -54.62 -27.05 -17.72
CA VAL S 56 -55.83 -27.31 -16.95
C VAL S 56 -57.06 -26.83 -17.74
N VAL S 57 -56.97 -25.63 -18.31
CA VAL S 57 -58.07 -25.04 -19.07
C VAL S 57 -58.49 -25.96 -20.22
N ALA S 58 -57.51 -26.45 -20.97
CA ALA S 58 -57.75 -27.35 -22.09
C ALA S 58 -58.44 -28.60 -21.57
N ARG S 59 -57.95 -29.09 -20.42
CA ARG S 59 -58.50 -30.25 -19.75
C ARG S 59 -59.91 -29.95 -19.26
N LEU S 60 -60.13 -28.70 -18.87
CA LEU S 60 -61.41 -28.28 -18.31
C LEU S 60 -62.53 -28.17 -19.34
N ILE S 61 -62.23 -27.55 -20.48
CA ILE S 61 -63.22 -27.35 -21.54
C ILE S 61 -63.87 -28.67 -21.95
N HIS S 62 -63.07 -29.72 -21.99
CA HIS S 62 -63.57 -31.03 -22.37
C HIS S 62 -64.57 -31.53 -21.32
N LYS S 63 -64.19 -31.38 -20.06
CA LYS S 63 -65.02 -31.86 -18.95
C LYS S 63 -66.33 -31.08 -18.81
N LEU S 64 -66.32 -29.80 -19.21
CA LEU S 64 -67.51 -28.94 -19.11
C LEU S 64 -68.39 -29.01 -20.35
N SER S 65 -67.89 -29.67 -21.39
CA SER S 65 -68.58 -29.73 -22.68
C SER S 65 -69.63 -30.84 -22.74
N ASP S 66 -70.29 -30.95 -23.89
CA ASP S 66 -71.29 -31.97 -24.11
C ASP S 66 -70.62 -33.33 -24.32
N ARG S 67 -69.32 -33.30 -24.61
CA ARG S 67 -68.51 -34.47 -24.90
C ARG S 67 -67.71 -34.99 -23.69
N SER S 68 -68.01 -34.47 -22.50
CA SER S 68 -67.19 -34.69 -21.31
C SER S 68 -66.94 -36.15 -20.93
N LYS S 69 -67.81 -37.05 -21.37
CA LYS S 69 -67.71 -38.46 -21.00
C LYS S 69 -66.85 -39.24 -21.99
N GLU S 70 -66.47 -38.61 -23.09
CA GLU S 70 -65.66 -39.28 -24.10
C GLU S 70 -64.17 -39.11 -23.80
N PRO S 71 -63.31 -39.88 -24.49
CA PRO S 71 -61.87 -39.86 -24.21
C PRO S 71 -61.22 -38.50 -24.48
N PHE S 72 -60.21 -38.17 -23.69
CA PHE S 72 -59.42 -36.96 -23.89
C PHE S 72 -57.98 -37.35 -24.17
N VAL S 73 -57.56 -37.09 -25.40
CA VAL S 73 -56.26 -37.52 -25.88
C VAL S 73 -55.26 -36.37 -25.94
N ALA S 74 -54.20 -36.47 -25.14
CA ALA S 74 -53.17 -35.44 -25.08
C ALA S 74 -52.00 -35.80 -25.99
N LEU S 75 -51.56 -34.83 -26.79
CA LEU S 75 -50.50 -35.03 -27.77
C LEU S 75 -49.53 -33.87 -27.74
N ASN S 76 -48.24 -34.20 -27.66
CA ASN S 76 -47.21 -33.21 -27.83
C ASN S 76 -46.82 -33.15 -29.30
N VAL S 77 -47.32 -32.13 -29.98
CA VAL S 77 -47.09 -31.99 -31.41
C VAL S 77 -45.63 -31.61 -31.62
N ALA S 78 -45.14 -31.79 -32.84
CA ALA S 78 -43.78 -31.46 -33.24
C ALA S 78 -42.79 -32.50 -32.71
N SER S 79 -43.18 -33.24 -31.67
CA SER S 79 -42.32 -34.29 -31.16
C SER S 79 -42.51 -35.48 -32.09
N ILE S 80 -43.54 -35.39 -32.93
CA ILE S 80 -43.79 -36.36 -33.97
C ILE S 80 -42.85 -36.01 -35.11
N PRO S 81 -42.06 -36.98 -35.59
CA PRO S 81 -41.20 -36.65 -36.75
C PRO S 81 -42.06 -36.31 -37.96
N ARG S 82 -41.62 -35.34 -38.75
CA ARG S 82 -42.39 -34.84 -39.88
C ARG S 82 -42.72 -35.96 -40.86
N ASP S 83 -41.81 -36.92 -40.94
CA ASP S 83 -41.91 -37.99 -41.94
C ASP S 83 -43.09 -38.92 -41.70
N ILE S 84 -43.33 -39.28 -40.44
CA ILE S 84 -44.44 -40.16 -40.10
C ILE S 84 -45.66 -39.38 -39.64
N PHE S 85 -45.54 -38.06 -39.60
CA PHE S 85 -46.61 -37.23 -39.05
C PHE S 85 -47.99 -37.53 -39.62
N GLU S 86 -48.12 -37.52 -40.94
CA GLU S 86 -49.42 -37.78 -41.56
C GLU S 86 -49.89 -39.21 -41.30
N ALA S 87 -48.99 -40.17 -41.44
CA ALA S 87 -49.35 -41.57 -41.31
C ALA S 87 -49.71 -41.94 -39.88
N GLU S 88 -48.92 -41.45 -38.93
CA GLU S 88 -49.09 -41.79 -37.53
C GLU S 88 -50.31 -41.11 -36.92
N LEU S 89 -50.76 -40.04 -37.57
CA LEU S 89 -51.86 -39.22 -37.08
C LEU S 89 -53.19 -39.72 -37.62
N PHE S 90 -53.30 -39.76 -38.94
CA PHE S 90 -54.54 -40.15 -39.61
C PHE S 90 -54.72 -41.68 -39.67
N GLY S 91 -53.61 -42.41 -39.72
CA GLY S 91 -53.65 -43.87 -39.76
C GLY S 91 -53.43 -44.43 -41.15
N TYR S 92 -53.44 -45.76 -41.26
CA TYR S 92 -53.25 -46.43 -42.55
C TYR S 92 -53.97 -47.78 -42.58
N GLU S 93 -54.20 -48.29 -43.78
CA GLU S 93 -54.87 -49.57 -43.98
C GLU S 93 -53.90 -50.73 -44.17
N LYS S 94 -54.45 -51.94 -44.28
CA LYS S 94 -53.69 -53.18 -44.40
C LYS S 94 -52.62 -53.14 -45.49
N GLY S 95 -51.37 -53.41 -45.11
CA GLY S 95 -50.29 -53.34 -46.06
C GLY S 95 -50.09 -51.87 -46.30
N ALA S 96 -50.21 -51.46 -47.57
CA ALA S 96 -50.24 -50.05 -47.93
C ALA S 96 -48.95 -49.36 -47.55
N PHE S 97 -47.97 -49.48 -48.45
CA PHE S 97 -46.63 -48.95 -48.27
C PHE S 97 -45.83 -49.56 -47.11
N THR S 98 -45.51 -50.84 -47.29
CA THR S 98 -44.63 -51.60 -46.40
C THR S 98 -44.88 -51.45 -44.90
N GLY S 99 -46.13 -51.60 -44.45
CA GLY S 99 -46.36 -51.57 -43.02
C GLY S 99 -47.36 -52.63 -42.56
N ALA S 100 -46.98 -53.26 -41.46
CA ALA S 100 -47.76 -54.28 -40.75
C ALA S 100 -48.32 -55.32 -41.72
N VAL S 101 -49.43 -55.94 -41.31
CA VAL S 101 -50.35 -56.66 -42.18
C VAL S 101 -51.68 -55.94 -42.01
N SER S 102 -52.08 -55.80 -40.75
CA SER S 102 -53.39 -55.31 -40.35
C SER S 102 -53.44 -53.79 -40.34
N SER S 103 -54.65 -53.25 -40.47
CA SER S 103 -54.87 -51.81 -40.44
C SER S 103 -54.71 -51.26 -39.03
N LYS S 104 -54.37 -49.97 -38.95
CA LYS S 104 -54.12 -49.28 -37.69
C LYS S 104 -54.80 -47.92 -37.67
N GLU S 105 -55.45 -47.62 -36.54
CA GLU S 105 -56.14 -46.35 -36.35
C GLU S 105 -55.19 -45.17 -36.20
N GLY S 106 -55.69 -43.99 -36.53
CA GLY S 106 -54.97 -42.75 -36.35
C GLY S 106 -55.46 -42.06 -35.09
N PHE S 107 -54.79 -40.99 -34.68
CA PHE S 107 -55.18 -40.27 -33.47
C PHE S 107 -56.53 -39.58 -33.60
N PHE S 108 -56.85 -39.14 -34.82
CA PHE S 108 -58.12 -38.46 -35.07
C PHE S 108 -59.33 -39.36 -34.88
N GLU S 109 -59.24 -40.59 -35.39
CA GLU S 109 -60.34 -41.53 -35.29
C GLU S 109 -60.60 -41.95 -33.85
N LEU S 110 -59.54 -41.99 -33.04
CA LEU S 110 -59.67 -42.30 -31.63
C LEU S 110 -60.42 -41.19 -30.90
N ALA S 111 -60.28 -39.97 -31.39
CA ALA S 111 -60.88 -38.81 -30.76
C ALA S 111 -62.26 -38.50 -31.36
N ASP S 112 -62.72 -39.35 -32.26
CA ASP S 112 -64.00 -39.16 -32.94
C ASP S 112 -65.13 -39.01 -31.93
N GLY S 113 -65.87 -37.91 -32.06
CA GLY S 113 -66.93 -37.58 -31.12
C GLY S 113 -66.43 -36.87 -29.87
N GLY S 114 -65.12 -36.89 -29.66
CA GLY S 114 -64.49 -36.31 -28.48
C GLY S 114 -63.69 -35.06 -28.76
N THR S 115 -62.69 -34.81 -27.91
CA THR S 115 -61.83 -33.63 -28.04
C THR S 115 -60.36 -34.04 -28.02
N LEU S 116 -59.58 -33.44 -28.92
CA LEU S 116 -58.15 -33.74 -29.07
C LEU S 116 -57.31 -32.52 -28.69
N PHE S 117 -56.39 -32.69 -27.73
CA PHE S 117 -55.57 -31.57 -27.24
C PHE S 117 -54.12 -31.62 -27.70
N LEU S 118 -53.76 -30.64 -28.52
CA LEU S 118 -52.41 -30.49 -29.06
C LEU S 118 -51.66 -29.31 -28.41
N ASP S 119 -50.69 -29.58 -27.55
CA ASP S 119 -49.98 -28.50 -26.87
C ASP S 119 -48.77 -28.05 -27.68
N GLU S 120 -48.47 -26.76 -27.64
CA GLU S 120 -47.33 -26.18 -28.36
C GLU S 120 -47.42 -26.32 -29.87
N ILE S 121 -48.60 -26.04 -30.40
CA ILE S 121 -48.84 -26.09 -31.85
C ILE S 121 -47.90 -25.15 -32.61
N GLY S 122 -47.49 -24.06 -31.96
CA GLY S 122 -46.71 -23.04 -32.64
C GLY S 122 -45.34 -23.49 -33.05
N GLU S 123 -44.90 -24.64 -32.56
CA GLU S 123 -43.58 -25.19 -32.85
C GLU S 123 -43.58 -26.13 -34.05
N LEU S 124 -44.75 -26.29 -34.67
CA LEU S 124 -44.89 -27.20 -35.80
C LEU S 124 -44.13 -26.72 -37.04
N SER S 125 -43.61 -27.68 -37.80
CA SER S 125 -42.87 -27.37 -39.03
C SER S 125 -43.81 -26.94 -40.14
N LEU S 126 -43.32 -26.03 -40.98
CA LEU S 126 -44.10 -25.45 -42.07
C LEU S 126 -44.73 -26.53 -42.97
N GLU S 127 -43.98 -27.60 -43.22
CA GLU S 127 -44.43 -28.69 -44.07
C GLU S 127 -45.65 -29.42 -43.50
N ALA S 128 -45.66 -29.59 -42.18
CA ALA S 128 -46.71 -30.36 -41.53
C ALA S 128 -48.02 -29.59 -41.43
N GLN S 129 -47.92 -28.28 -41.24
CA GLN S 129 -49.11 -27.44 -41.13
C GLN S 129 -49.99 -27.58 -42.37
N ALA S 130 -49.36 -27.65 -43.53
CA ALA S 130 -50.08 -27.74 -44.80
C ALA S 130 -50.86 -29.04 -44.87
N LYS S 131 -50.34 -30.08 -44.23
CA LYS S 131 -50.99 -31.39 -44.22
C LYS S 131 -52.21 -31.32 -43.31
N LEU S 132 -52.09 -30.53 -42.25
CA LEU S 132 -53.17 -30.36 -41.30
C LEU S 132 -54.13 -29.28 -41.78
N LEU S 133 -53.71 -28.51 -42.78
CA LEU S 133 -54.45 -27.32 -43.19
C LEU S 133 -55.80 -27.66 -43.82
N ARG S 134 -55.77 -28.49 -44.87
CA ARG S 134 -56.98 -28.85 -45.60
C ARG S 134 -57.95 -29.66 -44.74
N VAL S 135 -57.40 -30.35 -43.74
CA VAL S 135 -58.17 -31.25 -42.89
C VAL S 135 -59.11 -30.48 -41.97
N ILE S 136 -58.62 -29.34 -41.48
CA ILE S 136 -59.36 -28.52 -40.53
C ILE S 136 -60.70 -28.10 -41.11
N GLU S 137 -60.69 -27.57 -42.33
CA GLU S 137 -61.88 -26.98 -42.92
C GLU S 137 -62.87 -28.05 -43.37
N SER S 138 -62.37 -29.11 -43.99
CA SER S 138 -63.27 -30.13 -44.54
C SER S 138 -63.71 -31.15 -43.47
N GLY S 139 -62.88 -31.34 -42.45
CA GLY S 139 -63.15 -32.33 -41.41
C GLY S 139 -63.15 -33.75 -41.97
N LYS S 140 -62.56 -33.87 -43.16
CA LYS S 140 -62.47 -35.13 -43.90
C LYS S 140 -61.02 -35.36 -44.28
N PHE S 141 -60.63 -36.62 -44.48
CA PHE S 141 -59.26 -36.91 -44.90
C PHE S 141 -59.10 -38.30 -45.48
N TYR S 142 -57.88 -38.58 -45.94
CA TYR S 142 -57.52 -39.90 -46.44
C TYR S 142 -56.45 -40.51 -45.55
N ARG S 143 -56.63 -41.78 -45.21
CA ARG S 143 -55.58 -42.50 -44.52
C ARG S 143 -54.43 -42.53 -45.49
N LEU S 144 -53.19 -42.53 -45.02
CA LEU S 144 -52.09 -42.63 -45.96
C LEU S 144 -52.06 -44.05 -46.47
N GLY S 145 -52.20 -44.19 -47.79
CA GLY S 145 -52.31 -45.49 -48.42
C GLY S 145 -53.71 -46.06 -48.33
N GLY S 146 -54.58 -45.42 -47.54
CA GLY S 146 -55.99 -45.80 -47.55
C GLY S 146 -56.64 -45.00 -48.66
N ARG S 147 -57.53 -45.60 -49.43
CA ARG S 147 -58.21 -44.90 -50.52
C ARG S 147 -59.66 -44.47 -50.25
N LYS S 148 -60.20 -44.78 -49.08
CA LYS S 148 -61.56 -44.38 -48.74
C LYS S 148 -61.55 -43.23 -47.75
N GLU S 149 -62.13 -42.11 -48.15
CA GLU S 149 -62.19 -40.93 -47.31
C GLU S 149 -63.06 -41.17 -46.07
N ILE S 150 -62.51 -40.88 -44.89
CA ILE S 150 -63.21 -41.04 -43.62
C ILE S 150 -63.59 -39.69 -43.05
N GLU S 151 -64.76 -39.61 -42.43
CA GLU S 151 -65.21 -38.38 -41.78
C GLU S 151 -65.46 -38.64 -40.31
N VAL S 152 -64.88 -37.78 -39.48
CA VAL S 152 -65.01 -37.88 -38.04
C VAL S 152 -65.37 -36.52 -37.45
N ASN S 153 -65.93 -36.55 -36.24
CA ASN S 153 -66.30 -35.32 -35.54
C ASN S 153 -65.39 -35.13 -34.33
N VAL S 154 -64.50 -34.15 -34.41
CA VAL S 154 -63.50 -33.92 -33.37
C VAL S 154 -63.36 -32.44 -33.06
N ARG S 155 -63.43 -32.10 -31.77
CA ARG S 155 -63.17 -30.73 -31.33
C ARG S 155 -61.68 -30.55 -31.13
N ILE S 156 -61.14 -29.48 -31.68
CA ILE S 156 -59.71 -29.24 -31.68
C ILE S 156 -59.32 -28.22 -30.62
N LEU S 157 -58.31 -28.56 -29.82
CA LEU S 157 -57.74 -27.63 -28.85
C LEU S 157 -56.24 -27.44 -29.13
N ALA S 158 -55.75 -26.21 -28.99
CA ALA S 158 -54.35 -25.91 -29.27
C ALA S 158 -53.81 -24.95 -28.21
N ALA S 159 -52.51 -25.02 -27.96
CA ALA S 159 -51.87 -24.15 -26.98
C ALA S 159 -50.42 -23.84 -27.35
N THR S 160 -49.95 -22.66 -26.99
CA THR S 160 -48.54 -22.33 -27.14
C THR S 160 -48.13 -21.26 -26.15
N ASN S 161 -46.88 -21.31 -25.71
CA ASN S 161 -46.34 -20.32 -24.77
C ASN S 161 -45.60 -19.20 -25.49
N ARG S 162 -45.64 -19.20 -26.82
CA ARG S 162 -44.89 -18.25 -27.63
C ARG S 162 -45.82 -17.30 -28.34
N ASN S 163 -45.24 -16.32 -29.03
CA ASN S 163 -46.02 -15.30 -29.73
C ASN S 163 -46.34 -15.70 -31.16
N ILE S 164 -47.62 -16.00 -31.39
CA ILE S 164 -48.09 -16.51 -32.67
C ILE S 164 -48.21 -15.38 -33.67
N LYS S 165 -48.56 -14.20 -33.15
CA LYS S 165 -48.73 -13.01 -33.96
C LYS S 165 -47.43 -12.66 -34.66
N GLU S 166 -46.32 -12.87 -33.96
CA GLU S 166 -44.99 -12.61 -34.50
C GLU S 166 -44.60 -13.55 -35.61
N LEU S 167 -44.85 -14.84 -35.40
CA LEU S 167 -44.40 -15.88 -36.30
C LEU S 167 -44.98 -15.69 -37.70
N VAL S 168 -46.23 -15.23 -37.77
CA VAL S 168 -46.88 -14.98 -39.05
C VAL S 168 -46.19 -13.81 -39.76
N LYS S 169 -45.96 -12.73 -39.01
CA LYS S 169 -45.32 -11.53 -39.53
C LYS S 169 -43.89 -11.78 -40.00
N GLU S 170 -43.26 -12.80 -39.41
CA GLU S 170 -41.91 -13.19 -39.78
C GLU S 170 -41.93 -14.24 -40.89
N GLY S 171 -43.14 -14.58 -41.35
CA GLY S 171 -43.32 -15.55 -42.41
C GLY S 171 -43.03 -16.96 -41.93
N LYS S 172 -42.94 -17.13 -40.62
CA LYS S 172 -42.63 -18.42 -40.00
C LYS S 172 -43.87 -19.26 -39.73
N PHE S 173 -45.05 -18.65 -39.90
CA PHE S 173 -46.31 -19.36 -39.69
C PHE S 173 -47.31 -18.93 -40.76
N ARG S 174 -48.02 -19.89 -41.34
CA ARG S 174 -48.98 -19.61 -42.41
C ARG S 174 -50.10 -18.69 -41.91
N GLU S 175 -50.39 -17.65 -42.68
CA GLU S 175 -51.42 -16.69 -42.31
C GLU S 175 -52.81 -17.33 -42.29
N ASP S 176 -53.08 -18.21 -43.25
CA ASP S 176 -54.40 -18.80 -43.38
C ASP S 176 -54.73 -19.72 -42.21
N LEU S 177 -53.72 -20.35 -41.64
CA LEU S 177 -53.95 -21.26 -40.53
C LEU S 177 -54.26 -20.48 -39.25
N TYR S 178 -53.57 -19.36 -39.04
CA TYR S 178 -53.79 -18.56 -37.83
C TYR S 178 -55.24 -18.11 -37.72
N TYR S 179 -55.79 -17.57 -38.81
CA TYR S 179 -57.16 -17.06 -38.80
C TYR S 179 -58.19 -18.17 -38.73
N ARG S 180 -57.80 -19.37 -39.12
CA ARG S 180 -58.67 -20.54 -39.04
C ARG S 180 -58.70 -21.12 -37.62
N LEU S 181 -57.53 -21.23 -36.99
CA LEU S 181 -57.45 -21.71 -35.62
C LEU S 181 -57.74 -20.58 -34.64
N GLY S 182 -57.38 -19.36 -35.04
CA GLY S 182 -57.41 -18.23 -34.14
C GLY S 182 -58.75 -17.52 -34.15
N VAL S 183 -59.80 -18.24 -34.55
CA VAL S 183 -61.16 -17.72 -34.51
C VAL S 183 -61.47 -17.23 -33.11
N ILE S 184 -61.30 -18.11 -32.13
CA ILE S 184 -61.44 -17.75 -30.73
C ILE S 184 -60.08 -17.86 -30.07
N GLU S 185 -59.67 -16.78 -29.41
CA GLU S 185 -58.38 -16.73 -28.73
C GLU S 185 -58.57 -16.38 -27.28
N ILE S 186 -58.05 -17.22 -26.40
CA ILE S 186 -58.16 -17.00 -24.95
C ILE S 186 -56.78 -16.81 -24.32
N GLU S 187 -56.55 -15.61 -23.82
CA GLU S 187 -55.29 -15.24 -23.18
C GLU S 187 -55.35 -15.42 -21.68
N ILE S 188 -54.35 -16.10 -21.14
CA ILE S 188 -54.16 -16.21 -19.70
C ILE S 188 -53.10 -15.20 -19.28
N PRO S 189 -53.45 -14.23 -18.42
CA PRO S 189 -52.38 -13.30 -18.03
C PRO S 189 -51.40 -13.96 -17.06
N PRO S 190 -50.17 -13.43 -16.95
CA PRO S 190 -49.18 -13.98 -16.02
C PRO S 190 -49.62 -13.76 -14.57
N LEU S 191 -48.74 -14.06 -13.63
CA LEU S 191 -49.08 -13.94 -12.21
C LEU S 191 -48.87 -12.50 -11.73
N ARG S 192 -47.85 -11.81 -12.26
CA ARG S 192 -47.57 -10.43 -11.85
C ARG S 192 -48.75 -9.49 -12.02
N GLU S 193 -49.68 -9.84 -12.90
CA GLU S 193 -50.90 -9.06 -13.09
C GLU S 193 -52.12 -9.62 -12.34
N ARG S 194 -51.95 -10.80 -11.72
CA ARG S 194 -52.93 -11.33 -10.79
C ARG S 194 -52.31 -11.54 -9.41
N LYS S 195 -52.42 -10.54 -8.54
CA LYS S 195 -51.84 -10.63 -7.20
C LYS S 195 -52.77 -11.39 -6.25
N GLU S 196 -54.06 -11.32 -6.56
CA GLU S 196 -55.10 -11.88 -5.71
C GLU S 196 -55.10 -13.41 -5.70
N ASP S 197 -54.55 -14.00 -6.76
CA ASP S 197 -54.53 -15.46 -6.90
C ASP S 197 -53.38 -16.09 -6.11
N ILE S 198 -52.40 -15.28 -5.73
CA ILE S 198 -51.14 -15.76 -5.17
C ILE S 198 -51.28 -16.61 -3.89
N ILE S 199 -51.89 -16.03 -2.86
CA ILE S 199 -51.92 -16.69 -1.55
C ILE S 199 -52.78 -17.96 -1.55
N PRO S 200 -53.99 -17.90 -2.15
CA PRO S 200 -54.83 -19.11 -2.20
C PRO S 200 -54.10 -20.29 -2.87
N LEU S 201 -53.35 -19.98 -3.93
CA LEU S 201 -52.56 -20.97 -4.64
C LEU S 201 -51.45 -21.55 -3.76
N ALA S 202 -50.70 -20.66 -3.10
CA ALA S 202 -49.60 -21.08 -2.24
C ALA S 202 -50.09 -22.06 -1.18
N ASN S 203 -51.24 -21.75 -0.59
CA ASN S 203 -51.86 -22.63 0.40
C ASN S 203 -52.37 -23.92 -0.22
N HIS S 204 -52.91 -23.83 -1.43
CA HIS S 204 -53.46 -24.98 -2.13
C HIS S 204 -52.37 -26.05 -2.36
N PHE S 205 -51.19 -25.59 -2.76
CA PHE S 205 -50.05 -26.49 -2.97
C PHE S 205 -49.56 -27.07 -1.65
N LEU S 206 -49.62 -26.28 -0.58
CA LEU S 206 -49.24 -26.76 0.74
C LEU S 206 -50.07 -28.00 1.08
N LYS S 207 -51.35 -27.94 0.75
CA LYS S 207 -52.27 -29.05 0.98
C LYS S 207 -51.77 -30.30 0.27
N LYS S 208 -51.40 -30.16 -1.00
CA LYS S 208 -50.93 -31.29 -1.80
C LYS S 208 -49.60 -31.86 -1.27
N PHE S 209 -48.62 -30.98 -1.05
CA PHE S 209 -47.29 -31.40 -0.62
C PHE S 209 -47.19 -31.84 0.84
N SER S 210 -47.96 -31.23 1.73
CA SER S 210 -47.96 -31.62 3.14
C SER S 210 -48.40 -33.07 3.29
N ARG S 211 -49.36 -33.47 2.45
CA ARG S 211 -49.84 -34.84 2.42
C ARG S 211 -48.79 -35.80 1.85
N LYS S 212 -48.22 -35.41 0.71
CA LYS S 212 -47.26 -36.24 -0.02
C LYS S 212 -46.03 -36.67 0.79
N TYR S 213 -45.37 -35.70 1.41
CA TYR S 213 -44.14 -35.97 2.16
C TYR S 213 -44.42 -36.19 3.64
N ALA S 214 -45.70 -36.35 3.98
CA ALA S 214 -46.16 -36.53 5.35
C ALA S 214 -45.43 -35.64 6.36
N LYS S 215 -45.74 -34.33 6.33
CA LYS S 215 -45.17 -33.38 7.27
C LYS S 215 -46.27 -32.70 8.08
N GLU S 216 -45.87 -31.89 9.05
CA GLU S 216 -46.79 -31.25 9.98
C GLU S 216 -47.12 -29.80 9.62
N VAL S 217 -46.62 -29.33 8.47
CA VAL S 217 -46.72 -27.92 8.10
C VAL S 217 -48.16 -27.49 7.80
N GLU S 218 -48.48 -26.25 8.17
CA GLU S 218 -49.83 -25.69 8.01
C GLU S 218 -49.87 -24.45 7.12
N GLY S 219 -49.15 -23.38 7.48
CA GLY S 219 -49.21 -22.14 6.72
C GLY S 219 -47.98 -21.25 6.83
N PHE S 220 -48.08 -20.06 6.23
CA PHE S 220 -46.96 -19.12 6.15
C PHE S 220 -47.11 -17.93 7.10
N THR S 221 -46.00 -17.43 7.62
CA THR S 221 -46.01 -16.21 8.41
C THR S 221 -46.30 -15.03 7.48
N LYS S 222 -46.83 -13.94 8.04
CA LYS S 222 -47.16 -12.78 7.23
C LYS S 222 -45.90 -12.18 6.63
N SER S 223 -44.79 -12.28 7.34
CA SER S 223 -43.53 -11.72 6.87
C SER S 223 -43.16 -12.43 5.59
N ALA S 224 -43.44 -13.73 5.53
CA ALA S 224 -43.20 -14.50 4.33
C ALA S 224 -44.19 -14.08 3.25
N GLN S 225 -45.47 -13.97 3.63
CA GLN S 225 -46.54 -13.67 2.67
C GLN S 225 -46.31 -12.35 1.94
N GLU S 226 -45.77 -11.37 2.65
CA GLU S 226 -45.50 -10.07 2.05
C GLU S 226 -44.45 -10.16 0.96
N LEU S 227 -43.48 -11.05 1.16
CA LEU S 227 -42.38 -11.23 0.22
C LEU S 227 -42.84 -11.75 -1.14
N LEU S 228 -43.72 -12.75 -1.14
CA LEU S 228 -44.24 -13.33 -2.39
C LEU S 228 -44.83 -12.26 -3.30
N LEU S 229 -45.41 -11.24 -2.69
CA LEU S 229 -46.07 -10.19 -3.43
C LEU S 229 -45.07 -9.31 -4.18
N SER S 230 -43.85 -9.21 -3.65
CA SER S 230 -42.83 -8.36 -4.27
C SER S 230 -41.92 -9.08 -5.25
N TYR S 231 -42.23 -10.35 -5.55
CA TYR S 231 -41.42 -11.17 -6.45
C TYR S 231 -42.06 -11.20 -7.84
N PRO S 232 -41.46 -10.53 -8.84
CA PRO S 232 -42.28 -10.51 -10.06
C PRO S 232 -42.38 -11.84 -10.85
N TRP S 233 -42.37 -12.98 -10.18
CA TRP S 233 -42.77 -14.28 -10.75
C TRP S 233 -42.58 -14.48 -12.26
N TYR S 234 -41.36 -14.76 -12.70
CA TYR S 234 -41.11 -14.99 -14.13
C TYR S 234 -41.57 -16.38 -14.58
N GLY S 235 -41.63 -17.33 -13.66
CA GLY S 235 -42.09 -18.68 -13.96
C GLY S 235 -43.56 -18.93 -13.67
N ASN S 236 -44.27 -17.91 -13.18
CA ASN S 236 -45.69 -17.99 -12.90
C ASN S 236 -46.07 -19.14 -11.95
N VAL S 237 -47.18 -19.84 -12.23
CA VAL S 237 -47.71 -20.85 -11.31
C VAL S 237 -46.80 -22.06 -11.21
N ARG S 238 -46.22 -22.43 -12.34
CA ARG S 238 -45.41 -23.62 -12.42
C ARG S 238 -44.18 -23.49 -11.52
N GLU S 239 -43.60 -22.29 -11.48
CA GLU S 239 -42.44 -22.05 -10.62
C GLU S 239 -42.90 -22.05 -9.17
N LEU S 240 -44.05 -21.43 -8.94
CA LEU S 240 -44.61 -21.36 -7.60
C LEU S 240 -44.83 -22.75 -7.05
N LYS S 241 -45.53 -23.58 -7.82
CA LYS S 241 -45.82 -24.95 -7.42
C LYS S 241 -44.54 -25.66 -7.00
N ASN S 242 -43.47 -25.43 -7.75
CA ASN S 242 -42.17 -26.04 -7.46
C ASN S 242 -41.53 -25.46 -6.18
N VAL S 243 -41.66 -24.16 -5.99
CA VAL S 243 -41.07 -23.48 -4.83
C VAL S 243 -41.64 -24.01 -3.52
N ILE S 244 -42.94 -24.28 -3.49
CA ILE S 244 -43.57 -24.80 -2.28
C ILE S 244 -43.01 -26.18 -1.93
N GLU S 245 -42.83 -27.01 -2.95
CA GLU S 245 -42.30 -28.37 -2.78
C GLU S 245 -40.93 -28.33 -2.12
N ARG S 246 -40.14 -27.32 -2.48
CA ARG S 246 -38.81 -27.13 -1.88
C ARG S 246 -38.95 -26.82 -0.40
N ALA S 247 -39.87 -25.90 -0.09
CA ALA S 247 -40.05 -25.41 1.27
C ALA S 247 -40.55 -26.47 2.24
N VAL S 248 -41.53 -27.25 1.81
CA VAL S 248 -42.15 -28.26 2.67
C VAL S 248 -41.12 -29.30 3.12
N LEU S 249 -40.23 -29.71 2.22
CA LEU S 249 -39.24 -30.74 2.51
C LEU S 249 -38.20 -30.32 3.54
N PHE S 250 -37.80 -29.05 3.51
CA PHE S 250 -36.78 -28.55 4.41
C PHE S 250 -37.39 -27.94 5.67
N SER S 251 -38.72 -27.92 5.75
CA SER S 251 -39.41 -27.35 6.90
C SER S 251 -39.11 -28.17 8.14
N GLU S 252 -39.12 -27.49 9.29
CA GLU S 252 -38.89 -28.12 10.59
C GLU S 252 -40.17 -28.05 11.40
N GLY S 253 -40.62 -26.83 11.66
CA GLY S 253 -41.83 -26.58 12.43
C GLY S 253 -43.08 -26.69 11.58
N LYS S 254 -44.17 -26.14 12.08
CA LYS S 254 -45.43 -26.18 11.36
C LYS S 254 -45.63 -24.97 10.43
N PHE S 255 -44.82 -23.93 10.61
CA PHE S 255 -44.92 -22.73 9.77
C PHE S 255 -43.57 -22.35 9.15
N ILE S 256 -43.65 -21.64 8.03
CA ILE S 256 -42.49 -21.21 7.27
C ILE S 256 -42.30 -19.69 7.34
N ASP S 257 -41.12 -19.24 7.73
CA ASP S 257 -40.84 -17.81 7.87
C ASP S 257 -40.25 -17.22 6.59
N ARG S 258 -40.06 -15.91 6.58
CA ARG S 258 -39.47 -15.22 5.43
C ARG S 258 -38.01 -15.65 5.27
N GLY S 259 -37.39 -16.03 6.39
CA GLY S 259 -36.00 -16.43 6.42
C GLY S 259 -35.73 -17.71 5.63
N GLU S 260 -36.66 -18.65 5.72
CA GLU S 260 -36.54 -19.93 5.02
C GLU S 260 -36.70 -19.72 3.51
N LEU S 261 -37.47 -18.71 3.13
CA LEU S 261 -37.63 -18.34 1.73
C LEU S 261 -36.47 -17.46 1.29
N SER S 262 -35.93 -16.69 2.24
CA SER S 262 -34.89 -15.71 1.94
C SER S 262 -33.66 -16.36 1.30
N CYS S 263 -33.31 -17.56 1.76
CA CYS S 263 -32.16 -18.27 1.21
C CYS S 263 -32.47 -18.81 -0.16
N LEU S 264 -33.76 -18.88 -0.48
CA LEU S 264 -34.21 -19.42 -1.75
C LEU S 264 -34.15 -18.32 -2.82
N VAL S 265 -34.13 -17.07 -2.38
CA VAL S 265 -34.20 -15.91 -3.29
C VAL S 265 -32.90 -15.12 -3.23
N GLU T 19 -14.87 -44.10 1.64
CA GLU T 19 -14.65 -44.16 0.20
C GLU T 19 -14.58 -42.75 -0.38
N TYR T 20 -15.72 -42.07 -0.51
CA TYR T 20 -15.75 -40.72 -1.04
C TYR T 20 -15.40 -39.66 0.00
N VAL T 21 -14.76 -38.59 -0.47
CA VAL T 21 -14.24 -37.53 0.38
C VAL T 21 -15.06 -36.25 0.35
N PHE T 22 -15.64 -35.85 1.48
CA PHE T 22 -16.11 -34.48 1.63
C PHE T 22 -15.60 -33.85 2.92
N GLU T 23 -14.59 -32.98 2.81
CA GLU T 23 -14.15 -32.16 3.93
C GLU T 23 -14.20 -30.69 3.52
N SER T 24 -15.20 -29.96 3.99
CA SER T 24 -15.36 -28.54 3.64
C SER T 24 -16.70 -28.01 4.14
N PRO T 25 -16.75 -26.70 4.49
CA PRO T 25 -18.03 -26.08 4.85
C PRO T 25 -19.02 -26.10 3.70
N LYS T 26 -18.52 -25.78 2.52
CA LYS T 26 -19.34 -25.65 1.33
C LYS T 26 -20.02 -26.98 1.00
N MET T 27 -19.21 -28.04 0.94
CA MET T 27 -19.69 -29.36 0.53
C MET T 27 -20.52 -30.08 1.58
N LYS T 28 -20.23 -29.84 2.85
CA LYS T 28 -20.97 -30.47 3.92
C LYS T 28 -22.42 -29.99 3.90
N GLU T 29 -22.62 -28.74 3.50
CA GLU T 29 -23.96 -28.19 3.38
C GLU T 29 -24.70 -28.98 2.30
N ILE T 30 -24.00 -29.22 1.19
CA ILE T 30 -24.54 -30.00 0.07
C ILE T 30 -24.80 -31.43 0.49
N LEU T 31 -23.90 -31.96 1.31
CA LEU T 31 -24.00 -33.34 1.78
C LEU T 31 -25.32 -33.58 2.49
N GLU T 32 -25.73 -32.59 3.29
CA GLU T 32 -26.97 -32.67 4.04
C GLU T 32 -28.19 -32.64 3.11
N LYS T 33 -28.11 -31.79 2.09
CA LYS T 33 -29.22 -31.59 1.16
C LYS T 33 -29.67 -32.88 0.50
N ILE T 34 -28.73 -33.73 0.09
CA ILE T 34 -29.04 -34.99 -0.58
C ILE T 34 -29.90 -35.92 0.26
N LYS T 35 -29.58 -36.01 1.55
CA LYS T 35 -30.27 -36.94 2.44
C LYS T 35 -31.76 -36.63 2.57
N LYS T 36 -32.11 -35.35 2.49
CA LYS T 36 -33.51 -34.95 2.56
C LYS T 36 -34.25 -35.26 1.25
N ILE T 37 -33.56 -35.15 0.12
CA ILE T 37 -34.19 -35.39 -1.18
C ILE T 37 -33.98 -36.84 -1.64
N SER T 38 -33.30 -37.63 -0.82
CA SER T 38 -33.15 -39.05 -1.09
C SER T 38 -34.53 -39.66 -1.21
N CYS T 39 -35.46 -39.11 -0.42
CA CYS T 39 -36.84 -39.57 -0.36
C CYS T 39 -37.72 -38.91 -1.43
N ALA T 40 -37.22 -37.85 -2.06
CA ALA T 40 -38.01 -37.07 -2.99
C ALA T 40 -38.16 -37.79 -4.33
N GLU T 41 -39.34 -37.66 -4.92
CA GLU T 41 -39.64 -38.28 -6.21
C GLU T 41 -39.52 -37.32 -7.38
N CYS T 42 -38.94 -36.14 -7.15
CA CYS T 42 -39.04 -35.02 -8.08
C CYS T 42 -37.71 -34.71 -8.80
N PRO T 43 -37.78 -34.12 -10.01
CA PRO T 43 -36.60 -33.83 -10.85
C PRO T 43 -35.53 -32.99 -10.17
N VAL T 44 -34.27 -33.20 -10.54
CA VAL T 44 -33.15 -32.46 -9.97
C VAL T 44 -32.24 -31.93 -11.08
N LEU T 45 -31.81 -30.68 -10.94
CA LEU T 45 -30.92 -30.05 -11.91
C LEU T 45 -29.60 -29.62 -11.27
N ILE T 46 -28.50 -30.27 -11.67
CA ILE T 46 -27.18 -29.98 -11.14
C ILE T 46 -26.34 -29.12 -12.09
N THR T 47 -25.67 -28.10 -11.54
CA THR T 47 -24.82 -27.20 -12.32
C THR T 47 -23.47 -27.03 -11.64
N GLY T 48 -22.50 -26.55 -12.41
CA GLY T 48 -21.17 -26.27 -11.87
C GLY T 48 -20.12 -26.37 -12.96
N GLU T 49 -18.88 -26.00 -12.63
CA GLU T 49 -17.78 -26.14 -13.58
C GLU T 49 -17.52 -27.61 -13.85
N SER T 50 -16.88 -27.91 -14.98
CA SER T 50 -16.56 -29.30 -15.30
C SER T 50 -15.40 -29.82 -14.46
N GLY T 51 -15.56 -31.01 -13.91
CA GLY T 51 -14.54 -31.65 -13.11
C GLY T 51 -14.71 -31.39 -11.64
N VAL T 52 -15.89 -30.94 -11.24
CA VAL T 52 -16.18 -30.66 -9.84
C VAL T 52 -16.83 -31.84 -9.10
N GLY T 53 -17.16 -32.90 -9.84
CA GLY T 53 -17.80 -34.05 -9.25
C GLY T 53 -19.31 -34.11 -9.45
N LYS T 54 -19.81 -33.40 -10.47
CA LYS T 54 -21.25 -33.38 -10.74
C LYS T 54 -21.83 -34.78 -10.95
N GLU T 55 -21.07 -35.68 -11.56
CA GLU T 55 -21.55 -37.04 -11.82
C GLU T 55 -21.69 -37.86 -10.53
N VAL T 56 -20.76 -37.66 -9.60
CA VAL T 56 -20.76 -38.43 -8.35
C VAL T 56 -22.05 -38.19 -7.59
N VAL T 57 -22.44 -36.93 -7.48
CA VAL T 57 -23.64 -36.53 -6.76
C VAL T 57 -24.87 -37.24 -7.35
N ALA T 58 -24.96 -37.25 -8.67
CA ALA T 58 -26.10 -37.85 -9.34
C ALA T 58 -26.25 -39.32 -8.99
N ARG T 59 -25.14 -40.05 -9.03
CA ARG T 59 -25.15 -41.46 -8.68
C ARG T 59 -25.39 -41.66 -7.18
N LEU T 60 -24.94 -40.68 -6.39
CA LEU T 60 -25.05 -40.78 -4.93
C LEU T 60 -26.51 -40.66 -4.47
N ILE T 61 -27.23 -39.73 -5.07
CA ILE T 61 -28.65 -39.54 -4.76
C ILE T 61 -29.38 -40.85 -4.94
N HIS T 62 -28.97 -41.59 -5.96
CA HIS T 62 -29.60 -42.88 -6.26
C HIS T 62 -29.34 -43.90 -5.15
N LYS T 63 -28.09 -44.00 -4.71
CA LYS T 63 -27.72 -44.99 -3.69
C LYS T 63 -28.36 -44.69 -2.32
N LEU T 64 -28.60 -43.42 -2.02
CA LEU T 64 -29.17 -43.02 -0.74
C LEU T 64 -30.69 -43.00 -0.75
N SER T 65 -31.27 -43.13 -1.94
CA SER T 65 -32.72 -43.08 -2.10
C SER T 65 -33.33 -44.45 -1.87
N ASP T 66 -34.65 -44.54 -1.96
CA ASP T 66 -35.36 -45.80 -1.80
C ASP T 66 -35.21 -46.68 -3.05
N ARG T 67 -34.71 -46.07 -4.12
CA ARG T 67 -34.55 -46.72 -5.41
C ARG T 67 -33.14 -47.26 -5.64
N SER T 68 -32.30 -47.23 -4.60
CA SER T 68 -30.90 -47.56 -4.73
C SER T 68 -30.63 -48.95 -5.30
N LYS T 69 -31.58 -49.85 -5.11
CA LYS T 69 -31.44 -51.23 -5.58
C LYS T 69 -32.02 -51.39 -6.98
N GLU T 70 -32.65 -50.33 -7.47
CA GLU T 70 -33.28 -50.33 -8.78
C GLU T 70 -32.29 -49.85 -9.86
N PRO T 71 -32.69 -49.90 -11.14
CA PRO T 71 -31.75 -49.54 -12.21
C PRO T 71 -31.30 -48.08 -12.19
N PHE T 72 -30.04 -47.85 -12.54
CA PHE T 72 -29.51 -46.51 -12.71
C PHE T 72 -29.01 -46.37 -14.15
N VAL T 73 -29.69 -45.52 -14.92
CA VAL T 73 -29.44 -45.39 -16.36
C VAL T 73 -28.61 -44.16 -16.71
N ALA T 74 -27.43 -44.39 -17.28
CA ALA T 74 -26.52 -43.31 -17.66
C ALA T 74 -26.70 -42.92 -19.13
N LEU T 75 -26.76 -41.61 -19.37
CA LEU T 75 -27.00 -41.09 -20.71
C LEU T 75 -26.14 -39.84 -20.96
N ASN T 76 -25.52 -39.79 -22.13
CA ASN T 76 -24.74 -38.62 -22.55
C ASN T 76 -25.63 -37.50 -23.12
N VAL T 77 -26.74 -37.93 -23.71
CA VAL T 77 -27.80 -37.13 -24.35
C VAL T 77 -27.29 -36.27 -25.53
N ALA T 78 -25.99 -36.01 -25.61
CA ALA T 78 -25.43 -35.32 -26.76
C ALA T 78 -25.10 -36.35 -27.83
N SER T 79 -24.88 -37.58 -27.38
CA SER T 79 -24.50 -38.69 -28.24
C SER T 79 -25.69 -39.32 -28.97
N ILE T 80 -26.90 -38.91 -28.62
CA ILE T 80 -28.08 -39.48 -29.25
C ILE T 80 -28.24 -38.91 -30.65
N PRO T 81 -28.32 -39.78 -31.67
CA PRO T 81 -28.51 -39.29 -33.04
C PRO T 81 -29.86 -38.62 -33.24
N ARG T 82 -29.88 -37.54 -34.00
CA ARG T 82 -31.11 -36.76 -34.21
C ARG T 82 -32.20 -37.58 -34.88
N ASP T 83 -31.81 -38.51 -35.76
CA ASP T 83 -32.75 -39.23 -36.60
C ASP T 83 -33.62 -40.19 -35.80
N ILE T 84 -32.99 -40.90 -34.86
CA ILE T 84 -33.68 -41.88 -34.02
C ILE T 84 -34.04 -41.38 -32.62
N PHE T 85 -33.72 -40.11 -32.34
CA PHE T 85 -33.93 -39.55 -30.99
C PHE T 85 -35.29 -39.84 -30.39
N GLU T 86 -36.33 -39.58 -31.15
CA GLU T 86 -37.70 -39.82 -30.68
C GLU T 86 -37.96 -41.28 -30.42
N ALA T 87 -37.53 -42.13 -31.35
CA ALA T 87 -37.82 -43.56 -31.31
C ALA T 87 -37.05 -44.32 -30.22
N GLU T 88 -35.76 -44.02 -30.08
CA GLU T 88 -34.89 -44.77 -29.17
C GLU T 88 -35.17 -44.45 -27.71
N LEU T 89 -35.84 -43.32 -27.48
CA LEU T 89 -36.10 -42.85 -26.12
C LEU T 89 -37.44 -43.37 -25.60
N PHE T 90 -38.51 -43.02 -26.31
CA PHE T 90 -39.86 -43.39 -25.89
C PHE T 90 -40.15 -44.82 -26.30
N GLY T 91 -39.56 -45.25 -27.40
CA GLY T 91 -39.75 -46.60 -27.91
C GLY T 91 -40.72 -46.61 -29.08
N TYR T 92 -40.96 -47.79 -29.64
CA TYR T 92 -41.87 -47.94 -30.76
C TYR T 92 -42.54 -49.31 -30.81
N GLU T 93 -43.70 -49.37 -31.46
CA GLU T 93 -44.43 -50.61 -31.64
C GLU T 93 -44.23 -51.12 -33.05
N LYS T 94 -44.31 -52.43 -33.24
CA LYS T 94 -44.13 -53.02 -34.56
C LYS T 94 -45.08 -52.42 -35.59
N GLY T 95 -44.56 -52.08 -36.76
CA GLY T 95 -45.34 -51.41 -37.78
C GLY T 95 -45.12 -49.91 -37.89
N ALA T 96 -44.04 -49.40 -37.31
CA ALA T 96 -43.68 -48.00 -37.55
C ALA T 96 -42.69 -47.90 -38.71
N PHE T 97 -43.24 -47.59 -39.89
CA PHE T 97 -42.49 -47.43 -41.14
C PHE T 97 -41.32 -48.40 -41.40
N THR T 98 -41.65 -49.67 -41.57
CA THR T 98 -40.65 -50.68 -41.91
C THR T 98 -39.45 -50.76 -40.98
N GLY T 99 -39.65 -51.27 -39.77
CA GLY T 99 -38.55 -51.45 -38.85
C GLY T 99 -38.71 -52.73 -38.06
N ALA T 100 -37.58 -53.42 -37.89
CA ALA T 100 -37.48 -54.66 -37.15
C ALA T 100 -38.60 -55.63 -37.56
N VAL T 101 -39.07 -56.42 -36.61
CA VAL T 101 -40.35 -57.12 -36.68
C VAL T 101 -41.07 -56.78 -35.39
N SER T 102 -40.37 -57.05 -34.29
CA SER T 102 -40.94 -57.00 -32.96
C SER T 102 -40.89 -55.58 -32.40
N SER T 103 -41.79 -55.31 -31.45
CA SER T 103 -41.83 -54.04 -30.75
C SER T 103 -40.68 -53.99 -29.76
N LYS T 104 -40.20 -52.79 -29.44
CA LYS T 104 -39.07 -52.63 -28.54
C LYS T 104 -39.28 -51.48 -27.56
N GLU T 105 -38.91 -51.73 -26.32
CA GLU T 105 -39.04 -50.78 -25.23
C GLU T 105 -38.08 -49.59 -25.42
N GLY T 106 -38.42 -48.47 -24.78
CA GLY T 106 -37.59 -47.29 -24.78
C GLY T 106 -36.76 -47.17 -23.51
N PHE T 107 -35.87 -46.19 -23.46
CA PHE T 107 -35.02 -46.00 -22.30
C PHE T 107 -35.80 -45.60 -21.05
N PHE T 108 -36.92 -44.93 -21.26
CA PHE T 108 -37.78 -44.53 -20.16
C PHE T 108 -38.37 -45.76 -19.45
N GLU T 109 -38.81 -46.75 -20.23
CA GLU T 109 -39.38 -47.97 -19.67
C GLU T 109 -38.33 -48.81 -18.93
N LEU T 110 -37.08 -48.73 -19.39
CA LEU T 110 -35.99 -49.42 -18.73
C LEU T 110 -35.71 -48.80 -17.37
N ALA T 111 -36.03 -47.53 -17.21
CA ALA T 111 -35.76 -46.82 -15.97
C ALA T 111 -36.93 -46.92 -15.01
N ASP T 112 -37.94 -47.69 -15.39
CA ASP T 112 -39.13 -47.87 -14.56
C ASP T 112 -38.74 -48.38 -13.18
N GLY T 113 -39.14 -47.66 -12.14
CA GLY T 113 -38.77 -47.99 -10.78
C GLY T 113 -37.39 -47.49 -10.41
N GLY T 114 -36.63 -47.08 -11.43
CA GLY T 114 -35.25 -46.64 -11.24
C GLY T 114 -35.03 -45.15 -11.40
N THR T 115 -33.79 -44.79 -11.76
CA THR T 115 -33.39 -43.40 -11.93
C THR T 115 -32.74 -43.16 -13.28
N LEU T 116 -33.11 -42.07 -13.95
CA LEU T 116 -32.58 -41.75 -15.29
C LEU T 116 -31.73 -40.48 -15.23
N PHE T 117 -30.47 -40.60 -15.64
CA PHE T 117 -29.50 -39.50 -15.53
C PHE T 117 -29.08 -38.90 -16.86
N LEU T 118 -29.39 -37.62 -17.09
CA LEU T 118 -29.00 -36.94 -18.32
C LEU T 118 -27.81 -36.00 -18.12
N ASP T 119 -26.62 -36.39 -18.60
CA ASP T 119 -25.42 -35.59 -18.39
C ASP T 119 -25.18 -34.60 -19.52
N GLU T 120 -24.66 -33.44 -19.18
CA GLU T 120 -24.32 -32.39 -20.14
C GLU T 120 -25.56 -31.97 -20.93
N ILE T 121 -26.67 -31.85 -20.21
CA ILE T 121 -27.95 -31.47 -20.82
C ILE T 121 -27.90 -30.12 -21.52
N GLY T 122 -27.05 -29.23 -21.02
CA GLY T 122 -27.01 -27.85 -21.49
C GLY T 122 -26.52 -27.76 -22.92
N GLU T 123 -25.99 -28.87 -23.43
CA GLU T 123 -25.44 -28.90 -24.78
C GLU T 123 -26.51 -29.32 -25.78
N LEU T 124 -27.70 -29.63 -25.29
CA LEU T 124 -28.79 -30.08 -26.15
C LEU T 124 -29.37 -28.95 -27.00
N SER T 125 -29.81 -29.30 -28.22
CA SER T 125 -30.40 -28.35 -29.15
C SER T 125 -31.84 -27.97 -28.80
N LEU T 126 -32.21 -26.72 -29.06
CA LEU T 126 -33.55 -26.23 -28.76
C LEU T 126 -34.63 -27.13 -29.34
N GLU T 127 -34.38 -27.66 -30.54
CA GLU T 127 -35.34 -28.53 -31.18
C GLU T 127 -35.58 -29.78 -30.34
N ALA T 128 -34.50 -30.31 -29.78
CA ALA T 128 -34.57 -31.55 -29.00
C ALA T 128 -35.10 -31.32 -27.58
N GLN T 129 -34.76 -30.18 -26.99
CA GLN T 129 -35.23 -29.84 -25.65
C GLN T 129 -36.75 -29.84 -25.66
N ALA T 130 -37.29 -29.33 -26.76
CA ALA T 130 -38.73 -29.19 -26.91
C ALA T 130 -39.42 -30.56 -26.91
N LYS T 131 -38.67 -31.58 -27.32
CA LYS T 131 -39.25 -32.91 -27.44
C LYS T 131 -39.52 -33.43 -26.05
N LEU T 132 -38.63 -33.09 -25.12
CA LEU T 132 -38.79 -33.50 -23.74
C LEU T 132 -39.52 -32.43 -22.96
N LEU T 133 -40.84 -32.58 -22.80
CA LEU T 133 -41.60 -31.56 -22.11
C LEU T 133 -42.68 -32.24 -21.29
N ARG T 134 -43.58 -32.90 -22.00
CA ARG T 134 -44.70 -33.59 -21.41
C ARG T 134 -44.17 -34.78 -20.63
N VAL T 135 -43.00 -35.27 -21.03
CA VAL T 135 -42.44 -36.48 -20.46
C VAL T 135 -41.90 -36.26 -19.05
N ILE T 136 -41.22 -35.14 -18.82
CA ILE T 136 -40.58 -34.88 -17.53
C ILE T 136 -41.52 -34.79 -16.33
N GLU T 137 -42.48 -33.88 -16.38
CA GLU T 137 -43.33 -33.64 -15.23
C GLU T 137 -44.44 -34.66 -15.08
N SER T 138 -45.11 -35.00 -16.18
CA SER T 138 -46.25 -35.90 -16.12
C SER T 138 -45.79 -37.36 -16.14
N GLY T 139 -44.60 -37.61 -16.68
CA GLY T 139 -44.13 -38.97 -16.84
C GLY T 139 -44.92 -39.71 -17.91
N LYS T 140 -45.51 -38.95 -18.83
CA LYS T 140 -46.38 -39.50 -19.86
C LYS T 140 -45.87 -39.21 -21.26
N PHE T 141 -46.14 -40.15 -22.16
CA PHE T 141 -45.79 -40.02 -23.56
C PHE T 141 -46.50 -41.10 -24.36
N TYR T 142 -46.35 -41.06 -25.68
CA TYR T 142 -46.86 -42.12 -26.56
C TYR T 142 -45.73 -42.83 -27.27
N ARG T 143 -45.81 -44.17 -27.27
CA ARG T 143 -44.88 -44.98 -28.04
C ARG T 143 -45.08 -44.69 -29.53
N LEU T 144 -44.04 -44.88 -30.33
CA LEU T 144 -44.16 -44.65 -31.77
C LEU T 144 -45.06 -45.71 -32.37
N GLY T 145 -46.15 -45.27 -32.99
CA GLY T 145 -47.14 -46.18 -33.55
C GLY T 145 -48.07 -46.74 -32.48
N GLY T 146 -47.79 -46.45 -31.21
CA GLY T 146 -48.65 -46.87 -30.13
C GLY T 146 -49.77 -45.86 -29.90
N ARG T 147 -50.96 -46.39 -29.62
CA ARG T 147 -52.14 -45.55 -29.35
C ARG T 147 -52.50 -45.48 -27.87
N LYS T 148 -51.71 -46.15 -27.04
CA LYS T 148 -51.97 -46.21 -25.60
C LYS T 148 -51.07 -45.26 -24.84
N GLU T 149 -51.65 -44.31 -24.12
CA GLU T 149 -50.87 -43.39 -23.33
C GLU T 149 -50.15 -44.19 -22.25
N ILE T 150 -48.84 -44.03 -22.15
CA ILE T 150 -48.04 -44.78 -21.19
C ILE T 150 -47.61 -43.89 -20.04
N GLU T 151 -47.64 -44.44 -18.84
CA GLU T 151 -47.16 -43.74 -17.66
C GLU T 151 -46.12 -44.63 -16.99
N VAL T 152 -44.97 -44.05 -16.69
CA VAL T 152 -43.86 -44.78 -16.09
C VAL T 152 -43.33 -43.97 -14.90
N ASN T 153 -42.63 -44.66 -14.00
CA ASN T 153 -42.09 -44.01 -12.80
C ASN T 153 -40.58 -43.93 -12.85
N VAL T 154 -40.08 -42.71 -13.08
CA VAL T 154 -38.66 -42.44 -13.24
C VAL T 154 -38.25 -41.16 -12.53
N ARG T 155 -37.19 -41.24 -11.71
CA ARG T 155 -36.60 -40.06 -11.09
C ARG T 155 -35.61 -39.44 -12.08
N ILE T 156 -35.71 -38.14 -12.28
CA ILE T 156 -34.90 -37.47 -13.29
C ILE T 156 -33.73 -36.73 -12.66
N LEU T 157 -32.54 -36.99 -13.20
CA LEU T 157 -31.34 -36.25 -12.82
C LEU T 157 -30.75 -35.61 -14.06
N ALA T 158 -30.23 -34.40 -13.94
CA ALA T 158 -29.66 -33.69 -15.08
C ALA T 158 -28.37 -32.99 -14.66
N ALA T 159 -27.46 -32.80 -15.60
CA ALA T 159 -26.20 -32.11 -15.32
C ALA T 159 -25.71 -31.32 -16.53
N THR T 160 -25.06 -30.19 -16.27
CA THR T 160 -24.42 -29.44 -17.34
C THR T 160 -23.28 -28.65 -16.72
N ASN T 161 -22.20 -28.44 -17.48
CA ASN T 161 -21.04 -27.74 -16.96
C ASN T 161 -21.04 -26.23 -17.28
N ARG T 162 -22.13 -25.76 -17.87
CA ARG T 162 -22.25 -24.35 -18.27
C ARG T 162 -23.32 -23.66 -17.44
N ASN T 163 -23.46 -22.35 -17.63
CA ASN T 163 -24.47 -21.60 -16.89
C ASN T 163 -25.76 -21.56 -17.68
N ILE T 164 -26.75 -22.29 -17.18
CA ILE T 164 -28.01 -22.48 -17.90
C ILE T 164 -28.93 -21.27 -17.75
N LYS T 165 -28.89 -20.65 -16.57
CA LYS T 165 -29.72 -19.48 -16.33
C LYS T 165 -29.37 -18.40 -17.37
N GLU T 166 -28.09 -18.34 -17.71
CA GLU T 166 -27.64 -17.41 -18.73
C GLU T 166 -28.19 -17.82 -20.10
N LEU T 167 -28.18 -19.12 -20.38
CA LEU T 167 -28.60 -19.63 -21.68
C LEU T 167 -30.04 -19.26 -22.00
N VAL T 168 -30.89 -19.28 -20.98
CA VAL T 168 -32.31 -18.96 -21.16
C VAL T 168 -32.46 -17.50 -21.55
N LYS T 169 -31.73 -16.63 -20.86
CA LYS T 169 -31.78 -15.19 -21.10
C LYS T 169 -31.31 -14.86 -22.52
N GLU T 170 -30.46 -15.73 -23.06
CA GLU T 170 -29.96 -15.57 -24.41
C GLU T 170 -30.84 -16.32 -25.41
N GLY T 171 -31.90 -16.96 -24.89
CA GLY T 171 -32.85 -17.68 -25.72
C GLY T 171 -32.25 -18.97 -26.28
N LYS T 172 -31.12 -19.38 -25.72
CA LYS T 172 -30.42 -20.56 -26.19
C LYS T 172 -30.90 -21.83 -25.48
N PHE T 173 -31.71 -21.65 -24.45
CA PHE T 173 -32.31 -22.77 -23.73
C PHE T 173 -33.76 -22.42 -23.38
N ARG T 174 -34.66 -23.37 -23.58
CA ARG T 174 -36.09 -23.14 -23.38
C ARG T 174 -36.44 -22.76 -21.96
N GLU T 175 -37.25 -21.71 -21.83
CA GLU T 175 -37.71 -21.23 -20.53
C GLU T 175 -38.67 -22.24 -19.91
N ASP T 176 -39.56 -22.82 -20.72
CA ASP T 176 -40.60 -23.72 -20.21
C ASP T 176 -40.03 -25.04 -19.71
N LEU T 177 -38.92 -25.47 -20.30
CA LEU T 177 -38.28 -26.72 -19.90
C LEU T 177 -37.55 -26.53 -18.58
N TYR T 178 -36.94 -25.36 -18.41
CA TYR T 178 -36.14 -25.07 -17.22
C TYR T 178 -36.96 -25.29 -15.96
N TYR T 179 -38.18 -24.80 -15.97
CA TYR T 179 -39.07 -24.85 -14.81
C TYR T 179 -39.56 -26.28 -14.54
N ARG T 180 -39.46 -27.16 -15.53
CA ARG T 180 -39.79 -28.57 -15.36
C ARG T 180 -38.66 -29.37 -14.71
N LEU T 181 -37.44 -29.11 -15.15
CA LEU T 181 -36.25 -29.79 -14.61
C LEU T 181 -35.76 -29.16 -13.32
N GLY T 182 -36.03 -27.86 -13.17
CA GLY T 182 -35.42 -27.05 -12.13
C GLY T 182 -36.16 -27.07 -10.82
N VAL T 183 -36.93 -28.13 -10.59
CA VAL T 183 -37.63 -28.30 -9.32
C VAL T 183 -36.65 -28.18 -8.15
N ILE T 184 -35.62 -29.01 -8.17
CA ILE T 184 -34.55 -28.94 -7.18
C ILE T 184 -33.26 -28.57 -7.89
N GLU T 185 -32.56 -27.56 -7.37
CA GLU T 185 -31.31 -27.10 -7.98
C GLU T 185 -30.14 -27.16 -7.01
N ILE T 186 -29.11 -27.90 -7.38
CA ILE T 186 -27.89 -28.00 -6.58
C ILE T 186 -26.68 -27.54 -7.40
N GLU T 187 -26.06 -26.43 -7.00
CA GLU T 187 -24.88 -25.93 -7.69
C GLU T 187 -23.63 -26.39 -6.95
N ILE T 188 -22.65 -26.88 -7.69
CA ILE T 188 -21.35 -27.25 -7.12
C ILE T 188 -20.29 -26.15 -7.29
N PRO T 189 -19.72 -25.63 -6.19
CA PRO T 189 -18.66 -24.63 -6.32
C PRO T 189 -17.34 -25.27 -6.76
N PRO T 190 -16.42 -24.47 -7.33
CA PRO T 190 -15.14 -25.01 -7.80
C PRO T 190 -14.27 -25.53 -6.68
N LEU T 191 -13.04 -25.92 -7.01
CA LEU T 191 -12.14 -26.48 -6.01
C LEU T 191 -11.42 -25.33 -5.31
N ARG T 192 -11.07 -24.31 -6.10
CA ARG T 192 -10.38 -23.14 -5.56
C ARG T 192 -11.14 -22.42 -4.44
N GLU T 193 -12.44 -22.66 -4.33
CA GLU T 193 -13.22 -22.11 -3.22
C GLU T 193 -13.40 -23.13 -2.09
N ARG T 194 -12.91 -24.35 -2.30
CA ARG T 194 -12.77 -25.34 -1.24
C ARG T 194 -11.31 -25.75 -1.09
N LYS T 195 -10.60 -25.15 -0.14
CA LYS T 195 -9.18 -25.46 0.05
C LYS T 195 -8.99 -26.76 0.84
N GLU T 196 -9.94 -27.07 1.72
CA GLU T 196 -9.83 -28.24 2.60
C GLU T 196 -9.98 -29.56 1.84
N ASP T 197 -10.61 -29.53 0.67
CA ASP T 197 -10.86 -30.74 -0.11
C ASP T 197 -9.64 -31.20 -0.90
N ILE T 198 -8.70 -30.28 -1.13
CA ILE T 198 -7.56 -30.54 -2.00
C ILE T 198 -6.73 -31.73 -1.53
N ILE T 199 -6.20 -31.63 -0.31
CA ILE T 199 -5.27 -32.61 0.22
C ILE T 199 -5.91 -33.98 0.48
N PRO T 200 -7.10 -33.99 1.13
CA PRO T 200 -7.76 -35.29 1.36
C PRO T 200 -8.01 -36.04 0.06
N LEU T 201 -8.43 -35.32 -0.97
CA LEU T 201 -8.64 -35.90 -2.28
C LEU T 201 -7.31 -36.36 -2.86
N ALA T 202 -6.31 -35.49 -2.80
CA ALA T 202 -5.00 -35.77 -3.35
C ALA T 202 -4.39 -37.05 -2.78
N ASN T 203 -4.52 -37.22 -1.47
CA ASN T 203 -4.00 -38.41 -0.80
C ASN T 203 -4.75 -39.67 -1.19
N HIS T 204 -6.06 -39.55 -1.32
CA HIS T 204 -6.93 -40.68 -1.67
C HIS T 204 -6.59 -41.27 -3.04
N PHE T 205 -6.33 -40.41 -4.02
CA PHE T 205 -6.01 -40.85 -5.38
C PHE T 205 -4.68 -41.59 -5.40
N LEU T 206 -3.74 -41.10 -4.60
CA LEU T 206 -2.43 -41.72 -4.49
C LEU T 206 -2.54 -43.17 -4.07
N LYS T 207 -3.44 -43.46 -3.14
CA LYS T 207 -3.61 -44.82 -2.64
C LYS T 207 -3.93 -45.77 -3.79
N LYS T 208 -4.88 -45.38 -4.64
CA LYS T 208 -5.26 -46.20 -5.80
C LYS T 208 -4.13 -46.29 -6.83
N PHE T 209 -3.50 -45.17 -7.17
CA PHE T 209 -2.45 -45.18 -8.21
C PHE T 209 -1.18 -45.89 -7.75
N SER T 210 -0.83 -45.75 -6.47
CA SER T 210 0.33 -46.44 -5.93
C SER T 210 0.11 -47.94 -5.99
N ARG T 211 -1.13 -48.35 -5.72
CA ARG T 211 -1.55 -49.75 -5.78
C ARG T 211 -1.60 -50.27 -7.20
N LYS T 212 -2.25 -49.51 -8.08
CA LYS T 212 -2.45 -49.90 -9.47
C LYS T 212 -1.12 -50.15 -10.18
N TYR T 213 -0.21 -49.17 -10.07
CA TYR T 213 1.09 -49.24 -10.73
C TYR T 213 2.19 -49.79 -9.82
N ALA T 214 1.76 -50.37 -8.69
CA ALA T 214 2.67 -50.94 -7.69
C ALA T 214 3.93 -50.11 -7.47
N LYS T 215 3.76 -48.97 -6.78
CA LYS T 215 4.88 -48.09 -6.48
C LYS T 215 5.02 -47.98 -4.97
N GLU T 216 6.06 -47.29 -4.53
CA GLU T 216 6.38 -47.22 -3.11
C GLU T 216 5.87 -45.95 -2.44
N VAL T 217 5.17 -45.11 -3.20
CA VAL T 217 4.81 -43.79 -2.71
C VAL T 217 3.76 -43.84 -1.61
N GLU T 218 3.87 -42.93 -0.66
CA GLU T 218 2.98 -42.84 0.50
C GLU T 218 2.26 -41.50 0.58
N GLY T 219 3.02 -40.41 0.66
CA GLY T 219 2.44 -39.08 0.86
C GLY T 219 3.28 -37.94 0.30
N PHE T 220 2.85 -36.71 0.58
CA PHE T 220 3.48 -35.50 0.02
C PHE T 220 4.35 -34.74 1.01
N THR T 221 5.41 -34.14 0.48
CA THR T 221 6.27 -33.25 1.26
C THR T 221 5.54 -31.94 1.59
N LYS T 222 6.00 -31.23 2.62
CA LYS T 222 5.36 -30.00 3.07
C LYS T 222 5.40 -28.88 2.02
N SER T 223 6.51 -28.79 1.29
CA SER T 223 6.68 -27.75 0.29
C SER T 223 5.74 -27.95 -0.90
N ALA T 224 5.50 -29.21 -1.26
CA ALA T 224 4.61 -29.55 -2.37
C ALA T 224 3.17 -29.19 -2.03
N GLN T 225 2.75 -29.52 -0.82
CA GLN T 225 1.39 -29.27 -0.35
C GLN T 225 1.09 -27.77 -0.40
N GLU T 226 2.11 -26.95 -0.18
CA GLU T 226 1.97 -25.50 -0.22
C GLU T 226 1.59 -25.03 -1.62
N LEU T 227 2.19 -25.67 -2.63
CA LEU T 227 1.92 -25.33 -4.02
C LEU T 227 0.49 -25.60 -4.45
N LEU T 228 -0.05 -26.74 -4.03
CA LEU T 228 -1.41 -27.12 -4.37
C LEU T 228 -2.38 -26.01 -3.96
N LEU T 229 -2.05 -25.34 -2.86
CA LEU T 229 -2.89 -24.30 -2.32
C LEU T 229 -2.82 -23.01 -3.15
N SER T 230 -1.70 -22.79 -3.83
CA SER T 230 -1.48 -21.56 -4.59
C SER T 230 -1.88 -21.64 -6.08
N TYR T 231 -2.18 -22.85 -6.56
CA TYR T 231 -2.53 -23.05 -7.97
C TYR T 231 -4.05 -23.01 -8.07
N PRO T 232 -4.62 -21.93 -8.64
CA PRO T 232 -6.07 -21.87 -8.47
C PRO T 232 -6.96 -22.83 -9.27
N TRP T 233 -6.51 -24.07 -9.51
CA TRP T 233 -7.37 -25.16 -10.00
C TRP T 233 -8.55 -24.78 -10.90
N TYR T 234 -8.29 -24.46 -12.16
CA TYR T 234 -9.39 -24.13 -13.08
C TYR T 234 -10.08 -25.37 -13.62
N GLY T 235 -9.38 -26.51 -13.62
CA GLY T 235 -9.95 -27.77 -14.06
C GLY T 235 -10.53 -28.56 -12.90
N ASN T 236 -10.40 -28.00 -11.70
CA ASN T 236 -10.96 -28.58 -10.48
C ASN T 236 -10.49 -30.02 -10.21
N VAL T 237 -11.39 -30.88 -9.75
CA VAL T 237 -11.00 -32.21 -9.28
C VAL T 237 -10.46 -33.08 -10.41
N ARG T 238 -11.06 -32.95 -11.59
CA ARG T 238 -10.65 -33.76 -12.72
C ARG T 238 -9.19 -33.49 -13.10
N GLU T 239 -8.76 -32.24 -12.96
CA GLU T 239 -7.37 -31.88 -13.24
C GLU T 239 -6.43 -32.52 -12.23
N LEU T 240 -6.88 -32.57 -10.97
CA LEU T 240 -6.09 -33.14 -9.89
C LEU T 240 -5.75 -34.62 -10.11
N LYS T 241 -6.77 -35.44 -10.35
CA LYS T 241 -6.60 -36.88 -10.53
C LYS T 241 -5.54 -37.25 -11.57
N ASN T 242 -5.50 -36.51 -12.67
CA ASN T 242 -4.55 -36.76 -13.73
C ASN T 242 -3.13 -36.41 -13.27
N VAL T 243 -3.00 -35.29 -12.57
CA VAL T 243 -1.70 -34.81 -12.10
C VAL T 243 -1.04 -35.80 -11.15
N ILE T 244 -1.84 -36.44 -10.29
CA ILE T 244 -1.30 -37.43 -9.37
C ILE T 244 -0.78 -38.60 -10.19
N GLU T 245 -1.57 -39.04 -11.17
CA GLU T 245 -1.19 -40.15 -12.04
C GLU T 245 0.10 -39.80 -12.79
N ARG T 246 0.26 -38.53 -13.15
CA ARG T 246 1.49 -38.07 -13.78
C ARG T 246 2.64 -38.22 -12.80
N ALA T 247 2.40 -37.79 -11.56
CA ALA T 247 3.41 -37.80 -10.51
C ALA T 247 3.81 -39.22 -10.09
N VAL T 248 2.81 -40.08 -9.89
CA VAL T 248 3.06 -41.45 -9.44
C VAL T 248 3.91 -42.24 -10.42
N LEU T 249 3.64 -42.06 -11.71
CA LEU T 249 4.34 -42.81 -12.75
C LEU T 249 5.82 -42.45 -12.81
N PHE T 250 6.13 -41.18 -12.59
CA PHE T 250 7.51 -40.69 -12.67
C PHE T 250 8.22 -40.70 -11.32
N SER T 251 7.53 -41.15 -10.27
CA SER T 251 8.14 -41.16 -8.95
C SER T 251 9.35 -42.08 -8.89
N GLU T 252 10.32 -41.69 -8.06
CA GLU T 252 11.55 -42.46 -7.86
C GLU T 252 11.54 -42.94 -6.41
N GLY T 253 11.54 -41.97 -5.50
CA GLY T 253 11.52 -42.27 -4.08
C GLY T 253 10.11 -42.55 -3.60
N LYS T 254 9.92 -42.51 -2.28
CA LYS T 254 8.61 -42.76 -1.69
C LYS T 254 7.78 -41.49 -1.53
N PHE T 255 8.40 -40.33 -1.70
CA PHE T 255 7.70 -39.06 -1.54
C PHE T 255 7.88 -38.14 -2.74
N ILE T 256 6.94 -37.22 -2.89
CA ILE T 256 6.91 -36.28 -3.99
C ILE T 256 7.25 -34.88 -3.50
N ASP T 257 8.27 -34.28 -4.09
CA ASP T 257 8.70 -32.95 -3.70
C ASP T 257 8.06 -31.88 -4.56
N ARG T 258 8.31 -30.62 -4.24
CA ARG T 258 7.81 -29.51 -5.03
C ARG T 258 8.45 -29.56 -6.41
N GLY T 259 9.65 -30.13 -6.48
CA GLY T 259 10.40 -30.20 -7.73
C GLY T 259 9.73 -31.07 -8.77
N GLU T 260 9.14 -32.17 -8.32
CA GLU T 260 8.47 -33.08 -9.22
C GLU T 260 7.19 -32.42 -9.74
N LEU T 261 6.60 -31.56 -8.91
CA LEU T 261 5.40 -30.81 -9.27
C LEU T 261 5.76 -29.54 -10.05
N SER T 262 6.95 -29.01 -9.79
CA SER T 262 7.36 -27.74 -10.38
C SER T 262 7.30 -27.73 -11.90
N CYS T 263 7.66 -28.85 -12.52
CA CYS T 263 7.63 -28.94 -13.98
C CYS T 263 6.21 -29.03 -14.54
N LEU T 264 5.24 -29.43 -13.71
CA LEU T 264 3.86 -29.56 -14.15
C LEU T 264 3.07 -28.25 -14.11
N VAL T 265 3.44 -27.35 -13.20
CA VAL T 265 2.69 -26.10 -13.01
C VAL T 265 3.61 -24.91 -13.31
N GLU U 19 14.52 -49.45 -36.87
CA GLU U 19 14.86 -48.72 -38.09
C GLU U 19 14.64 -47.22 -37.95
N TYR U 20 14.07 -46.81 -36.82
CA TYR U 20 13.80 -45.40 -36.53
C TYR U 20 15.02 -44.65 -35.98
N VAL U 21 15.10 -43.36 -36.29
CA VAL U 21 16.23 -42.52 -35.90
C VAL U 21 15.91 -41.54 -34.78
N PHE U 22 16.58 -41.67 -33.64
CA PHE U 22 16.58 -40.59 -32.65
C PHE U 22 17.99 -40.25 -32.21
N GLU U 23 18.51 -39.12 -32.70
CA GLU U 23 19.79 -38.60 -32.20
C GLU U 23 19.65 -37.11 -31.86
N SER U 24 19.63 -36.76 -30.57
CA SER U 24 19.49 -35.37 -30.14
C SER U 24 19.28 -35.25 -28.63
N PRO U 25 19.67 -34.11 -28.05
CA PRO U 25 19.38 -33.85 -26.63
C PRO U 25 17.88 -33.84 -26.34
N LYS U 26 17.16 -33.18 -27.23
CA LYS U 26 15.72 -32.97 -27.09
C LYS U 26 14.89 -34.26 -27.11
N MET U 27 15.09 -35.06 -28.14
CA MET U 27 14.27 -36.24 -28.40
C MET U 27 14.53 -37.43 -27.49
N LYS U 28 15.77 -37.56 -27.04
CA LYS U 28 16.13 -38.66 -26.15
C LYS U 28 15.41 -38.51 -24.81
N GLU U 29 15.17 -37.26 -24.41
CA GLU U 29 14.45 -37.00 -23.17
C GLU U 29 13.04 -37.54 -23.28
N ILE U 30 12.43 -37.31 -24.44
CA ILE U 30 11.08 -37.80 -24.74
C ILE U 30 11.03 -39.33 -24.79
N LEU U 31 12.06 -39.92 -25.38
CA LEU U 31 12.12 -41.37 -25.53
C LEU U 31 12.08 -42.07 -24.18
N GLU U 32 12.74 -41.47 -23.19
CA GLU U 32 12.78 -42.00 -21.83
C GLU U 32 11.40 -41.96 -21.18
N LYS U 33 10.65 -40.88 -21.42
CA LYS U 33 9.32 -40.72 -20.83
C LYS U 33 8.42 -41.89 -21.17
N ILE U 34 8.50 -42.32 -22.42
CA ILE U 34 7.69 -43.42 -22.91
C ILE U 34 7.98 -44.70 -22.14
N LYS U 35 9.27 -44.94 -21.91
CA LYS U 35 9.73 -46.17 -21.28
C LYS U 35 9.27 -46.32 -19.82
N LYS U 36 9.12 -45.20 -19.12
CA LYS U 36 8.61 -45.20 -17.75
C LYS U 36 7.10 -45.44 -17.70
N ILE U 37 6.40 -44.97 -18.73
CA ILE U 37 4.93 -45.07 -18.79
C ILE U 37 4.44 -46.33 -19.51
N SER U 38 5.38 -47.21 -19.87
CA SER U 38 5.03 -48.45 -20.56
C SER U 38 3.93 -49.19 -19.79
N CYS U 39 3.93 -49.02 -18.48
CA CYS U 39 2.95 -49.65 -17.61
C CYS U 39 1.65 -48.83 -17.48
N ALA U 40 1.68 -47.57 -17.92
CA ALA U 40 0.55 -46.67 -17.71
C ALA U 40 -0.60 -46.94 -18.68
N GLU U 41 -1.82 -46.85 -18.16
CA GLU U 41 -3.04 -47.08 -18.94
C GLU U 41 -3.80 -45.83 -19.39
N CYS U 42 -3.21 -44.63 -19.26
CA CYS U 42 -4.02 -43.42 -19.36
C CYS U 42 -3.75 -42.64 -20.65
N PRO U 43 -4.74 -41.85 -21.10
CA PRO U 43 -4.65 -41.14 -22.37
C PRO U 43 -3.42 -40.25 -22.51
N VAL U 44 -2.96 -40.08 -23.74
CA VAL U 44 -1.77 -39.28 -24.04
C VAL U 44 -2.13 -38.30 -25.13
N LEU U 45 -1.62 -37.07 -24.99
CA LEU U 45 -1.90 -36.01 -25.94
C LEU U 45 -0.64 -35.54 -26.64
N ILE U 46 -0.55 -35.83 -27.93
CA ILE U 46 0.60 -35.48 -28.74
C ILE U 46 0.30 -34.26 -29.60
N THR U 47 1.22 -33.31 -29.61
CA THR U 47 1.06 -32.09 -30.37
C THR U 47 2.33 -31.87 -31.17
N GLY U 48 2.27 -31.00 -32.17
CA GLY U 48 3.45 -30.61 -32.93
C GLY U 48 3.06 -30.20 -34.32
N GLU U 49 4.01 -29.68 -35.08
CA GLU U 49 3.75 -29.34 -36.47
C GLU U 49 3.54 -30.67 -37.20
N SER U 50 2.83 -30.66 -38.33
CA SER U 50 2.58 -31.91 -39.01
C SER U 50 3.86 -32.29 -39.75
N GLY U 51 4.20 -33.57 -39.70
CA GLY U 51 5.38 -34.09 -40.37
C GLY U 51 6.57 -34.13 -39.44
N VAL U 52 6.31 -34.02 -38.13
CA VAL U 52 7.38 -34.11 -37.14
C VAL U 52 7.50 -35.52 -36.55
N GLY U 53 6.58 -36.41 -36.92
CA GLY U 53 6.59 -37.77 -36.41
C GLY U 53 5.60 -38.07 -35.29
N LYS U 54 4.55 -37.26 -35.14
CA LYS U 54 3.53 -37.50 -34.11
C LYS U 54 2.90 -38.89 -34.23
N GLU U 55 2.75 -39.36 -35.47
CA GLU U 55 2.22 -40.69 -35.76
C GLU U 55 3.25 -41.75 -35.33
N VAL U 56 4.53 -41.43 -35.51
CA VAL U 56 5.60 -42.35 -35.16
C VAL U 56 5.56 -42.67 -33.68
N VAL U 57 5.48 -41.62 -32.85
CA VAL U 57 5.43 -41.77 -31.40
C VAL U 57 4.24 -42.62 -30.99
N ALA U 58 3.09 -42.31 -31.58
CA ALA U 58 1.85 -43.00 -31.26
C ALA U 58 2.00 -44.50 -31.51
N ARG U 59 2.59 -44.84 -32.65
CA ARG U 59 2.83 -46.23 -32.99
C ARG U 59 3.87 -46.80 -32.04
N LEU U 60 4.80 -45.96 -31.61
CA LEU U 60 5.91 -46.38 -30.77
C LEU U 60 5.47 -46.66 -29.33
N ILE U 61 4.64 -45.78 -28.78
CA ILE U 61 4.15 -45.94 -27.41
C ILE U 61 3.47 -47.29 -27.26
N HIS U 62 2.75 -47.69 -28.28
CA HIS U 62 2.02 -48.95 -28.25
C HIS U 62 2.98 -50.12 -28.18
N LYS U 63 4.02 -50.09 -29.01
CA LYS U 63 4.98 -51.17 -29.12
C LYS U 63 5.84 -51.35 -27.86
N LEU U 64 6.09 -50.24 -27.15
CA LEU U 64 6.92 -50.28 -25.94
C LEU U 64 6.11 -50.50 -24.67
N SER U 65 4.79 -50.45 -24.78
CA SER U 65 3.93 -50.61 -23.61
C SER U 65 3.63 -52.07 -23.31
N ASP U 66 2.89 -52.33 -22.24
CA ASP U 66 2.51 -53.70 -21.88
C ASP U 66 1.38 -54.22 -22.76
N ARG U 67 0.73 -53.30 -23.48
CA ARG U 67 -0.41 -53.65 -24.34
C ARG U 67 0.04 -53.86 -25.79
N SER U 68 1.35 -53.89 -26.00
CA SER U 68 1.95 -53.93 -27.33
C SER U 68 1.51 -55.10 -28.18
N LYS U 69 1.02 -56.16 -27.55
CA LYS U 69 0.65 -57.38 -28.27
C LYS U 69 -0.79 -57.36 -28.77
N GLU U 70 -1.57 -56.37 -28.33
CA GLU U 70 -2.98 -56.28 -28.72
C GLU U 70 -3.20 -55.34 -29.92
N PRO U 71 -4.44 -55.24 -30.42
CA PRO U 71 -4.69 -54.46 -31.64
C PRO U 71 -4.40 -52.98 -31.52
N PHE U 72 -3.93 -52.39 -32.62
CA PHE U 72 -3.73 -50.96 -32.75
C PHE U 72 -4.63 -50.43 -33.85
N VAL U 73 -5.61 -49.62 -33.46
CA VAL U 73 -6.61 -49.15 -34.40
C VAL U 73 -6.33 -47.70 -34.78
N ALA U 74 -5.95 -47.49 -36.04
CA ALA U 74 -5.62 -46.15 -36.53
C ALA U 74 -6.80 -45.52 -37.24
N LEU U 75 -7.13 -44.30 -36.84
CA LEU U 75 -8.26 -43.56 -37.38
C LEU U 75 -7.96 -42.08 -37.57
N ASN U 76 -8.35 -41.56 -38.73
CA ASN U 76 -8.42 -40.12 -38.93
C ASN U 76 -9.85 -39.82 -38.49
N VAL U 77 -10.00 -39.20 -37.34
CA VAL U 77 -11.33 -38.99 -36.79
C VAL U 77 -12.10 -37.95 -37.62
N ALA U 78 -11.43 -36.87 -38.00
CA ALA U 78 -12.01 -35.82 -38.84
C ALA U 78 -12.71 -36.39 -40.08
N SER U 79 -12.27 -37.56 -40.50
CA SER U 79 -12.77 -38.19 -41.70
C SER U 79 -14.12 -38.88 -41.52
N ILE U 80 -14.58 -39.01 -40.28
CA ILE U 80 -15.84 -39.68 -40.06
C ILE U 80 -16.97 -38.71 -40.41
N PRO U 81 -17.88 -39.13 -41.31
CA PRO U 81 -19.05 -38.31 -41.65
C PRO U 81 -20.00 -38.17 -40.46
N ARG U 82 -20.58 -36.98 -40.31
CA ARG U 82 -21.42 -36.67 -39.16
C ARG U 82 -22.61 -37.61 -39.02
N ASP U 83 -23.15 -38.09 -40.14
CA ASP U 83 -24.41 -38.82 -40.12
C ASP U 83 -24.31 -40.16 -39.40
N ILE U 84 -23.24 -40.89 -39.67
CA ILE U 84 -22.97 -42.18 -39.05
C ILE U 84 -21.97 -42.08 -37.91
N PHE U 85 -21.52 -40.87 -37.60
CA PHE U 85 -20.46 -40.66 -36.63
C PHE U 85 -20.73 -41.47 -35.36
N GLU U 86 -21.94 -41.34 -34.82
CA GLU U 86 -22.33 -42.05 -33.60
C GLU U 86 -22.36 -43.57 -33.77
N ALA U 87 -22.97 -44.03 -34.86
CA ALA U 87 -23.20 -45.45 -35.12
C ALA U 87 -21.91 -46.21 -35.43
N GLU U 88 -21.04 -45.58 -36.21
CA GLU U 88 -19.80 -46.20 -36.67
C GLU U 88 -18.82 -46.33 -35.51
N LEU U 89 -19.09 -45.57 -34.46
CA LEU U 89 -18.21 -45.49 -33.29
C LEU U 89 -18.61 -46.51 -32.21
N PHE U 90 -19.83 -46.39 -31.72
CA PHE U 90 -20.32 -47.22 -30.62
C PHE U 90 -20.80 -48.58 -31.08
N GLY U 91 -21.33 -48.61 -32.31
CA GLY U 91 -21.86 -49.82 -32.89
C GLY U 91 -23.36 -49.80 -32.78
N TYR U 92 -24.00 -50.83 -33.31
CA TYR U 92 -25.45 -50.91 -33.30
C TYR U 92 -25.98 -52.35 -33.33
N GLU U 93 -27.30 -52.47 -33.15
CA GLU U 93 -27.99 -53.75 -33.12
C GLU U 93 -28.61 -54.05 -34.50
N LYS U 94 -29.33 -55.17 -34.61
CA LYS U 94 -29.95 -55.58 -35.86
C LYS U 94 -30.78 -54.45 -36.42
N GLY U 95 -31.18 -53.52 -35.56
CA GLY U 95 -31.12 -52.12 -35.93
C GLY U 95 -31.94 -51.13 -35.16
N ALA U 96 -31.52 -49.87 -35.27
CA ALA U 96 -32.46 -48.80 -35.48
C ALA U 96 -31.90 -48.04 -36.66
N PHE U 97 -32.34 -48.45 -37.84
CA PHE U 97 -31.91 -47.89 -39.12
C PHE U 97 -33.06 -47.82 -40.11
N THR U 98 -33.67 -48.99 -40.35
CA THR U 98 -34.35 -49.35 -41.60
C THR U 98 -33.35 -50.07 -42.51
N GLY U 99 -32.12 -50.21 -42.00
CA GLY U 99 -31.02 -50.84 -42.71
C GLY U 99 -30.21 -51.70 -41.76
N ALA U 100 -29.15 -52.33 -42.28
CA ALA U 100 -28.26 -53.17 -41.48
C ALA U 100 -29.03 -54.25 -40.72
N VAL U 101 -29.42 -55.29 -41.47
CA VAL U 101 -29.91 -56.54 -40.89
C VAL U 101 -29.06 -57.05 -39.72
N SER U 102 -27.74 -57.05 -39.87
CA SER U 102 -26.86 -57.69 -38.90
C SER U 102 -26.40 -56.71 -37.82
N SER U 103 -26.17 -57.24 -36.62
CA SER U 103 -25.65 -56.44 -35.53
C SER U 103 -24.19 -56.20 -35.83
N LYS U 104 -23.66 -55.05 -35.42
CA LYS U 104 -22.26 -54.76 -35.71
C LYS U 104 -21.58 -54.00 -34.57
N GLU U 105 -20.37 -54.43 -34.25
CA GLU U 105 -19.56 -53.77 -33.23
C GLU U 105 -19.10 -52.40 -33.72
N GLY U 106 -18.76 -51.52 -32.77
CA GLY U 106 -18.20 -50.22 -33.09
C GLY U 106 -16.69 -50.26 -32.94
N PHE U 107 -16.02 -49.18 -33.34
CA PHE U 107 -14.55 -49.15 -33.26
C PHE U 107 -14.04 -49.17 -31.82
N PHE U 108 -14.81 -48.64 -30.88
CA PHE U 108 -14.41 -48.69 -29.48
C PHE U 108 -14.43 -50.14 -28.98
N GLU U 109 -15.50 -50.87 -29.30
CA GLU U 109 -15.64 -52.26 -28.90
C GLU U 109 -14.68 -53.17 -29.68
N LEU U 110 -14.39 -52.80 -30.91
CA LEU U 110 -13.42 -53.54 -31.73
C LEU U 110 -12.01 -53.41 -31.18
N ALA U 111 -11.74 -52.30 -30.51
CA ALA U 111 -10.42 -52.01 -29.96
C ALA U 111 -10.29 -52.49 -28.52
N ASP U 112 -11.31 -53.20 -28.03
CA ASP U 112 -11.34 -53.70 -26.66
C ASP U 112 -10.07 -54.50 -26.36
N GLY U 113 -9.41 -54.13 -25.28
CA GLY U 113 -8.14 -54.74 -24.91
C GLY U 113 -6.94 -54.12 -25.61
N GLY U 114 -7.22 -53.30 -26.62
CA GLY U 114 -6.18 -52.67 -27.41
C GLY U 114 -6.02 -51.17 -27.17
N THR U 115 -5.49 -50.50 -28.19
CA THR U 115 -5.26 -49.06 -28.13
C THR U 115 -5.86 -48.39 -29.35
N LEU U 116 -6.53 -47.27 -29.14
CA LEU U 116 -7.20 -46.53 -30.21
C LEU U 116 -6.51 -45.18 -30.44
N PHE U 117 -6.06 -44.96 -31.68
CA PHE U 117 -5.29 -43.76 -32.02
C PHE U 117 -6.12 -42.83 -32.89
N LEU U 118 -6.46 -41.67 -32.33
CA LEU U 118 -7.25 -40.67 -33.05
C LEU U 118 -6.37 -39.53 -33.55
N ASP U 119 -6.12 -39.51 -34.86
CA ASP U 119 -5.25 -38.48 -35.44
C ASP U 119 -6.15 -37.32 -35.83
N GLU U 120 -5.62 -36.11 -35.71
CA GLU U 120 -6.34 -34.89 -36.05
C GLU U 120 -7.60 -34.72 -35.20
N ILE U 121 -7.46 -35.01 -33.91
CA ILE U 121 -8.53 -34.81 -32.94
C ILE U 121 -8.96 -33.35 -32.90
N GLY U 122 -8.02 -32.47 -33.18
CA GLY U 122 -8.23 -31.04 -33.07
C GLY U 122 -9.17 -30.48 -34.12
N GLU U 123 -9.49 -31.28 -35.13
CA GLU U 123 -10.32 -30.83 -36.23
C GLU U 123 -11.82 -31.11 -36.02
N LEU U 124 -12.17 -31.75 -34.90
CA LEU U 124 -13.56 -32.09 -34.59
C LEU U 124 -14.40 -30.88 -34.22
N SER U 125 -15.67 -30.92 -34.62
CA SER U 125 -16.60 -29.84 -34.31
C SER U 125 -17.04 -29.86 -32.86
N LEU U 126 -17.22 -28.68 -32.29
CA LEU U 126 -17.62 -28.56 -30.89
C LEU U 126 -18.85 -29.40 -30.62
N GLU U 127 -19.74 -29.42 -31.61
CA GLU U 127 -20.98 -30.17 -31.51
C GLU U 127 -20.67 -31.66 -31.38
N ALA U 128 -19.66 -32.13 -32.11
CA ALA U 128 -19.30 -33.54 -32.12
C ALA U 128 -18.47 -33.97 -30.91
N GLN U 129 -17.60 -33.09 -30.45
CA GLN U 129 -16.72 -33.40 -29.32
C GLN U 129 -17.54 -33.78 -28.09
N ALA U 130 -18.67 -33.12 -27.90
CA ALA U 130 -19.53 -33.33 -26.74
C ALA U 130 -20.00 -34.78 -26.68
N LYS U 131 -20.05 -35.42 -27.84
CA LYS U 131 -20.53 -36.79 -27.97
C LYS U 131 -19.54 -37.79 -27.36
N LEU U 132 -18.26 -37.43 -27.39
CA LEU U 132 -17.19 -38.32 -26.95
C LEU U 132 -16.94 -38.32 -25.44
N LEU U 133 -17.60 -37.43 -24.70
CA LEU U 133 -17.20 -37.18 -23.31
C LEU U 133 -17.36 -38.38 -22.39
N ARG U 134 -18.56 -38.95 -22.31
CA ARG U 134 -18.79 -40.06 -21.39
C ARG U 134 -17.94 -41.27 -21.80
N VAL U 135 -17.58 -41.34 -23.07
CA VAL U 135 -16.84 -42.49 -23.59
C VAL U 135 -15.41 -42.49 -23.07
N ILE U 136 -14.81 -41.31 -23.03
CA ILE U 136 -13.41 -41.17 -22.62
C ILE U 136 -13.19 -41.61 -21.17
N GLU U 137 -13.93 -41.03 -20.24
CA GLU U 137 -13.68 -41.27 -18.81
C GLU U 137 -14.19 -42.61 -18.32
N SER U 138 -15.43 -42.92 -18.67
CA SER U 138 -16.09 -44.11 -18.15
C SER U 138 -15.74 -45.35 -18.95
N GLY U 139 -15.41 -45.14 -20.22
CA GLY U 139 -15.18 -46.25 -21.12
C GLY U 139 -16.47 -47.00 -21.32
N LYS U 140 -17.60 -46.34 -21.04
CA LYS U 140 -18.91 -46.97 -21.10
C LYS U 140 -19.81 -46.27 -22.09
N PHE U 141 -20.71 -47.04 -22.71
CA PHE U 141 -21.68 -46.49 -23.65
C PHE U 141 -22.76 -47.52 -23.97
N TYR U 142 -23.73 -47.09 -24.76
CA TYR U 142 -24.79 -47.97 -25.23
C TYR U 142 -24.70 -48.12 -26.73
N ARG U 143 -24.80 -49.36 -27.21
CA ARG U 143 -24.90 -49.57 -28.64
C ARG U 143 -26.16 -48.90 -29.14
N LEU U 144 -26.18 -48.52 -30.41
CA LEU U 144 -27.38 -47.92 -30.99
C LEU U 144 -28.46 -49.00 -31.08
N GLY U 145 -29.60 -48.73 -30.44
CA GLY U 145 -30.68 -49.71 -30.35
C GLY U 145 -30.48 -50.73 -29.25
N GLY U 146 -29.32 -50.70 -28.58
CA GLY U 146 -29.08 -51.57 -27.45
C GLY U 146 -29.57 -50.98 -26.14
N ARG U 147 -30.12 -51.84 -25.28
CA ARG U 147 -30.61 -51.43 -23.96
C ARG U 147 -29.67 -51.80 -22.82
N LYS U 148 -28.58 -52.47 -23.15
CA LYS U 148 -27.61 -52.93 -22.15
C LYS U 148 -26.32 -52.11 -22.15
N GLU U 149 -26.01 -51.54 -21.00
CA GLU U 149 -24.79 -50.72 -20.88
C GLU U 149 -23.55 -51.57 -21.07
N ILE U 150 -22.70 -51.10 -21.97
CA ILE U 150 -21.45 -51.79 -22.32
C ILE U 150 -20.26 -51.06 -21.72
N GLU U 151 -19.27 -51.82 -21.27
CA GLU U 151 -18.04 -51.26 -20.71
C GLU U 151 -16.86 -51.83 -21.48
N VAL U 152 -15.95 -50.94 -21.87
CA VAL U 152 -14.78 -51.30 -22.66
C VAL U 152 -13.49 -50.76 -22.05
N ASN U 153 -12.38 -51.43 -22.36
CA ASN U 153 -11.06 -51.00 -21.88
C ASN U 153 -10.19 -50.56 -23.05
N VAL U 154 -9.99 -49.25 -23.17
CA VAL U 154 -9.24 -48.68 -24.28
C VAL U 154 -8.29 -47.60 -23.79
N ARG U 155 -7.02 -47.72 -24.16
CA ARG U 155 -6.05 -46.68 -23.88
C ARG U 155 -6.11 -45.74 -25.08
N ILE U 156 -6.23 -44.44 -24.83
CA ILE U 156 -6.44 -43.47 -25.91
C ILE U 156 -5.16 -42.75 -26.29
N LEU U 157 -4.91 -42.67 -27.60
CA LEU U 157 -3.83 -41.88 -28.14
C LEU U 157 -4.44 -40.84 -29.10
N ALA U 158 -3.90 -39.63 -29.06
CA ALA U 158 -4.42 -38.52 -29.86
C ALA U 158 -3.29 -37.69 -30.45
N ALA U 159 -3.56 -37.03 -31.57
CA ALA U 159 -2.57 -36.17 -32.22
C ALA U 159 -3.28 -34.99 -32.89
N THR U 160 -2.63 -33.84 -32.91
CA THR U 160 -3.16 -32.70 -33.66
C THR U 160 -2.05 -31.72 -34.02
N ASN U 161 -2.24 -30.98 -35.10
CA ASN U 161 -1.25 -30.00 -35.55
C ASN U 161 -1.51 -28.59 -35.01
N ARG U 162 -2.45 -28.47 -34.07
CA ARG U 162 -2.87 -27.18 -33.53
C ARG U 162 -2.44 -27.06 -32.08
N ASN U 163 -2.43 -25.84 -31.54
CA ASN U 163 -2.10 -25.62 -30.13
C ASN U 163 -3.38 -25.65 -29.32
N ILE U 164 -3.56 -26.71 -28.54
CA ILE U 164 -4.82 -26.97 -27.88
C ILE U 164 -5.01 -26.05 -26.68
N LYS U 165 -3.91 -25.79 -25.97
CA LYS U 165 -3.97 -24.96 -24.78
C LYS U 165 -4.48 -23.57 -25.12
N GLU U 166 -4.06 -23.06 -26.29
CA GLU U 166 -4.49 -21.76 -26.77
C GLU U 166 -5.95 -21.75 -27.23
N LEU U 167 -6.33 -22.79 -27.98
CA LEU U 167 -7.66 -22.86 -28.57
C LEU U 167 -8.78 -22.87 -27.54
N VAL U 168 -8.55 -23.49 -26.40
CA VAL U 168 -9.56 -23.53 -25.35
C VAL U 168 -9.83 -22.10 -24.89
N LYS U 169 -8.75 -21.35 -24.69
CA LYS U 169 -8.86 -19.96 -24.25
C LYS U 169 -9.59 -19.12 -25.29
N GLU U 170 -9.57 -19.57 -26.54
CA GLU U 170 -10.29 -18.90 -27.60
C GLU U 170 -11.72 -19.43 -27.70
N GLY U 171 -12.05 -20.41 -26.87
CA GLY U 171 -13.38 -20.99 -26.83
C GLY U 171 -13.70 -21.85 -28.04
N LYS U 172 -12.67 -22.16 -28.82
CA LYS U 172 -12.82 -22.93 -30.05
C LYS U 172 -12.68 -24.45 -29.81
N PHE U 173 -12.30 -24.82 -28.59
CA PHE U 173 -12.18 -26.22 -28.20
C PHE U 173 -12.76 -26.41 -26.80
N ARG U 174 -13.56 -27.46 -26.62
CA ARG U 174 -14.24 -27.69 -25.36
C ARG U 174 -13.24 -27.91 -24.24
N GLU U 175 -13.45 -27.16 -23.16
CA GLU U 175 -12.57 -27.20 -22.00
C GLU U 175 -12.66 -28.52 -21.23
N ASP U 176 -13.87 -29.04 -21.07
CA ASP U 176 -14.05 -30.24 -20.26
C ASP U 176 -13.40 -31.45 -20.92
N LEU U 177 -13.29 -31.42 -22.25
CA LEU U 177 -12.69 -32.53 -22.97
C LEU U 177 -11.17 -32.53 -22.83
N TYR U 178 -10.56 -31.36 -22.80
CA TYR U 178 -9.10 -31.27 -22.71
C TYR U 178 -8.60 -32.00 -21.47
N TYR U 179 -9.28 -31.78 -20.35
CA TYR U 179 -8.88 -32.36 -19.08
C TYR U 179 -9.10 -33.87 -19.05
N ARG U 180 -9.93 -34.37 -19.96
CA ARG U 180 -10.16 -35.80 -20.10
C ARG U 180 -9.04 -36.48 -20.90
N LEU U 181 -8.63 -35.88 -22.01
CA LEU U 181 -7.55 -36.39 -22.87
C LEU U 181 -6.15 -36.02 -22.40
N GLY U 182 -6.04 -34.90 -21.70
CA GLY U 182 -4.76 -34.25 -21.46
C GLY U 182 -4.00 -34.74 -20.26
N VAL U 183 -4.25 -35.98 -19.85
CA VAL U 183 -3.53 -36.57 -18.74
C VAL U 183 -2.02 -36.42 -18.92
N ILE U 184 -1.53 -36.90 -20.06
CA ILE U 184 -0.11 -36.77 -20.44
C ILE U 184 0.02 -35.88 -21.67
N GLU U 185 0.98 -34.96 -21.62
CA GLU U 185 1.20 -34.01 -22.72
C GLU U 185 2.60 -34.16 -23.30
N ILE U 186 2.65 -34.41 -24.61
CA ILE U 186 3.88 -34.54 -25.36
C ILE U 186 3.89 -33.47 -26.45
N GLU U 187 4.86 -32.56 -26.36
CA GLU U 187 4.92 -31.44 -27.28
C GLU U 187 5.74 -31.64 -28.53
N ILE U 188 7.04 -31.86 -28.35
CA ILE U 188 8.01 -32.11 -29.42
C ILE U 188 8.35 -30.78 -30.11
N PRO U 189 9.65 -30.48 -30.27
CA PRO U 189 10.11 -29.30 -31.01
C PRO U 189 10.12 -29.50 -32.53
N PRO U 190 10.11 -28.41 -33.31
CA PRO U 190 10.20 -28.52 -34.77
C PRO U 190 11.57 -29.06 -35.17
N LEU U 191 11.88 -29.09 -36.46
CA LEU U 191 13.15 -29.64 -36.91
C LEU U 191 14.26 -28.60 -36.79
N ARG U 192 13.92 -27.33 -37.08
CA ARG U 192 14.91 -26.26 -37.03
C ARG U 192 15.58 -26.12 -35.66
N GLU U 193 14.93 -26.61 -34.60
CA GLU U 193 15.51 -26.63 -33.26
C GLU U 193 16.12 -27.98 -32.88
N ARG U 194 16.02 -28.97 -33.76
CA ARG U 194 16.80 -30.20 -33.63
C ARG U 194 17.74 -30.32 -34.82
N LYS U 195 18.97 -29.87 -34.65
CA LYS U 195 19.95 -29.93 -35.72
C LYS U 195 20.62 -31.29 -35.83
N GLU U 196 20.70 -32.01 -34.70
CA GLU U 196 21.42 -33.28 -34.66
C GLU U 196 20.70 -34.37 -35.45
N ASP U 197 19.38 -34.22 -35.62
CA ASP U 197 18.57 -35.23 -36.29
C ASP U 197 18.62 -35.15 -37.82
N ILE U 198 19.00 -34.00 -38.34
CA ILE U 198 18.92 -33.75 -39.78
C ILE U 198 19.73 -34.74 -40.61
N ILE U 199 21.03 -34.81 -40.34
CA ILE U 199 21.94 -35.61 -41.15
C ILE U 199 21.66 -37.10 -41.03
N PRO U 200 21.47 -37.61 -39.80
CA PRO U 200 21.13 -39.03 -39.65
C PRO U 200 19.86 -39.43 -40.42
N LEU U 201 18.87 -38.54 -40.42
CA LEU U 201 17.64 -38.76 -41.17
C LEU U 201 17.91 -38.79 -42.67
N ALA U 202 18.64 -37.79 -43.16
CA ALA U 202 18.91 -37.64 -44.58
C ALA U 202 19.53 -38.92 -45.16
N ASN U 203 20.46 -39.51 -44.42
CA ASN U 203 21.11 -40.74 -44.86
C ASN U 203 20.14 -41.90 -44.91
N HIS U 204 19.25 -41.97 -43.93
CA HIS U 204 18.28 -43.05 -43.87
C HIS U 204 17.36 -43.01 -45.08
N PHE U 205 16.89 -41.81 -45.42
CA PHE U 205 16.01 -41.65 -46.57
C PHE U 205 16.77 -41.84 -47.88
N LEU U 206 17.97 -41.30 -47.95
CA LEU U 206 18.79 -41.46 -49.14
C LEU U 206 19.09 -42.93 -49.38
N LYS U 207 19.47 -43.63 -48.31
CA LYS U 207 19.79 -45.05 -48.39
C LYS U 207 18.57 -45.82 -48.86
N LYS U 208 17.42 -45.45 -48.31
CA LYS U 208 16.15 -46.07 -48.65
C LYS U 208 15.77 -45.84 -50.12
N PHE U 209 15.86 -44.59 -50.60
CA PHE U 209 15.46 -44.26 -51.96
C PHE U 209 16.47 -44.74 -53.01
N SER U 210 17.76 -44.70 -52.68
CA SER U 210 18.80 -45.22 -53.58
C SER U 210 18.55 -46.71 -53.77
N ARG U 211 18.11 -47.38 -52.71
CA ARG U 211 17.75 -48.78 -52.80
C ARG U 211 16.48 -48.91 -53.63
N LYS U 212 15.46 -48.14 -53.28
CA LYS U 212 14.18 -48.18 -53.98
C LYS U 212 14.36 -47.82 -55.46
N TYR U 213 14.97 -46.66 -55.69
CA TYR U 213 15.26 -46.17 -57.03
C TYR U 213 16.71 -46.55 -57.31
N ALA U 214 16.96 -47.48 -58.23
CA ALA U 214 18.33 -47.91 -58.42
C ALA U 214 19.19 -46.78 -58.96
N LYS U 215 20.17 -46.39 -58.14
CA LYS U 215 21.08 -45.31 -58.50
C LYS U 215 22.45 -45.61 -57.94
N GLU U 216 23.44 -44.83 -58.36
CA GLU U 216 24.81 -45.05 -57.95
C GLU U 216 25.17 -44.13 -56.79
N VAL U 217 24.18 -43.39 -56.30
CA VAL U 217 24.43 -42.36 -55.29
C VAL U 217 24.83 -42.98 -53.96
N GLU U 218 25.76 -42.31 -53.27
CA GLU U 218 26.32 -42.79 -52.01
C GLU U 218 26.08 -41.81 -50.85
N GLY U 219 26.56 -40.59 -51.03
CA GLY U 219 26.50 -39.59 -49.98
C GLY U 219 26.49 -38.18 -50.51
N PHE U 220 26.59 -37.21 -49.59
CA PHE U 220 26.50 -35.79 -49.91
C PHE U 220 27.89 -35.15 -49.95
N THR U 221 28.08 -34.16 -50.80
CA THR U 221 29.33 -33.40 -50.80
C THR U 221 29.40 -32.55 -49.53
N LYS U 222 30.62 -32.17 -49.16
CA LYS U 222 30.85 -31.43 -47.93
C LYS U 222 30.17 -30.06 -48.01
N SER U 223 30.20 -29.48 -49.21
CA SER U 223 29.62 -28.16 -49.46
C SER U 223 28.10 -28.15 -49.34
N ALA U 224 27.47 -29.25 -49.74
CA ALA U 224 26.02 -29.38 -49.70
C ALA U 224 25.46 -29.42 -48.29
N GLN U 225 26.10 -30.21 -47.43
CA GLN U 225 25.62 -30.43 -46.08
C GLN U 225 25.47 -29.16 -45.22
N GLU U 226 26.36 -28.20 -45.41
CA GLU U 226 26.35 -26.98 -44.58
C GLU U 226 25.10 -26.12 -44.77
N LEU U 227 24.65 -25.96 -46.01
CA LEU U 227 23.46 -25.15 -46.28
C LEU U 227 22.18 -25.81 -45.74
N LEU U 228 22.10 -27.12 -45.97
CA LEU U 228 20.95 -27.93 -45.57
C LEU U 228 20.59 -27.81 -44.09
N LEU U 229 21.60 -27.69 -43.24
CA LEU U 229 21.38 -27.62 -41.80
C LEU U 229 20.81 -26.27 -41.38
N SER U 230 21.08 -25.24 -42.17
CA SER U 230 20.65 -23.87 -41.84
C SER U 230 19.27 -23.53 -42.43
N TYR U 231 18.55 -24.53 -42.90
CA TYR U 231 17.26 -24.31 -43.55
C TYR U 231 16.13 -24.38 -42.50
N PRO U 232 15.07 -23.56 -42.65
CA PRO U 232 14.04 -23.49 -41.61
C PRO U 232 13.14 -24.73 -41.48
N TRP U 233 12.95 -25.46 -42.57
CA TRP U 233 12.17 -26.69 -42.53
C TRP U 233 10.77 -26.46 -41.97
N TYR U 234 9.91 -25.86 -42.80
CA TYR U 234 8.55 -25.60 -42.41
C TYR U 234 7.73 -26.87 -42.52
N GLY U 235 8.16 -27.75 -43.41
CA GLY U 235 7.50 -29.04 -43.61
C GLY U 235 8.09 -30.17 -42.80
N ASN U 236 9.11 -29.84 -42.01
CA ASN U 236 9.72 -30.79 -41.07
C ASN U 236 10.18 -32.08 -41.74
N VAL U 237 10.00 -33.23 -41.07
CA VAL U 237 10.56 -34.50 -41.53
C VAL U 237 9.92 -34.92 -42.84
N ARG U 238 8.63 -34.62 -42.96
CA ARG U 238 7.87 -35.00 -44.14
C ARG U 238 8.46 -34.30 -45.36
N GLU U 239 8.90 -33.06 -45.15
CA GLU U 239 9.51 -32.29 -46.23
C GLU U 239 10.83 -32.89 -46.65
N LEU U 240 11.63 -33.29 -45.67
CA LEU U 240 12.93 -33.88 -45.95
C LEU U 240 12.77 -35.14 -46.79
N LYS U 241 11.95 -36.07 -46.30
CA LYS U 241 11.69 -37.34 -46.98
C LYS U 241 11.29 -37.11 -48.43
N ASN U 242 10.46 -36.09 -48.66
CA ASN U 242 10.04 -35.73 -50.00
C ASN U 242 11.20 -35.12 -50.79
N VAL U 243 11.97 -34.25 -50.12
CA VAL U 243 13.10 -33.59 -50.75
C VAL U 243 14.17 -34.58 -51.20
N ILE U 244 14.45 -35.58 -50.38
CA ILE U 244 15.42 -36.60 -50.75
C ILE U 244 14.88 -37.41 -51.93
N GLU U 245 13.58 -37.75 -51.89
CA GLU U 245 12.95 -38.52 -52.98
C GLU U 245 13.05 -37.81 -54.32
N ARG U 246 12.88 -36.49 -54.28
CA ARG U 246 13.02 -35.67 -55.48
C ARG U 246 14.48 -35.67 -55.96
N ALA U 247 15.42 -35.54 -55.02
CA ALA U 247 16.84 -35.44 -55.33
C ALA U 247 17.43 -36.71 -55.95
N VAL U 248 17.08 -37.86 -55.38
CA VAL U 248 17.63 -39.14 -55.86
C VAL U 248 17.28 -39.38 -57.32
N LEU U 249 16.08 -39.00 -57.70
CA LEU U 249 15.58 -39.22 -59.06
C LEU U 249 16.38 -38.44 -60.10
N PHE U 250 16.78 -37.23 -59.73
CA PHE U 250 17.52 -36.34 -60.63
C PHE U 250 19.04 -36.46 -60.44
N SER U 251 19.48 -37.33 -59.55
CA SER U 251 20.89 -37.47 -59.26
C SER U 251 21.66 -37.90 -60.49
N GLU U 252 22.91 -37.44 -60.59
CA GLU U 252 23.76 -37.77 -61.72
C GLU U 252 24.96 -38.60 -61.29
N GLY U 253 25.79 -38.02 -60.43
CA GLY U 253 26.98 -38.70 -59.95
C GLY U 253 26.68 -39.63 -58.79
N LYS U 254 27.73 -40.03 -58.07
CA LYS U 254 27.59 -40.88 -56.91
C LYS U 254 27.38 -40.04 -55.65
N PHE U 255 27.68 -38.75 -55.77
CA PHE U 255 27.49 -37.80 -54.67
C PHE U 255 26.64 -36.62 -55.12
N ILE U 256 26.01 -35.98 -54.15
CA ILE U 256 25.08 -34.88 -54.41
C ILE U 256 25.68 -33.55 -53.97
N ASP U 257 25.72 -32.61 -54.91
CA ASP U 257 26.30 -31.30 -54.65
C ASP U 257 25.23 -30.31 -54.21
N ARG U 258 25.66 -29.10 -53.88
CA ARG U 258 24.77 -28.03 -53.46
C ARG U 258 23.83 -27.62 -54.60
N GLY U 259 24.27 -27.84 -55.84
CA GLY U 259 23.53 -27.41 -57.02
C GLY U 259 22.18 -28.07 -57.21
N GLU U 260 22.08 -29.36 -56.93
CA GLU U 260 20.83 -30.08 -57.11
C GLU U 260 19.79 -29.64 -56.09
N LEU U 261 20.26 -29.21 -54.93
CA LEU U 261 19.41 -28.71 -53.85
C LEU U 261 19.03 -27.25 -54.03
N SER U 262 19.83 -26.53 -54.80
CA SER U 262 19.69 -25.09 -54.96
C SER U 262 18.29 -24.63 -55.39
N CYS U 263 17.60 -25.45 -56.18
CA CYS U 263 16.28 -25.05 -56.69
C CYS U 263 15.19 -24.99 -55.61
N LEU U 264 15.40 -25.68 -54.49
CA LEU U 264 14.43 -25.69 -53.40
C LEU U 264 14.60 -24.48 -52.47
N VAL U 265 15.82 -23.92 -52.43
CA VAL U 265 16.16 -22.88 -51.46
C VAL U 265 16.47 -21.57 -52.17
N GLU V 19 0.69 -37.76 -80.56
CA GLU V 19 0.11 -36.67 -81.33
C GLU V 19 0.28 -35.34 -80.59
N TYR V 20 0.80 -35.39 -79.37
CA TYR V 20 0.99 -34.17 -78.58
C TYR V 20 2.24 -33.44 -79.02
N VAL V 21 2.18 -32.11 -78.91
CA VAL V 21 3.23 -31.23 -79.41
C VAL V 21 4.09 -30.61 -78.32
N PHE V 22 5.39 -30.90 -78.36
CA PHE V 22 6.35 -30.11 -77.61
C PHE V 22 7.42 -29.64 -78.59
N GLU V 23 7.32 -28.38 -79.00
CA GLU V 23 8.33 -27.73 -79.83
C GLU V 23 9.03 -26.61 -79.07
N SER V 24 8.53 -26.31 -77.87
CA SER V 24 9.06 -25.21 -77.10
C SER V 24 10.25 -25.61 -76.25
N PRO V 25 11.18 -24.68 -76.01
CA PRO V 25 12.29 -24.96 -75.10
C PRO V 25 11.81 -25.32 -73.69
N LYS V 26 10.86 -24.55 -73.17
CA LYS V 26 10.34 -24.76 -71.83
C LYS V 26 9.67 -26.12 -71.67
N MET V 27 8.79 -26.44 -72.61
CA MET V 27 8.02 -27.66 -72.54
C MET V 27 8.92 -28.87 -72.78
N LYS V 28 9.94 -28.68 -73.62
CA LYS V 28 10.91 -29.74 -73.90
C LYS V 28 11.74 -30.05 -72.65
N GLU V 29 12.06 -29.03 -71.86
CA GLU V 29 12.81 -29.24 -70.63
C GLU V 29 11.95 -30.04 -69.67
N ILE V 30 10.68 -29.68 -69.59
CA ILE V 30 9.72 -30.37 -68.75
C ILE V 30 9.55 -31.80 -69.23
N LEU V 31 9.55 -31.98 -70.54
CA LEU V 31 9.39 -33.30 -71.11
C LEU V 31 10.49 -34.23 -70.62
N GLU V 32 11.72 -33.72 -70.54
CA GLU V 32 12.86 -34.48 -70.05
C GLU V 32 12.68 -34.80 -68.58
N LYS V 33 12.22 -33.79 -67.83
CA LYS V 33 12.01 -33.93 -66.40
C LYS V 33 11.03 -35.08 -66.15
N ILE V 34 9.97 -35.13 -66.95
CA ILE V 34 8.96 -36.16 -66.84
C ILE V 34 9.52 -37.56 -67.09
N LYS V 35 10.37 -37.70 -68.10
CA LYS V 35 10.93 -38.99 -68.47
C LYS V 35 11.80 -39.58 -67.36
N LYS V 36 12.43 -38.71 -66.57
CA LYS V 36 13.26 -39.15 -65.46
C LYS V 36 12.46 -39.68 -64.28
N ILE V 37 11.27 -39.14 -64.06
CA ILE V 37 10.44 -39.52 -62.92
C ILE V 37 9.48 -40.65 -63.26
N SER V 38 9.61 -41.19 -64.47
CA SER V 38 8.77 -42.29 -64.93
C SER V 38 8.74 -43.46 -63.94
N CYS V 39 9.85 -43.67 -63.22
CA CYS V 39 9.97 -44.79 -62.30
C CYS V 39 9.38 -44.51 -60.90
N ALA V 40 9.10 -43.24 -60.60
CA ALA V 40 8.69 -42.85 -59.25
C ALA V 40 7.24 -43.22 -58.98
N GLU V 41 6.97 -43.63 -57.74
CA GLU V 41 5.63 -44.03 -57.30
C GLU V 41 4.90 -42.94 -56.52
N CYS V 42 5.42 -41.72 -56.57
CA CYS V 42 5.03 -40.69 -55.61
C CYS V 42 4.16 -39.60 -56.22
N PRO V 43 3.34 -38.93 -55.38
CA PRO V 43 2.40 -37.91 -55.86
C PRO V 43 3.04 -36.75 -56.63
N VAL V 44 2.29 -36.23 -57.60
CA VAL V 44 2.75 -35.15 -58.48
C VAL V 44 1.73 -34.03 -58.49
N LEU V 45 2.20 -32.79 -58.45
CA LEU V 45 1.31 -31.65 -58.44
C LEU V 45 1.50 -30.74 -59.65
N ILE V 46 0.49 -30.69 -60.52
CA ILE V 46 0.52 -29.87 -61.72
C ILE V 46 -0.31 -28.62 -61.52
N THR V 47 0.22 -27.47 -61.89
CA THR V 47 -0.51 -26.21 -61.75
C THR V 47 -0.38 -25.41 -63.04
N GLY V 48 -1.27 -24.44 -63.24
CA GLY V 48 -1.20 -23.57 -64.40
C GLY V 48 -2.57 -23.01 -64.77
N GLU V 49 -2.60 -22.10 -65.73
CA GLU V 49 -3.86 -21.53 -66.20
C GLU V 49 -4.71 -22.61 -66.85
N SER V 50 -6.02 -22.39 -66.96
CA SER V 50 -6.87 -23.37 -67.59
C SER V 50 -6.63 -23.33 -69.10
N GLY V 51 -6.40 -24.51 -69.69
CA GLY V 51 -6.13 -24.63 -71.11
C GLY V 51 -4.65 -24.61 -71.43
N VAL V 52 -3.79 -24.85 -70.43
CA VAL V 52 -2.34 -24.87 -70.66
C VAL V 52 -1.80 -26.27 -70.90
N GLY V 53 -2.66 -27.27 -70.78
CA GLY V 53 -2.22 -28.65 -70.98
C GLY V 53 -1.96 -29.44 -69.71
N LYS V 54 -2.52 -29.00 -68.59
CA LYS V 54 -2.36 -29.71 -67.33
C LYS V 54 -2.84 -31.17 -67.43
N GLU V 55 -3.90 -31.40 -68.20
CA GLU V 55 -4.44 -32.76 -68.40
C GLU V 55 -3.59 -33.66 -69.30
N VAL V 56 -3.01 -33.10 -70.37
CA VAL V 56 -2.20 -33.93 -71.26
C VAL V 56 -1.00 -34.45 -70.48
N VAL V 57 -0.33 -33.57 -69.74
CA VAL V 57 0.83 -33.96 -68.93
C VAL V 57 0.45 -35.04 -67.94
N ALA V 58 -0.65 -34.81 -67.23
CA ALA V 58 -1.13 -35.73 -66.21
C ALA V 58 -1.49 -37.09 -66.79
N ARG V 59 -2.17 -37.11 -67.92
CA ARG V 59 -2.58 -38.34 -68.56
C ARG V 59 -1.35 -39.08 -69.13
N LEU V 60 -0.37 -38.31 -69.57
CA LEU V 60 0.83 -38.87 -70.21
C LEU V 60 1.79 -39.55 -69.25
N ILE V 61 2.03 -38.93 -68.10
CA ILE V 61 2.97 -39.47 -67.11
C ILE V 61 2.62 -40.92 -66.80
N HIS V 62 1.34 -41.22 -66.76
CA HIS V 62 0.88 -42.59 -66.52
C HIS V 62 1.36 -43.50 -67.64
N LYS V 63 1.24 -43.00 -68.86
CA LYS V 63 1.59 -43.78 -70.04
C LYS V 63 3.10 -44.08 -70.08
N LEU V 64 3.90 -43.19 -69.51
CA LEU V 64 5.36 -43.36 -69.49
C LEU V 64 5.83 -44.10 -68.24
N SER V 65 4.91 -44.32 -67.30
CA SER V 65 5.26 -44.95 -66.04
C SER V 65 5.26 -46.46 -66.17
N ASP V 66 5.56 -47.14 -65.07
CA ASP V 66 5.57 -48.59 -65.02
C ASP V 66 4.16 -49.17 -64.97
N ARG V 67 3.20 -48.29 -64.69
CA ARG V 67 1.79 -48.66 -64.53
C ARG V 67 0.94 -48.43 -65.77
N SER V 68 1.56 -48.14 -66.91
CA SER V 68 0.82 -47.74 -68.10
C SER V 68 -0.25 -48.75 -68.50
N LYS V 69 -0.07 -50.00 -68.09
CA LYS V 69 -1.02 -51.07 -68.41
C LYS V 69 -2.08 -51.22 -67.32
N GLU V 70 -1.90 -50.48 -66.23
CA GLU V 70 -2.80 -50.58 -65.08
C GLU V 70 -3.94 -49.56 -65.20
N PRO V 71 -4.92 -49.61 -64.27
CA PRO V 71 -6.07 -48.70 -64.39
C PRO V 71 -5.70 -47.23 -64.21
N PHE V 72 -6.35 -46.36 -64.97
CA PHE V 72 -6.23 -44.92 -64.82
C PHE V 72 -7.58 -44.35 -64.50
N VAL V 73 -7.74 -43.83 -63.27
CA VAL V 73 -9.02 -43.33 -62.82
C VAL V 73 -8.97 -41.82 -62.91
N ALA V 74 -9.77 -41.26 -63.82
CA ALA V 74 -9.81 -39.82 -64.01
C ALA V 74 -10.96 -39.30 -63.19
N LEU V 75 -10.71 -38.25 -62.40
CA LEU V 75 -11.75 -37.73 -61.53
C LEU V 75 -11.81 -36.21 -61.38
N ASN V 76 -12.99 -35.65 -61.61
CA ASN V 76 -13.27 -34.28 -61.18
C ASN V 76 -13.88 -34.39 -59.82
N VAL V 77 -13.14 -33.98 -58.81
CA VAL V 77 -13.59 -34.15 -57.44
C VAL V 77 -14.76 -33.21 -57.14
N ALA V 78 -14.68 -31.98 -57.64
CA ALA V 78 -15.74 -30.99 -57.42
C ALA V 78 -17.15 -31.52 -57.68
N SER V 79 -17.27 -32.51 -58.55
CA SER V 79 -18.59 -33.05 -58.91
C SER V 79 -19.11 -34.03 -57.87
N ILE V 80 -18.26 -34.41 -56.91
CA ILE V 80 -18.69 -35.33 -55.87
C ILE V 80 -19.57 -34.58 -54.88
N PRO V 81 -20.81 -35.06 -54.65
CA PRO V 81 -21.72 -34.45 -53.68
C PRO V 81 -21.24 -34.61 -52.24
N ARG V 82 -21.48 -33.59 -51.43
CA ARG V 82 -21.00 -33.56 -50.05
C ARG V 82 -21.53 -34.74 -49.23
N ASP V 83 -22.77 -35.15 -49.51
CA ASP V 83 -23.44 -36.14 -48.67
C ASP V 83 -22.81 -37.55 -48.73
N ILE V 84 -22.46 -38.01 -49.93
CA ILE V 84 -21.81 -39.31 -50.09
C ILE V 84 -20.28 -39.19 -50.29
N PHE V 85 -19.71 -37.99 -50.21
CA PHE V 85 -18.29 -37.78 -50.47
C PHE V 85 -17.46 -38.83 -49.73
N GLU V 86 -17.72 -38.99 -48.44
CA GLU V 86 -16.97 -39.97 -47.65
C GLU V 86 -17.18 -41.38 -48.20
N ALA V 87 -18.45 -41.70 -48.50
CA ALA V 87 -18.84 -43.04 -48.92
C ALA V 87 -18.35 -43.39 -50.32
N GLU V 88 -18.45 -42.43 -51.24
CA GLU V 88 -18.11 -42.67 -52.64
C GLU V 88 -16.61 -42.83 -52.79
N LEU V 89 -15.88 -42.38 -51.78
CA LEU V 89 -14.43 -42.35 -51.84
C LEU V 89 -13.78 -43.63 -51.32
N PHE V 90 -14.06 -43.95 -50.07
CA PHE V 90 -13.47 -45.12 -49.41
C PHE V 90 -14.18 -46.43 -49.73
N GLY V 91 -15.48 -46.30 -49.98
CA GLY V 91 -16.34 -47.43 -50.27
C GLY V 91 -17.12 -47.72 -49.02
N TYR V 92 -18.07 -48.65 -49.10
CA TYR V 92 -18.92 -49.00 -47.98
C TYR V 92 -19.46 -50.42 -48.01
N GLU V 93 -19.81 -50.93 -46.83
CA GLU V 93 -20.36 -52.27 -46.71
C GLU V 93 -21.87 -52.24 -46.51
N LYS V 94 -22.53 -53.33 -46.90
CA LYS V 94 -23.99 -53.43 -46.83
C LYS V 94 -24.49 -53.09 -45.42
N GLY V 95 -25.58 -52.34 -45.38
CA GLY V 95 -26.08 -51.73 -44.15
C GLY V 95 -25.14 -50.61 -43.74
N ALA V 96 -25.09 -50.22 -42.47
CA ALA V 96 -24.06 -49.27 -42.03
C ALA V 96 -24.11 -47.95 -42.82
N PHE V 97 -25.00 -47.03 -42.45
CA PHE V 97 -25.35 -45.79 -43.20
C PHE V 97 -26.73 -45.85 -43.84
N THR V 98 -27.44 -46.97 -43.71
CA THR V 98 -28.75 -47.12 -44.34
C THR V 98 -28.49 -47.02 -45.82
N GLY V 99 -27.42 -47.68 -46.24
CA GLY V 99 -26.96 -47.69 -47.61
C GLY V 99 -27.72 -48.71 -48.40
N ALA V 100 -28.96 -48.94 -47.97
CA ALA V 100 -29.82 -49.90 -48.62
C ALA V 100 -29.11 -51.23 -48.71
N VAL V 101 -28.81 -51.67 -49.92
CA VAL V 101 -28.53 -53.07 -50.17
C VAL V 101 -27.06 -53.35 -50.42
N SER V 102 -26.49 -52.69 -51.42
CA SER V 102 -25.19 -53.13 -51.92
C SER V 102 -23.97 -52.51 -51.24
N SER V 103 -22.94 -53.34 -51.11
CA SER V 103 -21.62 -52.88 -50.70
C SER V 103 -20.96 -52.34 -51.96
N LYS V 104 -20.10 -51.34 -51.84
CA LYS V 104 -19.47 -50.80 -53.04
C LYS V 104 -18.03 -50.36 -52.77
N GLU V 105 -17.15 -50.64 -53.74
CA GLU V 105 -15.74 -50.28 -53.66
C GLU V 105 -15.64 -48.76 -53.65
N GLY V 106 -14.51 -48.25 -53.17
CA GLY V 106 -14.26 -46.82 -53.25
C GLY V 106 -13.38 -46.54 -54.45
N PHE V 107 -13.19 -45.26 -54.77
CA PHE V 107 -12.34 -44.91 -55.90
C PHE V 107 -10.91 -45.30 -55.58
N PHE V 108 -10.56 -45.25 -54.30
CA PHE V 108 -9.22 -45.61 -53.86
C PHE V 108 -8.91 -47.11 -54.08
N GLU V 109 -9.86 -47.97 -53.74
CA GLU V 109 -9.68 -49.41 -53.96
C GLU V 109 -9.71 -49.73 -55.45
N LEU V 110 -10.50 -48.97 -56.18
CA LEU V 110 -10.65 -49.16 -57.61
C LEU V 110 -9.37 -48.83 -58.37
N ALA V 111 -8.61 -47.86 -57.85
CA ALA V 111 -7.39 -47.41 -58.50
C ALA V 111 -6.15 -48.11 -57.94
N ASP V 112 -6.36 -49.08 -57.05
CA ASP V 112 -5.24 -49.78 -56.40
C ASP V 112 -4.30 -50.35 -57.45
N GLY V 113 -3.02 -50.00 -57.35
CA GLY V 113 -2.01 -50.43 -58.32
C GLY V 113 -1.92 -49.57 -59.56
N GLY V 114 -2.92 -48.72 -59.74
CA GLY V 114 -3.05 -47.87 -60.91
C GLY V 114 -2.72 -46.45 -60.52
N THR V 115 -3.32 -45.50 -61.23
CA THR V 115 -3.08 -44.09 -60.98
C THR V 115 -4.40 -43.35 -60.77
N LEU V 116 -4.44 -42.49 -59.75
CA LEU V 116 -5.65 -41.74 -59.43
C LEU V 116 -5.44 -40.26 -59.72
N PHE V 117 -6.26 -39.71 -60.60
CA PHE V 117 -6.12 -38.35 -61.05
C PHE V 117 -7.22 -37.47 -60.46
N LEU V 118 -6.84 -36.55 -59.58
CA LEU V 118 -7.80 -35.64 -58.97
C LEU V 118 -7.72 -34.27 -59.60
N ASP V 119 -8.70 -33.91 -60.43
CA ASP V 119 -8.66 -32.65 -61.14
C ASP V 119 -9.42 -31.61 -60.32
N GLU V 120 -8.97 -30.36 -60.38
CA GLU V 120 -9.61 -29.25 -59.68
C GLU V 120 -9.60 -29.45 -58.18
N ILE V 121 -8.47 -29.91 -57.65
CA ILE V 121 -8.27 -30.09 -56.22
C ILE V 121 -8.47 -28.76 -55.49
N GLY V 122 -8.16 -27.67 -56.18
CA GLY V 122 -8.18 -26.36 -55.58
C GLY V 122 -9.58 -25.90 -55.21
N GLU V 123 -10.59 -26.63 -55.69
CA GLU V 123 -11.98 -26.27 -55.46
C GLU V 123 -12.57 -26.95 -54.22
N LEU V 124 -11.79 -27.78 -53.54
CA LEU V 124 -12.27 -28.47 -52.35
C LEU V 124 -12.43 -27.52 -51.18
N SER V 125 -13.45 -27.75 -50.37
CA SER V 125 -13.69 -26.95 -49.17
C SER V 125 -12.67 -27.36 -48.11
N LEU V 126 -12.18 -26.38 -47.35
CA LEU V 126 -11.15 -26.63 -46.35
C LEU V 126 -11.55 -27.76 -45.41
N GLU V 127 -12.81 -27.81 -45.03
CA GLU V 127 -13.29 -28.85 -44.12
C GLU V 127 -13.18 -30.22 -44.79
N ALA V 128 -13.42 -30.27 -46.09
CA ALA V 128 -13.44 -31.52 -46.85
C ALA V 128 -12.04 -32.06 -47.14
N GLN V 129 -11.07 -31.16 -47.29
CA GLN V 129 -9.69 -31.52 -47.58
C GLN V 129 -9.16 -32.47 -46.50
N ALA V 130 -9.60 -32.23 -45.27
CA ALA V 130 -9.14 -33.00 -44.12
C ALA V 130 -9.47 -34.49 -44.23
N LYS V 131 -10.48 -34.83 -44.99
CA LYS V 131 -10.96 -36.22 -45.06
C LYS V 131 -9.97 -37.18 -45.70
N LEU V 132 -9.31 -36.72 -46.76
CA LEU V 132 -8.37 -37.56 -47.51
C LEU V 132 -6.95 -37.49 -46.92
N LEU V 133 -6.79 -36.77 -45.81
CA LEU V 133 -5.47 -36.45 -45.30
C LEU V 133 -4.65 -37.71 -44.97
N ARG V 134 -5.15 -38.59 -44.11
CA ARG V 134 -4.41 -39.80 -43.74
C ARG V 134 -4.28 -40.77 -44.92
N VAL V 135 -5.21 -40.66 -45.86
CA VAL V 135 -5.28 -41.55 -47.02
C VAL V 135 -4.14 -41.28 -48.01
N ILE V 136 -3.79 -40.00 -48.19
CA ILE V 136 -2.78 -39.61 -49.16
C ILE V 136 -1.44 -40.27 -48.84
N GLU V 137 -0.98 -40.07 -47.62
CA GLU V 137 0.35 -40.51 -47.25
C GLU V 137 0.38 -42.01 -46.97
N SER V 138 -0.60 -42.49 -46.21
CA SER V 138 -0.60 -43.87 -45.75
C SER V 138 -1.16 -44.87 -46.76
N GLY V 139 -2.05 -44.40 -47.62
CA GLY V 139 -2.74 -45.29 -48.56
C GLY V 139 -3.64 -46.27 -47.83
N LYS V 140 -4.02 -45.90 -46.60
CA LYS V 140 -4.83 -46.76 -45.74
C LYS V 140 -6.13 -46.09 -45.30
N PHE V 141 -7.16 -46.91 -45.06
CA PHE V 141 -8.44 -46.42 -44.57
C PHE V 141 -9.32 -47.55 -44.10
N TYR V 142 -10.49 -47.21 -43.58
CA TYR V 142 -11.52 -48.17 -43.22
C TYR V 142 -12.74 -47.93 -44.10
N ARG V 143 -13.31 -48.99 -44.64
CA ARG V 143 -14.57 -48.85 -45.38
C ARG V 143 -15.65 -48.37 -44.43
N LEU V 144 -16.66 -47.71 -44.97
CA LEU V 144 -17.78 -47.29 -44.15
C LEU V 144 -18.52 -48.56 -43.74
N GLY V 145 -18.62 -48.77 -42.43
CA GLY V 145 -19.21 -49.98 -41.91
C GLY V 145 -18.23 -51.14 -41.91
N GLY V 146 -17.05 -50.95 -42.49
CA GLY V 146 -16.02 -51.98 -42.45
C GLY V 146 -15.14 -51.91 -41.21
N ARG V 147 -14.80 -53.07 -40.66
CA ARG V 147 -13.92 -53.15 -39.49
C ARG V 147 -12.48 -53.57 -39.77
N LYS V 148 -12.16 -53.90 -41.01
CA LYS V 148 -10.81 -54.31 -41.37
C LYS V 148 -10.12 -53.21 -42.17
N GLU V 149 -8.98 -52.74 -41.67
CA GLU V 149 -8.22 -51.71 -42.37
C GLU V 149 -7.72 -52.22 -43.71
N ILE V 150 -7.96 -51.45 -44.77
CA ILE V 150 -7.54 -51.80 -46.11
C ILE V 150 -6.33 -50.95 -46.50
N GLU V 151 -5.40 -51.55 -47.23
CA GLU V 151 -4.21 -50.85 -47.69
C GLU V 151 -4.05 -50.93 -49.19
N VAL V 152 -3.81 -49.78 -49.81
CA VAL V 152 -3.63 -49.72 -51.26
C VAL V 152 -2.40 -48.89 -51.64
N ASN V 153 -1.87 -49.19 -52.82
CA ASN V 153 -0.72 -48.48 -53.37
C ASN V 153 -1.17 -47.68 -54.58
N VAL V 154 -1.21 -46.37 -54.41
CA VAL V 154 -1.74 -45.48 -55.44
C VAL V 154 -0.85 -44.25 -55.62
N ARG V 155 -0.50 -43.98 -56.87
CA ARG V 155 0.21 -42.76 -57.20
C ARG V 155 -0.83 -41.68 -57.46
N ILE V 156 -0.64 -40.54 -56.82
CA ILE V 156 -1.61 -39.46 -56.87
C ILE V 156 -1.19 -38.36 -57.82
N LEU V 157 -2.12 -37.97 -58.68
CA LEU V 157 -1.92 -36.84 -59.58
C LEU V 157 -2.95 -35.78 -59.24
N ALA V 158 -2.55 -34.52 -59.34
CA ALA V 158 -3.42 -33.41 -59.02
C ALA V 158 -3.23 -32.32 -60.05
N ALA V 159 -4.27 -31.52 -60.25
CA ALA V 159 -4.24 -30.41 -61.20
C ALA V 159 -5.10 -29.29 -60.64
N THR V 160 -4.71 -28.04 -60.90
CA THR V 160 -5.56 -26.93 -60.51
C THR V 160 -5.30 -25.71 -61.37
N ASN V 161 -6.34 -24.92 -61.58
CA ASN V 161 -6.25 -23.71 -62.38
C ASN V 161 -5.98 -22.51 -61.47
N ARG V 162 -5.69 -22.79 -60.20
CA ARG V 162 -5.57 -21.77 -59.19
C ARG V 162 -4.14 -21.69 -58.69
N ASN V 163 -3.80 -20.60 -58.00
CA ASN V 163 -2.46 -20.42 -57.46
C ASN V 163 -2.40 -21.00 -56.07
N ILE V 164 -1.69 -22.11 -55.94
CA ILE V 164 -1.71 -22.89 -54.71
C ILE V 164 -0.84 -22.33 -53.57
N LYS V 165 0.32 -21.75 -53.91
CA LYS V 165 1.21 -21.18 -52.91
C LYS V 165 0.57 -20.05 -52.11
N GLU V 166 -0.23 -19.23 -52.77
CA GLU V 166 -0.90 -18.13 -52.09
C GLU V 166 -1.96 -18.66 -51.13
N LEU V 167 -2.72 -19.65 -51.57
CA LEU V 167 -3.84 -20.17 -50.79
C LEU V 167 -3.38 -20.71 -49.44
N VAL V 168 -2.19 -21.30 -49.40
CA VAL V 168 -1.64 -21.82 -48.16
C VAL V 168 -1.38 -20.65 -47.22
N LYS V 169 -0.75 -19.62 -47.75
CA LYS V 169 -0.41 -18.42 -47.00
C LYS V 169 -1.66 -17.63 -46.58
N GLU V 170 -2.74 -17.75 -47.35
CA GLU V 170 -4.01 -17.10 -47.02
C GLU V 170 -4.96 -17.99 -46.21
N GLY V 171 -4.51 -19.19 -45.89
CA GLY V 171 -5.30 -20.10 -45.07
C GLY V 171 -6.51 -20.76 -45.70
N LYS V 172 -6.63 -20.71 -47.03
CA LYS V 172 -7.75 -21.37 -47.70
C LYS V 172 -7.43 -22.82 -48.06
N PHE V 173 -6.17 -23.21 -47.92
CA PHE V 173 -5.72 -24.58 -48.20
C PHE V 173 -4.73 -25.05 -47.15
N ARG V 174 -4.97 -26.26 -46.66
CA ARG V 174 -4.17 -26.79 -45.57
C ARG V 174 -2.68 -26.94 -45.90
N GLU V 175 -1.86 -26.46 -44.98
CA GLU V 175 -0.41 -26.58 -45.09
C GLU V 175 -0.02 -28.05 -44.96
N ASP V 176 -0.75 -28.75 -44.09
CA ASP V 176 -0.44 -30.15 -43.77
C ASP V 176 -0.69 -31.08 -44.95
N LEU V 177 -1.66 -30.73 -45.78
CA LEU V 177 -1.97 -31.56 -46.94
C LEU V 177 -0.97 -31.38 -48.08
N TYR V 178 -0.54 -30.15 -48.29
CA TYR V 178 0.35 -29.83 -49.41
C TYR V 178 1.60 -30.72 -49.37
N TYR V 179 2.18 -30.87 -48.19
CA TYR V 179 3.43 -31.60 -48.02
C TYR V 179 3.24 -33.10 -48.30
N ARG V 180 1.99 -33.55 -48.29
CA ARG V 180 1.65 -34.93 -48.65
C ARG V 180 1.56 -35.10 -50.16
N LEU V 181 0.92 -34.13 -50.82
CA LEU V 181 0.75 -34.11 -52.28
C LEU V 181 1.92 -33.53 -53.06
N GLY V 182 2.69 -32.65 -52.43
CA GLY V 182 3.63 -31.82 -53.15
C GLY V 182 5.01 -32.39 -53.39
N VAL V 183 5.13 -33.72 -53.38
CA VAL V 183 6.42 -34.35 -53.66
C VAL V 183 7.04 -33.86 -54.98
N ILE V 184 6.32 -33.99 -56.08
CA ILE V 184 6.77 -33.46 -57.37
C ILE V 184 5.85 -32.35 -57.88
N GLU V 185 6.43 -31.22 -58.27
CA GLU V 185 5.65 -30.09 -58.76
C GLU V 185 6.07 -29.70 -60.17
N ILE V 186 5.11 -29.70 -61.08
CA ILE V 186 5.36 -29.28 -62.46
C ILE V 186 4.48 -28.10 -62.82
N GLU V 187 5.11 -26.96 -63.06
CA GLU V 187 4.45 -25.71 -63.41
C GLU V 187 4.40 -25.52 -64.92
N ILE V 188 3.19 -25.44 -65.47
CA ILE V 188 3.01 -25.19 -66.90
C ILE V 188 2.81 -23.71 -67.20
N PRO V 189 3.70 -23.12 -68.01
CA PRO V 189 3.54 -21.69 -68.38
C PRO V 189 2.41 -21.49 -69.39
N PRO V 190 1.91 -20.25 -69.50
CA PRO V 190 0.82 -19.96 -70.45
C PRO V 190 1.26 -20.14 -71.89
N LEU V 191 0.40 -19.75 -72.82
CA LEU V 191 0.71 -19.91 -74.23
C LEU V 191 1.54 -18.71 -74.67
N ARG V 192 1.22 -17.55 -74.12
CA ARG V 192 1.95 -16.33 -74.46
C ARG V 192 3.45 -16.46 -74.14
N GLU V 193 3.79 -17.39 -73.26
CA GLU V 193 5.18 -17.67 -72.92
C GLU V 193 5.75 -18.84 -73.72
N ARG V 194 4.90 -19.50 -74.49
CA ARG V 194 5.37 -20.44 -75.50
C ARG V 194 4.93 -19.95 -76.87
N LYS V 195 5.79 -19.20 -77.55
CA LYS V 195 5.46 -18.70 -78.87
C LYS V 195 5.75 -19.78 -79.88
N GLU V 196 6.71 -20.62 -79.54
CA GLU V 196 7.18 -21.68 -80.44
C GLU V 196 6.13 -22.77 -80.61
N ASP V 197 5.26 -22.92 -79.59
CA ASP V 197 4.24 -23.97 -79.59
C ASP V 197 2.99 -23.57 -80.38
N ILE V 198 2.81 -22.28 -80.60
CA ILE V 198 1.57 -21.75 -81.16
C ILE V 198 1.25 -22.33 -82.53
N ILE V 199 2.16 -22.13 -83.48
CA ILE V 199 1.88 -22.49 -84.88
C ILE V 199 1.76 -24.00 -85.08
N PRO V 200 2.69 -24.79 -84.50
CA PRO V 200 2.58 -26.26 -84.64
C PRO V 200 1.24 -26.79 -84.15
N LEU V 201 0.75 -26.22 -83.06
CA LEU V 201 -0.54 -26.59 -82.51
C LEU V 201 -1.65 -26.26 -83.49
N ALA V 202 -1.61 -25.03 -84.03
CA ALA V 202 -2.64 -24.55 -84.95
C ALA V 202 -2.82 -25.50 -86.13
N ASN V 203 -1.73 -26.02 -86.67
CA ASN V 203 -1.82 -26.94 -87.79
C ASN V 203 -2.48 -28.26 -87.39
N HIS V 204 -2.15 -28.77 -86.21
CA HIS V 204 -2.73 -30.03 -85.74
C HIS V 204 -4.24 -29.91 -85.56
N PHE V 205 -4.68 -28.80 -84.97
CA PHE V 205 -6.10 -28.56 -84.76
C PHE V 205 -6.79 -28.37 -86.10
N LEU V 206 -6.12 -27.66 -87.01
CA LEU V 206 -6.64 -27.45 -88.35
C LEU V 206 -6.83 -28.78 -89.09
N LYS V 207 -5.85 -29.66 -88.96
CA LYS V 207 -5.90 -30.97 -89.62
C LYS V 207 -7.07 -31.82 -89.18
N LYS V 208 -7.28 -31.91 -87.87
CA LYS V 208 -8.33 -32.72 -87.28
C LYS V 208 -9.72 -32.25 -87.69
N PHE V 209 -9.96 -30.95 -87.58
CA PHE V 209 -11.28 -30.40 -87.89
C PHE V 209 -11.56 -30.46 -89.38
N SER V 210 -10.52 -30.25 -90.20
CA SER V 210 -10.68 -30.36 -91.65
C SER V 210 -11.08 -31.77 -91.99
N ARG V 211 -10.54 -32.73 -91.26
CA ARG V 211 -10.90 -34.13 -91.45
C ARG V 211 -12.32 -34.41 -90.97
N LYS V 212 -12.62 -34.00 -89.75
CA LYS V 212 -13.93 -34.25 -89.14
C LYS V 212 -15.06 -33.58 -89.93
N TYR V 213 -14.89 -32.31 -90.24
CA TYR V 213 -15.91 -31.53 -90.94
C TYR V 213 -15.71 -31.54 -92.45
N ALA V 214 -14.87 -32.46 -92.92
CA ALA V 214 -14.53 -32.59 -94.34
C ALA V 214 -14.39 -31.25 -95.06
N LYS V 215 -13.28 -30.56 -94.82
CA LYS V 215 -13.01 -29.28 -95.47
C LYS V 215 -11.74 -29.37 -96.31
N GLU V 216 -11.46 -28.34 -97.08
CA GLU V 216 -10.33 -28.36 -98.00
C GLU V 216 -9.11 -27.62 -97.45
N VAL V 217 -9.21 -27.15 -96.20
CA VAL V 217 -8.19 -26.27 -95.65
C VAL V 217 -6.86 -27.01 -95.41
N GLU V 218 -5.76 -26.28 -95.63
CA GLU V 218 -4.41 -26.80 -95.52
C GLU V 218 -3.61 -26.06 -94.44
N GLY V 219 -3.48 -24.74 -94.61
CA GLY V 219 -2.67 -23.93 -93.73
C GLY V 219 -3.07 -22.47 -93.69
N PHE V 220 -2.26 -21.65 -93.01
CA PHE V 220 -2.56 -20.23 -92.81
C PHE V 220 -1.69 -19.34 -93.71
N THR V 221 -2.23 -18.20 -94.14
CA THR V 221 -1.45 -17.22 -94.88
C THR V 221 -0.44 -16.61 -93.93
N LYS V 222 0.63 -16.04 -94.47
CA LYS V 222 1.70 -15.50 -93.66
C LYS V 222 1.20 -14.34 -92.79
N SER V 223 0.27 -13.55 -93.35
CA SER V 223 -0.28 -12.40 -92.64
C SER V 223 -1.11 -12.85 -91.45
N ALA V 224 -1.83 -13.96 -91.62
CA ALA V 224 -2.66 -14.52 -90.56
C ALA V 224 -1.80 -15.06 -89.43
N GLN V 225 -0.75 -15.78 -89.80
CA GLN V 225 0.15 -16.39 -88.82
C GLN V 225 0.76 -15.33 -87.92
N GLU V 226 1.02 -14.15 -88.50
CA GLU V 226 1.61 -13.06 -87.75
C GLU V 226 0.69 -12.61 -86.62
N LEU V 227 -0.62 -12.55 -86.92
CA LEU V 227 -1.62 -12.14 -85.95
C LEU V 227 -1.78 -13.11 -84.79
N LEU V 228 -1.81 -14.40 -85.10
CA LEU V 228 -1.95 -15.45 -84.09
C LEU V 228 -0.87 -15.33 -83.03
N LEU V 229 0.31 -14.89 -83.45
CA LEU V 229 1.45 -14.75 -82.55
C LEU V 229 1.30 -13.54 -81.63
N SER V 230 0.56 -12.53 -82.08
CA SER V 230 0.38 -11.30 -81.32
C SER V 230 -0.88 -11.32 -80.46
N TYR V 231 -1.49 -12.49 -80.35
CA TYR V 231 -2.75 -12.61 -79.62
C TYR V 231 -2.51 -13.05 -78.18
N PRO V 232 -2.73 -12.16 -77.20
CA PRO V 232 -2.43 -12.57 -75.84
C PRO V 232 -3.47 -13.61 -75.42
N TRP V 233 -3.25 -14.87 -75.81
CA TRP V 233 -4.16 -15.93 -75.43
C TRP V 233 -4.29 -15.99 -73.92
N TYR V 234 -5.45 -15.57 -73.43
CA TYR V 234 -5.76 -15.62 -72.01
C TYR V 234 -6.27 -16.99 -71.64
N GLY V 235 -6.90 -17.64 -72.62
CA GLY V 235 -7.45 -18.97 -72.48
C GLY V 235 -6.49 -20.06 -72.94
N ASN V 236 -5.33 -19.63 -73.42
CA ASN V 236 -4.27 -20.56 -73.82
C ASN V 236 -4.72 -21.58 -74.87
N VAL V 237 -4.30 -22.84 -74.75
CA VAL V 237 -4.49 -23.83 -75.82
C VAL V 237 -5.95 -24.14 -76.09
N ARG V 238 -6.76 -24.17 -75.05
CA ARG V 238 -8.17 -24.49 -75.21
C ARG V 238 -8.86 -23.45 -76.08
N GLU V 239 -8.48 -22.19 -75.91
CA GLU V 239 -9.07 -21.13 -76.69
C GLU V 239 -8.69 -21.29 -78.15
N LEU V 240 -7.43 -21.68 -78.40
CA LEU V 240 -6.95 -21.88 -79.76
C LEU V 240 -7.77 -22.95 -80.48
N LYS V 241 -7.89 -24.11 -79.86
CA LYS V 241 -8.63 -25.23 -80.42
C LYS V 241 -10.02 -24.79 -80.86
N ASN V 242 -10.65 -23.95 -80.04
CA ASN V 242 -11.98 -23.46 -80.34
C ASN V 242 -11.96 -22.49 -81.52
N VAL V 243 -10.96 -21.60 -81.55
CA VAL V 243 -10.83 -20.61 -82.61
C VAL V 243 -10.61 -21.29 -83.95
N ILE V 244 -9.79 -22.34 -83.95
CA ILE V 244 -9.55 -23.11 -85.16
C ILE V 244 -10.86 -23.79 -85.54
N GLU V 245 -11.55 -24.33 -84.54
CA GLU V 245 -12.80 -25.02 -84.79
C GLU V 245 -13.82 -24.06 -85.41
N ARG V 246 -13.81 -22.80 -84.97
CA ARG V 246 -14.67 -21.80 -85.59
C ARG V 246 -14.24 -21.57 -87.03
N ALA V 247 -12.93 -21.40 -87.20
CA ALA V 247 -12.37 -21.04 -88.48
C ALA V 247 -12.55 -22.11 -89.54
N VAL V 248 -12.30 -23.36 -89.18
CA VAL V 248 -12.39 -24.46 -90.13
C VAL V 248 -13.82 -24.53 -90.68
N LEU V 249 -14.79 -24.30 -89.79
CA LEU V 249 -16.21 -24.39 -90.15
C LEU V 249 -16.62 -23.34 -91.16
N PHE V 250 -16.07 -22.13 -91.00
CA PHE V 250 -16.41 -21.00 -91.84
C PHE V 250 -15.43 -20.84 -92.99
N SER V 251 -14.42 -21.71 -93.07
CA SER V 251 -13.41 -21.63 -94.12
C SER V 251 -14.00 -21.90 -95.49
N GLU V 252 -13.45 -21.23 -96.50
CA GLU V 252 -13.90 -21.41 -97.87
C GLU V 252 -12.80 -22.00 -98.73
N GLY V 253 -11.69 -21.27 -98.83
CA GLY V 253 -10.57 -21.72 -99.64
C GLY V 253 -9.74 -22.73 -98.87
N LYS V 254 -8.51 -22.95 -99.32
CA LYS V 254 -7.63 -23.88 -98.66
C LYS V 254 -6.84 -23.19 -97.54
N PHE V 255 -6.84 -21.86 -97.56
CA PHE V 255 -6.10 -21.08 -96.57
C PHE V 255 -6.97 -20.03 -95.89
N ILE V 256 -6.56 -19.64 -94.70
CA ILE V 256 -7.27 -18.67 -93.89
C ILE V 256 -6.47 -17.37 -93.85
N ASP V 257 -7.10 -16.26 -94.22
CA ASP V 257 -6.41 -14.98 -94.26
C ASP V 257 -6.61 -14.25 -92.93
N ARG V 258 -5.97 -13.10 -92.77
CA ARG V 258 -6.07 -12.32 -91.55
C ARG V 258 -7.49 -11.77 -91.35
N GLY V 259 -8.22 -11.59 -92.45
CA GLY V 259 -9.55 -11.02 -92.40
C GLY V 259 -10.53 -11.91 -91.67
N GLU V 260 -10.40 -13.22 -91.86
CA GLU V 260 -11.29 -14.18 -91.21
C GLU V 260 -11.06 -14.25 -89.71
N LEU V 261 -9.84 -13.95 -89.28
CA LEU V 261 -9.49 -13.94 -87.87
C LEU V 261 -9.89 -12.65 -87.17
N SER V 262 -9.89 -11.54 -87.92
CA SER V 262 -10.15 -10.23 -87.33
C SER V 262 -11.48 -10.17 -86.61
N CYS V 263 -12.49 -10.81 -87.19
CA CYS V 263 -13.83 -10.83 -86.60
C CYS V 263 -13.94 -11.76 -85.39
N LEU V 264 -13.03 -12.73 -85.29
CA LEU V 264 -13.00 -13.66 -84.17
C LEU V 264 -12.21 -13.12 -82.97
N VAL V 265 -11.34 -12.15 -83.20
CA VAL V 265 -10.44 -11.65 -82.15
C VAL V 265 -10.81 -10.21 -81.79
N GLU W 17 -47.64 -25.36 -88.40
CA GLU W 17 -46.60 -26.23 -87.88
C GLU W 17 -45.35 -25.45 -87.51
N GLU W 18 -44.40 -25.36 -88.43
CA GLU W 18 -43.29 -24.42 -88.30
C GLU W 18 -43.67 -23.03 -88.80
N GLU W 19 -43.72 -22.07 -87.90
CA GLU W 19 -43.92 -20.67 -88.28
C GLU W 19 -43.03 -19.76 -87.44
N TYR W 20 -42.10 -19.07 -88.10
CA TYR W 20 -41.23 -18.12 -87.42
C TYR W 20 -40.80 -17.02 -88.37
N VAL W 21 -40.62 -15.82 -87.82
CA VAL W 21 -40.32 -14.62 -88.59
C VAL W 21 -38.87 -14.18 -88.43
N PHE W 22 -38.11 -14.15 -89.52
CA PHE W 22 -36.83 -13.45 -89.50
C PHE W 22 -36.73 -12.50 -90.70
N GLU W 23 -36.92 -11.20 -90.45
CA GLU W 23 -36.77 -10.18 -91.50
C GLU W 23 -35.62 -9.18 -91.32
N SER W 24 -34.93 -9.23 -90.19
CA SER W 24 -33.91 -8.21 -89.91
C SER W 24 -32.58 -8.50 -90.58
N PRO W 25 -31.82 -7.45 -90.89
CA PRO W 25 -30.47 -7.67 -91.40
C PRO W 25 -29.64 -8.46 -90.40
N LYS W 26 -29.71 -8.10 -89.12
CA LYS W 26 -28.94 -8.80 -88.10
C LYS W 26 -29.37 -10.26 -88.01
N MET W 27 -30.68 -10.49 -87.94
CA MET W 27 -31.23 -11.83 -87.78
C MET W 27 -31.07 -12.66 -89.05
N LYS W 28 -31.10 -12.00 -90.19
CA LYS W 28 -30.89 -12.69 -91.45
C LYS W 28 -29.44 -13.17 -91.50
N GLU W 29 -28.53 -12.33 -90.99
CA GLU W 29 -27.12 -12.68 -90.92
C GLU W 29 -26.90 -13.82 -89.93
N ILE W 30 -27.57 -13.74 -88.79
CA ILE W 30 -27.45 -14.75 -87.74
C ILE W 30 -27.93 -16.11 -88.23
N LEU W 31 -29.03 -16.10 -88.97
CA LEU W 31 -29.59 -17.34 -89.48
C LEU W 31 -28.59 -18.05 -90.39
N GLU W 32 -27.84 -17.28 -91.16
CA GLU W 32 -26.86 -17.84 -92.09
C GLU W 32 -25.75 -18.56 -91.33
N LYS W 33 -25.27 -17.96 -90.25
CA LYS W 33 -24.21 -18.57 -89.45
C LYS W 33 -24.63 -19.95 -88.96
N ILE W 34 -25.90 -20.08 -88.58
CA ILE W 34 -26.43 -21.33 -88.07
C ILE W 34 -26.32 -22.44 -89.12
N LYS W 35 -26.59 -22.11 -90.37
CA LYS W 35 -26.57 -23.08 -91.45
C LYS W 35 -25.17 -23.67 -91.63
N LYS W 36 -24.15 -22.89 -91.31
CA LYS W 36 -22.75 -23.33 -91.42
C LYS W 36 -22.34 -24.38 -90.38
N ILE W 37 -22.92 -24.31 -89.19
CA ILE W 37 -22.56 -25.21 -88.11
C ILE W 37 -23.47 -26.45 -88.07
N SER W 38 -24.35 -26.60 -89.05
CA SER W 38 -25.25 -27.75 -89.11
C SER W 38 -24.49 -29.07 -88.95
N CYS W 39 -23.25 -29.10 -89.45
CA CYS W 39 -22.42 -30.29 -89.37
C CYS W 39 -21.64 -30.35 -88.05
N ALA W 40 -21.61 -29.25 -87.31
CA ALA W 40 -20.76 -29.15 -86.12
C ALA W 40 -21.31 -29.91 -84.90
N GLU W 41 -20.37 -30.50 -84.15
CA GLU W 41 -20.67 -31.28 -82.94
C GLU W 41 -20.42 -30.50 -81.64
N CYS W 42 -20.21 -29.19 -81.73
CA CYS W 42 -19.63 -28.43 -80.62
C CYS W 42 -20.58 -27.49 -79.88
N PRO W 43 -20.25 -27.17 -78.61
CA PRO W 43 -21.09 -26.34 -77.73
C PRO W 43 -21.42 -24.95 -78.31
N VAL W 44 -22.56 -24.41 -77.88
CA VAL W 44 -23.04 -23.12 -78.35
C VAL W 44 -23.42 -22.21 -77.17
N LEU W 45 -23.07 -20.93 -77.27
CA LEU W 45 -23.42 -19.94 -76.25
C LEU W 45 -24.31 -18.84 -76.80
N ILE W 46 -25.56 -18.82 -76.34
CA ILE W 46 -26.55 -17.82 -76.77
C ILE W 46 -26.81 -16.77 -75.68
N THR W 47 -26.82 -15.50 -76.06
CA THR W 47 -27.03 -14.41 -75.12
C THR W 47 -28.09 -13.46 -75.66
N GLY W 48 -28.69 -12.66 -74.79
CA GLY W 48 -29.62 -11.63 -75.21
C GLY W 48 -30.66 -11.28 -74.15
N GLU W 49 -31.43 -10.23 -74.43
CA GLU W 49 -32.54 -9.84 -73.56
C GLU W 49 -33.63 -10.90 -73.59
N SER W 50 -34.51 -10.86 -72.59
CA SER W 50 -35.58 -11.84 -72.47
C SER W 50 -36.67 -11.69 -73.52
N GLY W 51 -37.02 -12.82 -74.14
CA GLY W 51 -38.09 -12.85 -75.13
C GLY W 51 -37.63 -12.64 -76.55
N VAL W 52 -36.34 -12.83 -76.82
CA VAL W 52 -35.80 -12.60 -78.16
C VAL W 52 -35.75 -13.83 -79.07
N GLY W 53 -36.15 -14.99 -78.57
CA GLY W 53 -36.16 -16.20 -79.38
C GLY W 53 -35.02 -17.18 -79.14
N LYS W 54 -34.37 -17.07 -77.99
CA LYS W 54 -33.26 -17.95 -77.67
C LYS W 54 -33.67 -19.43 -77.73
N GLU W 55 -34.88 -19.74 -77.26
CA GLU W 55 -35.38 -21.11 -77.26
C GLU W 55 -35.70 -21.56 -78.68
N VAL W 56 -36.24 -20.65 -79.48
CA VAL W 56 -36.57 -20.95 -80.87
C VAL W 56 -35.31 -21.27 -81.66
N VAL W 57 -34.29 -20.42 -81.53
CA VAL W 57 -33.02 -20.61 -82.22
C VAL W 57 -32.42 -21.96 -81.84
N ALA W 58 -32.44 -22.24 -80.54
CA ALA W 58 -31.88 -23.46 -80.01
C ALA W 58 -32.53 -24.69 -80.64
N ARG W 59 -33.86 -24.67 -80.74
CA ARG W 59 -34.60 -25.75 -81.39
C ARG W 59 -34.30 -25.79 -82.87
N LEU W 60 -34.06 -24.62 -83.44
CA LEU W 60 -33.86 -24.49 -84.85
C LEU W 60 -32.52 -25.10 -85.24
N ILE W 61 -31.48 -24.77 -84.46
CA ILE W 61 -30.15 -25.32 -84.71
C ILE W 61 -30.21 -26.83 -84.72
N HIS W 62 -31.02 -27.37 -83.84
CA HIS W 62 -31.19 -28.82 -83.74
C HIS W 62 -31.82 -29.37 -85.00
N LYS W 63 -32.86 -28.69 -85.46
CA LYS W 63 -33.63 -29.14 -86.62
C LYS W 63 -32.79 -29.14 -87.90
N LEU W 64 -31.84 -28.22 -87.98
CA LEU W 64 -30.99 -28.08 -89.15
C LEU W 64 -29.73 -28.92 -89.04
N SER W 65 -29.48 -29.49 -87.87
CA SER W 65 -28.26 -30.25 -87.64
C SER W 65 -28.42 -31.70 -88.09
N ASP W 66 -27.34 -32.46 -87.97
CA ASP W 66 -27.35 -33.87 -88.35
C ASP W 66 -28.03 -34.73 -87.29
N ARG W 67 -28.23 -34.16 -86.10
CA ARG W 67 -28.84 -34.88 -84.99
C ARG W 67 -30.35 -34.61 -84.85
N SER W 68 -30.95 -33.96 -85.83
CA SER W 68 -32.33 -33.49 -85.73
C SER W 68 -33.31 -34.63 -85.45
N LYS W 69 -32.91 -35.85 -85.80
CA LYS W 69 -33.77 -37.02 -85.65
C LYS W 69 -33.59 -37.71 -84.31
N GLU W 70 -32.57 -37.30 -83.55
CA GLU W 70 -32.26 -37.90 -82.25
C GLU W 70 -32.89 -37.07 -81.13
N PRO W 71 -32.78 -37.54 -79.87
CA PRO W 71 -33.48 -36.83 -78.79
C PRO W 71 -33.02 -35.39 -78.58
N PHE W 72 -33.96 -34.52 -78.24
CA PHE W 72 -33.68 -33.15 -77.85
C PHE W 72 -34.23 -32.94 -76.44
N VAL W 73 -33.33 -32.75 -75.47
CA VAL W 73 -33.70 -32.65 -74.06
C VAL W 73 -33.68 -31.21 -73.55
N ALA W 74 -34.85 -30.71 -73.16
CA ALA W 74 -34.98 -29.36 -72.63
C ALA W 74 -34.94 -29.36 -71.09
N LEU W 75 -34.10 -28.50 -70.52
CA LEU W 75 -33.90 -28.46 -69.08
C LEU W 75 -33.73 -27.04 -68.55
N ASN W 76 -34.45 -26.68 -67.49
CA ASN W 76 -34.11 -25.48 -66.75
C ASN W 76 -33.16 -25.92 -65.66
N VAL W 77 -31.90 -25.52 -65.79
CA VAL W 77 -30.87 -25.99 -64.89
C VAL W 77 -31.09 -25.42 -63.49
N ALA W 78 -31.71 -24.26 -63.40
CA ALA W 78 -32.00 -23.65 -62.10
C ALA W 78 -33.12 -24.40 -61.37
N SER W 79 -33.96 -25.11 -62.11
CA SER W 79 -35.11 -25.81 -61.52
C SER W 79 -34.71 -27.14 -60.86
N ILE W 80 -33.47 -27.57 -61.09
CA ILE W 80 -32.97 -28.79 -60.48
C ILE W 80 -32.64 -28.50 -59.02
N PRO W 81 -33.13 -29.33 -58.08
CA PRO W 81 -32.75 -29.08 -56.68
C PRO W 81 -31.25 -29.24 -56.51
N ARG W 82 -30.62 -28.35 -55.73
CA ARG W 82 -29.17 -28.38 -55.61
C ARG W 82 -28.68 -29.71 -55.01
N ASP W 83 -29.50 -30.29 -54.13
CA ASP W 83 -29.10 -31.46 -53.37
C ASP W 83 -28.96 -32.73 -54.22
N ILE W 84 -29.89 -32.94 -55.16
CA ILE W 84 -29.83 -34.08 -56.09
C ILE W 84 -29.25 -33.68 -57.45
N PHE W 85 -28.82 -32.42 -57.56
CA PHE W 85 -28.27 -31.86 -58.79
C PHE W 85 -27.25 -32.83 -59.38
N GLU W 86 -26.38 -33.36 -58.52
CA GLU W 86 -25.35 -34.32 -58.92
C GLU W 86 -26.00 -35.59 -59.45
N ALA W 87 -27.01 -36.05 -58.73
CA ALA W 87 -27.68 -37.31 -59.01
C ALA W 87 -28.53 -37.27 -60.28
N GLU W 88 -29.27 -36.19 -60.46
CA GLU W 88 -30.19 -36.09 -61.57
C GLU W 88 -29.47 -35.91 -62.89
N LEU W 89 -28.23 -35.47 -62.82
CA LEU W 89 -27.46 -35.14 -64.01
C LEU W 89 -26.65 -36.36 -64.49
N PHE W 90 -25.80 -36.87 -63.62
CA PHE W 90 -24.91 -37.97 -63.94
C PHE W 90 -25.64 -39.30 -63.88
N GLY W 91 -26.63 -39.34 -63.00
CA GLY W 91 -27.39 -40.55 -62.76
C GLY W 91 -26.85 -41.15 -61.49
N TYR W 92 -27.42 -42.27 -61.06
CA TYR W 92 -26.99 -42.93 -59.84
C TYR W 92 -27.27 -44.43 -59.86
N GLU W 93 -26.57 -45.16 -59.01
CA GLU W 93 -26.74 -46.60 -58.87
C GLU W 93 -27.60 -46.94 -57.64
N LYS W 94 -27.93 -48.22 -57.50
CA LYS W 94 -28.76 -48.74 -56.41
C LYS W 94 -28.29 -48.37 -55.00
N GLY W 95 -27.02 -47.99 -54.91
CA GLY W 95 -26.37 -47.70 -53.65
C GLY W 95 -26.54 -46.25 -53.21
N ALA W 96 -25.47 -45.76 -52.59
CA ALA W 96 -25.32 -44.35 -52.26
C ALA W 96 -26.31 -43.80 -51.23
N PHE W 97 -26.97 -42.71 -51.57
CA PHE W 97 -27.58 -41.82 -50.58
C PHE W 97 -28.97 -42.21 -50.08
N THR W 98 -29.34 -43.47 -50.28
CA THR W 98 -30.66 -44.02 -49.89
C THR W 98 -31.62 -43.89 -51.06
N GLY W 99 -31.14 -43.33 -52.16
CA GLY W 99 -31.96 -43.20 -53.35
C GLY W 99 -32.34 -44.56 -53.92
N ALA W 100 -33.66 -44.71 -54.05
CA ALA W 100 -34.33 -45.86 -54.65
C ALA W 100 -33.86 -47.24 -54.17
N VAL W 101 -34.19 -48.22 -55.01
CA VAL W 101 -33.62 -49.55 -55.03
C VAL W 101 -32.86 -49.63 -56.34
N SER W 102 -33.54 -49.29 -57.42
CA SER W 102 -33.02 -49.50 -58.76
C SER W 102 -32.08 -48.39 -59.20
N SER W 103 -31.19 -48.72 -60.12
CA SER W 103 -30.27 -47.76 -60.70
C SER W 103 -31.05 -46.84 -61.62
N LYS W 104 -30.56 -45.63 -61.80
CA LYS W 104 -31.26 -44.62 -62.58
C LYS W 104 -30.30 -43.85 -63.48
N GLU W 105 -30.68 -43.69 -64.74
CA GLU W 105 -29.89 -42.92 -65.70
C GLU W 105 -29.98 -41.43 -65.41
N GLY W 106 -29.00 -40.68 -65.89
CA GLY W 106 -29.01 -39.22 -65.79
C GLY W 106 -29.51 -38.58 -67.07
N PHE W 107 -29.66 -37.25 -67.04
CA PHE W 107 -30.12 -36.53 -68.21
C PHE W 107 -29.10 -36.57 -69.35
N PHE W 108 -27.82 -36.62 -69.00
CA PHE W 108 -26.76 -36.69 -69.99
C PHE W 108 -26.84 -38.01 -70.76
N GLU W 109 -27.06 -39.08 -70.01
CA GLU W 109 -27.16 -40.42 -70.59
C GLU W 109 -28.42 -40.50 -71.45
N LEU W 110 -29.43 -39.72 -71.07
CA LEU W 110 -30.67 -39.62 -71.86
C LEU W 110 -30.44 -38.93 -73.21
N ALA W 111 -29.44 -38.05 -73.28
CA ALA W 111 -29.18 -37.25 -74.47
C ALA W 111 -28.16 -37.88 -75.42
N ASP W 112 -27.74 -39.11 -75.13
CA ASP W 112 -26.72 -39.79 -75.94
C ASP W 112 -27.11 -39.85 -77.43
N GLY W 113 -26.20 -39.36 -78.27
CA GLY W 113 -26.44 -39.28 -79.70
C GLY W 113 -27.24 -38.06 -80.09
N GLY W 114 -27.84 -37.41 -79.10
CA GLY W 114 -28.73 -36.27 -79.30
C GLY W 114 -28.15 -34.93 -78.90
N THR W 115 -29.04 -34.03 -78.52
CA THR W 115 -28.67 -32.69 -78.09
C THR W 115 -29.30 -32.36 -76.75
N LEU W 116 -28.50 -31.77 -75.86
CA LEU W 116 -28.94 -31.38 -74.51
C LEU W 116 -28.95 -29.86 -74.41
N PHE W 117 -30.11 -29.30 -74.09
CA PHE W 117 -30.29 -27.85 -74.05
C PHE W 117 -30.43 -27.37 -72.62
N LEU W 118 -29.46 -26.58 -72.17
CA LEU W 118 -29.52 -26.01 -70.83
C LEU W 118 -29.94 -24.55 -70.88
N ASP W 119 -31.17 -24.28 -70.47
CA ASP W 119 -31.70 -22.92 -70.52
C ASP W 119 -31.42 -22.22 -69.20
N GLU W 120 -31.14 -20.92 -69.28
CA GLU W 120 -30.87 -20.10 -68.11
C GLU W 120 -29.68 -20.66 -67.33
N ILE W 121 -28.64 -21.04 -68.08
CA ILE W 121 -27.41 -21.55 -67.51
C ILE W 121 -26.76 -20.49 -66.60
N GLY W 122 -26.99 -19.22 -66.92
CA GLY W 122 -26.35 -18.11 -66.25
C GLY W 122 -26.74 -17.87 -64.81
N GLU W 123 -27.79 -18.55 -64.34
CA GLU W 123 -28.30 -18.33 -63.00
C GLU W 123 -27.64 -19.26 -61.96
N LEU W 124 -26.79 -20.17 -62.41
CA LEU W 124 -26.15 -21.10 -61.50
C LEU W 124 -25.07 -20.49 -60.62
N SER W 125 -25.00 -20.99 -59.40
CA SER W 125 -24.00 -20.58 -58.44
C SER W 125 -22.67 -21.19 -58.82
N LEU W 126 -21.59 -20.46 -58.56
CA LEU W 126 -20.24 -20.89 -58.93
C LEU W 126 -19.96 -22.32 -58.47
N GLU W 127 -20.49 -22.67 -57.30
CA GLU W 127 -20.27 -23.99 -56.73
C GLU W 127 -20.82 -25.07 -57.65
N ALA W 128 -21.97 -24.79 -58.24
CA ALA W 128 -22.64 -25.76 -59.10
C ALA W 128 -21.95 -25.81 -60.45
N GLN W 129 -21.44 -24.67 -60.90
CA GLN W 129 -20.76 -24.58 -62.19
C GLN W 129 -19.56 -25.52 -62.28
N ALA W 130 -18.77 -25.59 -61.21
CA ALA W 130 -17.52 -26.35 -61.21
C ALA W 130 -17.75 -27.84 -61.49
N LYS W 131 -18.95 -28.31 -61.17
CA LYS W 131 -19.28 -29.72 -61.28
C LYS W 131 -19.39 -30.19 -62.72
N LEU W 132 -19.78 -29.29 -63.61
CA LEU W 132 -20.02 -29.65 -65.01
C LEU W 132 -18.75 -29.72 -65.86
N LEU W 133 -17.60 -29.37 -65.29
CA LEU W 133 -16.41 -29.15 -66.08
C LEU W 133 -15.94 -30.37 -66.86
N ARG W 134 -15.65 -31.49 -66.19
CA ARG W 134 -15.15 -32.66 -66.89
C ARG W 134 -16.24 -33.23 -67.80
N VAL W 135 -17.49 -32.98 -67.43
CA VAL W 135 -18.62 -33.55 -68.15
C VAL W 135 -18.79 -32.87 -69.50
N ILE W 136 -18.69 -31.54 -69.51
CA ILE W 136 -18.89 -30.78 -70.73
C ILE W 136 -17.84 -31.05 -71.79
N GLU W 137 -16.57 -30.89 -71.44
CA GLU W 137 -15.51 -30.95 -72.44
C GLU W 137 -15.17 -32.38 -72.83
N SER W 138 -14.99 -33.23 -71.83
CA SER W 138 -14.55 -34.60 -72.11
C SER W 138 -15.73 -35.49 -72.44
N GLY W 139 -16.93 -35.10 -72.01
CA GLY W 139 -18.11 -35.92 -72.18
C GLY W 139 -18.03 -37.15 -71.30
N LYS W 140 -17.21 -37.06 -70.25
CA LYS W 140 -16.96 -38.18 -69.34
C LYS W 140 -17.34 -37.85 -67.91
N PHE W 141 -17.79 -38.86 -67.19
CA PHE W 141 -18.14 -38.74 -65.78
C PHE W 141 -18.36 -40.12 -65.18
N TYR W 142 -18.61 -40.17 -63.87
CA TYR W 142 -19.00 -41.41 -63.20
C TYR W 142 -20.40 -41.29 -62.63
N ARG W 143 -21.22 -42.30 -62.85
CA ARG W 143 -22.55 -42.35 -62.25
C ARG W 143 -22.37 -42.38 -60.74
N LEU W 144 -23.35 -41.89 -59.99
CA LEU W 144 -23.26 -41.93 -58.53
C LEU W 144 -23.37 -43.37 -58.05
N GLY W 145 -22.33 -43.83 -57.37
CA GLY W 145 -22.26 -45.21 -56.95
C GLY W 145 -21.78 -46.15 -58.06
N GLY W 146 -21.63 -45.65 -59.28
CA GLY W 146 -21.06 -46.45 -60.36
C GLY W 146 -19.54 -46.39 -60.44
N ARG W 147 -18.90 -47.52 -60.73
CA ARG W 147 -17.44 -47.59 -60.91
C ARG W 147 -16.94 -47.70 -62.36
N LYS W 148 -17.86 -47.70 -63.31
CA LYS W 148 -17.49 -47.80 -64.73
C LYS W 148 -17.62 -46.42 -65.35
N GLU W 149 -16.51 -45.91 -65.89
CA GLU W 149 -16.52 -44.58 -66.50
C GLU W 149 -17.45 -44.58 -67.70
N ILE W 150 -18.33 -43.59 -67.75
CA ILE W 150 -19.28 -43.48 -68.84
C ILE W 150 -18.81 -42.38 -69.76
N GLU W 151 -18.91 -42.64 -71.06
CA GLU W 151 -18.61 -41.67 -72.08
C GLU W 151 -19.81 -41.63 -73.02
N VAL W 152 -20.31 -40.43 -73.29
CA VAL W 152 -21.48 -40.27 -74.16
C VAL W 152 -21.23 -39.20 -75.20
N ASN W 153 -22.01 -39.25 -76.27
CA ASN W 153 -21.90 -38.28 -77.36
C ASN W 153 -23.09 -37.35 -77.30
N VAL W 154 -22.86 -36.13 -76.83
CA VAL W 154 -23.90 -35.15 -76.61
C VAL W 154 -23.49 -33.76 -77.05
N ARG W 155 -24.32 -33.14 -77.89
CA ARG W 155 -24.11 -31.75 -78.27
C ARG W 155 -24.83 -30.84 -77.27
N ILE W 156 -24.13 -29.85 -76.74
CA ILE W 156 -24.67 -28.97 -75.71
C ILE W 156 -25.09 -27.62 -76.25
N LEU W 157 -26.29 -27.20 -75.85
CA LEU W 157 -26.79 -25.86 -76.17
C LEU W 157 -27.08 -25.12 -74.86
N ALA W 158 -26.77 -23.83 -74.82
CA ALA W 158 -26.96 -23.04 -73.60
C ALA W 158 -27.55 -21.70 -73.94
N ALA W 159 -28.26 -21.11 -72.98
CA ALA W 159 -28.88 -19.79 -73.15
C ALA W 159 -28.89 -19.01 -71.84
N THR W 160 -28.79 -17.69 -71.92
CA THR W 160 -28.90 -16.82 -70.75
C THR W 160 -29.40 -15.45 -71.11
N ASN W 161 -30.12 -14.83 -70.17
CA ASN W 161 -30.65 -13.49 -70.39
C ASN W 161 -29.72 -12.41 -69.83
N ARG W 162 -28.52 -12.82 -69.39
CA ARG W 162 -27.57 -11.91 -68.76
C ARG W 162 -26.33 -11.78 -69.61
N ASN W 163 -25.49 -10.79 -69.31
CA ASN W 163 -24.27 -10.56 -70.07
C ASN W 163 -23.15 -11.37 -69.45
N ILE W 164 -22.74 -12.41 -70.18
CA ILE W 164 -21.87 -13.43 -69.63
C ILE W 164 -20.38 -13.08 -69.53
N LYS W 165 -19.80 -12.42 -70.53
CA LYS W 165 -18.39 -12.04 -70.42
C LYS W 165 -18.20 -11.12 -69.25
N GLU W 166 -19.18 -10.27 -69.00
CA GLU W 166 -19.10 -9.33 -67.90
C GLU W 166 -19.12 -10.08 -66.58
N LEU W 167 -19.97 -11.09 -66.47
CA LEU W 167 -20.08 -11.84 -65.22
C LEU W 167 -18.74 -12.50 -64.89
N VAL W 168 -18.03 -12.95 -65.92
CA VAL W 168 -16.73 -13.57 -65.74
C VAL W 168 -15.73 -12.55 -65.22
N LYS W 169 -15.74 -11.39 -65.87
CA LYS W 169 -14.85 -10.29 -65.54
C LYS W 169 -15.13 -9.71 -64.15
N GLU W 170 -16.35 -9.92 -63.65
CA GLU W 170 -16.72 -9.48 -62.30
C GLU W 170 -16.42 -10.56 -61.26
N GLY W 171 -15.87 -11.68 -61.70
CA GLY W 171 -15.51 -12.77 -60.81
C GLY W 171 -16.74 -13.52 -60.31
N LYS W 172 -17.87 -13.27 -60.97
CA LYS W 172 -19.14 -13.89 -60.64
C LYS W 172 -19.38 -15.17 -61.45
N PHE W 173 -18.52 -15.42 -62.44
CA PHE W 173 -18.62 -16.62 -63.28
C PHE W 173 -17.23 -17.18 -63.61
N ARG W 174 -17.11 -18.51 -63.54
CA ARG W 174 -15.83 -19.18 -63.74
C ARG W 174 -15.25 -18.94 -65.14
N GLU W 175 -13.97 -18.58 -65.17
CA GLU W 175 -13.27 -18.35 -66.44
C GLU W 175 -13.08 -19.66 -67.21
N ASP W 176 -12.73 -20.72 -66.49
CA ASP W 176 -12.40 -22.01 -67.11
C ASP W 176 -13.60 -22.70 -67.74
N LEU W 177 -14.78 -22.44 -67.19
CA LEU W 177 -16.00 -23.01 -67.73
C LEU W 177 -16.40 -22.27 -69.00
N TYR W 178 -16.18 -20.96 -69.02
CA TYR W 178 -16.56 -20.13 -70.16
C TYR W 178 -15.93 -20.66 -71.46
N TYR W 179 -14.66 -21.02 -71.40
CA TYR W 179 -13.94 -21.49 -72.57
C TYR W 179 -14.39 -22.86 -73.06
N ARG W 180 -15.08 -23.60 -72.20
CA ARG W 180 -15.64 -24.89 -72.60
C ARG W 180 -16.96 -24.73 -73.37
N LEU W 181 -17.81 -23.82 -72.88
CA LEU W 181 -19.12 -23.56 -73.50
C LEU W 181 -19.08 -22.62 -74.71
N GLY W 182 -18.10 -21.72 -74.72
CA GLY W 182 -18.10 -20.60 -75.65
C GLY W 182 -17.45 -20.83 -76.99
N VAL W 183 -17.38 -22.08 -77.44
CA VAL W 183 -16.82 -22.40 -78.75
C VAL W 183 -17.51 -21.55 -79.82
N ILE W 184 -18.84 -21.63 -79.85
CA ILE W 184 -19.64 -20.77 -80.71
C ILE W 184 -20.50 -19.85 -79.86
N GLU W 185 -20.46 -18.56 -80.17
CA GLU W 185 -21.21 -17.55 -79.42
C GLU W 185 -22.13 -16.78 -80.35
N ILE W 186 -23.42 -16.79 -80.03
CA ILE W 186 -24.42 -16.10 -80.84
C ILE W 186 -25.14 -15.04 -80.01
N GLU W 187 -24.98 -13.78 -80.41
CA GLU W 187 -25.63 -12.66 -79.75
C GLU W 187 -26.93 -12.35 -80.48
N ILE W 188 -28.06 -12.45 -79.78
CA ILE W 188 -29.33 -12.05 -80.34
C ILE W 188 -29.59 -10.59 -79.96
N PRO W 189 -29.70 -9.70 -80.96
CA PRO W 189 -29.94 -8.29 -80.62
C PRO W 189 -31.39 -8.05 -80.17
N PRO W 190 -31.64 -6.98 -79.41
CA PRO W 190 -33.01 -6.73 -78.95
C PRO W 190 -33.95 -6.40 -80.11
N LEU W 191 -35.20 -6.05 -79.82
CA LEU W 191 -36.18 -5.79 -80.87
C LEU W 191 -36.06 -4.35 -81.33
N ARG W 192 -35.84 -3.44 -80.39
CA ARG W 192 -35.68 -2.03 -80.71
C ARG W 192 -34.55 -1.79 -81.70
N GLU W 193 -33.62 -2.74 -81.81
CA GLU W 193 -32.57 -2.66 -82.82
C GLU W 193 -32.90 -3.52 -84.04
N ARG W 194 -34.03 -4.23 -83.99
CA ARG W 194 -34.58 -4.85 -85.19
C ARG W 194 -35.94 -4.24 -85.46
N LYS W 195 -35.97 -3.19 -86.28
CA LYS W 195 -37.21 -2.50 -86.56
C LYS W 195 -37.99 -3.28 -87.60
N GLU W 196 -37.24 -3.96 -88.46
CA GLU W 196 -37.81 -4.63 -89.62
C GLU W 196 -38.67 -5.82 -89.22
N ASP W 197 -38.39 -6.40 -88.06
CA ASP W 197 -39.10 -7.59 -87.59
C ASP W 197 -40.45 -7.25 -86.92
N ILE W 198 -40.59 -6.00 -86.51
CA ILE W 198 -41.71 -5.58 -85.67
C ILE W 198 -43.08 -5.82 -86.29
N ILE W 199 -43.34 -5.24 -87.46
CA ILE W 199 -44.68 -5.28 -88.06
C ILE W 199 -45.07 -6.71 -88.47
N PRO W 200 -44.18 -7.44 -89.14
CA PRO W 200 -44.53 -8.82 -89.52
C PRO W 200 -44.94 -9.67 -88.32
N LEU W 201 -44.23 -9.49 -87.20
CA LEU W 201 -44.54 -10.22 -85.98
C LEU W 201 -45.93 -9.85 -85.47
N ALA W 202 -46.18 -8.55 -85.38
CA ALA W 202 -47.46 -8.05 -84.89
C ALA W 202 -48.59 -8.64 -85.72
N ASN W 203 -48.41 -8.67 -87.04
CA ASN W 203 -49.40 -9.24 -87.93
C ASN W 203 -49.51 -10.75 -87.72
N HIS W 204 -48.36 -11.39 -87.50
CA HIS W 204 -48.31 -12.84 -87.28
C HIS W 204 -49.06 -13.28 -86.03
N PHE W 205 -48.87 -12.53 -84.93
CA PHE W 205 -49.54 -12.86 -83.68
C PHE W 205 -51.04 -12.59 -83.79
N LEU W 206 -51.38 -11.47 -84.42
CA LEU W 206 -52.77 -11.10 -84.59
C LEU W 206 -53.57 -12.13 -85.37
N LYS W 207 -53.00 -12.61 -86.47
CA LYS W 207 -53.67 -13.58 -87.32
C LYS W 207 -53.95 -14.87 -86.55
N LYS W 208 -52.98 -15.34 -85.78
CA LYS W 208 -53.11 -16.57 -85.00
C LYS W 208 -54.23 -16.45 -83.95
N PHE W 209 -54.23 -15.33 -83.22
CA PHE W 209 -55.19 -15.10 -82.15
C PHE W 209 -56.59 -14.84 -82.70
N SER W 210 -56.64 -14.21 -83.86
CA SER W 210 -57.91 -13.92 -84.52
C SER W 210 -58.67 -15.19 -84.85
N ARG W 211 -57.96 -16.24 -85.23
CA ARG W 211 -58.59 -17.53 -85.52
C ARG W 211 -59.09 -18.21 -84.24
N LYS W 212 -58.23 -18.25 -83.22
CA LYS W 212 -58.58 -18.91 -81.96
C LYS W 212 -59.85 -18.33 -81.33
N TYR W 213 -59.88 -17.00 -81.21
CA TYR W 213 -60.98 -16.33 -80.52
C TYR W 213 -62.09 -15.89 -81.47
N ALA W 214 -62.05 -16.39 -82.71
CA ALA W 214 -63.02 -16.05 -83.74
C ALA W 214 -63.46 -14.59 -83.69
N LYS W 215 -62.55 -13.71 -84.11
CA LYS W 215 -62.83 -12.27 -84.15
C LYS W 215 -62.69 -11.79 -85.59
N GLU W 216 -63.01 -10.51 -85.80
CA GLU W 216 -63.08 -9.94 -87.14
C GLU W 216 -61.81 -9.19 -87.56
N VAL W 217 -60.81 -9.17 -86.69
CA VAL W 217 -59.63 -8.34 -86.90
C VAL W 217 -58.74 -8.84 -88.06
N GLU W 218 -58.18 -7.87 -88.80
CA GLU W 218 -57.28 -8.16 -89.91
C GLU W 218 -55.92 -7.51 -89.69
N GLY W 219 -55.90 -6.19 -89.50
CA GLY W 219 -54.63 -5.47 -89.42
C GLY W 219 -54.68 -4.18 -88.61
N PHE W 220 -53.57 -3.44 -88.66
CA PHE W 220 -53.39 -2.23 -87.87
C PHE W 220 -53.55 -0.95 -88.69
N THR W 221 -54.07 0.09 -88.03
CA THR W 221 -54.14 1.41 -88.63
C THR W 221 -52.75 2.00 -88.76
N LYS W 222 -52.60 2.97 -89.65
CA LYS W 222 -51.30 3.58 -89.87
C LYS W 222 -50.85 4.28 -88.59
N SER W 223 -51.82 4.85 -87.88
CA SER W 223 -51.55 5.56 -86.64
C SER W 223 -51.04 4.61 -85.56
N ALA W 224 -51.56 3.38 -85.55
CA ALA W 224 -51.13 2.37 -84.58
C ALA W 224 -49.69 1.94 -84.84
N GLN W 225 -49.38 1.71 -86.11
CA GLN W 225 -48.06 1.25 -86.52
C GLN W 225 -46.98 2.21 -86.09
N GLU W 226 -47.30 3.51 -86.09
CA GLU W 226 -46.34 4.53 -85.71
C GLU W 226 -45.90 4.38 -84.26
N LEU W 227 -46.87 4.07 -83.40
CA LEU W 227 -46.62 3.91 -81.98
C LEU W 227 -45.75 2.71 -81.68
N LEU W 228 -46.03 1.60 -82.35
CA LEU W 228 -45.29 0.36 -82.15
C LEU W 228 -43.80 0.56 -82.39
N LEU W 229 -43.46 1.37 -83.39
CA LEU W 229 -42.08 1.58 -83.75
C LEU W 229 -41.38 2.50 -82.74
N SER W 230 -42.16 3.36 -82.09
CA SER W 230 -41.60 4.34 -81.17
C SER W 230 -41.58 3.84 -79.73
N TYR W 231 -41.83 2.56 -79.50
CA TYR W 231 -41.86 2.04 -78.15
C TYR W 231 -40.59 1.21 -77.91
N PRO W 232 -40.07 1.21 -76.67
CA PRO W 232 -38.78 0.55 -76.46
C PRO W 232 -38.82 -0.98 -76.53
N TRP W 233 -39.90 -1.57 -76.04
CA TRP W 233 -40.05 -3.01 -76.06
C TRP W 233 -38.88 -3.64 -75.33
N TYR W 234 -38.91 -3.53 -74.01
CA TYR W 234 -37.86 -4.06 -73.17
C TYR W 234 -38.02 -5.56 -72.99
N GLY W 235 -39.25 -6.05 -73.15
CA GLY W 235 -39.52 -7.46 -73.08
C GLY W 235 -39.46 -8.09 -74.47
N ASN W 236 -39.20 -7.27 -75.47
CA ASN W 236 -39.05 -7.73 -76.83
C ASN W 236 -40.27 -8.51 -77.34
N VAL W 237 -40.05 -9.61 -78.06
CA VAL W 237 -41.11 -10.32 -78.78
C VAL W 237 -42.18 -10.89 -77.85
N ARG W 238 -41.75 -11.37 -76.68
CA ARG W 238 -42.68 -11.97 -75.75
C ARG W 238 -43.70 -10.93 -75.30
N GLU W 239 -43.23 -9.70 -75.13
CA GLU W 239 -44.11 -8.59 -74.75
C GLU W 239 -45.05 -8.27 -75.90
N LEU W 240 -44.54 -8.34 -77.12
CA LEU W 240 -45.36 -8.08 -78.30
C LEU W 240 -46.49 -9.07 -78.32
N LYS W 241 -46.17 -10.36 -78.21
CA LYS W 241 -47.19 -11.40 -78.19
C LYS W 241 -48.27 -11.10 -77.14
N ASN W 242 -47.84 -10.59 -76.00
CA ASN W 242 -48.76 -10.27 -74.92
C ASN W 242 -49.65 -9.07 -75.25
N VAL W 243 -49.05 -8.04 -75.83
CA VAL W 243 -49.79 -6.83 -76.19
C VAL W 243 -50.83 -7.11 -77.28
N ILE W 244 -50.45 -7.88 -78.30
CA ILE W 244 -51.37 -8.23 -79.37
C ILE W 244 -52.50 -9.15 -78.90
N GLU W 245 -52.16 -10.17 -78.12
CA GLU W 245 -53.17 -11.11 -77.63
C GLU W 245 -54.19 -10.36 -76.79
N ARG W 246 -53.71 -9.39 -76.02
CA ARG W 246 -54.57 -8.58 -75.17
C ARG W 246 -55.54 -7.75 -76.02
N ALA W 247 -55.01 -7.14 -77.07
CA ALA W 247 -55.78 -6.23 -77.90
C ALA W 247 -56.92 -6.93 -78.65
N VAL W 248 -56.64 -8.11 -79.21
CA VAL W 248 -57.63 -8.83 -80.02
C VAL W 248 -58.88 -9.16 -79.21
N LEU W 249 -58.71 -9.49 -77.93
CA LEU W 249 -59.85 -9.85 -77.09
C LEU W 249 -60.76 -8.65 -76.91
N PHE W 250 -60.15 -7.46 -76.85
CA PHE W 250 -60.90 -6.24 -76.65
C PHE W 250 -61.30 -5.62 -77.99
N SER W 251 -60.86 -6.20 -79.09
CA SER W 251 -61.19 -5.68 -80.41
C SER W 251 -62.67 -5.85 -80.70
N GLU W 252 -63.23 -4.89 -81.44
CA GLU W 252 -64.61 -4.94 -81.86
C GLU W 252 -64.68 -5.00 -83.38
N GLY W 253 -64.14 -3.97 -84.02
CA GLY W 253 -64.13 -3.86 -85.45
C GLY W 253 -63.00 -4.68 -86.05
N LYS W 254 -62.66 -4.39 -87.30
CA LYS W 254 -61.60 -5.12 -87.99
C LYS W 254 -60.21 -4.53 -87.79
N PHE W 255 -60.12 -3.30 -87.27
CA PHE W 255 -58.83 -2.64 -87.08
C PHE W 255 -58.60 -2.10 -85.67
N ILE W 256 -57.33 -1.95 -85.33
CA ILE W 256 -56.89 -1.46 -84.02
C ILE W 256 -56.26 -0.07 -84.15
N ASP W 257 -56.76 0.91 -83.40
CA ASP W 257 -56.23 2.27 -83.48
C ASP W 257 -55.17 2.50 -82.41
N ARG W 258 -54.54 3.68 -82.46
CA ARG W 258 -53.50 4.04 -81.50
C ARG W 258 -54.06 4.17 -80.10
N GLY W 259 -55.35 4.50 -80.01
CA GLY W 259 -56.00 4.69 -78.72
C GLY W 259 -56.05 3.40 -77.93
N GLU W 260 -56.26 2.29 -78.63
CA GLU W 260 -56.36 0.98 -78.01
C GLU W 260 -55.01 0.52 -77.44
N LEU W 261 -53.93 1.00 -78.03
CA LEU W 261 -52.59 0.68 -77.54
C LEU W 261 -52.20 1.52 -76.34
N SER W 262 -52.72 2.74 -76.28
CA SER W 262 -52.31 3.70 -75.24
C SER W 262 -52.52 3.13 -73.85
N CYS W 263 -53.60 2.38 -73.67
CA CYS W 263 -53.89 1.80 -72.36
C CYS W 263 -52.94 0.65 -72.07
N LEU W 264 -52.39 0.07 -73.13
CA LEU W 264 -51.45 -1.03 -73.03
C LEU W 264 -49.99 -0.56 -72.86
N VAL W 265 -49.69 0.64 -73.35
CA VAL W 265 -48.31 1.13 -73.39
C VAL W 265 -48.14 2.35 -72.50
N ASN W 266 -46.94 2.94 -72.55
CA ASN W 266 -46.63 4.18 -71.85
C ASN W 266 -46.43 3.93 -70.36
N TYR X 20 -72.86 -14.53 -54.45
CA TYR X 20 -71.71 -13.65 -54.25
C TYR X 20 -72.15 -12.19 -54.38
N VAL X 21 -71.52 -11.30 -53.63
CA VAL X 21 -71.97 -9.91 -53.55
C VAL X 21 -71.10 -8.99 -54.40
N PHE X 22 -71.73 -8.36 -55.40
CA PHE X 22 -71.10 -7.32 -56.24
C PHE X 22 -72.00 -6.09 -56.39
N GLU X 23 -71.72 -5.03 -55.64
CA GLU X 23 -72.59 -3.84 -55.65
C GLU X 23 -71.91 -2.53 -56.10
N SER X 24 -70.71 -2.26 -55.60
CA SER X 24 -70.01 -1.02 -55.97
C SER X 24 -69.71 -0.87 -57.47
N PRO X 25 -69.49 0.37 -57.95
CA PRO X 25 -69.20 0.59 -59.37
C PRO X 25 -67.99 -0.20 -59.85
N LYS X 26 -66.87 -0.05 -59.15
CA LYS X 26 -65.63 -0.69 -59.56
C LYS X 26 -65.84 -2.20 -59.60
N MET X 27 -66.50 -2.74 -58.57
CA MET X 27 -66.71 -4.17 -58.54
C MET X 27 -67.68 -4.63 -59.64
N LYS X 28 -68.67 -3.79 -59.95
CA LYS X 28 -69.60 -4.08 -61.04
C LYS X 28 -69.00 -4.02 -62.45
N GLU X 29 -68.12 -3.04 -62.69
CA GLU X 29 -67.39 -2.92 -63.97
C GLU X 29 -66.46 -4.10 -64.25
N ILE X 30 -65.67 -4.48 -63.25
CA ILE X 30 -64.70 -5.58 -63.38
C ILE X 30 -65.40 -6.87 -63.77
N LEU X 31 -66.54 -7.17 -63.14
CA LEU X 31 -67.30 -8.37 -63.45
C LEU X 31 -67.67 -8.41 -64.94
N GLU X 32 -68.00 -7.27 -65.52
CA GLU X 32 -68.33 -7.22 -66.94
C GLU X 32 -67.08 -7.58 -67.76
N LYS X 33 -65.93 -6.99 -67.42
CA LYS X 33 -64.67 -7.29 -68.10
C LYS X 33 -64.39 -8.79 -68.08
N ILE X 34 -64.63 -9.39 -66.92
CA ILE X 34 -64.44 -10.83 -66.69
C ILE X 34 -65.27 -11.63 -67.68
N LYS X 35 -66.51 -11.20 -67.90
CA LYS X 35 -67.39 -11.91 -68.80
C LYS X 35 -66.85 -11.84 -70.23
N LYS X 36 -66.36 -10.69 -70.66
CA LYS X 36 -65.89 -10.56 -72.04
C LYS X 36 -64.60 -11.35 -72.32
N ILE X 37 -63.84 -11.67 -71.28
CA ILE X 37 -62.58 -12.43 -71.42
C ILE X 37 -62.76 -13.92 -71.12
N SER X 38 -64.01 -14.31 -70.89
CA SER X 38 -64.40 -15.70 -70.63
C SER X 38 -63.85 -16.64 -71.70
N CYS X 39 -63.81 -16.15 -72.92
CA CYS X 39 -63.41 -16.92 -74.08
C CYS X 39 -61.91 -17.10 -74.22
N ALA X 40 -61.11 -16.43 -73.38
CA ALA X 40 -59.66 -16.49 -73.55
C ALA X 40 -59.05 -17.43 -72.51
N GLU X 41 -57.77 -17.75 -72.70
CA GLU X 41 -57.05 -18.66 -71.81
C GLU X 41 -55.71 -18.11 -71.30
N CYS X 42 -55.51 -16.80 -71.43
CA CYS X 42 -54.23 -16.19 -71.11
C CYS X 42 -53.98 -15.94 -69.62
N PRO X 43 -52.71 -15.92 -69.19
CA PRO X 43 -52.35 -15.73 -67.79
C PRO X 43 -52.91 -14.40 -67.27
N VAL X 44 -53.41 -14.38 -66.03
CA VAL X 44 -53.94 -13.17 -65.41
C VAL X 44 -53.21 -12.78 -64.13
N LEU X 45 -52.88 -11.49 -64.04
CA LEU X 45 -52.18 -10.95 -62.88
C LEU X 45 -53.11 -10.03 -62.09
N ILE X 46 -53.46 -10.48 -60.90
CA ILE X 46 -54.44 -9.83 -60.01
C ILE X 46 -53.78 -9.14 -58.83
N THR X 47 -54.02 -7.85 -58.63
CA THR X 47 -53.39 -7.12 -57.55
C THR X 47 -54.46 -6.41 -56.73
N GLY X 48 -54.08 -6.04 -55.51
CA GLY X 48 -54.96 -5.34 -54.59
C GLY X 48 -54.50 -5.73 -53.20
N GLU X 49 -54.92 -5.00 -52.17
CA GLU X 49 -54.51 -5.32 -50.80
C GLU X 49 -54.93 -6.71 -50.36
N SER X 50 -54.31 -7.20 -49.29
CA SER X 50 -54.64 -8.50 -48.74
C SER X 50 -56.10 -8.49 -48.28
N GLY X 51 -56.91 -9.43 -48.76
CA GLY X 51 -58.26 -9.56 -48.27
C GLY X 51 -59.32 -8.81 -49.06
N VAL X 52 -58.95 -8.33 -50.24
CA VAL X 52 -59.85 -7.54 -51.06
C VAL X 52 -60.75 -8.36 -51.98
N GLY X 53 -60.46 -9.66 -52.09
CA GLY X 53 -61.33 -10.57 -52.83
C GLY X 53 -60.69 -11.04 -54.11
N LYS X 54 -59.36 -11.08 -54.09
CA LYS X 54 -58.54 -11.47 -55.23
C LYS X 54 -58.86 -12.93 -55.58
N GLU X 55 -58.97 -13.76 -54.54
CA GLU X 55 -59.27 -15.18 -54.68
C GLU X 55 -60.68 -15.36 -55.21
N VAL X 56 -61.57 -14.50 -54.75
CA VAL X 56 -62.96 -14.51 -55.20
C VAL X 56 -63.00 -14.33 -56.70
N VAL X 57 -62.28 -13.31 -57.17
CA VAL X 57 -62.22 -13.01 -58.59
C VAL X 57 -61.66 -14.23 -59.31
N ALA X 58 -60.67 -14.86 -58.70
CA ALA X 58 -60.02 -16.01 -59.32
C ALA X 58 -60.97 -17.19 -59.47
N ARG X 59 -61.73 -17.50 -58.42
CA ARG X 59 -62.64 -18.65 -58.47
C ARG X 59 -63.83 -18.35 -59.38
N LEU X 60 -64.20 -17.07 -59.46
CA LEU X 60 -65.26 -16.64 -60.36
C LEU X 60 -64.85 -16.81 -61.81
N ILE X 61 -63.64 -16.37 -62.14
CA ILE X 61 -63.09 -16.51 -63.49
C ILE X 61 -63.12 -17.94 -63.99
N HIS X 62 -62.84 -18.89 -63.09
CA HIS X 62 -62.82 -20.30 -63.45
C HIS X 62 -64.24 -20.75 -63.82
N LYS X 63 -65.20 -20.39 -62.98
CA LYS X 63 -66.59 -20.78 -63.16
C LYS X 63 -67.10 -20.22 -64.48
N LEU X 64 -66.62 -19.02 -64.84
CA LEU X 64 -67.04 -18.37 -66.07
C LEU X 64 -66.21 -18.76 -67.29
N SER X 65 -65.18 -19.61 -67.11
CA SER X 65 -64.27 -19.95 -68.21
C SER X 65 -64.74 -21.21 -68.96
N ASP X 66 -64.02 -21.58 -70.02
CA ASP X 66 -64.38 -22.76 -70.80
C ASP X 66 -63.97 -24.05 -70.07
N ARG X 67 -63.30 -23.89 -68.93
CA ARG X 67 -62.83 -25.00 -68.11
C ARG X 67 -63.56 -25.05 -66.77
N SER X 68 -64.68 -24.36 -66.71
CA SER X 68 -65.47 -24.21 -65.49
C SER X 68 -65.76 -25.56 -64.85
N LYS X 69 -65.82 -26.59 -65.69
CA LYS X 69 -66.22 -27.92 -65.26
C LYS X 69 -64.99 -28.79 -64.95
N GLU X 70 -63.81 -28.24 -65.19
CA GLU X 70 -62.53 -28.90 -64.89
C GLU X 70 -62.02 -28.44 -63.50
N PRO X 71 -60.96 -29.10 -62.97
CA PRO X 71 -60.46 -28.82 -61.60
C PRO X 71 -59.88 -27.42 -61.37
N PHE X 72 -60.06 -26.88 -60.17
CA PHE X 72 -59.46 -25.61 -59.74
C PHE X 72 -58.48 -25.77 -58.57
N VAL X 73 -57.19 -25.79 -58.87
CA VAL X 73 -56.13 -26.04 -57.88
C VAL X 73 -55.57 -24.76 -57.23
N ALA X 74 -55.86 -24.57 -55.94
CA ALA X 74 -55.38 -23.41 -55.17
C ALA X 74 -54.04 -23.64 -54.43
N LEU X 75 -53.20 -22.61 -54.40
CA LEU X 75 -51.84 -22.72 -53.83
C LEU X 75 -51.25 -21.42 -53.30
N ASN X 76 -50.95 -21.39 -52.00
CA ASN X 76 -50.15 -20.30 -51.40
C ASN X 76 -48.67 -20.58 -51.68
N VAL X 77 -48.13 -19.99 -52.74
CA VAL X 77 -46.81 -20.38 -53.24
C VAL X 77 -45.65 -19.94 -52.35
N ALA X 78 -45.87 -18.94 -51.51
CA ALA X 78 -44.82 -18.43 -50.63
C ALA X 78 -44.71 -19.26 -49.35
N SER X 79 -45.79 -19.97 -49.01
CA SER X 79 -45.82 -20.77 -47.78
C SER X 79 -45.13 -22.13 -47.92
N ILE X 80 -44.74 -22.51 -49.14
CA ILE X 80 -44.05 -23.78 -49.35
C ILE X 80 -42.58 -23.69 -48.91
N PRO X 81 -42.14 -24.60 -48.03
CA PRO X 81 -40.73 -24.63 -47.62
C PRO X 81 -39.78 -24.96 -48.76
N ARG X 82 -38.64 -24.29 -48.79
CA ARG X 82 -37.72 -24.38 -49.91
C ARG X 82 -37.23 -25.79 -50.21
N ASP X 83 -37.07 -26.61 -49.18
CA ASP X 83 -36.47 -27.94 -49.35
C ASP X 83 -37.38 -28.95 -50.03
N ILE X 84 -38.66 -28.64 -50.12
CA ILE X 84 -39.60 -29.53 -50.80
C ILE X 84 -40.28 -28.83 -51.98
N PHE X 85 -39.79 -27.65 -52.35
CA PHE X 85 -40.42 -26.88 -53.41
C PHE X 85 -40.55 -27.64 -54.73
N GLU X 86 -39.43 -28.18 -55.22
CA GLU X 86 -39.44 -28.93 -56.47
C GLU X 86 -40.38 -30.12 -56.38
N ALA X 87 -40.23 -30.88 -55.31
CA ALA X 87 -41.02 -32.09 -55.06
C ALA X 87 -42.51 -31.79 -55.09
N GLU X 88 -42.86 -30.65 -54.52
CA GLU X 88 -44.24 -30.27 -54.33
C GLU X 88 -44.84 -29.78 -55.64
N LEU X 89 -44.02 -29.12 -56.43
CA LEU X 89 -44.48 -28.54 -57.69
C LEU X 89 -44.45 -29.52 -58.88
N PHE X 90 -43.42 -30.35 -58.96
CA PHE X 90 -43.25 -31.19 -60.16
C PHE X 90 -43.52 -32.65 -59.84
N GLY X 91 -43.63 -32.96 -58.55
CA GLY X 91 -43.86 -34.31 -58.08
C GLY X 91 -42.56 -35.08 -58.14
N TYR X 92 -42.61 -36.37 -57.83
CA TYR X 92 -41.42 -37.20 -57.87
C TYR X 92 -41.69 -38.66 -58.29
N GLU X 93 -40.69 -39.25 -58.91
CA GLU X 93 -40.72 -40.63 -59.41
C GLU X 93 -40.14 -41.44 -58.27
N LYS X 94 -40.57 -42.68 -58.08
CA LYS X 94 -39.94 -43.43 -57.00
C LYS X 94 -38.45 -43.57 -57.13
N GLY X 95 -37.85 -43.26 -55.99
CA GLY X 95 -36.42 -43.12 -55.77
C GLY X 95 -36.24 -41.63 -55.74
N ALA X 96 -35.14 -41.18 -56.32
CA ALA X 96 -34.87 -39.78 -56.63
C ALA X 96 -35.12 -38.89 -55.43
N PHE X 97 -34.48 -39.14 -54.30
CA PHE X 97 -34.64 -38.24 -53.16
C PHE X 97 -34.07 -38.83 -51.89
N THR X 98 -34.27 -38.08 -50.81
CA THR X 98 -33.65 -38.30 -49.53
C THR X 98 -34.74 -38.99 -48.71
N GLY X 99 -35.08 -40.21 -49.11
CA GLY X 99 -36.12 -41.00 -48.47
C GLY X 99 -37.57 -40.86 -48.93
N ALA X 100 -37.76 -41.03 -50.24
CA ALA X 100 -39.08 -40.98 -50.87
C ALA X 100 -39.40 -42.43 -51.21
N VAL X 101 -40.61 -42.90 -50.92
CA VAL X 101 -40.96 -44.30 -51.16
C VAL X 101 -41.83 -44.58 -52.38
N SER X 102 -42.78 -43.69 -52.68
CA SER X 102 -43.73 -43.94 -53.76
C SER X 102 -43.77 -42.75 -54.68
N SER X 103 -44.29 -42.93 -55.90
CA SER X 103 -44.42 -41.79 -56.79
C SER X 103 -45.48 -40.84 -56.29
N LYS X 104 -45.40 -39.57 -56.71
CA LYS X 104 -46.36 -38.56 -56.26
C LYS X 104 -46.70 -37.59 -57.37
N GLU X 105 -47.98 -37.33 -57.60
CA GLU X 105 -48.35 -36.33 -58.59
C GLU X 105 -47.90 -34.98 -58.04
N GLY X 106 -47.48 -34.04 -58.89
CA GLY X 106 -47.25 -32.69 -58.42
C GLY X 106 -48.50 -31.87 -58.61
N PHE X 107 -48.49 -30.61 -58.18
CA PHE X 107 -49.68 -29.78 -58.32
C PHE X 107 -49.96 -29.41 -59.78
N PHE X 108 -48.91 -29.32 -60.58
CA PHE X 108 -49.06 -29.01 -61.99
C PHE X 108 -49.81 -30.09 -62.75
N GLU X 109 -49.43 -31.33 -62.49
CA GLU X 109 -50.09 -32.47 -63.10
C GLU X 109 -51.51 -32.56 -62.56
N LEU X 110 -51.65 -32.24 -61.28
CA LEU X 110 -52.94 -32.26 -60.59
C LEU X 110 -53.95 -31.28 -61.20
N ALA X 111 -53.44 -30.25 -61.87
CA ALA X 111 -54.28 -29.20 -62.45
C ALA X 111 -54.46 -29.36 -63.94
N ASP X 112 -53.89 -30.43 -64.51
CA ASP X 112 -54.00 -30.70 -65.94
C ASP X 112 -55.45 -30.61 -66.40
N GLY X 113 -55.66 -29.83 -67.46
CA GLY X 113 -56.98 -29.63 -68.03
C GLY X 113 -57.81 -28.61 -67.27
N GLY X 114 -57.27 -28.10 -66.17
CA GLY X 114 -57.97 -27.15 -65.32
C GLY X 114 -57.27 -25.81 -65.18
N THR X 115 -57.42 -25.19 -64.01
CA THR X 115 -56.85 -23.88 -63.71
C THR X 115 -56.06 -23.97 -62.40
N LEU X 116 -54.85 -23.42 -62.38
CA LEU X 116 -54.00 -23.43 -61.19
C LEU X 116 -53.81 -22.02 -60.65
N PHE X 117 -54.23 -21.78 -59.41
CA PHE X 117 -54.19 -20.43 -58.83
C PHE X 117 -53.08 -20.26 -57.80
N LEU X 118 -52.03 -19.53 -58.20
CA LEU X 118 -50.89 -19.23 -57.34
C LEU X 118 -51.04 -17.91 -56.56
N ASP X 119 -51.42 -18.00 -55.29
CA ASP X 119 -51.61 -16.83 -54.44
C ASP X 119 -50.31 -16.37 -53.75
N GLU X 120 -50.21 -15.06 -53.51
CA GLU X 120 -49.04 -14.45 -52.86
C GLU X 120 -47.73 -14.62 -53.63
N ILE X 121 -47.83 -14.67 -54.95
CA ILE X 121 -46.66 -14.84 -55.82
C ILE X 121 -45.60 -13.77 -55.56
N GLY X 122 -46.02 -12.59 -55.12
CA GLY X 122 -45.09 -11.50 -54.94
C GLY X 122 -44.18 -11.57 -53.73
N GLU X 123 -44.42 -12.53 -52.84
CA GLU X 123 -43.56 -12.66 -51.66
C GLU X 123 -42.53 -13.77 -51.88
N LEU X 124 -42.62 -14.43 -53.03
CA LEU X 124 -41.73 -15.52 -53.40
C LEU X 124 -40.29 -15.03 -53.57
N SER X 125 -39.30 -15.83 -53.18
CA SER X 125 -37.91 -15.42 -53.33
C SER X 125 -37.45 -15.49 -54.78
N LEU X 126 -36.52 -14.61 -55.13
CA LEU X 126 -35.93 -14.54 -56.47
C LEU X 126 -35.36 -15.89 -56.89
N GLU X 127 -34.75 -16.57 -55.93
CA GLU X 127 -34.15 -17.88 -56.15
C GLU X 127 -35.25 -18.84 -56.62
N ALA X 128 -36.43 -18.73 -56.02
CA ALA X 128 -37.54 -19.63 -56.30
C ALA X 128 -38.30 -19.30 -57.60
N GLN X 129 -38.42 -18.01 -57.89
CA GLN X 129 -39.06 -17.53 -59.12
C GLN X 129 -38.49 -18.13 -60.40
N ALA X 130 -37.16 -18.26 -60.44
CA ALA X 130 -36.42 -18.73 -61.60
C ALA X 130 -36.74 -20.16 -62.02
N LYS X 131 -37.06 -21.00 -61.05
CA LYS X 131 -37.37 -22.39 -61.27
C LYS X 131 -38.69 -22.61 -61.99
N LEU X 132 -39.55 -21.60 -61.96
CA LEU X 132 -40.87 -21.71 -62.59
C LEU X 132 -40.90 -21.33 -64.06
N LEU X 133 -39.85 -20.68 -64.56
CA LEU X 133 -39.90 -20.01 -65.86
C LEU X 133 -40.41 -20.84 -67.03
N ARG X 134 -39.75 -21.94 -67.33
CA ARG X 134 -40.11 -22.67 -68.55
C ARG X 134 -41.47 -23.35 -68.38
N VAL X 135 -41.88 -23.59 -67.14
CA VAL X 135 -43.12 -24.33 -66.92
C VAL X 135 -44.32 -23.45 -67.25
N ILE X 136 -44.24 -22.17 -66.86
CA ILE X 136 -45.36 -21.22 -66.99
C ILE X 136 -45.87 -21.13 -68.41
N GLU X 137 -44.94 -20.96 -69.34
CA GLU X 137 -45.29 -20.76 -70.73
C GLU X 137 -45.32 -22.04 -71.54
N SER X 138 -44.45 -23.00 -71.22
CA SER X 138 -44.37 -24.19 -72.05
C SER X 138 -45.26 -25.31 -71.51
N GLY X 139 -45.60 -25.22 -70.23
CA GLY X 139 -46.42 -26.23 -69.60
C GLY X 139 -45.73 -27.58 -69.57
N LYS X 140 -44.41 -27.58 -69.73
CA LYS X 140 -43.64 -28.81 -69.79
C LYS X 140 -42.58 -28.87 -68.71
N PHE X 141 -42.32 -30.07 -68.24
CA PHE X 141 -41.30 -30.29 -67.22
C PHE X 141 -40.99 -31.77 -67.10
N TYR X 142 -40.03 -32.09 -66.24
CA TYR X 142 -39.70 -33.47 -65.90
C TYR X 142 -40.09 -33.69 -64.46
N ARG X 143 -40.72 -34.83 -64.19
CA ARG X 143 -41.01 -35.21 -62.83
C ARG X 143 -39.66 -35.29 -62.17
N LEU X 144 -39.64 -35.03 -60.87
CA LEU X 144 -38.37 -34.99 -60.17
C LEU X 144 -37.91 -36.44 -60.17
N GLY X 145 -36.82 -36.71 -60.88
CA GLY X 145 -36.25 -38.04 -60.96
C GLY X 145 -36.87 -38.83 -62.11
N GLY X 146 -37.86 -38.25 -62.77
CA GLY X 146 -38.43 -38.84 -63.96
C GLY X 146 -37.66 -38.42 -65.20
N ARG X 147 -37.48 -39.32 -66.16
CA ARG X 147 -36.75 -39.02 -67.39
C ARG X 147 -37.65 -38.76 -68.59
N LYS X 148 -38.96 -38.84 -68.39
CA LYS X 148 -39.93 -38.61 -69.45
C LYS X 148 -40.58 -37.25 -69.24
N GLU X 149 -40.42 -36.37 -70.22
CA GLU X 149 -41.02 -35.05 -70.18
C GLU X 149 -42.53 -35.11 -70.13
N ILE X 150 -43.09 -34.40 -69.17
CA ILE X 150 -44.54 -34.36 -69.01
C ILE X 150 -45.00 -33.01 -69.51
N GLU X 151 -46.13 -33.01 -70.21
CA GLU X 151 -46.71 -31.80 -70.78
C GLU X 151 -48.13 -31.68 -70.27
N VAL X 152 -48.50 -30.48 -69.81
CA VAL X 152 -49.84 -30.23 -69.32
C VAL X 152 -50.41 -28.94 -69.89
N ASN X 153 -51.74 -28.83 -69.84
CA ASN X 153 -52.45 -27.66 -70.31
C ASN X 153 -53.20 -26.98 -69.18
N VAL X 154 -52.55 -25.99 -68.58
CA VAL X 154 -53.03 -25.34 -67.37
C VAL X 154 -53.13 -23.84 -67.61
N ARG X 155 -54.26 -23.27 -67.24
CA ARG X 155 -54.47 -21.83 -67.26
C ARG X 155 -53.96 -21.24 -65.95
N ILE X 156 -53.16 -20.19 -66.06
CA ILE X 156 -52.51 -19.57 -64.90
C ILE X 156 -53.23 -18.31 -64.45
N LEU X 157 -53.46 -18.28 -63.14
CA LEU X 157 -53.94 -17.10 -62.45
C LEU X 157 -52.90 -16.76 -61.41
N ALA X 158 -52.73 -15.47 -61.15
CA ALA X 158 -51.74 -14.99 -60.19
C ALA X 158 -52.24 -13.82 -59.36
N ALA X 159 -51.77 -13.76 -58.12
CA ALA X 159 -52.16 -12.69 -57.21
C ALA X 159 -50.97 -12.20 -56.38
N THR X 160 -51.05 -10.92 -56.00
CA THR X 160 -50.09 -10.28 -55.10
C THR X 160 -50.72 -9.06 -54.46
N ASN X 161 -50.24 -8.72 -53.26
CA ASN X 161 -50.68 -7.53 -52.56
C ASN X 161 -49.74 -6.35 -52.71
N ARG X 162 -48.72 -6.52 -53.56
CA ARG X 162 -47.72 -5.48 -53.78
C ARG X 162 -47.79 -5.01 -55.23
N ASN X 163 -47.13 -3.89 -55.52
CA ASN X 163 -47.11 -3.34 -56.86
C ASN X 163 -45.97 -3.97 -57.63
N ILE X 164 -46.32 -4.77 -58.63
CA ILE X 164 -45.37 -5.65 -59.27
C ILE X 164 -44.39 -4.96 -60.20
N LYS X 165 -44.80 -3.87 -60.82
CA LYS X 165 -43.93 -3.10 -61.69
C LYS X 165 -42.81 -2.42 -60.91
N GLU X 166 -43.12 -1.98 -59.69
CA GLU X 166 -42.14 -1.40 -58.78
C GLU X 166 -41.12 -2.43 -58.28
N LEU X 167 -41.58 -3.64 -58.00
CA LEU X 167 -40.71 -4.69 -57.49
C LEU X 167 -39.63 -5.03 -58.51
N VAL X 168 -39.99 -4.99 -59.78
CA VAL X 168 -39.05 -5.22 -60.87
C VAL X 168 -38.03 -4.09 -60.85
N LYS X 169 -38.55 -2.88 -60.74
CA LYS X 169 -37.73 -1.67 -60.69
C LYS X 169 -36.76 -1.73 -59.50
N GLU X 170 -37.21 -2.32 -58.40
CA GLU X 170 -36.39 -2.41 -57.20
C GLU X 170 -35.53 -3.68 -57.23
N GLY X 171 -35.64 -4.44 -58.31
CA GLY X 171 -34.86 -5.66 -58.49
C GLY X 171 -35.31 -6.79 -57.58
N LYS X 172 -36.48 -6.61 -56.97
CA LYS X 172 -37.04 -7.60 -56.06
C LYS X 172 -37.83 -8.69 -56.79
N PHE X 173 -38.11 -8.47 -58.07
CA PHE X 173 -38.82 -9.45 -58.89
C PHE X 173 -38.27 -9.57 -60.30
N ARG X 174 -38.10 -10.82 -60.76
CA ARG X 174 -37.50 -11.10 -62.06
C ARG X 174 -38.33 -10.54 -63.21
N GLU X 175 -37.66 -9.83 -64.11
CA GLU X 175 -38.30 -9.28 -65.31
C GLU X 175 -38.87 -10.37 -66.22
N ASP X 176 -38.10 -11.43 -66.43
CA ASP X 176 -38.49 -12.49 -67.37
C ASP X 176 -39.69 -13.32 -66.87
N LEU X 177 -39.89 -13.37 -65.57
CA LEU X 177 -41.05 -14.09 -65.03
C LEU X 177 -42.28 -13.19 -65.13
N TYR X 178 -42.07 -11.89 -64.93
CA TYR X 178 -43.12 -10.88 -65.01
C TYR X 178 -43.82 -10.92 -66.35
N TYR X 179 -43.02 -10.99 -67.40
CA TYR X 179 -43.55 -10.98 -68.75
C TYR X 179 -44.30 -12.26 -69.10
N ARG X 180 -44.12 -13.33 -68.34
CA ARG X 180 -44.90 -14.53 -68.61
C ARG X 180 -46.30 -14.43 -67.98
N LEU X 181 -46.36 -13.86 -66.79
CA LEU X 181 -47.60 -13.72 -66.01
C LEU X 181 -48.50 -12.51 -66.24
N GLY X 182 -47.89 -11.35 -66.49
CA GLY X 182 -48.64 -10.10 -66.55
C GLY X 182 -49.21 -9.59 -67.85
N VAL X 183 -49.86 -10.48 -68.60
CA VAL X 183 -50.57 -10.07 -69.79
C VAL X 183 -51.73 -9.13 -69.46
N ILE X 184 -52.58 -9.56 -68.51
CA ILE X 184 -53.62 -8.70 -67.92
C ILE X 184 -53.39 -8.30 -66.47
N GLU X 185 -53.50 -7.01 -66.19
CA GLU X 185 -53.29 -6.49 -64.85
C GLU X 185 -54.60 -5.84 -64.42
N ILE X 186 -55.19 -6.41 -63.37
CA ILE X 186 -56.42 -5.93 -62.74
C ILE X 186 -56.22 -5.44 -61.30
N GLU X 187 -56.35 -4.13 -61.08
CA GLU X 187 -56.17 -3.57 -59.72
C GLU X 187 -57.49 -3.29 -59.02
N ILE X 188 -57.79 -4.17 -58.07
CA ILE X 188 -58.99 -4.17 -57.24
C ILE X 188 -58.84 -3.23 -56.03
N PRO X 189 -59.77 -2.28 -55.83
CA PRO X 189 -59.54 -1.37 -54.70
C PRO X 189 -59.85 -2.13 -53.41
N PRO X 190 -59.30 -1.67 -52.28
CA PRO X 190 -59.69 -2.46 -51.10
C PRO X 190 -61.15 -2.46 -50.65
N LEU X 191 -61.67 -1.38 -50.09
CA LEU X 191 -63.05 -1.40 -49.62
C LEU X 191 -63.68 0.00 -49.60
N ARG X 192 -62.85 0.97 -49.22
CA ARG X 192 -63.26 2.36 -49.06
C ARG X 192 -63.68 3.04 -50.35
N GLU X 193 -63.38 2.40 -51.47
CA GLU X 193 -63.80 2.89 -52.78
C GLU X 193 -64.90 1.93 -53.27
N ARG X 194 -65.45 1.16 -52.33
CA ARG X 194 -66.52 0.20 -52.57
C ARG X 194 -67.66 0.32 -51.56
N LYS X 195 -68.01 1.56 -51.21
CA LYS X 195 -68.95 1.86 -50.14
C LYS X 195 -70.29 1.11 -50.23
N GLU X 196 -70.69 0.76 -51.45
CA GLU X 196 -71.91 0.00 -51.73
C GLU X 196 -71.93 -1.45 -51.26
N ASP X 197 -70.73 -2.00 -51.05
CA ASP X 197 -70.56 -3.41 -50.70
C ASP X 197 -70.64 -3.81 -49.23
N ILE X 198 -70.38 -2.89 -48.30
CA ILE X 198 -70.25 -3.24 -46.89
C ILE X 198 -71.44 -3.98 -46.29
N ILE X 199 -72.60 -3.33 -46.29
CA ILE X 199 -73.81 -3.87 -45.65
C ILE X 199 -74.32 -5.18 -46.27
N PRO X 200 -74.43 -5.25 -47.61
CA PRO X 200 -74.88 -6.51 -48.23
C PRO X 200 -74.03 -7.72 -47.88
N LEU X 201 -72.72 -7.52 -47.79
CA LEU X 201 -71.80 -8.58 -47.42
C LEU X 201 -72.01 -9.10 -46.00
N ALA X 202 -72.03 -8.17 -45.04
CA ALA X 202 -72.25 -8.51 -43.64
C ALA X 202 -73.53 -9.33 -43.44
N ASN X 203 -74.61 -8.90 -44.06
CA ASN X 203 -75.88 -9.60 -43.96
C ASN X 203 -75.79 -11.02 -44.50
N HIS X 204 -75.15 -11.16 -45.65
CA HIS X 204 -74.98 -12.45 -46.29
C HIS X 204 -74.25 -13.43 -45.35
N PHE X 205 -73.20 -12.93 -44.70
CA PHE X 205 -72.39 -13.71 -43.77
C PHE X 205 -73.17 -14.01 -42.49
N LEU X 206 -73.89 -13.00 -42.00
CA LEU X 206 -74.71 -13.14 -40.79
C LEU X 206 -75.65 -14.32 -41.02
N LYS X 207 -76.23 -14.36 -42.22
CA LYS X 207 -77.15 -15.42 -42.60
C LYS X 207 -76.43 -16.77 -42.54
N LYS X 208 -75.22 -16.83 -43.07
CA LYS X 208 -74.44 -18.06 -43.10
C LYS X 208 -74.16 -18.54 -41.66
N PHE X 209 -73.65 -17.64 -40.82
CA PHE X 209 -73.26 -17.99 -39.45
C PHE X 209 -74.44 -18.22 -38.51
N SER X 210 -75.51 -17.46 -38.68
CA SER X 210 -76.73 -17.64 -37.87
C SER X 210 -77.24 -19.07 -38.05
N ARG X 211 -77.16 -19.53 -39.29
CA ARG X 211 -77.51 -20.90 -39.66
C ARG X 211 -76.60 -21.95 -39.03
N LYS X 212 -75.29 -21.80 -39.21
CA LYS X 212 -74.29 -22.77 -38.74
C LYS X 212 -74.33 -23.12 -37.25
N TYR X 213 -74.46 -22.11 -36.39
CA TYR X 213 -74.41 -22.31 -34.94
C TYR X 213 -75.77 -22.36 -34.23
N ALA X 214 -76.85 -22.56 -34.97
CA ALA X 214 -78.20 -22.61 -34.40
C ALA X 214 -78.45 -21.49 -33.38
N LYS X 215 -78.68 -20.29 -33.90
CA LYS X 215 -78.92 -19.09 -33.10
C LYS X 215 -80.34 -18.55 -33.30
N GLU X 216 -80.64 -17.44 -32.64
CA GLU X 216 -81.95 -16.80 -32.76
C GLU X 216 -81.83 -15.45 -33.44
N VAL X 217 -80.61 -15.12 -33.88
CA VAL X 217 -80.34 -13.83 -34.47
C VAL X 217 -80.93 -13.71 -35.88
N GLU X 218 -81.39 -12.50 -36.25
CA GLU X 218 -81.96 -12.21 -37.57
C GLU X 218 -81.15 -11.16 -38.32
N GLY X 219 -81.00 -9.98 -37.73
CA GLY X 219 -80.36 -8.86 -38.40
C GLY X 219 -79.69 -7.89 -37.45
N PHE X 220 -79.21 -6.77 -37.99
CA PHE X 220 -78.45 -5.80 -37.20
C PHE X 220 -79.23 -4.55 -36.80
N THR X 221 -78.93 -4.06 -35.60
CA THR X 221 -79.54 -2.87 -35.01
C THR X 221 -79.02 -1.60 -35.66
N LYS X 222 -79.76 -0.50 -35.46
CA LYS X 222 -79.38 0.80 -36.02
C LYS X 222 -78.03 1.23 -35.46
N SER X 223 -77.73 0.84 -34.23
CA SER X 223 -76.48 1.19 -33.58
C SER X 223 -75.30 0.51 -34.28
N ALA X 224 -75.49 -0.74 -34.68
CA ALA X 224 -74.45 -1.51 -35.35
C ALA X 224 -74.11 -0.90 -36.71
N GLN X 225 -75.13 -0.51 -37.47
CA GLN X 225 -74.96 0.08 -38.79
C GLN X 225 -74.11 1.36 -38.78
N GLU X 226 -74.23 2.17 -37.74
CA GLU X 226 -73.43 3.40 -37.60
C GLU X 226 -71.94 3.03 -37.58
N LEU X 227 -71.63 1.95 -36.88
CA LEU X 227 -70.28 1.44 -36.73
C LEU X 227 -69.77 1.05 -38.12
N LEU X 228 -70.60 0.32 -38.88
CA LEU X 228 -70.29 -0.15 -40.24
C LEU X 228 -69.79 0.95 -41.21
N LEU X 229 -70.30 2.18 -41.09
CA LEU X 229 -69.92 3.23 -42.05
C LEU X 229 -68.53 3.76 -41.70
N SER X 230 -68.09 3.55 -40.47
CA SER X 230 -66.80 4.07 -40.03
C SER X 230 -66.10 2.76 -40.29
N TYR X 231 -65.25 2.74 -41.30
CA TYR X 231 -64.56 1.50 -41.66
C TYR X 231 -63.09 1.17 -41.40
N PRO X 232 -62.66 1.18 -40.13
CA PRO X 232 -61.22 0.96 -39.91
C PRO X 232 -60.90 -0.50 -40.31
N TRP X 233 -61.20 -0.89 -41.56
CA TRP X 233 -60.98 -2.25 -42.04
C TRP X 233 -59.69 -2.32 -42.83
N TYR X 234 -58.58 -2.23 -42.10
CA TYR X 234 -57.26 -2.25 -42.69
C TYR X 234 -56.97 -3.66 -43.22
N GLY X 235 -57.68 -4.64 -42.68
CA GLY X 235 -57.63 -6.01 -43.16
C GLY X 235 -58.76 -6.32 -44.14
N ASN X 236 -59.54 -5.29 -44.47
CA ASN X 236 -60.62 -5.39 -45.43
C ASN X 236 -61.61 -6.55 -45.21
N VAL X 237 -62.01 -7.22 -46.29
CA VAL X 237 -63.09 -8.21 -46.28
C VAL X 237 -62.83 -9.38 -45.34
N ARG X 238 -61.57 -9.76 -45.23
CA ARG X 238 -61.16 -10.87 -44.38
C ARG X 238 -61.40 -10.57 -42.91
N GLU X 239 -61.08 -9.35 -42.48
CA GLU X 239 -61.33 -8.93 -41.11
C GLU X 239 -62.83 -8.94 -40.78
N LEU X 240 -63.63 -8.45 -41.72
CA LEU X 240 -65.09 -8.41 -41.54
C LEU X 240 -65.71 -9.79 -41.30
N LYS X 241 -65.43 -10.74 -42.19
CA LYS X 241 -65.93 -12.11 -42.05
C LYS X 241 -65.62 -12.67 -40.66
N ASN X 242 -64.42 -12.37 -40.17
CA ASN X 242 -63.98 -12.83 -38.84
C ASN X 242 -64.79 -12.19 -37.71
N VAL X 243 -65.02 -10.89 -37.81
CA VAL X 243 -65.74 -10.13 -36.77
C VAL X 243 -67.17 -10.62 -36.58
N ILE X 244 -67.84 -10.95 -37.68
CA ILE X 244 -69.22 -11.45 -37.61
C ILE X 244 -69.25 -12.83 -36.94
N GLU X 245 -68.30 -13.70 -37.29
CA GLU X 245 -68.26 -15.01 -36.66
C GLU X 245 -68.14 -14.95 -35.13
N ARG X 246 -67.32 -14.02 -34.60
CA ARG X 246 -67.22 -13.83 -33.15
C ARG X 246 -68.53 -13.28 -32.55
N ALA X 247 -69.03 -12.21 -33.16
CA ALA X 247 -70.21 -11.48 -32.68
C ALA X 247 -71.37 -12.44 -32.48
N VAL X 248 -71.58 -13.35 -33.43
CA VAL X 248 -72.68 -14.30 -33.36
C VAL X 248 -72.53 -15.22 -32.14
N LEU X 249 -71.33 -15.76 -31.92
CA LEU X 249 -71.10 -16.66 -30.79
C LEU X 249 -71.31 -16.03 -29.40
N PHE X 250 -70.99 -14.74 -29.27
CA PHE X 250 -71.11 -14.03 -27.99
C PHE X 250 -72.40 -13.21 -27.92
N SER X 251 -73.23 -13.31 -28.95
CA SER X 251 -74.45 -12.53 -29.03
C SER X 251 -75.39 -13.16 -28.00
N GLU X 252 -76.34 -12.38 -27.50
CA GLU X 252 -77.34 -12.87 -26.57
C GLU X 252 -78.73 -12.75 -27.17
N GLY X 253 -79.10 -11.56 -27.60
CA GLY X 253 -80.45 -11.33 -28.07
C GLY X 253 -80.72 -11.94 -29.43
N LYS X 254 -81.71 -11.40 -30.11
CA LYS X 254 -82.05 -11.73 -31.49
C LYS X 254 -81.47 -10.71 -32.47
N PHE X 255 -80.99 -9.59 -31.94
CA PHE X 255 -80.41 -8.53 -32.75
C PHE X 255 -79.06 -8.17 -32.14
N ILE X 256 -78.14 -7.75 -33.00
CA ILE X 256 -76.80 -7.34 -32.58
C ILE X 256 -76.62 -5.84 -32.39
N ASP X 257 -76.22 -5.48 -31.18
CA ASP X 257 -76.01 -4.10 -30.79
C ASP X 257 -74.53 -3.76 -30.94
N ARG X 258 -74.23 -2.47 -30.84
CA ARG X 258 -72.88 -1.94 -30.98
C ARG X 258 -71.84 -2.61 -30.08
N GLY X 259 -72.25 -3.04 -28.89
CA GLY X 259 -71.29 -3.60 -27.94
C GLY X 259 -70.53 -4.86 -28.35
N GLU X 260 -71.15 -5.87 -28.97
CA GLU X 260 -70.39 -7.07 -29.35
C GLU X 260 -69.32 -6.73 -30.39
N LEU X 261 -69.57 -5.69 -31.19
CA LEU X 261 -68.63 -5.25 -32.22
C LEU X 261 -67.57 -4.31 -31.65
N SER X 262 -68.02 -3.38 -30.82
CA SER X 262 -67.22 -2.32 -30.20
C SER X 262 -65.98 -2.82 -29.46
N CYS X 263 -66.08 -4.01 -28.88
CA CYS X 263 -65.00 -4.61 -28.09
C CYS X 263 -63.89 -5.33 -28.88
N LEU X 264 -63.94 -5.29 -30.21
CA LEU X 264 -62.91 -5.92 -31.02
C LEU X 264 -62.05 -4.79 -31.57
N VAL X 265 -62.65 -3.92 -32.38
CA VAL X 265 -61.93 -2.81 -33.00
C VAL X 265 -62.49 -1.49 -32.50
PA 08T Y . -14.05 26.62 14.36
PB 08T Y . -14.48 27.61 16.96
BE 08T Y . -16.46 29.03 18.62
C5' 08T Y . -14.56 28.13 12.32
O5' 08T Y . -13.60 27.30 13.00
C4' 08T Y . -14.70 27.71 10.92
O4' 08T Y . -13.70 28.38 10.07
C3' 08T Y . -14.53 26.24 10.77
O3' 08T Y . -15.84 25.58 10.74
C2' 08T Y . -13.83 26.04 9.52
O2' 08T Y . -14.79 25.71 8.48
C1' 08T Y . -13.14 27.30 9.19
N1 08T Y . -8.37 26.08 7.49
O1A 08T Y . -15.05 25.54 14.05
O1B 08T Y . -13.08 28.05 17.29
F1 08T Y . -17.12 30.08 18.01
C2 08T Y . -9.51 25.98 6.75
O2A 08T Y . -12.87 26.00 15.03
O2B 08T Y . -14.67 26.19 17.41
F2 08T Y . -17.33 28.03 18.93
N3 08T Y . -10.72 26.34 7.30
O3A 08T Y . -14.70 27.70 15.37
O3B 08T Y . -15.55 28.46 17.75
F3 08T Y . -15.83 29.44 19.76
C4 08T Y . -10.77 26.77 8.57
C5 08T Y . -9.66 26.84 9.24
C6 08T Y . -8.42 26.52 8.76
N6 08T Y . -7.24 26.62 9.56
N7 08T Y . -9.79 27.26 10.45
C8 08T Y . -11.11 27.51 10.62
N9 08T Y . -11.76 27.19 9.42
H1 08T Y . -14.26 29.08 12.36
H2 08T Y . -15.44 28.06 12.77
H3 08T Y . -15.59 27.94 10.60
H4 08T Y . -13.99 25.88 11.53
H6 08T Y . -13.18 25.33 9.62
H7 08T Y . -14.68 24.84 8.22
H8 08T Y . -13.30 27.52 8.26
H10 08T Y . -9.47 25.67 5.83
H12 08T Y . -6.78 27.39 9.58
H13 08T Y . -6.95 25.90 10.06
H14 08T Y . -11.53 27.84 11.44
MG MG Z . -16.39 26.53 18.93
PA 08T AA . -43.89 42.49 11.19
PB 08T AA . -42.19 42.16 13.45
BE 08T AA . -41.66 42.84 16.29
C5' 08T AA . -45.75 44.30 10.88
O5' 08T AA . -44.55 43.69 10.39
C4' 08T AA . -46.93 43.94 10.06
O4' 08T AA . -47.28 45.06 9.15
C3' 08T AA . -46.68 42.75 9.22
O3' 08T AA . -47.04 41.54 9.96
C2' 08T AA . -47.53 42.94 8.07
O2' 08T AA . -48.88 42.45 8.35
C1' 08T AA . -47.56 44.40 7.83
N1 08T AA . -45.89 44.79 2.89
O1A 08T AA . -44.89 41.39 11.29
O1B 08T AA . -40.93 42.38 12.68
F1 08T AA . -40.36 43.16 16.48
C2 08T AA . -47.11 44.32 3.26
O2A 08T AA . -42.71 42.02 10.39
O2B 08T AA . -42.52 40.70 13.52
F2 08T AA . -42.48 43.83 16.74
N3 08T AA . -47.45 44.25 4.60
O3A 08T AA . -43.38 42.93 12.67
O3B 08T AA . -41.89 42.64 14.93
F3 08T AA . -41.97 41.69 16.96
C4 08T AA . -46.58 44.67 5.52
C5 08T AA . -45.43 45.12 5.12
C6 08T AA . -45.01 45.21 3.81
N6 08T AA . -43.74 45.73 3.44
N7 08T AA . -44.64 45.51 6.04
C8 08T AA . -45.30 45.30 7.22
N9 08T AA . -46.57 44.76 6.89
H1 08T AA . -45.64 45.28 10.90
H2 08T AA . -45.91 43.98 11.81
H3 08T AA . -47.69 43.77 10.64
H4 08T AA . -45.74 42.72 8.94
H6 08T AA . -47.16 42.49 7.30
H7 08T AA . -49.06 41.76 7.80
H8 08T AA . -48.43 44.67 7.51
H10 08T AA . -47.75 44.01 2.59
H12 08T AA . -43.02 45.17 3.39
H13 08T AA . -43.63 46.62 3.26
H14 08T AA . -44.96 45.50 8.12
MG MG BA . -41.52 39.36 14.35
PA 08T CA . -64.27 48.71 37.80
PB 08T CA . -61.56 49.46 37.41
BE 08T CA . -58.90 48.84 38.50
C5' 08T CA . -65.21 50.37 39.54
O5' 08T CA . -65.49 49.29 38.63
C4' 08T CA . -66.44 50.78 40.26
O4' 08T CA . -67.11 51.84 39.48
C3' 08T CA . -67.41 49.66 40.43
O3' 08T CA . -67.86 49.62 41.81
C2' 08T CA . -68.54 49.96 39.58
O2' 08T CA . -69.77 49.47 40.20
C1' 08T CA . -68.55 51.43 39.52
N1 08T CA . -73.00 52.03 36.89
O1A 08T CA . -64.29 47.22 37.91
O1B 08T CA . -61.54 50.85 36.87
F1 08T CA . -58.75 49.06 39.84
C2 08T CA . -72.88 51.33 38.05
O2A 08T CA . -64.41 49.12 36.37
O2B 08T CA . -61.62 48.46 36.28
F2 08T CA . -58.68 47.54 38.22
N3 08T CA . -71.64 51.24 38.67
O3A 08T CA . -62.85 49.26 38.35
O3B 08T CA . -60.19 49.16 38.12
F3 08T CA . -58.03 49.63 37.81
C4 08T CA . -70.57 51.83 38.10
C5 08T CA . -70.74 52.48 36.99
C6 08T CA . -71.94 52.61 36.32
N6 08T CA . -72.05 53.33 35.10
N7 08T CA . -69.68 53.01 36.51
C8 08T CA . -68.67 52.71 37.37
N9 08T CA . -69.24 51.93 38.40
H1 08T CA . -64.87 51.14 39.02
H2 08T CA . -64.53 50.08 40.19
H3 08T CA . -66.20 51.13 41.14
H4 08T CA . -67.00 48.80 40.18
H6 08T CA . -68.41 49.59 38.70
H7 08T CA . -69.82 48.58 40.08
H8 08T CA . -68.95 51.78 40.33
H10 08T CA . -73.65 50.91 38.47
H12 08T CA . -71.93 52.91 34.32
H13 08T CA . -72.24 54.23 35.12
H14 08T CA . -67.73 52.97 37.28
MG MG DA . -59.57 46.94 36.87
PA 08T EA . -53.29 41.34 68.92
PB 08T EA . -51.66 42.36 66.76
BE 08T EA . -48.75 42.41 67.28
C5' 08T EA . -52.33 40.86 71.29
O5' 08T EA . -53.23 41.63 70.49
C4' 08T EA . -53.02 40.07 72.32
O4' 08T EA . -53.23 40.86 73.57
C3' 08T EA . -54.37 39.64 71.89
O3' 08T EA . -54.30 38.47 71.01
C2' 08T EA . -55.02 39.32 73.14
O2' 08T EA . -54.59 38.01 73.62
C1' 08T EA . -54.54 40.36 74.09
N1 08T EA . -59.14 42.13 75.81
O1A 08T EA . -52.65 40.01 68.63
O1B 08T EA . -51.98 43.52 65.87
F1 08T EA . -48.34 43.05 68.42
C2 08T EA . -58.64 40.88 76.05
O2A 08T EA . -54.73 41.33 68.50
O2B 08T EA . -51.94 41.08 66.05
F2 08T EA . -48.34 41.12 67.30
N3 08T EA . -57.41 40.52 75.55
O3A 08T EA . -52.55 42.52 68.11
O3B 08T EA . -50.13 42.43 67.13
F3 08T EA . -48.23 43.00 66.15
C4 08T EA . -56.71 41.41 74.81
C5 08T EA . -57.22 42.59 74.61
C6 08T EA . -58.44 43.02 75.09
N6 08T EA . -58.93 44.34 74.81
N7 08T EA . -56.50 43.37 73.91
C8 08T EA . -55.38 42.67 73.60
N9 08T EA . -55.49 41.40 74.18
H1 08T EA . -51.82 40.24 70.70
H2 08T EA . -51.69 41.47 71.73
H3 08T EA . -52.50 39.30 72.55
H4 08T EA . -54.84 40.38 71.44
H6 08T EA . -55.98 39.37 73.05
H7 08T EA . -55.32 37.47 73.71
H8 08T EA . -54.42 39.96 74.97
H10 08T EA . -59.16 40.24 76.59
H12 08T EA . -58.75 45.01 75.38
H13 08T EA . -59.43 44.49 74.06
H14 08T EA . -54.63 43.01 73.06
MG MG FA . -51.86 40.66 63.66
PA 08T GA . -22.40 27.13 74.76
PB 08T GA . -23.17 29.50 73.36
BE 08T GA . -22.57 30.70 70.72
C5' 08T GA . -19.95 26.51 75.20
O5' 08T GA . -21.19 26.96 75.76
C4' 08T GA . -19.59 25.20 75.79
O4' 08T GA . -18.49 25.40 76.74
C3' 08T GA . -20.72 24.56 76.53
O3' 08T GA . -21.50 23.67 75.68
C2' 08T GA . -20.08 23.83 77.58
O2' 08T GA . -19.61 22.53 77.09
C1' 08T GA . -18.95 24.67 77.97
N1 08T GA . -20.24 25.73 82.90
O1A 08T GA . -22.48 25.89 73.93
O1B 08T GA . -23.31 30.54 74.43
F1 08T GA . -21.33 30.44 70.22
C2 08T GA . -19.86 24.52 82.45
O2A 08T GA . -23.69 27.32 75.50
O2B 08T GA . -24.49 28.84 73.11
F2 08T GA . -23.48 30.12 69.92
N3 08T GA . -19.53 24.34 81.12
O3A 08T GA . -22.09 28.40 73.82
O3B 08T GA . -22.72 30.14 71.97
F3 08T GA . -22.78 32.05 70.77
C4 08T GA . -19.60 25.39 80.29
C5 08T GA . -19.99 26.54 80.76
C6 08T GA . -20.32 26.78 82.07
N6 08T GA . -20.73 28.07 82.52
N7 08T GA . -20.03 27.48 79.90
C8 08T GA . -19.64 26.95 78.71
N9 08T GA . -19.37 25.59 78.94
H1 08T GA . -19.24 27.17 75.38
H2 08T GA . -20.07 26.41 74.22
H3 08T GA . -19.29 24.60 75.08
H4 08T GA . -21.30 25.25 76.91
H6 08T GA . -20.69 23.71 78.33
H7 08T GA . -19.96 21.87 77.59
H8 08T GA . -18.22 24.13 78.32
H10 08T GA . -19.81 23.76 83.07
H12 08T GA . -21.60 28.32 82.48
H13 08T GA . -20.11 28.66 82.84
H14 08T GA . -19.58 27.43 77.86
MG MG HA . -24.45 29.06 70.94
PB ADP IA . -4.43 25.14 48.81
O1B ADP IA . -3.51 25.59 47.70
O2B ADP IA . -4.01 25.63 50.17
O3B ADP IA . -5.90 25.28 48.51
PA ADP IA . -2.87 22.88 49.49
O1A ADP IA . -1.74 23.84 49.25
O2A ADP IA . -3.14 22.41 50.89
O3A ADP IA . -4.22 23.54 48.89
O5' ADP IA . -2.70 21.60 48.55
C5' ADP IA . -1.83 20.56 48.94
C4' ADP IA . -0.45 20.99 48.49
O4' ADP IA . 0.56 20.14 49.00
C3' ADP IA . -0.28 20.99 46.99
O3' ADP IA . -0.47 22.30 46.44
C2' ADP IA . 1.16 20.53 46.81
O2' ADP IA . 1.91 21.44 46.01
C1' ADP IA . 1.72 20.44 48.23
N9 ADP IA . 2.73 19.39 48.45
C8 ADP IA . 3.08 18.83 49.63
N7 ADP IA . 4.05 17.88 49.45
C5 ADP IA . 4.34 17.85 48.14
C6 ADP IA . 5.26 17.11 47.25
N6 ADP IA . 6.10 16.17 47.74
N1 ADP IA . 5.22 17.42 45.93
C2 ADP IA . 4.39 18.35 45.43
N3 ADP IA . 3.54 19.05 46.19
C4 ADP IA . 3.47 18.85 47.51
H5'1 ADP IA . -2.10 19.62 48.47
H5'2 ADP IA . -1.85 20.43 50.02
H4' ADP IA . -0.28 22.03 48.86
H3' ADP IA . -0.96 20.27 46.53
H2' ADP IA . 1.16 19.52 46.36
HO2' ADP IA . 1.52 21.49 45.13
H1' ADP IA . 2.12 21.42 48.52
H8 ADP IA . 2.63 19.07 50.59
HN61 ADP IA . 6.11 15.97 48.74
HN62 ADP IA . 6.73 15.67 47.12
H2 ADP IA . 4.41 18.54 44.37
MG MG JA . -6.41 23.86 49.62
PA 08T KA . 51.12 30.52 -30.59
PB 08T KA . 50.39 31.17 -33.23
BE 08T KA . 48.22 31.24 -35.16
C5' 08T KA . 50.72 29.19 -28.37
O5' 08T KA . 50.44 30.38 -29.16
C4' 08T KA . 50.90 29.56 -26.95
O4' 08T KA . 51.66 28.50 -26.25
C3' 08T KA . 51.68 30.81 -26.86
O3' 08T KA . 50.82 31.89 -26.36
C2' 08T KA . 52.77 30.59 -25.93
O2' 08T KA . 52.66 31.57 -24.84
C1' 08T KA . 52.66 29.23 -25.41
N1 08T KA . 55.80 25.26 -26.76
O1A 08T KA . 52.34 31.40 -30.49
O1B 08T KA . 51.23 29.99 -33.61
F1 08T KA . 46.95 30.75 -34.96
C2 08T KA . 54.46 25.31 -27.03
O2A 08T KA . 51.53 29.16 -31.07
O2B 08T KA . 51.13 32.43 -33.60
F2 08T KA . 48.26 32.55 -35.48
N3 08T KA . 53.72 26.39 -26.64
O3A 08T KA . 50.08 31.14 -31.65
O3B 08T KA . 49.09 31.12 -34.11
F3 08T KA . 48.90 30.75 -36.24
C4 08T KA . 54.31 27.40 -25.98
C5 08T KA . 55.58 27.30 -25.75
C6 08T KA . 56.40 26.25 -26.10
N6 08T KA . 57.79 26.23 -25.81
N7 08T KA . 56.09 28.30 -25.12
C8 08T KA . 55.08 29.16 -24.89
N9 08T KA . 53.90 28.60 -25.45
H1 08T KA . 51.56 28.78 -28.70
H2 08T KA . 49.98 28.55 -28.46
H3 08T KA . 50.03 29.68 -26.53
H4 08T KA . 52.03 31.05 -27.74
H6 08T KA . 53.61 30.70 -26.39
H7 08T KA . 53.14 32.31 -25.06
H8 08T KA . 52.34 29.25 -24.49
H10 08T KA . 54.04 24.57 -27.50
H12 08T KA . 58.38 26.56 -26.40
H13 08T KA . 58.08 25.88 -25.01
H14 08T KA . 55.15 30.02 -24.43
MG MG LA . 50.06 32.28 -36.01
PA 08T MA . 18.80 40.30 -26.55
PB 08T MA . 20.30 38.86 -28.46
BE 08T MA . 20.46 38.35 -31.35
C5' 08T MA . 16.21 40.58 -26.31
O5' 08T MA . 17.39 39.86 -25.91
C4' 08T MA . 15.63 41.28 -25.14
O4' 08T MA . 14.90 40.34 -24.27
C3' 08T MA . 16.66 41.91 -24.29
O3' 08T MA . 17.00 43.25 -24.76
C2' 08T MA . 16.08 41.97 -22.97
O2' 08T MA . 15.49 43.29 -22.76
C1' 08T MA . 15.02 40.94 -22.90
N1 08T MA . 15.22 39.42 -17.95
O1A 08T MA . 18.88 41.78 -26.67
O1B 08T MA . 20.45 37.57 -27.71
F1 08T MA . 19.28 38.38 -32.05
C2 08T MA . 14.72 40.61 -18.38
O2A 08T MA . 19.88 39.79 -25.66
O2B 08T MA . 21.50 39.74 -28.25
F2 08T MA . 21.27 39.36 -31.75
N3 08T MA . 14.72 40.91 -19.72
O3A 08T MA . 18.96 39.62 -27.99
O3B 08T MA . 20.24 38.58 -30.01
F3 08T MA . 21.12 37.17 -31.51
C4 08T MA . 15.21 40.02 -20.59
C5 08T MA . 15.68 38.90 -20.13
C6 08T MA . 15.72 38.52 -18.81
N6 08T MA . 16.25 37.27 -18.38
N7 08T MA . 16.14 38.10 -21.02
C8 08T MA . 15.97 38.73 -22.21
N9 08T MA . 15.36 39.98 -21.95
H1 08T MA . 16.45 41.24 -27.00
H2 08T MA . 15.56 39.95 -26.67
H3 08T MA . 15.01 41.97 -25.45
H4 08T MA . 17.47 41.34 -24.27
H6 08T MA . 16.75 41.79 -22.29
H7 08T MA . 16.01 43.76 -22.18
H8 08T MA . 14.18 41.35 -22.66
H10 08T MA . 14.36 41.25 -17.73
H12 08T MA . 15.72 36.55 -18.34
H13 08T MA . 17.14 37.21 -18.15
H14 08T MA . 16.22 38.38 -23.10
MG MG NA . 22.33 39.84 -30.41
PA 08T OA . 0.28 50.78 -52.83
PB 08T OA . 1.76 48.44 -52.25
BE 08T OA . 3.92 46.80 -53.38
C5' 08T OA . -1.58 49.92 -54.42
O5' 08T OA . -1.10 50.98 -53.60
C4' 08T OA . -2.49 50.47 -55.47
O4' 08T OA . -3.90 50.30 -55.07
C3' 08T OA . -2.28 51.93 -55.66
O3' 08T OA . -2.48 52.25 -57.07
C2' 08T OA . -3.28 52.58 -54.88
O2' 08T OA . -3.59 53.90 -55.45
C1' 08T OA . -4.44 51.68 -54.97
N1 08T OA . -8.41 54.09 -52.69
O1A 08T OA . 1.18 51.95 -53.14
O1B 08T OA . 0.77 47.54 -51.55
F1 08T OA . 3.84 46.64 -54.74
C2 08T OA . -7.90 54.41 -53.91
O2A 08T OA . 0.02 50.75 -51.37
O2B 08T OA . 2.51 49.26 -51.22
F2 08T OA . 5.06 47.46 -53.06
N3 08T OA . -6.84 53.70 -54.42
O3A 08T OA . 0.99 49.41 -53.28
O3B 08T OA . 2.86 47.57 -52.96
F3 08T OA . 3.89 45.59 -52.75
C4 08T OA . -6.33 52.69 -53.70
C5 08T OA . -6.84 52.42 -52.54
C6 08T OA . -7.90 53.09 -51.97
N6 08T OA . -8.42 52.75 -50.69
N7 08T OA . -6.28 51.45 -51.92
C8 08T OA . -5.28 51.00 -52.72
N9 08T OA . -5.30 51.80 -53.87
H1 08T OA . -0.82 49.45 -54.86
H2 08T OA . -2.09 49.27 -53.86
H3 08T OA . -2.33 50.00 -56.31
H4 08T OA . -1.37 52.19 -55.37
H6 08T OA . -2.99 52.67 -53.96
H7 08T OA . -3.00 54.50 -55.14
H8 08T OA . -4.94 51.88 -55.79
H10 08T OA . -8.29 55.14 -54.42
H12 08T OA . -8.12 53.17 -49.96
H13 08T OA . -9.06 52.09 -50.63
H14 08T OA . -4.67 50.26 -52.53
MG MG PA . 4.81 48.66 -51.82
PA 08T QA . 12.83 48.29 -84.73
PB 08T QA . 13.15 46.65 -82.45
BE 08T QA . 14.75 44.50 -81.24
C5' 08T QA . 13.64 47.63 -87.08
O5' 08T QA . 12.52 47.95 -86.24
C4' 08T QA . 13.86 48.68 -88.11
O4' 08T QA . 13.17 48.37 -89.39
C3' 08T QA . 13.36 50.01 -87.67
O3' 08T QA . 14.39 50.74 -86.95
C2' 08T QA . 13.02 50.70 -88.90
O2' 08T QA . 14.21 51.33 -89.47
C1' 08T QA . 12.54 49.66 -89.83
N1 08T QA . 7.91 51.53 -91.31
O1A 08T QA . 13.72 49.50 -84.66
O1B 08T QA . 11.70 46.25 -82.45
F1 08T QA . 15.62 43.89 -82.09
C2 08T QA . 9.11 52.02 -91.71
O2A 08T QA . 11.54 48.60 -84.02
O2B 08T QA . 13.35 47.81 -81.53
F2 08T QA . 15.44 45.09 -80.24
N3 08T QA . 10.28 51.45 -91.25
O3A 08T QA . 13.53 47.04 -83.97
O3B 08T QA . 14.03 45.47 -81.91
F3 08T QA . 13.89 43.58 -80.71
C4 08T QA . 10.22 50.40 -90.42
C5 08T QA . 9.05 49.95 -90.06
C6 08T QA . 7.84 50.47 -90.47
N6 08T QA . 6.60 49.92 -90.04
N7 08T QA . 9.06 48.95 -89.27
C8 08T QA . 10.37 48.67 -89.04
N9 08T QA . 11.15 49.60 -89.78
H1 08T QA . 13.47 46.76 -87.53
H2 08T QA . 14.45 47.56 -86.52
H3 08T QA . 14.81 48.76 -88.29
H4 08T QA . 12.56 49.90 -87.12
H6 08T QA . 12.33 51.36 -88.74
H7 08T QA . 14.09 52.22 -89.50
H8 08T QA . 12.84 49.87 -90.73
H10 08T QA . 9.15 52.79 -92.31
H12 08T QA . 6.21 50.21 -89.28
H13 08T QA . 6.20 49.27 -90.55
H14 08T QA . 10.72 47.95 -88.48
MG MG RA . 14.18 48.33 -79.36
PA 08T SA . 44.77 37.40 -90.59
PB 08T SA . 43.22 35.17 -89.89
BE 08T SA . 43.14 33.99 -87.21
C5' 08T SA . 47.27 37.15 -90.61
O5' 08T SA . 46.15 37.67 -91.31
C4' 08T SA . 47.92 36.12 -91.45
O4' 08T SA . 47.10 35.83 -92.65
C3' 08T SA . 49.22 36.65 -91.91
O3' 08T SA . 50.25 35.68 -91.55
C2' 08T SA . 49.09 36.83 -93.35
O2' 08T SA . 50.39 36.61 -94.00
C1' 08T SA . 48.11 35.81 -93.74
N1 08T SA . 48.47 37.76 -98.58
O1A 08T SA . 44.76 38.10 -89.27
O1B 08T SA . 42.70 34.19 -90.91
F1 08T SA . 43.99 33.01 -86.81
C2 08T SA . 49.46 37.81 -97.66
O2A 08T SA . 43.65 37.90 -91.45
O2B 08T SA . 42.20 36.26 -89.67
F2 08T SA . 43.16 35.09 -86.42
N3 08T SA . 49.27 37.27 -96.41
O3A 08T SA . 44.60 35.82 -90.38
O3B 08T SA . 43.33 34.46 -88.49
F3 08T SA . 41.81 33.70 -87.08
C4 08T SA . 48.09 36.69 -96.11
C5 08T SA . 47.16 36.68 -97.02
C6 08T SA . 47.29 37.20 -98.29
N6 08T SA . 46.23 37.16 -99.24
N7 08T SA . 46.07 36.13 -96.68
C8 08T SA . 46.25 35.72 -95.40
N9 08T SA . 47.55 36.09 -95.00
H1 08T SA . 46.97 36.73 -89.77
H2 08T SA . 47.91 37.88 -90.41
H3 08T SA . 48.06 35.32 -90.94
H4 08T SA . 49.41 37.52 -91.48
H6 08T SA . 48.76 37.71 -93.55
H7 08T SA . 50.93 37.32 -93.83
H8 08T SA . 48.54 34.95 -93.77
H10 08T SA . 50.32 38.22 -97.89
H12 08T SA . 45.64 37.83 -99.29
H13 08T SA . 46.16 36.43 -99.80
H14 08T SA . 45.58 35.25 -94.85
MG MG TA . 41.44 35.53 -86.97
PB ADP UA . 60.04 25.01 -65.39
O1B ADP UA . 60.57 23.76 -66.05
O2B ADP UA . 59.04 24.75 -64.29
O3B ADP UA . 59.65 26.12 -66.33
PA ADP UA . 62.81 25.63 -65.25
O1A ADP UA . 63.39 24.25 -65.28
O2A ADP UA . 62.78 26.44 -66.53
O3A ADP UA . 61.33 25.59 -64.60
O5' ADP UA . 63.61 26.45 -64.15
C5' ADP UA . 65.00 26.69 -64.31
C4' ADP UA . 65.73 26.04 -63.14
O4' ADP UA . 66.48 24.90 -63.60
C3' ADP UA . 66.72 26.96 -62.44
O3' ADP UA . 66.45 27.01 -61.03
C2' ADP UA . 68.09 26.37 -62.69
O2' ADP UA . 68.86 26.40 -61.49
C1' ADP UA . 67.83 24.92 -63.13
N9 ADP UA . 68.76 24.52 -64.22
C8 ADP UA . 68.43 23.73 -65.26
N7 ADP UA . 69.50 23.54 -66.09
C5 ADP UA . 70.54 24.21 -65.56
C6 ADP UA . 71.95 24.42 -65.92
N6 ADP UA . 72.48 23.87 -67.04
N1 ADP UA . 72.71 25.19 -65.10
C2 ADP UA . 72.21 25.75 -63.98
N3 ADP UA . 70.92 25.58 -63.60
C4 ADP UA . 70.05 24.84 -64.33
H5'1 ADP UA . 65.20 27.76 -64.32
H5'2 ADP UA . 65.35 26.27 -65.25
H4' ADP UA . 64.99 25.72 -62.40
H3' ADP UA . 66.68 27.97 -62.89
H2' ADP UA . 68.60 26.91 -63.49
HO2' ADP UA . 68.98 27.32 -61.22
H1' ADP UA . 67.95 24.26 -62.27
H8 ADP UA . 67.44 23.32 -65.43
HN61 ADP UA . 71.90 23.30 -67.63
HN62 ADP UA . 73.46 24.02 -67.26
H2 ADP UA . 72.85 26.35 -63.36
MG MG VA . 60.33 29.31 -64.57
PA 08T WA . 12.73 -33.48 34.41
PB 08T WA . 13.09 -36.23 34.94
BE 08T WA . 14.06 -35.55 37.65
C5' 08T WA . 11.70 -32.53 32.18
O5' 08T WA . 12.78 -32.49 33.14
C4' 08T WA . 11.87 -33.71 31.28
O4' 08T WA . 10.87 -33.66 30.19
C3' 08T WA . 13.20 -33.70 30.66
O3' 08T WA . 13.81 -35.01 30.80
C2' 08T WA . 13.04 -33.38 29.26
O2' 08T WA . 13.97 -34.15 28.44
C1' 08T WA . 11.66 -33.76 28.92
N1 08T WA . 7.65 -31.15 26.87
O1A 08T WA . 13.77 -33.07 35.41
O1B 08T WA . 13.90 -37.33 34.33
F1 08T WA . 15.40 -35.71 37.79
C2 08T WA . 7.56 -31.97 27.95
O2A 08T WA . 11.38 -33.41 35.04
O2B 08T WA . 11.69 -36.72 35.15
F2 08T WA . 13.71 -34.28 37.94
N3 08T WA . 8.69 -32.61 28.42
O3A 08T WA . 13.02 -34.98 33.93
O3B 08T WA . 13.69 -35.82 36.34
F3 08T WA . 13.38 -36.41 38.48
C4 08T WA . 9.86 -32.43 27.79
C5 08T WA . 9.89 -31.64 26.76
C6 08T WA . 8.81 -30.96 26.24
N6 08T WA . 8.94 -30.11 25.11
N7 08T WA . 11.02 -31.51 26.22
C8 08T WA . 11.89 -32.28 26.93
N9 08T WA . 11.14 -32.89 27.96
H1 08T WA . 10.84 -32.61 32.66
H2 08T WA . 11.71 -31.71 31.64
H3 08T WA . 11.75 -34.52 31.79
H4 08T WA . 13.77 -33.02 31.10
H6 08T WA . 13.17 -32.44 29.11
H7 08T WA . 13.85 -35.04 28.60
H8 08T WA . 11.64 -34.67 28.58
H10 08T WA . 6.71 -32.10 28.40
H12 08T WA . 8.83 -30.46 24.28
H13 08T WA . 9.14 -29.23 25.21
H14 08T WA . 12.85 -32.40 26.76
PA 08T XA . 41.01 -48.34 28.88
PB 08T XA . 40.20 -47.01 31.22
BE 08T XA . 40.46 -49.68 32.44
C5' 08T XA . 42.62 -46.85 27.46
O5' 08T XA . 41.72 -47.98 27.50
C4' 08T XA . 44.00 -47.29 27.72
O4' 08T XA . 44.44 -48.35 26.79
C3' 08T XA . 44.88 -46.11 27.55
O3' 08T XA . 45.72 -45.96 28.74
C2' 08T XA . 45.66 -46.39 26.35
O2' 08T XA . 46.98 -45.75 26.40
C1' 08T XA . 45.77 -47.85 26.31
N1 08T XA . 44.73 -48.15 21.17
O1A 08T XA . 39.81 -49.19 28.62
O1B 08T XA . 38.80 -46.51 31.43
F1 08T XA . 41.16 -49.46 33.59
C2 08T XA . 43.96 -47.51 22.08
O2A 08T XA . 41.99 -49.10 29.73
O2B 08T XA . 41.20 -46.15 31.93
F2 08T XA . 39.22 -50.11 32.74
N3 08T XA . 44.32 -47.49 23.42
O3A 08T XA . 40.56 -47.02 29.65
O3B 08T XA . 40.31 -48.48 31.79
F3 08T XA . 41.14 -50.54 31.63
C4 08T XA . 45.44 -48.10 23.81
C5 08T XA . 46.15 -48.70 22.90
C6 08T XA . 45.86 -48.76 21.56
N6 08T XA . 46.67 -49.44 20.61
N7 08T XA . 47.21 -49.26 23.35
C8 08T XA . 47.23 -49.04 24.69
N9 08T XA . 46.09 -48.28 25.02
H1 08T XA . 42.57 -46.43 26.56
H2 08T XA . 42.33 -46.18 28.14
H3 08T XA . 44.07 -47.61 28.65
H4 08T XA . 44.33 -45.31 27.42
H6 08T XA . 45.17 -46.07 25.57
H7 08T XA . 46.97 -45.00 25.91
H8 08T XA . 46.47 -48.14 26.92
H10 08T XA . 43.13 -47.06 21.80
H12 08T XA . 46.55 -50.31 20.43
H13 08T XA . 47.34 -48.98 20.17
H14 08T XA . 47.92 -49.34 25.32
MG MG YA . 39.72 -45.16 31.77
PA 08T ZA . 61.48 -58.98 53.81
PB 08T ZA . 58.95 -58.52 54.79
BE 08T ZA . 56.14 -58.78 53.96
C5' 08T ZA . 62.19 -60.69 55.63
O5' 08T ZA . 62.23 -60.31 54.24
C4' 08T ZA . 63.45 -60.35 56.33
O4' 08T ZA . 64.36 -61.51 56.31
C3' 08T ZA . 64.19 -59.22 55.70
O3' 08T ZA . 63.76 -57.93 56.24
C2' 08T ZA . 65.56 -59.44 56.03
O2' 08T ZA . 65.87 -58.85 57.32
C1' 08T ZA . 65.72 -60.91 56.11
N1 08T ZA . 69.94 -61.89 53.23
O1A 08T ZA . 61.72 -57.94 54.84
O1B 08T ZA . 59.30 -57.06 54.85
F1 08T ZA . 55.75 -57.53 53.53
C2 08T ZA . 69.96 -61.37 54.50
O2A 08T ZA . 61.95 -58.50 52.48
O2B 08T ZA . 59.14 -59.13 56.14
F2 08T ZA . 56.03 -59.70 52.99
N3 08T ZA . 68.77 -61.14 55.16
O3A 08T ZA . 59.91 -59.27 53.75
O3B 08T ZA . 57.45 -58.63 54.30
F3 08T ZA . 55.40 -59.15 55.04
C4 08T ZA . 67.61 -61.46 54.57
C5 08T ZA . 67.64 -61.97 53.37
C6 08T ZA . 68.78 -62.21 52.65
N6 08T ZA . 68.73 -62.77 51.33
N7 08T ZA . 66.50 -62.23 52.88
C8 08T ZA . 65.58 -61.89 53.81
N9 08T ZA . 66.29 -61.39 54.92
H1 08T ZA . 61.43 -60.22 56.06
H2 08T ZA . 62.03 -61.66 55.70
H3 08T ZA . 63.25 -60.12 57.25
H4 08T ZA . 64.06 -59.24 54.72
H6 08T ZA . 66.15 -59.08 55.34
H7 08T ZA . 66.36 -58.10 57.21
H8 08T ZA . 66.29 -61.14 56.87
H10 08T ZA . 70.80 -61.14 54.91
H12 08T ZA . 68.67 -62.23 50.61
H13 08T ZA . 68.77 -63.68 51.22
H14 08T ZA . 64.60 -61.97 53.74
MG MG AB . 57.19 -56.47 53.84
PA 08T BB . 47.63 -58.91 85.89
PB 08T BB . 46.53 -59.20 83.32
BE 08T BB . 44.04 -59.34 81.79
C5' 08T BB . 46.24 -59.21 88.04
O5' 08T BB . 47.38 -59.65 87.27
C4' 08T BB . 46.67 -58.59 89.32
O4' 08T BB . 46.93 -59.63 90.33
C3' 08T BB . 47.91 -57.79 89.14
O3' 08T BB . 47.59 -56.37 89.16
C2' 08T BB . 48.78 -58.10 90.25
O2' 08T BB . 48.68 -57.02 91.23
C1' 08T BB . 48.30 -59.36 90.84
N1 08T BB . 52.64 -62.11 91.77
O1A 08T BB . 47.79 -57.45 86.14
O1B 08T BB . 47.39 -60.36 82.96
F1 08T BB . 42.89 -59.53 82.50
C2 08T BB . 52.23 -61.03 92.50
O2A 08T BB . 48.87 -59.45 85.23
O2B 08T BB . 47.11 -57.90 82.83
F2 08T BB . 44.04 -58.11 81.21
N3 08T BB . 51.07 -60.37 92.16
O3A 08T BB . 46.37 -59.16 84.92
O3B 08T BB . 45.13 -59.32 82.62
F3 08T BB . 44.21 -60.30 80.82
C4 08T BB . 50.34 -60.81 91.13
C5 08T BB . 50.77 -61.84 90.47
C6 08T BB . 51.91 -62.55 90.72
N6 08T BB . 52.28 -63.67 89.94
N7 08T BB . 50.03 -62.20 89.49
C8 08T BB . 48.98 -61.33 89.47
N9 08T BB . 49.17 -60.42 90.52
H1 08T BB . 45.66 -59.99 88.22
H2 08T BB . 45.74 -58.54 87.51
H3 08T BB . 45.97 -58.01 89.64
H4 08T BB . 48.34 -58.03 88.28
H6 08T BB . 49.70 -58.20 89.94
H7 08T BB . 49.47 -56.58 91.26
H8 08T BB . 48.27 -59.27 91.81
H10 08T BB . 52.78 -60.73 93.25
H12 08T BB . 52.02 -64.50 90.17
H13 08T BB . 52.80 -63.55 89.17
H14 08T BB . 48.24 -61.34 88.83
MG MG CB . 45.64 -57.36 81.26
PA 08T DB . 15.81 -46.71 91.49
PB 08T DB . 17.03 -48.63 89.75
BE 08T DB . 17.05 -49.28 86.87
C5' 08T DB . 13.26 -46.38 91.73
O5' 08T DB . 14.43 -47.06 92.21
C4' 08T DB . 12.75 -45.57 92.86
O4' 08T DB . 11.61 -46.02 93.67
C3' 08T DB . 13.56 -44.51 93.49
O3' 08T DB . 13.55 -43.28 92.70
C2' 08T DB . 12.92 -44.30 94.77
O2' 08T DB . 12.19 -43.03 94.75
C1' 08T DB . 11.98 -45.42 94.99
N1 08T DB . 13.76 -46.96 99.62
O1A 08T DB . 15.85 -45.25 91.18
O1B 08T DB . 16.88 -49.90 90.55
F1 08T DB . 15.88 -49.08 86.19
C2 08T DB . 13.13 -45.77 99.39
O2A 08T DB . 16.95 -47.06 92.41
O2B 08T DB . 18.35 -48.01 90.02
F2 08T DB . 18.03 -48.44 86.44
N3 08T DB . 12.70 -45.47 98.12
O3A 08T DB . 15.86 -47.59 90.14
O3B 08T DB . 16.91 -48.95 88.22
F3 08T DB . 17.48 -50.57 86.75
C4 08T DB . 12.90 -46.35 97.12
C5 08T DB . 13.50 -47.47 97.39
C6 08T DB . 13.97 -47.84 98.62
N6 08T DB . 14.62 -49.09 98.83
N7 08T DB . 13.65 -48.25 96.39
C8 08T DB . 13.11 -47.62 95.32
N9 08T DB . 12.61 -46.38 95.78
H1 08T DB . 13.49 -45.81 90.96
H2 08T DB . 12.57 -47.05 91.46
H3 08T DB . 13.27 -46.18 93.39
H4 08T DB . 14.49 -44.82 93.62
H6 08T DB . 13.58 -44.29 95.47
H7 08T DB . 12.61 -42.44 95.31
H8 08T DB . 11.18 -45.11 95.44
H10 08T DB . 13.00 -45.15 100.12
H12 08T DB . 15.52 -49.14 98.76
H13 08T DB . 14.12 -49.84 99.04
H14 08T DB . 13.07 -47.97 94.41
MG MG EB . 19.68 -47.76 86.76
PA 08T FB . -2.95 -34.89 65.97
PB 08T FB . -2.77 -37.68 66.27
BE 08T FB . -0.99 -39.82 65.27
C5' 08T FB . -3.89 -33.64 63.91
O5' 08T FB . -3.84 -34.87 64.65
C4' 08T FB . -5.29 -33.30 63.55
O4' 08T FB . -6.30 -34.02 64.36
C3' 08T FB . -5.52 -31.86 63.80
O3' 08T FB . -5.17 -31.08 62.62
C2' 08T FB . -6.93 -31.73 64.11
O2' 08T FB . -7.62 -31.08 63.00
C1' 08T FB . -7.47 -33.09 64.30
N1 08T FB . -11.04 -30.80 67.26
O1A 08T FB . -2.00 -33.72 65.98
O1B 08T FB . -4.13 -37.74 65.63
F1 08T FB . -1.28 -40.16 63.98
C2 08T FB . -10.58 -30.32 66.08
O2A 08T FB . -3.83 -34.82 67.17
O2B 08T FB . -2.93 -37.86 67.75
F2 08T FB . 0.31 -39.44 65.34
N3 08T FB . -9.63 -31.03 65.38
O3A 08T FB . -2.11 -36.25 65.97
O3B 08T FB . -1.82 -38.78 65.67
F3 08T FB . -1.20 -40.89 66.08
C4 08T FB . -9.16 -32.19 65.87
C5 08T FB . -9.62 -32.60 67.01
C6 08T FB . -10.57 -31.95 67.77
N6 08T FB . -11.04 -32.45 69.01
N7 08T FB . -9.11 -33.70 67.43
C8 08T FB . -8.22 -34.09 66.48
N9 08T FB . -8.23 -33.11 65.47
H1 08T FB . -3.51 -32.91 64.46
H2 08T FB . -3.36 -33.73 63.08
H3 08T FB . -5.44 -33.50 62.60
H4 08T FB . -4.98 -31.57 64.57
H6 08T FB . -7.04 -31.21 64.92
H7 08T FB . -7.54 -30.18 63.08
H8 08T FB . -8.02 -33.32 63.54
H10 08T FB . -10.94 -29.49 65.72
H12 08T FB . -11.75 -33.02 69.03
H13 08T FB . -10.62 -32.21 69.79
H14 08T FB . -7.67 -34.90 66.50
MG MG GB . 0.58 -38.00 66.23
PA 08T HB . -49.63 -26.20 -17.09
PB 08T HB . -48.69 -24.98 -19.42
BE 08T HB . -46.30 -24.78 -21.14
C5' 08T HB . -50.36 -26.02 -14.62
O5' 08T HB . -49.29 -25.88 -15.56
C4' 08T HB . -49.83 -26.64 -13.37
O4' 08T HB . -50.05 -25.71 -12.24
C3' 08T HB . -50.53 -27.91 -13.10
O3' 08T HB . -49.62 -29.03 -13.30
C2' 08T HB . -50.97 -27.87 -11.73
O2' 08T HB . -50.13 -28.76 -10.92
C1' 08T HB . -50.86 -26.47 -11.24
N1 08T HB . -54.16 -22.59 -12.27
O1A 08T HB . -49.82 -27.68 -17.25
O1B 08T HB . -49.30 -23.62 -19.21
F1 08T HB . -45.10 -24.70 -20.48
C2 08T HB . -52.88 -22.66 -12.72
O2A 08T HB . -50.90 -25.49 -17.48
O2B 08T HB . -49.62 -25.83 -20.25
F2 08T HB . -46.37 -25.90 -21.88
N3 08T HB . -52.10 -23.74 -12.39
O3A 08T HB . -48.43 -25.69 -18.01
O3B 08T HB . -47.34 -24.86 -20.23
F3 08T HB . -46.48 -23.70 -21.97
C4 08T HB . -52.60 -24.70 -11.62
C5 08T HB . -53.83 -24.59 -11.21
C6 08T HB . -54.67 -23.55 -11.49
N6 08T HB . -56.02 -23.50 -11.01
N7 08T HB . -54.25 -25.55 -10.47
C8 08T HB . -53.21 -26.42 -10.36
N9 08T HB . -52.13 -25.89 -11.10
H1 08T HB . -51.05 -26.62 -14.99
H2 08T HB . -50.75 -25.14 -14.42
H3 08T HB . -48.87 -26.80 -13.47
H4 08T HB . -51.30 -27.99 -13.70
H6 08T HB . -51.90 -28.16 -11.68
H7 08T HB . -50.64 -29.44 -10.59
H8 08T HB . -50.40 -26.46 -10.39
H10 08T HB . -52.52 -21.95 -13.28
H12 08T HB . -56.69 -23.87 -11.49
H13 08T HB . -56.20 -23.11 -10.20
H14 08T HB . -53.21 -27.27 -9.87
MG MG IB . -48.08 -26.35 -22.04
PA 08T JB . -17.88 -35.17 -13.25
PB 08T JB . -18.07 -33.03 -15.21
BE 08T JB . -19.61 -32.98 -17.73
C5' 08T JB . -15.35 -35.48 -12.71
O5' 08T JB . -16.65 -35.09 -12.23
C4' 08T JB . -14.82 -36.63 -11.95
O4' 08T JB . -13.95 -36.19 -10.84
C3' 08T JB . -15.91 -37.44 -11.33
O3' 08T JB . -16.45 -38.40 -12.30
C2' 08T JB . -15.27 -38.11 -10.23
O2' 08T JB . -14.68 -39.37 -10.69
C1' 08T JB . -14.22 -37.20 -9.75
N1 08T JB . -15.53 -37.35 -4.69
O1A 08T JB . -18.17 -36.61 -13.48
O1B 08T JB . -16.86 -32.19 -15.44
F1 08T JB . -18.78 -32.86 -18.81
C2 08T JB . -15.14 -38.42 -5.42
O2A 08T JB . -19.06 -34.52 -12.61
O2B 08T JB . -18.93 -32.39 -14.18
F2 08T JB . -20.41 -34.06 -17.86
N3 08T JB . -14.82 -38.26 -6.75
O3A 08T JB . -17.54 -34.47 -14.67
O3B 08T JB . -18.81 -33.08 -16.59
F3 08T JB . -20.36 -31.83 -17.60
C4 08T JB . -14.89 -37.06 -7.32
C5 08T JB . -15.27 -36.05 -6.58
C6 08T JB . -15.61 -36.13 -5.24
N6 08T JB . -16.02 -34.99 -4.49
N7 08T JB . -15.31 -34.93 -7.17
C8 08T JB . -14.93 -35.17 -8.47
N9 08T JB . -14.65 -36.54 -8.58
H1 08T JB . -14.73 -34.71 -12.64
H2 08T JB . -15.43 -35.74 -13.66
H3 08T JB . -14.32 -37.20 -12.54
H4 08T JB . -16.63 -36.84 -11.01
H6 08T JB . -15.91 -38.27 -9.53
H7 08T JB . -15.05 -40.05 -10.22
H8 08T JB . -13.41 -37.70 -9.56
H10 08T JB . -15.09 -39.30 -5.01
H12 08T JB . -16.89 -34.78 -4.44
H13 08T JB . -15.39 -34.50 -4.04
H14 08T JB . -14.86 -34.49 -9.18
MG MG KB . -21.06 -34.72 -16.45
PA 08T LB . 3.74 -38.33 -39.05
PB 08T LB . 1.92 -36.27 -38.49
BE 08T LB . 0.03 -34.24 -39.34
C5' 08T LB . 5.78 -37.52 -40.49
O5' 08T LB . 5.29 -38.33 -39.42
C4' 08T LB . 6.59 -38.40 -41.37
O4' 08T LB . 8.03 -38.04 -41.30
C3' 08T LB . 6.51 -39.83 -40.97
O3' 08T LB . 5.30 -40.47 -41.48
C2' 08T LB . 7.69 -40.39 -41.57
O2' 08T LB . 7.47 -40.62 -43.00
C1' 08T LB . 8.71 -39.36 -41.35
N1 08T LB . 12.30 -42.01 -38.71
O1A 08T LB . 3.10 -39.53 -39.67
O1B 08T LB . 2.70 -35.69 -37.34
F1 08T LB . -0.06 -33.87 -40.65
C2 08T LB . 12.03 -42.18 -40.03
O2A 08T LB . 3.66 -38.45 -37.57
O2B 08T LB . 0.92 -37.27 -37.98
F2 08T LB . -1.10 -34.91 -38.98
N3 08T LB . 11.05 -41.42 -40.63
O3A 08T LB . 2.97 -36.98 -39.50
O3B 08T LB . 1.04 -35.14 -39.09
F3 08T LB . 0.13 -33.14 -38.54
C4 08T LB . 10.38 -40.52 -39.90
C5 08T LB . 10.67 -40.40 -38.65
C6 08T LB . 11.63 -41.12 -37.98
N6 08T LB . 11.91 -40.93 -36.59
N7 08T LB . 9.98 -39.52 -38.02
C8 08T LB . 9.13 -38.98 -38.92
N9 08T LB . 9.37 -39.62 -40.16
H1 08T LB . 5.03 -37.13 -41.00
H2 08T LB . 6.35 -36.81 -40.13
H3 08T LB . 6.28 -38.30 -42.29
H4 08T LB . 6.56 -39.90 -39.99
H6 08T LB . 7.92 -41.23 -41.13
H7 08T LB . 7.60 -41.50 -43.19
H8 08T LB . 9.35 -39.37 -42.10
H10 08T LB . 12.52 -42.83 -40.55
H12 08T LB . 12.55 -40.35 -36.34
H13 08T LB . 11.45 -41.41 -35.96
H14 08T LB . 8.47 -38.27 -38.76
MG MG MB . -1.49 -36.43 -38.00
PA 08T NB . -6.18 -29.69 -70.57
PB 08T NB . -6.60 -27.81 -68.57
BE 08T NB . -8.36 -27.41 -66.26
C5' 08T NB . -7.27 -28.35 -72.47
O5' 08T NB . -6.13 -28.48 -71.61
C4' 08T NB . -6.97 -28.80 -73.87
O4' 08T NB . -5.73 -28.17 -74.37
C3' 08T NB . -6.73 -30.27 -73.97
O3' 08T NB . -7.98 -30.98 -74.20
C2' 08T NB . -5.89 -30.43 -75.12
O2' 08T NB . -6.74 -30.76 -76.27
C1' 08T NB . -5.21 -29.14 -75.38
N1 08T NB . -0.70 -31.16 -76.99
O1A 08T NB . -6.99 -30.81 -71.15
O1B 08T NB . -6.98 -26.81 -69.61
F1 08T NB . -9.65 -27.42 -66.68
C2 08T NB . -1.91 -31.39 -77.59
O2A 08T NB . -4.78 -30.15 -70.30
O2B 08T NB . -5.16 -27.63 -68.19
F2 08T NB . -8.13 -28.40 -65.38
N3 08T NB . -3.04 -30.80 -77.08
O3A 08T NB . -6.84 -29.26 -69.19
O3B 08T NB . -7.58 -27.63 -67.36
F3 08T NB . -8.08 -26.18 -65.71
C4 08T NB . -2.95 -30.01 -76.01
C5 08T NB . -1.78 -29.82 -75.46
C6 08T NB . -0.60 -30.37 -75.91
N6 08T NB . 0.64 -30.11 -75.26
N7 08T NB . -1.77 -29.06 -74.44
C8 08T NB . -3.04 -28.68 -74.24
N9 08T NB . -3.83 -29.28 -75.24
H1 08T NB . -8.02 -28.90 -72.12
H2 08T NB . -7.55 -27.41 -72.49
H3 08T NB . -7.71 -28.55 -74.45
H4 08T NB . -6.28 -30.60 -73.16
H6 08T NB . -5.24 -31.13 -74.98
H7 08T NB . -6.76 -31.65 -76.37
H8 08T NB . -5.42 -28.82 -76.28
H10 08T NB . -1.96 -31.96 -78.37
H12 08T NB . 0.92 -30.64 -74.60
H13 08T NB . 1.15 -29.40 -75.53
H14 08T NB . -3.37 -28.08 -73.53
MG MG OB . -8.38 -29.98 -66.08
PA 08T PB . -38.24 -17.38 -76.23
PB 08T PB . -36.29 -16.72 -74.27
BE 08T PB . -35.96 -15.75 -71.51
C5' 08T PB . -40.51 -16.23 -76.38
O5' 08T PB . -39.23 -16.42 -77.02
C4' 08T PB . -41.60 -16.35 -77.38
O4' 08T PB . -41.51 -15.23 -78.33
C3' 08T PB . -41.47 -17.61 -78.15
O3' 08T PB . -42.29 -18.66 -77.57
C2' 08T PB . -41.97 -17.30 -79.48
O2' 08T PB . -43.39 -17.65 -79.54
C1' 08T PB . -41.81 -15.84 -79.66
N1 08T PB . -39.98 -15.53 -84.52
O1A 08T PB . -38.95 -18.66 -75.95
O1B 08T PB . -35.35 -15.98 -75.19
F1 08T PB . -37.00 -15.03 -70.99
C2 08T PB . -41.24 -15.92 -84.19
O2A 08T PB . -37.03 -17.70 -77.06
O2B 08T PB . -35.85 -18.15 -74.14
F2 08T PB . -35.83 -16.90 -70.82
N3 08T PB . -41.63 -15.97 -82.88
O3A 08T PB . -37.79 -16.66 -74.87
O3B 08T PB . -36.23 -16.10 -72.82
F3 08T PB . -34.81 -15.00 -71.44
C4 08T PB . -40.75 -15.63 -81.92
C5 08T PB . -39.56 -15.27 -82.29
C6 08T PB . -39.09 -15.19 -83.57
N6 08T PB . -37.76 -14.78 -83.85
N7 08T PB . -38.76 -14.96 -81.33
C8 08T PB . -39.48 -15.13 -80.19
N9 08T PB . -40.77 -15.57 -80.56
H1 08T PB . -40.63 -16.92 -75.68
H2 08T PB . -40.54 -15.33 -75.97
H3 08T PB . -42.46 -16.34 -76.92
H4 08T PB . -40.53 -17.88 -78.21
H6 08T PB . -41.48 -17.78 -80.15
H7 08T PB . -43.52 -18.29 -80.15
H8 08T PB . -42.64 -15.47 -80.00
H10 08T PB . -41.88 -16.16 -84.90
H12 08T PB . -37.10 -15.40 -83.92
H13 08T PB . -37.58 -13.89 -83.96
H14 08T PB . -39.15 -14.97 -79.27
MG MG QB . -35.84 -18.18 -72.03
PA 08T RB . -59.89 -13.46 -50.57
PB 08T RB . -57.43 -12.04 -50.76
BE 08T RB . -54.80 -12.77 -49.63
C5' 08T RB . -61.39 -13.46 -48.44
O5' 08T RB . -61.28 -13.20 -49.84
C4' 08T RB . -62.64 -14.20 -48.13
O4' 08T RB . -63.81 -13.29 -48.21
C3' 08T RB . -62.86 -15.29 -49.12
O3' 08T RB . -62.74 -16.59 -48.46
C2' 08T RB . -64.20 -15.15 -49.65
O2' 08T RB . -64.87 -16.44 -49.54
C1' 08T RB . -64.88 -14.13 -48.82
N1 08T RB . -67.85 -13.13 -53.04
O1A 08T RB . -59.49 -14.89 -50.43
O1B 08T RB . -57.51 -10.56 -50.99
F1 08T RB . -54.45 -12.19 -48.44
C2 08T RB . -67.12 -14.26 -52.86
O2A 08T RB . -60.05 -13.15 -52.04
O2B 08T RB . -57.42 -12.76 -52.08
F2 08T RB . -54.67 -14.12 -49.58
N3 08T RB . -66.37 -14.43 -51.72
O3A 08T RB . -58.75 -12.50 -49.94
O3B 08T RB . -56.08 -12.41 -50.04
F3 08T RB . -53.90 -12.47 -50.62
C4 08T RB . -66.36 -13.48 -50.79
C5 08T RB . -67.07 -12.42 -51.00
C6 08T RB . -67.85 -12.17 -52.10
N6 08T RB . -68.60 -10.97 -52.25
N7 08T RB . -67.03 -11.54 -50.07
C8 08T RB . -66.19 -12.05 -49.12
N9 08T RB . -65.75 -13.31 -49.56
H1 08T RB . -61.38 -12.60 -47.94
H2 08T RB . -60.61 -14.01 -48.15
H3 08T RB . -62.59 -14.58 -47.25
H4 08T RB . -62.20 -15.22 -49.85
H6 08T RB . -64.16 -14.86 -50.57
H7 08T RB . -64.61 -16.97 -50.23
H8 08T RB . -65.38 -14.57 -48.12
H10 08T RB . -67.12 -14.95 -53.54
H12 08T RB . -69.45 -10.92 -51.93
H13 08T RB . -68.23 -10.24 -52.68
H14 08T RB . -65.95 -11.62 -48.27
MG MG SB . -53.66 -14.22 -51.11
#